data_6DV2
#
_entry.id   6DV2
#
_cell.length_a   136.536
_cell.length_b   237.938
_cell.length_c   141.319
_cell.angle_alpha   90.00
_cell.angle_beta   105.610
_cell.angle_gamma   90.00
#
_symmetry.space_group_name_H-M   'P 1 21 1'
#
loop_
_entity.id
_entity.type
_entity.pdbx_description
1 polymer 'Trifunctional enzyme subunit beta, mitochondrial'
2 polymer 'Trifunctional enzyme subunit alpha, mitochondrial'
#
loop_
_entity_poly.entity_id
_entity_poly.type
_entity_poly.pdbx_seq_one_letter_code
_entity_poly.pdbx_strand_id
1 'polypeptide(L)'
;HHHHHHSSGLVPRGSHAAPAVQTKTKKTLAKPNIRNVVVVDGVRTPFLLSGTSYKDLMPHDLARAALTGLLHRTSVPKEV
VDYIIFGTVIQEVKTSNVAREAALGAGFSDKTPAHTVTMACISANQAMTTGVGLIASGQCDVIVAGGVELMSDVPIRHSR
KMRKLMLDLNKAKSMGQRLSLISKFRFNFLAPELPAVSEFSTSETMGHSADRLAAAFAVSRLEQDEYALRSHSLAKKAQD
EGLLSDVVPFKVPGKDTVTKDNGIRPSSLEQMAKLKPAFIKPYGTVTAANSSFLTDGASAMLIMAEEKALAMGYKPKAYL
RDFMYVSQDPKDQLLLGPTYATPKVLEKAGLTMNDIDAFEFHEAFSGQILANFKAMDSDWFAENYMGRKTKVGLPPLEKF
NNWGGSLSLGHPFGATGCRLVMAAANRLRKEGGQYGLVAACAAGGQGHAMIVEAYPK
;
A,B,C,D,E,F
2 'polypeptide(L)'
;TRTHINYGVKGDVAVVRINSPNSKVNTLSKELHSEFSEVMNEIWASDQIRSAVLISSKPGCFIAGADINMLAACKTLQEV
TQLSQEAQRIVEKLEKSTKPIVAAINGSCLGGGLEVAISCQYRIATKDRKTVLGTPEVLLGALPGAGGTQRLPKMVGVPA
ALDMMLTGRSIRADRAKKMGLVDQLVEPLGPGLKPPEERTIEYLEEVAITFAKGLADKKISPKRDKGLVEKLTAYAMTIP
FVRQQVYKKVEEKVRKQTKGLYPAPLKIIDVVKTGIEQGSDAGYLCESQKFGELVMTKESKALMGLYHGQVLCKKNKFGA
PQKDVKHLAILGAGLMGAGIAQVSVDKGLKTILKDATLTALDRGQQQVFKGLNDKVKKKALTSFERDSIFSNLTGQLDYQ
GFEKADMVIEAVFEDLSLKHRVLKEVEAVIPDHCIFASNTSALPISEIAAVSKRPEKVIGMHYFSPVDKMQLLEIITTEK
TSKDTSASAVAVGLKQGKVIIVVKDGPGFYTTRCLAPMMSEVIRILQEGVDPKKLDSLTTSFGFPVGAATLVDEVGVDVA
KHVAEDLGKVFGERFGGGNPELLTQMVSKGFLGRKSGKGFYIYQEGVKRKDLNSDMDSILASLKLPPKSEVSSDEDIQFR
LVTRFVNEAVMCLQEGILATPAEGDIGAVFGLGFPPCLGGPFRFVDLYGAQKIVDRLKKYEAAYGKQFTPCQLLADHANS
PNKKFYQ
;
G,H,I,J,K,L
#
# COMPACT_ATOMS: atom_id res chain seq x y z
N THR A 25 -25.56 40.81 76.92
CA THR A 25 -26.18 40.63 75.58
C THR A 25 -25.87 39.25 75.01
N LYS A 26 -24.61 38.81 75.15
CA LYS A 26 -24.18 37.51 74.63
C LYS A 26 -23.05 36.94 75.48
N LYS A 27 -23.12 35.65 75.81
CA LYS A 27 -22.08 34.98 76.60
C LYS A 27 -20.75 34.97 75.85
N THR A 28 -19.77 35.73 76.35
CA THR A 28 -18.52 35.94 75.63
C THR A 28 -17.30 35.63 76.49
N LEU A 29 -16.34 34.91 75.93
CA LEU A 29 -15.10 34.53 76.62
C LEU A 29 -14.31 33.51 75.81
N ALA A 30 -13.30 32.92 76.43
CA ALA A 30 -12.60 31.76 75.88
C ALA A 30 -12.07 30.90 77.02
N LYS A 31 -11.54 29.73 76.71
CA LYS A 31 -11.15 28.78 77.75
C LYS A 31 -9.88 29.21 78.51
N PRO A 32 -9.72 28.71 79.75
CA PRO A 32 -8.72 29.20 80.69
C PRO A 32 -7.37 28.46 80.65
N ASN A 33 -7.32 27.27 81.24
CA ASN A 33 -6.06 26.56 81.39
C ASN A 33 -5.43 26.13 80.05
N ILE A 34 -6.26 26.00 79.02
CA ILE A 34 -5.76 25.71 77.67
C ILE A 34 -5.26 26.99 77.01
N ARG A 35 -4.02 26.96 76.53
CA ARG A 35 -3.38 28.16 75.98
C ARG A 35 -4.12 28.69 74.76
N ASN A 36 -4.16 30.02 74.64
CA ASN A 36 -4.89 30.68 73.56
C ASN A 36 -4.06 30.79 72.28
N VAL A 37 -4.74 30.69 71.15
CA VAL A 37 -4.09 30.65 69.84
C VAL A 37 -4.75 31.64 68.87
N VAL A 38 -3.91 32.41 68.18
CA VAL A 38 -4.40 33.50 67.35
C VAL A 38 -3.86 33.45 65.93
N VAL A 39 -4.53 34.16 65.02
CA VAL A 39 -4.04 34.32 63.66
C VAL A 39 -3.41 35.70 63.54
N VAL A 40 -2.11 35.74 63.32
CA VAL A 40 -1.38 37.00 63.20
C VAL A 40 -1.82 37.73 61.94
N ASP A 41 -1.65 37.08 60.80
CA ASP A 41 -2.17 37.59 59.54
C ASP A 41 -2.24 36.48 58.51
N GLY A 42 -3.23 36.57 57.62
CA GLY A 42 -3.41 35.57 56.58
C GLY A 42 -3.25 36.19 55.20
N VAL A 43 -3.31 35.36 54.17
CA VAL A 43 -3.13 35.82 52.80
C VAL A 43 -3.68 34.79 51.82
N ARG A 44 -3.74 35.16 50.55
CA ARG A 44 -4.13 34.24 49.49
C ARG A 44 -3.78 34.84 48.12
N THR A 45 -3.51 33.97 47.15
CA THR A 45 -3.27 34.40 45.78
C THR A 45 -4.61 34.73 45.16
N PRO A 46 -4.64 35.57 44.13
CA PRO A 46 -5.94 35.83 43.52
C PRO A 46 -6.55 34.54 42.99
N PHE A 47 -7.84 34.35 43.24
CA PHE A 47 -8.53 33.12 42.87
C PHE A 47 -9.05 33.24 41.44
N LEU A 48 -8.34 32.59 40.52
CA LEU A 48 -8.61 32.75 39.10
C LEU A 48 -9.39 31.58 38.54
N LEU A 49 -10.10 31.81 37.44
CA LEU A 49 -10.87 30.76 36.79
C LEU A 49 -9.91 29.77 36.13
N SER A 50 -9.99 28.51 36.55
CA SER A 50 -9.09 27.48 36.04
C SER A 50 -8.90 27.57 34.54
N GLY A 51 -7.65 27.41 34.12
CA GLY A 51 -7.31 27.48 32.70
C GLY A 51 -7.19 28.91 32.20
N THR A 52 -7.19 29.87 33.12
CA THR A 52 -7.19 31.29 32.74
C THR A 52 -5.78 31.89 32.62
N SER A 53 -5.04 31.90 33.72
CA SER A 53 -3.73 32.54 33.71
C SER A 53 -2.75 31.84 34.65
N TYR A 54 -3.25 30.91 35.46
CA TYR A 54 -2.38 30.01 36.19
C TYR A 54 -2.29 28.70 35.41
N LYS A 55 -2.86 28.69 34.22
CA LYS A 55 -2.82 27.53 33.32
C LYS A 55 -1.46 26.82 33.32
N ASP A 56 -0.40 27.56 33.00
CA ASP A 56 0.92 26.96 32.84
C ASP A 56 1.73 27.10 34.12
N LEU A 57 1.16 26.63 35.22
CA LEU A 57 1.85 26.58 36.51
C LEU A 57 1.60 25.23 37.15
N MET A 58 2.41 24.89 38.15
CA MET A 58 2.20 23.68 38.93
C MET A 58 1.60 24.07 40.27
N PRO A 59 0.93 23.12 40.95
CA PRO A 59 0.23 23.50 42.17
C PRO A 59 1.18 24.09 43.21
N HIS A 60 2.32 23.44 43.40
CA HIS A 60 3.29 23.90 44.38
C HIS A 60 3.82 25.30 44.03
N ASP A 61 3.74 25.68 42.76
CA ASP A 61 4.15 27.01 42.33
C ASP A 61 3.25 28.08 42.92
N LEU A 62 1.95 27.81 42.99
CA LEU A 62 1.02 28.72 43.64
C LEU A 62 1.30 28.73 45.14
N ALA A 63 1.42 27.55 45.73
CA ALA A 63 1.71 27.42 47.15
C ALA A 63 2.93 28.26 47.51
N ARG A 64 3.98 28.13 46.71
CA ARG A 64 5.17 28.96 46.87
C ARG A 64 4.79 30.44 46.94
N ALA A 65 3.95 30.87 46.01
CA ALA A 65 3.55 32.27 45.92
C ALA A 65 2.80 32.73 47.16
N ALA A 66 1.81 31.93 47.58
CA ALA A 66 1.06 32.24 48.78
C ALA A 66 1.97 32.35 49.99
N LEU A 67 2.87 31.37 50.13
CA LEU A 67 3.83 31.37 51.24
C LEU A 67 4.73 32.60 51.22
N THR A 68 5.13 33.02 50.02
CA THR A 68 5.99 34.20 49.86
C THR A 68 5.22 35.48 50.18
N GLY A 69 3.97 35.54 49.73
CA GLY A 69 3.11 36.67 50.03
C GLY A 69 2.86 36.82 51.52
N LEU A 70 2.81 35.69 52.22
CA LEU A 70 2.67 35.68 53.67
C LEU A 70 3.98 36.11 54.33
N LEU A 71 5.06 35.41 53.97
CA LEU A 71 6.38 35.68 54.52
C LEU A 71 6.78 37.15 54.34
N HIS A 72 6.38 37.75 53.22
CA HIS A 72 6.69 39.15 52.95
C HIS A 72 5.81 40.07 53.80
N ARG A 73 4.50 39.95 53.63
CA ARG A 73 3.55 40.80 54.33
C ARG A 73 3.68 40.67 55.84
N THR A 74 3.76 39.44 56.33
CA THR A 74 3.82 39.17 57.75
C THR A 74 5.20 39.47 58.33
N SER A 75 6.22 39.48 57.46
CA SER A 75 7.59 39.80 57.86
C SER A 75 8.12 38.87 58.95
N VAL A 76 7.50 37.70 59.08
CA VAL A 76 7.95 36.68 60.02
C VAL A 76 9.42 36.40 59.78
N PRO A 77 10.15 36.01 60.85
CA PRO A 77 11.52 35.53 60.62
C PRO A 77 11.51 34.07 60.20
N LYS A 78 12.27 33.77 59.15
CA LYS A 78 12.31 32.42 58.58
C LYS A 78 12.71 31.40 59.64
N GLU A 79 13.24 31.90 60.74
CA GLU A 79 13.80 31.04 61.77
C GLU A 79 12.73 30.45 62.68
N VAL A 80 11.83 31.29 63.17
CA VAL A 80 10.92 30.90 64.25
C VAL A 80 9.80 29.96 63.79
N VAL A 81 9.54 29.90 62.49
CA VAL A 81 8.47 29.05 61.97
C VAL A 81 8.75 27.59 62.33
N ASP A 82 7.94 27.03 63.21
CA ASP A 82 8.19 25.70 63.77
C ASP A 82 7.61 24.57 62.92
N TYR A 83 6.51 24.84 62.21
CA TYR A 83 5.85 23.80 61.43
C TYR A 83 4.90 24.36 60.37
N ILE A 84 5.06 23.91 59.14
CA ILE A 84 4.17 24.31 58.04
C ILE A 84 3.27 23.14 57.67
N ILE A 85 2.06 23.44 57.22
CA ILE A 85 1.13 22.40 56.79
C ILE A 85 0.06 22.93 55.82
N PHE A 86 0.04 22.33 54.62
CA PHE A 86 -0.79 22.78 53.51
C PHE A 86 -1.83 21.75 53.09
N GLY A 87 -2.96 22.24 52.58
CA GLY A 87 -4.04 21.38 52.11
C GLY A 87 -4.20 21.41 50.60
N THR A 88 -4.59 20.28 50.03
CA THR A 88 -4.81 20.15 48.58
C THR A 88 -5.44 18.79 48.28
N VAL A 89 -6.21 18.72 47.19
CA VAL A 89 -6.97 17.50 46.89
C VAL A 89 -6.41 16.72 45.70
N ILE A 90 -6.14 17.39 44.59
CA ILE A 90 -5.59 16.72 43.42
C ILE A 90 -4.08 16.87 43.46
N GLN A 91 -3.39 15.75 43.39
CA GLN A 91 -1.95 15.71 43.65
C GLN A 91 -1.11 15.88 42.40
N GLU A 92 -0.06 16.67 42.52
CA GLU A 92 0.99 16.68 41.52
C GLU A 92 1.99 15.62 41.96
N VAL A 93 1.94 14.48 41.29
CA VAL A 93 2.73 13.32 41.68
C VAL A 93 4.22 13.63 41.85
N LYS A 94 4.69 14.68 41.17
CA LYS A 94 6.08 15.12 41.31
C LYS A 94 6.33 15.80 42.66
N THR A 95 5.32 16.50 43.16
CA THR A 95 5.39 17.15 44.47
C THR A 95 4.39 16.53 45.43
N SER A 96 4.62 15.26 45.78
CA SER A 96 3.74 14.55 46.69
C SER A 96 3.38 15.42 47.89
N ASN A 97 4.40 15.73 48.68
CA ASN A 97 4.26 16.61 49.84
C ASN A 97 4.30 18.07 49.40
N VAL A 98 3.23 18.50 48.73
CA VAL A 98 3.17 19.83 48.15
C VAL A 98 3.75 20.89 49.09
N ALA A 99 3.33 20.84 50.35
CA ALA A 99 3.74 21.83 51.36
C ALA A 99 5.26 21.90 51.51
N ARG A 100 5.89 20.74 51.63
CA ARG A 100 7.32 20.68 51.90
C ARG A 100 8.15 21.26 50.76
N GLU A 101 7.66 21.11 49.53
CA GLU A 101 8.42 21.55 48.35
C GLU A 101 8.18 23.03 48.03
N ALA A 102 6.99 23.53 48.35
CA ALA A 102 6.69 24.95 48.20
C ALA A 102 7.35 25.72 49.33
N ALA A 103 7.47 25.07 50.49
CA ALA A 103 8.06 25.67 51.68
C ALA A 103 9.53 26.01 51.46
N LEU A 104 10.24 25.15 50.75
CA LEU A 104 11.66 25.36 50.51
C LEU A 104 11.87 26.47 49.50
N GLY A 105 11.10 26.45 48.43
CA GLY A 105 11.20 27.48 47.41
C GLY A 105 10.91 28.85 47.98
N ALA A 106 9.86 28.93 48.80
CA ALA A 106 9.41 30.21 49.35
C ALA A 106 10.53 30.93 50.09
N GLY A 107 11.23 30.20 50.95
CA GLY A 107 12.31 30.77 51.75
C GLY A 107 12.42 30.19 53.15
N PHE A 108 11.31 29.67 53.67
CA PHE A 108 11.29 29.12 55.03
C PHE A 108 12.41 28.09 55.22
N SER A 109 12.74 27.85 56.48
CA SER A 109 13.96 27.12 56.82
C SER A 109 13.99 25.67 56.36
N ASP A 110 15.19 25.11 56.31
CA ASP A 110 15.40 23.67 56.17
C ASP A 110 14.79 22.96 57.36
N LYS A 111 15.08 23.49 58.55
CA LYS A 111 14.60 22.90 59.81
C LYS A 111 13.09 22.79 59.81
N THR A 112 12.43 23.84 59.33
CA THR A 112 10.98 23.94 59.40
C THR A 112 10.35 22.79 58.64
N PRO A 113 9.92 21.74 59.35
CA PRO A 113 9.32 20.60 58.68
C PRO A 113 7.90 20.91 58.25
N ALA A 114 7.35 20.08 57.37
CA ALA A 114 6.01 20.30 56.86
C ALA A 114 5.40 18.99 56.38
N HIS A 115 4.08 18.96 56.31
CA HIS A 115 3.37 17.84 55.71
C HIS A 115 2.12 18.32 54.99
N THR A 116 1.72 17.60 53.95
CA THR A 116 0.55 17.95 53.17
C THR A 116 -0.66 17.16 53.66
N VAL A 117 -1.81 17.83 53.72
CA VAL A 117 -3.02 17.20 54.22
C VAL A 117 -4.13 17.28 53.18
N THR A 118 -4.93 16.22 53.09
CA THR A 118 -6.00 16.15 52.10
C THR A 118 -7.32 15.77 52.77
N MET A 119 -8.33 16.62 52.58
CA MET A 119 -9.67 16.38 53.12
C MET A 119 -10.71 17.14 52.30
N ALA A 120 -10.71 16.90 50.99
CA ALA A 120 -11.69 17.50 50.08
C ALA A 120 -11.70 19.04 50.16
N CYS A 121 -12.89 19.63 50.03
CA CYS A 121 -13.05 21.09 50.04
C CYS A 121 -12.50 21.74 51.32
N ILE A 122 -12.51 20.99 52.42
CA ILE A 122 -12.07 21.51 53.71
C ILE A 122 -10.64 21.10 54.03
N SER A 123 -9.85 20.80 53.01
CA SER A 123 -8.45 20.40 53.21
C SER A 123 -7.64 21.56 53.76
N ALA A 124 -8.01 22.78 53.38
CA ALA A 124 -7.33 23.98 53.87
C ALA A 124 -7.66 24.22 55.34
N ASN A 125 -8.84 23.76 55.75
CA ASN A 125 -9.25 23.83 57.15
C ASN A 125 -8.44 22.84 57.99
N GLN A 126 -8.45 21.58 57.58
CA GLN A 126 -7.69 20.55 58.28
C GLN A 126 -6.23 20.97 58.41
N ALA A 127 -5.78 21.89 57.57
CA ALA A 127 -4.43 22.41 57.64
C ALA A 127 -4.24 23.31 58.85
N MET A 128 -5.26 24.10 59.16
CA MET A 128 -5.22 24.98 60.32
C MET A 128 -5.45 24.19 61.60
N THR A 129 -6.46 23.34 61.60
CA THR A 129 -6.74 22.47 62.74
C THR A 129 -5.52 21.60 63.09
N THR A 130 -5.06 20.80 62.14
CA THR A 130 -3.90 19.95 62.37
C THR A 130 -2.77 20.78 62.97
N GLY A 131 -2.68 22.04 62.53
CA GLY A 131 -1.66 22.96 63.03
C GLY A 131 -1.97 23.49 64.43
N VAL A 132 -3.18 24.01 64.61
CA VAL A 132 -3.65 24.46 65.93
C VAL A 132 -3.47 23.36 66.97
N GLY A 133 -3.78 22.13 66.59
CA GLY A 133 -3.63 20.98 67.48
C GLY A 133 -2.23 20.82 68.02
N LEU A 134 -1.23 21.20 67.23
CA LEU A 134 0.17 21.07 67.65
C LEU A 134 0.59 22.22 68.57
N ILE A 135 -0.17 23.31 68.54
CA ILE A 135 0.12 24.47 69.39
C ILE A 135 -0.41 24.26 70.80
N ALA A 136 -1.71 24.00 70.92
CA ALA A 136 -2.34 23.73 72.21
C ALA A 136 -1.72 22.49 72.85
N SER A 137 -1.34 21.53 72.03
CA SER A 137 -0.57 20.36 72.48
C SER A 137 0.69 20.82 73.19
N GLY A 138 1.26 21.93 72.74
CA GLY A 138 2.49 22.46 73.29
C GLY A 138 3.68 22.12 72.40
N GLN A 139 3.43 21.26 71.42
CA GLN A 139 4.49 20.76 70.53
C GLN A 139 5.20 21.89 69.79
N CYS A 140 4.50 23.00 69.56
CA CYS A 140 5.14 24.19 68.98
C CYS A 140 4.29 25.46 69.15
N ASP A 141 4.95 26.60 69.00
CA ASP A 141 4.33 27.91 69.22
C ASP A 141 3.86 28.56 67.93
N VAL A 142 4.67 28.47 66.88
CA VAL A 142 4.39 29.15 65.62
C VAL A 142 4.25 28.15 64.47
N ILE A 143 3.12 28.23 63.76
CA ILE A 143 2.89 27.36 62.61
C ILE A 143 2.24 28.14 61.46
N VAL A 144 2.57 27.75 60.22
CA VAL A 144 1.96 28.33 59.04
C VAL A 144 1.03 27.32 58.40
N ALA A 145 -0.26 27.65 58.34
CA ALA A 145 -1.23 26.80 57.67
C ALA A 145 -1.63 27.44 56.34
N GLY A 146 -2.40 26.72 55.55
CA GLY A 146 -2.79 27.20 54.25
C GLY A 146 -3.05 26.04 53.31
N GLY A 147 -3.12 26.35 52.01
CA GLY A 147 -3.45 25.34 51.03
C GLY A 147 -3.29 25.84 49.60
N VAL A 148 -3.58 24.95 48.66
CA VAL A 148 -3.35 25.23 47.25
C VAL A 148 -4.12 24.26 46.38
N GLU A 149 -4.49 24.72 45.20
CA GLU A 149 -5.17 23.87 44.24
C GLU A 149 -5.11 24.46 42.84
N LEU A 150 -4.61 23.68 41.91
CA LEU A 150 -4.53 24.09 40.52
C LEU A 150 -5.38 23.14 39.67
N MET A 151 -6.52 23.63 39.21
CA MET A 151 -7.37 22.85 38.33
C MET A 151 -6.66 22.82 36.97
N SER A 152 -5.87 21.77 36.75
CA SER A 152 -5.11 21.60 35.52
C SER A 152 -5.63 20.29 34.91
N ASP A 153 -4.80 19.25 34.92
CA ASP A 153 -5.21 17.95 34.38
C ASP A 153 -4.38 16.79 34.93
N VAL A 154 -5.04 15.70 35.31
CA VAL A 154 -4.37 14.52 35.86
C VAL A 154 -4.93 13.19 35.34
N PRO A 155 -5.12 13.07 34.01
CA PRO A 155 -5.54 11.80 33.42
C PRO A 155 -4.35 10.86 33.31
N ILE A 156 -4.57 9.57 33.11
CA ILE A 156 -3.46 8.61 33.06
C ILE A 156 -3.83 7.34 32.31
N ARG A 157 -2.82 6.54 31.95
CA ARG A 157 -3.06 5.25 31.31
C ARG A 157 -3.05 4.10 32.34
N HIS A 158 -3.70 2.99 31.98
CA HIS A 158 -3.76 1.80 32.83
C HIS A 158 -2.92 0.70 32.22
N SER A 159 -3.45 0.12 31.16
CA SER A 159 -2.81 -1.00 30.46
C SER A 159 -1.57 -0.50 29.72
N ARG A 160 -1.76 0.51 28.88
CA ARG A 160 -0.62 1.10 28.17
C ARG A 160 0.51 1.42 29.16
N LYS A 161 0.15 1.63 30.44
CA LYS A 161 1.14 1.91 31.50
C LYS A 161 1.51 0.70 32.37
N MET A 162 0.83 -0.43 32.14
CA MET A 162 1.19 -1.69 32.78
C MET A 162 2.10 -2.43 31.83
N ARG A 163 1.62 -2.59 30.59
CA ARG A 163 2.43 -3.05 29.47
C ARG A 163 3.59 -2.06 29.30
N LYS A 164 3.46 -0.91 29.97
CA LYS A 164 4.45 0.18 29.94
C LYS A 164 5.69 -0.14 30.76
N LEU A 165 5.50 -0.60 32.00
CA LEU A 165 6.60 -0.81 32.95
C LEU A 165 7.31 -2.16 32.77
N MET A 166 6.55 -3.24 32.61
CA MET A 166 7.14 -4.57 32.44
C MET A 166 8.08 -4.60 31.22
N LEU A 167 8.21 -3.45 30.56
CA LEU A 167 9.21 -3.22 29.51
C LEU A 167 10.37 -2.44 30.11
N ASP A 168 10.70 -2.77 31.35
CA ASP A 168 11.74 -2.05 32.10
C ASP A 168 12.76 -3.01 32.68
N LEU A 169 12.30 -3.82 33.62
CA LEU A 169 13.16 -4.75 34.34
C LEU A 169 13.97 -5.60 33.36
N ASN A 170 15.29 -5.56 33.52
CA ASN A 170 16.22 -6.11 32.54
C ASN A 170 16.37 -7.63 32.55
N LYS A 171 16.52 -8.21 31.36
CA LYS A 171 16.74 -9.67 31.22
C LYS A 171 18.21 -9.94 30.88
N ALA A 172 18.52 -11.21 30.56
CA ALA A 172 19.87 -11.61 30.19
C ALA A 172 20.84 -10.58 29.61
N LYS A 173 20.73 -10.30 28.32
CA LYS A 173 21.53 -9.25 27.69
C LYS A 173 20.58 -8.35 26.89
N SER A 174 19.48 -8.93 26.40
CA SER A 174 18.47 -8.16 25.66
C SER A 174 17.12 -8.90 25.51
N MET A 175 17.03 -10.08 26.11
CA MET A 175 16.10 -11.11 25.68
C MET A 175 14.69 -10.98 26.26
N GLY A 176 14.34 -9.78 26.69
CA GLY A 176 13.00 -9.50 27.21
C GLY A 176 12.07 -8.97 26.13
N GLN A 177 12.26 -9.46 24.90
CA GLN A 177 11.43 -9.04 23.78
C GLN A 177 10.28 -10.01 23.55
N ARG A 178 10.36 -11.18 24.19
CA ARG A 178 9.24 -12.14 24.18
C ARG A 178 8.21 -11.70 25.20
N LEU A 179 8.69 -10.98 26.21
CA LEU A 179 7.83 -10.31 27.19
C LEU A 179 6.95 -9.33 26.41
N SER A 180 7.27 -9.16 25.13
CA SER A 180 6.46 -8.40 24.19
C SER A 180 6.08 -9.25 22.97
N LEU A 181 5.03 -10.05 23.16
CA LEU A 181 4.42 -10.87 22.12
C LEU A 181 3.13 -11.42 22.73
N ILE A 182 3.23 -11.71 24.02
CA ILE A 182 2.13 -11.73 24.99
C ILE A 182 1.51 -10.34 24.99
N SER A 183 2.39 -9.35 24.92
CA SER A 183 2.06 -7.94 24.83
C SER A 183 1.12 -7.59 23.67
N LYS A 184 1.48 -8.03 22.47
CA LYS A 184 0.78 -7.64 21.24
C LYS A 184 -0.38 -8.59 20.90
N PHE A 185 -0.82 -9.34 21.92
CA PHE A 185 -2.08 -10.08 21.89
C PHE A 185 -2.97 -9.50 23.01
N ARG A 186 -2.54 -8.36 23.58
CA ARG A 186 -3.23 -7.71 24.72
C ARG A 186 -4.33 -6.74 24.24
N PHE A 187 -3.95 -5.81 23.37
CA PHE A 187 -4.83 -4.70 22.96
C PHE A 187 -5.95 -5.08 21.97
N ASN A 188 -6.37 -6.34 21.98
CA ASN A 188 -7.15 -6.90 20.85
C ASN A 188 -8.67 -6.64 20.83
N PHE A 189 -9.36 -6.73 21.96
CA PHE A 189 -10.81 -6.42 22.02
C PHE A 189 -11.08 -4.92 22.22
N LEU A 190 -10.25 -4.29 23.05
CA LEU A 190 -10.23 -2.84 23.20
C LEU A 190 -8.79 -2.40 22.94
N ALA A 191 -8.59 -1.21 22.37
CA ALA A 191 -7.24 -0.67 22.26
C ALA A 191 -6.66 -0.57 23.69
N PRO A 192 -6.10 0.58 24.08
CA PRO A 192 -5.71 0.54 25.50
C PRO A 192 -6.75 1.13 26.47
N GLU A 193 -6.29 1.55 27.65
CA GLU A 193 -7.15 2.11 28.69
C GLU A 193 -6.65 3.51 29.10
N LEU A 194 -7.46 4.25 29.86
CA LEU A 194 -7.15 5.67 30.14
C LEU A 194 -8.30 6.39 30.90
N PRO A 195 -8.27 6.38 32.25
CA PRO A 195 -9.32 7.09 32.99
C PRO A 195 -8.88 8.43 33.60
N ALA A 196 -9.58 8.83 34.66
CA ALA A 196 -9.29 10.06 35.42
C ALA A 196 -10.31 10.16 36.54
N VAL A 197 -10.68 11.39 36.91
CA VAL A 197 -11.67 11.60 37.98
C VAL A 197 -12.63 12.75 37.68
N SER A 198 -13.78 12.72 38.35
CA SER A 198 -14.76 13.80 38.29
C SER A 198 -15.92 13.46 39.20
N GLU A 199 -16.40 12.22 39.10
CA GLU A 199 -17.53 11.77 39.88
C GLU A 199 -17.22 11.74 41.38
N PHE A 200 -17.13 10.54 41.93
CA PHE A 200 -17.03 10.34 43.36
C PHE A 200 -16.91 8.84 43.59
N SER A 201 -16.04 8.41 44.49
CA SER A 201 -15.74 6.98 44.64
C SER A 201 -16.94 6.21 45.21
N THR A 202 -18.10 6.87 45.31
CA THR A 202 -19.35 6.21 45.66
C THR A 202 -20.43 6.64 44.67
N SER A 203 -19.98 7.05 43.48
CA SER A 203 -20.83 7.37 42.32
C SER A 203 -21.77 8.57 42.49
N GLU A 204 -21.42 9.66 41.81
CA GLU A 204 -22.32 10.82 41.60
C GLU A 204 -21.51 12.11 41.49
N THR A 205 -21.97 13.03 40.65
CA THR A 205 -21.32 14.33 40.49
C THR A 205 -21.53 15.17 41.74
N MET A 206 -20.56 16.03 42.04
CA MET A 206 -20.67 16.97 43.14
C MET A 206 -21.92 17.81 42.94
N GLY A 207 -22.01 18.48 41.81
CA GLY A 207 -23.12 19.37 41.49
C GLY A 207 -24.40 18.66 41.17
N HIS A 208 -24.32 17.37 40.85
CA HIS A 208 -25.52 16.58 40.60
C HIS A 208 -26.24 16.30 41.92
N SER A 209 -25.48 16.22 43.01
CA SER A 209 -26.08 16.09 44.32
C SER A 209 -26.76 17.40 44.71
N ALA A 210 -26.14 18.51 44.35
CA ALA A 210 -26.71 19.83 44.63
C ALA A 210 -28.11 19.97 44.03
N ASP A 211 -28.24 19.58 42.77
CA ASP A 211 -29.52 19.74 42.07
C ASP A 211 -30.63 18.88 42.67
N ARG A 212 -30.26 17.86 43.42
CA ARG A 212 -31.26 17.00 44.06
C ARG A 212 -31.20 17.09 45.60
N LEU A 213 -30.21 17.80 46.12
CA LEU A 213 -30.21 18.21 47.52
C LEU A 213 -31.09 19.46 47.63
N ALA A 214 -31.06 20.27 46.58
CA ALA A 214 -31.91 21.46 46.48
C ALA A 214 -33.38 21.05 46.38
N ALA A 215 -33.69 20.22 45.39
CA ALA A 215 -35.06 19.73 45.21
C ALA A 215 -35.57 18.98 46.44
N ALA A 216 -34.67 18.29 47.13
CA ALA A 216 -35.03 17.58 48.36
C ALA A 216 -35.56 18.54 49.42
N PHE A 217 -35.00 19.74 49.47
CA PHE A 217 -35.47 20.78 50.39
C PHE A 217 -36.27 21.85 49.67
N ALA A 218 -36.84 21.49 48.52
CA ALA A 218 -37.69 22.39 47.75
C ALA A 218 -37.09 23.80 47.60
N VAL A 219 -35.92 23.88 46.98
CA VAL A 219 -35.30 25.16 46.68
C VAL A 219 -35.44 25.44 45.20
N SER A 220 -36.20 26.48 44.87
CA SER A 220 -36.58 26.76 43.50
C SER A 220 -35.46 27.36 42.67
N ARG A 221 -35.58 27.22 41.36
CA ARG A 221 -34.63 27.78 40.41
C ARG A 221 -34.46 29.28 40.63
N LEU A 222 -35.58 30.00 40.63
CA LEU A 222 -35.59 31.44 40.88
C LEU A 222 -34.85 31.78 42.17
N GLU A 223 -35.09 31.01 43.23
CA GLU A 223 -34.44 31.24 44.51
C GLU A 223 -32.92 31.13 44.41
N GLN A 224 -32.45 30.25 43.55
CA GLN A 224 -31.01 30.00 43.40
C GLN A 224 -30.32 31.07 42.58
N ASP A 225 -30.79 31.28 41.35
CA ASP A 225 -30.25 32.33 40.51
C ASP A 225 -30.19 33.64 41.29
N GLU A 226 -31.06 33.74 42.30
CA GLU A 226 -31.15 34.94 43.13
C GLU A 226 -29.95 35.10 44.06
N TYR A 227 -29.69 34.11 44.91
CA TYR A 227 -28.53 34.13 45.79
C TYR A 227 -27.26 34.25 44.97
N ALA A 228 -27.12 33.36 43.99
CA ALA A 228 -25.99 33.42 43.06
C ALA A 228 -25.62 34.88 42.77
N LEU A 229 -26.63 35.66 42.39
CA LEU A 229 -26.44 37.06 41.99
C LEU A 229 -26.00 37.95 43.15
N ARG A 230 -26.46 37.64 44.35
CA ARG A 230 -26.03 38.38 45.52
C ARG A 230 -24.52 38.27 45.69
N SER A 231 -24.01 37.04 45.71
CA SER A 231 -22.59 36.81 45.96
C SER A 231 -21.70 37.41 44.89
N HIS A 232 -22.16 37.39 43.64
CA HIS A 232 -21.39 37.99 42.55
C HIS A 232 -21.35 39.51 42.69
N SER A 233 -22.48 40.10 43.08
CA SER A 233 -22.58 41.55 43.25
C SER A 233 -21.92 42.02 44.53
N LEU A 234 -22.21 41.30 45.62
CA LEU A 234 -21.68 41.63 46.93
C LEU A 234 -20.15 41.42 46.98
N ALA A 235 -19.64 40.56 46.12
CA ALA A 235 -18.20 40.38 45.97
C ALA A 235 -17.60 41.52 45.17
N LYS A 236 -18.20 41.82 44.03
CA LYS A 236 -17.74 42.92 43.17
C LYS A 236 -17.73 44.23 43.94
N LYS A 237 -18.74 44.42 44.79
CA LYS A 237 -18.79 45.58 45.67
C LYS A 237 -17.56 45.55 46.56
N ALA A 238 -17.49 44.52 47.41
CA ALA A 238 -16.38 44.36 48.34
C ALA A 238 -15.02 44.52 47.65
N GLN A 239 -14.90 43.98 46.43
CA GLN A 239 -13.67 44.11 45.68
C GLN A 239 -13.37 45.59 45.44
N ASP A 240 -14.33 46.29 44.83
CA ASP A 240 -14.17 47.70 44.52
C ASP A 240 -13.85 48.52 45.78
N GLU A 241 -14.53 48.21 46.88
CA GLU A 241 -14.27 48.86 48.16
C GLU A 241 -12.90 48.46 48.71
N GLY A 242 -12.38 47.33 48.22
CA GLY A 242 -11.05 46.87 48.59
C GLY A 242 -11.03 46.07 49.87
N LEU A 243 -12.20 45.56 50.26
CA LEU A 243 -12.31 44.81 51.50
C LEU A 243 -11.60 43.47 51.39
N LEU A 244 -11.42 43.00 50.16
CA LEU A 244 -10.67 41.77 49.91
C LEU A 244 -9.19 42.03 50.16
N SER A 245 -8.82 42.07 51.45
CA SER A 245 -7.45 42.33 51.85
C SER A 245 -6.60 41.07 51.75
N ASP A 246 -7.22 39.93 52.03
CA ASP A 246 -6.55 38.63 52.02
C ASP A 246 -5.70 38.39 50.76
N VAL A 247 -6.13 38.96 49.64
CA VAL A 247 -5.46 38.73 48.36
C VAL A 247 -4.16 39.53 48.22
N VAL A 248 -3.05 38.82 48.10
CA VAL A 248 -1.77 39.43 47.73
C VAL A 248 -1.57 39.27 46.24
N PRO A 249 -1.14 40.34 45.55
CA PRO A 249 -0.92 40.18 44.11
C PRO A 249 0.15 39.15 43.83
N PHE A 250 0.26 38.73 42.57
CA PHE A 250 1.16 37.64 42.21
C PHE A 250 1.62 37.80 40.77
N LYS A 251 2.94 37.78 40.57
CA LYS A 251 3.53 37.94 39.26
C LYS A 251 3.79 36.58 38.61
N VAL A 252 2.98 36.24 37.61
CA VAL A 252 3.12 35.00 36.87
C VAL A 252 4.18 35.17 35.80
N PRO A 253 5.08 34.17 35.64
CA PRO A 253 6.15 34.31 34.66
C PRO A 253 5.65 34.63 33.26
N GLY A 254 4.58 33.97 32.84
CA GLY A 254 4.01 34.23 31.52
C GLY A 254 3.27 35.56 31.47
N LYS A 255 2.11 35.61 32.13
CA LYS A 255 1.23 36.77 32.08
C LYS A 255 1.86 38.01 32.70
N ASP A 256 1.24 39.16 32.49
CA ASP A 256 1.69 40.41 33.07
C ASP A 256 1.81 40.29 34.59
N THR A 257 0.68 40.10 35.25
CA THR A 257 0.62 40.01 36.70
C THR A 257 -0.84 40.09 37.10
N VAL A 258 -1.19 39.50 38.26
CA VAL A 258 -2.59 39.44 38.66
C VAL A 258 -2.85 39.95 40.08
N THR A 259 -3.89 40.75 40.21
CA THR A 259 -4.31 41.32 41.49
C THR A 259 -5.73 40.90 41.84
N LYS A 260 -6.62 40.93 40.84
CA LYS A 260 -8.04 40.70 41.05
C LYS A 260 -8.46 39.26 40.76
N ASP A 261 -9.64 38.90 41.22
CA ASP A 261 -10.21 37.58 40.96
C ASP A 261 -10.94 37.59 39.62
N ASN A 262 -11.32 36.40 39.16
CA ASN A 262 -11.98 36.26 37.86
C ASN A 262 -13.48 35.97 37.95
N GLY A 263 -13.90 35.33 39.03
CA GLY A 263 -15.30 34.92 39.20
C GLY A 263 -16.29 36.06 39.40
N ILE A 264 -15.79 37.29 39.53
CA ILE A 264 -16.65 38.46 39.65
C ILE A 264 -17.35 38.75 38.32
N ARG A 265 -18.56 38.23 38.17
CA ARG A 265 -19.32 38.41 36.94
C ARG A 265 -20.82 38.31 37.24
N PRO A 266 -21.36 39.31 37.96
CA PRO A 266 -22.79 39.37 38.22
C PRO A 266 -23.58 39.65 36.94
N SER A 267 -24.80 39.12 36.88
CA SER A 267 -25.66 39.31 35.74
C SER A 267 -27.03 39.73 36.23
N SER A 268 -27.98 39.91 35.31
CA SER A 268 -29.35 40.19 35.71
C SER A 268 -30.05 38.89 36.09
N LEU A 269 -31.05 38.97 36.97
CA LEU A 269 -31.79 37.78 37.37
C LEU A 269 -32.60 37.25 36.20
N GLU A 270 -32.96 38.15 35.30
CA GLU A 270 -33.68 37.78 34.09
C GLU A 270 -32.77 37.02 33.12
N GLN A 271 -31.47 37.09 33.36
CA GLN A 271 -30.47 36.44 32.50
C GLN A 271 -30.10 35.05 33.05
N MET A 272 -29.91 34.98 34.37
CA MET A 272 -29.54 33.74 35.03
C MET A 272 -30.66 32.71 34.92
N ALA A 273 -31.86 33.18 34.59
CA ALA A 273 -33.02 32.31 34.41
C ALA A 273 -33.18 31.90 32.95
N LYS A 274 -32.63 32.68 32.04
CA LYS A 274 -32.65 32.35 30.61
C LYS A 274 -31.70 31.18 30.33
N LEU A 275 -31.00 30.73 31.36
CA LEU A 275 -29.93 29.75 31.21
C LEU A 275 -30.44 28.32 31.42
N LYS A 276 -29.74 27.37 30.80
CA LYS A 276 -30.12 25.95 30.90
C LYS A 276 -29.54 25.31 32.16
N PRO A 277 -30.08 24.13 32.54
CA PRO A 277 -29.55 23.40 33.69
C PRO A 277 -28.26 22.68 33.35
N ALA A 278 -27.40 22.46 34.35
CA ALA A 278 -26.06 21.93 34.13
C ALA A 278 -25.78 20.50 34.63
N PHE A 279 -26.55 20.04 35.61
CA PHE A 279 -26.36 18.67 36.12
C PHE A 279 -27.52 17.69 35.97
N ILE A 280 -28.73 18.16 36.22
CA ILE A 280 -29.93 17.37 35.95
C ILE A 280 -30.71 18.05 34.83
N LYS A 281 -30.61 17.50 33.62
CA LYS A 281 -31.31 18.04 32.46
C LYS A 281 -32.50 17.15 32.11
N PRO A 282 -33.59 17.76 31.61
CA PRO A 282 -33.75 19.17 31.35
C PRO A 282 -34.53 19.90 32.44
N TYR A 283 -35.01 19.16 33.44
CA TYR A 283 -35.84 19.73 34.50
C TYR A 283 -35.02 20.20 35.70
N GLY A 284 -33.77 20.57 35.46
CA GLY A 284 -32.84 20.90 36.52
C GLY A 284 -33.01 22.29 37.10
N THR A 285 -32.68 22.43 38.38
CA THR A 285 -32.73 23.70 39.06
C THR A 285 -31.35 24.34 39.10
N VAL A 286 -30.31 23.51 39.09
CA VAL A 286 -28.93 23.98 39.16
C VAL A 286 -28.38 24.28 37.78
N THR A 287 -27.80 25.47 37.63
CA THR A 287 -27.21 25.92 36.38
C THR A 287 -25.75 26.24 36.56
N ALA A 288 -25.09 26.61 35.48
CA ALA A 288 -23.70 27.05 35.55
C ALA A 288 -23.59 28.31 36.42
N ALA A 289 -24.52 29.24 36.21
CA ALA A 289 -24.44 30.56 36.83
C ALA A 289 -24.68 30.54 38.34
N ASN A 290 -25.50 29.61 38.81
CA ASN A 290 -25.77 29.49 40.24
C ASN A 290 -24.92 28.39 40.88
N SER A 291 -23.82 28.05 40.20
CA SER A 291 -22.83 27.11 40.73
C SER A 291 -21.48 27.79 40.81
N SER A 292 -20.59 27.24 41.61
CA SER A 292 -19.21 27.71 41.65
C SER A 292 -18.52 27.27 40.37
N PHE A 293 -17.19 27.28 40.34
CA PHE A 293 -16.48 26.94 39.12
C PHE A 293 -15.06 26.48 39.38
N LEU A 294 -14.46 25.84 38.38
CA LEU A 294 -13.08 25.39 38.46
C LEU A 294 -12.19 26.59 38.68
N THR A 295 -11.41 26.57 39.76
CA THR A 295 -10.60 27.71 40.13
C THR A 295 -9.19 27.34 40.58
N ASP A 296 -8.21 28.08 40.08
CA ASP A 296 -6.83 27.91 40.51
C ASP A 296 -6.55 28.91 41.62
N GLY A 297 -5.88 28.47 42.68
CA GLY A 297 -5.58 29.36 43.80
C GLY A 297 -4.80 28.73 44.94
N ALA A 298 -4.26 29.60 45.81
CA ALA A 298 -3.49 29.17 46.97
C ALA A 298 -3.67 30.16 48.12
N SER A 299 -3.59 29.66 49.35
CA SER A 299 -3.81 30.48 50.53
C SER A 299 -2.85 30.11 51.66
N ALA A 300 -2.33 31.12 52.34
CA ALA A 300 -1.43 30.93 53.46
C ALA A 300 -1.86 31.75 54.65
N MET A 301 -1.44 31.32 55.84
CA MET A 301 -1.86 31.97 57.09
C MET A 301 -0.79 31.75 58.16
N LEU A 302 -0.47 32.80 58.91
CA LEU A 302 0.44 32.66 60.04
C LEU A 302 -0.33 32.56 61.35
N ILE A 303 -0.39 31.33 61.87
CA ILE A 303 -1.06 31.07 63.14
C ILE A 303 0.00 30.78 64.20
N MET A 304 -0.17 31.39 65.38
CA MET A 304 0.73 31.15 66.50
C MET A 304 0.05 31.43 67.84
N ALA A 305 0.66 30.91 68.90
CA ALA A 305 0.13 31.05 70.25
C ALA A 305 0.22 32.49 70.73
N GLU A 306 -0.83 32.96 71.40
CA GLU A 306 -0.93 34.34 71.84
C GLU A 306 0.35 34.86 72.53
N GLU A 307 0.82 34.09 73.50
CA GLU A 307 2.00 34.50 74.29
C GLU A 307 3.19 34.85 73.39
N LYS A 308 3.31 34.14 72.26
CA LYS A 308 4.38 34.42 71.30
C LYS A 308 4.02 35.60 70.40
N ALA A 309 2.80 35.60 69.86
CA ALA A 309 2.36 36.64 68.92
C ALA A 309 2.58 38.03 69.48
N LEU A 310 2.27 38.20 70.76
CA LEU A 310 2.46 39.48 71.44
C LEU A 310 3.94 39.70 71.74
N ALA A 311 4.62 38.65 72.20
CA ALA A 311 6.06 38.71 72.50
C ALA A 311 6.85 39.00 71.23
N MET A 312 6.34 38.52 70.10
CA MET A 312 6.93 38.82 68.80
C MET A 312 6.70 40.28 68.45
N GLY A 313 5.70 40.89 69.09
CA GLY A 313 5.36 42.28 68.84
C GLY A 313 4.33 42.43 67.74
N TYR A 314 3.44 41.45 67.64
CA TYR A 314 2.38 41.47 66.63
C TYR A 314 1.09 42.02 67.21
N LYS A 315 0.15 42.32 66.33
CA LYS A 315 -1.17 42.79 66.74
C LYS A 315 -2.24 41.84 66.17
N PRO A 316 -2.38 40.64 66.77
CA PRO A 316 -3.26 39.58 66.27
C PRO A 316 -4.60 40.06 65.71
N LYS A 317 -5.08 39.38 64.68
CA LYS A 317 -6.33 39.77 64.01
C LYS A 317 -7.54 39.05 64.59
N ALA A 318 -7.32 37.87 65.18
CA ALA A 318 -8.40 37.13 65.82
C ALA A 318 -7.89 35.94 66.62
N TYR A 319 -8.79 35.38 67.42
CA TYR A 319 -8.54 34.14 68.14
C TYR A 319 -9.07 32.98 67.31
N LEU A 320 -8.31 31.90 67.22
CA LEU A 320 -8.87 30.65 66.69
C LEU A 320 -9.55 29.92 67.83
N ARG A 321 -10.87 30.12 67.94
CA ARG A 321 -11.66 29.53 69.03
C ARG A 321 -12.02 28.07 68.71
N ASP A 322 -13.22 27.66 69.07
CA ASP A 322 -13.62 26.26 68.94
C ASP A 322 -13.94 25.89 67.49
N PHE A 323 -13.88 24.59 67.21
CA PHE A 323 -14.13 24.06 65.86
C PHE A 323 -14.60 22.61 65.94
N MET A 324 -15.17 22.12 64.85
CA MET A 324 -15.72 20.77 64.84
C MET A 324 -15.75 20.18 63.42
N TYR A 325 -15.28 18.94 63.29
CA TYR A 325 -15.42 18.19 62.04
C TYR A 325 -16.55 17.17 62.14
N VAL A 326 -17.32 17.05 61.07
CA VAL A 326 -18.43 16.09 61.03
C VAL A 326 -18.46 15.32 59.70
N SER A 327 -19.37 14.36 59.60
CA SER A 327 -19.52 13.56 58.40
C SER A 327 -20.95 13.08 58.20
N GLN A 328 -21.32 12.86 56.95
CA GLN A 328 -22.69 12.53 56.58
C GLN A 328 -22.75 11.16 55.92
N ASP A 329 -23.86 10.91 55.23
CA ASP A 329 -23.97 9.81 54.28
C ASP A 329 -23.86 10.39 52.87
N PRO A 330 -22.71 10.21 52.22
CA PRO A 330 -22.44 10.79 50.90
C PRO A 330 -23.54 10.56 49.87
N LYS A 331 -24.19 9.40 49.91
CA LYS A 331 -25.15 9.01 48.89
C LYS A 331 -26.28 10.04 48.78
N ASP A 332 -26.95 10.30 49.89
CA ASP A 332 -28.16 11.13 49.85
C ASP A 332 -28.02 12.49 50.54
N GLN A 333 -27.04 12.64 51.41
CA GLN A 333 -26.80 13.93 52.04
C GLN A 333 -25.32 14.16 52.33
N LEU A 334 -24.59 14.59 51.30
CA LEU A 334 -23.16 14.84 51.43
C LEU A 334 -22.86 16.33 51.61
N LEU A 335 -23.72 17.18 51.05
CA LEU A 335 -23.50 18.62 51.11
C LEU A 335 -24.17 19.29 52.32
N LEU A 336 -24.58 18.50 53.30
CA LEU A 336 -25.23 19.05 54.50
C LEU A 336 -24.25 19.19 55.65
N GLY A 337 -22.97 19.29 55.34
CA GLY A 337 -21.93 19.47 56.35
C GLY A 337 -22.30 20.49 57.42
N PRO A 338 -22.47 21.76 57.04
CA PRO A 338 -22.77 22.86 57.96
C PRO A 338 -23.94 22.56 58.90
N THR A 339 -25.03 22.07 58.34
CA THR A 339 -26.22 21.78 59.13
C THR A 339 -25.90 20.88 60.31
N TYR A 340 -25.09 19.85 60.09
CA TYR A 340 -24.69 18.94 61.17
C TYR A 340 -23.55 19.51 61.99
N ALA A 341 -22.71 20.34 61.36
CA ALA A 341 -21.50 20.85 61.99
C ALA A 341 -21.77 22.06 62.88
N THR A 342 -22.49 23.03 62.33
CA THR A 342 -22.77 24.30 63.01
C THR A 342 -23.11 24.13 64.49
N PRO A 343 -24.11 23.29 64.81
CA PRO A 343 -24.49 23.04 66.21
C PRO A 343 -23.34 22.47 67.05
N LYS A 344 -22.87 21.30 66.70
CA LYS A 344 -21.85 20.61 67.48
C LYS A 344 -20.80 21.58 68.03
N VAL A 345 -20.30 22.48 67.19
CA VAL A 345 -19.28 23.45 67.59
C VAL A 345 -19.87 24.62 68.37
N LEU A 346 -21.03 25.08 67.93
CA LEU A 346 -21.69 26.25 68.52
C LEU A 346 -22.05 25.97 69.98
N GLU A 347 -22.41 24.72 70.28
CA GLU A 347 -22.77 24.33 71.63
C GLU A 347 -21.53 23.94 72.44
N LYS A 348 -20.58 23.27 71.78
CA LYS A 348 -19.34 22.87 72.44
C LYS A 348 -18.64 24.10 73.01
N ALA A 349 -18.61 25.18 72.23
CA ALA A 349 -18.08 26.45 72.69
C ALA A 349 -19.02 27.07 73.71
N GLY A 350 -20.33 26.94 73.46
CA GLY A 350 -21.34 27.44 74.38
C GLY A 350 -21.90 28.80 73.96
N LEU A 351 -22.37 28.88 72.73
CA LEU A 351 -22.99 30.11 72.21
C LEU A 351 -24.25 29.73 71.46
N THR A 352 -24.80 30.67 70.68
CA THR A 352 -25.96 30.39 69.84
C THR A 352 -25.97 31.29 68.61
N MET A 353 -26.87 30.98 67.68
CA MET A 353 -27.02 31.75 66.44
C MET A 353 -27.01 33.24 66.71
N ASN A 354 -27.45 33.61 67.92
CA ASN A 354 -27.53 35.01 68.31
C ASN A 354 -26.17 35.57 68.70
N ASP A 355 -25.43 34.83 69.52
CA ASP A 355 -24.09 35.24 69.92
C ASP A 355 -23.23 35.53 68.70
N ILE A 356 -23.60 34.94 67.57
CA ILE A 356 -22.86 35.09 66.33
C ILE A 356 -23.40 36.25 65.49
N ASP A 357 -22.49 37.12 65.05
CA ASP A 357 -22.86 38.27 64.22
C ASP A 357 -22.12 38.29 62.87
N ALA A 358 -21.43 37.20 62.54
CA ALA A 358 -20.68 37.13 61.28
C ALA A 358 -20.55 35.69 60.77
N PHE A 359 -21.20 35.41 59.63
CA PHE A 359 -21.18 34.08 59.04
C PHE A 359 -20.45 34.05 57.69
N GLU A 360 -19.32 33.35 57.65
CA GLU A 360 -18.67 33.05 56.38
C GLU A 360 -18.75 31.56 56.09
N PHE A 361 -19.65 31.19 55.18
CA PHE A 361 -19.83 29.80 54.76
C PHE A 361 -19.23 29.56 53.38
N HIS A 362 -18.96 28.30 53.06
CA HIS A 362 -18.50 27.93 51.72
C HIS A 362 -19.68 27.89 50.76
N GLU A 363 -19.53 28.53 49.61
CA GLU A 363 -20.57 28.55 48.60
C GLU A 363 -20.25 27.56 47.48
N ALA A 364 -20.57 26.28 47.69
CA ALA A 364 -20.36 25.28 46.66
C ALA A 364 -21.32 25.50 45.51
N PHE A 365 -22.61 25.61 45.86
CA PHE A 365 -23.65 25.88 44.87
C PHE A 365 -24.74 26.71 45.53
N SER A 366 -25.39 27.55 44.74
CA SER A 366 -26.48 28.36 45.28
C SER A 366 -27.45 27.43 46.00
N GLY A 367 -27.86 26.38 45.32
CA GLY A 367 -28.81 25.41 45.87
C GLY A 367 -28.25 24.61 47.03
N GLN A 368 -26.94 24.70 47.24
CA GLN A 368 -26.29 24.00 48.34
C GLN A 368 -26.56 24.72 49.67
N ILE A 369 -26.40 26.04 49.66
CA ILE A 369 -26.62 26.84 50.85
C ILE A 369 -28.12 27.00 51.12
N LEU A 370 -28.82 27.62 50.18
CA LEU A 370 -30.26 27.83 50.31
C LEU A 370 -30.98 26.60 50.86
N ALA A 371 -30.44 25.42 50.58
CA ALA A 371 -31.02 24.16 51.04
C ALA A 371 -30.51 23.75 52.42
N ASN A 372 -29.24 24.06 52.67
CA ASN A 372 -28.68 23.90 54.01
C ASN A 372 -29.43 24.76 55.02
N PHE A 373 -29.71 26.00 54.62
CA PHE A 373 -30.58 26.91 55.39
C PHE A 373 -31.88 26.23 55.77
N LYS A 374 -32.58 25.75 54.74
CA LYS A 374 -33.87 25.10 54.93
C LYS A 374 -33.79 23.97 55.95
N ALA A 375 -32.69 23.22 55.93
CA ALA A 375 -32.49 22.08 56.83
C ALA A 375 -32.17 22.53 58.25
N MET A 376 -31.47 23.66 58.37
CA MET A 376 -31.13 24.22 59.68
C MET A 376 -32.37 24.83 60.31
N ASP A 377 -33.32 25.25 59.47
CA ASP A 377 -34.53 25.93 59.94
C ASP A 377 -35.71 24.97 60.13
N SER A 378 -35.49 23.67 59.95
CA SER A 378 -36.56 22.70 60.12
C SER A 378 -36.41 21.95 61.44
N ASP A 379 -37.45 22.03 62.27
CA ASP A 379 -37.51 21.24 63.49
C ASP A 379 -37.58 19.77 63.11
N TRP A 380 -38.39 19.47 62.10
CA TRP A 380 -38.56 18.11 61.62
C TRP A 380 -37.20 17.48 61.38
N PHE A 381 -36.47 18.02 60.41
CA PHE A 381 -35.16 17.47 60.05
C PHE A 381 -34.32 17.33 61.30
N ALA A 382 -34.23 18.40 62.07
CA ALA A 382 -33.47 18.38 63.31
C ALA A 382 -33.86 17.17 64.16
N GLU A 383 -35.16 17.01 64.37
CA GLU A 383 -35.66 15.89 65.17
C GLU A 383 -35.32 14.56 64.52
N ASN A 384 -35.68 14.40 63.26
CA ASN A 384 -35.58 13.11 62.58
C ASN A 384 -34.14 12.64 62.43
N TYR A 385 -33.33 13.45 61.75
CA TYR A 385 -31.99 13.03 61.36
C TYR A 385 -30.91 13.51 62.32
N MET A 386 -30.85 14.82 62.55
CA MET A 386 -29.84 15.39 63.44
C MET A 386 -29.96 14.80 64.85
N GLY A 387 -31.13 14.25 65.16
CA GLY A 387 -31.34 13.59 66.45
C GLY A 387 -31.27 14.57 67.60
N ARG A 388 -32.05 15.65 67.52
CA ARG A 388 -32.01 16.70 68.52
C ARG A 388 -33.41 17.21 68.87
N LYS A 389 -33.46 18.19 69.76
CA LYS A 389 -34.72 18.71 70.25
C LYS A 389 -35.41 19.57 69.19
N THR A 390 -34.86 20.76 68.95
CA THR A 390 -35.43 21.69 67.98
C THR A 390 -34.40 22.05 66.91
N LYS A 391 -34.84 22.82 65.92
CA LYS A 391 -34.02 23.18 64.76
C LYS A 391 -32.69 23.83 65.13
N VAL A 392 -31.75 23.82 64.19
CA VAL A 392 -30.44 24.44 64.39
C VAL A 392 -30.57 25.95 64.45
N GLY A 393 -31.33 26.51 63.51
CA GLY A 393 -31.55 27.94 63.45
C GLY A 393 -30.97 28.54 62.20
N LEU A 394 -31.85 29.11 61.36
CA LEU A 394 -31.45 29.78 60.13
C LEU A 394 -30.59 31.01 60.44
N PRO A 395 -29.30 30.99 60.05
CA PRO A 395 -28.45 32.15 60.29
C PRO A 395 -28.92 33.37 59.51
N PRO A 396 -29.02 34.51 60.18
CA PRO A 396 -29.52 35.72 59.53
C PRO A 396 -28.90 35.86 58.14
N LEU A 397 -29.75 35.85 57.11
CA LEU A 397 -29.28 35.94 55.74
C LEU A 397 -28.65 37.30 55.46
N GLU A 398 -28.56 38.12 56.50
CA GLU A 398 -28.01 39.47 56.39
C GLU A 398 -26.59 39.55 56.94
N LYS A 399 -26.24 38.60 57.81
CA LYS A 399 -24.90 38.53 58.39
C LYS A 399 -24.09 37.44 57.70
N PHE A 400 -24.55 37.05 56.52
CA PHE A 400 -24.04 35.86 55.85
C PHE A 400 -23.28 36.22 54.58
N ASN A 401 -22.03 35.77 54.49
CA ASN A 401 -21.21 36.01 53.30
C ASN A 401 -21.36 37.44 52.78
N ASN A 402 -20.97 38.40 53.60
CA ASN A 402 -21.17 39.82 53.30
C ASN A 402 -20.16 40.38 52.30
N TRP A 403 -18.98 39.77 52.21
CA TRP A 403 -17.99 40.16 51.21
C TRP A 403 -17.90 39.09 50.13
N GLY A 404 -19.06 38.55 49.76
CA GLY A 404 -19.13 37.50 48.76
C GLY A 404 -18.58 36.18 49.26
N GLY A 405 -18.79 35.12 48.47
CA GLY A 405 -18.31 33.79 48.82
C GLY A 405 -17.79 33.00 47.63
N SER A 406 -17.61 31.71 47.83
CA SER A 406 -16.95 30.81 46.87
C SER A 406 -17.58 30.84 45.47
N LEU A 407 -18.88 31.07 45.43
CA LEU A 407 -19.63 31.01 44.18
C LEU A 407 -19.23 32.15 43.24
N SER A 408 -18.74 33.23 43.84
CA SER A 408 -18.38 34.42 43.07
C SER A 408 -16.86 34.61 42.99
N LEU A 409 -16.16 34.30 44.07
CA LEU A 409 -14.71 34.43 44.10
C LEU A 409 -14.06 33.22 43.44
N GLY A 410 -14.38 32.04 43.95
CA GLY A 410 -13.81 30.80 43.45
C GLY A 410 -13.64 29.76 44.55
N HIS A 411 -13.58 28.50 44.17
CA HIS A 411 -13.40 27.42 45.12
C HIS A 411 -12.24 26.49 44.76
N PRO A 412 -11.00 26.94 45.00
CA PRO A 412 -9.87 26.03 44.87
C PRO A 412 -9.86 25.01 46.02
N PHE A 413 -10.33 23.81 45.75
CA PHE A 413 -10.31 22.73 46.74
C PHE A 413 -9.10 22.88 47.64
N GLY A 414 -9.32 22.86 48.95
CA GLY A 414 -8.21 22.83 49.89
C GLY A 414 -7.32 24.06 49.85
N ALA A 415 -7.82 25.14 49.25
CA ALA A 415 -7.21 26.45 49.36
C ALA A 415 -8.30 27.47 49.67
N THR A 416 -9.53 26.99 49.76
CA THR A 416 -10.67 27.86 50.04
C THR A 416 -10.98 27.87 51.52
N GLY A 417 -10.56 26.81 52.22
CA GLY A 417 -10.80 26.70 53.66
C GLY A 417 -10.24 27.87 54.44
N CYS A 418 -9.10 28.39 54.02
CA CYS A 418 -8.48 29.52 54.70
C CYS A 418 -9.13 30.85 54.34
N ARG A 419 -9.31 31.11 53.05
CA ARG A 419 -9.92 32.37 52.62
C ARG A 419 -11.18 32.69 53.43
N LEU A 420 -11.84 31.67 53.97
CA LEU A 420 -13.05 31.86 54.76
C LEU A 420 -12.75 32.44 56.15
N VAL A 421 -12.14 31.63 57.01
CA VAL A 421 -11.74 32.09 58.34
C VAL A 421 -11.01 33.43 58.26
N MET A 422 -10.20 33.61 57.22
CA MET A 422 -9.43 34.83 57.04
C MET A 422 -10.34 36.01 56.71
N ALA A 423 -11.37 35.75 55.91
CA ALA A 423 -12.33 36.79 55.55
C ALA A 423 -13.48 36.83 56.57
N ALA A 424 -13.32 36.10 57.67
CA ALA A 424 -14.26 36.17 58.77
C ALA A 424 -13.74 37.17 59.80
N ALA A 425 -12.60 36.86 60.41
CA ALA A 425 -11.92 37.78 61.33
C ALA A 425 -11.72 39.13 60.67
N ASN A 426 -11.56 39.12 59.35
CA ASN A 426 -11.39 40.34 58.59
C ASN A 426 -12.67 41.19 58.62
N ARG A 427 -13.81 40.51 58.56
CA ARG A 427 -15.11 41.20 58.64
C ARG A 427 -15.40 41.69 60.05
N LEU A 428 -15.01 40.91 61.06
CA LEU A 428 -15.25 41.27 62.46
C LEU A 428 -14.53 42.57 62.84
N ARG A 429 -13.41 42.84 62.18
CA ARG A 429 -12.69 44.10 62.38
C ARG A 429 -13.35 45.25 61.61
N LYS A 430 -13.37 45.13 60.29
CA LYS A 430 -13.79 46.24 59.43
C LYS A 430 -15.29 46.50 59.44
N GLU A 431 -16.07 45.53 59.91
CA GLU A 431 -17.51 45.73 60.07
C GLU A 431 -17.89 45.84 61.55
N GLY A 432 -17.04 45.28 62.42
CA GLY A 432 -17.31 45.28 63.85
C GLY A 432 -18.06 44.03 64.28
N GLY A 433 -17.76 43.54 65.48
CA GLY A 433 -18.35 42.30 65.99
C GLY A 433 -17.32 41.51 66.76
N GLN A 434 -17.75 40.44 67.42
CA GLN A 434 -16.83 39.63 68.22
C GLN A 434 -16.76 38.19 67.75
N TYR A 435 -17.93 37.57 67.56
CA TYR A 435 -17.98 36.14 67.24
C TYR A 435 -18.41 35.86 65.80
N GLY A 436 -17.55 35.14 65.08
CA GLY A 436 -17.83 34.71 63.71
C GLY A 436 -17.88 33.21 63.58
N LEU A 437 -18.87 32.72 62.84
CA LEU A 437 -18.97 31.28 62.55
C LEU A 437 -18.65 31.00 61.09
N VAL A 438 -17.60 30.23 60.88
CA VAL A 438 -17.23 29.77 59.55
C VAL A 438 -17.51 28.28 59.45
N ALA A 439 -18.20 27.87 58.38
CA ALA A 439 -18.54 26.48 58.18
C ALA A 439 -18.60 26.14 56.69
N ALA A 440 -18.29 24.89 56.36
CA ALA A 440 -18.17 24.49 54.95
C ALA A 440 -18.55 23.05 54.69
N CYS A 441 -19.30 22.84 53.62
CA CYS A 441 -19.62 21.50 53.13
C CYS A 441 -18.45 20.99 52.32
N ALA A 442 -18.24 19.67 52.35
CA ALA A 442 -17.13 19.07 51.62
C ALA A 442 -17.54 17.77 50.95
N ALA A 443 -16.87 17.45 49.86
CA ALA A 443 -16.99 16.13 49.26
C ALA A 443 -16.38 15.12 50.23
N GLY A 444 -16.73 13.85 50.04
CA GLY A 444 -16.39 12.81 51.01
C GLY A 444 -17.55 12.64 51.97
N GLY A 445 -18.58 13.45 51.77
CA GLY A 445 -19.72 13.47 52.68
C GLY A 445 -19.28 13.96 54.04
N GLN A 446 -18.64 15.13 54.06
CA GLN A 446 -18.07 15.67 55.29
C GLN A 446 -18.37 17.17 55.42
N GLY A 447 -17.93 17.74 56.55
CA GLY A 447 -18.19 19.16 56.82
C GLY A 447 -17.41 19.66 58.03
N HIS A 448 -17.28 20.97 58.14
CA HIS A 448 -16.47 21.59 59.19
C HIS A 448 -17.02 22.96 59.56
N ALA A 449 -16.98 23.26 60.86
CA ALA A 449 -17.39 24.57 61.36
C ALA A 449 -16.43 25.04 62.44
N MET A 450 -16.14 26.33 62.48
CA MET A 450 -15.22 26.89 63.45
C MET A 450 -15.70 28.24 63.98
N ILE A 451 -15.36 28.52 65.24
CA ILE A 451 -15.70 29.79 65.86
C ILE A 451 -14.48 30.72 65.86
N VAL A 452 -14.64 31.91 65.29
CA VAL A 452 -13.57 32.90 65.26
C VAL A 452 -13.91 34.05 66.20
N GLU A 453 -13.10 34.24 67.24
CA GLU A 453 -13.30 35.33 68.20
C GLU A 453 -12.39 36.50 67.84
N ALA A 454 -12.98 37.67 67.66
CA ALA A 454 -12.21 38.87 67.30
C ALA A 454 -11.23 39.26 68.41
N TYR A 455 -10.30 40.14 68.07
CA TYR A 455 -9.22 40.52 68.97
C TYR A 455 -9.28 42.01 69.24
N PRO A 456 -8.93 42.42 70.48
CA PRO A 456 -8.97 43.83 70.82
C PRO A 456 -7.75 44.58 70.32
N LEU B 29 8.07 7.84 84.26
CA LEU B 29 6.77 8.51 84.52
C LEU B 29 6.14 9.04 83.22
N ALA B 30 5.04 9.77 83.37
CA ALA B 30 4.44 10.52 82.26
C ALA B 30 3.79 11.77 82.82
N LYS B 31 3.41 12.69 81.93
CA LYS B 31 2.93 14.01 82.35
C LYS B 31 1.57 13.94 83.08
N PRO B 32 1.28 14.96 83.91
CA PRO B 32 0.19 14.94 84.89
C PRO B 32 -1.15 15.54 84.43
N ASN B 33 -1.20 16.86 84.25
CA ASN B 33 -2.45 17.55 83.92
C ASN B 33 -2.91 17.33 82.49
N ILE B 34 -1.98 16.94 81.61
CA ILE B 34 -2.33 16.54 80.26
C ILE B 34 -2.80 15.08 80.26
N ARG B 35 -3.97 14.83 79.67
CA ARG B 35 -4.57 13.50 79.71
C ARG B 35 -3.73 12.48 78.96
N ASN B 36 -3.71 11.26 79.48
CA ASN B 36 -2.88 10.20 78.91
C ASN B 36 -3.58 9.47 77.76
N VAL B 37 -2.79 9.08 76.76
CA VAL B 37 -3.28 8.47 75.53
C VAL B 37 -2.56 7.14 75.28
N VAL B 38 -3.33 6.12 74.90
CA VAL B 38 -2.78 4.76 74.75
C VAL B 38 -3.18 4.11 73.44
N VAL B 39 -2.40 3.12 73.02
CA VAL B 39 -2.73 2.30 71.86
C VAL B 39 -3.40 1.01 72.36
N VAL B 40 -4.69 0.86 72.03
CA VAL B 40 -5.44 -0.32 72.42
C VAL B 40 -4.85 -1.54 71.71
N ASP B 41 -4.93 -1.54 70.38
CA ASP B 41 -4.26 -2.54 69.56
C ASP B 41 -3.99 -1.98 68.17
N GLY B 42 -3.02 -2.57 67.49
CA GLY B 42 -2.66 -2.16 66.13
C GLY B 42 -2.58 -3.35 65.21
N VAL B 43 -2.47 -3.09 63.91
CA VAL B 43 -2.49 -4.15 62.92
C VAL B 43 -1.84 -3.67 61.63
N ARG B 44 -1.61 -4.60 60.71
CA ARG B 44 -1.09 -4.27 59.39
C ARG B 44 -1.30 -5.45 58.44
N THR B 45 -1.47 -5.15 57.15
CA THR B 45 -1.55 -6.19 56.14
C THR B 45 -0.16 -6.73 55.89
N PRO B 46 -0.06 -7.99 55.44
CA PRO B 46 1.30 -8.43 55.14
C PRO B 46 1.97 -7.45 54.17
N PHE B 47 3.26 -7.21 54.36
CA PHE B 47 4.01 -6.27 53.54
C PHE B 47 4.69 -7.00 52.38
N LEU B 48 4.08 -6.91 51.21
CA LEU B 48 4.49 -7.71 50.06
C LEU B 48 5.36 -6.91 49.12
N LEU B 49 6.17 -7.62 48.34
CA LEU B 49 7.07 -6.98 47.37
C LEU B 49 6.26 -6.47 46.19
N SER B 50 6.34 -5.16 45.97
CA SER B 50 5.54 -4.50 44.93
C SER B 50 5.52 -5.29 43.63
N GLY B 51 4.32 -5.40 43.05
CA GLY B 51 4.14 -6.16 41.83
C GLY B 51 4.04 -7.66 42.07
N THR B 52 3.87 -8.05 43.32
CA THR B 52 3.83 -9.47 43.67
C THR B 52 2.39 -10.04 43.66
N SER B 53 1.58 -9.64 44.63
CA SER B 53 0.24 -10.22 44.79
C SER B 53 -0.82 -9.18 45.12
N TYR B 54 -0.39 -7.98 45.47
CA TYR B 54 -1.33 -6.88 45.57
C TYR B 54 -1.36 -6.13 44.24
N LYS B 55 -0.61 -6.64 43.27
CA LYS B 55 -0.49 -6.05 41.94
C LYS B 55 -1.79 -5.49 41.38
N ASP B 56 -2.87 -6.27 41.46
CA ASP B 56 -4.14 -5.87 40.88
C ASP B 56 -5.10 -5.37 41.96
N LEU B 57 -4.63 -4.43 42.75
CA LEU B 57 -5.46 -3.80 43.76
C LEU B 57 -5.23 -2.31 43.70
N MET B 58 -6.10 -1.55 44.34
CA MET B 58 -5.91 -0.10 44.48
C MET B 58 -5.46 0.18 45.90
N PRO B 59 -4.85 1.36 46.14
CA PRO B 59 -4.31 1.62 47.47
C PRO B 59 -5.38 1.59 48.55
N HIS B 60 -6.53 2.20 48.26
CA HIS B 60 -7.62 2.23 49.22
C HIS B 60 -8.13 0.81 49.52
N ASP B 61 -7.93 -0.11 48.58
CA ASP B 61 -8.31 -1.51 48.78
C ASP B 61 -7.53 -2.13 49.94
N LEU B 62 -6.24 -1.85 50.01
CA LEU B 62 -5.42 -2.31 51.12
C LEU B 62 -5.87 -1.62 52.41
N ALA B 63 -5.97 -0.30 52.35
CA ALA B 63 -6.43 0.48 53.49
C ALA B 63 -7.70 -0.12 54.08
N ARG B 64 -8.65 -0.43 53.20
CA ARG B 64 -9.89 -1.09 53.59
C ARG B 64 -9.60 -2.37 54.37
N ALA B 65 -8.65 -3.15 53.88
CA ALA B 65 -8.30 -4.42 54.50
C ALA B 65 -7.71 -4.21 55.88
N ALA B 66 -6.74 -3.30 55.98
CA ALA B 66 -6.13 -2.96 57.25
C ALA B 66 -7.21 -2.56 58.25
N LEU B 67 -8.08 -1.64 57.84
CA LEU B 67 -9.15 -1.13 58.69
C LEU B 67 -10.11 -2.24 59.14
N THR B 68 -10.34 -3.22 58.26
CA THR B 68 -11.21 -4.33 58.60
C THR B 68 -10.52 -5.27 59.59
N GLY B 69 -9.25 -5.56 59.33
CA GLY B 69 -8.45 -6.38 60.23
C GLY B 69 -8.41 -5.80 61.62
N LEU B 70 -8.33 -4.48 61.71
CA LEU B 70 -8.37 -3.77 62.98
C LEU B 70 -9.76 -3.90 63.57
N LEU B 71 -10.76 -3.46 62.81
CA LEU B 71 -12.14 -3.47 63.25
C LEU B 71 -12.61 -4.86 63.68
N HIS B 72 -12.03 -5.89 63.08
CA HIS B 72 -12.35 -7.26 63.48
C HIS B 72 -11.62 -7.64 64.76
N ARG B 73 -10.29 -7.59 64.72
CA ARG B 73 -9.47 -7.99 65.85
C ARG B 73 -9.78 -7.18 67.11
N THR B 74 -9.91 -5.86 66.94
CA THR B 74 -10.09 -4.95 68.07
C THR B 74 -11.56 -4.94 68.54
N SER B 75 -12.46 -5.44 67.70
CA SER B 75 -13.87 -5.55 68.06
C SER B 75 -14.48 -4.23 68.51
N VAL B 76 -13.80 -3.13 68.19
CA VAL B 76 -14.31 -1.80 68.49
C VAL B 76 -15.75 -1.70 68.00
N PRO B 77 -16.57 -0.89 68.67
CA PRO B 77 -17.86 -0.60 68.06
C PRO B 77 -17.70 0.44 66.95
N LYS B 78 -18.43 0.26 65.86
CA LYS B 78 -18.36 1.16 64.73
C LYS B 78 -18.83 2.55 65.13
N GLU B 79 -19.55 2.62 66.25
CA GLU B 79 -20.18 3.86 66.69
C GLU B 79 -19.21 4.85 67.34
N VAL B 80 -18.37 4.37 68.24
CA VAL B 80 -17.57 5.24 69.10
C VAL B 80 -16.32 5.83 68.43
N VAL B 81 -15.98 5.33 67.25
CA VAL B 81 -14.84 5.87 66.51
C VAL B 81 -15.16 7.33 66.16
N ASP B 82 -14.38 8.26 66.71
CA ASP B 82 -14.65 9.69 66.57
C ASP B 82 -13.97 10.33 65.36
N TYR B 83 -12.86 9.73 64.92
CA TYR B 83 -12.08 10.29 63.81
C TYR B 83 -11.08 9.28 63.26
N ILE B 84 -11.00 9.17 61.94
CA ILE B 84 -10.01 8.31 61.28
C ILE B 84 -9.05 9.16 60.45
N ILE B 85 -7.80 8.74 60.40
CA ILE B 85 -6.79 9.47 59.63
C ILE B 85 -5.67 8.55 59.15
N PHE B 86 -5.44 8.57 57.84
CA PHE B 86 -4.50 7.67 57.18
C PHE B 86 -3.41 8.44 56.44
N GLY B 87 -2.23 7.83 56.38
CA GLY B 87 -1.11 8.40 55.65
C GLY B 87 -0.83 7.64 54.36
N THR B 88 -0.30 8.35 53.37
CA THR B 88 0.07 7.75 52.10
C THR B 88 0.77 8.79 51.23
N VAL B 89 1.69 8.35 50.37
CA VAL B 89 2.48 9.30 49.58
C VAL B 89 1.99 9.41 48.14
N ILE B 90 1.92 8.28 47.43
CA ILE B 90 1.51 8.29 46.02
C ILE B 90 0.00 8.13 45.93
N GLN B 91 -0.65 9.12 45.33
CA GLN B 91 -2.10 9.24 45.37
C GLN B 91 -2.79 8.48 44.25
N GLU B 92 -3.89 7.82 44.59
CA GLU B 92 -4.81 7.31 43.58
C GLU B 92 -5.85 8.39 43.32
N VAL B 93 -5.63 9.15 42.24
CA VAL B 93 -6.43 10.32 41.95
C VAL B 93 -7.93 10.08 42.14
N LYS B 94 -8.37 8.84 41.91
CA LYS B 94 -9.78 8.50 42.06
C LYS B 94 -10.18 8.52 43.54
N THR B 95 -9.24 8.17 44.41
CA THR B 95 -9.46 8.20 45.85
C THR B 95 -8.54 9.22 46.52
N SER B 96 -8.79 10.49 46.25
CA SER B 96 -7.99 11.58 46.81
C SER B 96 -7.82 11.39 48.30
N ASN B 97 -8.94 11.43 49.01
CA ASN B 97 -8.96 11.20 50.45
C ASN B 97 -9.01 9.71 50.75
N VAL B 98 -7.87 9.05 50.56
CA VAL B 98 -7.77 7.59 50.66
C VAL B 98 -8.45 7.07 51.90
N ALA B 99 -8.21 7.74 53.03
CA ALA B 99 -8.76 7.32 54.31
C ALA B 99 -10.28 7.25 54.25
N ARG B 100 -10.90 8.36 53.86
CA ARG B 100 -12.34 8.49 53.87
C ARG B 100 -13.05 7.42 53.02
N GLU B 101 -12.43 7.01 51.92
CA GLU B 101 -13.05 6.06 51.01
C GLU B 101 -12.81 4.63 51.47
N ALA B 102 -11.69 4.40 52.15
CA ALA B 102 -11.40 3.10 52.74
C ALA B 102 -12.23 2.91 54.01
N ALA B 103 -12.47 4.01 54.71
CA ALA B 103 -13.21 3.99 55.97
C ALA B 103 -14.64 3.50 55.75
N LEU B 104 -15.26 3.96 54.67
CA LEU B 104 -16.64 3.62 54.40
C LEU B 104 -16.77 2.16 54.00
N GLY B 105 -15.86 1.71 53.15
CA GLY B 105 -15.87 0.32 52.70
C GLY B 105 -15.62 -0.66 53.83
N ALA B 106 -14.74 -0.28 54.74
CA ALA B 106 -14.40 -1.13 55.88
C ALA B 106 -15.62 -1.42 56.72
N GLY B 107 -16.36 -0.38 57.07
CA GLY B 107 -17.57 -0.52 57.88
C GLY B 107 -17.82 0.67 58.79
N PHE B 108 -16.75 1.36 59.18
CA PHE B 108 -16.89 2.47 60.13
C PHE B 108 -17.98 3.45 59.70
N SER B 109 -18.44 4.24 60.65
CA SER B 109 -19.67 5.01 60.47
C SER B 109 -19.62 6.03 59.34
N ASP B 110 -20.81 6.51 58.97
CA ASP B 110 -20.97 7.68 58.13
C ASP B 110 -20.50 8.91 58.89
N LYS B 111 -20.88 8.99 60.17
CA LYS B 111 -20.52 10.10 61.03
C LYS B 111 -19.00 10.24 61.11
N THR B 112 -18.32 9.11 61.29
CA THR B 112 -16.88 9.09 61.56
C THR B 112 -16.09 9.75 60.44
N PRO B 113 -15.79 11.04 60.58
CA PRO B 113 -15.07 11.74 59.53
C PRO B 113 -13.61 11.28 59.47
N ALA B 114 -12.95 11.59 58.37
CA ALA B 114 -11.56 11.20 58.19
C ALA B 114 -10.88 12.14 57.22
N HIS B 115 -9.56 12.17 57.28
CA HIS B 115 -8.76 12.90 56.29
C HIS B 115 -7.46 12.15 56.04
N THR B 116 -6.90 12.36 54.85
CA THR B 116 -5.66 11.70 54.46
C THR B 116 -4.49 12.65 54.65
N VAL B 117 -3.37 12.12 55.10
CA VAL B 117 -2.19 12.93 55.40
C VAL B 117 -0.97 12.38 54.67
N THR B 118 -0.14 13.29 54.14
CA THR B 118 1.01 12.90 53.32
C THR B 118 2.28 13.60 53.77
N MET B 119 3.23 12.81 54.27
CA MET B 119 4.50 13.30 54.77
C MET B 119 5.57 12.23 54.52
N ALA B 120 5.75 11.85 53.26
CA ALA B 120 6.80 10.90 52.87
C ALA B 120 6.78 9.65 53.75
N CYS B 121 7.94 9.01 53.89
CA CYS B 121 8.08 7.77 54.66
C CYS B 121 7.38 7.80 56.03
N ILE B 122 7.33 8.99 56.64
CA ILE B 122 6.72 9.13 57.95
C ILE B 122 5.30 9.68 57.87
N SER B 123 4.60 9.37 56.78
CA SER B 123 3.22 9.79 56.63
C SER B 123 2.31 9.03 57.60
N ALA B 124 2.64 7.75 57.83
CA ALA B 124 1.88 6.93 58.76
C ALA B 124 2.05 7.43 60.20
N ASN B 125 3.21 8.00 60.48
CA ASN B 125 3.46 8.62 61.78
C ASN B 125 2.60 9.85 61.96
N GLN B 126 2.69 10.77 61.00
CA GLN B 126 1.89 11.99 61.06
C GLN B 126 0.43 11.65 61.30
N ALA B 127 0.00 10.53 60.75
CA ALA B 127 -1.36 10.07 60.97
C ALA B 127 -1.62 9.95 62.48
N MET B 128 -0.78 9.21 63.17
CA MET B 128 -0.95 8.98 64.60
C MET B 128 -0.80 10.28 65.39
N THR B 129 0.19 11.09 65.02
CA THR B 129 0.41 12.39 65.66
C THR B 129 -0.80 13.30 65.48
N THR B 130 -1.19 13.51 64.24
CA THR B 130 -2.34 14.34 63.92
C THR B 130 -3.56 13.86 64.71
N GLY B 131 -3.65 12.55 64.91
CA GLY B 131 -4.73 11.95 65.69
C GLY B 131 -4.58 12.19 67.17
N VAL B 132 -3.43 11.80 67.72
CA VAL B 132 -3.12 12.02 69.13
C VAL B 132 -3.41 13.48 69.50
N GLY B 133 -2.96 14.40 68.66
CA GLY B 133 -3.18 15.82 68.88
C GLY B 133 -4.63 16.15 69.17
N LEU B 134 -5.54 15.50 68.47
CA LEU B 134 -6.97 15.78 68.62
C LEU B 134 -7.52 15.19 69.93
N ILE B 135 -6.83 14.19 70.46
CA ILE B 135 -7.23 13.59 71.73
C ILE B 135 -6.87 14.51 72.89
N ALA B 136 -5.57 14.72 73.11
CA ALA B 136 -5.10 15.61 74.17
C ALA B 136 -5.77 16.98 74.07
N SER B 137 -5.98 17.44 72.84
CA SER B 137 -6.74 18.66 72.59
C SER B 137 -8.09 18.58 73.31
N GLY B 138 -8.63 17.38 73.38
CA GLY B 138 -9.94 17.15 73.96
C GLY B 138 -11.00 16.98 72.88
N GLN B 139 -10.61 17.27 71.63
CA GLN B 139 -11.55 17.27 70.51
C GLN B 139 -12.21 15.91 70.28
N CYS B 140 -11.56 14.84 70.72
CA CYS B 140 -12.18 13.52 70.71
C CYS B 140 -11.43 12.52 71.60
N ASP B 141 -12.06 11.37 71.85
CA ASP B 141 -11.52 10.37 72.77
C ASP B 141 -10.93 9.18 72.03
N VAL B 142 -11.59 8.77 70.96
CA VAL B 142 -11.19 7.59 70.21
C VAL B 142 -10.88 7.96 68.76
N ILE B 143 -9.72 7.54 68.27
CA ILE B 143 -9.35 7.77 66.87
C ILE B 143 -8.63 6.55 66.28
N VAL B 144 -8.79 6.33 64.99
CA VAL B 144 -8.07 5.29 64.29
C VAL B 144 -7.04 5.90 63.35
N ALA B 145 -5.77 5.62 63.62
CA ALA B 145 -4.69 6.05 62.75
C ALA B 145 -4.19 4.85 61.93
N GLY B 146 -3.34 5.14 60.97
CA GLY B 146 -2.83 4.12 60.08
C GLY B 146 -2.43 4.72 58.75
N GLY B 147 -2.17 3.86 57.77
CA GLY B 147 -1.69 4.31 56.49
C GLY B 147 -1.66 3.18 55.48
N VAL B 148 -1.27 3.52 54.26
CA VAL B 148 -1.34 2.58 53.16
C VAL B 148 -0.41 3.03 52.05
N GLU B 149 0.11 2.08 51.29
CA GLU B 149 0.91 2.41 50.12
C GLU B 149 0.96 1.27 49.13
N LEU B 150 0.64 1.59 47.88
CA LEU B 150 0.69 0.62 46.81
C LEU B 150 1.68 1.09 45.76
N MET B 151 2.78 0.35 45.61
CA MET B 151 3.79 0.69 44.62
C MET B 151 3.56 -0.08 43.31
N SER B 152 2.89 0.60 42.39
CA SER B 152 2.63 0.11 41.03
C SER B 152 2.11 1.31 40.25
N ASP B 153 3.03 2.27 40.04
CA ASP B 153 2.76 3.67 39.65
C ASP B 153 1.67 3.96 38.62
N VAL B 154 1.52 5.25 38.30
CA VAL B 154 0.52 5.75 37.36
C VAL B 154 1.08 6.96 36.58
N PRO B 155 1.70 6.72 35.41
CA PRO B 155 2.39 7.75 34.62
C PRO B 155 1.54 8.42 33.54
N ILE B 156 1.56 9.75 33.51
CA ILE B 156 0.73 10.45 32.56
C ILE B 156 1.48 11.30 31.54
N ARG B 157 0.67 11.88 30.66
CA ARG B 157 1.07 12.84 29.67
C ARG B 157 0.82 14.21 30.26
N HIS B 158 1.87 15.03 30.36
CA HIS B 158 1.74 16.34 30.99
C HIS B 158 1.15 17.35 30.00
N SER B 159 0.74 16.88 28.82
CA SER B 159 0.17 17.74 27.79
C SER B 159 -0.24 17.00 26.51
N ARG B 160 0.02 15.71 26.47
CA ARG B 160 -0.65 14.87 25.51
C ARG B 160 -2.07 15.08 25.97
N LYS B 161 -2.17 15.27 27.29
CA LYS B 161 -3.44 15.41 28.00
C LYS B 161 -3.85 16.88 28.16
N MET B 162 -3.39 17.76 27.27
CA MET B 162 -3.77 19.18 27.34
C MET B 162 -4.44 19.70 26.05
N ARG B 163 -3.93 19.32 24.87
CA ARG B 163 -4.72 19.46 23.64
C ARG B 163 -5.83 18.42 23.75
N LYS B 164 -5.70 17.63 24.83
CA LYS B 164 -6.64 16.60 25.23
C LYS B 164 -7.72 17.16 26.17
N LEU B 165 -7.48 18.36 26.70
CA LEU B 165 -8.48 19.03 27.56
C LEU B 165 -9.36 19.97 26.76
N MET B 166 -9.69 19.56 25.53
CA MET B 166 -10.65 20.29 24.71
C MET B 166 -11.77 19.32 24.36
N LEU B 167 -12.78 19.28 25.24
CA LEU B 167 -13.88 18.32 25.11
C LEU B 167 -15.22 19.04 25.23
N GLN B 177 -18.74 24.80 10.58
CA GLN B 177 -17.92 23.62 10.86
C GLN B 177 -16.51 24.03 11.26
N ARG B 178 -16.42 24.84 12.32
CA ARG B 178 -15.14 25.31 12.86
C ARG B 178 -14.65 24.42 14.02
N LEU B 179 -15.48 23.46 14.42
CA LEU B 179 -15.16 22.54 15.53
C LEU B 179 -14.08 21.51 15.17
N SER B 180 -14.19 20.93 13.97
CA SER B 180 -13.21 19.93 13.53
C SER B 180 -11.80 20.51 13.63
N LEU B 181 -11.66 21.75 13.19
CA LEU B 181 -10.35 22.40 13.04
C LEU B 181 -9.86 22.99 14.36
N ILE B 182 -10.61 22.73 15.43
CA ILE B 182 -10.15 23.06 16.78
C ILE B 182 -8.87 22.28 17.06
N SER B 183 -8.73 21.12 16.40
CA SER B 183 -7.62 20.20 16.67
C SER B 183 -6.48 20.31 15.65
N LYS B 184 -6.75 20.73 14.41
CA LYS B 184 -5.66 21.04 13.49
C LYS B 184 -4.75 22.05 14.20
N PHE B 185 -5.39 22.94 14.96
CA PHE B 185 -4.70 23.96 15.76
C PHE B 185 -3.65 23.36 16.69
N ARG B 186 -3.85 22.11 17.08
CA ARG B 186 -2.89 21.38 17.90
C ARG B 186 -1.99 20.52 17.03
N PHE B 187 -2.63 19.75 16.13
CA PHE B 187 -1.92 18.86 15.22
C PHE B 187 -0.94 19.67 14.36
N ASN B 188 -0.85 20.96 14.63
CA ASN B 188 0.15 21.84 14.02
C ASN B 188 1.57 21.36 14.21
N PHE B 189 1.76 20.45 15.17
CA PHE B 189 3.06 19.89 15.54
C PHE B 189 3.00 19.51 17.03
N LEU B 190 2.55 18.28 17.32
CA LEU B 190 2.56 17.79 18.71
C LEU B 190 3.49 16.60 18.90
N ALA B 191 4.14 16.56 20.06
CA ALA B 191 5.05 15.49 20.42
C ALA B 191 4.93 15.20 21.90
N PRO B 192 3.95 14.37 22.30
CA PRO B 192 3.87 14.03 23.70
C PRO B 192 4.66 12.77 23.89
N GLU B 193 4.91 12.41 25.14
CA GLU B 193 5.70 11.23 25.41
C GLU B 193 5.38 10.74 26.83
N LEU B 194 5.94 11.41 27.82
CA LEU B 194 6.02 10.81 29.15
C LEU B 194 5.88 11.76 30.35
N PRO B 195 6.20 11.25 31.56
CA PRO B 195 5.89 11.94 32.80
C PRO B 195 7.10 12.24 33.69
N ALA B 196 7.01 11.82 34.95
CA ALA B 196 8.08 11.95 35.93
C ALA B 196 7.87 10.96 37.06
N VAL B 197 8.56 11.18 38.19
CA VAL B 197 8.41 10.38 39.42
C VAL B 197 9.53 9.37 39.64
N SER B 198 10.41 9.66 40.59
CA SER B 198 11.45 8.72 41.03
C SER B 198 12.51 9.46 41.83
N GLU B 199 13.01 10.55 41.26
CA GLU B 199 14.11 11.30 41.86
C GLU B 199 13.66 12.01 43.15
N PHE B 200 13.48 13.33 43.07
CA PHE B 200 13.19 14.14 44.24
C PHE B 200 13.07 15.59 43.77
N SER B 201 12.07 16.31 44.26
CA SER B 201 11.76 17.64 43.73
C SER B 201 12.89 18.65 43.95
N THR B 202 13.98 18.19 44.59
CA THR B 202 15.19 19.00 44.73
C THR B 202 16.38 18.26 44.09
N SER B 203 16.05 17.25 43.29
CA SER B 203 17.02 16.49 42.49
C SER B 203 17.90 15.53 43.30
N GLU B 204 17.60 14.24 43.20
CA GLU B 204 18.49 13.14 43.60
C GLU B 204 17.70 11.91 44.05
N THR B 205 18.21 10.73 43.70
CA THR B 205 17.55 9.48 44.07
C THR B 205 17.60 9.31 45.57
N MET B 206 16.57 8.66 46.11
CA MET B 206 16.52 8.36 47.54
C MET B 206 17.75 7.57 47.94
N GLY B 207 17.97 6.43 47.27
CA GLY B 207 19.08 5.54 47.58
C GLY B 207 20.42 6.07 47.14
N HIS B 208 20.43 6.98 46.17
CA HIS B 208 21.67 7.58 45.72
C HIS B 208 22.27 8.40 46.85
N SER B 209 21.41 9.09 47.59
CA SER B 209 21.85 9.84 48.75
C SER B 209 22.43 8.88 49.78
N ALA B 210 21.82 7.71 49.92
CA ALA B 210 22.30 6.70 50.86
C ALA B 210 23.75 6.34 50.56
N ASP B 211 24.04 6.09 49.29
CA ASP B 211 25.36 5.62 48.90
C ASP B 211 26.44 6.68 49.15
N ARG B 212 26.03 7.93 49.22
CA ARG B 212 26.98 9.01 49.52
C ARG B 212 26.77 9.60 50.92
N LEU B 213 25.67 9.25 51.57
CA LEU B 213 25.49 9.55 52.99
C LEU B 213 26.33 8.53 53.76
N ALA B 214 26.39 7.32 53.22
CA ALA B 214 27.19 6.24 53.80
C ALA B 214 28.67 6.57 53.68
N ALA B 215 29.12 6.89 52.48
CA ALA B 215 30.52 7.23 52.24
C ALA B 215 30.92 8.48 53.04
N ALA B 216 29.98 9.40 53.20
CA ALA B 216 30.23 10.63 53.98
C ALA B 216 30.64 10.29 55.42
N PHE B 217 30.03 9.26 56.00
CA PHE B 217 30.36 8.80 57.34
C PHE B 217 31.24 7.55 57.31
N ALA B 218 31.90 7.33 56.18
CA ALA B 218 32.79 6.18 56.01
C ALA B 218 32.15 4.88 56.50
N VAL B 219 31.06 4.48 55.85
CA VAL B 219 30.45 3.19 56.10
C VAL B 219 30.80 2.27 54.93
N SER B 220 31.46 1.17 55.25
CA SER B 220 32.00 0.28 54.22
C SER B 220 30.95 -0.66 53.66
N ARG B 221 31.21 -1.13 52.44
CA ARG B 221 30.34 -2.10 51.77
C ARG B 221 30.12 -3.31 52.67
N LEU B 222 31.22 -3.90 53.13
CA LEU B 222 31.17 -5.05 54.03
C LEU B 222 30.30 -4.78 55.25
N GLU B 223 30.41 -3.58 55.81
CA GLU B 223 29.63 -3.19 56.99
C GLU B 223 28.13 -3.15 56.69
N GLN B 224 27.78 -2.83 55.45
CA GLN B 224 26.39 -2.71 55.04
C GLN B 224 25.77 -4.08 54.75
N ASP B 225 26.37 -4.82 53.81
CA ASP B 225 25.92 -6.18 53.53
C ASP B 225 25.72 -6.96 54.83
N GLU B 226 26.48 -6.56 55.85
CA GLU B 226 26.42 -7.21 57.16
C GLU B 226 25.08 -6.94 57.83
N TYR B 227 24.83 -5.69 58.21
CA TYR B 227 23.55 -5.33 58.84
C TYR B 227 22.36 -5.81 58.04
N ALA B 228 22.39 -5.56 56.73
CA ALA B 228 21.34 -6.03 55.84
C ALA B 228 20.99 -7.46 56.23
N LEU B 229 22.01 -8.31 56.31
CA LEU B 229 21.80 -9.72 56.58
C LEU B 229 21.20 -9.97 57.97
N ARG B 230 21.54 -9.14 58.94
CA ARG B 230 20.97 -9.27 60.27
C ARG B 230 19.45 -9.13 60.22
N SER B 231 18.96 -8.05 59.64
CA SER B 231 17.53 -7.77 59.61
C SER B 231 16.75 -8.82 58.82
N HIS B 232 17.35 -9.35 57.75
CA HIS B 232 16.70 -10.42 56.98
C HIS B 232 16.59 -11.70 57.80
N SER B 233 17.63 -12.00 58.58
CA SER B 233 17.65 -13.20 59.41
C SER B 233 16.85 -13.00 60.70
N LEU B 234 17.05 -11.85 61.32
CA LEU B 234 16.40 -11.52 62.58
C LEU B 234 14.89 -11.34 62.39
N ALA B 235 14.48 -11.07 61.16
CA ALA B 235 13.07 -11.02 60.81
C ALA B 235 12.55 -12.46 60.62
N LYS B 236 13.22 -13.21 59.75
CA LYS B 236 12.84 -14.58 59.46
C LYS B 236 12.71 -15.37 60.75
N LYS B 237 13.58 -15.08 61.71
CA LYS B 237 13.51 -15.71 63.02
C LYS B 237 12.23 -15.29 63.72
N ALA B 238 12.05 -13.98 63.86
CA ALA B 238 10.86 -13.41 64.49
C ALA B 238 9.58 -13.88 63.81
N GLN B 239 9.64 -14.05 62.49
CA GLN B 239 8.49 -14.57 61.75
C GLN B 239 8.17 -15.99 62.21
N ASP B 240 9.17 -16.86 62.12
CA ASP B 240 9.01 -18.26 62.50
C ASP B 240 8.51 -18.39 63.94
N GLU B 241 9.11 -17.61 64.83
CA GLU B 241 8.69 -17.60 66.23
C GLU B 241 7.27 -17.06 66.36
N GLY B 242 6.85 -16.27 65.37
CA GLY B 242 5.49 -15.74 65.31
C GLY B 242 5.35 -14.43 66.07
N LEU B 243 6.47 -13.75 66.29
CA LEU B 243 6.47 -12.49 67.03
C LEU B 243 5.81 -11.38 66.24
N LEU B 244 5.82 -11.50 64.91
CA LEU B 244 5.13 -10.55 64.04
C LEU B 244 3.63 -10.69 64.24
N SER B 245 3.13 -10.09 65.32
CA SER B 245 1.72 -10.16 65.68
C SER B 245 0.91 -9.12 64.92
N ASP B 246 1.52 -7.97 64.66
CA ASP B 246 0.84 -6.88 63.96
C ASP B 246 0.13 -7.34 62.68
N VAL B 247 0.69 -8.32 61.99
CA VAL B 247 0.19 -8.74 60.68
C VAL B 247 -1.09 -9.57 60.74
N VAL B 248 -2.17 -9.00 60.22
CA VAL B 248 -3.42 -9.75 60.03
C VAL B 248 -3.42 -10.33 58.61
N PRO B 249 -3.83 -11.60 58.47
CA PRO B 249 -3.87 -12.14 57.11
C PRO B 249 -4.89 -11.38 56.27
N PHE B 250 -4.87 -11.61 54.97
CA PHE B 250 -5.69 -10.83 54.05
C PHE B 250 -6.00 -11.63 52.78
N LYS B 251 -7.29 -11.79 52.51
CA LYS B 251 -7.74 -12.56 51.35
C LYS B 251 -7.89 -11.67 50.13
N VAL B 252 -6.98 -11.84 49.16
CA VAL B 252 -7.00 -11.09 47.91
C VAL B 252 -7.95 -11.77 46.93
N PRO B 253 -8.75 -10.99 46.18
CA PRO B 253 -9.73 -11.58 45.26
C PRO B 253 -9.09 -12.49 44.21
N GLY B 254 -7.92 -12.10 43.72
CA GLY B 254 -7.22 -12.91 42.74
C GLY B 254 -6.53 -14.09 43.40
N LYS B 255 -5.47 -13.80 44.16
CA LYS B 255 -4.62 -14.84 44.74
C LYS B 255 -5.37 -15.67 45.79
N ASP B 256 -4.75 -16.76 46.22
CA ASP B 256 -5.29 -17.59 47.28
C ASP B 256 -5.57 -16.75 48.52
N THR B 257 -4.50 -16.27 49.15
CA THR B 257 -4.59 -15.51 50.39
C THR B 257 -3.19 -15.38 50.94
N VAL B 258 -2.95 -14.32 51.72
CA VAL B 258 -1.61 -14.05 52.19
C VAL B 258 -1.53 -13.85 53.70
N THR B 259 -0.50 -14.43 54.30
CA THR B 259 -0.26 -14.31 55.74
C THR B 259 1.12 -13.71 55.99
N LYS B 260 2.10 -14.17 55.21
CA LYS B 260 3.50 -13.83 55.46
C LYS B 260 4.00 -12.69 54.57
N ASP B 261 5.14 -12.12 54.95
CA ASP B 261 5.77 -11.07 54.16
C ASP B 261 6.67 -11.67 53.09
N ASN B 262 7.11 -10.85 52.16
CA ASN B 262 7.90 -11.31 51.01
C ASN B 262 9.38 -10.96 51.11
N GLY B 263 9.69 -9.95 51.91
CA GLY B 263 11.07 -9.45 52.00
C GLY B 263 12.01 -10.34 52.80
N ILE B 264 11.47 -11.35 53.46
CA ILE B 264 12.28 -12.32 54.18
C ILE B 264 13.10 -13.17 53.22
N ARG B 265 14.34 -12.76 52.98
CA ARG B 265 15.23 -13.47 52.07
C ARG B 265 16.69 -13.23 52.44
N PRO B 266 17.11 -13.75 53.61
CA PRO B 266 18.50 -13.65 54.03
C PRO B 266 19.44 -14.48 53.16
N SER B 267 20.62 -13.94 52.90
CA SER B 267 21.63 -14.62 52.10
C SER B 267 22.91 -14.80 52.90
N SER B 268 23.94 -15.34 52.27
CA SER B 268 25.26 -15.40 52.90
C SER B 268 25.96 -14.07 52.68
N LEU B 269 26.85 -13.70 53.61
CA LEU B 269 27.59 -12.43 53.50
C LEU B 269 28.55 -12.49 52.32
N GLU B 270 28.98 -13.70 51.98
CA GLU B 270 29.83 -13.90 50.81
C GLU B 270 29.05 -13.67 49.52
N GLN B 271 27.73 -13.77 49.61
CA GLN B 271 26.85 -13.59 48.47
C GLN B 271 26.50 -12.12 48.26
N MET B 272 26.10 -11.45 49.34
CA MET B 272 25.73 -10.04 49.30
C MET B 272 26.88 -9.18 48.80
N ALA B 273 28.10 -9.69 48.93
CA ALA B 273 29.29 -8.97 48.48
C ALA B 273 29.61 -9.30 47.02
N LYS B 274 29.16 -10.45 46.54
CA LYS B 274 29.34 -10.82 45.14
C LYS B 274 28.46 -9.95 44.23
N LEU B 275 27.66 -9.08 44.85
CA LEU B 275 26.66 -8.30 44.13
C LEU B 275 27.20 -6.96 43.68
N LYS B 276 26.57 -6.38 42.65
CA LYS B 276 26.97 -5.09 42.11
C LYS B 276 26.28 -3.94 42.85
N PRO B 277 26.81 -2.72 42.68
CA PRO B 277 26.18 -1.54 43.30
C PRO B 277 24.95 -1.14 42.52
N ALA B 278 24.01 -0.46 43.19
CA ALA B 278 22.71 -0.12 42.58
C ALA B 278 22.43 1.37 42.35
N PHE B 279 23.10 2.26 43.09
CA PHE B 279 22.90 3.69 42.91
C PHE B 279 24.08 4.56 42.46
N ILE B 280 25.26 4.25 42.99
CA ILE B 280 26.48 4.86 42.49
C ILE B 280 27.36 3.76 41.89
N LYS B 281 27.40 3.68 40.57
CA LYS B 281 28.21 2.68 39.90
C LYS B 281 29.48 3.31 39.34
N PRO B 282 30.59 2.54 39.27
CA PRO B 282 30.74 1.16 39.72
C PRO B 282 31.42 1.05 41.10
N TYR B 283 31.77 2.20 41.67
CA TYR B 283 32.47 2.24 42.96
C TYR B 283 31.50 2.42 44.13
N GLY B 284 30.29 1.91 43.98
CA GLY B 284 29.24 2.11 44.96
C GLY B 284 29.33 1.19 46.15
N THR B 285 28.80 1.66 47.27
CA THR B 285 28.75 0.86 48.49
C THR B 285 27.35 0.28 48.69
N VAL B 286 26.34 0.94 48.11
CA VAL B 286 24.94 0.52 48.27
C VAL B 286 24.48 -0.40 47.14
N THR B 287 23.93 -1.54 47.53
CA THR B 287 23.49 -2.57 46.59
C THR B 287 22.00 -2.81 46.75
N ALA B 288 21.47 -3.68 45.90
CA ALA B 288 20.07 -4.08 45.98
C ALA B 288 19.80 -4.82 47.28
N ALA B 289 20.76 -5.65 47.70
CA ALA B 289 20.59 -6.53 48.86
C ALA B 289 20.67 -5.81 50.20
N ASN B 290 21.43 -4.71 50.26
CA ASN B 290 21.53 -3.93 51.49
C ASN B 290 20.63 -2.69 51.46
N SER B 291 19.66 -2.72 50.55
CA SER B 291 18.66 -1.66 50.43
C SER B 291 17.28 -2.25 50.66
N SER B 292 16.33 -1.38 51.03
CA SER B 292 14.94 -1.80 51.12
C SER B 292 14.42 -2.03 49.71
N PHE B 293 13.11 -2.13 49.55
CA PHE B 293 12.53 -2.42 48.25
C PHE B 293 11.11 -1.88 48.10
N LEU B 294 10.62 -1.87 46.86
CA LEU B 294 9.25 -1.45 46.57
C LEU B 294 8.26 -2.40 47.22
N THR B 295 7.40 -1.89 48.10
CA THR B 295 6.49 -2.74 48.85
C THR B 295 5.06 -2.22 48.89
N ASP B 296 4.12 -3.15 48.71
CA ASP B 296 2.70 -2.84 48.82
C ASP B 296 2.26 -3.22 50.23
N GLY B 297 1.45 -2.37 50.85
CA GLY B 297 1.02 -2.63 52.23
C GLY B 297 0.18 -1.55 52.87
N ALA B 298 -0.40 -1.89 54.01
CA ALA B 298 -1.23 -0.97 54.77
C ALA B 298 -1.14 -1.29 56.26
N SER B 299 -1.48 -0.32 57.09
CA SER B 299 -1.41 -0.49 58.54
C SER B 299 -2.47 0.35 59.24
N ALA B 300 -3.11 -0.25 60.23
CA ALA B 300 -4.13 0.45 61.00
C ALA B 300 -3.80 0.32 62.49
N MET B 301 -4.43 1.18 63.28
CA MET B 301 -4.16 1.24 64.70
C MET B 301 -5.31 1.91 65.43
N LEU B 302 -5.72 1.36 66.57
CA LEU B 302 -6.74 2.01 67.39
C LEU B 302 -6.10 2.73 68.56
N ILE B 303 -6.08 4.05 68.47
CA ILE B 303 -5.54 4.88 69.52
C ILE B 303 -6.68 5.62 70.20
N MET B 304 -6.68 5.61 71.54
CA MET B 304 -7.70 6.33 72.30
C MET B 304 -7.18 6.77 73.67
N ALA B 305 -7.92 7.66 74.31
CA ALA B 305 -7.55 8.19 75.61
C ALA B 305 -7.74 7.14 76.70
N GLU B 306 -6.77 7.05 77.60
CA GLU B 306 -6.75 6.05 78.67
C GLU B 306 -8.10 5.91 79.39
N GLU B 307 -8.65 7.02 79.83
CA GLU B 307 -9.92 7.01 80.56
C GLU B 307 -11.00 6.23 79.82
N LYS B 308 -10.98 6.34 78.48
CA LYS B 308 -11.94 5.63 77.63
C LYS B 308 -11.54 4.17 77.42
N ALA B 309 -10.26 3.94 77.12
CA ALA B 309 -9.76 2.60 76.83
C ALA B 309 -10.07 1.61 77.96
N LEU B 310 -9.92 2.08 79.19
CA LEU B 310 -10.22 1.27 80.36
C LEU B 310 -11.73 1.17 80.56
N ALA B 311 -12.42 2.30 80.44
CA ALA B 311 -13.87 2.34 80.55
C ALA B 311 -14.54 1.48 79.48
N MET B 312 -13.90 1.39 78.31
CA MET B 312 -14.35 0.51 77.24
C MET B 312 -14.08 -0.95 77.61
N GLY B 313 -13.25 -1.15 78.63
CA GLY B 313 -12.90 -2.48 79.08
C GLY B 313 -11.77 -3.09 78.26
N TYR B 314 -10.82 -2.25 77.86
CA TYR B 314 -9.66 -2.70 77.10
C TYR B 314 -8.43 -2.85 77.99
N LYS B 315 -7.44 -3.58 77.50
CA LYS B 315 -6.18 -3.77 78.19
C LYS B 315 -5.05 -3.18 77.35
N PRO B 316 -4.93 -1.84 77.33
CA PRO B 316 -3.96 -1.11 76.51
C PRO B 316 -2.58 -1.75 76.41
N LYS B 317 -1.98 -1.64 75.23
CA LYS B 317 -0.67 -2.27 74.96
C LYS B 317 0.50 -1.34 75.25
N ALA B 318 0.24 -0.03 75.22
CA ALA B 318 1.27 0.95 75.53
C ALA B 318 0.71 2.37 75.62
N TYR B 319 1.54 3.26 76.14
CA TYR B 319 1.25 4.69 76.15
C TYR B 319 1.90 5.31 74.91
N LEU B 320 1.20 6.24 74.27
CA LEU B 320 1.84 7.09 73.27
C LEU B 320 2.42 8.29 74.02
N ARG B 321 3.70 8.20 74.37
CA ARG B 321 4.36 9.25 75.12
C ARG B 321 4.77 10.41 74.23
N ASP B 322 5.95 10.99 74.47
CA ASP B 322 6.40 12.16 73.72
C ASP B 322 6.87 11.81 72.32
N PHE B 323 6.95 12.81 71.46
CA PHE B 323 7.37 12.64 70.07
C PHE B 323 7.91 13.95 69.53
N MET B 324 8.55 13.90 68.36
CA MET B 324 9.13 15.09 67.76
C MET B 324 9.35 14.96 66.25
N TYR B 325 8.94 15.98 65.49
CA TYR B 325 9.21 16.04 64.06
C TYR B 325 10.32 17.04 63.78
N VAL B 326 11.24 16.66 62.90
CA VAL B 326 12.36 17.52 62.56
C VAL B 326 12.49 17.66 61.04
N SER B 327 13.53 18.37 60.60
CA SER B 327 13.81 18.54 59.18
C SER B 327 15.28 18.89 58.96
N GLN B 328 15.79 18.53 57.78
CA GLN B 328 17.20 18.68 57.46
C GLN B 328 17.40 19.61 56.26
N ASP B 329 18.57 19.48 55.63
CA ASP B 329 18.80 19.99 54.30
C ASP B 329 18.84 18.81 53.33
N PRO B 330 17.76 18.65 52.53
CA PRO B 330 17.63 17.52 51.62
C PRO B 330 18.88 17.26 50.77
N LYS B 331 19.47 18.33 50.26
CA LYS B 331 20.58 18.19 49.31
C LYS B 331 21.67 17.26 49.83
N ASP B 332 22.24 17.58 50.99
CA ASP B 332 23.43 16.89 51.49
C ASP B 332 23.20 16.01 52.73
N GLN B 333 22.10 16.24 53.44
CA GLN B 333 21.77 15.39 54.57
C GLN B 333 20.26 15.27 54.77
N LEU B 334 19.62 14.43 53.96
CA LEU B 334 18.18 14.22 54.06
C LEU B 334 17.83 12.99 54.91
N LEU B 335 18.70 11.98 54.88
CA LEU B 335 18.44 10.74 55.60
C LEU B 335 18.98 10.74 57.03
N LEU B 336 19.27 11.92 57.57
CA LEU B 336 19.75 12.03 58.96
C LEU B 336 18.64 12.47 59.91
N GLY B 337 17.40 12.14 59.57
CA GLY B 337 16.26 12.43 60.43
C GLY B 337 16.49 12.03 61.89
N PRO B 338 16.67 10.73 62.16
CA PRO B 338 16.83 10.21 63.53
C PRO B 338 17.87 10.97 64.35
N THR B 339 19.08 11.09 63.80
CA THR B 339 20.18 11.77 64.49
C THR B 339 19.78 13.15 65.03
N TYR B 340 19.01 13.90 64.26
CA TYR B 340 18.52 15.20 64.71
C TYR B 340 17.29 15.04 65.59
N ALA B 341 16.49 14.00 65.30
CA ALA B 341 15.21 13.80 65.96
C ALA B 341 15.35 13.16 67.33
N THR B 342 16.11 12.08 67.40
CA THR B 342 16.25 11.29 68.64
C THR B 342 16.44 12.15 69.90
N PRO B 343 17.42 13.09 69.88
CA PRO B 343 17.66 13.97 71.03
C PRO B 343 16.50 14.88 71.41
N LYS B 344 16.02 15.67 70.45
CA LYS B 344 14.94 16.64 70.70
C LYS B 344 13.79 16.04 71.51
N VAL B 345 13.39 14.81 71.17
CA VAL B 345 12.28 14.13 71.86
C VAL B 345 12.76 13.47 73.16
N LEU B 346 13.93 12.86 73.11
CA LEU B 346 14.48 12.13 74.24
C LEU B 346 14.68 13.07 75.43
N GLU B 347 15.07 14.31 75.14
CA GLU B 347 15.29 15.31 76.18
C GLU B 347 13.99 16.01 76.55
N LYS B 348 13.11 16.22 75.57
CA LYS B 348 11.83 16.86 75.80
C LYS B 348 10.96 16.04 76.75
N ALA B 349 11.11 14.72 76.66
CA ALA B 349 10.45 13.81 77.60
C ALA B 349 11.25 13.73 78.89
N GLY B 350 12.57 13.84 78.77
CA GLY B 350 13.46 13.81 79.93
C GLY B 350 13.95 12.40 80.23
N LEU B 351 14.64 11.81 79.26
CA LEU B 351 15.26 10.50 79.44
C LEU B 351 16.60 10.50 78.71
N THR B 352 17.22 9.32 78.58
CA THR B 352 18.47 9.20 77.83
C THR B 352 18.59 7.83 77.16
N MET B 353 19.62 7.68 76.32
CA MET B 353 19.90 6.42 75.62
C MET B 353 19.83 5.22 76.56
N ASN B 354 20.06 5.47 77.85
CA ASN B 354 20.07 4.42 78.85
C ASN B 354 18.68 4.09 79.37
N ASP B 355 17.85 5.11 79.55
CA ASP B 355 16.47 4.91 79.98
C ASP B 355 15.72 4.09 78.94
N ILE B 356 16.23 4.09 77.71
CA ILE B 356 15.61 3.36 76.60
C ILE B 356 16.20 1.95 76.48
N ASP B 357 15.31 0.96 76.40
CA ASP B 357 15.73 -0.44 76.27
C ASP B 357 15.14 -1.13 75.03
N ALA B 358 14.56 -0.34 74.13
CA ALA B 358 13.97 -0.88 72.90
C ALA B 358 13.96 0.15 71.76
N PHE B 359 14.69 -0.16 70.69
CA PHE B 359 14.79 0.74 69.54
C PHE B 359 14.20 0.11 68.28
N GLU B 360 13.12 0.69 67.76
CA GLU B 360 12.60 0.33 66.44
C GLU B 360 12.75 1.51 65.48
N PHE B 361 13.79 1.45 64.65
CA PHE B 361 14.05 2.49 63.65
C PHE B 361 13.60 2.04 62.27
N HIS B 362 13.40 3.01 61.38
CA HIS B 362 13.10 2.70 59.97
C HIS B 362 14.38 2.29 59.27
N GLU B 363 14.33 1.20 58.52
CA GLU B 363 15.48 0.74 57.74
C GLU B 363 15.31 1.06 56.25
N ALA B 364 15.64 2.29 55.87
CA ALA B 364 15.57 2.72 54.48
C ALA B 364 16.65 2.01 53.67
N PHE B 365 17.89 2.07 54.18
CA PHE B 365 19.02 1.37 53.58
C PHE B 365 19.97 0.96 54.69
N SER B 366 20.72 -0.11 54.45
CA SER B 366 21.71 -0.54 55.42
C SER B 366 22.63 0.65 55.73
N GLY B 367 23.19 1.25 54.69
CA GLY B 367 24.08 2.39 54.84
C GLY B 367 23.40 3.63 55.42
N GLN B 368 22.08 3.62 55.48
CA GLN B 368 21.33 4.76 56.04
C GLN B 368 21.44 4.76 57.55
N ILE B 369 21.27 3.59 58.16
CA ILE B 369 21.32 3.45 59.60
C ILE B 369 22.76 3.45 60.09
N LEU B 370 23.54 2.48 59.64
CA LEU B 370 24.94 2.37 60.04
C LEU B 370 25.62 3.73 60.03
N ALA B 371 25.20 4.60 59.11
CA ALA B 371 25.75 5.94 59.01
C ALA B 371 25.11 6.90 60.02
N ASN B 372 23.79 6.80 60.17
CA ASN B 372 23.08 7.56 61.19
C ASN B 372 23.67 7.28 62.57
N PHE B 373 23.96 6.01 62.83
CA PHE B 373 24.70 5.60 64.02
C PHE B 373 25.97 6.44 64.18
N LYS B 374 26.84 6.36 63.17
CA LYS B 374 28.11 7.05 63.18
C LYS B 374 27.93 8.51 63.59
N ALA B 375 26.94 9.17 63.01
CA ALA B 375 26.67 10.60 63.27
C ALA B 375 26.21 10.83 64.70
N MET B 376 25.39 9.92 65.20
CA MET B 376 24.91 10.00 66.57
C MET B 376 26.05 9.77 67.54
N ASP B 377 27.07 9.06 67.08
CA ASP B 377 28.21 8.68 67.91
C ASP B 377 29.39 9.65 67.78
N SER B 378 29.22 10.72 67.00
CA SER B 378 30.28 11.71 66.83
C SER B 378 30.00 12.96 67.63
N ASP B 379 30.94 13.30 68.51
CA ASP B 379 30.91 14.57 69.21
C ASP B 379 31.09 15.69 68.19
N TRP B 380 31.98 15.46 67.23
CA TRP B 380 32.25 16.45 66.19
C TRP B 380 30.97 16.86 65.49
N PHE B 381 30.29 15.90 64.90
CA PHE B 381 29.06 16.18 64.18
C PHE B 381 28.06 16.87 65.09
N ALA B 382 27.91 16.34 66.31
CA ALA B 382 27.02 16.92 67.29
C ALA B 382 27.34 18.39 67.52
N GLU B 383 28.62 18.69 67.78
CA GLU B 383 29.07 20.06 68.03
C GLU B 383 28.85 20.96 66.81
N ASN B 384 29.30 20.47 65.65
CA ASN B 384 29.31 21.28 64.43
C ASN B 384 27.91 21.58 63.90
N TYR B 385 27.17 20.53 63.56
CA TYR B 385 25.90 20.66 62.85
C TYR B 385 24.70 20.67 63.80
N MET B 386 24.59 19.64 64.64
CA MET B 386 23.47 19.53 65.55
C MET B 386 23.42 20.73 66.50
N GLY B 387 24.57 21.37 66.70
CA GLY B 387 24.66 22.55 67.55
C GLY B 387 24.41 22.21 69.00
N ARG B 388 25.22 21.30 69.54
CA ARG B 388 25.02 20.84 70.91
C ARG B 388 26.37 20.62 71.60
N LYS B 389 26.31 20.09 72.82
CA LYS B 389 27.49 19.90 73.65
C LYS B 389 28.28 18.65 73.24
N THR B 390 27.70 17.49 73.48
CA THR B 390 28.34 16.23 73.15
C THR B 390 27.44 15.38 72.27
N LYS B 391 27.97 14.27 71.78
CA LYS B 391 27.26 13.41 70.83
C LYS B 391 25.88 13.02 71.34
N VAL B 392 25.06 12.47 70.43
CA VAL B 392 23.72 11.99 70.76
C VAL B 392 23.77 10.67 71.54
N GLY B 393 24.62 9.76 71.08
CA GLY B 393 24.81 8.49 71.77
C GLY B 393 24.36 7.32 70.93
N LEU B 394 25.32 6.51 70.48
CA LEU B 394 25.04 5.35 69.65
C LEU B 394 24.14 4.36 70.38
N PRO B 395 22.91 4.18 69.88
CA PRO B 395 22.01 3.21 70.53
C PRO B 395 22.58 1.80 70.50
N PRO B 396 22.49 1.09 71.64
CA PRO B 396 23.02 -0.27 71.70
C PRO B 396 22.55 -1.10 70.51
N LEU B 397 23.48 -1.46 69.65
CA LEU B 397 23.17 -2.23 68.44
C LEU B 397 22.58 -3.60 68.79
N GLU B 398 22.29 -3.80 70.07
CA GLU B 398 21.73 -5.05 70.57
C GLU B 398 20.26 -4.90 70.94
N LYS B 399 19.84 -3.65 71.18
CA LYS B 399 18.44 -3.34 71.50
C LYS B 399 17.76 -2.70 70.29
N PHE B 400 18.31 -2.96 69.11
CA PHE B 400 17.94 -2.22 67.91
C PHE B 400 17.33 -3.15 66.86
N ASN B 401 16.10 -2.84 66.46
CA ASN B 401 15.40 -3.63 65.45
C ASN B 401 15.60 -5.12 65.69
N ASN B 402 15.05 -5.61 66.80
CA ASN B 402 15.24 -6.99 67.24
C ASN B 402 14.31 -7.99 66.54
N TRP B 403 13.18 -7.50 66.03
CA TRP B 403 12.31 -8.34 65.21
C TRP B 403 12.37 -7.87 63.76
N GLY B 404 13.59 -7.66 63.28
CA GLY B 404 13.81 -7.18 61.92
C GLY B 404 13.28 -5.77 61.70
N GLY B 405 13.53 -5.22 60.52
CA GLY B 405 13.06 -3.88 60.17
C GLY B 405 12.70 -3.75 58.70
N SER B 406 12.53 -2.50 58.25
CA SER B 406 12.01 -2.18 56.92
C SER B 406 12.77 -2.81 55.76
N LEU B 407 14.08 -2.99 55.95
CA LEU B 407 14.95 -3.50 54.90
C LEU B 407 14.60 -4.95 54.57
N SER B 408 14.03 -5.66 55.55
CA SER B 408 13.73 -7.08 55.41
C SER B 408 12.24 -7.33 55.24
N LEU B 409 11.42 -6.61 56.01
CA LEU B 409 9.97 -6.76 55.93
C LEU B 409 9.42 -6.00 54.75
N GLY B 410 9.72 -4.71 54.70
CA GLY B 410 9.28 -3.86 53.62
C GLY B 410 9.01 -2.45 54.09
N HIS B 411 9.03 -1.51 53.15
CA HIS B 411 8.78 -0.11 53.43
C HIS B 411 7.71 0.49 52.52
N PRO B 412 6.43 0.21 52.83
CA PRO B 412 5.37 0.95 52.17
C PRO B 412 5.28 2.37 52.71
N PHE B 413 5.70 3.33 51.90
CA PHE B 413 5.64 4.74 52.27
C PHE B 413 4.34 5.05 52.99
N GLY B 414 4.43 5.63 54.19
CA GLY B 414 3.24 6.09 54.88
C GLY B 414 2.33 4.96 55.31
N ALA B 415 2.86 3.74 55.32
CA ALA B 415 2.20 2.63 55.98
C ALA B 415 3.21 1.91 56.87
N THR B 416 4.46 2.35 56.81
CA THR B 416 5.52 1.75 57.62
C THR B 416 5.65 2.46 58.96
N GLY B 417 5.21 3.72 59.02
CA GLY B 417 5.29 4.50 60.25
C GLY B 417 4.57 3.86 61.43
N CYS B 418 3.50 3.12 61.15
CA CYS B 418 2.76 2.43 62.19
C CYS B 418 3.42 1.12 62.61
N ARG B 419 3.74 0.27 61.64
CA ARG B 419 4.35 -1.02 61.93
C ARG B 419 5.49 -0.89 62.94
N LEU B 420 6.15 0.27 62.94
CA LEU B 420 7.26 0.52 63.86
C LEU B 420 6.77 0.65 65.31
N VAL B 421 6.07 1.74 65.61
CA VAL B 421 5.52 1.95 66.95
C VAL B 421 4.73 0.73 67.43
N MET B 422 4.11 0.02 66.49
CA MET B 422 3.32 -1.14 66.83
C MET B 422 4.20 -2.30 67.22
N ALA B 423 5.32 -2.45 66.51
CA ALA B 423 6.29 -3.50 66.81
C ALA B 423 7.34 -3.01 67.82
N ALA B 424 7.05 -1.88 68.47
CA ALA B 424 7.87 -1.37 69.56
C ALA B 424 7.23 -1.73 70.89
N ALA B 425 5.99 -1.27 71.09
CA ALA B 425 5.20 -1.64 72.26
C ALA B 425 5.01 -3.15 72.33
N ASN B 426 5.06 -3.79 71.16
CA ASN B 426 4.92 -5.24 71.05
C ASN B 426 6.16 -5.93 71.61
N ARG B 427 7.33 -5.35 71.35
CA ARG B 427 8.59 -5.87 71.90
C ARG B 427 8.68 -5.63 73.40
N LEU B 428 8.27 -4.45 73.85
CA LEU B 428 8.31 -4.11 75.27
C LEU B 428 7.53 -5.10 76.12
N ARG B 429 6.45 -5.64 75.56
CA ARG B 429 5.68 -6.68 76.24
C ARG B 429 6.39 -8.02 76.19
N LYS B 430 6.51 -8.58 74.99
CA LYS B 430 6.99 -9.96 74.82
C LYS B 430 8.47 -10.16 75.16
N GLU B 431 9.24 -9.08 75.15
CA GLU B 431 10.65 -9.14 75.57
C GLU B 431 10.82 -8.57 76.98
N GLY B 432 9.99 -7.59 77.32
CA GLY B 432 10.11 -6.90 78.60
C GLY B 432 10.79 -5.56 78.42
N GLY B 433 10.44 -4.60 79.28
CA GLY B 433 10.98 -3.24 79.20
C GLY B 433 9.90 -2.21 79.44
N GLN B 434 10.29 -0.94 79.51
CA GLN B 434 9.31 0.13 79.72
C GLN B 434 9.35 1.20 78.64
N TYR B 435 10.55 1.64 78.27
CA TYR B 435 10.67 2.75 77.32
C TYR B 435 11.28 2.33 75.99
N GLY B 436 10.51 2.56 74.92
CA GLY B 436 10.98 2.28 73.57
C GLY B 436 11.07 3.55 72.74
N LEU B 437 12.16 3.70 72.00
CA LEU B 437 12.32 4.84 71.10
C LEU B 437 12.16 4.41 69.65
N VAL B 438 11.14 4.94 68.99
CA VAL B 438 10.93 4.70 67.56
C VAL B 438 11.27 5.98 66.81
N ALA B 439 12.04 5.84 65.74
CA ALA B 439 12.44 6.98 64.92
C ALA B 439 12.58 6.57 63.47
N ALA B 440 12.46 7.53 62.56
CA ALA B 440 12.50 7.24 61.12
C ALA B 440 12.95 8.41 60.26
N CYS B 441 13.83 8.10 59.32
CA CYS B 441 14.28 9.05 58.31
C CYS B 441 13.27 9.08 57.18
N ALA B 442 13.06 10.26 56.61
CA ALA B 442 12.05 10.40 55.57
C ALA B 442 12.54 11.26 54.42
N ALA B 443 12.03 10.99 53.23
CA ALA B 443 12.24 11.86 52.10
C ALA B 443 11.62 13.21 52.42
N GLY B 444 11.99 14.23 51.66
CA GLY B 444 11.61 15.60 51.97
C GLY B 444 12.66 16.22 52.87
N GLY B 445 13.68 15.44 53.19
CA GLY B 445 14.71 15.86 54.14
C GLY B 445 14.11 16.07 55.52
N GLN B 446 13.42 15.04 56.02
CA GLN B 446 12.73 15.15 57.30
C GLN B 446 12.97 13.91 58.17
N GLY B 447 12.43 13.93 59.38
CA GLY B 447 12.58 12.81 60.31
C GLY B 447 11.66 12.92 61.53
N HIS B 448 11.38 11.78 62.15
CA HIS B 448 10.45 11.72 63.28
C HIS B 448 10.87 10.70 64.33
N ALA B 449 10.73 11.09 65.60
CA ALA B 449 11.04 10.20 66.71
C ALA B 449 9.94 10.26 67.78
N MET B 450 9.64 9.11 68.38
CA MET B 450 8.60 9.04 69.39
C MET B 450 8.98 8.10 70.53
N ILE B 451 8.49 8.42 71.73
CA ILE B 451 8.73 7.61 72.92
C ILE B 451 7.50 6.76 73.24
N VAL B 452 7.70 5.45 73.33
CA VAL B 452 6.61 4.54 73.65
C VAL B 452 6.81 3.97 75.05
N GLU B 453 5.88 4.25 75.94
CA GLU B 453 5.94 3.75 77.32
C GLU B 453 5.02 2.54 77.48
N ALA B 454 5.59 1.41 77.86
CA ALA B 454 4.81 0.18 78.02
C ALA B 454 3.66 0.39 79.00
N TYR B 455 2.80 -0.63 79.12
CA TYR B 455 1.62 -0.55 79.96
C TYR B 455 1.61 -1.74 80.93
N PRO B 456 1.12 -1.52 82.17
CA PRO B 456 1.10 -2.60 83.16
C PRO B 456 -0.08 -3.55 82.97
N THR C 25 5.60 -88.90 5.69
CA THR C 25 4.72 -87.85 6.26
C THR C 25 4.39 -86.77 5.21
N LYS C 26 5.43 -86.30 4.52
CA LYS C 26 5.27 -85.25 3.51
C LYS C 26 6.28 -85.42 2.38
N LYS C 27 5.84 -85.23 1.14
CA LYS C 27 6.74 -85.31 -0.02
C LYS C 27 7.79 -84.20 0.01
N THR C 28 9.05 -84.57 0.20
CA THR C 28 10.12 -83.61 0.44
C THR C 28 11.33 -83.83 -0.46
N LEU C 29 11.80 -82.75 -1.10
CA LEU C 29 12.96 -82.78 -1.99
C LEU C 29 13.12 -81.44 -2.71
N ALA C 30 14.01 -81.40 -3.69
CA ALA C 30 14.13 -80.27 -4.61
C ALA C 30 14.55 -80.79 -5.98
N LYS C 31 14.61 -79.91 -6.98
CA LYS C 31 14.87 -80.34 -8.36
C LYS C 31 16.32 -80.74 -8.59
N PRO C 32 16.57 -81.58 -9.61
CA PRO C 32 17.86 -82.25 -9.83
C PRO C 32 18.83 -81.50 -10.74
N ASN C 33 18.59 -81.54 -12.05
CA ASN C 33 19.55 -80.99 -13.02
C ASN C 33 19.67 -79.46 -12.96
N ILE C 34 18.65 -78.78 -12.43
CA ILE C 34 18.73 -77.34 -12.17
C ILE C 34 19.49 -77.08 -10.87
N ARG C 35 20.50 -76.20 -10.94
CA ARG C 35 21.37 -75.95 -9.80
C ARG C 35 20.61 -75.34 -8.62
N ASN C 36 20.99 -75.74 -7.42
CA ASN C 36 20.32 -75.29 -6.20
C ASN C 36 20.85 -73.94 -5.72
N VAL C 37 19.95 -73.14 -5.14
CA VAL C 37 20.26 -71.77 -4.73
C VAL C 37 19.79 -71.50 -3.29
N VAL C 38 20.67 -70.91 -2.49
CA VAL C 38 20.43 -70.77 -1.06
C VAL C 38 20.63 -69.35 -0.58
N VAL C 39 20.03 -69.03 0.57
CA VAL C 39 20.26 -67.76 1.22
C VAL C 39 21.28 -67.93 2.33
N VAL C 40 22.45 -67.31 2.15
CA VAL C 40 23.52 -67.38 3.14
C VAL C 40 23.08 -66.72 4.43
N ASP C 41 22.75 -65.43 4.34
CA ASP C 41 22.13 -64.73 5.45
C ASP C 41 21.42 -63.49 4.91
N GLY C 42 20.45 -62.99 5.68
CA GLY C 42 19.68 -61.81 5.29
C GLY C 42 19.60 -60.83 6.45
N VAL C 43 19.25 -59.59 6.13
CA VAL C 43 19.26 -58.51 7.12
C VAL C 43 18.20 -57.47 6.79
N ARG C 44 17.97 -56.55 7.71
CA ARG C 44 17.06 -55.42 7.48
C ARG C 44 17.27 -54.34 8.53
N THR C 45 17.08 -53.07 8.14
CA THR C 45 17.13 -51.98 9.10
C THR C 45 15.90 -52.06 9.98
N PRO C 46 15.95 -51.46 11.17
CA PRO C 46 14.72 -51.45 11.94
C PRO C 46 13.60 -50.73 11.17
N PHE C 47 12.40 -51.30 11.21
CA PHE C 47 11.28 -50.78 10.45
C PHE C 47 10.53 -49.74 11.27
N LEU C 48 10.76 -48.47 10.95
CA LEU C 48 10.28 -47.36 11.77
C LEU C 48 9.04 -46.69 11.17
N LEU C 49 8.25 -46.06 12.04
CA LEU C 49 7.05 -45.38 11.61
C LEU C 49 7.43 -44.11 10.84
N SER C 50 6.99 -44.05 9.59
CA SER C 50 7.33 -42.95 8.71
C SER C 50 7.20 -41.59 9.39
N GLY C 51 8.19 -40.74 9.18
CA GLY C 51 8.22 -39.42 9.81
C GLY C 51 8.73 -39.49 11.24
N THR C 52 9.23 -40.65 11.65
CA THR C 52 9.70 -40.82 13.01
C THR C 52 11.15 -40.39 13.17
N SER C 53 12.09 -41.21 12.68
CA SER C 53 13.51 -40.97 12.95
C SER C 53 14.37 -41.17 11.71
N TYR C 54 13.78 -41.69 10.65
CA TYR C 54 14.44 -41.70 9.37
C TYR C 54 13.98 -40.48 8.58
N LYS C 55 13.13 -39.67 9.22
CA LYS C 55 12.55 -38.47 8.62
C LYS C 55 13.52 -37.70 7.73
N ASP C 56 14.71 -37.44 8.25
CA ASP C 56 15.68 -36.62 7.54
C ASP C 56 16.74 -37.50 6.89
N LEU C 57 16.28 -38.47 6.12
CA LEU C 57 17.18 -39.33 5.35
C LEU C 57 16.62 -39.49 3.94
N MET C 58 17.45 -39.98 3.03
CA MET C 58 17.00 -40.29 1.69
C MET C 58 16.86 -41.80 1.56
N PRO C 59 16.08 -42.26 0.57
CA PRO C 59 15.85 -43.70 0.50
C PRO C 59 17.16 -44.46 0.35
N HIS C 60 17.99 -44.03 -0.59
CA HIS C 60 19.27 -44.68 -0.84
C HIS C 60 20.17 -44.65 0.39
N ASP C 61 19.89 -43.75 1.32
CA ASP C 61 20.62 -43.73 2.57
C ASP C 61 20.31 -44.96 3.41
N LEU C 62 19.04 -45.34 3.47
CA LEU C 62 18.66 -46.55 4.17
C LEU C 62 19.23 -47.78 3.46
N ALA C 63 19.04 -47.83 2.14
CA ALA C 63 19.59 -48.91 1.33
C ALA C 63 21.06 -49.11 1.65
N ARG C 64 21.81 -48.01 1.65
CA ARG C 64 23.21 -48.04 2.03
C ARG C 64 23.40 -48.76 3.37
N ALA C 65 22.59 -48.39 4.36
CA ALA C 65 22.69 -48.96 5.69
C ALA C 65 22.44 -50.46 5.67
N ALA C 66 21.34 -50.86 5.05
CA ALA C 66 21.01 -52.28 4.93
C ALA C 66 22.18 -53.02 4.30
N LEU C 67 22.64 -52.54 3.15
CA LEU C 67 23.75 -53.16 2.43
C LEU C 67 25.02 -53.26 3.27
N THR C 68 25.24 -52.29 4.15
CA THR C 68 26.40 -52.29 5.03
C THR C 68 26.23 -53.27 6.17
N GLY C 69 25.02 -53.32 6.73
CA GLY C 69 24.69 -54.31 7.77
C GLY C 69 24.90 -55.73 7.27
N LEU C 70 24.48 -55.97 6.03
CA LEU C 70 24.71 -57.26 5.40
C LEU C 70 26.19 -57.49 5.21
N LEU C 71 26.83 -56.58 4.48
CA LEU C 71 28.25 -56.69 4.17
C LEU C 71 29.06 -56.93 5.43
N HIS C 72 28.67 -56.29 6.54
CA HIS C 72 29.37 -56.47 7.80
C HIS C 72 29.08 -57.83 8.41
N ARG C 73 27.80 -58.12 8.63
CA ARG C 73 27.40 -59.36 9.28
C ARG C 73 27.77 -60.60 8.49
N THR C 74 27.62 -60.52 7.17
CA THR C 74 27.86 -61.66 6.30
C THR C 74 29.34 -61.79 5.95
N SER C 75 30.09 -60.71 6.14
CA SER C 75 31.55 -60.73 5.94
C SER C 75 31.93 -61.15 4.53
N VAL C 76 30.98 -61.13 3.61
CA VAL C 76 31.25 -61.41 2.22
C VAL C 76 32.48 -60.60 1.78
N PRO C 77 33.23 -61.11 0.80
CA PRO C 77 34.23 -60.24 0.21
C PRO C 77 33.59 -59.34 -0.82
N LYS C 78 34.04 -58.09 -0.86
CA LYS C 78 33.47 -57.10 -1.77
C LYS C 78 33.69 -57.53 -3.22
N GLU C 79 34.60 -58.48 -3.40
CA GLU C 79 35.04 -58.88 -4.74
C GLU C 79 34.09 -59.85 -5.43
N VAL C 80 33.59 -60.84 -4.70
CA VAL C 80 32.85 -61.94 -5.31
C VAL C 80 31.38 -61.65 -5.57
N VAL C 81 30.88 -60.52 -5.09
CA VAL C 81 29.50 -60.13 -5.37
C VAL C 81 29.36 -59.85 -6.86
N ASP C 82 28.58 -60.67 -7.56
CA ASP C 82 28.48 -60.58 -9.01
C ASP C 82 27.41 -59.61 -9.50
N TYR C 83 26.34 -59.46 -8.72
CA TYR C 83 25.22 -58.59 -9.12
C TYR C 83 24.30 -58.22 -7.96
N ILE C 84 24.00 -56.92 -7.84
CA ILE C 84 23.10 -56.43 -6.82
C ILE C 84 21.79 -55.97 -7.45
N ILE C 85 20.70 -56.07 -6.71
CA ILE C 85 19.40 -55.65 -7.20
C ILE C 85 18.42 -55.35 -6.06
N PHE C 86 17.89 -54.13 -6.07
CA PHE C 86 17.04 -53.62 -5.00
C PHE C 86 15.66 -53.22 -5.50
N GLY C 87 14.67 -53.36 -4.62
CA GLY C 87 13.30 -52.98 -4.94
C GLY C 87 12.88 -51.72 -4.21
N THR C 88 12.00 -50.94 -4.84
CA THR C 88 11.49 -49.71 -4.24
C THR C 88 10.35 -49.15 -5.12
N VAL C 89 9.36 -48.54 -4.49
CA VAL C 89 8.18 -48.07 -5.23
C VAL C 89 8.23 -46.56 -5.51
N ILE C 90 8.42 -45.76 -4.46
CA ILE C 90 8.49 -44.32 -4.62
C ILE C 90 9.93 -43.91 -4.87
N GLN C 91 10.16 -43.21 -5.97
CA GLN C 91 11.51 -42.96 -6.45
C GLN C 91 12.06 -41.64 -5.97
N GLU C 92 13.32 -41.64 -5.53
CA GLU C 92 14.05 -40.40 -5.30
C GLU C 92 14.71 -40.03 -6.62
N VAL C 93 14.09 -39.08 -7.32
CA VAL C 93 14.52 -38.72 -8.68
C VAL C 93 16.02 -38.48 -8.80
N LYS C 94 16.66 -38.12 -7.69
CA LYS C 94 18.10 -37.90 -7.69
C LYS C 94 18.86 -39.23 -7.71
N THR C 95 18.25 -40.26 -7.13
CA THR C 95 18.81 -41.61 -7.18
C THR C 95 17.85 -42.53 -7.92
N SER C 96 17.77 -42.35 -9.23
CA SER C 96 16.89 -43.15 -10.09
C SER C 96 17.12 -44.62 -9.82
N ASN C 97 18.35 -45.05 -10.08
CA ASN C 97 18.79 -46.41 -9.80
C ASN C 97 19.25 -46.50 -8.34
N VAL C 98 18.28 -46.63 -7.44
CA VAL C 98 18.54 -46.61 -6.00
C VAL C 98 19.61 -47.62 -5.60
N ALA C 99 19.53 -48.81 -6.17
CA ALA C 99 20.45 -49.90 -5.85
C ALA C 99 21.89 -49.52 -6.17
N ARG C 100 22.10 -49.06 -7.38
CA ARG C 100 23.44 -48.75 -7.87
C ARG C 100 24.15 -47.71 -7.01
N GLU C 101 23.41 -46.69 -6.56
CA GLU C 101 24.01 -45.60 -5.81
C GLU C 101 24.24 -46.01 -4.35
N ALA C 102 23.33 -46.80 -3.79
CA ALA C 102 23.50 -47.32 -2.44
C ALA C 102 24.65 -48.34 -2.43
N ALA C 103 24.77 -49.08 -3.52
CA ALA C 103 25.79 -50.13 -3.63
C ALA C 103 27.20 -49.55 -3.55
N LEU C 104 27.40 -48.37 -4.12
CA LEU C 104 28.72 -47.76 -4.15
C LEU C 104 29.06 -47.23 -2.77
N GLY C 105 28.13 -46.50 -2.17
CA GLY C 105 28.35 -45.97 -0.84
C GLY C 105 28.66 -47.07 0.16
N ALA C 106 27.92 -48.16 0.07
CA ALA C 106 28.04 -49.25 1.02
C ALA C 106 29.48 -49.78 1.08
N GLY C 107 30.05 -50.02 -0.09
CA GLY C 107 31.41 -50.55 -0.17
C GLY C 107 31.62 -51.57 -1.28
N PHE C 108 30.53 -52.13 -1.80
CA PHE C 108 30.63 -53.13 -2.86
C PHE C 108 31.30 -52.56 -4.10
N SER C 109 31.86 -53.45 -4.91
CA SER C 109 32.80 -53.05 -5.95
C SER C 109 32.23 -52.11 -7.02
N ASP C 110 33.15 -51.50 -7.76
CA ASP C 110 32.82 -50.77 -8.99
C ASP C 110 32.29 -51.75 -10.02
N LYS C 111 32.96 -52.91 -10.12
CA LYS C 111 32.58 -53.94 -11.08
C LYS C 111 31.15 -54.42 -10.85
N THR C 112 30.80 -54.59 -9.58
CA THR C 112 29.51 -55.15 -9.21
C THR C 112 28.38 -54.27 -9.72
N PRO C 113 27.77 -54.65 -10.84
CA PRO C 113 26.69 -53.86 -11.41
C PRO C 113 25.38 -54.07 -10.65
N ALA C 114 24.44 -53.16 -10.80
CA ALA C 114 23.17 -53.27 -10.10
C ALA C 114 22.06 -52.53 -10.84
N HIS C 115 20.82 -52.98 -10.61
CA HIS C 115 19.65 -52.31 -11.17
C HIS C 115 18.50 -52.30 -10.16
N THR C 116 17.67 -51.27 -10.23
CA THR C 116 16.56 -51.13 -9.32
C THR C 116 15.30 -51.70 -9.95
N VAL C 117 14.48 -52.35 -9.14
CA VAL C 117 13.26 -52.98 -9.63
C VAL C 117 12.05 -52.53 -8.82
N THR C 118 10.94 -52.28 -9.54
CA THR C 118 9.73 -51.74 -8.93
C THR C 118 8.51 -52.59 -9.28
N MET C 119 7.86 -53.10 -8.24
CA MET C 119 6.69 -53.96 -8.40
C MET C 119 5.86 -53.89 -7.12
N ALA C 120 5.46 -52.67 -6.75
CA ALA C 120 4.58 -52.47 -5.60
C ALA C 120 5.10 -53.17 -4.33
N CYS C 121 4.18 -53.58 -3.46
CA CYS C 121 4.53 -54.17 -2.18
C CYS C 121 5.52 -55.32 -2.31
N ILE C 122 5.48 -56.00 -3.46
CA ILE C 122 6.36 -57.14 -3.70
C ILE C 122 7.57 -56.77 -4.57
N SER C 123 8.01 -55.52 -4.47
CA SER C 123 9.19 -55.06 -5.22
C SER C 123 10.45 -55.69 -4.66
N ALA C 124 10.48 -55.92 -3.35
CA ALA C 124 11.62 -56.54 -2.69
C ALA C 124 11.74 -58.01 -3.08
N ASN C 125 10.58 -58.61 -3.37
CA ASN C 125 10.53 -60.00 -3.82
C ASN C 125 11.08 -60.11 -5.23
N GLN C 126 10.56 -59.30 -6.14
CA GLN C 126 11.04 -59.31 -7.51
C GLN C 126 12.56 -59.16 -7.53
N ALA C 127 13.11 -58.49 -6.51
CA ALA C 127 14.56 -58.30 -6.40
C ALA C 127 15.29 -59.63 -6.22
N MET C 128 14.72 -60.49 -5.39
CA MET C 128 15.27 -61.81 -5.17
C MET C 128 15.06 -62.68 -6.40
N THR C 129 13.82 -62.73 -6.87
CA THR C 129 13.48 -63.47 -8.08
C THR C 129 14.39 -63.09 -9.24
N THR C 130 14.37 -61.82 -9.61
CA THR C 130 15.19 -61.33 -10.72
C THR C 130 16.63 -61.78 -10.50
N GLY C 131 17.04 -61.83 -9.24
CA GLY C 131 18.38 -62.27 -8.87
C GLY C 131 18.58 -63.77 -9.01
N VAL C 132 17.72 -64.53 -8.34
CA VAL C 132 17.74 -65.99 -8.44
C VAL C 132 17.74 -66.42 -9.90
N GLY C 133 16.91 -65.78 -10.71
CA GLY C 133 16.86 -66.05 -12.14
C GLY C 133 18.23 -66.04 -12.78
N LEU C 134 19.08 -65.09 -12.37
CA LEU C 134 20.40 -64.94 -12.96
C LEU C 134 21.41 -65.96 -12.45
N ILE C 135 21.06 -66.64 -11.36
CA ILE C 135 21.92 -67.69 -10.83
C ILE C 135 21.67 -69.01 -11.54
N ALA C 136 20.44 -69.50 -11.49
CA ALA C 136 20.05 -70.73 -12.16
C ALA C 136 20.33 -70.64 -13.67
N SER C 137 20.13 -69.45 -14.24
CA SER C 137 20.54 -69.19 -15.62
C SER C 137 22.01 -69.53 -15.80
N GLY C 138 22.79 -69.36 -14.74
CA GLY C 138 24.23 -69.59 -14.78
C GLY C 138 24.99 -68.30 -15.00
N GLN C 139 24.27 -67.21 -15.24
CA GLN C 139 24.87 -65.91 -15.52
C GLN C 139 25.76 -65.40 -14.38
N CYS C 140 25.47 -65.83 -13.15
CA CYS C 140 26.35 -65.54 -12.01
C CYS C 140 26.06 -66.45 -10.81
N ASP C 141 26.99 -66.45 -9.86
CA ASP C 141 26.92 -67.34 -8.71
C ASP C 141 26.43 -66.63 -7.44
N VAL C 142 26.90 -65.41 -7.25
CA VAL C 142 26.63 -64.63 -6.04
C VAL C 142 25.92 -63.31 -6.34
N ILE C 143 24.74 -63.12 -5.76
CA ILE C 143 23.97 -61.90 -5.92
C ILE C 143 23.41 -61.41 -4.60
N VAL C 144 23.33 -60.09 -4.44
CA VAL C 144 22.70 -59.48 -3.27
C VAL C 144 21.37 -58.90 -3.69
N ALA C 145 20.31 -59.36 -3.04
CA ALA C 145 18.98 -58.82 -3.28
C ALA C 145 18.55 -58.06 -2.05
N GLY C 146 17.45 -57.33 -2.18
CA GLY C 146 16.95 -56.52 -1.08
C GLY C 146 16.08 -55.39 -1.60
N GLY C 147 15.81 -54.43 -0.73
CA GLY C 147 14.94 -53.32 -1.08
C GLY C 147 14.92 -52.24 -0.02
N VAL C 148 14.24 -51.15 -0.35
CA VAL C 148 14.24 -49.97 0.48
C VAL C 148 13.01 -49.13 0.19
N GLU C 149 12.58 -48.38 1.19
CA GLU C 149 11.46 -47.47 1.02
C GLU C 149 11.48 -46.41 2.11
N LEU C 150 11.26 -45.17 1.69
CA LEU C 150 11.24 -44.06 2.63
C LEU C 150 9.97 -43.24 2.43
N MET C 151 8.97 -43.49 3.27
CA MET C 151 7.72 -42.77 3.20
C MET C 151 7.82 -41.42 3.91
N SER C 152 8.10 -40.41 3.11
CA SER C 152 8.07 -39.02 3.50
C SER C 152 7.90 -38.30 2.17
N ASP C 153 6.71 -38.46 1.62
CA ASP C 153 6.36 -38.14 0.22
C ASP C 153 7.21 -37.08 -0.48
N VAL C 154 7.07 -37.03 -1.80
CA VAL C 154 7.76 -36.04 -2.63
C VAL C 154 6.86 -35.60 -3.78
N PRO C 155 6.18 -34.45 -3.62
CA PRO C 155 5.22 -33.85 -4.55
C PRO C 155 5.87 -32.94 -5.58
N ILE C 156 5.09 -32.47 -6.56
CA ILE C 156 5.61 -31.62 -7.62
C ILE C 156 4.61 -30.56 -8.07
N ARG C 157 5.07 -29.65 -8.92
CA ARG C 157 4.21 -28.66 -9.56
C ARG C 157 3.97 -29.06 -11.02
N HIS C 158 2.70 -29.24 -11.38
CA HIS C 158 2.34 -29.76 -12.71
C HIS C 158 2.30 -28.66 -13.78
N SER C 159 2.05 -27.43 -13.37
CA SER C 159 1.94 -26.31 -14.30
C SER C 159 3.04 -25.25 -14.08
N ARG C 160 3.44 -25.08 -12.83
CA ARG C 160 4.48 -24.10 -12.47
C ARG C 160 5.88 -24.60 -12.81
N LYS C 161 5.98 -25.84 -13.28
CA LYS C 161 7.25 -26.42 -13.71
C LYS C 161 7.37 -26.46 -15.23
N MET C 162 6.22 -26.41 -15.91
CA MET C 162 6.18 -26.35 -17.37
C MET C 162 6.41 -24.91 -17.85
N ARG C 163 5.83 -23.97 -17.12
CA ARG C 163 6.08 -22.55 -17.38
C ARG C 163 7.51 -22.19 -16.98
N LYS C 164 8.07 -22.96 -16.05
CA LYS C 164 9.42 -22.71 -15.53
C LYS C 164 10.49 -23.47 -16.30
N LEU C 165 10.08 -24.42 -17.13
CA LEU C 165 11.01 -25.15 -17.97
C LEU C 165 11.32 -24.36 -19.25
N MET C 166 11.07 -23.06 -19.21
CA MET C 166 11.30 -22.19 -20.37
C MET C 166 12.60 -21.39 -20.21
N LEU C 167 13.69 -22.09 -19.96
CA LEU C 167 15.00 -21.47 -19.85
C LEU C 167 15.65 -21.36 -21.23
N LEU C 179 12.34 -10.16 -24.17
CA LEU C 179 12.07 -10.94 -22.96
C LEU C 179 10.61 -10.81 -22.50
N SER C 180 10.00 -9.65 -22.76
CA SER C 180 8.61 -9.39 -22.37
C SER C 180 7.62 -10.18 -23.22
N LEU C 181 7.87 -10.27 -24.52
CA LEU C 181 7.00 -11.01 -25.43
C LEU C 181 6.95 -12.50 -25.09
N ILE C 182 8.09 -13.04 -24.67
CA ILE C 182 8.18 -14.43 -24.25
C ILE C 182 7.59 -14.64 -22.86
N SER C 183 7.81 -13.67 -21.98
CA SER C 183 7.36 -13.77 -20.59
C SER C 183 5.90 -13.33 -20.40
N LYS C 184 5.44 -12.38 -21.22
CA LYS C 184 4.07 -11.87 -21.14
C LYS C 184 3.04 -12.91 -21.59
N PHE C 185 3.50 -13.89 -22.37
CA PHE C 185 2.65 -15.00 -22.79
C PHE C 185 2.39 -15.95 -21.62
N ARG C 186 3.29 -15.92 -20.63
CA ARG C 186 3.15 -16.75 -19.44
C ARG C 186 2.33 -16.06 -18.36
N PHE C 187 2.39 -14.73 -18.32
CA PHE C 187 1.65 -13.95 -17.32
C PHE C 187 0.14 -14.04 -17.53
N ASN C 188 -0.27 -14.77 -18.56
CA ASN C 188 -1.69 -14.96 -18.88
C ASN C 188 -2.30 -16.13 -18.12
N PHE C 189 -1.60 -17.27 -18.11
CA PHE C 189 -2.07 -18.47 -17.42
C PHE C 189 -2.29 -18.17 -15.93
N LEU C 190 -1.29 -18.49 -15.11
CA LEU C 190 -1.33 -18.20 -13.68
C LEU C 190 -2.41 -18.99 -12.94
N ALA C 191 -1.97 -20.04 -12.24
CA ALA C 191 -2.85 -20.83 -11.38
C ALA C 191 -1.97 -21.52 -10.33
N PRO C 192 -2.60 -22.07 -9.28
CA PRO C 192 -1.80 -22.69 -8.23
C PRO C 192 -1.18 -24.02 -8.65
N GLU C 193 -0.45 -24.65 -7.73
CA GLU C 193 0.19 -25.94 -7.99
C GLU C 193 -0.61 -27.07 -7.37
N LEU C 194 -0.31 -28.30 -7.78
CA LEU C 194 -1.01 -29.47 -7.27
C LEU C 194 -0.28 -30.74 -7.71
N PRO C 195 -0.14 -31.70 -6.79
CA PRO C 195 0.51 -32.99 -7.01
C PRO C 195 -0.46 -34.16 -6.79
N ALA C 196 0.09 -35.38 -6.69
CA ALA C 196 -0.74 -36.56 -6.47
C ALA C 196 0.12 -37.79 -6.16
N VAL C 197 -0.51 -38.80 -5.54
CA VAL C 197 0.15 -40.08 -5.25
C VAL C 197 -0.39 -40.69 -3.96
N SER C 198 -1.67 -41.01 -3.95
CA SER C 198 -2.32 -41.60 -2.78
C SER C 198 -3.27 -42.74 -3.16
N GLU C 199 -4.06 -42.51 -4.21
CA GLU C 199 -5.09 -43.45 -4.62
C GLU C 199 -4.50 -44.65 -5.37
N PHE C 200 -4.62 -44.65 -6.69
CA PHE C 200 -4.25 -45.80 -7.53
C PHE C 200 -4.57 -45.42 -8.98
N SER C 201 -3.65 -45.69 -9.91
CA SER C 201 -3.82 -45.26 -11.31
C SER C 201 -5.07 -45.85 -11.96
N THR C 202 -5.82 -46.67 -11.23
CA THR C 202 -7.13 -47.14 -11.67
C THR C 202 -8.17 -46.86 -10.57
N SER C 203 -7.91 -45.79 -9.81
CA SER C 203 -8.85 -45.16 -8.86
C SER C 203 -9.39 -46.02 -7.72
N GLU C 204 -8.71 -45.94 -6.58
CA GLU C 204 -9.24 -46.38 -5.28
C GLU C 204 -8.12 -46.52 -4.25
N THR C 205 -8.41 -46.16 -3.01
CA THR C 205 -7.42 -46.26 -1.94
C THR C 205 -7.05 -47.71 -1.71
N MET C 206 -5.80 -47.95 -1.37
CA MET C 206 -5.33 -49.27 -1.00
C MET C 206 -6.23 -49.84 0.08
N GLY C 207 -6.31 -49.13 1.20
CA GLY C 207 -7.09 -49.58 2.35
C GLY C 207 -8.58 -49.52 2.13
N HIS C 208 -9.03 -48.64 1.24
CA HIS C 208 -10.45 -48.57 0.94
C HIS C 208 -10.91 -49.89 0.32
N SER C 209 -10.03 -50.50 -0.48
CA SER C 209 -10.32 -51.79 -1.07
C SER C 209 -10.40 -52.86 0.02
N ALA C 210 -9.54 -52.74 1.02
CA ALA C 210 -9.53 -53.68 2.14
C ALA C 210 -10.88 -53.69 2.86
N ASP C 211 -11.44 -52.50 3.09
CA ASP C 211 -12.69 -52.39 3.84
C ASP C 211 -13.90 -52.91 3.08
N ARG C 212 -13.74 -53.09 1.78
CA ARG C 212 -14.81 -53.68 0.97
C ARG C 212 -14.39 -55.03 0.37
N LEU C 213 -13.10 -55.37 0.49
CA LEU C 213 -12.66 -56.74 0.24
C LEU C 213 -12.99 -57.58 1.46
N ALA C 214 -12.95 -56.93 2.62
CA ALA C 214 -13.33 -57.57 3.88
C ALA C 214 -14.83 -57.82 3.93
N ALA C 215 -15.61 -56.76 3.68
CA ALA C 215 -17.06 -56.89 3.68
C ALA C 215 -17.53 -57.88 2.60
N ALA C 216 -16.81 -57.95 1.49
CA ALA C 216 -17.15 -58.87 0.40
C ALA C 216 -17.06 -60.33 0.86
N PHE C 217 -16.10 -60.60 1.76
CA PHE C 217 -15.96 -61.92 2.36
C PHE C 217 -16.45 -61.92 3.81
N ALA C 218 -17.42 -61.05 4.10
CA ALA C 218 -18.05 -60.96 5.42
C ALA C 218 -17.04 -61.15 6.56
N VAL C 219 -16.07 -60.24 6.62
CA VAL C 219 -15.13 -60.22 7.74
C VAL C 219 -15.52 -59.10 8.69
N SER C 220 -15.86 -59.47 9.92
CA SER C 220 -16.42 -58.52 10.87
C SER C 220 -15.36 -57.65 11.53
N ARG C 221 -15.80 -56.48 11.99
CA ARG C 221 -14.93 -55.55 12.70
C ARG C 221 -14.22 -56.25 13.83
N LEU C 222 -15.01 -56.84 14.72
CA LEU C 222 -14.48 -57.59 15.87
C LEU C 222 -13.43 -58.62 15.46
N GLU C 223 -13.65 -59.28 14.33
CA GLU C 223 -12.69 -60.27 13.82
C GLU C 223 -11.37 -59.63 13.45
N GLN C 224 -11.43 -58.41 12.92
CA GLN C 224 -10.23 -57.71 12.44
C GLN C 224 -9.41 -57.16 13.59
N ASP C 225 -10.02 -56.32 14.41
CA ASP C 225 -9.36 -55.78 15.60
C ASP C 225 -8.72 -56.92 16.40
N GLU C 226 -9.26 -58.13 16.23
CA GLU C 226 -8.75 -59.31 16.91
C GLU C 226 -7.37 -59.68 16.36
N TYR C 227 -7.30 -60.08 15.09
CA TYR C 227 -6.04 -60.45 14.46
C TYR C 227 -5.02 -59.35 14.66
N ALA C 228 -5.38 -58.13 14.25
CA ALA C 228 -4.52 -56.98 14.46
C ALA C 228 -3.78 -57.12 15.79
N LEU C 229 -4.53 -57.38 16.86
CA LEU C 229 -3.95 -57.46 18.19
C LEU C 229 -3.02 -58.64 18.36
N ARG C 230 -3.29 -59.73 17.65
CA ARG C 230 -2.39 -60.89 17.67
C ARG C 230 -1.00 -60.50 17.17
N SER C 231 -0.94 -59.87 16.01
CA SER C 231 0.35 -59.56 15.41
C SER C 231 1.13 -58.49 16.19
N HIS C 232 0.43 -57.56 16.83
CA HIS C 232 1.09 -56.55 17.65
C HIS C 232 1.70 -57.17 18.92
N SER C 233 1.02 -58.18 19.46
CA SER C 233 1.47 -58.86 20.67
C SER C 233 2.49 -59.96 20.35
N LEU C 234 2.18 -60.73 19.32
CA LEU C 234 3.05 -61.83 18.88
C LEU C 234 4.38 -61.32 18.33
N ALA C 235 4.40 -60.05 17.93
CA ALA C 235 5.62 -59.38 17.50
C ALA C 235 6.40 -58.88 18.71
N LYS C 236 5.70 -58.18 19.61
CA LYS C 236 6.30 -57.66 20.83
C LYS C 236 6.92 -58.79 21.65
N LYS C 237 6.26 -59.95 21.61
CA LYS C 237 6.80 -61.15 22.23
C LYS C 237 8.10 -61.49 21.51
N ALA C 238 7.98 -61.86 20.24
CA ALA C 238 9.14 -62.22 19.42
C ALA C 238 10.28 -61.21 19.58
N GLN C 239 9.95 -59.92 19.65
CA GLN C 239 10.97 -58.90 19.84
C GLN C 239 11.69 -59.14 21.16
N ASP C 240 10.93 -59.17 22.25
CA ASP C 240 11.50 -59.36 23.58
C ASP C 240 12.37 -60.62 23.63
N GLU C 241 11.85 -61.72 23.10
CA GLU C 241 12.61 -62.97 23.04
C GLU C 241 13.86 -62.82 22.16
N GLY C 242 13.82 -61.84 21.26
CA GLY C 242 14.96 -61.55 20.39
C GLY C 242 14.97 -62.41 19.15
N LEU C 243 13.81 -62.91 18.74
CA LEU C 243 13.70 -63.77 17.57
C LEU C 243 13.90 -62.95 16.29
N LEU C 244 13.59 -61.67 16.37
CA LEU C 244 13.81 -60.75 15.26
C LEU C 244 15.30 -60.56 15.04
N SER C 245 15.91 -61.55 14.39
CA SER C 245 17.35 -61.55 14.12
C SER C 245 17.69 -60.73 12.88
N ASP C 246 16.80 -60.72 11.90
CA ASP C 246 17.04 -60.01 10.65
C ASP C 246 17.47 -58.57 10.88
N VAL C 247 16.97 -57.94 11.96
CA VAL C 247 17.21 -56.52 12.20
C VAL C 247 18.63 -56.21 12.69
N VAL C 248 19.38 -55.50 11.87
CA VAL C 248 20.67 -54.93 12.27
C VAL C 248 20.44 -53.51 12.75
N PRO C 249 21.08 -53.13 13.88
CA PRO C 249 20.92 -51.76 14.34
C PRO C 249 21.54 -50.78 13.34
N PHE C 250 21.13 -49.51 13.44
CA PHE C 250 21.53 -48.51 12.46
C PHE C 250 21.68 -47.12 13.07
N LYS C 251 22.89 -46.57 12.99
CA LYS C 251 23.19 -45.26 13.56
C LYS C 251 22.80 -44.16 12.58
N VAL C 252 21.78 -43.40 12.95
CA VAL C 252 21.34 -42.25 12.16
C VAL C 252 22.17 -41.03 12.56
N PRO C 253 22.53 -40.18 11.58
CA PRO C 253 23.36 -39.01 11.87
C PRO C 253 22.72 -38.05 12.88
N GLY C 254 21.41 -37.87 12.77
CA GLY C 254 20.69 -37.02 13.71
C GLY C 254 20.44 -37.70 15.04
N LYS C 255 19.58 -38.71 15.02
CA LYS C 255 19.16 -39.41 16.25
C LYS C 255 20.28 -40.22 16.88
N ASP C 256 20.08 -40.59 18.13
CA ASP C 256 21.05 -41.40 18.85
C ASP C 256 21.43 -42.61 18.01
N THR C 257 20.46 -43.50 17.81
CA THR C 257 20.69 -44.76 17.11
C THR C 257 19.46 -45.62 17.35
N VAL C 258 19.20 -46.57 16.46
CA VAL C 258 17.98 -47.37 16.57
C VAL C 258 18.25 -48.86 16.44
N THR C 259 17.52 -49.63 17.25
CA THR C 259 17.66 -51.08 17.27
C THR C 259 16.30 -51.75 17.10
N LYS C 260 15.28 -51.15 17.70
CA LYS C 260 13.95 -51.74 17.74
C LYS C 260 13.00 -51.12 16.72
N ASP C 261 11.89 -51.82 16.45
CA ASP C 261 10.87 -51.31 15.55
C ASP C 261 9.89 -50.42 16.31
N ASN C 262 9.07 -49.67 15.57
CA ASN C 262 8.15 -48.72 16.17
C ASN C 262 6.71 -49.20 16.22
N GLY C 263 6.33 -50.03 15.26
CA GLY C 263 4.94 -50.49 15.14
C GLY C 263 4.45 -51.34 16.30
N ILE C 264 5.38 -51.82 17.14
CA ILE C 264 5.01 -52.62 18.30
C ILE C 264 4.18 -51.78 19.29
N ARG C 265 2.86 -51.91 19.19
CA ARG C 265 1.95 -51.17 20.06
C ARG C 265 0.62 -51.89 20.18
N PRO C 266 0.63 -53.05 20.84
CA PRO C 266 -0.61 -53.79 21.10
C PRO C 266 -1.51 -53.06 22.10
N SER C 267 -2.82 -53.18 21.89
CA SER C 267 -3.81 -52.56 22.76
C SER C 267 -4.79 -53.63 23.22
N SER C 268 -5.78 -53.22 24.01
CA SER C 268 -6.85 -54.12 24.42
C SER C 268 -7.87 -54.21 23.28
N LEU C 269 -8.52 -55.36 23.15
CA LEU C 269 -9.52 -55.53 22.09
C LEU C 269 -10.67 -54.57 22.33
N GLU C 270 -10.94 -54.27 23.60
CA GLU C 270 -11.99 -53.32 23.95
C GLU C 270 -11.62 -51.91 23.54
N GLN C 271 -10.35 -51.69 23.23
CA GLN C 271 -9.85 -50.38 22.82
C GLN C 271 -9.84 -50.22 21.30
N MET C 272 -9.43 -51.28 20.61
CA MET C 272 -9.38 -51.29 19.15
C MET C 272 -10.78 -51.20 18.54
N ALA C 273 -11.79 -51.49 19.35
CA ALA C 273 -13.18 -51.39 18.92
C ALA C 273 -13.75 -50.00 19.24
N LYS C 274 -13.21 -49.35 20.26
CA LYS C 274 -13.64 -48.00 20.62
C LYS C 274 -13.26 -47.01 19.51
N LEU C 275 -12.53 -47.51 18.51
CA LEU C 275 -11.94 -46.66 17.49
C LEU C 275 -12.88 -46.46 16.31
N LYS C 276 -12.67 -45.39 15.55
CA LYS C 276 -13.48 -45.07 14.37
C LYS C 276 -12.90 -45.72 13.10
N PRO C 277 -13.72 -45.81 12.03
CA PRO C 277 -13.22 -46.39 10.78
C PRO C 277 -12.34 -45.40 10.04
N ALA C 278 -11.42 -45.92 9.23
CA ALA C 278 -10.44 -45.09 8.53
C ALA C 278 -10.74 -44.82 7.05
N PHE C 279 -11.15 -45.86 6.32
CA PHE C 279 -11.39 -45.74 4.87
C PHE C 279 -12.85 -45.58 4.42
N ILE C 280 -13.75 -46.41 4.95
CA ILE C 280 -15.16 -46.30 4.64
C ILE C 280 -15.87 -45.84 5.91
N LYS C 281 -16.23 -44.57 5.95
CA LYS C 281 -16.94 -44.00 7.09
C LYS C 281 -18.42 -43.82 6.73
N PRO C 282 -19.31 -43.91 7.73
CA PRO C 282 -19.03 -44.25 9.12
C PRO C 282 -19.24 -45.73 9.42
N TYR C 283 -19.74 -46.47 8.43
CA TYR C 283 -20.08 -47.88 8.63
C TYR C 283 -18.90 -48.79 8.27
N GLY C 284 -17.69 -48.35 8.58
CA GLY C 284 -16.48 -49.04 8.14
C GLY C 284 -15.99 -50.11 9.10
N THR C 285 -15.43 -51.16 8.52
CA THR C 285 -14.88 -52.26 9.31
C THR C 285 -13.38 -52.04 9.54
N VAL C 286 -12.73 -51.33 8.62
CA VAL C 286 -11.27 -51.13 8.68
C VAL C 286 -10.89 -49.85 9.41
N THR C 287 -10.05 -49.99 10.44
CA THR C 287 -9.62 -48.86 11.26
C THR C 287 -8.11 -48.66 11.14
N ALA C 288 -7.63 -47.60 11.76
CA ALA C 288 -6.20 -47.33 11.81
C ALA C 288 -5.48 -48.48 12.50
N ALA C 289 -6.08 -49.00 13.58
CA ALA C 289 -5.44 -49.98 14.45
C ALA C 289 -5.36 -51.39 13.84
N ASN C 290 -6.33 -51.73 13.00
CA ASN C 290 -6.30 -53.01 12.30
C ASN C 290 -5.78 -52.87 10.88
N SER C 291 -5.02 -51.81 10.65
CA SER C 291 -4.33 -51.60 9.38
C SER C 291 -2.84 -51.46 9.62
N SER C 292 -2.05 -51.62 8.56
CA SER C 292 -0.63 -51.33 8.62
C SER C 292 -0.45 -49.82 8.55
N PHE C 293 0.80 -49.36 8.43
CA PHE C 293 1.08 -47.94 8.51
C PHE C 293 2.27 -47.52 7.64
N LEU C 294 2.39 -46.21 7.43
CA LEU C 294 3.50 -45.66 6.69
C LEU C 294 4.79 -46.00 7.42
N THR C 295 5.72 -46.64 6.72
CA THR C 295 6.94 -47.11 7.36
C THR C 295 8.18 -46.87 6.52
N ASP C 296 9.23 -46.40 7.18
CA ASP C 296 10.54 -46.26 6.55
C ASP C 296 11.34 -47.52 6.88
N GLY C 297 12.14 -47.98 5.92
CA GLY C 297 12.94 -49.18 6.13
C GLY C 297 13.64 -49.69 4.89
N ALA C 298 14.58 -50.60 5.11
CA ALA C 298 15.34 -51.22 4.04
C ALA C 298 15.73 -52.63 4.43
N SER C 299 15.97 -53.46 3.43
CA SER C 299 16.31 -54.85 3.67
C SER C 299 17.33 -55.32 2.66
N ALA C 300 18.27 -56.15 3.12
CA ALA C 300 19.26 -56.74 2.24
C ALA C 300 19.40 -58.22 2.52
N MET C 301 19.95 -58.94 1.54
CA MET C 301 20.03 -60.40 1.61
C MET C 301 21.13 -60.91 0.69
N LEU C 302 21.96 -61.82 1.21
CA LEU C 302 22.98 -62.45 0.39
C LEU C 302 22.49 -63.79 -0.10
N ILE C 303 22.18 -63.85 -1.40
CA ILE C 303 21.75 -65.06 -2.04
C ILE C 303 22.84 -65.52 -2.99
N MET C 304 23.15 -66.81 -2.99
CA MET C 304 24.11 -67.38 -3.94
C MET C 304 23.86 -68.86 -4.17
N ALA C 305 24.54 -69.42 -5.17
CA ALA C 305 24.38 -70.83 -5.53
C ALA C 305 25.07 -71.74 -4.54
N GLU C 306 24.40 -72.84 -4.19
CA GLU C 306 24.87 -73.77 -3.16
C GLU C 306 26.35 -74.13 -3.30
N GLU C 307 26.75 -74.54 -4.49
CA GLU C 307 28.11 -74.95 -4.77
C GLU C 307 29.14 -73.89 -4.37
N LYS C 308 28.75 -72.62 -4.45
CA LYS C 308 29.61 -71.52 -4.03
C LYS C 308 29.50 -71.29 -2.53
N ALA C 309 28.27 -71.24 -2.03
CA ALA C 309 28.01 -70.95 -0.61
C ALA C 309 28.82 -71.87 0.31
N LEU C 310 28.87 -73.14 -0.06
CA LEU C 310 29.63 -74.13 0.71
C LEU C 310 31.13 -73.99 0.44
N ALA C 311 31.48 -73.76 -0.83
CA ALA C 311 32.88 -73.56 -1.22
C ALA C 311 33.44 -72.28 -0.59
N MET C 312 32.58 -71.30 -0.36
CA MET C 312 32.96 -70.08 0.35
C MET C 312 33.18 -70.39 1.83
N GLY C 313 32.58 -71.47 2.30
CA GLY C 313 32.69 -71.87 3.69
C GLY C 313 31.54 -71.34 4.53
N TYR C 314 30.37 -71.21 3.92
CA TYR C 314 29.20 -70.69 4.62
C TYR C 314 28.33 -71.83 5.14
N LYS C 315 27.38 -71.50 6.00
CA LYS C 315 26.41 -72.46 6.52
C LYS C 315 24.99 -72.00 6.21
N PRO C 316 24.57 -72.09 4.93
CA PRO C 316 23.29 -71.60 4.41
C PRO C 316 22.11 -71.75 5.38
N LYS C 317 21.20 -70.77 5.35
CA LYS C 317 20.06 -70.73 6.26
C LYS C 317 18.82 -71.37 5.65
N ALA C 318 18.74 -71.37 4.32
CA ALA C 318 17.65 -72.02 3.62
C ALA C 318 17.84 -72.07 2.11
N TYR C 319 17.05 -72.94 1.47
CA TYR C 319 17.01 -73.04 0.02
C TYR C 319 15.93 -72.10 -0.52
N LEU C 320 16.24 -71.36 -1.57
CA LEU C 320 15.21 -70.62 -2.28
C LEU C 320 14.55 -71.55 -3.29
N ARG C 321 13.49 -72.23 -2.85
CA ARG C 321 12.80 -73.21 -3.69
C ARG C 321 11.90 -72.54 -4.73
N ASP C 322 10.74 -73.13 -5.01
CA ASP C 322 9.87 -72.64 -6.07
C ASP C 322 9.10 -71.38 -5.68
N PHE C 323 8.68 -70.62 -6.68
CA PHE C 323 7.97 -69.36 -6.48
C PHE C 323 7.04 -69.08 -7.65
N MET C 324 6.12 -68.12 -7.47
CA MET C 324 5.16 -67.79 -8.51
C MET C 324 4.59 -66.38 -8.37
N TYR C 325 4.60 -65.63 -9.47
CA TYR C 325 3.95 -64.33 -9.53
C TYR C 325 2.60 -64.46 -10.22
N VAL C 326 1.60 -63.74 -9.71
CA VAL C 326 0.27 -63.75 -10.29
C VAL C 326 -0.27 -62.31 -10.45
N SER C 327 -1.53 -62.19 -10.88
CA SER C 327 -2.15 -60.90 -11.00
C SER C 327 -3.67 -61.04 -10.99
N GLN C 328 -4.37 -59.98 -10.61
CA GLN C 328 -5.82 -60.04 -10.44
C GLN C 328 -6.49 -59.00 -11.32
N ASP C 329 -7.73 -58.67 -10.96
CA ASP C 329 -8.41 -57.48 -11.46
C ASP C 329 -8.43 -56.44 -10.35
N PRO C 330 -7.58 -55.41 -10.46
CA PRO C 330 -7.42 -54.37 -9.45
C PRO C 330 -8.73 -53.78 -8.93
N LYS C 331 -9.69 -53.57 -9.82
CA LYS C 331 -10.93 -52.88 -9.47
C LYS C 331 -11.60 -53.55 -8.26
N ASP C 332 -11.92 -54.84 -8.39
CA ASP C 332 -12.75 -55.53 -7.39
C ASP C 332 -12.02 -56.58 -6.55
N GLN C 333 -10.87 -57.05 -7.02
CA GLN C 333 -10.07 -57.99 -6.23
C GLN C 333 -8.56 -57.84 -6.47
N LEU C 334 -7.98 -56.80 -5.87
CA LEU C 334 -6.55 -56.54 -6.02
C LEU C 334 -5.73 -57.15 -4.88
N LEU C 335 -6.33 -57.25 -3.70
CA LEU C 335 -5.62 -57.74 -2.52
C LEU C 335 -5.76 -59.25 -2.31
N LEU C 336 -6.20 -59.96 -3.34
CA LEU C 336 -6.34 -61.42 -3.26
C LEU C 336 -5.15 -62.13 -3.91
N GLY C 337 -3.99 -61.47 -3.90
CA GLY C 337 -2.77 -62.05 -4.47
C GLY C 337 -2.46 -63.46 -4.00
N PRO C 338 -2.34 -63.65 -2.67
CA PRO C 338 -2.03 -64.95 -2.06
C PRO C 338 -2.98 -66.07 -2.50
N THR C 339 -4.28 -65.83 -2.34
CA THR C 339 -5.28 -66.83 -2.68
C THR C 339 -5.05 -67.42 -4.07
N TYR C 340 -4.77 -66.57 -5.05
CA TYR C 340 -4.48 -67.02 -6.42
C TYR C 340 -3.05 -67.56 -6.52
N ALA C 341 -2.14 -66.96 -5.78
CA ALA C 341 -0.72 -67.31 -5.86
C ALA C 341 -0.39 -68.61 -5.15
N THR C 342 -0.80 -68.72 -3.89
CA THR C 342 -0.47 -69.87 -3.04
C THR C 342 -0.53 -71.22 -3.79
N PRO C 343 -1.66 -71.50 -4.46
CA PRO C 343 -1.80 -72.77 -5.19
C PRO C 343 -0.78 -72.94 -6.32
N LYS C 344 -0.75 -71.99 -7.25
CA LYS C 344 0.08 -72.09 -8.44
C LYS C 344 1.50 -72.56 -8.12
N VAL C 345 2.08 -72.00 -7.05
CA VAL C 345 3.43 -72.37 -6.62
C VAL C 345 3.45 -73.67 -5.83
N LEU C 346 2.46 -73.83 -4.95
CA LEU C 346 2.39 -74.99 -4.07
C LEU C 346 2.30 -76.27 -4.89
N GLU C 347 1.59 -76.21 -6.02
CA GLU C 347 1.42 -77.37 -6.88
C GLU C 347 2.58 -77.50 -7.86
N LYS C 348 3.10 -76.36 -8.33
CA LYS C 348 4.23 -76.38 -9.26
C LYS C 348 5.43 -77.05 -8.61
N ALA C 349 5.60 -76.81 -7.31
CA ALA C 349 6.63 -77.48 -6.52
C ALA C 349 6.20 -78.90 -6.18
N GLY C 350 4.89 -79.09 -6.01
CA GLY C 350 4.33 -80.41 -5.77
C GLY C 350 4.19 -80.76 -4.30
N LEU C 351 3.59 -79.85 -3.54
CA LEU C 351 3.33 -80.07 -2.12
C LEU C 351 1.88 -79.67 -1.80
N THR C 352 1.54 -79.55 -0.52
CA THR C 352 0.20 -79.12 -0.12
C THR C 352 0.23 -78.35 1.21
N MET C 353 -0.93 -77.77 1.57
CA MET C 353 -1.09 -77.03 2.81
C MET C 353 -0.52 -77.80 4.00
N ASN C 354 -0.48 -79.12 3.88
CA ASN C 354 0.00 -79.98 4.95
C ASN C 354 1.52 -80.09 4.94
N ASP C 355 2.11 -80.21 3.76
CA ASP C 355 3.58 -80.27 3.63
C ASP C 355 4.21 -79.01 4.21
N ILE C 356 3.42 -77.94 4.30
CA ILE C 356 3.88 -76.67 4.82
C ILE C 356 3.62 -76.57 6.32
N ASP C 357 4.65 -76.16 7.08
CA ASP C 357 4.53 -76.00 8.52
C ASP C 357 4.95 -74.59 8.99
N ALA C 358 5.11 -73.66 8.04
CA ALA C 358 5.47 -72.29 8.36
C ALA C 358 4.94 -71.29 7.31
N PHE C 359 4.08 -70.39 7.75
CA PHE C 359 3.48 -69.39 6.86
C PHE C 359 3.82 -67.96 7.26
N GLU C 360 4.67 -67.31 6.45
CA GLU C 360 4.87 -65.87 6.58
C GLU C 360 4.21 -65.15 5.41
N PHE C 361 3.09 -64.49 5.69
CA PHE C 361 2.37 -63.69 4.71
C PHE C 361 2.58 -62.20 4.98
N HIS C 362 2.27 -61.37 3.99
CA HIS C 362 2.27 -59.93 4.17
C HIS C 362 0.96 -59.51 4.85
N GLU C 363 1.07 -58.63 5.84
CA GLU C 363 -0.10 -58.15 6.56
C GLU C 363 -0.41 -56.70 6.18
N ALA C 364 -1.02 -56.51 5.01
CA ALA C 364 -1.41 -55.17 4.55
C ALA C 364 -2.48 -54.60 5.47
N PHE C 365 -3.52 -55.38 5.71
CA PHE C 365 -4.59 -54.99 6.63
C PHE C 365 -5.14 -56.23 7.32
N SER C 366 -5.69 -56.05 8.51
CA SER C 366 -6.30 -57.16 9.22
C SER C 366 -7.32 -57.81 8.31
N GLY C 367 -8.22 -56.99 7.79
CA GLY C 367 -9.28 -57.46 6.90
C GLY C 367 -8.78 -57.99 5.56
N GLN C 368 -7.51 -57.74 5.25
CA GLN C 368 -6.92 -58.22 4.01
C GLN C 368 -6.64 -59.72 4.09
N ILE C 369 -6.05 -60.14 5.19
CA ILE C 369 -5.72 -61.55 5.40
C ILE C 369 -6.96 -62.35 5.76
N LEU C 370 -7.60 -61.98 6.87
CA LEU C 370 -8.80 -62.68 7.34
C LEU C 370 -9.75 -62.96 6.20
N ALA C 371 -9.75 -62.09 5.19
CA ALA C 371 -10.61 -62.25 4.03
C ALA C 371 -9.96 -63.15 2.98
N ASN C 372 -8.66 -63.01 2.80
CA ASN C 372 -7.91 -63.91 1.93
C ASN C 372 -8.06 -65.35 2.39
N PHE C 373 -8.00 -65.54 3.71
CA PHE C 373 -8.30 -66.83 4.34
C PHE C 373 -9.64 -67.36 3.85
N LYS C 374 -10.69 -66.58 4.09
CA LYS C 374 -12.05 -66.95 3.72
C LYS C 374 -12.12 -67.42 2.26
N ALA C 375 -11.44 -66.71 1.38
CA ALA C 375 -11.45 -67.01 -0.06
C ALA C 375 -10.69 -68.29 -0.37
N MET C 376 -9.63 -68.55 0.39
CA MET C 376 -8.85 -69.77 0.22
C MET C 376 -9.64 -70.96 0.76
N ASP C 377 -10.57 -70.71 1.68
CA ASP C 377 -11.34 -71.76 2.32
C ASP C 377 -12.71 -71.98 1.68
N SER C 378 -12.98 -71.30 0.58
CA SER C 378 -14.25 -71.44 -0.12
C SER C 378 -14.10 -72.26 -1.40
N ASP C 379 -14.78 -73.40 -1.44
CA ASP C 379 -14.88 -74.19 -2.66
C ASP C 379 -15.52 -73.33 -3.73
N TRP C 380 -16.59 -72.63 -3.37
CA TRP C 380 -17.31 -71.79 -4.31
C TRP C 380 -16.34 -70.88 -5.04
N PHE C 381 -15.65 -70.03 -4.28
CA PHE C 381 -14.74 -69.06 -4.87
C PHE C 381 -13.73 -69.78 -5.75
N ALA C 382 -13.19 -70.88 -5.23
CA ALA C 382 -12.21 -71.69 -5.96
C ALA C 382 -12.77 -72.17 -7.29
N GLU C 383 -14.02 -72.64 -7.26
CA GLU C 383 -14.69 -73.11 -8.46
C GLU C 383 -14.99 -71.97 -9.43
N ASN C 384 -15.65 -70.93 -8.91
CA ASN C 384 -16.12 -69.83 -9.73
C ASN C 384 -14.98 -69.04 -10.38
N TYR C 385 -14.17 -68.40 -9.54
CA TYR C 385 -13.14 -67.48 -10.03
C TYR C 385 -11.81 -68.15 -10.29
N MET C 386 -11.23 -68.77 -9.27
CA MET C 386 -9.92 -69.41 -9.40
C MET C 386 -9.91 -70.45 -10.52
N GLY C 387 -11.09 -70.94 -10.88
CA GLY C 387 -11.23 -71.90 -11.97
C GLY C 387 -10.55 -73.21 -11.63
N ARG C 388 -10.96 -73.82 -10.51
CA ARG C 388 -10.34 -75.05 -10.05
C ARG C 388 -11.38 -76.01 -9.46
N LYS C 389 -10.90 -77.14 -8.95
CA LYS C 389 -11.76 -78.21 -8.47
C LYS C 389 -12.32 -77.88 -7.09
N THR C 390 -11.45 -77.85 -6.09
CA THR C 390 -11.86 -77.54 -4.73
C THR C 390 -11.03 -76.39 -4.18
N LYS C 391 -11.39 -75.94 -2.97
CA LYS C 391 -10.75 -74.79 -2.34
C LYS C 391 -9.23 -74.90 -2.28
N VAL C 392 -8.58 -73.77 -2.00
CA VAL C 392 -7.12 -73.72 -1.84
C VAL C 392 -6.70 -74.40 -0.54
N GLY C 393 -7.39 -74.05 0.54
CA GLY C 393 -7.11 -74.60 1.86
C GLY C 393 -6.68 -73.52 2.80
N LEU C 394 -7.46 -73.32 3.87
CA LEU C 394 -7.15 -72.33 4.90
C LEU C 394 -5.89 -72.72 5.67
N PRO C 395 -4.81 -71.94 5.51
CA PRO C 395 -3.60 -72.28 6.25
C PRO C 395 -3.83 -72.25 7.75
N PRO C 396 -3.30 -73.24 8.47
CA PRO C 396 -3.47 -73.32 9.93
C PRO C 396 -3.14 -72.00 10.61
N LEU C 397 -4.16 -71.33 11.14
CA LEU C 397 -4.00 -70.01 11.77
C LEU C 397 -3.05 -70.07 12.96
N GLU C 398 -2.40 -71.21 13.13
CA GLU C 398 -1.47 -71.43 14.22
C GLU C 398 -0.03 -71.45 13.72
N LYS C 399 0.15 -71.73 12.43
CA LYS C 399 1.47 -71.74 11.80
C LYS C 399 1.68 -70.48 10.97
N PHE C 400 0.93 -69.42 11.30
CA PHE C 400 0.83 -68.25 10.45
C PHE C 400 1.37 -67.02 11.16
N ASN C 401 2.33 -66.35 10.52
CA ASN C 401 2.91 -65.12 11.06
C ASN C 401 3.18 -65.23 12.57
N ASN C 402 4.02 -66.18 12.95
CA ASN C 402 4.26 -66.50 14.35
C ASN C 402 5.14 -65.48 15.07
N TRP C 403 6.03 -64.82 14.33
CA TRP C 403 6.83 -63.74 14.90
C TRP C 403 6.30 -62.41 14.39
N GLY C 404 4.98 -62.27 14.41
CA GLY C 404 4.32 -61.06 13.94
C GLY C 404 4.44 -60.88 12.44
N GLY C 405 3.80 -59.82 11.94
CA GLY C 405 3.84 -59.47 10.52
C GLY C 405 3.79 -57.97 10.26
N SER C 406 3.57 -57.62 9.00
CA SER C 406 3.67 -56.23 8.53
C SER C 406 2.77 -55.24 9.26
N LEU C 407 1.66 -55.73 9.79
CA LEU C 407 0.69 -54.87 10.46
C LEU C 407 1.24 -54.32 11.78
N SER C 408 2.21 -55.04 12.34
CA SER C 408 2.78 -54.69 13.63
C SER C 408 4.22 -54.23 13.54
N LEU C 409 4.96 -54.77 12.57
CA LEU C 409 6.36 -54.37 12.37
C LEU C 409 6.43 -53.16 11.47
N GLY C 410 5.79 -53.27 10.31
CA GLY C 410 5.76 -52.19 9.34
C GLY C 410 5.79 -52.72 7.93
N HIS C 411 5.35 -51.91 6.99
CA HIS C 411 5.33 -52.29 5.58
C HIS C 411 5.99 -51.24 4.70
N PRO C 412 7.32 -51.20 4.71
CA PRO C 412 7.98 -50.39 3.70
C PRO C 412 7.86 -51.05 2.33
N PHE C 413 7.04 -50.46 1.46
CA PHE C 413 6.91 -50.93 0.09
C PHE C 413 8.26 -51.37 -0.46
N GLY C 414 8.32 -52.58 -1.00
CA GLY C 414 9.52 -53.03 -1.69
C GLY C 414 10.76 -53.09 -0.81
N ALA C 415 10.54 -53.19 0.49
CA ALA C 415 11.61 -53.55 1.42
C ALA C 415 11.04 -54.57 2.41
N THR C 416 9.75 -54.87 2.26
CA THR C 416 9.06 -55.79 3.15
C THR C 416 9.10 -57.20 2.56
N GLY C 417 9.21 -57.27 1.23
CA GLY C 417 9.27 -58.57 0.55
C GLY C 417 10.35 -59.46 1.12
N CYS C 418 11.49 -58.87 1.47
CA CYS C 418 12.62 -59.63 2.01
C CYS C 418 12.36 -60.05 3.46
N ARG C 419 12.00 -59.10 4.30
CA ARG C 419 11.79 -59.40 5.72
C ARG C 419 10.95 -60.65 5.93
N LEU C 420 10.08 -60.94 4.96
CA LEU C 420 9.21 -62.12 5.03
C LEU C 420 10.02 -63.41 4.87
N VAL C 421 10.49 -63.67 3.65
CA VAL C 421 11.30 -64.86 3.37
C VAL C 421 12.41 -65.04 4.41
N MET C 422 12.98 -63.93 4.85
CA MET C 422 14.08 -63.99 5.80
C MET C 422 13.58 -64.44 7.16
N ALA C 423 12.40 -63.97 7.55
CA ALA C 423 11.79 -64.38 8.81
C ALA C 423 10.96 -65.64 8.61
N ALA C 424 11.14 -66.31 7.49
CA ALA C 424 10.50 -67.60 7.23
C ALA C 424 11.52 -68.71 7.47
N ALA C 425 12.62 -68.65 6.74
CA ALA C 425 13.74 -69.58 6.95
C ALA C 425 14.24 -69.46 8.38
N ASN C 426 14.12 -68.26 8.93
CA ASN C 426 14.54 -68.01 10.29
C ASN C 426 13.66 -68.79 11.28
N ARG C 427 12.37 -68.82 11.02
CA ARG C 427 11.44 -69.59 11.85
C ARG C 427 11.69 -71.09 11.71
N LEU C 428 11.95 -71.55 10.49
CA LEU C 428 12.17 -72.97 10.21
C LEU C 428 13.37 -73.53 10.97
N ARG C 429 14.32 -72.66 11.30
CA ARG C 429 15.44 -73.06 12.16
C ARG C 429 15.03 -73.07 13.63
N LYS C 430 14.79 -71.88 14.18
CA LYS C 430 14.59 -71.70 15.61
C LYS C 430 13.32 -72.34 16.15
N GLU C 431 12.35 -72.60 15.27
CA GLU C 431 11.11 -73.29 15.68
C GLU C 431 11.08 -74.72 15.17
N GLY C 432 11.86 -75.01 14.14
CA GLY C 432 11.89 -76.33 13.52
C GLY C 432 10.90 -76.45 12.37
N GLY C 433 11.22 -77.34 11.43
CA GLY C 433 10.38 -77.53 10.24
C GLY C 433 11.24 -77.55 8.99
N GLN C 434 10.63 -77.87 7.85
CA GLN C 434 11.38 -77.95 6.60
C GLN C 434 10.83 -77.02 5.51
N TYR C 435 9.51 -76.98 5.36
CA TYR C 435 8.90 -76.21 4.28
C TYR C 435 8.10 -74.99 4.77
N GLY C 436 8.49 -73.82 4.30
CA GLY C 436 7.80 -72.57 4.61
C GLY C 436 7.21 -71.94 3.37
N LEU C 437 5.98 -71.45 3.48
CA LEU C 437 5.34 -70.72 2.37
C LEU C 437 5.24 -69.25 2.72
N VAL C 438 5.86 -68.43 1.86
CA VAL C 438 5.74 -66.99 1.98
C VAL C 438 4.93 -66.48 0.80
N ALA C 439 3.99 -65.59 1.08
CA ALA C 439 3.17 -64.99 0.04
C ALA C 439 2.74 -63.58 0.44
N ALA C 440 2.39 -62.76 -0.55
CA ALA C 440 2.06 -61.38 -0.29
C ALA C 440 1.12 -60.79 -1.34
N CYS C 441 0.15 -60.00 -0.87
CA CYS C 441 -0.71 -59.23 -1.77
C CYS C 441 -0.02 -57.92 -2.09
N ALA C 442 -0.21 -57.43 -3.31
CA ALA C 442 0.45 -56.20 -3.73
C ALA C 442 -0.51 -55.29 -4.50
N ALA C 443 -0.27 -53.99 -4.40
CA ALA C 443 -0.96 -53.03 -5.25
C ALA C 443 -0.58 -53.33 -6.70
N GLY C 444 -1.33 -52.76 -7.63
CA GLY C 444 -1.18 -53.10 -9.04
C GLY C 444 -2.04 -54.31 -9.35
N GLY C 445 -2.80 -54.76 -8.33
CA GLY C 445 -3.61 -55.96 -8.45
C GLY C 445 -2.72 -57.14 -8.75
N GLN C 446 -1.76 -57.38 -7.87
CA GLN C 446 -0.79 -58.45 -8.07
C GLN C 446 -0.50 -59.21 -6.79
N GLY C 447 0.32 -60.27 -6.90
CA GLY C 447 0.66 -61.11 -5.77
C GLY C 447 1.83 -62.03 -6.05
N HIS C 448 2.39 -62.61 -4.99
CA HIS C 448 3.58 -63.45 -5.10
C HIS C 448 3.64 -64.45 -3.96
N ALA C 449 4.03 -65.68 -4.28
CA ALA C 449 4.20 -66.73 -3.28
C ALA C 449 5.47 -67.54 -3.58
N MET C 450 6.18 -67.92 -2.53
CA MET C 450 7.44 -68.62 -2.69
C MET C 450 7.61 -69.72 -1.64
N ILE C 451 8.23 -70.83 -2.05
CA ILE C 451 8.49 -71.93 -1.14
C ILE C 451 9.92 -71.84 -0.62
N VAL C 452 10.05 -71.88 0.71
CA VAL C 452 11.37 -71.85 1.34
C VAL C 452 11.65 -73.20 2.00
N GLU C 453 12.71 -73.85 1.56
CA GLU C 453 13.11 -75.15 2.12
C GLU C 453 14.28 -74.94 3.08
N ALA C 454 14.13 -75.43 4.30
CA ALA C 454 15.15 -75.26 5.32
C ALA C 454 16.45 -75.94 4.90
N TYR C 455 17.51 -75.74 5.69
CA TYR C 455 18.82 -76.28 5.37
C TYR C 455 19.36 -77.09 6.54
N PRO C 456 20.04 -78.21 6.25
CA PRO C 456 20.56 -79.08 7.31
C PRO C 456 21.85 -78.55 7.94
N THR D 25 34.45 -71.53 -41.39
CA THR D 25 34.68 -70.06 -41.42
C THR D 25 34.61 -69.48 -40.00
N LYS D 26 33.54 -69.80 -39.29
CA LYS D 26 33.32 -69.27 -37.95
C LYS D 26 32.61 -70.31 -37.08
N LYS D 27 33.04 -70.46 -35.83
CA LYS D 27 32.37 -71.36 -34.90
C LYS D 27 30.94 -70.89 -34.64
N THR D 28 29.97 -71.71 -35.04
CA THR D 28 28.55 -71.33 -34.96
C THR D 28 27.70 -72.43 -34.32
N LEU D 29 26.81 -72.03 -33.40
CA LEU D 29 25.94 -72.95 -32.68
C LEU D 29 25.27 -72.22 -31.50
N ALA D 30 24.52 -72.97 -30.70
CA ALA D 30 24.00 -72.47 -29.42
C ALA D 30 24.02 -73.61 -28.40
N LYS D 31 23.65 -73.32 -27.17
CA LYS D 31 23.76 -74.31 -26.10
C LYS D 31 22.65 -75.38 -26.17
N PRO D 32 22.91 -76.56 -25.57
CA PRO D 32 22.09 -77.76 -25.79
C PRO D 32 20.98 -77.98 -24.76
N ASN D 33 21.33 -78.37 -23.54
CA ASN D 33 20.34 -78.74 -22.53
C ASN D 33 19.51 -77.55 -22.03
N ILE D 34 20.07 -76.35 -22.13
CA ILE D 34 19.33 -75.13 -21.80
C ILE D 34 18.39 -74.79 -22.96
N ARG D 35 17.12 -74.57 -22.65
CA ARG D 35 16.11 -74.32 -23.69
C ARG D 35 16.40 -73.03 -24.44
N ASN D 36 16.10 -73.03 -25.74
CA ASN D 36 16.38 -71.88 -26.58
C ASN D 36 15.27 -70.85 -26.56
N VAL D 37 15.64 -69.58 -26.70
CA VAL D 37 14.72 -68.48 -26.59
C VAL D 37 14.87 -67.55 -27.79
N VAL D 38 13.75 -67.09 -28.32
CA VAL D 38 13.75 -66.30 -29.56
C VAL D 38 12.89 -65.05 -29.46
N VAL D 39 13.16 -64.10 -30.34
CA VAL D 39 12.33 -62.91 -30.48
C VAL D 39 11.39 -63.10 -31.66
N VAL D 40 10.09 -63.17 -31.36
CA VAL D 40 9.07 -63.32 -32.39
C VAL D 40 9.04 -62.08 -33.26
N ASP D 41 8.74 -60.94 -32.65
CA ASP D 41 8.85 -59.66 -33.32
C ASP D 41 8.97 -58.55 -32.28
N GLY D 42 9.55 -57.43 -32.70
CA GLY D 42 9.71 -56.26 -31.84
C GLY D 42 9.17 -55.02 -32.51
N VAL D 43 9.03 -53.95 -31.73
CA VAL D 43 8.43 -52.72 -32.22
C VAL D 43 8.97 -51.54 -31.42
N ARG D 44 8.62 -50.33 -31.84
CA ARG D 44 8.93 -49.13 -31.08
C ARG D 44 8.14 -47.94 -31.63
N THR D 45 7.83 -46.98 -30.76
CA THR D 45 7.17 -45.75 -31.21
C THR D 45 8.23 -44.91 -31.92
N PRO D 46 7.79 -43.97 -32.76
CA PRO D 46 8.82 -43.12 -33.33
C PRO D 46 9.55 -42.35 -32.24
N PHE D 47 10.87 -42.22 -32.38
CA PHE D 47 11.70 -41.58 -31.36
C PHE D 47 11.83 -40.08 -31.63
N LEU D 48 11.03 -39.31 -30.91
CA LEU D 48 10.88 -37.89 -31.19
C LEU D 48 11.73 -37.03 -30.25
N LEU D 49 12.13 -35.86 -30.74
CA LEU D 49 12.93 -34.94 -29.95
C LEU D 49 12.10 -34.40 -28.80
N SER D 50 12.56 -34.64 -27.58
CA SER D 50 11.83 -34.24 -26.38
C SER D 50 11.25 -32.84 -26.47
N GLY D 51 9.99 -32.70 -26.08
CA GLY D 51 9.29 -31.43 -26.13
C GLY D 51 8.70 -31.15 -27.50
N THR D 52 8.76 -32.13 -28.39
CA THR D 52 8.34 -31.93 -29.77
C THR D 52 6.84 -32.17 -29.96
N SER D 53 6.41 -33.43 -29.83
CA SER D 53 5.01 -33.77 -30.10
C SER D 53 4.46 -34.79 -29.10
N TYR D 54 5.34 -35.40 -28.31
CA TYR D 54 4.89 -36.20 -27.18
C TYR D 54 4.87 -35.31 -25.93
N LYS D 55 5.16 -34.03 -26.13
CA LYS D 55 5.19 -33.04 -25.05
C LYS D 55 4.08 -33.22 -24.03
N ASP D 56 2.85 -33.35 -24.50
CA ASP D 56 1.69 -33.42 -23.61
C ASP D 56 1.22 -34.86 -23.42
N LEU D 57 2.15 -35.74 -23.08
CA LEU D 57 1.83 -37.13 -22.81
C LEU D 57 2.55 -37.55 -21.55
N MET D 58 2.09 -38.64 -20.93
CA MET D 58 2.77 -39.20 -19.77
C MET D 58 3.58 -40.40 -20.25
N PRO D 59 4.60 -40.80 -19.49
CA PRO D 59 5.45 -41.87 -19.97
C PRO D 59 4.67 -43.14 -20.25
N HIS D 60 3.80 -43.52 -19.32
CA HIS D 60 3.01 -44.74 -19.47
C HIS D 60 2.09 -44.66 -20.68
N ASP D 61 1.79 -43.44 -21.14
CA ASP D 61 0.99 -43.25 -22.35
C ASP D 61 1.74 -43.74 -23.60
N LEU D 62 3.04 -43.52 -23.64
CA LEU D 62 3.87 -44.03 -24.72
C LEU D 62 3.98 -45.54 -24.58
N ALA D 63 4.32 -46.00 -23.39
CA ALA D 63 4.41 -47.43 -23.12
C ALA D 63 3.17 -48.11 -23.67
N ARG D 64 1.99 -47.62 -23.27
CA ARG D 64 0.73 -48.14 -23.76
C ARG D 64 0.76 -48.27 -25.28
N ALA D 65 1.20 -47.21 -25.95
CA ALA D 65 1.22 -47.18 -27.42
C ALA D 65 2.14 -48.27 -27.98
N ALA D 66 3.34 -48.38 -27.42
CA ALA D 66 4.29 -49.40 -27.84
C ALA D 66 3.69 -50.79 -27.66
N LEU D 67 3.08 -51.02 -26.51
CA LEU D 67 2.47 -52.32 -26.21
C LEU D 67 1.29 -52.62 -27.13
N THR D 68 0.60 -51.59 -27.60
CA THR D 68 -0.53 -51.78 -28.52
C THR D 68 -0.01 -52.06 -29.92
N GLY D 69 1.05 -51.34 -30.32
CA GLY D 69 1.68 -51.57 -31.61
C GLY D 69 2.23 -52.97 -31.74
N LEU D 70 2.72 -53.52 -30.63
CA LEU D 70 3.22 -54.89 -30.59
C LEU D 70 2.06 -55.87 -30.59
N LEU D 71 1.09 -55.63 -29.71
CA LEU D 71 -0.08 -56.50 -29.59
C LEU D 71 -0.86 -56.56 -30.91
N HIS D 72 -0.86 -55.47 -31.67
CA HIS D 72 -1.54 -55.43 -32.95
C HIS D 72 -0.73 -56.13 -34.04
N ARG D 73 0.51 -55.70 -34.22
CA ARG D 73 1.37 -56.26 -35.26
C ARG D 73 1.66 -57.73 -35.04
N THR D 74 1.94 -58.10 -33.79
CA THR D 74 2.31 -59.46 -33.45
C THR D 74 1.07 -60.36 -33.34
N SER D 75 -0.09 -59.73 -33.16
CA SER D 75 -1.38 -60.43 -33.10
C SER D 75 -1.47 -61.44 -31.96
N VAL D 76 -0.48 -61.42 -31.07
CA VAL D 76 -0.44 -62.33 -29.93
C VAL D 76 -1.82 -62.41 -29.29
N PRO D 77 -2.16 -63.59 -28.72
CA PRO D 77 -3.37 -63.62 -27.93
C PRO D 77 -3.11 -63.02 -26.55
N LYS D 78 -4.02 -62.14 -26.10
CA LYS D 78 -3.88 -61.47 -24.83
C LYS D 78 -3.76 -62.47 -23.68
N GLU D 79 -4.14 -63.72 -23.96
CA GLU D 79 -4.22 -64.75 -22.93
C GLU D 79 -2.88 -65.39 -22.57
N VAL D 80 -2.06 -65.67 -23.59
CA VAL D 80 -0.85 -66.48 -23.38
C VAL D 80 0.33 -65.69 -22.82
N VAL D 81 0.26 -64.36 -22.85
CA VAL D 81 1.33 -63.54 -22.30
C VAL D 81 1.46 -63.83 -20.81
N ASP D 82 2.62 -64.39 -20.42
CA ASP D 82 2.81 -64.88 -19.05
C ASP D 82 3.42 -63.83 -18.12
N TYR D 83 4.15 -62.87 -18.68
CA TYR D 83 4.79 -61.83 -17.88
C TYR D 83 5.28 -60.67 -18.74
N ILE D 84 4.99 -59.45 -18.31
CA ILE D 84 5.49 -58.26 -18.98
C ILE D 84 6.55 -57.61 -18.11
N ILE D 85 7.44 -56.85 -18.72
CA ILE D 85 8.46 -56.11 -17.96
C ILE D 85 9.07 -54.98 -18.78
N PHE D 86 8.99 -53.76 -18.24
CA PHE D 86 9.42 -52.55 -18.93
C PHE D 86 10.52 -51.82 -18.18
N GLY D 87 11.34 -51.09 -18.93
CA GLY D 87 12.41 -50.28 -18.36
C GLY D 87 12.14 -48.80 -18.52
N THR D 88 12.66 -48.01 -17.57
CA THR D 88 12.51 -46.57 -17.60
C THR D 88 13.30 -45.96 -16.45
N VAL D 89 13.85 -44.76 -16.66
CA VAL D 89 14.75 -44.14 -15.68
C VAL D 89 14.07 -43.04 -14.86
N ILE D 90 13.41 -42.10 -15.53
CA ILE D 90 12.74 -41.00 -14.82
C ILE D 90 11.28 -41.34 -14.56
N GLN D 91 10.93 -41.48 -13.29
CA GLN D 91 9.65 -42.04 -12.90
C GLN D 91 8.50 -41.04 -12.86
N GLU D 92 7.37 -41.43 -13.41
CA GLU D 92 6.12 -40.69 -13.18
C GLU D 92 5.53 -41.22 -11.89
N VAL D 93 5.73 -40.47 -10.82
CA VAL D 93 5.32 -40.90 -9.49
C VAL D 93 3.89 -41.42 -9.46
N LYS D 94 3.05 -40.96 -10.40
CA LYS D 94 1.66 -41.44 -10.47
C LYS D 94 1.59 -42.86 -11.03
N THR D 95 2.55 -43.21 -11.89
CA THR D 95 2.65 -44.57 -12.43
C THR D 95 3.96 -45.21 -12.00
N SER D 96 4.08 -45.49 -10.71
CA SER D 96 5.29 -46.08 -10.16
C SER D 96 5.73 -47.25 -11.04
N ASN D 97 4.88 -48.27 -11.07
CA ASN D 97 5.10 -49.45 -11.90
C ASN D 97 4.61 -49.18 -13.33
N VAL D 98 5.36 -48.38 -14.06
CA VAL D 98 4.99 -47.95 -15.42
C VAL D 98 4.44 -49.10 -16.24
N ALA D 99 5.17 -50.21 -16.24
CA ALA D 99 4.80 -51.39 -17.02
C ALA D 99 3.37 -51.84 -16.71
N ARG D 100 3.11 -52.06 -15.43
CA ARG D 100 1.81 -52.58 -14.98
C ARG D 100 0.64 -51.70 -15.41
N GLU D 101 0.83 -50.39 -15.41
CA GLU D 101 -0.27 -49.47 -15.70
C GLU D 101 -0.44 -49.25 -17.21
N ALA D 102 0.64 -49.44 -17.96
CA ALA D 102 0.57 -49.38 -19.43
C ALA D 102 0.03 -50.69 -19.96
N ALA D 103 0.33 -51.78 -19.26
CA ALA D 103 -0.08 -53.12 -19.65
C ALA D 103 -1.60 -53.28 -19.62
N LEU D 104 -2.24 -52.66 -18.65
CA LEU D 104 -3.69 -52.75 -18.52
C LEU D 104 -4.38 -51.95 -19.61
N GLY D 105 -3.92 -50.72 -19.80
CA GLY D 105 -4.50 -49.84 -20.81
C GLY D 105 -4.36 -50.40 -22.21
N ALA D 106 -3.21 -51.04 -22.48
CA ALA D 106 -2.95 -51.60 -23.81
C ALA D 106 -3.99 -52.64 -24.20
N GLY D 107 -4.25 -53.59 -23.30
CA GLY D 107 -5.20 -54.66 -23.57
C GLY D 107 -4.85 -55.95 -22.85
N PHE D 108 -3.56 -56.18 -22.61
CA PHE D 108 -3.10 -57.42 -21.99
C PHE D 108 -3.88 -57.77 -20.73
N SER D 109 -3.81 -59.03 -20.32
CA SER D 109 -4.71 -59.58 -19.32
C SER D 109 -4.56 -58.97 -17.94
N ASP D 110 -5.56 -59.20 -17.10
CA ASP D 110 -5.49 -58.95 -15.67
C ASP D 110 -4.45 -59.88 -15.06
N LYS D 111 -4.49 -61.15 -15.49
CA LYS D 111 -3.59 -62.16 -14.97
C LYS D 111 -2.13 -61.78 -15.22
N THR D 112 -1.86 -61.28 -16.42
CA THR D 112 -0.50 -61.02 -16.87
C THR D 112 0.20 -60.00 -15.97
N PRO D 113 0.97 -60.49 -14.98
CA PRO D 113 1.62 -59.59 -14.05
C PRO D 113 2.82 -58.92 -14.71
N ALA D 114 3.26 -57.81 -14.13
CA ALA D 114 4.35 -57.05 -14.69
C ALA D 114 5.12 -56.32 -13.60
N HIS D 115 6.34 -55.92 -13.91
CA HIS D 115 7.10 -55.07 -13.02
C HIS D 115 8.00 -54.17 -13.84
N THR D 116 8.29 -52.99 -13.29
CA THR D 116 9.14 -52.04 -13.97
C THR D 116 10.58 -52.23 -13.51
N VAL D 117 11.52 -51.95 -14.40
CA VAL D 117 12.93 -52.10 -14.07
C VAL D 117 13.72 -50.86 -14.51
N THR D 118 14.68 -50.46 -13.68
CA THR D 118 15.44 -49.25 -13.92
C THR D 118 16.94 -49.50 -13.80
N MET D 119 17.63 -49.30 -14.93
CA MET D 119 19.08 -49.47 -14.99
C MET D 119 19.68 -48.50 -16.02
N ALA D 120 19.42 -47.21 -15.84
CA ALA D 120 19.99 -46.18 -16.70
C ALA D 120 19.68 -46.45 -18.17
N CYS D 121 20.60 -46.07 -19.06
CA CYS D 121 20.42 -46.22 -20.51
C CYS D 121 20.07 -47.65 -20.91
N ILE D 122 20.56 -48.62 -20.15
CA ILE D 122 20.35 -50.03 -20.46
C ILE D 122 19.21 -50.62 -19.63
N SER D 123 18.24 -49.79 -19.27
CA SER D 123 17.09 -50.26 -18.52
C SER D 123 16.21 -51.16 -19.40
N ALA D 124 16.12 -50.79 -20.68
CA ALA D 124 15.33 -51.55 -21.65
C ALA D 124 15.95 -52.91 -21.86
N ASN D 125 17.28 -52.96 -21.80
CA ASN D 125 18.00 -54.22 -21.89
C ASN D 125 17.69 -55.12 -20.70
N GLN D 126 17.81 -54.56 -19.50
CA GLN D 126 17.52 -55.31 -18.28
C GLN D 126 16.10 -55.83 -18.32
N ALA D 127 15.24 -55.19 -19.11
CA ALA D 127 13.87 -55.65 -19.27
C ALA D 127 13.80 -56.98 -20.02
N MET D 128 14.65 -57.11 -21.04
CA MET D 128 14.71 -58.33 -21.83
C MET D 128 15.41 -59.43 -21.05
N THR D 129 16.55 -59.10 -20.44
CA THR D 129 17.31 -60.04 -19.62
C THR D 129 16.48 -60.59 -18.46
N THR D 130 15.93 -59.69 -17.65
CA THR D 130 15.10 -60.09 -16.52
C THR D 130 13.98 -61.00 -17.01
N GLY D 131 13.54 -60.77 -18.24
CA GLY D 131 12.48 -61.58 -18.86
C GLY D 131 12.99 -62.91 -19.39
N VAL D 132 14.07 -62.87 -20.17
CA VAL D 132 14.72 -64.08 -20.67
C VAL D 132 15.04 -65.03 -19.52
N GLY D 133 15.56 -64.47 -18.43
CA GLY D 133 15.92 -65.25 -17.24
C GLY D 133 14.76 -66.08 -16.70
N LEU D 134 13.54 -65.56 -16.83
CA LEU D 134 12.34 -66.26 -16.35
C LEU D 134 11.87 -67.34 -17.33
N ILE D 135 12.36 -67.29 -18.57
CA ILE D 135 12.03 -68.31 -19.56
C ILE D 135 12.93 -69.54 -19.36
N ALA D 136 14.23 -69.36 -19.55
CA ALA D 136 15.18 -70.44 -19.35
C ALA D 136 15.02 -71.06 -17.95
N SER D 137 14.72 -70.21 -16.97
CA SER D 137 14.40 -70.69 -15.62
C SER D 137 13.26 -71.69 -15.71
N GLY D 138 12.39 -71.49 -16.69
CA GLY D 138 11.23 -72.34 -16.89
C GLY D 138 9.98 -71.70 -16.32
N GLN D 139 10.15 -70.65 -15.53
CA GLN D 139 9.05 -70.01 -14.84
C GLN D 139 7.93 -69.59 -15.79
N CYS D 140 8.27 -69.32 -17.05
CA CYS D 140 7.26 -69.00 -18.06
C CYS D 140 7.80 -69.15 -19.49
N ASP D 141 6.89 -69.26 -20.45
CA ASP D 141 7.24 -69.48 -21.86
C ASP D 141 7.26 -68.17 -22.63
N VAL D 142 6.23 -67.35 -22.44
CA VAL D 142 6.02 -66.13 -23.23
C VAL D 142 6.10 -64.87 -22.37
N ILE D 143 6.99 -63.95 -22.74
CA ILE D 143 7.10 -62.67 -22.04
C ILE D 143 7.24 -61.51 -23.02
N VAL D 144 6.72 -60.34 -22.62
CA VAL D 144 6.89 -59.12 -23.39
C VAL D 144 7.83 -58.18 -22.67
N ALA D 145 8.95 -57.87 -23.31
CA ALA D 145 9.89 -56.92 -22.76
C ALA D 145 9.77 -55.62 -23.53
N GLY D 146 10.46 -54.60 -23.05
CA GLY D 146 10.40 -53.29 -23.68
C GLY D 146 10.77 -52.20 -22.70
N GLY D 147 10.39 -50.97 -23.03
CA GLY D 147 10.72 -49.83 -22.20
C GLY D 147 10.07 -48.56 -22.69
N VAL D 148 10.29 -47.48 -21.95
CA VAL D 148 9.66 -46.22 -22.24
C VAL D 148 10.38 -45.08 -21.55
N GLU D 149 10.28 -43.90 -22.13
CA GLU D 149 10.85 -42.71 -21.52
C GLU D 149 10.22 -41.46 -22.11
N LEU D 150 9.96 -40.49 -21.24
CA LEU D 150 9.38 -39.24 -21.67
C LEU D 150 10.12 -38.09 -21.03
N MET D 151 11.05 -37.52 -21.78
CA MET D 151 11.83 -36.39 -21.28
C MET D 151 11.04 -35.09 -21.43
N SER D 152 10.41 -34.71 -20.33
CA SER D 152 9.78 -33.41 -20.16
C SER D 152 9.74 -33.20 -18.65
N ASP D 153 10.93 -33.25 -18.06
CA ASP D 153 11.19 -33.35 -16.61
C ASP D 153 10.00 -33.20 -15.66
N VAL D 154 10.25 -33.57 -14.40
CA VAL D 154 9.27 -33.42 -13.33
C VAL D 154 10.01 -33.14 -12.01
N PRO D 155 10.04 -31.86 -11.60
CA PRO D 155 10.74 -31.33 -10.42
C PRO D 155 9.89 -31.32 -9.15
N ILE D 156 10.50 -30.94 -8.02
CA ILE D 156 9.79 -30.90 -6.73
C ILE D 156 10.31 -29.80 -5.80
N ARG D 157 9.53 -29.47 -4.77
CA ARG D 157 9.94 -28.52 -3.74
C ARG D 157 10.46 -29.28 -2.52
N HIS D 158 11.68 -28.96 -2.10
CA HIS D 158 12.38 -29.74 -1.07
C HIS D 158 11.97 -29.34 0.34
N SER D 159 11.62 -28.07 0.54
CA SER D 159 11.23 -27.59 1.85
C SER D 159 9.75 -27.22 1.91
N ARG D 160 9.26 -26.57 0.86
CA ARG D 160 7.86 -26.10 0.80
C ARG D 160 6.86 -27.25 0.78
N LYS D 161 7.36 -28.49 0.70
CA LYS D 161 6.52 -29.67 0.75
C LYS D 161 6.53 -30.29 2.15
N MET D 162 7.66 -30.18 2.82
CA MET D 162 7.79 -30.65 4.20
C MET D 162 6.92 -29.80 5.13
N ARG D 163 6.99 -28.48 4.93
CA ARG D 163 6.15 -27.55 5.68
C ARG D 163 4.69 -27.75 5.29
N LYS D 164 4.47 -28.21 4.06
CA LYS D 164 3.12 -28.44 3.52
C LYS D 164 2.59 -29.82 3.88
N LEU D 165 3.50 -30.75 4.17
CA LEU D 165 3.12 -32.09 4.59
C LEU D 165 2.48 -32.08 5.97
N MET D 166 2.29 -30.88 6.53
CA MET D 166 1.64 -30.71 7.82
C MET D 166 0.14 -30.52 7.64
N LEU D 167 -0.57 -31.62 7.44
CA LEU D 167 -2.02 -31.61 7.31
C LEU D 167 -2.66 -32.30 8.51
N GLY D 176 -2.59 -22.78 22.96
CA GLY D 176 -2.07 -21.91 21.90
C GLY D 176 -0.90 -22.53 21.17
N GLN D 177 -1.15 -23.69 20.56
CA GLN D 177 -0.09 -24.46 19.91
C GLN D 177 -0.18 -24.50 18.38
N ARG D 178 -1.40 -24.52 17.85
CA ARG D 178 -1.63 -24.74 16.42
C ARG D 178 -1.20 -23.57 15.52
N LEU D 179 -1.97 -22.47 15.57
CA LEU D 179 -1.73 -21.31 14.71
C LEU D 179 -0.27 -20.88 14.65
N SER D 180 0.48 -21.15 15.72
CA SER D 180 1.90 -20.79 15.79
C SER D 180 2.80 -21.83 15.10
N LEU D 181 2.39 -23.11 15.15
CA LEU D 181 3.14 -24.18 14.51
C LEU D 181 3.16 -24.05 12.98
N ILE D 182 2.14 -23.39 12.43
CA ILE D 182 2.05 -23.17 10.98
C ILE D 182 2.85 -21.93 10.56
N SER D 183 2.84 -20.91 11.40
CA SER D 183 3.57 -19.67 11.12
C SER D 183 5.02 -19.72 11.63
N LYS D 184 5.27 -20.56 12.63
CA LYS D 184 6.61 -20.70 13.19
C LYS D 184 7.53 -21.45 12.23
N PHE D 185 6.95 -22.21 11.31
CA PHE D 185 7.71 -22.96 10.31
C PHE D 185 8.21 -22.03 9.21
N ARG D 186 7.36 -21.10 8.77
CA ARG D 186 7.71 -20.14 7.73
C ARG D 186 8.61 -19.02 8.26
N PHE D 187 8.57 -18.81 9.58
CA PHE D 187 9.37 -17.77 10.23
C PHE D 187 10.86 -17.89 9.87
N ASN D 188 11.34 -19.11 9.76
CA ASN D 188 12.74 -19.36 9.40
C ASN D 188 12.89 -19.76 7.93
N PHE D 189 12.05 -19.19 7.07
CA PHE D 189 12.09 -19.49 5.65
C PHE D 189 13.20 -18.69 4.96
N LEU D 190 14.45 -19.12 5.14
CA LEU D 190 15.61 -18.44 4.56
C LEU D 190 15.45 -18.18 3.06
N ALA D 191 15.27 -19.26 2.30
CA ALA D 191 15.05 -19.16 0.85
C ALA D 191 13.87 -20.05 0.45
N PRO D 192 13.62 -20.14 -0.88
CA PRO D 192 12.50 -20.94 -1.38
C PRO D 192 12.88 -22.38 -1.72
N GLU D 193 12.17 -22.98 -2.66
CA GLU D 193 12.40 -24.37 -3.05
C GLU D 193 13.63 -24.52 -3.96
N LEU D 194 13.57 -25.48 -4.87
CA LEU D 194 14.71 -25.83 -5.73
C LEU D 194 14.80 -27.36 -5.85
N PRO D 195 14.82 -27.86 -7.10
CA PRO D 195 14.87 -29.29 -7.43
C PRO D 195 16.19 -29.70 -8.10
N ALA D 196 16.27 -30.94 -8.57
CA ALA D 196 17.50 -31.44 -9.18
C ALA D 196 17.30 -32.71 -9.99
N VAL D 197 18.25 -33.01 -10.87
CA VAL D 197 18.27 -34.24 -11.65
C VAL D 197 18.91 -34.05 -13.02
N SER D 198 20.09 -33.42 -13.05
CA SER D 198 20.79 -33.18 -14.31
C SER D 198 22.19 -33.79 -14.31
N GLU D 199 22.85 -33.77 -13.15
CA GLU D 199 24.22 -34.25 -13.05
C GLU D 199 24.28 -35.78 -12.87
N PHE D 200 24.58 -36.24 -11.66
CA PHE D 200 24.84 -37.65 -11.40
C PHE D 200 25.10 -37.78 -9.90
N SER D 201 24.51 -38.79 -9.25
CA SER D 201 24.61 -38.90 -7.79
C SER D 201 26.04 -39.18 -7.31
N THR D 202 27.01 -39.10 -8.23
CA THR D 202 28.43 -39.09 -7.87
C THR D 202 29.14 -37.96 -8.65
N SER D 203 28.34 -36.99 -9.07
CA SER D 203 28.80 -35.68 -9.58
C SER D 203 29.57 -35.71 -10.90
N GLU D 204 28.85 -35.37 -11.96
CA GLU D 204 29.43 -34.98 -13.27
C GLU D 204 28.39 -35.18 -14.38
N THR D 205 28.39 -34.29 -15.37
CA THR D 205 27.44 -34.38 -16.46
C THR D 205 27.73 -35.64 -17.26
N MET D 206 26.68 -36.22 -17.82
CA MET D 206 26.85 -37.35 -18.72
C MET D 206 27.82 -36.94 -19.82
N GLY D 207 27.43 -35.92 -20.59
CA GLY D 207 28.19 -35.47 -21.74
C GLY D 207 29.48 -34.75 -21.41
N HIS D 208 29.64 -34.34 -20.16
CA HIS D 208 30.91 -33.76 -19.71
C HIS D 208 31.96 -34.84 -19.59
N SER D 209 31.55 -36.06 -19.24
CA SER D 209 32.48 -37.17 -19.17
C SER D 209 32.93 -37.57 -20.57
N ALA D 210 32.01 -37.46 -21.53
CA ALA D 210 32.30 -37.75 -22.93
C ALA D 210 33.44 -36.87 -23.45
N ASP D 211 33.34 -35.57 -23.21
CA ASP D 211 34.34 -34.62 -23.71
C ASP D 211 35.73 -34.90 -23.12
N ARG D 212 35.78 -35.55 -21.98
CA ARG D 212 37.08 -35.87 -21.36
C ARG D 212 37.34 -37.37 -21.33
N LEU D 213 36.36 -38.16 -21.74
CA LEU D 213 36.61 -39.56 -22.07
C LEU D 213 37.21 -39.58 -23.48
N ALA D 214 36.71 -38.67 -24.32
CA ALA D 214 37.23 -38.52 -25.67
C ALA D 214 38.67 -38.06 -25.63
N ALA D 215 38.91 -36.94 -24.94
CA ALA D 215 40.25 -36.38 -24.84
C ALA D 215 41.22 -37.35 -24.18
N ALA D 216 40.70 -38.21 -23.31
CA ALA D 216 41.52 -39.22 -22.65
C ALA D 216 42.09 -40.21 -23.67
N PHE D 217 41.29 -40.52 -24.68
CA PHE D 217 41.70 -41.41 -25.76
C PHE D 217 42.03 -40.63 -27.04
N ALA D 218 42.48 -39.38 -26.87
CA ALA D 218 42.85 -38.53 -28.00
C ALA D 218 41.91 -38.69 -29.20
N VAL D 219 40.63 -38.37 -29.00
CA VAL D 219 39.67 -38.35 -30.10
C VAL D 219 39.41 -36.89 -30.49
N SER D 220 39.77 -36.53 -31.71
CA SER D 220 39.73 -35.14 -32.15
C SER D 220 38.32 -34.66 -32.47
N ARG D 221 38.15 -33.35 -32.45
CA ARG D 221 36.88 -32.71 -32.80
C ARG D 221 36.43 -33.14 -34.20
N LEU D 222 37.34 -33.01 -35.16
CA LEU D 222 37.09 -33.38 -36.54
C LEU D 222 36.64 -34.85 -36.67
N GLU D 223 37.27 -35.72 -35.88
CA GLU D 223 36.92 -37.14 -35.90
C GLU D 223 35.48 -37.38 -35.41
N GLN D 224 35.03 -36.56 -34.48
CA GLN D 224 33.71 -36.71 -33.89
C GLN D 224 32.61 -36.17 -34.80
N ASP D 225 32.71 -34.90 -35.18
CA ASP D 225 31.77 -34.31 -36.13
C ASP D 225 31.63 -35.23 -37.34
N GLU D 226 32.67 -36.01 -37.61
CA GLU D 226 32.67 -36.94 -38.74
C GLU D 226 31.71 -38.10 -38.53
N TYR D 227 31.96 -38.90 -37.49
CA TYR D 227 31.07 -40.01 -37.17
C TYR D 227 29.64 -39.50 -37.03
N ALA D 228 29.45 -38.53 -36.16
CA ALA D 228 28.15 -37.89 -35.99
C ALA D 228 27.41 -37.87 -37.32
N LEU D 229 28.06 -37.30 -38.34
CA LEU D 229 27.44 -37.10 -39.64
C LEU D 229 27.11 -38.42 -40.35
N ARG D 230 27.92 -39.45 -40.13
CA ARG D 230 27.61 -40.76 -40.68
C ARG D 230 26.24 -41.23 -40.21
N SER D 231 26.05 -41.26 -38.89
CA SER D 231 24.83 -41.79 -38.30
C SER D 231 23.58 -41.00 -38.68
N HIS D 232 23.71 -39.69 -38.87
CA HIS D 232 22.60 -38.85 -39.29
C HIS D 232 22.24 -39.12 -40.76
N SER D 233 23.26 -39.40 -41.55
CA SER D 233 23.08 -39.69 -42.98
C SER D 233 22.67 -41.15 -43.18
N LEU D 234 23.38 -42.03 -42.50
CA LEU D 234 23.16 -43.47 -42.61
C LEU D 234 21.81 -43.87 -42.01
N ALA D 235 21.26 -43.01 -41.16
CA ALA D 235 19.91 -43.19 -40.63
C ALA D 235 18.88 -42.69 -41.64
N LYS D 236 19.10 -41.47 -42.14
CA LYS D 236 18.20 -40.85 -43.13
C LYS D 236 18.08 -41.73 -44.37
N LYS D 237 19.19 -42.34 -44.76
CA LYS D 237 19.20 -43.32 -45.84
C LYS D 237 18.27 -44.46 -45.43
N ALA D 238 18.66 -45.20 -44.40
CA ALA D 238 17.88 -46.32 -43.92
C ALA D 238 16.39 -45.98 -43.77
N GLN D 239 16.10 -44.76 -43.34
CA GLN D 239 14.71 -44.33 -43.18
C GLN D 239 14.02 -44.31 -44.54
N ASP D 240 14.62 -43.61 -45.51
CA ASP D 240 14.07 -43.51 -46.85
C ASP D 240 13.87 -44.89 -47.50
N GLU D 241 14.86 -45.77 -47.30
CA GLU D 241 14.79 -47.15 -47.79
C GLU D 241 13.77 -47.96 -47.00
N GLY D 242 13.36 -47.43 -45.85
CA GLY D 242 12.31 -48.06 -45.05
C GLY D 242 12.83 -49.26 -44.30
N LEU D 243 14.12 -49.27 -44.00
CA LEU D 243 14.72 -50.36 -43.24
C LEU D 243 14.29 -50.29 -41.78
N LEU D 244 13.98 -49.09 -41.32
CA LEU D 244 13.46 -48.88 -39.97
C LEU D 244 12.08 -49.50 -39.87
N SER D 245 12.05 -50.82 -39.69
CA SER D 245 10.81 -51.57 -39.60
C SER D 245 10.27 -51.53 -38.17
N ASP D 246 11.17 -51.56 -37.20
CA ASP D 246 10.80 -51.57 -35.79
C ASP D 246 9.73 -50.51 -35.46
N VAL D 247 9.78 -49.37 -36.13
CA VAL D 247 8.88 -48.26 -35.82
C VAL D 247 7.44 -48.52 -36.26
N VAL D 248 6.53 -48.53 -35.29
CA VAL D 248 5.09 -48.53 -35.59
C VAL D 248 4.58 -47.09 -35.45
N PRO D 249 3.75 -46.64 -36.41
CA PRO D 249 3.23 -45.28 -36.29
C PRO D 249 2.34 -45.12 -35.06
N PHE D 250 2.08 -43.89 -34.65
CA PHE D 250 1.38 -43.63 -33.39
C PHE D 250 0.55 -42.35 -33.47
N LYS D 251 -0.74 -42.47 -33.19
CA LYS D 251 -1.67 -41.35 -33.26
C LYS D 251 -1.77 -40.65 -31.91
N VAL D 252 -1.17 -39.46 -31.83
CA VAL D 252 -1.21 -38.64 -30.63
C VAL D 252 -2.51 -37.85 -30.59
N PRO D 253 -3.17 -37.81 -29.41
CA PRO D 253 -4.45 -37.13 -29.33
C PRO D 253 -4.38 -35.70 -29.88
N GLY D 254 -3.33 -34.98 -29.51
CA GLY D 254 -3.17 -33.60 -29.96
C GLY D 254 -2.76 -33.52 -31.43
N LYS D 255 -1.54 -33.95 -31.71
CA LYS D 255 -0.97 -33.82 -33.04
C LYS D 255 -1.69 -34.71 -34.05
N ASP D 256 -1.45 -34.45 -35.33
CA ASP D 256 -2.03 -35.24 -36.41
C ASP D 256 -1.77 -36.72 -36.17
N THR D 257 -0.48 -37.09 -36.17
CA THR D 257 -0.05 -38.48 -36.07
C THR D 257 1.41 -38.53 -36.49
N VAL D 258 2.16 -39.50 -35.98
CA VAL D 258 3.60 -39.55 -36.26
C VAL D 258 4.05 -40.91 -36.75
N THR D 259 4.92 -40.89 -37.75
CA THR D 259 5.48 -42.10 -38.35
C THR D 259 6.99 -42.08 -38.29
N LYS D 260 7.59 -40.92 -38.57
CA LYS D 260 9.04 -40.79 -38.69
C LYS D 260 9.69 -40.24 -37.42
N ASP D 261 11.00 -40.39 -37.33
CA ASP D 261 11.77 -39.87 -36.20
C ASP D 261 12.11 -38.40 -36.43
N ASN D 262 12.67 -37.75 -35.40
CA ASN D 262 12.99 -36.32 -35.47
C ASN D 262 14.49 -36.03 -35.54
N GLY D 263 15.30 -36.95 -35.03
CA GLY D 263 16.75 -36.76 -34.96
C GLY D 263 17.47 -36.80 -36.30
N ILE D 264 16.77 -37.22 -37.34
CA ILE D 264 17.33 -37.23 -38.69
C ILE D 264 17.59 -35.81 -39.19
N ARG D 265 18.83 -35.36 -39.04
CA ARG D 265 19.21 -34.01 -39.46
C ARG D 265 20.70 -33.91 -39.74
N PRO D 266 21.17 -34.63 -40.78
CA PRO D 266 22.57 -34.56 -41.18
C PRO D 266 22.94 -33.18 -41.70
N SER D 267 24.17 -32.76 -41.45
CA SER D 267 24.67 -31.48 -41.92
C SER D 267 26.00 -31.68 -42.65
N SER D 268 26.58 -30.61 -43.16
CA SER D 268 27.90 -30.69 -43.76
C SER D 268 28.94 -30.77 -42.65
N LEU D 269 30.08 -31.41 -42.93
CA LEU D 269 31.15 -31.51 -41.95
C LEU D 269 31.74 -30.13 -41.68
N GLU D 270 31.65 -29.25 -42.68
CA GLU D 270 32.13 -27.88 -42.54
C GLU D 270 31.22 -27.08 -41.64
N GLN D 271 30.02 -27.60 -41.40
CA GLN D 271 29.02 -26.93 -40.55
C GLN D 271 29.11 -27.38 -39.10
N MET D 272 29.29 -28.69 -38.91
CA MET D 272 29.38 -29.29 -37.59
C MET D 272 30.65 -28.83 -36.86
N ALA D 273 31.59 -28.29 -37.63
CA ALA D 273 32.83 -27.75 -37.07
C ALA D 273 32.72 -26.26 -36.78
N LYS D 274 31.82 -25.57 -37.49
CA LYS D 274 31.56 -24.15 -37.23
C LYS D 274 30.90 -23.97 -35.87
N LEU D 275 30.58 -25.08 -35.22
CA LEU D 275 29.76 -25.09 -34.02
C LEU D 275 30.61 -25.03 -32.74
N LYS D 276 30.02 -24.50 -31.67
CA LYS D 276 30.72 -24.34 -30.39
C LYS D 276 30.62 -25.61 -29.54
N PRO D 277 31.50 -25.74 -28.53
CA PRO D 277 31.44 -26.91 -27.66
C PRO D 277 30.26 -26.77 -26.71
N ALA D 278 29.87 -27.88 -26.06
CA ALA D 278 28.63 -27.88 -25.29
C ALA D 278 28.73 -28.54 -23.91
N PHE D 279 29.94 -28.90 -23.48
CA PHE D 279 30.13 -29.48 -22.15
C PHE D 279 31.42 -29.02 -21.48
N ILE D 280 32.50 -28.98 -22.24
CA ILE D 280 33.73 -28.36 -21.78
C ILE D 280 34.04 -27.16 -22.68
N LYS D 281 33.73 -25.97 -22.20
CA LYS D 281 33.98 -24.75 -22.97
C LYS D 281 35.25 -24.08 -22.43
N PRO D 282 35.99 -23.38 -23.31
CA PRO D 282 35.74 -23.25 -24.74
C PRO D 282 36.58 -24.23 -25.58
N TYR D 283 37.47 -24.97 -24.92
CA TYR D 283 38.39 -25.87 -25.59
C TYR D 283 37.80 -27.28 -25.69
N GLY D 284 36.49 -27.35 -25.89
CA GLY D 284 35.77 -28.63 -25.90
C GLY D 284 35.75 -29.31 -27.24
N THR D 285 35.74 -30.64 -27.22
CA THR D 285 35.68 -31.44 -28.44
C THR D 285 34.22 -31.84 -28.71
N VAL D 286 33.43 -31.96 -27.66
CA VAL D 286 32.04 -32.40 -27.78
C VAL D 286 31.10 -31.22 -28.00
N THR D 287 30.28 -31.34 -29.04
CA THR D 287 29.31 -30.31 -29.39
C THR D 287 27.90 -30.85 -29.30
N ALA D 288 26.92 -29.98 -29.58
CA ALA D 288 25.53 -30.40 -29.65
C ALA D 288 25.31 -31.38 -30.80
N ALA D 289 25.97 -31.12 -31.92
CA ALA D 289 25.75 -31.88 -33.16
C ALA D 289 26.36 -33.28 -33.13
N ASN D 290 27.47 -33.44 -32.43
CA ASN D 290 28.10 -34.76 -32.30
C ASN D 290 27.70 -35.47 -31.00
N SER D 291 26.59 -35.01 -30.42
CA SER D 291 26.01 -35.63 -29.24
C SER D 291 24.63 -36.16 -29.59
N SER D 292 24.08 -37.01 -28.72
CA SER D 292 22.69 -37.42 -28.85
C SER D 292 21.83 -36.29 -28.29
N PHE D 293 20.56 -36.58 -28.00
CA PHE D 293 19.65 -35.52 -27.56
C PHE D 293 18.47 -36.06 -26.74
N LEU D 294 17.83 -35.16 -25.99
CA LEU D 294 16.66 -35.50 -25.19
C LEU D 294 15.58 -36.06 -26.11
N THR D 295 15.15 -37.29 -25.85
CA THR D 295 14.22 -37.97 -26.77
C THR D 295 13.11 -38.73 -26.07
N ASP D 296 11.87 -38.44 -26.48
CA ASP D 296 10.70 -39.14 -25.99
C ASP D 296 10.49 -40.39 -26.85
N GLY D 297 10.10 -41.49 -26.22
CA GLY D 297 9.91 -42.73 -26.96
C GLY D 297 9.58 -43.93 -26.11
N ALA D 298 9.21 -45.03 -26.77
CA ALA D 298 8.88 -46.27 -26.10
C ALA D 298 9.09 -47.44 -27.05
N SER D 299 9.47 -48.59 -26.48
CA SER D 299 9.76 -49.76 -27.27
C SER D 299 9.17 -51.01 -26.62
N ALA D 300 8.67 -51.93 -27.46
CA ALA D 300 8.14 -53.20 -26.99
C ALA D 300 8.70 -54.35 -27.82
N MET D 301 8.57 -55.57 -27.30
CA MET D 301 9.14 -56.74 -27.95
C MET D 301 8.49 -58.01 -27.40
N LEU D 302 8.13 -58.92 -28.30
CA LEU D 302 7.58 -60.20 -27.88
C LEU D 302 8.64 -61.29 -27.91
N ILE D 303 9.13 -61.64 -26.73
CA ILE D 303 10.12 -62.69 -26.58
C ILE D 303 9.46 -63.93 -26.00
N MET D 304 9.76 -65.09 -26.57
CA MET D 304 9.23 -66.36 -26.06
C MET D 304 10.10 -67.56 -26.44
N ALA D 305 9.94 -68.64 -25.67
CA ALA D 305 10.73 -69.85 -25.88
C ALA D 305 10.43 -70.47 -27.24
N GLU D 306 11.48 -70.94 -27.91
CA GLU D 306 11.38 -71.51 -29.25
C GLU D 306 10.24 -72.52 -29.40
N GLU D 307 10.21 -73.50 -28.50
CA GLU D 307 9.20 -74.57 -28.56
C GLU D 307 7.78 -74.02 -28.65
N LYS D 308 7.54 -72.90 -27.98
CA LYS D 308 6.24 -72.23 -28.03
C LYS D 308 6.09 -71.40 -29.30
N ALA D 309 7.11 -70.61 -29.63
CA ALA D 309 7.07 -69.70 -30.78
C ALA D 309 6.69 -70.42 -32.06
N LEU D 310 7.23 -71.63 -32.24
CA LEU D 310 6.91 -72.45 -33.40
C LEU D 310 5.54 -73.09 -33.24
N ALA D 311 5.27 -73.60 -32.04
CA ALA D 311 3.97 -74.20 -31.72
C ALA D 311 2.84 -73.18 -31.89
N MET D 312 3.12 -71.92 -31.56
CA MET D 312 2.18 -70.83 -31.77
C MET D 312 1.99 -70.58 -33.26
N GLY D 313 2.95 -71.07 -34.05
CA GLY D 313 2.91 -70.89 -35.50
C GLY D 313 3.53 -69.56 -35.89
N TYR D 314 4.64 -69.22 -35.24
CA TYR D 314 5.37 -67.99 -35.56
C TYR D 314 6.61 -68.31 -36.38
N LYS D 315 7.19 -67.27 -36.98
CA LYS D 315 8.43 -67.39 -37.72
C LYS D 315 9.48 -66.47 -37.11
N PRO D 316 10.07 -66.88 -35.97
CA PRO D 316 11.00 -66.08 -35.17
C PRO D 316 12.02 -65.30 -36.01
N LYS D 317 12.41 -64.12 -35.50
CA LYS D 317 13.33 -63.24 -36.22
C LYS D 317 14.77 -63.44 -35.80
N ALA D 318 14.98 -63.94 -34.58
CA ALA D 318 16.33 -64.24 -34.11
C ALA D 318 16.34 -64.98 -32.78
N TYR D 319 17.51 -65.52 -32.44
CA TYR D 319 17.74 -66.13 -31.14
C TYR D 319 18.33 -65.11 -30.17
N LEU D 320 17.80 -65.05 -28.96
CA LEU D 320 18.46 -64.28 -27.92
C LEU D 320 19.55 -65.15 -27.32
N ARG D 321 20.77 -64.97 -27.83
CA ARG D 321 21.90 -65.79 -27.40
C ARG D 321 22.50 -65.28 -26.10
N ASP D 322 23.82 -65.30 -25.99
CA ASP D 322 24.48 -64.92 -24.73
C ASP D 322 24.48 -63.42 -24.50
N PHE D 323 24.67 -63.01 -23.26
CA PHE D 323 24.69 -61.61 -22.87
C PHE D 323 25.50 -61.41 -21.59
N MET D 324 25.87 -60.16 -21.31
CA MET D 324 26.68 -59.86 -20.12
C MET D 324 26.53 -58.42 -19.63
N TYR D 325 26.36 -58.28 -18.31
CA TYR D 325 26.31 -56.97 -17.66
C TYR D 325 27.59 -56.69 -16.87
N VAL D 326 28.15 -55.50 -17.07
CA VAL D 326 29.41 -55.11 -16.42
C VAL D 326 29.28 -53.75 -15.75
N SER D 327 30.32 -53.35 -15.02
CA SER D 327 30.34 -52.05 -14.35
C SER D 327 31.75 -51.48 -14.19
N GLN D 328 31.85 -50.15 -14.24
CA GLN D 328 33.12 -49.46 -14.28
C GLN D 328 33.35 -48.70 -12.99
N ASP D 329 34.22 -47.69 -13.08
CA ASP D 329 34.32 -46.62 -12.08
C ASP D 329 33.76 -45.34 -12.70
N PRO D 330 32.57 -44.93 -12.26
CA PRO D 330 31.86 -43.78 -12.83
C PRO D 330 32.67 -42.48 -12.90
N LYS D 331 33.56 -42.27 -11.94
CA LYS D 331 34.31 -41.02 -11.88
C LYS D 331 35.07 -40.79 -13.18
N ASP D 332 35.96 -41.73 -13.52
CA ASP D 332 36.91 -41.52 -14.61
C ASP D 332 36.61 -42.32 -15.88
N GLN D 333 35.90 -43.44 -15.76
CA GLN D 333 35.58 -44.25 -16.93
C GLN D 333 34.19 -44.88 -16.83
N LEU D 334 33.14 -44.09 -17.00
CA LEU D 334 31.76 -44.59 -16.89
C LEU D 334 31.20 -45.04 -18.25
N LEU D 335 31.63 -44.37 -19.32
CA LEU D 335 31.10 -44.63 -20.65
C LEU D 335 31.87 -45.72 -21.41
N LEU D 336 32.71 -46.47 -20.70
CA LEU D 336 33.49 -47.55 -21.32
C LEU D 336 32.82 -48.90 -21.13
N GLY D 337 31.49 -48.89 -20.99
CA GLY D 337 30.72 -50.12 -20.82
C GLY D 337 31.08 -51.20 -21.83
N PRO D 338 30.89 -50.90 -23.13
CA PRO D 338 31.15 -51.85 -24.21
C PRO D 338 32.54 -52.47 -24.13
N THR D 339 33.56 -51.64 -24.07
CA THR D 339 34.94 -52.10 -24.04
C THR D 339 35.12 -53.23 -23.02
N TYR D 340 34.54 -53.07 -21.83
CA TYR D 340 34.63 -54.09 -20.77
C TYR D 340 33.61 -55.20 -20.98
N ALA D 341 32.50 -54.88 -21.64
CA ALA D 341 31.39 -55.81 -21.82
C ALA D 341 31.59 -56.73 -23.03
N THR D 342 31.93 -56.14 -24.17
CA THR D 342 32.07 -56.87 -25.42
C THR D 342 32.80 -58.21 -25.25
N PRO D 343 34.01 -58.21 -24.66
CA PRO D 343 34.76 -59.45 -24.44
C PRO D 343 34.05 -60.49 -23.56
N LYS D 344 33.75 -60.13 -22.32
CA LYS D 344 33.14 -61.04 -21.36
C LYS D 344 32.06 -61.92 -21.99
N VAL D 345 31.19 -61.31 -22.80
CA VAL D 345 30.12 -62.05 -23.47
C VAL D 345 30.64 -62.79 -24.69
N LEU D 346 31.48 -62.12 -25.48
CA LEU D 346 31.98 -62.67 -26.73
C LEU D 346 32.75 -63.97 -26.47
N GLU D 347 33.43 -64.04 -25.33
CA GLU D 347 34.18 -65.24 -24.98
C GLU D 347 33.29 -66.25 -24.25
N LYS D 348 32.38 -65.76 -23.42
CA LYS D 348 31.47 -66.63 -22.68
C LYS D 348 30.65 -67.47 -23.65
N ALA D 349 30.25 -66.85 -24.77
CA ALA D 349 29.56 -67.55 -25.84
C ALA D 349 30.55 -68.36 -26.67
N GLY D 350 31.77 -67.85 -26.80
CA GLY D 350 32.83 -68.55 -27.51
C GLY D 350 32.91 -68.18 -28.98
N LEU D 351 33.05 -66.89 -29.25
CA LEU D 351 33.22 -66.40 -30.62
C LEU D 351 34.31 -65.35 -30.59
N THR D 352 34.43 -64.56 -31.66
CA THR D 352 35.39 -63.46 -31.70
C THR D 352 34.89 -62.33 -32.59
N MET D 353 35.64 -61.24 -32.62
CA MET D 353 35.30 -60.07 -33.45
C MET D 353 35.01 -60.48 -34.89
N ASN D 354 35.58 -61.59 -35.31
CA ASN D 354 35.42 -62.08 -36.67
C ASN D 354 34.10 -62.82 -36.86
N ASP D 355 33.80 -63.73 -35.94
CA ASP D 355 32.54 -64.48 -36.00
C ASP D 355 31.35 -63.53 -36.10
N ILE D 356 31.55 -62.30 -35.64
CA ILE D 356 30.51 -61.28 -35.66
C ILE D 356 30.54 -60.50 -36.98
N ASP D 357 29.38 -60.34 -37.60
CA ASP D 357 29.28 -59.58 -38.86
C ASP D 357 28.26 -58.42 -38.77
N ALA D 358 27.77 -58.13 -37.58
CA ALA D 358 26.78 -57.06 -37.38
C ALA D 358 26.89 -56.45 -35.98
N PHE D 359 27.23 -55.16 -35.93
CA PHE D 359 27.38 -54.44 -34.66
C PHE D 359 26.38 -53.29 -34.49
N GLU D 360 25.43 -53.46 -33.58
CA GLU D 360 24.57 -52.36 -33.17
C GLU D 360 24.96 -51.93 -31.75
N PHE D 361 25.61 -50.77 -31.67
CA PHE D 361 26.01 -50.17 -30.39
C PHE D 361 25.16 -48.94 -30.07
N HIS D 362 25.11 -48.57 -28.79
CA HIS D 362 24.44 -47.36 -28.38
C HIS D 362 25.34 -46.16 -28.69
N GLU D 363 24.75 -45.12 -29.30
CA GLU D 363 25.49 -43.91 -29.65
C GLU D 363 25.16 -42.77 -28.69
N ALA D 364 25.76 -42.78 -27.50
CA ALA D 364 25.56 -41.72 -26.53
C ALA D 364 26.13 -40.41 -27.07
N PHE D 365 27.40 -40.45 -27.45
CA PHE D 365 28.09 -39.29 -28.03
C PHE D 365 29.10 -39.75 -29.06
N SER D 366 29.29 -38.96 -30.10
CA SER D 366 30.29 -39.29 -31.10
C SER D 366 31.58 -39.68 -30.39
N GLY D 367 32.05 -38.81 -29.52
CA GLY D 367 33.29 -39.03 -28.79
C GLY D 367 33.22 -40.20 -27.83
N GLN D 368 32.02 -40.72 -27.60
CA GLN D 368 31.85 -41.87 -26.70
C GLN D 368 32.28 -43.15 -27.37
N ILE D 369 31.82 -43.35 -28.61
CA ILE D 369 32.14 -44.54 -29.38
C ILE D 369 33.56 -44.49 -29.91
N LEU D 370 33.85 -43.48 -30.72
CA LEU D 370 35.18 -43.31 -31.31
C LEU D 370 36.27 -43.57 -30.27
N ALA D 371 35.99 -43.24 -29.01
CA ALA D 371 36.94 -43.44 -27.92
C ALA D 371 36.88 -44.87 -27.37
N ASN D 372 35.67 -45.40 -27.23
CA ASN D 372 35.51 -46.81 -26.86
C ASN D 372 36.30 -47.68 -27.84
N PHE D 373 36.10 -47.42 -29.13
CA PHE D 373 36.89 -48.03 -30.19
C PHE D 373 38.36 -48.04 -29.79
N LYS D 374 38.93 -46.84 -29.64
CA LYS D 374 40.33 -46.66 -29.32
C LYS D 374 40.76 -47.56 -28.17
N ALA D 375 39.90 -47.70 -27.16
CA ALA D 375 40.20 -48.49 -25.97
C ALA D 375 40.16 -50.00 -26.26
N MET D 376 39.24 -50.40 -27.13
CA MET D 376 39.12 -51.79 -27.53
C MET D 376 40.31 -52.19 -28.40
N ASP D 377 40.93 -51.20 -29.03
CA ASP D 377 42.01 -51.42 -29.99
C ASP D 377 43.40 -51.24 -29.35
N SER D 378 43.44 -50.98 -28.05
CA SER D 378 44.71 -50.78 -27.37
C SER D 378 45.10 -51.98 -26.53
N ASP D 379 46.21 -52.62 -26.89
CA ASP D 379 46.79 -53.69 -26.07
C ASP D 379 47.10 -53.14 -24.69
N TRP D 380 47.64 -51.93 -24.65
CA TRP D 380 47.99 -51.29 -23.39
C TRP D 380 46.79 -51.29 -22.45
N PHE D 381 45.75 -50.56 -22.84
CA PHE D 381 44.56 -50.45 -22.02
C PHE D 381 44.10 -51.84 -21.58
N ALA D 382 43.99 -52.74 -22.55
CA ALA D 382 43.59 -54.12 -22.28
C ALA D 382 44.44 -54.71 -21.17
N GLU D 383 45.76 -54.65 -21.33
CA GLU D 383 46.68 -55.19 -20.35
C GLU D 383 46.47 -54.52 -19.00
N ASN D 384 46.54 -53.20 -18.99
CA ASN D 384 46.56 -52.43 -17.75
C ASN D 384 45.25 -52.52 -16.95
N TYR D 385 44.15 -52.12 -17.58
CA TYR D 385 42.88 -51.97 -16.86
C TYR D 385 41.98 -53.20 -17.01
N MET D 386 41.71 -53.61 -18.24
CA MET D 386 40.85 -54.76 -18.49
C MET D 386 41.43 -56.04 -17.90
N GLY D 387 42.74 -56.01 -17.62
CA GLY D 387 43.41 -57.15 -16.99
C GLY D 387 43.36 -58.39 -17.87
N ARG D 388 43.89 -58.27 -19.08
CA ARG D 388 43.87 -59.36 -20.04
C ARG D 388 45.17 -59.45 -20.81
N LYS D 389 45.20 -60.31 -21.83
CA LYS D 389 46.41 -60.56 -22.62
C LYS D 389 46.62 -59.48 -23.68
N THR D 390 45.74 -59.45 -24.67
CA THR D 390 45.81 -58.49 -25.76
C THR D 390 44.50 -57.74 -25.91
N LYS D 391 44.49 -56.76 -26.80
CA LYS D 391 43.34 -55.87 -27.00
C LYS D 391 42.04 -56.62 -27.27
N VAL D 392 40.93 -55.90 -27.14
CA VAL D 392 39.61 -56.48 -27.40
C VAL D 392 39.39 -56.68 -28.89
N GLY D 393 39.79 -55.68 -29.67
CA GLY D 393 39.66 -55.75 -31.11
C GLY D 393 38.66 -54.73 -31.64
N LEU D 394 39.16 -53.76 -32.38
CA LEU D 394 38.33 -52.73 -32.98
C LEU D 394 37.33 -53.37 -33.94
N PRO D 395 36.03 -53.27 -33.63
CA PRO D 395 35.02 -53.80 -34.55
C PRO D 395 35.02 -53.07 -35.88
N PRO D 396 34.95 -53.82 -36.99
CA PRO D 396 34.99 -53.23 -38.32
C PRO D 396 34.02 -52.06 -38.42
N LEU D 397 34.57 -50.85 -38.56
CA LEU D 397 33.78 -49.63 -38.61
C LEU D 397 32.80 -49.66 -39.79
N GLU D 398 32.79 -50.77 -40.52
CA GLU D 398 31.94 -50.93 -41.69
C GLU D 398 30.71 -51.79 -41.36
N LYS D 399 30.84 -52.64 -40.34
CA LYS D 399 29.72 -53.48 -39.90
C LYS D 399 29.07 -52.87 -38.66
N PHE D 400 29.23 -51.57 -38.50
CA PHE D 400 28.89 -50.90 -37.25
C PHE D 400 27.78 -49.86 -37.44
N ASN D 401 26.67 -50.04 -36.71
CA ASN D 401 25.54 -49.12 -36.79
C ASN D 401 25.24 -48.74 -38.23
N ASN D 402 24.82 -49.72 -39.01
CA ASN D 402 24.61 -49.55 -40.44
C ASN D 402 23.29 -48.86 -40.79
N TRP D 403 22.29 -49.00 -39.94
CA TRP D 403 21.03 -48.28 -40.12
C TRP D 403 20.95 -47.15 -39.11
N GLY D 404 22.05 -46.42 -38.96
CA GLY D 404 22.13 -45.32 -38.01
C GLY D 404 22.10 -45.80 -36.57
N GLY D 405 22.23 -44.85 -35.63
CA GLY D 405 22.19 -45.17 -34.21
C GLY D 405 21.52 -44.10 -33.34
N SER D 406 21.79 -44.17 -32.04
CA SER D 406 21.12 -43.32 -31.05
C SER D 406 21.37 -41.83 -31.26
N LEU D 407 22.55 -41.50 -31.78
CA LEU D 407 22.95 -40.10 -31.96
C LEU D 407 22.05 -39.41 -32.99
N SER D 408 21.51 -40.21 -33.92
CA SER D 408 20.70 -39.70 -35.01
C SER D 408 19.21 -39.96 -34.81
N LEU D 409 18.88 -41.16 -34.37
CA LEU D 409 17.48 -41.53 -34.14
C LEU D 409 17.00 -40.92 -32.84
N GLY D 410 17.70 -41.24 -31.76
CA GLY D 410 17.36 -40.74 -30.45
C GLY D 410 17.70 -41.73 -29.35
N HIS D 411 17.80 -41.24 -28.12
CA HIS D 411 18.12 -42.07 -26.97
C HIS D 411 17.15 -41.86 -25.81
N PRO D 412 15.93 -42.42 -25.92
CA PRO D 412 15.06 -42.43 -24.76
C PRO D 412 15.53 -43.46 -23.74
N PHE D 413 16.13 -42.98 -22.65
CA PHE D 413 16.62 -43.82 -21.57
C PHE D 413 15.68 -45.00 -21.29
N GLY D 414 16.21 -46.22 -21.36
CA GLY D 414 15.43 -47.40 -21.00
C GLY D 414 14.33 -47.73 -21.99
N ALA D 415 14.39 -47.14 -23.17
CA ALA D 415 13.54 -47.52 -24.29
C ALA D 415 14.42 -47.77 -25.50
N THR D 416 15.69 -47.38 -25.40
CA THR D 416 16.63 -47.48 -26.49
C THR D 416 17.28 -48.86 -26.51
N GLY D 417 17.37 -49.49 -25.35
CA GLY D 417 17.98 -50.82 -25.22
C GLY D 417 17.37 -51.86 -26.15
N CYS D 418 16.07 -51.74 -26.41
CA CYS D 418 15.38 -52.67 -27.29
C CYS D 418 15.61 -52.35 -28.77
N ARG D 419 15.43 -51.08 -29.15
CA ARG D 419 15.60 -50.66 -30.53
C ARG D 419 16.92 -51.19 -31.13
N LEU D 420 17.90 -51.42 -30.26
CA LEU D 420 19.20 -51.93 -30.69
C LEU D 420 19.11 -53.40 -31.10
N VAL D 421 18.89 -54.29 -30.13
CA VAL D 421 18.75 -55.72 -30.41
C VAL D 421 17.73 -55.97 -31.53
N MET D 422 16.69 -55.14 -31.56
CA MET D 422 15.65 -55.30 -32.56
C MET D 422 16.17 -54.94 -33.95
N ALA D 423 16.92 -53.84 -34.04
CA ALA D 423 17.52 -53.42 -35.30
C ALA D 423 18.85 -54.13 -35.55
N ALA D 424 19.13 -55.17 -34.76
CA ALA D 424 20.29 -56.02 -34.97
C ALA D 424 19.86 -57.27 -35.72
N ALA D 425 18.94 -58.02 -35.12
CA ALA D 425 18.35 -59.18 -35.78
C ALA D 425 17.69 -58.76 -37.09
N ASN D 426 17.24 -57.50 -37.12
CA ASN D 426 16.60 -56.95 -38.31
C ASN D 426 17.62 -56.77 -39.43
N ARG D 427 18.84 -56.39 -39.08
CA ARG D 427 19.92 -56.25 -40.06
C ARG D 427 20.41 -57.61 -40.54
N LEU D 428 20.51 -58.57 -39.63
CA LEU D 428 20.99 -59.91 -39.97
C LEU D 428 20.11 -60.58 -41.03
N ARG D 429 18.82 -60.25 -41.04
CA ARG D 429 17.92 -60.75 -42.08
C ARG D 429 18.12 -59.97 -43.38
N LYS D 430 17.77 -58.68 -43.37
CA LYS D 430 17.71 -57.88 -44.59
C LYS D 430 19.07 -57.56 -45.21
N GLU D 431 20.15 -57.71 -44.44
CA GLU D 431 21.50 -57.56 -44.98
C GLU D 431 22.22 -58.90 -45.06
N GLY D 432 21.78 -59.86 -44.27
CA GLY D 432 22.41 -61.18 -44.23
C GLY D 432 23.45 -61.28 -43.13
N GLY D 433 23.64 -62.49 -42.61
CA GLY D 433 24.59 -62.73 -41.53
C GLY D 433 23.97 -63.63 -40.48
N GLN D 434 24.78 -64.09 -39.52
CA GLN D 434 24.27 -64.97 -38.47
C GLN D 434 24.44 -64.38 -37.08
N TYR D 435 25.61 -63.84 -36.80
CA TYR D 435 25.91 -63.36 -35.46
C TYR D 435 25.99 -61.83 -35.38
N GLY D 436 25.19 -61.26 -34.48
CA GLY D 436 25.21 -59.82 -34.21
C GLY D 436 25.55 -59.53 -32.76
N LEU D 437 26.41 -58.52 -32.56
CA LEU D 437 26.77 -58.08 -31.22
C LEU D 437 26.16 -56.71 -30.94
N VAL D 438 25.30 -56.65 -29.92
CA VAL D 438 24.71 -55.41 -29.47
C VAL D 438 25.27 -55.06 -28.08
N ALA D 439 25.78 -53.85 -27.93
CA ALA D 439 26.33 -53.42 -26.66
C ALA D 439 26.02 -51.95 -26.44
N ALA D 440 26.09 -51.51 -25.18
CA ALA D 440 25.74 -50.14 -24.84
C ALA D 440 26.40 -49.66 -23.56
N CYS D 441 26.85 -48.41 -23.57
CA CYS D 441 27.35 -47.76 -22.37
C CYS D 441 26.16 -47.18 -21.62
N ALA D 442 26.24 -47.15 -20.29
CA ALA D 442 25.14 -46.65 -19.48
C ALA D 442 25.64 -45.77 -18.33
N ALA D 443 24.82 -44.81 -17.95
CA ALA D 443 25.08 -44.04 -16.74
C ALA D 443 25.02 -44.99 -15.55
N GLY D 444 25.57 -44.56 -14.43
CA GLY D 444 25.77 -45.45 -13.28
C GLY D 444 27.11 -46.13 -13.39
N GLY D 445 27.87 -45.76 -14.42
CA GLY D 445 29.13 -46.41 -14.72
C GLY D 445 28.91 -47.88 -15.00
N GLN D 446 28.04 -48.17 -15.96
CA GLN D 446 27.68 -49.55 -16.28
C GLN D 446 27.57 -49.78 -17.78
N GLY D 447 27.47 -51.04 -18.17
CA GLY D 447 27.41 -51.41 -19.58
C GLY D 447 26.77 -52.77 -19.80
N HIS D 448 26.44 -53.06 -21.05
CA HIS D 448 25.80 -54.32 -21.40
C HIS D 448 26.07 -54.72 -22.84
N ALA D 449 26.30 -56.02 -23.05
CA ALA D 449 26.51 -56.55 -24.38
C ALA D 449 25.75 -57.87 -24.53
N MET D 450 25.22 -58.10 -25.73
CA MET D 450 24.45 -59.31 -26.02
C MET D 450 24.73 -59.85 -27.42
N ILE D 451 24.70 -61.17 -27.56
CA ILE D 451 24.90 -61.83 -28.85
C ILE D 451 23.55 -62.21 -29.44
N VAL D 452 23.29 -61.75 -30.66
CA VAL D 452 22.06 -62.09 -31.37
C VAL D 452 22.36 -63.06 -32.52
N GLU D 453 21.77 -64.25 -32.45
CA GLU D 453 21.94 -65.25 -33.50
C GLU D 453 20.71 -65.27 -34.40
N ALA D 454 20.92 -65.03 -35.70
CA ALA D 454 19.84 -64.98 -36.67
C ALA D 454 19.06 -66.30 -36.70
N TYR D 455 17.92 -66.29 -37.38
CA TYR D 455 17.04 -67.45 -37.42
C TYR D 455 16.77 -67.88 -38.86
N PRO D 456 16.71 -69.20 -39.10
CA PRO D 456 16.46 -69.66 -40.46
C PRO D 456 15.00 -69.46 -40.85
N THR E 25 -25.53 32.03 -81.08
CA THR E 25 -25.85 30.82 -80.26
C THR E 25 -26.02 31.20 -78.80
N LYS E 26 -25.06 31.96 -78.27
CA LYS E 26 -25.10 32.38 -76.87
C LYS E 26 -24.51 33.78 -76.71
N LYS E 27 -25.15 34.62 -75.87
CA LYS E 27 -24.66 35.98 -75.61
C LYS E 27 -23.31 35.96 -74.87
N THR E 28 -22.24 36.37 -75.56
CA THR E 28 -20.88 36.22 -75.04
C THR E 28 -20.07 37.50 -75.08
N LEU E 29 -19.38 37.80 -73.97
CA LEU E 29 -18.58 39.01 -73.82
C LEU E 29 -18.14 39.19 -72.35
N ALA E 30 -17.58 40.36 -72.06
CA ALA E 30 -17.30 40.77 -70.68
C ALA E 30 -17.38 42.29 -70.61
N LYS E 31 -17.31 42.83 -69.40
CA LYS E 31 -17.57 44.27 -69.20
C LYS E 31 -16.42 45.16 -69.70
N PRO E 32 -16.74 46.44 -70.02
CA PRO E 32 -15.86 47.31 -70.79
C PRO E 32 -14.93 48.21 -69.96
N ASN E 33 -15.49 49.23 -69.31
CA ASN E 33 -14.66 50.20 -68.60
C ASN E 33 -13.98 49.63 -67.35
N ILE E 34 -14.56 48.57 -66.79
CA ILE E 34 -13.92 47.86 -65.68
C ILE E 34 -12.83 46.94 -66.20
N ARG E 35 -11.64 47.02 -65.62
CA ARG E 35 -10.47 46.29 -66.11
C ARG E 35 -10.63 44.79 -65.94
N ASN E 36 -10.15 44.03 -66.92
CA ASN E 36 -10.31 42.59 -66.93
C ASN E 36 -9.24 41.86 -66.13
N VAL E 37 -9.63 40.76 -65.49
CA VAL E 37 -8.77 40.03 -64.58
C VAL E 37 -8.77 38.55 -64.93
N VAL E 38 -7.58 37.95 -64.94
CA VAL E 38 -7.41 36.57 -65.40
C VAL E 38 -6.65 35.71 -64.41
N VAL E 39 -6.79 34.40 -64.57
CA VAL E 39 -6.00 33.44 -63.79
C VAL E 39 -4.87 32.91 -64.66
N VAL E 40 -3.64 33.28 -64.30
CA VAL E 40 -2.46 32.87 -65.06
C VAL E 40 -2.27 31.38 -64.97
N ASP E 41 -2.21 30.86 -63.74
CA ASP E 41 -2.22 29.43 -63.52
C ASP E 41 -2.61 29.18 -62.07
N GLY E 42 -3.12 27.97 -61.81
CA GLY E 42 -3.47 27.55 -60.45
C GLY E 42 -2.84 26.22 -60.11
N VAL E 43 -2.94 25.85 -58.84
CA VAL E 43 -2.30 24.62 -58.38
C VAL E 43 -2.99 24.14 -57.11
N ARG E 44 -2.60 22.95 -56.65
CA ARG E 44 -3.10 22.41 -55.38
C ARG E 44 -2.28 21.19 -54.98
N THR E 45 -2.14 20.98 -53.68
CA THR E 45 -1.47 19.78 -53.19
C THR E 45 -2.42 18.61 -53.33
N PRO E 46 -1.89 17.39 -53.38
CA PRO E 46 -2.81 16.27 -53.48
C PRO E 46 -3.74 16.25 -52.29
N PHE E 47 -5.02 16.03 -52.53
CA PHE E 47 -6.04 16.07 -51.48
C PHE E 47 -6.19 14.71 -50.82
N LEU E 48 -5.58 14.57 -49.65
CA LEU E 48 -5.48 13.28 -48.97
C LEU E 48 -6.55 13.11 -47.90
N LEU E 49 -6.78 11.86 -47.51
CA LEU E 49 -7.76 11.56 -46.49
C LEU E 49 -7.16 11.89 -45.14
N SER E 50 -7.83 12.79 -44.41
CA SER E 50 -7.35 13.26 -43.12
C SER E 50 -6.86 12.13 -42.22
N GLY E 51 -5.67 12.32 -41.65
CA GLY E 51 -5.06 11.31 -40.81
C GLY E 51 -4.25 10.30 -41.61
N THR E 52 -4.11 10.56 -42.91
CA THR E 52 -3.40 9.63 -43.78
C THR E 52 -1.88 9.86 -43.77
N SER E 53 -1.43 10.93 -44.43
CA SER E 53 0.00 11.14 -44.64
C SER E 53 0.42 12.59 -44.47
N TYR E 54 -0.55 13.47 -44.27
CA TYR E 54 -0.25 14.83 -43.84
C TYR E 54 -0.44 14.90 -42.32
N LYS E 55 -0.80 13.76 -41.74
CA LYS E 55 -1.05 13.64 -40.31
C LYS E 55 -0.12 14.50 -39.47
N ASP E 56 1.18 14.37 -39.67
CA ASP E 56 2.16 15.06 -38.82
C ASP E 56 2.65 16.37 -39.44
N LEU E 57 1.72 17.13 -39.98
CA LEU E 57 2.03 18.45 -40.54
C LEU E 57 1.14 19.49 -39.90
N MET E 58 1.51 20.76 -40.04
CA MET E 58 0.67 21.85 -39.59
C MET E 58 0.04 22.49 -40.80
N PRO E 59 -1.12 23.14 -40.61
CA PRO E 59 -1.83 23.65 -41.79
C PRO E 59 -0.94 24.54 -42.64
N HIS E 60 -0.26 25.49 -42.01
CA HIS E 60 0.58 26.43 -42.75
C HIS E 60 1.68 25.70 -43.52
N ASP E 61 2.05 24.50 -43.06
CA ASP E 61 3.02 23.70 -43.78
C ASP E 61 2.49 23.36 -45.17
N LEU E 62 1.22 22.98 -45.25
CA LEU E 62 0.59 22.64 -46.53
C LEU E 62 0.42 23.88 -47.39
N ALA E 63 0.04 24.98 -46.77
CA ALA E 63 -0.05 26.26 -47.45
C ALA E 63 1.30 26.58 -48.09
N ARG E 64 2.37 26.43 -47.32
CA ARG E 64 3.72 26.65 -47.81
C ARG E 64 3.97 25.85 -49.08
N ALA E 65 3.59 24.58 -49.05
CA ALA E 65 3.82 23.69 -50.18
C ALA E 65 3.05 24.16 -51.41
N ALA E 66 1.75 24.42 -51.24
CA ALA E 66 0.96 24.91 -52.33
C ALA E 66 1.60 26.16 -52.94
N LEU E 67 1.99 27.10 -52.08
CA LEU E 67 2.57 28.36 -52.53
C LEU E 67 3.89 28.15 -53.27
N THR E 68 4.64 27.12 -52.88
CA THR E 68 5.91 26.81 -53.54
C THR E 68 5.67 26.14 -54.89
N GLY E 69 4.67 25.26 -54.93
CA GLY E 69 4.28 24.61 -56.17
C GLY E 69 3.83 25.62 -57.20
N LEU E 70 3.08 26.64 -56.75
CA LEU E 70 2.66 27.72 -57.61
C LEU E 70 3.87 28.53 -58.04
N LEU E 71 4.62 29.00 -57.05
CA LEU E 71 5.79 29.83 -57.31
C LEU E 71 6.76 29.13 -58.26
N HIS E 72 6.88 27.82 -58.14
CA HIS E 72 7.76 27.05 -59.03
C HIS E 72 7.16 26.94 -60.43
N ARG E 73 5.98 26.32 -60.50
CA ARG E 73 5.33 26.11 -61.79
C ARG E 73 5.14 27.41 -62.54
N THR E 74 4.61 28.42 -61.85
CA THR E 74 4.23 29.67 -62.47
C THR E 74 5.45 30.53 -62.79
N SER E 75 6.55 30.26 -62.10
CA SER E 75 7.79 31.00 -62.35
C SER E 75 7.59 32.50 -62.22
N VAL E 76 6.61 32.91 -61.41
CA VAL E 76 6.40 34.31 -61.07
C VAL E 76 7.62 34.87 -60.37
N PRO E 77 7.95 36.14 -60.62
CA PRO E 77 9.01 36.70 -59.81
C PRO E 77 8.48 37.01 -58.42
N LYS E 78 9.29 36.73 -57.41
CA LYS E 78 8.90 36.96 -56.02
C LYS E 78 8.58 38.43 -55.80
N GLU E 79 9.14 39.28 -56.67
CA GLU E 79 9.07 40.73 -56.50
C GLU E 79 7.71 41.33 -56.82
N VAL E 80 7.08 40.89 -57.92
CA VAL E 80 5.88 41.56 -58.43
C VAL E 80 4.58 41.13 -57.76
N VAL E 81 4.63 40.13 -56.88
CA VAL E 81 3.44 39.69 -56.16
C VAL E 81 3.02 40.79 -55.18
N ASP E 82 1.89 41.43 -55.48
CA ASP E 82 1.47 42.61 -54.72
C ASP E 82 0.70 42.28 -53.44
N TYR E 83 -0.01 41.15 -53.43
CA TYR E 83 -0.81 40.77 -52.27
C TYR E 83 -1.22 39.30 -52.28
N ILE E 84 -1.03 38.64 -51.14
CA ILE E 84 -1.43 37.24 -50.99
C ILE E 84 -2.61 37.17 -50.04
N ILE E 85 -3.45 36.16 -50.20
CA ILE E 85 -4.60 35.97 -49.32
C ILE E 85 -5.15 34.53 -49.38
N PHE E 86 -5.17 33.87 -48.23
CA PHE E 86 -5.48 32.45 -48.13
C PHE E 86 -6.71 32.20 -47.26
N GLY E 87 -7.45 31.15 -47.57
CA GLY E 87 -8.62 30.78 -46.80
C GLY E 87 -8.39 29.54 -45.97
N THR E 88 -9.08 29.46 -44.83
CA THR E 88 -9.02 28.29 -43.95
C THR E 88 -10.09 28.43 -42.87
N VAL E 89 -10.55 27.31 -42.32
CA VAL E 89 -11.63 27.37 -41.32
C VAL E 89 -11.18 27.03 -39.91
N ILE E 90 -10.41 25.97 -39.73
CA ILE E 90 -9.93 25.59 -38.40
C ILE E 90 -8.53 26.15 -38.21
N GLN E 91 -8.37 27.01 -37.20
CA GLN E 91 -7.16 27.81 -37.05
C GLN E 91 -6.08 27.08 -36.27
N GLU E 92 -4.83 27.21 -36.73
CA GLU E 92 -3.69 26.82 -35.90
C GLU E 92 -3.29 28.06 -35.12
N VAL E 93 -3.66 28.08 -33.84
CA VAL E 93 -3.48 29.26 -33.00
C VAL E 93 -2.07 29.81 -33.08
N LYS E 94 -1.09 28.95 -33.36
CA LYS E 94 0.29 29.39 -33.48
C LYS E 94 0.51 30.18 -34.77
N THR E 95 -0.28 29.88 -35.79
CA THR E 95 -0.23 30.61 -37.05
C THR E 95 -1.59 31.25 -37.33
N SER E 96 -1.94 32.24 -36.53
CA SER E 96 -3.24 32.90 -36.70
C SER E 96 -3.46 33.26 -38.16
N ASN E 97 -2.58 34.13 -38.66
CA ASN E 97 -2.60 34.56 -40.06
C ASN E 97 -1.87 33.55 -40.95
N VAL E 98 -2.54 32.43 -41.20
CA VAL E 98 -1.94 31.29 -41.90
C VAL E 98 -1.24 31.67 -43.20
N ALA E 99 -1.87 32.55 -43.97
CA ALA E 99 -1.31 33.01 -45.23
C ALA E 99 0.06 33.65 -45.03
N ARG E 100 0.11 34.63 -44.13
CA ARG E 100 1.32 35.44 -43.91
C ARG E 100 2.53 34.61 -43.49
N GLU E 101 2.30 33.55 -42.71
CA GLU E 101 3.40 32.72 -42.22
C GLU E 101 3.82 31.67 -43.25
N ALA E 102 2.86 31.24 -44.07
CA ALA E 102 3.14 30.35 -45.19
C ALA E 102 3.79 31.12 -46.33
N ALA E 103 3.45 32.41 -46.44
CA ALA E 103 3.95 33.26 -47.51
C ALA E 103 5.43 33.57 -47.36
N LEU E 104 5.91 33.57 -46.12
CA LEU E 104 7.32 33.85 -45.86
C LEU E 104 8.15 32.60 -46.12
N GLY E 105 7.72 31.48 -45.54
CA GLY E 105 8.40 30.21 -45.73
C GLY E 105 8.53 29.83 -47.19
N ALA E 106 7.47 30.06 -47.95
CA ALA E 106 7.44 29.70 -49.38
C ALA E 106 8.57 30.38 -50.14
N GLY E 107 8.72 31.67 -49.94
CA GLY E 107 9.74 32.44 -50.64
C GLY E 107 9.31 33.85 -51.02
N PHE E 108 8.00 34.08 -51.11
CA PHE E 108 7.49 35.40 -51.50
C PHE E 108 8.01 36.51 -50.58
N SER E 109 7.97 37.73 -51.09
CA SER E 109 8.69 38.84 -50.49
C SER E 109 8.24 39.21 -49.07
N ASP E 110 9.13 39.90 -48.36
CA ASP E 110 8.80 40.56 -47.10
C ASP E 110 7.72 41.59 -47.38
N LYS E 111 7.94 42.39 -48.44
CA LYS E 111 7.01 43.45 -48.82
C LYS E 111 5.60 42.92 -49.04
N THR E 112 5.51 41.76 -49.68
CA THR E 112 4.23 41.20 -50.10
C THR E 112 3.37 40.88 -48.89
N PRO E 113 2.42 41.76 -48.56
CA PRO E 113 1.58 41.57 -47.40
C PRO E 113 0.46 40.57 -47.68
N ALA E 114 -0.04 39.94 -46.62
CA ALA E 114 -1.05 38.90 -46.77
C ALA E 114 -1.96 38.83 -45.56
N HIS E 115 -3.21 38.44 -45.79
CA HIS E 115 -4.14 38.22 -44.70
C HIS E 115 -4.94 36.94 -44.92
N THR E 116 -5.35 36.32 -43.83
CA THR E 116 -6.11 35.09 -43.90
C THR E 116 -7.60 35.42 -43.85
N VAL E 117 -8.40 34.59 -44.51
CA VAL E 117 -9.84 34.83 -44.58
C VAL E 117 -10.58 33.54 -44.29
N THR E 118 -11.70 33.65 -43.56
CA THR E 118 -12.45 32.48 -43.12
C THR E 118 -13.92 32.63 -43.46
N MET E 119 -14.43 31.71 -44.29
CA MET E 119 -15.85 31.71 -44.65
C MET E 119 -16.36 30.30 -44.95
N ALA E 120 -16.10 29.37 -44.04
CA ALA E 120 -16.55 27.98 -44.19
C ALA E 120 -16.01 27.34 -45.48
N CYS E 121 -16.74 26.38 -46.03
CA CYS E 121 -16.32 25.66 -47.24
C CYS E 121 -15.82 26.59 -48.36
N ILE E 122 -16.43 27.76 -48.46
CA ILE E 122 -16.10 28.69 -49.52
C ILE E 122 -15.05 29.73 -49.10
N SER E 123 -14.24 29.40 -48.10
CA SER E 123 -13.22 30.32 -47.61
C SER E 123 -12.16 30.57 -48.69
N ALA E 124 -11.87 29.53 -49.46
CA ALA E 124 -10.89 29.65 -50.55
C ALA E 124 -11.45 30.51 -51.68
N ASN E 125 -12.77 30.53 -51.81
CA ASN E 125 -13.43 31.39 -52.77
C ASN E 125 -13.30 32.85 -52.37
N GLN E 126 -13.64 33.14 -51.12
CA GLN E 126 -13.54 34.49 -50.61
C GLN E 126 -12.12 35.02 -50.79
N ALA E 127 -11.15 34.10 -50.79
CA ALA E 127 -9.74 34.47 -50.95
C ALA E 127 -9.45 35.03 -52.33
N MET E 128 -10.12 34.47 -53.34
CA MET E 128 -9.98 34.94 -54.71
C MET E 128 -10.79 36.22 -54.93
N THR E 129 -12.03 36.21 -54.44
CA THR E 129 -12.89 37.39 -54.50
C THR E 129 -12.20 38.56 -53.83
N THR E 130 -11.91 38.42 -52.55
CA THR E 130 -11.26 39.49 -51.78
C THR E 130 -10.04 40.00 -52.56
N GLY E 131 -9.38 39.10 -53.27
CA GLY E 131 -8.22 39.46 -54.08
C GLY E 131 -8.61 40.18 -55.36
N VAL E 132 -9.49 39.55 -56.14
CA VAL E 132 -10.05 40.17 -57.34
C VAL E 132 -10.54 41.58 -57.04
N GLY E 133 -11.25 41.74 -55.94
CA GLY E 133 -11.71 43.04 -55.52
C GLY E 133 -10.59 44.05 -55.57
N LEU E 134 -9.42 43.68 -55.05
CA LEU E 134 -8.31 44.62 -54.94
C LEU E 134 -7.66 44.95 -56.28
N ILE E 135 -7.92 44.12 -57.29
CA ILE E 135 -7.41 44.35 -58.63
C ILE E 135 -8.30 45.35 -59.37
N ALA E 136 -9.57 45.03 -59.52
CA ALA E 136 -10.53 45.92 -60.19
C ALA E 136 -10.61 47.26 -59.46
N SER E 137 -10.42 47.23 -58.15
CA SER E 137 -10.29 48.45 -57.37
C SER E 137 -9.17 49.31 -57.95
N GLY E 138 -8.10 48.64 -58.38
CA GLY E 138 -6.92 49.33 -58.87
C GLY E 138 -5.82 49.34 -57.82
N GLN E 139 -6.14 48.79 -56.65
CA GLN E 139 -5.20 48.78 -55.53
C GLN E 139 -3.95 47.95 -55.85
N CYS E 140 -4.09 46.97 -56.72
CA CYS E 140 -2.94 46.18 -57.14
C CYS E 140 -3.20 45.38 -58.41
N ASP E 141 -2.12 44.94 -59.05
CA ASP E 141 -2.21 44.23 -60.32
C ASP E 141 -2.12 42.73 -60.13
N VAL E 142 -1.17 42.29 -59.31
CA VAL E 142 -0.89 40.87 -59.14
C VAL E 142 -1.13 40.37 -57.72
N ILE E 143 -2.01 39.38 -57.58
CA ILE E 143 -2.30 38.79 -56.27
C ILE E 143 -2.35 37.28 -56.32
N VAL E 144 -1.93 36.63 -55.23
CA VAL E 144 -1.99 35.18 -55.13
C VAL E 144 -3.07 34.78 -54.15
N ALA E 145 -4.08 34.08 -54.64
CA ALA E 145 -5.12 33.56 -53.77
C ALA E 145 -4.89 32.07 -53.54
N GLY E 146 -5.75 31.47 -52.71
CA GLY E 146 -5.63 30.07 -52.40
C GLY E 146 -6.23 29.77 -51.04
N GLY E 147 -5.82 28.65 -50.44
CA GLY E 147 -6.37 28.23 -49.18
C GLY E 147 -5.79 26.92 -48.73
N VAL E 148 -6.08 26.55 -47.48
CA VAL E 148 -5.45 25.41 -46.85
C VAL E 148 -6.33 24.89 -45.74
N GLU E 149 -6.19 23.61 -45.44
CA GLU E 149 -6.94 22.99 -44.37
C GLU E 149 -6.32 21.66 -44.01
N LEU E 150 -6.25 21.37 -42.71
CA LEU E 150 -5.63 20.16 -42.25
C LEU E 150 -6.48 19.57 -41.14
N MET E 151 -7.36 18.66 -41.50
CA MET E 151 -8.25 18.03 -40.53
C MET E 151 -7.51 16.97 -39.71
N SER E 152 -7.07 17.39 -38.52
CA SER E 152 -6.52 16.52 -37.50
C SER E 152 -6.77 17.26 -36.19
N ASP E 153 -8.05 17.51 -35.95
CA ASP E 153 -8.57 18.45 -34.95
C ASP E 153 -7.64 18.88 -33.82
N VAL E 154 -7.97 20.02 -33.23
CA VAL E 154 -7.28 20.55 -32.06
C VAL E 154 -8.31 21.03 -31.04
N PRO E 155 -8.40 20.33 -29.89
CA PRO E 155 -9.30 20.59 -28.77
C PRO E 155 -8.64 21.44 -27.68
N ILE E 156 -9.42 21.80 -26.65
CA ILE E 156 -8.90 22.63 -25.55
C ILE E 156 -9.57 22.29 -24.22
N ARG E 157 -8.95 22.71 -23.13
CA ARG E 157 -9.56 22.59 -21.81
C ARG E 157 -10.25 23.91 -21.47
N HIS E 158 -11.50 23.84 -21.05
CA HIS E 158 -12.32 25.04 -20.85
C HIS E 158 -12.21 25.62 -19.44
N SER E 159 -11.95 24.76 -18.45
CA SER E 159 -11.87 25.18 -17.06
C SER E 159 -10.47 25.01 -16.46
N ARG E 160 -9.75 23.97 -16.87
CA ARG E 160 -8.41 23.71 -16.38
C ARG E 160 -7.38 24.73 -16.92
N LYS E 161 -7.79 25.52 -17.90
CA LYS E 161 -6.94 26.55 -18.49
C LYS E 161 -7.21 27.92 -17.85
N MET E 162 -8.39 28.09 -17.29
CA MET E 162 -8.74 29.29 -16.55
C MET E 162 -8.15 29.21 -15.14
N ARG E 163 -8.13 28.00 -14.59
CA ARG E 163 -7.50 27.75 -13.29
C ARG E 163 -5.98 27.75 -13.42
N LYS E 164 -5.49 27.49 -14.63
CA LYS E 164 -4.06 27.49 -14.90
C LYS E 164 -3.63 28.85 -15.44
N SER E 174 4.14 29.87 2.36
CA SER E 174 2.71 29.62 2.18
C SER E 174 1.95 30.89 1.78
N MET E 175 2.60 31.74 0.99
CA MET E 175 1.98 32.98 0.52
C MET E 175 1.49 32.83 -0.92
N GLY E 176 2.30 32.19 -1.76
CA GLY E 176 1.96 31.97 -3.16
C GLY E 176 1.13 30.73 -3.39
N GLN E 177 1.13 29.82 -2.41
CA GLN E 177 0.35 28.59 -2.49
C GLN E 177 -1.11 28.82 -2.09
N ARG E 178 -1.47 30.09 -1.91
CA ARG E 178 -2.84 30.46 -1.57
C ARG E 178 -3.78 30.33 -2.77
N LEU E 179 -3.20 30.34 -3.97
CA LEU E 179 -3.97 30.20 -5.21
C LEU E 179 -4.61 28.82 -5.30
N SER E 180 -3.93 27.82 -4.73
CA SER E 180 -4.43 26.44 -4.74
C SER E 180 -5.64 26.27 -3.83
N LEU E 181 -5.59 26.87 -2.65
CA LEU E 181 -6.70 26.79 -1.69
C LEU E 181 -7.99 27.35 -2.30
N ILE E 182 -7.85 28.42 -3.09
CA ILE E 182 -9.00 29.03 -3.76
C ILE E 182 -9.38 28.25 -5.02
N SER E 183 -8.38 27.72 -5.72
CA SER E 183 -8.61 26.96 -6.96
C SER E 183 -9.02 25.52 -6.68
N LYS E 184 -8.46 24.93 -5.62
CA LYS E 184 -8.78 23.55 -5.22
C LYS E 184 -10.27 23.36 -5.04
N PHE E 185 -10.99 24.45 -4.76
CA PHE E 185 -12.45 24.41 -4.63
C PHE E 185 -13.13 24.14 -5.97
N ARG E 186 -12.40 24.37 -7.05
CA ARG E 186 -12.90 24.15 -8.41
C ARG E 186 -12.57 22.74 -8.92
N PHE E 187 -11.47 22.18 -8.42
CA PHE E 187 -11.08 20.83 -8.80
C PHE E 187 -11.95 19.78 -8.10
N ASN E 188 -12.99 20.24 -7.42
CA ASN E 188 -13.91 19.35 -6.71
C ASN E 188 -15.20 19.10 -7.47
N PHE E 189 -15.77 20.17 -8.05
CA PHE E 189 -17.02 20.07 -8.81
C PHE E 189 -16.95 18.99 -9.88
N LEU E 190 -15.93 19.09 -10.75
CA LEU E 190 -15.71 18.09 -11.79
C LEU E 190 -14.38 18.33 -12.49
N ALA E 191 -13.34 17.67 -11.98
CA ALA E 191 -11.99 17.81 -12.53
C ALA E 191 -11.86 17.10 -13.87
N PRO E 192 -12.71 17.46 -14.83
CA PRO E 192 -12.70 16.89 -16.16
C PRO E 192 -12.81 17.96 -17.25
N GLU E 193 -11.78 18.08 -18.07
CA GLU E 193 -11.77 19.03 -19.17
C GLU E 193 -12.75 18.60 -20.27
N LEU E 194 -12.84 19.40 -21.32
CA LEU E 194 -13.77 19.14 -22.40
C LEU E 194 -13.65 20.21 -23.48
N PRO E 195 -13.86 19.83 -24.74
CA PRO E 195 -13.79 20.71 -25.91
C PRO E 195 -15.02 20.58 -26.81
N ALA E 196 -14.94 21.14 -28.01
CA ALA E 196 -16.03 21.07 -28.98
C ALA E 196 -15.56 21.53 -30.36
N VAL E 197 -16.34 21.20 -31.39
CA VAL E 197 -16.06 21.65 -32.76
C VAL E 197 -16.52 20.63 -33.80
N SER E 198 -17.80 20.26 -33.76
CA SER E 198 -18.32 19.25 -34.66
C SER E 198 -19.64 19.68 -35.29
N GLU E 199 -20.57 20.14 -34.44
CA GLU E 199 -21.93 20.42 -34.87
C GLU E 199 -22.02 21.68 -35.75
N PHE E 200 -22.41 22.80 -35.14
CA PHE E 200 -22.71 24.05 -35.83
C PHE E 200 -23.22 25.01 -34.76
N SER E 201 -22.63 26.20 -34.66
CA SER E 201 -22.93 27.09 -33.52
C SER E 201 -24.42 27.47 -33.43
N THR E 202 -25.22 26.93 -34.34
CA THR E 202 -26.67 27.07 -34.26
C THR E 202 -27.33 25.67 -34.27
N SER E 203 -26.54 24.67 -33.92
CA SER E 203 -26.99 23.31 -33.61
C SER E 203 -27.45 22.45 -34.79
N GLU E 204 -26.55 21.58 -35.25
CA GLU E 204 -26.86 20.44 -36.12
C GLU E 204 -25.62 20.03 -36.91
N THR E 205 -25.49 18.74 -37.17
CA THR E 205 -24.36 18.22 -37.95
C THR E 205 -24.47 18.70 -39.38
N MET E 206 -23.33 18.87 -40.04
CA MET E 206 -23.29 19.23 -41.46
C MET E 206 -24.06 18.19 -42.28
N GLY E 207 -23.63 16.94 -42.14
CA GLY E 207 -24.21 15.84 -42.90
C GLY E 207 -25.58 15.43 -42.43
N HIS E 208 -25.91 15.75 -41.18
CA HIS E 208 -27.24 15.48 -40.67
C HIS E 208 -28.26 16.34 -41.41
N SER E 209 -27.87 17.56 -41.77
CA SER E 209 -28.75 18.41 -42.56
C SER E 209 -28.93 17.82 -43.95
N ALA E 210 -27.84 17.27 -44.49
CA ALA E 210 -27.90 16.64 -45.80
C ALA E 210 -29.00 15.58 -45.81
N ASP E 211 -28.96 14.69 -44.82
CA ASP E 211 -29.86 13.54 -44.78
C ASP E 211 -31.32 13.97 -44.69
N ARG E 212 -31.56 15.21 -44.27
CA ARG E 212 -32.92 15.71 -44.20
C ARG E 212 -33.16 16.87 -45.17
N LEU E 213 -32.09 17.34 -45.80
CA LEU E 213 -32.23 18.24 -46.96
C LEU E 213 -32.54 17.36 -48.16
N ALA E 214 -32.01 16.15 -48.13
CA ALA E 214 -32.29 15.16 -49.16
C ALA E 214 -33.75 14.77 -49.07
N ALA E 215 -34.14 14.21 -47.94
CA ALA E 215 -35.51 13.75 -47.72
C ALA E 215 -36.53 14.86 -47.98
N ALA E 216 -36.15 16.10 -47.71
CA ALA E 216 -37.04 17.24 -47.94
C ALA E 216 -37.38 17.37 -49.43
N PHE E 217 -36.40 17.09 -50.27
CA PHE E 217 -36.61 17.12 -51.72
C PHE E 217 -36.78 15.72 -52.31
N ALA E 218 -37.19 14.78 -51.47
CA ALA E 218 -37.39 13.40 -51.90
C ALA E 218 -36.25 12.90 -52.78
N VAL E 219 -35.06 12.78 -52.21
CA VAL E 219 -33.91 12.18 -52.90
C VAL E 219 -33.57 10.82 -52.28
N SER E 220 -33.81 9.76 -53.05
CA SER E 220 -33.76 8.40 -52.53
C SER E 220 -32.33 7.93 -52.27
N ARG E 221 -32.22 6.92 -51.41
CA ARG E 221 -30.94 6.31 -51.10
C ARG E 221 -30.24 5.84 -52.37
N LEU E 222 -30.97 5.08 -53.18
CA LEU E 222 -30.46 4.54 -54.44
C LEU E 222 -29.99 5.64 -55.38
N GLU E 223 -30.70 6.77 -55.40
CA GLU E 223 -30.31 7.91 -56.23
C GLU E 223 -28.97 8.49 -55.77
N GLN E 224 -28.72 8.45 -54.47
CA GLN E 224 -27.50 9.03 -53.90
C GLN E 224 -26.28 8.14 -54.15
N ASP E 225 -26.32 6.91 -53.62
CA ASP E 225 -25.24 5.95 -53.85
C ASP E 225 -24.86 5.93 -55.33
N GLU E 226 -25.82 6.30 -56.18
CA GLU E 226 -25.60 6.35 -57.62
C GLU E 226 -24.63 7.47 -57.99
N TYR E 227 -25.01 8.71 -57.72
CA TYR E 227 -24.15 9.85 -58.02
C TYR E 227 -22.78 9.68 -57.39
N ALA E 228 -22.77 9.35 -56.11
CA ALA E 228 -21.52 9.11 -55.39
C ALA E 228 -20.58 8.31 -56.28
N LEU E 229 -21.11 7.23 -56.86
CA LEU E 229 -20.31 6.31 -57.66
C LEU E 229 -19.81 6.95 -58.94
N ARG E 230 -20.59 7.87 -59.50
CA ARG E 230 -20.18 8.59 -60.69
C ARG E 230 -18.90 9.39 -60.44
N SER E 231 -18.91 10.19 -59.38
CA SER E 231 -17.78 11.06 -59.07
C SER E 231 -16.52 10.28 -58.68
N HIS E 232 -16.68 9.18 -57.97
CA HIS E 232 -15.54 8.34 -57.64
C HIS E 232 -14.94 7.76 -58.92
N SER E 233 -15.79 7.31 -59.83
CA SER E 233 -15.35 6.71 -61.07
C SER E 233 -14.83 7.78 -62.01
N LEU E 234 -15.66 8.79 -62.22
CA LEU E 234 -15.34 9.86 -63.16
C LEU E 234 -14.06 10.60 -62.73
N ALA E 235 -13.73 10.51 -61.45
CA ALA E 235 -12.49 11.08 -60.93
C ALA E 235 -11.32 10.14 -61.23
N LYS E 236 -11.51 8.86 -60.92
CA LYS E 236 -10.48 7.86 -61.17
C LYS E 236 -10.13 7.81 -62.64
N LYS E 237 -11.13 8.04 -63.49
CA LYS E 237 -10.91 8.13 -64.92
C LYS E 237 -10.04 9.34 -65.21
N ALA E 238 -10.54 10.51 -64.85
CA ALA E 238 -9.81 11.75 -65.08
C ALA E 238 -8.39 11.68 -64.52
N GLN E 239 -8.24 11.02 -63.37
CA GLN E 239 -6.91 10.86 -62.77
C GLN E 239 -6.01 10.09 -63.72
N ASP E 240 -6.45 8.90 -64.10
CA ASP E 240 -5.68 8.04 -64.99
C ASP E 240 -5.34 8.76 -66.30
N GLU E 241 -6.31 9.46 -66.85
CA GLU E 241 -6.08 10.24 -68.07
C GLU E 241 -5.12 11.40 -67.77
N GLY E 242 -5.01 11.75 -66.51
CA GLY E 242 -4.08 12.80 -66.09
C GLY E 242 -4.65 14.19 -66.29
N LEU E 243 -5.97 14.30 -66.30
CA LEU E 243 -6.64 15.59 -66.47
C LEU E 243 -6.44 16.45 -65.23
N LEU E 244 -6.32 15.80 -64.07
CA LEU E 244 -6.07 16.50 -62.83
C LEU E 244 -4.71 17.17 -62.89
N SER E 245 -4.65 18.29 -63.60
CA SER E 245 -3.42 19.05 -63.78
C SER E 245 -3.12 19.93 -62.57
N ASP E 246 -4.18 20.41 -61.92
CA ASP E 246 -4.05 21.31 -60.78
C ASP E 246 -3.07 20.78 -59.72
N VAL E 247 -3.02 19.46 -59.57
CA VAL E 247 -2.24 18.84 -58.48
C VAL E 247 -0.73 18.84 -58.73
N VAL E 248 0.00 19.57 -57.91
CA VAL E 248 1.46 19.50 -57.89
C VAL E 248 1.86 18.47 -56.84
N PRO E 249 2.83 17.59 -57.16
CA PRO E 249 3.28 16.64 -56.15
C PRO E 249 3.95 17.34 -54.99
N PHE E 250 4.07 16.65 -53.87
CA PHE E 250 4.54 17.26 -52.64
C PHE E 250 5.31 16.27 -51.78
N LYS E 251 6.55 16.61 -51.45
CA LYS E 251 7.42 15.74 -50.67
C LYS E 251 7.27 16.02 -49.18
N VAL E 252 6.64 15.08 -48.48
CA VAL E 252 6.45 15.18 -47.05
C VAL E 252 7.72 14.71 -46.36
N PRO E 253 8.13 15.40 -45.29
CA PRO E 253 9.35 14.99 -44.59
C PRO E 253 9.32 13.53 -44.15
N GLY E 254 8.20 13.10 -43.57
CA GLY E 254 8.06 11.72 -43.12
C GLY E 254 7.92 10.73 -44.27
N LYS E 255 6.76 10.79 -44.94
CA LYS E 255 6.45 9.82 -45.98
C LYS E 255 7.37 9.96 -47.18
N ASP E 256 7.29 8.99 -48.09
CA ASP E 256 8.05 9.02 -49.31
C ASP E 256 7.81 10.32 -50.07
N THR E 257 6.59 10.48 -50.55
CA THR E 257 6.21 11.62 -51.39
C THR E 257 4.84 11.30 -51.96
N VAL E 258 4.05 12.32 -52.28
CA VAL E 258 2.69 12.08 -52.75
C VAL E 258 2.40 12.81 -54.05
N THR E 259 1.65 12.13 -54.92
CA THR E 259 1.26 12.68 -56.21
C THR E 259 -0.25 12.59 -56.42
N LYS E 260 -0.84 11.48 -55.96
CA LYS E 260 -2.24 11.19 -56.23
C LYS E 260 -3.13 11.42 -55.01
N ASP E 261 -4.42 11.58 -55.25
CA ASP E 261 -5.41 11.77 -54.19
C ASP E 261 -5.80 10.44 -53.57
N ASN E 262 -6.43 10.49 -52.40
CA ASN E 262 -6.79 9.29 -51.64
C ASN E 262 -8.26 8.89 -51.77
N GLY E 263 -9.12 9.86 -52.05
CA GLY E 263 -10.56 9.61 -52.08
C GLY E 263 -11.03 8.73 -53.22
N ILE E 264 -10.19 8.56 -54.23
CA ILE E 264 -10.51 7.72 -55.39
C ILE E 264 -10.75 6.27 -54.98
N ARG E 265 -12.00 5.93 -54.72
CA ARG E 265 -12.34 4.57 -54.29
C ARG E 265 -13.77 4.21 -54.69
N PRO E 266 -14.03 4.13 -56.01
CA PRO E 266 -15.33 3.73 -56.52
C PRO E 266 -15.66 2.29 -56.18
N SER E 267 -16.92 2.02 -55.87
CA SER E 267 -17.38 0.69 -55.53
C SER E 267 -18.48 0.27 -56.48
N SER E 268 -19.13 -0.86 -56.19
CA SER E 268 -20.32 -1.24 -56.94
C SER E 268 -21.54 -0.59 -56.29
N LEU E 269 -22.57 -0.34 -57.09
CA LEU E 269 -23.81 0.23 -56.56
C LEU E 269 -24.48 -0.74 -55.61
N GLU E 270 -24.26 -2.03 -55.85
CA GLU E 270 -24.79 -3.08 -54.98
C GLU E 270 -24.09 -3.07 -53.64
N GLN E 271 -22.90 -2.48 -53.60
CA GLN E 271 -22.09 -2.41 -52.39
C GLN E 271 -22.45 -1.17 -51.56
N MET E 272 -22.57 -0.03 -52.23
CA MET E 272 -22.88 1.23 -51.56
C MET E 272 -24.24 1.18 -50.87
N ALA E 273 -25.09 0.26 -51.34
CA ALA E 273 -26.42 0.09 -50.77
C ALA E 273 -26.40 -0.92 -49.63
N LYS E 274 -25.40 -1.80 -49.62
CA LYS E 274 -25.23 -2.74 -48.53
C LYS E 274 -24.79 -2.02 -47.25
N LEU E 275 -24.60 -0.71 -47.37
CA LEU E 275 -24.01 0.09 -46.30
C LEU E 275 -25.06 0.74 -45.40
N LYS E 276 -24.67 1.02 -44.16
CA LYS E 276 -25.59 1.62 -43.17
C LYS E 276 -25.59 3.14 -43.27
N PRO E 277 -26.61 3.80 -42.68
CA PRO E 277 -26.69 5.26 -42.69
C PRO E 277 -25.76 5.88 -41.68
N ALA E 278 -25.22 7.05 -41.98
CA ALA E 278 -24.22 7.69 -41.12
C ALA E 278 -24.74 8.79 -40.18
N PHE E 279 -25.67 9.61 -40.68
CA PHE E 279 -26.19 10.76 -39.93
C PHE E 279 -27.55 10.55 -39.23
N ILE E 280 -28.54 10.05 -39.97
CA ILE E 280 -29.85 9.76 -39.43
C ILE E 280 -30.06 8.25 -39.42
N LYS E 281 -29.92 7.64 -38.25
CA LYS E 281 -30.07 6.19 -38.12
C LYS E 281 -31.40 5.84 -37.46
N PRO E 282 -32.02 4.73 -37.86
CA PRO E 282 -31.54 3.80 -38.88
C PRO E 282 -32.17 4.02 -40.26
N TYR E 283 -33.15 4.91 -40.33
CA TYR E 283 -33.91 5.12 -41.56
C TYR E 283 -33.26 6.19 -42.46
N GLY E 284 -31.93 6.26 -42.41
CA GLY E 284 -31.20 7.29 -43.13
C GLY E 284 -31.00 7.03 -44.61
N THR E 285 -30.84 8.12 -45.37
CA THR E 285 -30.53 8.04 -46.79
C THR E 285 -29.07 8.39 -47.06
N VAL E 286 -28.42 9.05 -46.11
CA VAL E 286 -27.02 9.45 -46.26
C VAL E 286 -26.07 8.48 -45.58
N THR E 287 -25.09 8.00 -46.34
CA THR E 287 -24.13 7.04 -45.85
C THR E 287 -22.73 7.60 -45.97
N ALA E 288 -21.78 6.85 -45.43
CA ALA E 288 -20.38 7.21 -45.52
C ALA E 288 -19.92 7.29 -46.97
N ALA E 289 -20.48 6.41 -47.80
CA ALA E 289 -20.01 6.23 -49.18
C ALA E 289 -20.57 7.27 -50.14
N ASN E 290 -21.72 7.85 -49.79
CA ASN E 290 -22.31 8.92 -50.60
C ASN E 290 -22.11 10.28 -49.95
N SER E 291 -21.15 10.35 -49.04
CA SER E 291 -20.73 11.61 -48.43
C SER E 291 -19.28 11.89 -48.81
N SER E 292 -18.84 13.13 -48.60
CA SER E 292 -17.42 13.45 -48.72
C SER E 292 -16.71 12.99 -47.44
N PHE E 293 -15.49 13.47 -47.19
CA PHE E 293 -14.72 12.97 -46.05
C PHE E 293 -13.65 13.95 -45.56
N LEU E 294 -13.23 13.77 -44.32
CA LEU E 294 -12.20 14.60 -43.71
C LEU E 294 -10.96 14.56 -44.59
N THR E 295 -10.54 15.72 -45.08
CA THR E 295 -9.42 15.78 -46.01
C THR E 295 -8.43 16.86 -45.66
N ASP E 296 -7.15 16.51 -45.79
CA ASP E 296 -6.08 17.47 -45.64
C ASP E 296 -5.70 17.95 -47.04
N GLY E 297 -5.42 19.24 -47.17
CA GLY E 297 -5.06 19.79 -48.48
C GLY E 297 -4.85 21.30 -48.50
N ALA E 298 -4.25 21.78 -49.59
CA ALA E 298 -3.99 23.19 -49.78
C ALA E 298 -4.05 23.53 -51.27
N SER E 299 -4.38 24.77 -51.58
CA SER E 299 -4.50 25.21 -52.96
C SER E 299 -4.00 26.63 -53.13
N ALA E 300 -3.32 26.88 -54.24
CA ALA E 300 -2.84 28.22 -54.55
C ALA E 300 -3.22 28.59 -55.98
N MET E 301 -3.11 29.87 -56.30
CA MET E 301 -3.55 30.38 -57.59
C MET E 301 -2.94 31.74 -57.82
N LEU E 302 -2.37 31.94 -59.01
CA LEU E 302 -1.85 33.26 -59.38
C LEU E 302 -2.86 33.99 -60.25
N ILE E 303 -3.54 34.96 -59.63
CA ILE E 303 -4.51 35.79 -60.34
C ILE E 303 -3.91 37.17 -60.55
N MET E 304 -4.06 37.72 -61.74
CA MET E 304 -3.62 39.08 -62.02
C MET E 304 -4.43 39.73 -63.13
N ALA E 305 -4.25 41.04 -63.28
CA ALA E 305 -4.98 41.81 -64.29
C ALA E 305 -4.42 41.51 -65.67
N GLU E 306 -5.33 41.40 -66.64
CA GLU E 306 -4.96 41.06 -68.01
C GLU E 306 -3.77 41.87 -68.50
N GLU E 307 -3.88 43.20 -68.46
CA GLU E 307 -2.83 44.07 -68.98
C GLU E 307 -1.44 43.69 -68.48
N LYS E 308 -1.36 43.19 -67.25
CA LYS E 308 -0.10 42.75 -66.65
C LYS E 308 0.25 41.33 -67.08
N ALA E 309 -0.73 40.43 -67.01
CA ALA E 309 -0.49 39.02 -67.36
C ALA E 309 0.14 38.90 -68.74
N LEU E 310 -0.36 39.68 -69.69
CA LEU E 310 0.15 39.66 -71.07
C LEU E 310 1.48 40.37 -71.17
N ALA E 311 1.61 41.51 -70.47
CA ALA E 311 2.85 42.25 -70.42
C ALA E 311 3.95 41.44 -69.71
N MET E 312 3.56 40.61 -68.75
CA MET E 312 4.47 39.70 -68.08
C MET E 312 4.93 38.62 -69.05
N GLY E 313 4.16 38.42 -70.10
CA GLY E 313 4.43 37.38 -71.08
C GLY E 313 3.86 36.05 -70.63
N TYR E 314 2.62 36.09 -70.16
CA TYR E 314 1.90 34.87 -69.78
C TYR E 314 0.81 34.55 -70.78
N LYS E 315 0.32 33.32 -70.74
CA LYS E 315 -0.78 32.89 -71.59
C LYS E 315 -1.95 32.46 -70.70
N PRO E 316 -2.74 33.44 -70.22
CA PRO E 316 -3.85 33.24 -69.28
C PRO E 316 -4.76 32.05 -69.60
N LYS E 317 -5.18 31.35 -68.55
CA LYS E 317 -6.01 30.16 -68.71
C LYS E 317 -7.49 30.48 -68.72
N ALA E 318 -7.86 31.61 -68.11
CA ALA E 318 -9.26 32.00 -68.06
C ALA E 318 -9.47 33.38 -67.46
N TYR E 319 -10.63 33.97 -67.77
CA TYR E 319 -11.05 35.22 -67.15
C TYR E 319 -11.79 34.89 -65.86
N LEU E 320 -11.57 35.70 -64.83
CA LEU E 320 -12.43 35.64 -63.65
C LEU E 320 -13.59 36.61 -63.87
N ARG E 321 -14.69 36.08 -64.41
CA ARG E 321 -15.85 36.89 -64.73
C ARG E 321 -16.69 37.15 -63.48
N ASP E 322 -18.01 37.21 -63.64
CA ASP E 322 -18.91 37.63 -62.56
C ASP E 322 -19.08 36.57 -61.48
N PHE E 323 -19.42 37.03 -60.27
CA PHE E 323 -19.57 36.15 -59.11
C PHE E 323 -20.59 36.72 -58.12
N MET E 324 -21.01 35.89 -57.17
CA MET E 324 -22.03 36.31 -56.22
C MET E 324 -22.04 35.45 -54.96
N TYR E 325 -22.02 36.12 -53.80
CA TYR E 325 -22.16 35.43 -52.52
C TYR E 325 -23.61 35.56 -52.04
N VAL E 326 -24.11 34.51 -51.41
CA VAL E 326 -25.46 34.52 -50.87
C VAL E 326 -25.51 33.81 -49.53
N SER E 327 -26.67 33.85 -48.88
CA SER E 327 -26.85 33.18 -47.59
C SER E 327 -28.28 32.65 -47.44
N GLN E 328 -28.46 31.72 -46.51
CA GLN E 328 -29.74 31.05 -46.31
C GLN E 328 -30.16 31.16 -44.86
N ASP E 329 -31.09 30.28 -44.49
CA ASP E 329 -31.44 30.06 -43.10
C ASP E 329 -30.85 28.72 -42.69
N PRO E 330 -29.72 28.75 -41.96
CA PRO E 330 -28.97 27.56 -41.57
C PRO E 330 -29.81 26.43 -40.98
N LYS E 331 -30.86 26.77 -40.26
CA LYS E 331 -31.64 25.77 -39.53
C LYS E 331 -32.22 24.74 -40.50
N ASP E 332 -32.93 25.21 -41.51
CA ASP E 332 -33.70 24.30 -42.37
C ASP E 332 -33.24 24.24 -43.83
N GLN E 333 -32.44 25.20 -44.28
CA GLN E 333 -31.90 25.15 -45.65
C GLN E 333 -30.52 25.80 -45.75
N LEU E 334 -29.51 25.16 -45.19
CA LEU E 334 -28.16 25.73 -45.17
C LEU E 334 -27.36 25.31 -46.39
N LEU E 335 -27.63 24.11 -46.91
CA LEU E 335 -26.86 23.57 -48.02
C LEU E 335 -27.44 23.93 -49.40
N LEU E 336 -28.40 24.84 -49.44
CA LEU E 336 -29.00 25.25 -50.70
C LEU E 336 -28.31 26.46 -51.30
N GLY E 337 -27.07 26.69 -50.93
CA GLY E 337 -26.29 27.82 -51.44
C GLY E 337 -26.44 28.03 -52.94
N PRO E 338 -26.02 27.03 -53.73
CA PRO E 338 -26.06 27.11 -55.19
C PRO E 338 -27.43 27.52 -55.74
N THR E 339 -28.47 26.84 -55.32
CA THR E 339 -29.81 27.12 -55.82
C THR E 339 -30.11 28.61 -55.74
N TYR E 340 -29.74 29.24 -54.63
CA TYR E 340 -29.96 30.68 -54.46
C TYR E 340 -28.90 31.48 -55.20
N ALA E 341 -27.67 30.96 -55.22
CA ALA E 341 -26.54 31.67 -55.77
C ALA E 341 -26.51 31.67 -57.30
N THR E 342 -26.66 30.49 -57.89
CA THR E 342 -26.55 30.32 -59.33
C THR E 342 -27.23 31.45 -60.11
N PRO E 343 -28.53 31.66 -59.89
CA PRO E 343 -29.28 32.71 -60.60
C PRO E 343 -28.70 34.11 -60.45
N LYS E 344 -28.61 34.59 -59.23
CA LYS E 344 -28.15 35.95 -58.96
C LYS E 344 -26.95 36.34 -59.83
N VAL E 345 -25.96 35.45 -59.90
CA VAL E 345 -24.76 35.70 -60.69
C VAL E 345 -25.05 35.51 -62.17
N LEU E 346 -25.74 34.43 -62.49
CA LEU E 346 -26.01 34.06 -63.88
C LEU E 346 -26.75 35.18 -64.59
N GLU E 347 -27.58 35.91 -63.85
CA GLU E 347 -28.36 37.00 -64.42
C GLU E 347 -27.60 38.32 -64.32
N LYS E 348 -26.85 38.49 -63.23
CA LYS E 348 -26.07 39.70 -63.05
C LYS E 348 -25.09 39.84 -64.22
N ALA E 349 -24.48 38.73 -64.61
CA ALA E 349 -23.60 38.71 -65.77
C ALA E 349 -24.42 38.83 -67.06
N GLY E 350 -25.57 38.17 -67.08
CA GLY E 350 -26.47 38.23 -68.23
C GLY E 350 -26.32 37.05 -69.16
N LEU E 351 -26.47 35.84 -68.61
CA LEU E 351 -26.43 34.60 -69.40
C LEU E 351 -27.52 33.66 -68.88
N THR E 352 -27.52 32.42 -69.35
CA THR E 352 -28.49 31.41 -68.87
C THR E 352 -27.89 30.01 -68.81
N MET E 353 -28.59 29.10 -68.14
CA MET E 353 -28.15 27.70 -68.05
C MET E 353 -27.59 27.21 -69.37
N ASN E 354 -28.15 27.74 -70.47
CA ASN E 354 -27.75 27.33 -71.82
C ASN E 354 -26.40 27.90 -72.22
N ASP E 355 -26.19 29.18 -71.94
CA ASP E 355 -24.91 29.83 -72.25
C ASP E 355 -23.76 29.11 -71.55
N ILE E 356 -24.09 28.35 -70.50
CA ILE E 356 -23.08 27.64 -69.71
C ILE E 356 -22.91 26.21 -70.20
N ASP E 357 -21.66 25.85 -70.53
CA ASP E 357 -21.35 24.52 -71.01
C ASP E 357 -20.38 23.77 -70.09
N ALA E 358 -20.18 24.28 -68.88
CA ALA E 358 -19.30 23.63 -67.91
C ALA E 358 -19.68 23.95 -66.46
N PHE E 359 -20.06 22.92 -65.69
CA PHE E 359 -20.46 23.10 -64.29
C PHE E 359 -19.55 22.36 -63.31
N GLU E 360 -18.75 23.12 -62.56
CA GLU E 360 -18.00 22.56 -61.44
C GLU E 360 -18.64 23.03 -60.13
N PHE E 361 -19.37 22.12 -59.47
CA PHE E 361 -19.99 22.39 -58.17
C PHE E 361 -19.22 21.70 -57.03
N HIS E 362 -19.46 22.15 -55.80
CA HIS E 362 -18.90 21.49 -54.64
C HIS E 362 -19.78 20.31 -54.28
N GLU E 363 -19.15 19.16 -54.03
CA GLU E 363 -19.90 17.95 -53.70
C GLU E 363 -19.79 17.63 -52.23
N ALA E 364 -20.56 18.32 -51.41
CA ALA E 364 -20.51 18.11 -49.96
C ALA E 364 -21.04 16.71 -49.64
N PHE E 365 -22.19 16.38 -50.21
CA PHE E 365 -22.77 15.07 -50.06
C PHE E 365 -23.52 14.74 -51.33
N SER E 366 -23.73 13.46 -51.58
CA SER E 366 -24.48 13.05 -52.75
C SER E 366 -25.86 13.69 -52.67
N GLY E 367 -26.52 13.46 -51.54
CA GLY E 367 -27.86 14.01 -51.32
C GLY E 367 -27.91 15.53 -51.32
N GLN E 368 -26.75 16.16 -51.15
CA GLN E 368 -26.66 17.62 -51.16
C GLN E 368 -26.93 18.15 -52.56
N ILE E 369 -26.21 17.61 -53.54
CA ILE E 369 -26.36 18.07 -54.91
C ILE E 369 -27.69 17.60 -55.47
N LEU E 370 -27.88 16.29 -55.53
CA LEU E 370 -29.11 15.71 -56.10
C LEU E 370 -30.35 16.45 -55.61
N ALA E 371 -30.28 17.00 -54.41
CA ALA E 371 -31.40 17.75 -53.83
C ALA E 371 -31.38 19.20 -54.29
N ASN E 372 -30.20 19.80 -54.36
CA ASN E 372 -30.03 21.14 -54.92
C ASN E 372 -30.55 21.22 -56.35
N PHE E 373 -30.26 20.18 -57.12
CA PHE E 373 -30.84 20.01 -58.45
C PHE E 373 -32.36 20.15 -58.37
N LYS E 374 -32.98 19.23 -57.64
CA LYS E 374 -34.43 19.20 -57.50
C LYS E 374 -35.00 20.59 -57.26
N ALA E 375 -34.37 21.32 -56.33
CA ALA E 375 -34.82 22.67 -55.96
C ALA E 375 -34.68 23.62 -57.13
N MET E 376 -33.55 23.54 -57.83
CA MET E 376 -33.32 24.38 -58.99
C MET E 376 -34.33 24.07 -60.09
N ASP E 377 -34.83 22.84 -60.09
CA ASP E 377 -35.75 22.40 -61.13
C ASP E 377 -37.22 22.55 -60.77
N SER E 378 -37.51 23.13 -59.61
CA SER E 378 -38.90 23.31 -59.19
C SER E 378 -39.37 24.75 -59.35
N ASP E 379 -40.42 24.93 -60.13
CA ASP E 379 -41.09 26.23 -60.24
C ASP E 379 -41.65 26.62 -58.88
N TRP E 380 -42.22 25.64 -58.19
CA TRP E 380 -42.80 25.89 -56.88
C TRP E 380 -41.77 26.56 -55.98
N PHE E 381 -40.70 25.84 -55.67
CA PHE E 381 -39.67 26.36 -54.78
C PHE E 381 -39.22 27.74 -55.22
N ALA E 382 -38.91 27.87 -56.51
CA ALA E 382 -38.50 29.14 -57.08
C ALA E 382 -39.51 30.23 -56.73
N GLU E 383 -40.79 29.96 -57.00
CA GLU E 383 -41.83 30.92 -56.69
C GLU E 383 -41.90 31.22 -55.20
N ASN E 384 -42.01 30.16 -54.40
CA ASN E 384 -42.27 30.29 -52.97
C ASN E 384 -41.13 30.93 -52.18
N TYR E 385 -39.94 30.34 -52.29
CA TYR E 385 -38.83 30.74 -51.44
C TYR E 385 -37.86 31.68 -52.14
N MET E 386 -37.42 31.30 -53.32
CA MET E 386 -36.47 32.15 -54.07
C MET E 386 -37.10 33.48 -54.45
N GLY E 387 -38.43 33.54 -54.43
CA GLY E 387 -39.14 34.76 -54.76
C GLY E 387 -38.87 35.19 -56.19
N ARG E 388 -39.22 34.31 -57.13
CA ARG E 388 -38.98 34.59 -58.54
C ARG E 388 -40.11 34.05 -59.41
N LYS E 389 -39.95 34.20 -60.72
CA LYS E 389 -40.99 33.85 -61.68
C LYS E 389 -41.08 32.35 -61.93
N THR E 390 -40.01 31.79 -62.49
CA THR E 390 -39.93 30.37 -62.80
C THR E 390 -38.62 29.77 -62.28
N LYS E 391 -38.54 28.44 -62.33
CA LYS E 391 -37.42 27.69 -61.76
C LYS E 391 -36.05 28.14 -62.27
N VAL E 392 -35.02 27.85 -61.49
CA VAL E 392 -33.65 28.24 -61.84
C VAL E 392 -33.17 27.51 -63.08
N GLY E 393 -33.41 26.20 -63.12
CA GLY E 393 -33.06 25.38 -64.27
C GLY E 393 -32.02 24.33 -63.93
N LEU E 394 -32.44 23.07 -63.97
CA LEU E 394 -31.55 21.94 -63.68
C LEU E 394 -30.38 21.93 -64.64
N PRO E 395 -29.15 22.08 -64.13
CA PRO E 395 -27.98 22.04 -65.01
C PRO E 395 -27.78 20.67 -65.63
N PRO E 396 -27.56 20.63 -66.95
CA PRO E 396 -27.37 19.34 -67.61
C PRO E 396 -26.43 18.46 -66.80
N LEU E 397 -26.98 17.39 -66.24
CA LEU E 397 -26.21 16.45 -65.43
C LEU E 397 -25.03 15.87 -66.20
N GLU E 398 -24.89 16.28 -67.46
CA GLU E 398 -23.86 15.74 -68.38
C GLU E 398 -22.70 16.72 -68.56
N LYS E 399 -22.91 17.97 -68.14
CA LYS E 399 -21.87 18.98 -68.17
C LYS E 399 -21.45 19.31 -66.75
N PHE E 400 -21.70 18.37 -65.85
CA PHE E 400 -21.60 18.62 -64.42
C PHE E 400 -20.50 17.77 -63.81
N ASN E 401 -19.57 18.42 -63.13
CA ASN E 401 -18.47 17.72 -62.46
C ASN E 401 -17.93 16.56 -63.30
N ASN E 402 -17.38 16.89 -64.45
CA ASN E 402 -16.92 15.89 -65.41
C ASN E 402 -15.59 15.24 -65.02
N TRP E 403 -14.75 15.96 -64.29
CA TRP E 403 -13.51 15.38 -63.79
C TRP E 403 -13.62 15.11 -62.30
N GLY E 404 -14.77 14.57 -61.90
CA GLY E 404 -15.03 14.27 -60.50
C GLY E 404 -15.17 15.51 -59.63
N GLY E 405 -15.62 15.31 -58.40
CA GLY E 405 -15.83 16.41 -57.47
C GLY E 405 -15.46 16.05 -56.04
N SER E 406 -15.79 16.96 -55.11
CA SER E 406 -15.34 16.90 -53.71
C SER E 406 -15.62 15.57 -53.01
N LEU E 407 -16.67 14.90 -53.45
CA LEU E 407 -17.12 13.67 -52.82
C LEU E 407 -16.12 12.56 -53.07
N SER E 408 -15.34 12.72 -54.14
CA SER E 408 -14.39 11.71 -54.55
C SER E 408 -12.95 12.16 -54.29
N LEU E 409 -12.64 13.40 -54.64
CA LEU E 409 -11.28 13.93 -54.48
C LEU E 409 -11.00 14.28 -53.03
N GLY E 410 -11.89 15.11 -52.47
CA GLY E 410 -11.77 15.55 -51.09
C GLY E 410 -12.23 16.99 -50.91
N HIS E 411 -12.59 17.32 -49.68
CA HIS E 411 -13.07 18.66 -49.35
C HIS E 411 -12.33 19.25 -48.16
N PRO E 412 -11.09 19.72 -48.37
CA PRO E 412 -10.43 20.49 -47.33
C PRO E 412 -11.10 21.86 -47.27
N PHE E 413 -11.87 22.11 -46.21
CA PHE E 413 -12.53 23.38 -46.04
C PHE E 413 -11.62 24.55 -46.35
N GLY E 414 -12.02 25.39 -47.30
CA GLY E 414 -11.31 26.64 -47.53
C GLY E 414 -9.99 26.34 -48.20
N ALA E 415 -9.90 25.19 -48.84
CA ALA E 415 -8.86 24.94 -49.83
C ALA E 415 -9.53 24.31 -51.04
N THR E 416 -10.82 24.05 -50.92
CA THR E 416 -11.57 23.35 -51.96
C THR E 416 -12.16 24.34 -52.96
N GLY E 417 -12.42 25.56 -52.50
CA GLY E 417 -12.99 26.60 -53.35
C GLY E 417 -12.16 26.91 -54.59
N CYS E 418 -10.84 26.80 -54.48
CA CYS E 418 -9.97 27.07 -55.61
C CYS E 418 -9.98 25.90 -56.58
N ARG E 419 -9.78 24.69 -56.06
CA ARG E 419 -9.72 23.50 -56.91
C ARG E 419 -10.86 23.50 -57.91
N LEU E 420 -11.99 24.08 -57.53
CA LEU E 420 -13.17 24.13 -58.40
C LEU E 420 -12.96 25.03 -59.61
N VAL E 421 -12.82 26.33 -59.36
CA VAL E 421 -12.57 27.30 -60.43
C VAL E 421 -11.36 26.90 -61.28
N MET E 422 -10.37 26.29 -60.64
CA MET E 422 -9.17 25.88 -61.35
C MET E 422 -9.47 24.71 -62.28
N ALA E 423 -10.30 23.79 -61.80
CA ALA E 423 -10.72 22.65 -62.60
C ALA E 423 -12.01 22.96 -63.37
N ALA E 424 -12.28 24.25 -63.56
CA ALA E 424 -13.38 24.69 -64.41
C ALA E 424 -12.79 25.28 -65.68
N ALA E 425 -11.90 26.25 -65.52
CA ALA E 425 -11.16 26.81 -66.65
C ALA E 425 -10.36 25.72 -67.31
N ASN E 426 -9.89 24.78 -66.50
CA ASN E 426 -9.12 23.64 -66.98
C ASN E 426 -9.96 22.77 -67.91
N ARG E 427 -11.23 22.58 -67.57
CA ARG E 427 -12.14 21.81 -68.42
C ARG E 427 -12.54 22.57 -69.68
N LEU E 428 -12.63 23.89 -69.57
CA LEU E 428 -13.01 24.71 -70.71
C LEU E 428 -11.94 24.67 -71.80
N ARG E 429 -10.69 24.43 -71.42
CA ARG E 429 -9.62 24.27 -72.39
C ARG E 429 -9.62 22.87 -72.98
N LYS E 430 -9.31 21.88 -72.14
CA LYS E 430 -9.09 20.51 -72.61
C LYS E 430 -10.33 19.81 -73.16
N GLU E 431 -11.51 20.31 -72.79
CA GLU E 431 -12.77 19.78 -73.33
C GLU E 431 -13.37 20.72 -74.36
N GLY E 432 -13.04 22.01 -74.25
CA GLY E 432 -13.59 23.02 -75.15
C GLY E 432 -14.83 23.65 -74.57
N GLY E 433 -15.00 24.95 -74.84
CA GLY E 433 -16.12 25.71 -74.29
C GLY E 433 -15.70 27.12 -73.94
N GLN E 434 -16.63 27.95 -73.51
CA GLN E 434 -16.30 29.33 -73.15
C GLN E 434 -16.74 29.70 -71.74
N TYR E 435 -17.97 29.36 -71.38
CA TYR E 435 -18.52 29.78 -70.10
C TYR E 435 -18.72 28.65 -69.13
N GLY E 436 -18.07 28.74 -67.98
CA GLY E 436 -18.20 27.76 -66.93
C GLY E 436 -18.77 28.37 -65.67
N LEU E 437 -19.71 27.66 -65.05
CA LEU E 437 -20.29 28.10 -63.79
C LEU E 437 -19.77 27.23 -62.66
N VAL E 438 -19.12 27.88 -61.69
CA VAL E 438 -18.69 27.20 -60.49
C VAL E 438 -19.52 27.73 -59.33
N ALA E 439 -20.01 26.83 -58.49
CA ALA E 439 -20.83 27.21 -57.35
C ALA E 439 -20.61 26.23 -56.22
N ALA E 440 -20.99 26.63 -55.00
CA ALA E 440 -20.73 25.81 -53.83
C ALA E 440 -21.62 26.15 -52.65
N CYS E 441 -22.02 25.11 -51.93
CA CYS E 441 -22.75 25.22 -50.68
C CYS E 441 -21.76 25.28 -49.55
N ALA E 442 -22.07 26.05 -48.52
CA ALA E 442 -21.15 26.22 -47.40
C ALA E 442 -21.87 26.17 -46.06
N ALA E 443 -21.14 25.76 -45.03
CA ALA E 443 -21.62 25.88 -43.68
C ALA E 443 -21.72 27.35 -43.36
N GLY E 444 -22.47 27.68 -42.31
CA GLY E 444 -22.81 29.07 -42.02
C GLY E 444 -24.08 29.43 -42.77
N GLY E 445 -24.69 28.43 -43.41
CA GLY E 445 -25.86 28.66 -44.23
C GLY E 445 -25.55 29.69 -45.28
N GLN E 446 -24.51 29.44 -46.06
CA GLN E 446 -24.06 30.37 -47.08
C GLN E 446 -23.77 29.65 -48.39
N GLY E 447 -23.41 30.43 -49.41
CA GLY E 447 -23.15 29.88 -50.73
C GLY E 447 -22.44 30.86 -51.64
N HIS E 448 -21.91 30.37 -52.75
CA HIS E 448 -21.16 31.19 -53.69
C HIS E 448 -21.26 30.61 -55.08
N ALA E 449 -21.26 31.48 -56.08
CA ALA E 449 -21.24 31.07 -57.48
C ALA E 449 -20.42 32.07 -58.29
N MET E 450 -19.70 31.57 -59.29
CA MET E 450 -18.85 32.42 -60.12
C MET E 450 -18.88 31.97 -61.57
N ILE E 451 -18.74 32.94 -62.48
CA ILE E 451 -18.68 32.66 -63.91
C ILE E 451 -17.23 32.68 -64.36
N VAL E 452 -16.81 31.63 -65.07
CA VAL E 452 -15.44 31.56 -65.59
C VAL E 452 -15.45 31.57 -67.10
N GLU E 453 -14.87 32.61 -67.69
CA GLU E 453 -14.84 32.75 -69.14
C GLU E 453 -13.48 32.29 -69.65
N ALA E 454 -13.50 31.33 -70.56
CA ALA E 454 -12.27 30.78 -71.12
C ALA E 454 -11.48 31.88 -71.81
N TYR E 455 -10.25 31.56 -72.18
CA TYR E 455 -9.34 32.51 -72.81
C TYR E 455 -8.94 31.98 -74.19
N PRO E 456 -8.66 32.88 -75.14
CA PRO E 456 -8.24 32.47 -76.49
C PRO E 456 -6.74 32.22 -76.63
N THR F 25 -4.69 76.42 -49.99
CA THR F 25 -3.94 76.01 -48.77
C THR F 25 -3.47 74.57 -48.90
N LYS F 26 -4.37 73.68 -49.31
CA LYS F 26 -4.07 72.26 -49.45
C LYS F 26 -4.88 71.66 -50.60
N LYS F 27 -4.25 70.79 -51.38
CA LYS F 27 -4.93 70.10 -52.50
C LYS F 27 -6.01 69.15 -51.99
N THR F 28 -7.28 69.48 -52.24
CA THR F 28 -8.40 68.75 -51.65
C THR F 28 -9.45 68.32 -52.68
N LEU F 29 -9.88 67.06 -52.59
CA LEU F 29 -10.86 66.49 -53.52
C LEU F 29 -10.99 64.98 -53.27
N ALA F 30 -11.65 64.29 -54.21
CA ALA F 30 -11.66 62.82 -54.25
C ALA F 30 -11.85 62.37 -55.68
N LYS F 31 -11.73 61.07 -55.94
CA LYS F 31 -11.72 60.57 -57.32
C LYS F 31 -13.10 60.63 -57.98
N PRO F 32 -13.12 60.66 -59.33
CA PRO F 32 -14.31 60.99 -60.09
C PRO F 32 -15.17 59.80 -60.54
N ASN F 33 -14.69 59.04 -61.54
CA ASN F 33 -15.48 57.97 -62.13
C ASN F 33 -15.68 56.79 -61.20
N ILE F 34 -14.81 56.67 -60.20
CA ILE F 34 -14.98 55.66 -59.15
C ILE F 34 -15.96 56.17 -58.10
N ARG F 35 -16.99 55.37 -57.82
CA ARG F 35 -18.06 55.78 -56.91
C ARG F 35 -17.53 56.04 -55.51
N ASN F 36 -18.11 57.04 -54.83
CA ASN F 36 -17.66 57.45 -53.50
C ASN F 36 -18.33 56.67 -52.38
N VAL F 37 -17.57 56.40 -51.33
CA VAL F 37 -17.99 55.53 -50.24
C VAL F 37 -17.81 56.24 -48.89
N VAL F 38 -18.82 56.14 -48.04
CA VAL F 38 -18.84 56.89 -46.79
C VAL F 38 -19.19 56.01 -45.60
N VAL F 39 -18.79 56.46 -44.42
CA VAL F 39 -19.16 55.80 -43.17
C VAL F 39 -20.34 56.55 -42.57
N VAL F 40 -21.49 55.87 -42.49
CA VAL F 40 -22.69 56.50 -41.95
C VAL F 40 -22.51 56.76 -40.46
N ASP F 41 -22.19 55.71 -39.71
CA ASP F 41 -21.85 55.85 -38.30
C ASP F 41 -21.07 54.62 -37.87
N GLY F 42 -20.29 54.75 -36.80
CA GLY F 42 -19.53 53.65 -36.25
C GLY F 42 -19.73 53.53 -34.76
N VAL F 43 -19.33 52.39 -34.19
CA VAL F 43 -19.58 52.10 -32.80
C VAL F 43 -18.54 51.10 -32.27
N ARG F 44 -18.51 50.92 -30.96
CA ARG F 44 -17.63 49.94 -30.32
C ARG F 44 -18.09 49.68 -28.90
N THR F 45 -17.84 48.47 -28.39
CA THR F 45 -18.12 48.20 -26.99
C THR F 45 -17.03 48.87 -26.19
N PRO F 46 -17.29 49.09 -24.89
CA PRO F 46 -16.20 49.64 -24.10
C PRO F 46 -15.02 48.68 -24.10
N PHE F 47 -13.82 49.22 -24.20
CA PHE F 47 -12.61 48.41 -24.28
C PHE F 47 -12.06 48.16 -22.89
N LEU F 48 -12.28 46.95 -22.39
CA LEU F 48 -11.97 46.61 -21.02
C LEU F 48 -10.66 45.85 -20.90
N LEU F 49 -10.07 45.85 -19.72
CA LEU F 49 -8.85 45.12 -19.48
C LEU F 49 -9.16 43.63 -19.39
N SER F 50 -8.51 42.86 -20.26
CA SER F 50 -8.73 41.42 -20.33
C SER F 50 -8.81 40.77 -18.97
N GLY F 51 -9.79 39.88 -18.79
CA GLY F 51 -9.99 39.20 -17.52
C GLY F 51 -10.76 40.04 -16.53
N THR F 52 -11.20 41.23 -16.96
CA THR F 52 -11.86 42.16 -16.06
C THR F 52 -13.35 41.85 -15.87
N SER F 53 -14.16 42.06 -16.91
CA SER F 53 -15.61 41.92 -16.77
C SER F 53 -16.25 41.29 -18.01
N TYR F 54 -15.46 41.15 -19.07
CA TYR F 54 -15.89 40.35 -20.21
C TYR F 54 -15.32 38.94 -20.04
N LYS F 55 -14.65 38.73 -18.91
CA LYS F 55 -14.05 37.44 -18.56
C LYS F 55 -14.90 36.24 -18.97
N ASP F 56 -16.18 36.23 -18.58
CA ASP F 56 -17.03 35.07 -18.81
C ASP F 56 -17.92 35.25 -20.02
N LEU F 57 -17.32 35.68 -21.13
CA LEU F 57 -18.03 35.82 -22.39
C LEU F 57 -17.26 35.10 -23.49
N MET F 58 -17.89 34.88 -24.63
CA MET F 58 -17.18 34.37 -25.80
C MET F 58 -16.99 35.51 -26.81
N PRO F 59 -15.99 35.39 -27.68
CA PRO F 59 -15.69 36.52 -28.55
C PRO F 59 -16.91 36.96 -29.36
N HIS F 60 -17.60 36.00 -29.95
CA HIS F 60 -18.77 36.29 -30.77
C HIS F 60 -19.87 36.98 -29.95
N ASP F 61 -19.85 36.77 -28.64
CA ASP F 61 -20.78 37.46 -27.77
C ASP F 61 -20.56 38.96 -27.82
N LEU F 62 -19.30 39.39 -27.76
CA LEU F 62 -18.98 40.81 -27.88
C LEU F 62 -19.36 41.32 -29.26
N ALA F 63 -18.99 40.56 -30.29
CA ALA F 63 -19.34 40.93 -31.65
C ALA F 63 -20.83 41.18 -31.75
N ARG F 64 -21.61 40.26 -31.21
CA ARG F 64 -23.06 40.40 -31.17
C ARG F 64 -23.44 41.78 -30.61
N ALA F 65 -22.79 42.17 -29.51
CA ALA F 65 -23.10 43.41 -28.81
C ALA F 65 -22.75 44.62 -29.66
N ALA F 66 -21.57 44.59 -30.27
CA ALA F 66 -21.15 45.68 -31.15
C ALA F 66 -22.17 45.84 -32.28
N LEU F 67 -22.49 44.72 -32.92
CA LEU F 67 -23.44 44.72 -34.03
C LEU F 67 -24.82 45.23 -33.62
N THR F 68 -25.24 44.90 -32.40
CA THR F 68 -26.53 45.36 -31.88
C THR F 68 -26.46 46.85 -31.55
N GLY F 69 -25.33 47.28 -31.00
CA GLY F 69 -25.11 48.69 -30.70
C GLY F 69 -25.15 49.53 -31.96
N LEU F 70 -24.58 49.01 -33.03
CA LEU F 70 -24.68 49.66 -34.33
C LEU F 70 -26.13 49.64 -34.80
N LEU F 71 -26.66 48.43 -34.97
CA LEU F 71 -27.99 48.25 -35.50
C LEU F 71 -29.02 49.12 -34.77
N HIS F 72 -28.84 49.30 -33.47
CA HIS F 72 -29.73 50.15 -32.69
C HIS F 72 -29.48 51.63 -32.99
N ARG F 73 -28.23 52.06 -32.83
CA ARG F 73 -27.89 53.47 -32.98
C ARG F 73 -28.08 53.95 -34.40
N THR F 74 -27.76 53.09 -35.35
CA THR F 74 -27.81 53.45 -36.77
C THR F 74 -29.19 53.20 -37.36
N SER F 75 -30.03 52.47 -36.63
CA SER F 75 -31.40 52.22 -37.04
C SER F 75 -31.51 51.71 -38.48
N VAL F 76 -30.41 51.18 -38.99
CA VAL F 76 -30.41 50.57 -40.32
C VAL F 76 -31.54 49.55 -40.40
N PRO F 77 -32.16 49.43 -41.59
CA PRO F 77 -33.08 48.32 -41.71
C PRO F 77 -32.31 47.01 -41.87
N LYS F 78 -32.76 45.98 -41.18
CA LYS F 78 -32.09 44.69 -41.22
C LYS F 78 -32.01 44.19 -42.65
N GLU F 79 -32.90 44.69 -43.49
CA GLU F 79 -33.08 44.18 -44.84
C GLU F 79 -31.98 44.59 -45.82
N VAL F 80 -31.58 45.86 -45.78
CA VAL F 80 -30.69 46.42 -46.82
C VAL F 80 -29.20 46.15 -46.60
N VAL F 81 -28.84 45.53 -45.48
CA VAL F 81 -27.45 45.19 -45.23
C VAL F 81 -27.04 44.05 -46.17
N ASP F 82 -26.14 44.37 -47.11
CA ASP F 82 -25.82 43.44 -48.19
C ASP F 82 -24.69 42.47 -47.86
N TYR F 83 -23.81 42.84 -46.93
CA TYR F 83 -22.67 42.01 -46.59
C TYR F 83 -21.98 42.47 -45.30
N ILE F 84 -21.78 41.53 -44.39
CA ILE F 84 -21.10 41.82 -43.13
C ILE F 84 -19.72 41.21 -43.17
N ILE F 85 -18.77 41.80 -42.46
CA ILE F 85 -17.43 41.24 -42.37
C ILE F 85 -16.67 41.75 -41.14
N PHE F 86 -16.20 40.81 -40.33
CA PHE F 86 -15.56 41.12 -39.04
C PHE F 86 -14.12 40.62 -38.98
N GLY F 87 -13.29 41.32 -38.22
CA GLY F 87 -11.90 40.90 -38.01
C GLY F 87 -11.68 40.31 -36.63
N THR F 88 -10.71 39.41 -36.52
CA THR F 88 -10.36 38.82 -35.23
C THR F 88 -9.14 37.90 -35.38
N VAL F 89 -8.28 37.85 -34.37
CA VAL F 89 -7.02 37.11 -34.47
C VAL F 89 -7.04 35.74 -33.79
N ILE F 90 -7.47 35.70 -32.52
CA ILE F 90 -7.56 34.43 -31.80
C ILE F 90 -8.96 33.88 -32.00
N GLN F 91 -9.04 32.64 -32.45
CA GLN F 91 -10.30 32.07 -32.90
C GLN F 91 -11.00 31.24 -31.84
N GLU F 92 -12.30 31.44 -31.70
CA GLU F 92 -13.12 30.54 -30.92
C GLU F 92 -13.53 29.42 -31.85
N VAL F 93 -12.86 28.29 -31.72
CA VAL F 93 -13.06 27.15 -32.62
C VAL F 93 -14.54 26.81 -32.82
N LYS F 94 -15.35 27.06 -31.80
CA LYS F 94 -16.78 26.81 -31.91
C LYS F 94 -17.40 27.78 -32.91
N THR F 95 -16.94 29.03 -32.89
CA THR F 95 -17.41 30.04 -33.83
C THR F 95 -16.31 30.39 -34.82
N SER F 96 -16.01 29.46 -35.72
CA SER F 96 -14.96 29.67 -36.72
C SER F 96 -15.19 30.99 -37.43
N ASN F 97 -16.35 31.10 -38.07
CA ASN F 97 -16.76 32.34 -38.71
C ASN F 97 -17.45 33.22 -37.68
N VAL F 98 -16.65 33.95 -36.93
CA VAL F 98 -17.14 34.78 -35.84
C VAL F 98 -18.23 35.72 -36.30
N ALA F 99 -17.97 36.39 -37.43
CA ALA F 99 -18.91 37.36 -37.98
C ALA F 99 -20.28 36.75 -38.21
N ARG F 100 -20.32 35.68 -39.00
CA ARG F 100 -21.57 35.05 -39.36
C ARG F 100 -22.43 34.68 -38.14
N GLU F 101 -21.80 34.20 -37.07
CA GLU F 101 -22.56 33.70 -35.92
C GLU F 101 -23.00 34.85 -35.03
N ALA F 102 -22.21 35.92 -34.98
CA ALA F 102 -22.61 37.13 -34.27
C ALA F 102 -23.68 37.87 -35.06
N ALA F 103 -23.58 37.79 -36.38
CA ALA F 103 -24.48 38.50 -37.28
C ALA F 103 -25.91 37.98 -37.17
N LEU F 104 -26.06 36.70 -36.83
CA LEU F 104 -27.38 36.11 -36.71
C LEU F 104 -27.99 36.49 -35.37
N GLY F 105 -27.21 36.33 -34.30
CA GLY F 105 -27.68 36.67 -32.98
C GLY F 105 -28.13 38.12 -32.89
N ALA F 106 -27.31 39.00 -33.46
CA ALA F 106 -27.59 40.44 -33.39
C ALA F 106 -28.98 40.74 -33.93
N GLY F 107 -29.32 40.17 -35.08
CA GLY F 107 -30.60 40.42 -35.71
C GLY F 107 -30.53 40.46 -37.23
N PHE F 108 -29.40 40.88 -37.77
CA PHE F 108 -29.26 41.03 -39.23
C PHE F 108 -29.75 39.80 -39.96
N SER F 109 -30.08 39.99 -41.24
CA SER F 109 -30.85 38.99 -41.99
C SER F 109 -30.14 37.64 -42.19
N ASP F 110 -30.94 36.61 -42.47
CA ASP F 110 -30.43 35.34 -42.96
C ASP F 110 -29.68 35.58 -44.26
N LYS F 111 -30.32 36.32 -45.17
CA LYS F 111 -29.75 36.62 -46.47
C LYS F 111 -28.37 37.21 -46.33
N THR F 112 -28.22 38.15 -45.40
CA THR F 112 -27.00 38.93 -45.27
C THR F 112 -25.81 38.04 -44.95
N PRO F 113 -25.02 37.71 -45.98
CA PRO F 113 -23.90 36.81 -45.77
C PRO F 113 -22.76 37.55 -45.11
N ALA F 114 -21.83 36.80 -44.52
CA ALA F 114 -20.72 37.40 -43.80
C ALA F 114 -19.54 36.45 -43.76
N HIS F 115 -18.35 37.02 -43.68
CA HIS F 115 -17.15 36.22 -43.51
C HIS F 115 -16.19 36.91 -42.54
N THR F 116 -15.40 36.09 -41.84
CA THR F 116 -14.44 36.59 -40.87
C THR F 116 -13.07 36.76 -41.52
N VAL F 117 -12.33 37.76 -41.10
CA VAL F 117 -11.04 38.04 -41.69
C VAL F 117 -9.98 38.24 -40.60
N THR F 118 -8.78 37.74 -40.84
CA THR F 118 -7.72 37.74 -39.83
C THR F 118 -6.42 38.31 -40.40
N MET F 119 -5.95 39.39 -39.80
CA MET F 119 -4.72 40.04 -40.22
C MET F 119 -4.15 40.80 -39.04
N ALA F 120 -3.89 40.07 -37.95
CA ALA F 120 -3.23 40.64 -36.78
C ALA F 120 -3.92 41.93 -36.34
N CYS F 121 -3.16 42.82 -35.72
CA CYS F 121 -3.68 44.08 -35.18
C CYS F 121 -4.56 44.89 -36.14
N ILE F 122 -4.36 44.68 -37.43
CA ILE F 122 -5.12 45.41 -38.44
C ILE F 122 -6.19 44.55 -39.07
N SER F 123 -6.61 43.52 -38.36
CA SER F 123 -7.65 42.62 -38.87
C SER F 123 -8.97 43.38 -39.03
N ALA F 124 -9.23 44.32 -38.13
CA ALA F 124 -10.44 45.12 -38.19
C ALA F 124 -10.37 46.05 -39.39
N ASN F 125 -9.16 46.48 -39.73
CA ASN F 125 -8.96 47.32 -40.89
C ASN F 125 -9.27 46.55 -42.17
N GLN F 126 -8.69 45.36 -42.28
CA GLN F 126 -8.93 44.54 -43.45
C GLN F 126 -10.43 44.33 -43.63
N ALA F 127 -11.17 44.36 -42.53
CA ALA F 127 -12.62 44.16 -42.58
C ALA F 127 -13.29 45.29 -43.35
N MET F 128 -12.87 46.52 -43.09
CA MET F 128 -13.44 47.67 -43.77
C MET F 128 -12.99 47.66 -45.22
N THR F 129 -11.69 47.49 -45.43
CA THR F 129 -11.14 47.39 -46.77
C THR F 129 -11.87 46.33 -47.58
N THR F 130 -11.77 45.08 -47.13
CA THR F 130 -12.41 43.97 -47.82
C THR F 130 -13.86 44.34 -48.12
N GLY F 131 -14.45 45.15 -47.25
CA GLY F 131 -15.82 45.60 -47.44
C GLY F 131 -15.92 46.68 -48.51
N VAL F 132 -15.16 47.75 -48.31
CA VAL F 132 -15.09 48.85 -49.27
C VAL F 132 -14.85 48.31 -50.68
N GLY F 133 -13.91 47.39 -50.80
CA GLY F 133 -13.63 46.76 -52.08
C GLY F 133 -14.91 46.33 -52.79
N LEU F 134 -15.79 45.66 -52.06
CA LEU F 134 -17.00 45.11 -52.64
C LEU F 134 -17.99 46.20 -53.06
N ILE F 135 -17.83 47.41 -52.52
CA ILE F 135 -18.73 48.52 -52.84
C ILE F 135 -18.31 49.21 -54.14
N ALA F 136 -17.04 49.63 -54.21
CA ALA F 136 -16.52 50.26 -55.41
C ALA F 136 -16.55 49.27 -56.56
N SER F 137 -16.33 48.01 -56.25
CA SER F 137 -16.52 46.92 -57.21
C SER F 137 -17.90 47.01 -57.83
N GLY F 138 -18.89 47.38 -57.02
CA GLY F 138 -20.26 47.43 -57.48
C GLY F 138 -21.02 46.19 -57.03
N GLN F 139 -20.33 45.29 -56.36
CA GLN F 139 -20.94 44.06 -55.89
C GLN F 139 -22.01 44.32 -54.82
N CYS F 140 -21.90 45.42 -54.09
CA CYS F 140 -22.95 45.82 -53.15
C CYS F 140 -22.85 47.28 -52.70
N ASP F 141 -23.95 47.78 -52.14
CA ASP F 141 -24.06 49.19 -51.75
C ASP F 141 -23.81 49.39 -50.26
N VAL F 142 -24.36 48.50 -49.44
CA VAL F 142 -24.32 48.65 -47.97
C VAL F 142 -23.66 47.48 -47.27
N ILE F 143 -22.57 47.76 -46.55
CA ILE F 143 -21.86 46.71 -45.82
C ILE F 143 -21.53 47.13 -44.39
N VAL F 144 -21.56 46.16 -43.49
CA VAL F 144 -21.15 46.38 -42.10
C VAL F 144 -19.78 45.74 -41.87
N ALA F 145 -18.80 46.58 -41.53
CA ALA F 145 -17.49 46.09 -41.15
C ALA F 145 -17.38 46.16 -39.63
N GLY F 146 -16.26 45.70 -39.11
CA GLY F 146 -16.02 45.74 -37.68
C GLY F 146 -15.03 44.68 -37.25
N GLY F 147 -15.10 44.31 -35.98
CA GLY F 147 -14.16 43.36 -35.43
C GLY F 147 -14.40 43.07 -33.97
N VAL F 148 -13.66 42.10 -33.46
CA VAL F 148 -13.87 41.62 -32.11
C VAL F 148 -12.61 40.93 -31.63
N GLU F 149 -12.44 40.87 -30.32
CA GLU F 149 -11.30 40.18 -29.75
C GLU F 149 -11.53 39.97 -28.27
N LEU F 150 -11.38 38.73 -27.83
CA LEU F 150 -11.52 38.42 -26.41
C LEU F 150 -10.27 37.75 -25.92
N MET F 151 -9.43 38.52 -25.23
CA MET F 151 -8.21 37.99 -24.67
C MET F 151 -8.47 37.32 -23.32
N SER F 152 -8.71 36.02 -23.40
CA SER F 152 -8.79 35.14 -22.25
C SER F 152 -8.45 33.77 -22.83
N ASP F 153 -7.18 33.63 -23.18
CA ASP F 153 -6.63 32.60 -24.07
C ASP F 153 -7.40 31.28 -24.17
N VAL F 154 -6.94 30.44 -25.09
CA VAL F 154 -7.49 29.09 -25.28
C VAL F 154 -6.39 28.15 -25.78
N PRO F 155 -5.80 27.38 -24.85
CA PRO F 155 -4.71 26.41 -25.05
C PRO F 155 -5.21 25.05 -25.49
N ILE F 156 -4.28 24.14 -25.80
CA ILE F 156 -4.63 22.80 -26.27
C ILE F 156 -3.58 21.76 -25.86
N ARG F 157 -3.98 20.49 -25.87
CA ARG F 157 -3.06 19.38 -25.65
C ARG F 157 -2.60 18.85 -27.01
N HIS F 158 -1.28 18.74 -27.19
CA HIS F 158 -0.70 18.39 -28.50
C HIS F 158 -0.52 16.89 -28.70
N SER F 159 -0.40 16.16 -27.59
CA SER F 159 -0.19 14.70 -27.66
C SER F 159 -1.36 13.93 -27.04
N ARG F 160 -1.95 14.47 -25.98
CA ARG F 160 -3.05 13.82 -25.29
C ARG F 160 -4.34 13.83 -26.13
N LYS F 161 -4.38 14.68 -27.15
CA LYS F 161 -5.53 14.76 -28.05
C LYS F 161 -5.35 13.87 -29.28
N MET F 162 -4.11 13.58 -29.62
CA MET F 162 -3.80 12.66 -30.72
C MET F 162 -3.98 11.22 -30.25
N ARG F 163 -3.61 10.96 -29.01
CA ARG F 163 -3.84 9.65 -28.39
C ARG F 163 -5.32 9.48 -28.07
N LYS F 164 -6.01 10.60 -27.86
CA LYS F 164 -7.43 10.60 -27.53
C LYS F 164 -8.32 10.55 -28.76
N LEU F 165 -7.80 11.04 -29.89
CA LEU F 165 -8.55 11.02 -31.14
C LEU F 165 -8.69 9.60 -31.67
N MET F 166 -8.44 8.61 -30.80
CA MET F 166 -8.55 7.21 -31.17
C MET F 166 -9.87 6.61 -30.69
N LEU F 167 -10.97 7.11 -31.24
CA LEU F 167 -12.30 6.60 -30.95
C LEU F 167 -12.77 5.71 -32.10
N MET F 175 -12.29 -6.13 -26.98
CA MET F 175 -12.21 -6.01 -28.43
C MET F 175 -11.58 -4.68 -28.83
N GLY F 176 -12.04 -3.60 -28.21
CA GLY F 176 -11.53 -2.26 -28.52
C GLY F 176 -10.58 -1.72 -27.46
N GLN F 177 -10.15 -2.59 -26.56
CA GLN F 177 -9.22 -2.21 -25.50
C GLN F 177 -7.77 -2.48 -25.91
N ARG F 178 -7.55 -2.71 -27.21
CA ARG F 178 -6.22 -2.93 -27.74
C ARG F 178 -5.53 -1.62 -28.11
N LEU F 179 -6.21 -0.50 -27.85
CA LEU F 179 -5.69 0.83 -28.14
C LEU F 179 -4.82 1.36 -27.00
N SER F 180 -5.10 0.91 -25.77
CA SER F 180 -4.35 1.36 -24.60
C SER F 180 -2.94 0.80 -24.55
N LEU F 181 -2.78 -0.46 -24.95
CA LEU F 181 -1.48 -1.13 -24.93
C LEU F 181 -0.48 -0.47 -25.87
N ILE F 182 -0.97 -0.02 -27.03
CA ILE F 182 -0.13 0.67 -28.01
C ILE F 182 0.03 2.15 -27.67
N SER F 183 -0.96 2.71 -26.96
CA SER F 183 -0.93 4.11 -26.54
C SER F 183 -0.28 4.28 -25.17
N LYS F 184 -0.42 3.26 -24.31
CA LYS F 184 0.13 3.30 -22.96
C LYS F 184 1.65 3.17 -22.96
N PHE F 185 2.15 2.14 -23.63
CA PHE F 185 3.60 1.91 -23.75
C PHE F 185 4.32 3.18 -24.20
N ARG F 186 3.63 4.03 -24.97
CA ARG F 186 4.17 5.31 -25.40
C ARG F 186 4.27 6.30 -24.23
N PHE F 187 3.17 6.46 -23.49
CA PHE F 187 3.15 7.26 -22.28
C PHE F 187 3.73 6.48 -21.10
N ASN F 188 4.00 5.19 -21.31
CA ASN F 188 4.51 4.31 -20.26
C ASN F 188 6.03 4.45 -20.06
N PHE F 189 6.64 5.38 -20.79
CA PHE F 189 8.02 5.79 -20.53
C PHE F 189 8.06 7.28 -20.17
N LEU F 190 7.13 8.05 -20.73
CA LEU F 190 7.00 9.47 -20.43
C LEU F 190 5.56 9.95 -20.65
N ALA F 191 5.17 11.00 -19.93
CA ALA F 191 3.82 11.53 -20.04
C ALA F 191 3.87 13.04 -20.33
N PRO F 192 3.45 13.43 -21.54
CA PRO F 192 3.42 14.82 -22.00
C PRO F 192 2.17 15.56 -21.54
N GLU F 193 2.11 16.87 -21.83
CA GLU F 193 0.96 17.71 -21.49
C GLU F 193 1.32 19.19 -21.53
N LEU F 194 0.72 19.95 -22.44
CA LEU F 194 1.01 21.40 -22.56
C LEU F 194 0.35 22.05 -23.78
N PRO F 195 0.50 23.37 -23.92
CA PRO F 195 -0.05 24.23 -24.97
C PRO F 195 0.90 25.38 -25.37
N ALA F 196 0.35 26.44 -25.98
CA ALA F 196 1.14 27.60 -26.37
C ALA F 196 0.28 28.69 -27.02
N VAL F 197 0.81 29.92 -27.07
CA VAL F 197 0.14 31.01 -27.79
C VAL F 197 0.56 32.42 -27.34
N SER F 198 1.84 32.61 -27.02
CA SER F 198 2.32 33.92 -26.59
C SER F 198 3.64 34.28 -27.28
N GLU F 199 3.76 33.91 -28.56
CA GLU F 199 5.00 34.14 -29.30
C GLU F 199 4.73 34.69 -30.70
N PHE F 200 5.67 34.46 -31.61
CA PHE F 200 5.55 34.84 -33.02
C PHE F 200 6.10 33.68 -33.85
N SER F 201 5.38 33.28 -34.90
CA SER F 201 5.75 32.08 -35.67
C SER F 201 7.12 32.24 -36.36
N THR F 202 7.81 33.33 -36.08
CA THR F 202 9.17 33.54 -36.55
C THR F 202 10.04 34.02 -35.35
N SER F 203 9.59 33.62 -34.16
CA SER F 203 10.32 33.80 -32.90
C SER F 203 10.54 35.24 -32.44
N GLU F 204 9.85 35.62 -31.36
CA GLU F 204 10.10 36.88 -30.63
C GLU F 204 8.80 37.53 -30.15
N THR F 205 8.80 37.99 -28.90
CA THR F 205 7.64 38.64 -28.31
C THR F 205 7.34 39.93 -29.05
N MET F 206 6.06 40.28 -29.09
CA MET F 206 5.62 41.54 -29.69
C MET F 206 6.33 42.71 -29.03
N GLY F 207 6.20 42.80 -27.72
CA GLY F 207 6.77 43.90 -26.94
C GLY F 207 8.28 43.82 -26.84
N HIS F 208 8.84 42.63 -26.97
CA HIS F 208 10.29 42.48 -26.95
C HIS F 208 10.90 43.18 -28.16
N SER F 209 10.19 43.14 -29.29
CA SER F 209 10.66 43.87 -30.47
C SER F 209 10.58 45.36 -30.24
N ALA F 210 9.55 45.79 -29.52
CA ALA F 210 9.39 47.19 -29.20
C ALA F 210 10.60 47.72 -28.42
N ASP F 211 11.05 46.96 -27.44
CA ASP F 211 12.16 47.40 -26.58
C ASP F 211 13.48 47.49 -27.34
N ARG F 212 13.58 46.81 -28.47
CA ARG F 212 14.79 46.87 -29.28
C ARG F 212 14.55 47.58 -30.62
N LEU F 213 13.29 47.84 -30.95
CA LEU F 213 12.97 48.74 -32.05
C LEU F 213 13.18 50.15 -31.53
N ALA F 214 12.87 50.35 -30.25
CA ALA F 214 13.05 51.63 -29.59
C ALA F 214 14.54 51.96 -29.48
N ALA F 215 15.30 51.03 -28.89
CA ALA F 215 16.73 51.21 -28.74
C ALA F 215 17.41 51.36 -30.09
N ALA F 216 16.86 50.75 -31.11
CA ALA F 216 17.39 50.87 -32.46
C ALA F 216 17.34 52.33 -32.91
N PHE F 217 16.22 52.98 -32.62
CA PHE F 217 16.05 54.38 -32.96
C PHE F 217 16.32 55.28 -31.75
N ALA F 218 17.20 54.81 -30.86
CA ALA F 218 17.56 55.57 -29.67
C ALA F 218 16.36 56.32 -29.07
N VAL F 219 15.39 55.58 -28.58
CA VAL F 219 14.28 56.17 -27.85
C VAL F 219 14.48 55.86 -26.38
N SER F 220 14.59 56.91 -25.58
CA SER F 220 14.96 56.77 -24.18
C SER F 220 13.76 56.42 -23.29
N ARG F 221 14.06 55.77 -22.17
CA ARG F 221 13.04 55.38 -21.20
C ARG F 221 12.18 56.58 -20.82
N LEU F 222 12.84 57.66 -20.41
CA LEU F 222 12.15 58.88 -20.02
C LEU F 222 11.21 59.38 -21.13
N GLU F 223 11.64 59.25 -22.38
CA GLU F 223 10.84 59.69 -23.52
C GLU F 223 9.57 58.84 -23.67
N GLN F 224 9.65 57.57 -23.30
CA GLN F 224 8.53 56.66 -23.47
C GLN F 224 7.50 56.86 -22.37
N ASP F 225 7.92 56.69 -21.13
CA ASP F 225 7.05 56.92 -20.00
C ASP F 225 6.31 58.24 -20.20
N GLU F 226 6.95 59.16 -20.92
CA GLU F 226 6.38 60.48 -21.17
C GLU F 226 5.14 60.39 -22.05
N TYR F 227 5.30 59.89 -23.28
CA TYR F 227 4.17 59.73 -24.20
C TYR F 227 3.09 58.91 -23.53
N ALA F 228 3.45 57.71 -23.06
CA ALA F 228 2.53 56.86 -22.33
C ALA F 228 1.57 57.71 -21.51
N LEU F 229 2.13 58.61 -20.71
CA LEU F 229 1.34 59.43 -19.80
C LEU F 229 0.39 60.36 -20.57
N ARG F 230 0.85 60.89 -21.69
CA ARG F 230 0.02 61.77 -22.50
C ARG F 230 -1.27 61.07 -22.90
N SER F 231 -1.15 59.87 -23.45
CA SER F 231 -2.31 59.16 -23.94
C SER F 231 -3.26 58.76 -22.82
N HIS F 232 -2.71 58.42 -21.65
CA HIS F 232 -3.55 58.06 -20.51
C HIS F 232 -4.33 59.27 -20.00
N SER F 233 -3.68 60.44 -19.99
CA SER F 233 -4.32 61.67 -19.55
C SER F 233 -5.26 62.19 -20.63
N LEU F 234 -4.73 62.33 -21.83
CA LEU F 234 -5.47 62.88 -22.96
C LEU F 234 -6.72 62.05 -23.25
N ALA F 235 -6.69 60.78 -22.88
CA ALA F 235 -7.85 59.91 -23.00
C ALA F 235 -8.82 60.22 -21.88
N LYS F 236 -8.32 60.23 -20.66
CA LYS F 236 -9.14 60.50 -19.48
C LYS F 236 -9.84 61.84 -19.63
N LYS F 237 -9.16 62.79 -20.25
CA LYS F 237 -9.75 64.09 -20.54
C LYS F 237 -10.87 63.89 -21.55
N ALA F 238 -10.53 63.35 -22.71
CA ALA F 238 -11.51 63.10 -23.74
C ALA F 238 -12.71 62.32 -23.19
N GLN F 239 -12.44 61.36 -22.30
CA GLN F 239 -13.52 60.58 -21.73
C GLN F 239 -14.47 61.46 -20.94
N ASP F 240 -13.90 62.24 -20.01
CA ASP F 240 -14.70 63.14 -19.18
C ASP F 240 -15.49 64.09 -20.07
N GLU F 241 -14.82 64.70 -21.04
CA GLU F 241 -15.49 65.62 -21.97
C GLU F 241 -16.54 64.88 -22.80
N GLY F 242 -16.43 63.55 -22.86
CA GLY F 242 -17.43 62.72 -23.55
C GLY F 242 -17.20 62.61 -25.05
N LEU F 243 -15.98 62.91 -25.48
CA LEU F 243 -15.64 62.88 -26.90
C LEU F 243 -15.63 61.45 -27.43
N LEU F 244 -15.43 60.49 -26.54
CA LEU F 244 -15.47 59.07 -26.90
C LEU F 244 -16.89 58.65 -27.23
N SER F 245 -17.38 59.12 -28.38
CA SER F 245 -18.75 58.86 -28.82
C SER F 245 -18.92 57.45 -29.37
N ASP F 246 -17.85 56.91 -29.96
CA ASP F 246 -17.89 55.58 -30.55
C ASP F 246 -18.44 54.53 -29.59
N VAL F 247 -18.15 54.69 -28.29
CA VAL F 247 -18.50 53.66 -27.29
C VAL F 247 -19.98 53.59 -26.94
N VAL F 248 -20.63 52.52 -27.37
CA VAL F 248 -21.97 52.21 -26.89
C VAL F 248 -21.87 51.40 -25.61
N PRO F 249 -22.70 51.70 -24.60
CA PRO F 249 -22.67 50.89 -23.40
C PRO F 249 -23.09 49.47 -23.69
N PHE F 250 -22.84 48.56 -22.76
CA PHE F 250 -23.11 47.13 -22.99
C PHE F 250 -23.41 46.38 -21.70
N LYS F 251 -24.60 45.78 -21.66
CA LYS F 251 -25.06 45.05 -20.47
C LYS F 251 -24.58 43.61 -20.49
N VAL F 252 -23.65 43.30 -19.59
CA VAL F 252 -23.10 41.95 -19.44
C VAL F 252 -23.99 41.15 -18.50
N PRO F 253 -24.26 39.88 -18.84
CA PRO F 253 -25.18 39.06 -18.03
C PRO F 253 -24.74 38.89 -16.58
N GLY F 254 -23.43 38.82 -16.35
CA GLY F 254 -22.93 38.74 -15.00
C GLY F 254 -22.90 40.10 -14.33
N LYS F 255 -22.05 40.98 -14.83
CA LYS F 255 -21.81 42.28 -14.21
C LYS F 255 -23.01 43.22 -14.34
N ASP F 256 -22.97 44.31 -13.59
CA ASP F 256 -24.02 45.31 -13.65
C ASP F 256 -24.22 45.78 -15.09
N THR F 257 -23.21 46.45 -15.63
CA THR F 257 -23.27 47.05 -16.96
C THR F 257 -22.06 47.95 -17.10
N VAL F 258 -21.59 48.14 -18.32
CA VAL F 258 -20.37 48.90 -18.53
C VAL F 258 -20.45 49.99 -19.60
N THR F 259 -20.02 51.19 -19.23
CA THR F 259 -20.01 52.33 -20.15
C THR F 259 -18.62 52.86 -20.45
N LYS F 260 -17.71 52.75 -19.49
CA LYS F 260 -16.39 53.35 -19.62
C LYS F 260 -15.31 52.29 -19.85
N ASP F 261 -14.17 52.73 -20.36
CA ASP F 261 -13.02 51.86 -20.57
C ASP F 261 -12.30 51.59 -19.25
N ASN F 262 -11.30 50.72 -19.28
CA ASN F 262 -10.54 50.36 -18.07
C ASN F 262 -9.10 50.85 -18.09
N GLY F 263 -8.57 51.13 -19.28
CA GLY F 263 -7.16 51.47 -19.43
C GLY F 263 -6.82 52.88 -18.99
N ILE F 264 -7.85 53.70 -18.74
CA ILE F 264 -7.65 55.07 -18.25
C ILE F 264 -7.06 55.08 -16.85
N ARG F 265 -5.73 55.15 -16.77
CA ARG F 265 -5.05 55.14 -15.49
C ARG F 265 -3.71 55.88 -15.58
N PRO F 266 -3.77 57.20 -15.83
CA PRO F 266 -2.56 58.01 -15.88
C PRO F 266 -1.87 58.06 -14.53
N SER F 267 -0.53 58.15 -14.55
CA SER F 267 0.26 58.23 -13.33
C SER F 267 1.20 59.43 -13.42
N SER F 268 2.04 59.60 -12.41
CA SER F 268 3.07 60.64 -12.44
C SER F 268 4.28 60.11 -13.21
N LEU F 269 4.96 61.00 -13.94
CA LEU F 269 6.13 60.60 -14.69
C LEU F 269 7.20 60.04 -13.75
N GLU F 270 7.22 60.58 -12.53
CA GLU F 270 8.16 60.13 -11.51
C GLU F 270 7.81 58.71 -11.06
N GLN F 271 6.58 58.29 -11.34
CA GLN F 271 6.11 56.96 -10.96
C GLN F 271 6.41 55.94 -12.05
N MET F 272 6.14 56.32 -13.29
CA MET F 272 6.34 55.44 -14.43
C MET F 272 7.81 55.10 -14.62
N ALA F 273 8.68 55.91 -14.01
CA ALA F 273 10.12 55.69 -14.08
C ALA F 273 10.61 54.86 -12.91
N LYS F 274 9.81 54.81 -11.84
CA LYS F 274 10.12 53.97 -10.68
C LYS F 274 9.90 52.50 -11.02
N LEU F 275 9.38 52.25 -12.21
CA LEU F 275 8.92 50.92 -12.61
C LEU F 275 9.99 50.10 -13.34
N LYS F 276 9.89 48.78 -13.24
CA LYS F 276 10.87 47.87 -13.84
C LYS F 276 10.55 47.57 -15.30
N PRO F 277 11.55 47.15 -16.08
CA PRO F 277 11.30 46.83 -17.49
C PRO F 277 10.51 45.54 -17.59
N ALA F 278 9.77 45.37 -18.69
CA ALA F 278 8.86 44.22 -18.85
C ALA F 278 9.24 43.17 -19.90
N PHE F 279 10.02 43.56 -20.91
CA PHE F 279 10.47 42.62 -21.92
C PHE F 279 11.96 42.34 -22.12
N ILE F 280 12.77 43.37 -21.95
CA ILE F 280 14.22 43.19 -21.93
C ILE F 280 14.68 43.60 -20.52
N LYS F 281 15.00 42.62 -19.70
CA LYS F 281 15.47 42.89 -18.34
C LYS F 281 16.97 42.62 -18.24
N PRO F 282 17.68 43.38 -17.41
CA PRO F 282 17.17 44.47 -16.58
C PRO F 282 17.42 45.85 -17.19
N TYR F 283 18.09 45.90 -18.34
CA TYR F 283 18.45 47.17 -18.97
C TYR F 283 17.41 47.65 -19.99
N GLY F 284 16.15 47.25 -19.79
CA GLY F 284 15.09 47.53 -20.75
C GLY F 284 14.57 48.95 -20.70
N THR F 285 14.04 49.40 -21.83
CA THR F 285 13.43 50.72 -21.89
C THR F 285 11.91 50.61 -21.86
N VAL F 286 11.38 49.44 -22.22
CA VAL F 286 9.93 49.22 -22.27
C VAL F 286 9.40 48.60 -20.98
N THR F 287 8.36 49.22 -20.43
CA THR F 287 7.76 48.80 -19.17
C THR F 287 6.30 48.45 -19.38
N ALA F 288 5.66 48.03 -18.29
CA ALA F 288 4.25 47.70 -18.31
C ALA F 288 3.40 48.93 -18.50
N ALA F 289 3.88 50.07 -18.00
CA ALA F 289 3.12 51.33 -18.01
C ALA F 289 3.19 52.03 -19.36
N ASN F 290 4.33 51.92 -20.05
CA ASN F 290 4.48 52.51 -21.37
C ASN F 290 4.19 51.50 -22.49
N SER F 291 3.48 50.44 -22.13
CA SER F 291 2.99 49.45 -23.10
C SER F 291 1.47 49.44 -23.08
N SER F 292 0.87 48.86 -24.11
CA SER F 292 -0.58 48.62 -24.12
C SER F 292 -0.84 47.40 -23.25
N PHE F 293 -2.01 46.81 -23.37
CA PHE F 293 -2.38 45.70 -22.48
C PHE F 293 -3.44 44.78 -23.06
N LEU F 294 -3.56 43.60 -22.48
CA LEU F 294 -4.54 42.61 -22.91
C LEU F 294 -5.93 43.19 -22.74
N THR F 295 -6.67 43.31 -23.84
CA THR F 295 -7.98 43.94 -23.81
C THR F 295 -9.07 43.16 -24.53
N ASP F 296 -10.24 43.10 -23.91
CA ASP F 296 -11.41 42.53 -24.52
C ASP F 296 -12.20 43.68 -25.14
N GLY F 297 -12.81 43.44 -26.30
CA GLY F 297 -13.55 44.49 -26.98
C GLY F 297 -13.97 44.15 -28.39
N ALA F 298 -14.95 44.89 -28.89
CA ALA F 298 -15.52 44.67 -30.22
C ALA F 298 -15.88 46.00 -30.83
N SER F 299 -15.95 46.03 -32.16
CA SER F 299 -16.25 47.26 -32.88
C SER F 299 -17.05 46.97 -34.12
N ALA F 300 -18.01 47.86 -34.41
CA ALA F 300 -18.83 47.74 -35.60
C ALA F 300 -18.89 49.08 -36.31
N MET F 301 -19.29 49.05 -37.58
CA MET F 301 -19.32 50.25 -38.40
C MET F 301 -20.25 50.02 -39.57
N LEU F 302 -21.08 51.01 -39.89
CA LEU F 302 -21.93 50.92 -41.07
C LEU F 302 -21.32 51.74 -42.20
N ILE F 303 -20.76 51.04 -43.19
CA ILE F 303 -20.17 51.68 -44.35
C ILE F 303 -21.02 51.40 -45.59
N MET F 304 -21.32 52.45 -46.35
CA MET F 304 -22.11 52.30 -47.57
C MET F 304 -21.77 53.37 -48.59
N ALA F 305 -22.16 53.12 -49.84
CA ALA F 305 -21.89 54.04 -50.92
C ALA F 305 -22.70 55.33 -50.74
N GLU F 306 -22.09 56.45 -51.12
CA GLU F 306 -22.71 57.77 -50.95
C GLU F 306 -24.13 57.84 -51.49
N GLU F 307 -24.30 57.45 -52.75
CA GLU F 307 -25.60 57.53 -53.42
C GLU F 307 -26.72 56.86 -52.61
N LYS F 308 -26.37 55.81 -51.87
CA LYS F 308 -27.33 55.12 -51.01
C LYS F 308 -27.48 55.82 -49.67
N ALA F 309 -26.36 56.12 -49.03
CA ALA F 309 -26.37 56.76 -47.73
C ALA F 309 -27.31 57.97 -47.73
N LEU F 310 -27.19 58.80 -48.76
CA LEU F 310 -28.02 60.00 -48.89
C LEU F 310 -29.46 59.63 -49.24
N ALA F 311 -29.62 58.69 -50.15
CA ALA F 311 -30.95 58.21 -50.53
C ALA F 311 -31.65 57.57 -49.34
N MET F 312 -30.88 56.90 -48.49
CA MET F 312 -31.41 56.31 -47.26
C MET F 312 -31.84 57.42 -46.32
N GLY F 313 -31.31 58.61 -46.53
CA GLY F 313 -31.62 59.76 -45.70
C GLY F 313 -30.70 59.86 -44.50
N TYR F 314 -29.42 59.54 -44.72
CA TYR F 314 -28.43 59.65 -43.65
C TYR F 314 -27.62 60.90 -43.81
N LYS F 315 -26.83 61.21 -42.79
CA LYS F 315 -25.92 62.35 -42.82
C LYS F 315 -24.50 61.84 -42.55
N PRO F 316 -23.84 61.29 -43.58
CA PRO F 316 -22.52 60.67 -43.50
C PRO F 316 -21.50 61.44 -42.66
N LYS F 317 -20.72 60.72 -41.87
CA LYS F 317 -19.74 61.34 -40.99
C LYS F 317 -18.43 61.59 -41.71
N ALA F 318 -18.09 60.75 -42.67
CA ALA F 318 -16.85 60.92 -43.44
C ALA F 318 -16.80 60.07 -44.70
N TYR F 319 -15.83 60.41 -45.56
CA TYR F 319 -15.53 59.62 -46.73
C TYR F 319 -14.44 58.61 -46.38
N LEU F 320 -14.58 57.37 -46.84
CA LEU F 320 -13.47 56.44 -46.78
C LEU F 320 -12.65 56.66 -48.04
N ARG F 321 -11.59 57.45 -47.91
CA ARG F 321 -10.74 57.78 -49.04
C ARG F 321 -9.70 56.69 -49.30
N ASP F 322 -8.51 57.08 -49.72
CA ASP F 322 -7.48 56.14 -50.13
C ASP F 322 -6.87 55.39 -48.96
N PHE F 323 -6.31 54.21 -49.24
CA PHE F 323 -5.70 53.39 -48.20
C PHE F 323 -4.58 52.53 -48.78
N MET F 324 -3.79 51.92 -47.91
CA MET F 324 -2.65 51.11 -48.36
C MET F 324 -2.16 50.10 -47.30
N TYR F 325 -2.00 48.85 -47.73
CA TYR F 325 -1.42 47.81 -46.88
C TYR F 325 0.03 47.58 -47.29
N VAL F 326 0.91 47.41 -46.31
CA VAL F 326 2.32 47.15 -46.57
C VAL F 326 2.85 46.03 -45.70
N SER F 327 4.11 45.68 -45.88
CA SER F 327 4.72 44.64 -45.07
C SER F 327 6.22 44.89 -44.91
N GLN F 328 6.80 44.30 -43.86
CA GLN F 328 8.19 44.53 -43.49
C GLN F 328 8.97 43.23 -43.45
N ASP F 329 10.09 43.25 -42.74
CA ASP F 329 10.79 42.05 -42.32
C ASP F 329 10.57 41.87 -40.83
N PRO F 330 9.70 40.92 -40.44
CA PRO F 330 9.34 40.69 -39.05
C PRO F 330 10.51 40.57 -38.08
N LYS F 331 11.60 40.00 -38.52
CA LYS F 331 12.73 39.74 -37.63
C LYS F 331 13.21 41.02 -36.97
N ASP F 332 13.57 42.01 -37.78
CA ASP F 332 14.27 43.19 -37.28
C ASP F 332 13.48 44.50 -37.39
N GLN F 333 12.40 44.51 -38.18
CA GLN F 333 11.55 45.70 -38.26
C GLN F 333 10.09 45.39 -38.56
N LEU F 334 9.40 44.82 -37.58
CA LEU F 334 8.01 44.42 -37.78
C LEU F 334 7.03 45.53 -37.39
N LEU F 335 7.42 46.37 -36.43
CA LEU F 335 6.53 47.41 -35.92
C LEU F 335 6.65 48.73 -36.66
N LEU F 336 7.32 48.74 -37.80
CA LEU F 336 7.52 49.98 -38.56
C LEU F 336 6.46 50.16 -39.66
N GLY F 337 5.35 49.43 -39.54
CA GLY F 337 4.27 49.50 -40.51
C GLY F 337 4.00 50.91 -41.02
N PRO F 338 3.57 51.81 -40.12
CA PRO F 338 3.23 53.17 -40.48
C PRO F 338 4.30 53.86 -41.33
N THR F 339 5.54 53.85 -40.84
CA THR F 339 6.63 54.52 -41.54
C THR F 339 6.63 54.15 -43.03
N TYR F 340 6.48 52.86 -43.33
CA TYR F 340 6.43 52.40 -44.72
C TYR F 340 5.07 52.71 -45.33
N ALA F 341 4.01 52.59 -44.54
CA ALA F 341 2.66 52.74 -45.04
C ALA F 341 2.33 54.20 -45.35
N THR F 342 2.40 55.05 -44.33
CA THR F 342 2.00 56.45 -44.44
C THR F 342 2.29 57.07 -45.82
N PRO F 343 3.54 57.00 -46.29
CA PRO F 343 3.82 57.56 -47.60
C PRO F 343 2.96 56.93 -48.69
N LYS F 344 3.19 55.66 -48.99
CA LYS F 344 2.54 54.99 -50.11
C LYS F 344 1.10 55.50 -50.35
N VAL F 345 0.31 55.58 -49.27
CA VAL F 345 -1.08 56.03 -49.37
C VAL F 345 -1.14 57.54 -49.54
N LEU F 346 -0.34 58.25 -48.76
CA LEU F 346 -0.36 59.70 -48.76
C LEU F 346 -0.04 60.26 -50.15
N GLU F 347 0.80 59.56 -50.89
CA GLU F 347 1.17 59.99 -52.24
C GLU F 347 0.19 59.43 -53.26
N LYS F 348 -0.29 58.21 -53.02
CA LYS F 348 -1.24 57.58 -53.93
C LYS F 348 -2.49 58.43 -54.04
N ALA F 349 -2.90 59.01 -52.91
CA ALA F 349 -4.03 59.93 -52.88
C ALA F 349 -3.62 61.29 -53.43
N GLY F 350 -2.36 61.67 -53.18
CA GLY F 350 -1.83 62.94 -53.67
C GLY F 350 -1.96 64.06 -52.67
N LEU F 351 -1.42 63.85 -51.47
CA LEU F 351 -1.41 64.88 -50.43
C LEU F 351 -0.04 64.86 -49.74
N THR F 352 0.07 65.57 -48.61
CA THR F 352 1.31 65.58 -47.83
C THR F 352 1.05 65.77 -46.33
N MET F 353 2.07 65.53 -45.53
CA MET F 353 1.97 65.66 -44.07
C MET F 353 1.21 66.92 -43.69
N ASN F 354 1.31 67.93 -44.54
CA ASN F 354 0.69 69.22 -44.30
C ASN F 354 -0.81 69.22 -44.60
N ASP F 355 -1.18 68.59 -45.72
CA ASP F 355 -2.59 68.51 -46.08
C ASP F 355 -3.39 67.78 -45.00
N ILE F 356 -2.67 67.01 -44.18
CA ILE F 356 -3.28 66.27 -43.07
C ILE F 356 -3.28 67.10 -41.78
N ASP F 357 -4.44 67.20 -41.14
CA ASP F 357 -4.56 67.93 -39.88
C ASP F 357 -5.13 67.04 -38.76
N ALA F 358 -5.13 65.73 -38.96
CA ALA F 358 -5.59 64.79 -37.94
C ALA F 358 -4.92 63.41 -38.08
N PHE F 359 -4.23 62.99 -37.03
CA PHE F 359 -3.52 61.71 -37.03
C PHE F 359 -3.99 60.78 -35.91
N GLU F 360 -4.70 59.72 -36.27
CA GLU F 360 -5.01 58.64 -35.34
C GLU F 360 -4.17 57.41 -35.71
N PHE F 361 -3.13 57.15 -34.91
CA PHE F 361 -2.30 55.95 -35.09
C PHE F 361 -2.62 54.90 -34.02
N HIS F 362 -2.17 53.67 -34.26
CA HIS F 362 -2.28 52.61 -33.25
C HIS F 362 -1.12 52.74 -32.28
N GLU F 363 -1.44 52.66 -30.99
CA GLU F 363 -0.42 52.75 -29.94
C GLU F 363 -0.13 51.37 -29.36
N ALA F 364 0.72 50.61 -30.03
CA ALA F 364 1.10 49.29 -29.55
C ALA F 364 1.94 49.45 -28.30
N PHE F 365 2.99 50.26 -28.41
CA PHE F 365 3.86 50.58 -27.29
C PHE F 365 4.34 52.02 -27.41
N SER F 366 4.63 52.65 -26.28
CA SER F 366 5.14 54.01 -26.31
C SER F 366 6.34 54.03 -27.24
N GLY F 367 7.31 53.17 -26.98
CA GLY F 367 8.52 53.10 -27.78
C GLY F 367 8.27 52.72 -29.23
N GLN F 368 7.10 52.18 -29.51
CA GLN F 368 6.73 51.79 -30.88
C GLN F 368 6.48 53.02 -31.76
N ILE F 369 5.77 54.00 -31.20
CA ILE F 369 5.44 55.22 -31.94
C ILE F 369 6.63 56.18 -31.97
N LEU F 370 7.08 56.56 -30.77
CA LEU F 370 8.20 57.48 -30.64
C LEU F 370 9.35 57.08 -31.56
N ALA F 371 9.48 55.77 -31.83
CA ALA F 371 10.53 55.26 -32.70
C ALA F 371 10.12 55.31 -34.16
N ASN F 372 8.85 55.04 -34.43
CA ASN F 372 8.29 55.18 -35.77
C ASN F 372 8.41 56.62 -36.25
N PHE F 373 8.12 57.56 -35.35
CA PHE F 373 8.38 58.97 -35.60
C PHE F 373 9.81 59.16 -36.09
N LYS F 374 10.77 58.77 -35.26
CA LYS F 374 12.19 58.93 -35.53
C LYS F 374 12.54 58.45 -36.94
N ALA F 375 11.96 57.31 -37.33
CA ALA F 375 12.23 56.70 -38.63
C ALA F 375 11.60 57.50 -39.77
N MET F 376 10.43 58.06 -39.49
CA MET F 376 9.73 58.87 -40.47
C MET F 376 10.46 60.19 -40.67
N ASP F 377 11.23 60.59 -39.66
CA ASP F 377 11.90 61.88 -39.65
C ASP F 377 13.35 61.78 -40.11
N SER F 378 13.80 60.58 -40.46
CA SER F 378 15.18 60.38 -40.89
C SER F 378 15.30 60.26 -42.40
N ASP F 379 16.05 61.18 -42.99
CA ASP F 379 16.36 61.12 -44.41
C ASP F 379 17.17 59.86 -44.66
N TRP F 380 18.09 59.55 -43.74
CA TRP F 380 18.94 58.37 -43.87
C TRP F 380 18.08 57.12 -44.04
N PHE F 381 17.26 56.84 -43.04
CA PHE F 381 16.41 55.66 -43.08
C PHE F 381 15.60 55.63 -44.37
N ALA F 382 14.99 56.77 -44.69
CA ALA F 382 14.21 56.90 -45.91
C ALA F 382 15.03 56.50 -47.13
N GLU F 383 16.23 57.05 -47.23
CA GLU F 383 17.13 56.75 -48.35
C GLU F 383 17.52 55.29 -48.36
N ASN F 384 18.02 54.82 -47.22
CA ASN F 384 18.57 53.47 -47.14
C ASN F 384 17.51 52.39 -47.34
N TYR F 385 16.54 52.34 -46.45
CA TYR F 385 15.59 51.22 -46.42
C TYR F 385 14.33 51.48 -47.23
N MET F 386 13.64 52.57 -46.92
CA MET F 386 12.41 52.90 -47.62
C MET F 386 12.66 53.03 -49.12
N GLY F 387 13.89 53.35 -49.49
CA GLY F 387 14.28 53.47 -50.90
C GLY F 387 13.63 54.67 -51.55
N ARG F 388 13.83 55.84 -50.95
CA ARG F 388 13.20 57.05 -51.46
C ARG F 388 14.17 58.24 -51.42
N LYS F 389 13.66 59.41 -51.79
CA LYS F 389 14.47 60.62 -51.88
C LYS F 389 14.76 61.19 -50.48
N THR F 390 13.74 61.73 -49.85
CA THR F 390 13.87 62.34 -48.52
C THR F 390 12.90 61.71 -47.52
N LYS F 391 13.05 62.09 -46.25
CA LYS F 391 12.28 61.51 -45.17
C LYS F 391 10.77 61.55 -45.39
N VAL F 392 10.04 60.75 -44.63
CA VAL F 392 8.58 60.71 -44.71
C VAL F 392 7.97 61.99 -44.16
N GLY F 393 8.45 62.39 -42.99
CA GLY F 393 7.97 63.63 -42.37
C GLY F 393 7.27 63.38 -41.05
N LEU F 394 7.94 63.75 -39.96
CA LEU F 394 7.40 63.58 -38.62
C LEU F 394 6.04 64.28 -38.50
N PRO F 395 4.98 63.50 -38.28
CA PRO F 395 3.69 64.14 -38.09
C PRO F 395 3.69 65.06 -36.88
N PRO F 396 3.02 66.21 -36.98
CA PRO F 396 2.95 67.16 -35.86
C PRO F 396 2.43 66.52 -34.59
N LEU F 397 3.33 66.27 -33.64
CA LEU F 397 3.00 65.57 -32.40
C LEU F 397 1.78 66.18 -31.70
N GLU F 398 1.27 67.27 -32.26
CA GLU F 398 0.17 68.02 -31.67
C GLU F 398 -1.17 67.65 -32.32
N LYS F 399 -1.12 67.09 -33.52
CA LYS F 399 -2.32 66.65 -34.23
C LYS F 399 -2.44 65.13 -34.15
N PHE F 400 -1.78 64.55 -33.15
CA PHE F 400 -1.57 63.11 -33.09
C PHE F 400 -2.27 62.52 -31.89
N ASN F 401 -3.16 61.56 -32.13
CA ASN F 401 -3.88 60.87 -31.07
C ASN F 401 -4.39 61.81 -29.99
N ASN F 402 -5.23 62.75 -30.40
CA ASN F 402 -5.70 63.83 -29.53
C ASN F 402 -6.75 63.40 -28.52
N TRP F 403 -7.48 62.32 -28.82
CA TRP F 403 -8.43 61.77 -27.85
C TRP F 403 -7.89 60.45 -27.32
N GLY F 404 -6.59 60.40 -27.10
CA GLY F 404 -5.92 59.20 -26.60
C GLY F 404 -5.79 58.13 -27.67
N GLY F 405 -5.09 57.04 -27.32
CA GLY F 405 -4.90 55.93 -28.25
C GLY F 405 -4.92 54.57 -27.57
N SER F 406 -4.40 53.57 -28.28
CA SER F 406 -4.49 52.17 -27.86
C SER F 406 -3.81 51.88 -26.53
N LEU F 407 -2.78 52.66 -26.23
CA LEU F 407 -1.97 52.45 -25.04
C LEU F 407 -2.79 52.74 -23.79
N SER F 408 -3.80 53.60 -23.93
CA SER F 408 -4.60 54.05 -22.80
C SER F 408 -6.01 53.50 -22.82
N LEU F 409 -6.59 53.33 -24.00
CA LEU F 409 -7.95 52.82 -24.13
C LEU F 409 -7.94 51.29 -24.16
N GLY F 410 -7.09 50.75 -25.03
CA GLY F 410 -6.96 49.31 -25.18
C GLY F 410 -6.70 48.91 -26.61
N HIS F 411 -6.17 47.70 -26.80
CA HIS F 411 -5.89 47.18 -28.11
C HIS F 411 -6.42 45.77 -28.31
N PRO F 412 -7.74 45.63 -28.46
CA PRO F 412 -8.28 44.33 -28.85
C PRO F 412 -7.91 44.02 -30.29
N PHE F 413 -6.98 43.08 -30.48
CA PHE F 413 -6.57 42.66 -31.79
C PHE F 413 -7.78 42.55 -32.69
N GLY F 414 -7.75 43.23 -33.83
CA GLY F 414 -8.79 43.06 -34.82
C GLY F 414 -10.15 43.59 -34.39
N ALA F 415 -10.14 44.45 -33.40
CA ALA F 415 -11.29 45.27 -33.10
C ALA F 415 -10.83 46.72 -32.96
N THR F 416 -9.52 46.92 -32.87
CA THR F 416 -8.93 48.24 -32.68
C THR F 416 -8.81 49.01 -33.97
N GLY F 417 -8.79 48.29 -35.10
CA GLY F 417 -8.66 48.93 -36.40
C GLY F 417 -9.80 49.88 -36.72
N CYS F 418 -11.00 49.57 -36.22
CA CYS F 418 -12.15 50.44 -36.46
C CYS F 418 -12.11 51.64 -35.53
N ARG F 419 -11.94 51.40 -34.23
CA ARG F 419 -11.94 52.48 -33.26
C ARG F 419 -11.07 53.65 -33.70
N LEU F 420 -10.08 53.38 -34.54
CA LEU F 420 -9.18 54.43 -35.04
C LEU F 420 -9.84 55.31 -36.10
N VAL F 421 -10.14 54.74 -37.25
CA VAL F 421 -10.82 55.46 -38.32
C VAL F 421 -12.08 56.15 -37.79
N MET F 422 -12.78 55.49 -36.88
CA MET F 422 -14.00 56.03 -36.34
C MET F 422 -13.71 57.28 -35.51
N ALA F 423 -12.69 57.18 -34.67
CA ALA F 423 -12.25 58.30 -33.84
C ALA F 423 -11.30 59.20 -34.60
N ALA F 424 -11.34 59.12 -35.93
CA ALA F 424 -10.59 60.03 -36.79
C ALA F 424 -11.56 60.99 -37.45
N ALA F 425 -12.55 60.43 -38.13
CA ALA F 425 -13.65 61.21 -38.70
C ALA F 425 -14.38 61.93 -37.58
N ASN F 426 -14.42 61.30 -36.41
CA ASN F 426 -15.07 61.89 -35.25
C ASN F 426 -14.33 63.16 -34.83
N ARG F 427 -13.01 63.12 -34.83
CA ARG F 427 -12.22 64.30 -34.50
C ARG F 427 -12.40 65.39 -35.55
N LEU F 428 -12.35 65.01 -36.83
CA LEU F 428 -12.47 65.97 -37.93
C LEU F 428 -13.75 66.81 -37.85
N ARG F 429 -14.79 66.26 -37.25
CA ARG F 429 -16.03 67.00 -37.03
C ARG F 429 -15.91 67.90 -35.81
N LYS F 430 -15.77 67.29 -34.64
CA LYS F 430 -15.86 68.01 -33.37
C LYS F 430 -14.68 68.97 -33.13
N GLU F 431 -13.53 68.69 -33.76
CA GLU F 431 -12.39 69.59 -33.67
C GLU F 431 -12.26 70.45 -34.93
N GLY F 432 -12.80 69.96 -36.03
CA GLY F 432 -12.67 70.62 -37.33
C GLY F 432 -11.49 70.09 -38.13
N GLY F 433 -11.60 70.17 -39.45
CA GLY F 433 -10.54 69.71 -40.35
C GLY F 433 -11.16 68.97 -41.51
N GLN F 434 -10.34 68.56 -42.48
CA GLN F 434 -10.85 67.81 -43.63
C GLN F 434 -10.20 66.44 -43.80
N TYR F 435 -8.87 66.40 -43.72
CA TYR F 435 -8.12 65.18 -44.00
C TYR F 435 -7.46 64.55 -42.76
N GLY F 436 -7.85 63.32 -42.45
CA GLY F 436 -7.27 62.59 -41.34
C GLY F 436 -6.54 61.34 -41.81
N LEU F 437 -5.33 61.13 -41.31
CA LEU F 437 -4.55 59.94 -41.65
C LEU F 437 -4.57 58.95 -40.49
N VAL F 438 -5.13 57.78 -40.73
CA VAL F 438 -5.09 56.71 -39.76
C VAL F 438 -4.13 55.63 -40.24
N ALA F 439 -3.23 55.19 -39.36
CA ALA F 439 -2.28 54.15 -39.68
C ALA F 439 -2.06 53.26 -38.46
N ALA F 440 -1.44 52.09 -38.67
CA ALA F 440 -1.25 51.14 -37.58
C ALA F 440 -0.21 50.09 -37.91
N CYS F 441 0.64 49.81 -36.93
CA CYS F 441 1.59 48.71 -37.05
C CYS F 441 0.88 47.44 -36.67
N ALA F 442 1.31 46.32 -37.24
CA ALA F 442 0.69 45.04 -36.94
C ALA F 442 1.71 43.92 -36.85
N ALA F 443 1.40 42.91 -36.04
CA ALA F 443 2.19 41.71 -36.01
C ALA F 443 2.09 41.03 -37.37
N GLY F 444 2.98 40.09 -37.62
CA GLY F 444 3.11 39.50 -38.94
C GLY F 444 4.04 40.34 -39.77
N GLY F 445 4.66 41.32 -39.12
CA GLY F 445 5.49 42.29 -39.82
C GLY F 445 4.71 42.99 -40.92
N GLN F 446 3.62 43.64 -40.54
CA GLN F 446 2.77 44.33 -41.50
C GLN F 446 2.36 45.71 -41.02
N GLY F 447 1.59 46.41 -41.86
CA GLY F 447 1.12 47.75 -41.52
C GLY F 447 0.08 48.26 -42.50
N HIS F 448 -0.70 49.25 -42.06
CA HIS F 448 -1.80 49.79 -42.85
C HIS F 448 -1.95 51.27 -42.61
N ALA F 449 -2.36 52.00 -43.64
CA ALA F 449 -2.63 53.43 -43.51
C ALA F 449 -3.83 53.80 -44.38
N MET F 450 -4.66 54.71 -43.89
CA MET F 450 -5.84 55.15 -44.64
C MET F 450 -6.11 56.64 -44.49
N ILE F 451 -6.61 57.25 -45.56
CA ILE F 451 -6.98 58.66 -45.57
C ILE F 451 -8.48 58.80 -45.34
N VAL F 452 -8.86 59.60 -44.36
CA VAL F 452 -10.27 59.85 -44.08
C VAL F 452 -10.60 61.30 -44.40
N GLU F 453 -11.52 61.50 -45.33
CA GLU F 453 -11.95 62.84 -45.72
C GLU F 453 -13.26 63.16 -45.02
N ALA F 454 -13.30 64.28 -44.32
CA ALA F 454 -14.50 64.68 -43.60
C ALA F 454 -15.66 64.91 -44.57
N TYR F 455 -16.85 65.10 -44.02
CA TYR F 455 -18.06 65.25 -44.81
C TYR F 455 -18.73 66.58 -44.45
N PRO F 456 -19.36 67.24 -45.44
CA PRO F 456 -20.02 68.52 -45.18
C PRO F 456 -21.42 68.38 -44.58
N ARG G 2 -64.84 7.82 46.27
CA ARG G 2 -63.68 7.25 45.53
C ARG G 2 -62.59 6.78 46.49
N THR G 3 -62.66 5.52 46.88
CA THR G 3 -61.70 4.95 47.82
C THR G 3 -60.34 4.70 47.15
N HIS G 4 -60.35 4.51 45.84
CA HIS G 4 -59.12 4.24 45.09
C HIS G 4 -58.58 5.52 44.45
N ILE G 5 -59.20 5.93 43.35
CA ILE G 5 -58.73 7.08 42.57
C ILE G 5 -59.18 8.40 43.18
N ASN G 6 -58.21 9.26 43.50
CA ASN G 6 -58.50 10.60 43.97
C ASN G 6 -58.38 11.63 42.85
N TYR G 7 -58.66 12.88 43.17
CA TYR G 7 -58.67 13.93 42.16
C TYR G 7 -57.84 15.12 42.66
N GLY G 8 -57.94 16.26 41.98
CA GLY G 8 -57.18 17.45 42.33
C GLY G 8 -56.64 18.11 41.08
N VAL G 9 -56.58 19.44 41.08
CA VAL G 9 -56.18 20.18 39.88
C VAL G 9 -55.27 21.36 40.21
N LYS G 10 -54.39 21.71 39.27
CA LYS G 10 -53.50 22.86 39.40
C LYS G 10 -53.26 23.51 38.04
N GLY G 11 -53.62 24.79 37.91
CA GLY G 11 -53.49 25.50 36.64
C GLY G 11 -54.34 24.82 35.60
N ASP G 12 -53.86 24.77 34.35
CA ASP G 12 -54.57 24.05 33.30
C ASP G 12 -54.05 22.61 33.22
N VAL G 13 -53.89 21.99 34.40
CA VAL G 13 -53.35 20.63 34.48
C VAL G 13 -53.93 19.83 35.65
N ALA G 14 -54.69 18.79 35.33
CA ALA G 14 -55.27 17.91 36.34
C ALA G 14 -54.21 16.99 36.90
N VAL G 15 -54.41 16.51 38.12
CA VAL G 15 -53.47 15.61 38.77
C VAL G 15 -54.19 14.44 39.44
N VAL G 16 -54.43 13.39 38.68
CA VAL G 16 -55.01 12.16 39.20
C VAL G 16 -54.02 11.47 40.13
N ARG G 17 -54.53 10.76 41.14
CA ARG G 17 -53.69 10.16 42.16
C ARG G 17 -54.16 8.75 42.51
N ILE G 18 -53.46 7.75 42.00
CA ILE G 18 -53.83 6.36 42.23
C ILE G 18 -53.37 5.90 43.61
N ASN G 19 -54.32 5.41 44.42
CA ASN G 19 -54.00 4.79 45.69
C ASN G 19 -55.14 3.89 46.19
N SER G 20 -54.89 2.59 46.20
CA SER G 20 -55.89 1.60 46.61
C SER G 20 -56.29 1.78 48.07
N PRO G 21 -57.44 1.19 48.47
CA PRO G 21 -57.94 1.34 49.84
C PRO G 21 -56.97 0.82 50.90
N ASN G 22 -56.50 -0.42 50.71
CA ASN G 22 -55.50 -0.99 51.61
C ASN G 22 -54.19 -0.22 51.49
N SER G 23 -53.90 0.27 50.27
CA SER G 23 -52.73 1.11 50.01
C SER G 23 -51.46 0.29 49.79
N LYS G 24 -51.50 -0.99 50.18
CA LYS G 24 -50.35 -1.87 50.07
C LYS G 24 -49.74 -1.84 48.67
N VAL G 25 -50.56 -2.13 47.67
CA VAL G 25 -50.13 -2.12 46.28
C VAL G 25 -51.35 -1.83 45.40
N ASN G 26 -51.23 -0.80 44.57
CA ASN G 26 -52.34 -0.39 43.72
C ASN G 26 -52.55 -1.39 42.59
N THR G 27 -53.64 -2.16 42.67
CA THR G 27 -54.01 -3.09 41.60
C THR G 27 -55.27 -2.60 40.88
N LEU G 28 -55.52 -3.13 39.68
CA LEU G 28 -56.63 -2.66 38.86
C LEU G 28 -57.93 -3.41 39.17
N SER G 29 -58.70 -2.87 40.11
CA SER G 29 -59.99 -3.45 40.45
C SER G 29 -61.07 -2.96 39.50
N LYS G 30 -62.17 -3.71 39.43
CA LYS G 30 -63.31 -3.30 38.63
C LYS G 30 -63.82 -1.95 39.11
N GLU G 31 -63.99 -1.82 40.42
CA GLU G 31 -64.51 -0.59 41.01
C GLU G 31 -63.53 0.56 40.83
N LEU G 32 -62.23 0.25 40.85
CA LEU G 32 -61.21 1.26 40.58
C LEU G 32 -61.38 1.72 39.14
N HIS G 33 -61.42 0.75 38.23
CA HIS G 33 -61.68 1.03 36.82
C HIS G 33 -62.84 2.00 36.67
N SER G 34 -63.86 1.83 37.49
CA SER G 34 -65.02 2.70 37.46
C SER G 34 -64.62 4.13 37.82
N GLU G 35 -64.18 4.32 39.07
CA GLU G 35 -63.81 5.65 39.56
C GLU G 35 -62.95 6.38 38.55
N PHE G 36 -61.91 5.71 38.07
CA PHE G 36 -61.00 6.28 37.09
C PHE G 36 -61.77 6.69 35.84
N SER G 37 -62.55 5.76 35.30
CA SER G 37 -63.32 6.02 34.08
C SER G 37 -64.17 7.28 34.27
N GLU G 38 -64.58 7.53 35.50
CA GLU G 38 -65.39 8.72 35.83
C GLU G 38 -64.54 9.98 35.89
N VAL G 39 -63.40 9.90 36.59
CA VAL G 39 -62.52 11.06 36.80
C VAL G 39 -62.02 11.63 35.47
N MET G 40 -61.77 10.74 34.50
CA MET G 40 -61.34 11.17 33.18
C MET G 40 -62.40 12.05 32.54
N ASN G 41 -63.58 11.49 32.29
CA ASN G 41 -64.67 12.23 31.68
C ASN G 41 -64.75 13.67 32.22
N GLU G 42 -64.55 13.82 33.53
CA GLU G 42 -64.58 15.13 34.15
C GLU G 42 -63.52 16.03 33.53
N ILE G 43 -62.25 15.61 33.63
CA ILE G 43 -61.14 16.42 33.13
C ILE G 43 -61.12 16.48 31.60
N TRP G 44 -61.66 15.45 30.96
CA TRP G 44 -61.81 15.42 29.51
C TRP G 44 -62.71 16.53 29.04
N ALA G 45 -63.96 16.48 29.48
CA ALA G 45 -64.98 17.43 29.02
C ALA G 45 -64.75 18.83 29.58
N SER G 46 -64.39 18.91 30.86
CA SER G 46 -64.12 20.19 31.50
C SER G 46 -63.17 21.04 30.66
N ASP G 47 -63.68 22.14 30.13
CA ASP G 47 -62.87 23.04 29.30
C ASP G 47 -61.84 23.77 30.15
N GLN G 48 -61.94 23.60 31.47
CA GLN G 48 -61.03 24.27 32.40
C GLN G 48 -59.62 23.71 32.32
N ILE G 49 -59.50 22.48 31.81
CA ILE G 49 -58.23 21.75 31.87
C ILE G 49 -57.73 21.39 30.47
N ARG G 50 -56.49 21.77 30.19
CA ARG G 50 -55.87 21.58 28.88
C ARG G 50 -54.96 20.34 28.85
N SER G 51 -54.48 19.93 30.03
CA SER G 51 -53.55 18.81 30.15
C SER G 51 -53.74 18.09 31.50
N ALA G 52 -52.99 17.02 31.73
CA ALA G 52 -53.16 16.25 32.97
C ALA G 52 -52.02 15.27 33.28
N VAL G 53 -52.00 14.82 34.52
CA VAL G 53 -50.98 13.89 35.03
C VAL G 53 -51.65 12.80 35.88
N LEU G 54 -51.01 11.64 35.99
CA LEU G 54 -51.48 10.61 36.92
C LEU G 54 -50.29 9.88 37.54
N ILE G 55 -50.22 9.94 38.87
CA ILE G 55 -49.12 9.35 39.64
C ILE G 55 -49.67 8.53 40.81
N SER G 56 -48.86 7.63 41.35
CA SER G 56 -49.26 6.82 42.50
C SER G 56 -48.91 7.50 43.82
N SER G 57 -49.90 7.65 44.69
CA SER G 57 -49.67 8.17 46.03
C SER G 57 -49.02 7.09 46.88
N LYS G 58 -49.49 5.85 46.71
CA LYS G 58 -48.93 4.71 47.43
C LYS G 58 -47.45 4.58 47.11
N PRO G 59 -46.61 4.51 48.14
CA PRO G 59 -45.16 4.54 48.00
C PRO G 59 -44.57 3.24 47.46
N GLY G 60 -45.20 2.12 47.80
CA GLY G 60 -44.73 0.81 47.37
C GLY G 60 -44.58 0.67 45.86
N CYS G 61 -45.51 1.24 45.11
CA CYS G 61 -45.51 1.07 43.66
C CYS G 61 -46.43 2.03 42.91
N PHE G 62 -46.54 1.80 41.60
CA PHE G 62 -47.41 2.55 40.72
C PHE G 62 -48.68 1.73 40.44
N ILE G 63 -48.52 0.65 39.68
CA ILE G 63 -49.63 -0.25 39.35
C ILE G 63 -49.12 -1.69 39.24
N ALA G 64 -50.02 -2.66 39.42
CA ALA G 64 -49.64 -4.07 39.34
C ALA G 64 -50.59 -4.94 38.49
N GLY G 65 -51.86 -4.56 38.40
CA GLY G 65 -52.86 -5.33 37.64
C GLY G 65 -53.52 -6.41 38.48
N ALA G 66 -54.85 -6.34 38.62
CA ALA G 66 -55.56 -7.13 39.64
C ALA G 66 -55.91 -8.55 39.21
N ASP G 67 -55.41 -9.52 39.97
CA ASP G 67 -55.75 -10.93 39.80
C ASP G 67 -57.06 -11.21 40.56
N ILE G 68 -57.66 -10.15 41.08
CA ILE G 68 -58.85 -10.26 41.93
C ILE G 68 -60.04 -10.86 41.19
N ASN G 69 -60.31 -10.35 39.99
CA ASN G 69 -61.50 -10.73 39.23
C ASN G 69 -61.18 -11.60 38.02
N MET G 70 -59.91 -11.95 37.85
CA MET G 70 -59.47 -12.68 36.68
C MET G 70 -60.09 -14.08 36.64
N LEU G 71 -59.83 -14.89 37.67
CA LEU G 71 -60.44 -16.21 37.77
C LEU G 71 -61.70 -16.18 38.64
N ALA G 72 -61.98 -15.03 39.24
CA ALA G 72 -63.15 -14.88 40.10
C ALA G 72 -64.40 -14.64 39.25
N ALA G 73 -64.39 -13.55 38.47
CA ALA G 73 -65.49 -13.26 37.56
C ALA G 73 -65.37 -14.12 36.31
N CYS G 74 -64.44 -15.06 36.33
CA CYS G 74 -64.27 -16.02 35.25
C CYS G 74 -65.50 -16.91 35.17
N LYS G 75 -66.37 -16.63 34.20
CA LYS G 75 -67.56 -17.42 34.00
C LYS G 75 -67.44 -18.23 32.71
N THR G 76 -67.59 -17.56 31.57
CA THR G 76 -67.43 -18.21 30.27
C THR G 76 -66.06 -17.89 29.67
N LEU G 77 -65.76 -18.51 28.54
CA LEU G 77 -64.52 -18.23 27.82
C LEU G 77 -64.48 -16.76 27.43
N GLN G 78 -65.65 -16.20 27.10
CA GLN G 78 -65.72 -14.84 26.60
C GLN G 78 -66.27 -13.82 27.59
N GLU G 79 -66.56 -14.25 28.82
CA GLU G 79 -66.81 -13.29 29.88
C GLU G 79 -65.47 -12.71 30.32
N VAL G 80 -64.41 -13.43 29.98
CA VAL G 80 -63.05 -12.96 30.18
C VAL G 80 -62.63 -12.13 28.97
N THR G 81 -62.75 -12.72 27.78
CA THR G 81 -62.51 -12.00 26.54
C THR G 81 -63.20 -10.65 26.60
N GLN G 82 -64.43 -10.67 27.10
CA GLN G 82 -65.21 -9.46 27.30
C GLN G 82 -64.39 -8.44 28.08
N LEU G 83 -63.98 -8.82 29.28
CA LEU G 83 -63.21 -7.93 30.15
C LEU G 83 -62.07 -7.26 29.39
N SER G 84 -61.19 -8.07 28.82
CA SER G 84 -60.06 -7.54 28.06
C SER G 84 -60.49 -6.34 27.23
N GLN G 85 -61.51 -6.53 26.40
CA GLN G 85 -61.98 -5.49 25.50
C GLN G 85 -62.34 -4.22 26.27
N GLU G 86 -63.21 -4.37 27.26
CA GLU G 86 -63.65 -3.23 28.05
C GLU G 86 -62.44 -2.45 28.56
N ALA G 87 -61.35 -3.16 28.83
CA ALA G 87 -60.10 -2.52 29.23
C ALA G 87 -59.47 -1.78 28.06
N GLN G 88 -59.27 -2.50 26.95
CA GLN G 88 -58.71 -1.92 25.74
C GLN G 88 -59.40 -0.59 25.42
N ARG G 89 -60.71 -0.55 25.65
CA ARG G 89 -61.50 0.62 25.33
C ARG G 89 -61.05 1.83 26.12
N ILE G 90 -60.83 1.65 27.42
CA ILE G 90 -60.46 2.75 28.31
C ILE G 90 -59.12 3.36 27.91
N VAL G 91 -58.10 2.52 27.77
CA VAL G 91 -56.78 2.99 27.42
C VAL G 91 -56.77 3.68 26.05
N GLU G 92 -57.53 3.15 25.10
CA GLU G 92 -57.64 3.77 23.77
C GLU G 92 -58.17 5.19 23.87
N LYS G 93 -59.05 5.42 24.85
CA LYS G 93 -59.53 6.77 25.12
C LYS G 93 -58.33 7.61 25.53
N LEU G 94 -57.54 7.10 26.47
CA LEU G 94 -56.33 7.77 26.91
C LEU G 94 -55.41 8.04 25.74
N GLU G 95 -55.01 6.98 25.04
CA GLU G 95 -54.09 7.12 23.91
C GLU G 95 -54.58 8.23 23.00
N LYS G 96 -55.81 8.08 22.52
CA LYS G 96 -56.41 9.07 21.64
C LYS G 96 -57.13 10.12 22.50
N SER G 97 -56.35 10.83 23.30
CA SER G 97 -56.90 11.88 24.15
C SER G 97 -56.71 13.24 23.50
N THR G 98 -57.68 14.13 23.71
CA THR G 98 -57.60 15.48 23.19
C THR G 98 -56.70 16.31 24.09
N LYS G 99 -56.52 15.85 25.32
CA LYS G 99 -55.68 16.51 26.31
C LYS G 99 -54.50 15.64 26.66
N PRO G 100 -53.27 16.20 26.61
CA PRO G 100 -52.09 15.39 26.94
C PRO G 100 -52.19 14.78 28.34
N ILE G 101 -51.71 13.55 28.48
CA ILE G 101 -51.74 12.86 29.76
C ILE G 101 -50.38 12.26 30.08
N VAL G 102 -49.74 12.77 31.12
CA VAL G 102 -48.39 12.33 31.50
C VAL G 102 -48.45 11.28 32.60
N ALA G 103 -47.91 10.09 32.32
CA ALA G 103 -47.84 9.03 33.32
C ALA G 103 -46.60 9.23 34.20
N ALA G 104 -46.83 9.49 35.47
CA ALA G 104 -45.73 9.67 36.42
C ALA G 104 -45.53 8.39 37.23
N ILE G 105 -44.65 7.52 36.74
CA ILE G 105 -44.49 6.18 37.29
C ILE G 105 -43.47 6.13 38.42
N ASN G 106 -43.94 5.96 39.66
CA ASN G 106 -43.03 5.92 40.80
C ASN G 106 -42.37 4.56 41.04
N GLY G 107 -43.14 3.58 41.48
CA GLY G 107 -42.58 2.27 41.84
C GLY G 107 -42.84 1.18 40.81
N SER G 108 -43.30 0.02 41.27
CA SER G 108 -43.61 -1.07 40.37
C SER G 108 -44.69 -0.68 39.37
N CYS G 109 -44.45 -0.96 38.10
CA CYS G 109 -45.42 -0.70 37.04
C CYS G 109 -45.46 -1.89 36.10
N LEU G 110 -46.22 -2.91 36.48
CA LEU G 110 -46.25 -4.17 35.73
C LEU G 110 -47.62 -4.51 35.16
N GLY G 111 -47.62 -5.38 34.15
CA GLY G 111 -48.85 -5.85 33.52
C GLY G 111 -49.78 -4.71 33.16
N GLY G 112 -50.99 -4.77 33.70
CA GLY G 112 -51.98 -3.72 33.44
C GLY G 112 -51.37 -2.32 33.49
N GLY G 113 -50.73 -2.00 34.60
CA GLY G 113 -50.11 -0.70 34.80
C GLY G 113 -49.34 -0.24 33.58
N LEU G 114 -48.39 -1.07 33.14
CA LEU G 114 -47.57 -0.73 31.98
C LEU G 114 -48.44 -0.49 30.76
N GLU G 115 -49.47 -1.32 30.60
CA GLU G 115 -50.39 -1.21 29.46
C GLU G 115 -51.19 0.08 29.50
N VAL G 116 -51.10 0.80 30.60
CA VAL G 116 -51.76 2.09 30.74
C VAL G 116 -50.79 3.22 30.41
N ALA G 117 -49.69 3.27 31.13
CA ALA G 117 -48.64 4.24 30.87
C ALA G 117 -48.13 4.10 29.43
N ILE G 118 -48.32 2.91 28.87
CA ILE G 118 -47.95 2.65 27.49
C ILE G 118 -48.90 3.38 26.54
N SER G 119 -50.12 3.65 27.01
CA SER G 119 -51.13 4.35 26.19
C SER G 119 -51.04 5.86 26.38
N CYS G 120 -50.62 6.29 27.56
CA CYS G 120 -50.52 7.72 27.87
C CYS G 120 -49.51 8.44 26.97
N GLN G 121 -49.63 9.76 26.89
CA GLN G 121 -48.84 10.57 25.95
C GLN G 121 -47.36 10.57 26.30
N TYR G 122 -47.05 10.71 27.58
CA TYR G 122 -45.67 10.82 28.03
C TYR G 122 -45.47 9.97 29.27
N ARG G 123 -44.46 9.12 29.24
CA ARG G 123 -44.13 8.32 30.40
C ARG G 123 -42.93 8.96 31.09
N ILE G 124 -43.01 9.10 32.40
CA ILE G 124 -41.89 9.60 33.21
C ILE G 124 -41.75 8.74 34.45
N ALA G 125 -40.57 8.14 34.64
CA ALA G 125 -40.38 7.19 35.73
C ALA G 125 -39.14 7.48 36.55
N THR G 126 -39.16 7.05 37.81
CA THR G 126 -38.07 7.32 38.74
C THR G 126 -36.94 6.30 38.53
N LYS G 127 -35.70 6.74 38.72
CA LYS G 127 -34.54 5.85 38.63
C LYS G 127 -34.35 5.08 39.93
N ASP G 128 -35.28 4.19 40.23
CA ASP G 128 -35.26 3.44 41.48
C ASP G 128 -35.16 1.95 41.16
N ARG G 129 -34.67 1.19 42.13
CA ARG G 129 -34.59 -0.26 41.98
C ARG G 129 -35.99 -0.87 42.01
N LYS G 130 -36.84 -0.36 42.89
CA LYS G 130 -38.21 -0.83 43.03
C LYS G 130 -39.06 -0.44 41.82
N THR G 131 -38.62 0.58 41.08
CA THR G 131 -39.29 0.99 39.85
C THR G 131 -38.91 0.06 38.72
N VAL G 132 -39.80 -0.90 38.44
CA VAL G 132 -39.58 -1.85 37.36
C VAL G 132 -40.77 -1.84 36.41
N LEU G 133 -40.49 -1.97 35.11
CA LEU G 133 -41.55 -2.05 34.10
C LEU G 133 -41.49 -3.42 33.44
N GLY G 134 -42.65 -4.04 33.21
CA GLY G 134 -42.69 -5.38 32.63
C GLY G 134 -44.08 -5.89 32.29
N THR G 135 -44.12 -7.00 31.55
CA THR G 135 -45.38 -7.66 31.18
C THR G 135 -45.33 -9.14 31.55
N PRO G 136 -45.53 -9.44 32.85
CA PRO G 136 -45.41 -10.79 33.38
C PRO G 136 -46.63 -11.65 33.08
N GLU G 137 -47.61 -11.05 32.42
CA GLU G 137 -48.82 -11.74 31.99
C GLU G 137 -48.53 -13.17 31.55
N VAL G 138 -47.41 -13.35 30.86
CA VAL G 138 -47.00 -14.65 30.33
C VAL G 138 -46.82 -15.68 31.43
N LEU G 139 -46.24 -15.24 32.54
CA LEU G 139 -45.83 -16.13 33.62
C LEU G 139 -47.01 -16.80 34.30
N LEU G 140 -48.20 -16.24 34.13
CA LEU G 140 -49.42 -16.83 34.65
C LEU G 140 -50.17 -17.54 33.54
N GLY G 141 -49.45 -17.93 32.49
CA GLY G 141 -50.04 -18.65 31.36
C GLY G 141 -50.99 -17.82 30.52
N ALA G 142 -50.95 -16.50 30.71
CA ALA G 142 -51.84 -15.58 30.00
C ALA G 142 -51.02 -14.70 29.06
N LEU G 143 -51.60 -13.57 28.64
CA LEU G 143 -50.86 -12.54 27.89
C LEU G 143 -51.49 -11.17 28.13
N PRO G 144 -50.77 -10.09 27.77
CA PRO G 144 -51.28 -8.73 28.00
C PRO G 144 -52.63 -8.50 27.33
N GLY G 145 -53.64 -8.15 28.11
CA GLY G 145 -55.00 -8.04 27.60
C GLY G 145 -55.50 -6.62 27.46
N ALA G 146 -54.59 -5.66 27.40
CA ALA G 146 -54.97 -4.25 27.29
C ALA G 146 -54.01 -3.48 26.40
N GLY G 147 -53.89 -3.91 25.14
CA GLY G 147 -53.12 -3.19 24.15
C GLY G 147 -51.64 -3.52 24.13
N GLY G 148 -51.16 -4.15 25.20
CA GLY G 148 -49.76 -4.50 25.32
C GLY G 148 -49.21 -5.14 24.06
N THR G 149 -49.99 -6.05 23.48
CA THR G 149 -49.56 -6.80 22.30
C THR G 149 -49.48 -5.93 21.05
N GLN G 150 -49.98 -4.69 21.15
CA GLN G 150 -50.03 -3.81 20.00
C GLN G 150 -49.15 -2.58 20.18
N ARG G 151 -49.14 -2.02 21.40
CA ARG G 151 -48.45 -0.77 21.66
C ARG G 151 -46.96 -0.96 21.90
N LEU G 152 -46.59 -2.05 22.58
CA LEU G 152 -45.18 -2.30 22.88
C LEU G 152 -44.33 -2.49 21.64
N PRO G 153 -44.80 -3.35 20.71
CA PRO G 153 -44.09 -3.54 19.45
C PRO G 153 -43.85 -2.22 18.75
N LYS G 154 -44.89 -1.39 18.72
CA LYS G 154 -44.87 -0.11 18.04
C LYS G 154 -43.94 0.88 18.73
N MET G 155 -43.77 0.71 20.03
CA MET G 155 -43.04 1.65 20.84
C MET G 155 -41.58 1.26 21.05
N VAL G 156 -41.32 -0.04 21.10
CA VAL G 156 -40.00 -0.54 21.44
C VAL G 156 -39.48 -1.56 20.44
N GLY G 157 -39.93 -1.45 19.20
CA GLY G 157 -39.52 -2.39 18.16
C GLY G 157 -40.12 -3.76 18.39
N VAL G 158 -40.12 -4.58 17.35
CA VAL G 158 -40.75 -5.90 17.42
C VAL G 158 -39.99 -6.86 18.33
N PRO G 159 -38.66 -6.88 18.22
CA PRO G 159 -37.87 -7.78 19.07
C PRO G 159 -38.13 -7.56 20.56
N ALA G 160 -37.58 -6.50 21.12
CA ALA G 160 -37.68 -6.28 22.56
C ALA G 160 -39.12 -6.43 23.04
N ALA G 161 -40.07 -5.93 22.25
CA ALA G 161 -41.47 -6.00 22.61
C ALA G 161 -41.94 -7.43 22.79
N LEU G 162 -41.44 -8.34 21.95
CA LEU G 162 -41.73 -9.76 22.11
C LEU G 162 -41.04 -10.28 23.36
N ASP G 163 -39.72 -10.15 23.40
CA ASP G 163 -38.94 -10.57 24.57
C ASP G 163 -39.65 -10.15 25.85
N MET G 164 -39.98 -8.86 25.93
CA MET G 164 -40.65 -8.30 27.10
C MET G 164 -41.92 -9.08 27.43
N MET G 165 -42.64 -9.49 26.38
CA MET G 165 -43.94 -10.14 26.54
C MET G 165 -43.88 -11.66 26.44
N LEU G 166 -42.68 -12.21 26.32
CA LEU G 166 -42.52 -13.65 26.29
C LEU G 166 -41.84 -14.13 27.56
N THR G 167 -40.83 -13.38 27.98
CA THR G 167 -40.08 -13.72 29.18
C THR G 167 -40.78 -13.19 30.42
N GLY G 168 -41.51 -12.09 30.27
CA GLY G 168 -42.15 -11.42 31.40
C GLY G 168 -41.11 -10.80 32.31
N ARG G 169 -39.91 -10.58 31.77
CA ARG G 169 -38.84 -9.96 32.54
C ARG G 169 -39.27 -8.56 32.93
N SER G 170 -38.87 -8.15 34.13
CA SER G 170 -39.01 -6.76 34.54
C SER G 170 -37.86 -5.98 33.94
N ILE G 171 -38.09 -4.70 33.64
CA ILE G 171 -37.06 -3.85 33.06
C ILE G 171 -36.69 -2.70 33.98
N ARG G 172 -35.41 -2.58 34.29
CA ARG G 172 -34.90 -1.48 35.12
C ARG G 172 -35.28 -0.13 34.56
N ALA G 173 -35.41 0.87 35.44
CA ALA G 173 -35.82 2.20 35.04
C ALA G 173 -34.93 2.74 33.92
N ASP G 174 -33.62 2.73 34.15
CA ASP G 174 -32.68 3.28 33.18
C ASP G 174 -32.69 2.49 31.88
N ARG G 175 -32.72 1.16 31.99
CA ARG G 175 -32.80 0.30 30.82
C ARG G 175 -34.06 0.66 30.03
N ALA G 176 -35.18 0.76 30.74
CA ALA G 176 -36.45 1.09 30.13
C ALA G 176 -36.38 2.42 29.40
N LYS G 177 -35.65 3.36 29.98
CA LYS G 177 -35.54 4.70 29.41
C LYS G 177 -34.85 4.65 28.04
N LYS G 178 -33.65 4.10 28.01
CA LYS G 178 -32.87 4.03 26.79
C LYS G 178 -33.61 3.16 25.77
N MET G 179 -34.34 2.19 26.28
CA MET G 179 -35.08 1.23 25.47
C MET G 179 -36.20 1.90 24.66
N GLY G 180 -36.70 3.03 25.13
CA GLY G 180 -37.78 3.75 24.44
C GLY G 180 -39.14 3.55 25.07
N LEU G 181 -39.18 2.71 26.10
CA LEU G 181 -40.41 2.44 26.84
C LEU G 181 -40.86 3.68 27.60
N VAL G 182 -39.91 4.26 28.35
CA VAL G 182 -40.16 5.47 29.11
C VAL G 182 -39.58 6.67 28.36
N ASP G 183 -40.28 7.79 28.40
CA ASP G 183 -39.84 8.99 27.68
C ASP G 183 -38.76 9.77 28.42
N GLN G 184 -38.87 9.83 29.76
CA GLN G 184 -38.01 10.68 30.58
C GLN G 184 -37.81 10.08 31.97
N LEU G 185 -36.63 10.31 32.54
CA LEU G 185 -36.26 9.67 33.81
C LEU G 185 -35.94 10.68 34.91
N VAL G 186 -36.13 10.29 36.17
CA VAL G 186 -35.87 11.19 37.31
C VAL G 186 -35.33 10.45 38.54
N GLU G 187 -34.20 10.92 39.05
CA GLU G 187 -33.57 10.31 40.22
C GLU G 187 -34.30 10.69 41.50
N PRO G 188 -34.45 9.72 42.42
CA PRO G 188 -35.13 9.98 43.70
C PRO G 188 -34.33 10.91 44.60
N LEU G 189 -35.02 11.59 45.51
CA LEU G 189 -34.40 12.64 46.30
C LEU G 189 -33.94 12.14 47.67
N GLY G 190 -33.02 12.89 48.27
CA GLY G 190 -32.59 12.62 49.64
C GLY G 190 -33.54 13.29 50.62
N PRO G 191 -33.25 13.17 51.92
CA PRO G 191 -34.09 13.75 52.97
C PRO G 191 -34.32 15.26 52.81
N GLY G 192 -35.45 15.72 53.31
CA GLY G 192 -35.80 17.14 53.22
C GLY G 192 -36.67 17.54 54.40
N LEU G 193 -37.75 18.25 54.12
CA LEU G 193 -38.71 18.66 55.15
C LEU G 193 -39.65 17.49 55.43
N LYS G 194 -39.83 16.65 54.41
CA LYS G 194 -40.61 15.44 54.54
C LYS G 194 -39.67 14.27 54.29
N PRO G 195 -40.11 13.03 54.59
CA PRO G 195 -39.26 11.88 54.33
C PRO G 195 -38.95 11.72 52.84
N PRO G 196 -37.93 10.91 52.51
CA PRO G 196 -37.46 10.83 51.12
C PRO G 196 -38.56 10.40 50.16
N GLU G 197 -39.04 9.17 50.30
CA GLU G 197 -40.10 8.66 49.45
C GLU G 197 -41.13 9.74 49.15
N GLU G 198 -41.69 10.30 50.21
CA GLU G 198 -42.76 11.28 50.12
C GLU G 198 -42.33 12.50 49.30
N ARG G 199 -41.21 13.10 49.68
CA ARG G 199 -40.69 14.29 48.99
C ARG G 199 -40.31 13.98 47.54
N THR G 200 -39.95 12.73 47.28
CA THR G 200 -39.63 12.29 45.92
C THR G 200 -40.89 12.26 45.07
N ILE G 201 -41.93 11.65 45.62
CA ILE G 201 -43.23 11.60 44.97
C ILE G 201 -43.68 13.00 44.58
N GLU G 202 -43.66 13.92 45.54
CA GLU G 202 -43.97 15.33 45.29
C GLU G 202 -43.19 15.89 44.11
N TYR G 203 -41.87 15.74 44.15
CA TYR G 203 -41.00 16.22 43.07
C TYR G 203 -41.44 15.62 41.74
N LEU G 204 -41.64 14.30 41.72
CA LEU G 204 -42.04 13.61 40.51
C LEU G 204 -43.28 14.26 39.92
N GLU G 205 -44.27 14.50 40.77
CA GLU G 205 -45.50 15.19 40.36
C GLU G 205 -45.16 16.57 39.77
N GLU G 206 -44.46 17.38 40.56
CA GLU G 206 -44.07 18.72 40.14
C GLU G 206 -43.45 18.71 38.76
N VAL G 207 -42.61 17.73 38.51
CA VAL G 207 -41.97 17.58 37.20
C VAL G 207 -43.01 17.16 36.17
N ALA G 208 -43.65 16.03 36.41
CA ALA G 208 -44.68 15.53 35.52
C ALA G 208 -45.57 16.67 35.03
N ILE G 209 -45.88 17.59 35.94
CA ILE G 209 -46.71 18.73 35.62
C ILE G 209 -46.04 19.62 34.58
N THR G 210 -44.82 20.06 34.88
CA THR G 210 -44.09 20.93 33.96
C THR G 210 -44.05 20.34 32.55
N PHE G 211 -43.88 19.03 32.45
CA PHE G 211 -43.92 18.33 31.17
C PHE G 211 -45.33 18.38 30.61
N ALA G 212 -46.31 18.07 31.45
CA ALA G 212 -47.70 18.08 31.04
C ALA G 212 -48.07 19.42 30.41
N LYS G 213 -47.83 20.51 31.15
CA LYS G 213 -48.13 21.86 30.68
C LYS G 213 -47.52 22.14 29.32
N GLY G 214 -46.27 21.72 29.15
CA GLY G 214 -45.54 21.93 27.91
C GLY G 214 -46.11 21.13 26.74
N LEU G 215 -46.57 19.91 27.03
CA LEU G 215 -47.14 19.07 25.98
C LEU G 215 -48.40 19.71 25.41
N ALA G 216 -49.23 20.26 26.30
CA ALA G 216 -50.47 20.92 25.91
C ALA G 216 -50.20 22.09 24.97
N ASP G 217 -49.06 22.74 25.16
CA ASP G 217 -48.67 23.87 24.34
C ASP G 217 -47.99 23.42 23.05
N LYS G 218 -47.96 22.12 22.81
CA LYS G 218 -47.37 21.55 21.60
C LYS G 218 -45.92 21.98 21.42
N LYS G 219 -45.15 21.93 22.49
CA LYS G 219 -43.73 22.25 22.42
C LYS G 219 -42.90 21.03 22.83
N ILE G 220 -42.73 20.13 21.87
CA ILE G 220 -41.95 18.90 22.08
C ILE G 220 -41.32 18.47 20.75
N SER G 221 -40.32 19.23 20.30
CA SER G 221 -39.57 18.90 19.10
C SER G 221 -38.11 18.48 19.36
N PRO G 222 -37.71 18.36 20.64
CA PRO G 222 -36.35 17.93 20.92
C PRO G 222 -36.28 16.44 21.25
N LYS G 223 -36.29 15.60 20.21
CA LYS G 223 -36.26 14.15 20.37
C LYS G 223 -34.81 13.66 20.42
N ARG G 224 -34.62 12.39 20.78
CA ARG G 224 -33.27 11.81 20.84
C ARG G 224 -32.91 11.11 19.54
N ASP G 225 -31.63 10.76 19.42
CA ASP G 225 -31.13 10.01 18.27
C ASP G 225 -30.79 8.58 18.65
N LYS G 226 -31.08 7.65 17.76
CA LYS G 226 -30.84 6.23 18.00
C LYS G 226 -29.43 5.84 17.60
N GLY G 227 -28.89 6.54 16.60
CA GLY G 227 -27.53 6.28 16.15
C GLY G 227 -27.54 5.66 14.76
N LEU G 228 -26.52 4.86 14.46
CA LEU G 228 -26.41 4.22 13.15
C LEU G 228 -26.91 2.78 13.21
N VAL G 229 -26.63 2.10 14.33
CA VAL G 229 -27.05 0.71 14.52
C VAL G 229 -28.55 0.61 14.66
N GLU G 230 -29.12 1.45 15.53
CA GLU G 230 -30.55 1.40 15.81
C GLU G 230 -31.39 1.96 14.66
N LYS G 231 -30.82 2.88 13.87
CA LYS G 231 -31.50 3.43 12.70
C LYS G 231 -31.60 2.40 11.57
N LEU G 232 -30.59 1.55 11.47
CA LEU G 232 -30.58 0.48 10.47
C LEU G 232 -31.52 -0.64 10.88
N THR G 233 -31.19 -1.28 12.00
CA THR G 233 -31.97 -2.40 12.50
C THR G 233 -33.47 -2.07 12.52
N ALA G 234 -33.79 -0.85 12.93
CA ALA G 234 -35.18 -0.40 12.99
C ALA G 234 -35.77 -0.26 11.59
N TYR G 235 -34.95 0.16 10.63
CA TYR G 235 -35.41 0.26 9.25
C TYR G 235 -35.60 -1.13 8.63
N ALA G 236 -34.62 -2.00 8.84
CA ALA G 236 -34.69 -3.36 8.36
C ALA G 236 -36.01 -4.01 8.77
N MET G 237 -36.50 -3.64 9.96
CA MET G 237 -37.71 -4.24 10.52
C MET G 237 -38.95 -3.82 9.74
N THR G 238 -38.82 -2.77 8.94
CA THR G 238 -39.93 -2.29 8.12
C THR G 238 -40.27 -3.30 7.03
N ILE G 239 -39.27 -4.05 6.59
CA ILE G 239 -39.42 -5.01 5.51
C ILE G 239 -40.12 -6.28 5.99
N PRO G 240 -41.22 -6.66 5.31
CA PRO G 240 -42.09 -7.75 5.78
C PRO G 240 -41.41 -9.12 5.86
N PHE G 241 -40.63 -9.48 4.86
CA PHE G 241 -39.97 -10.79 4.83
C PHE G 241 -38.90 -10.88 5.93
N VAL G 242 -38.43 -9.73 6.39
CA VAL G 242 -37.50 -9.68 7.51
C VAL G 242 -38.26 -10.01 8.79
N ARG G 243 -39.42 -9.39 8.96
CA ARG G 243 -40.24 -9.63 10.15
C ARG G 243 -40.66 -11.09 10.22
N GLN G 244 -40.89 -11.69 9.06
CA GLN G 244 -41.20 -13.11 9.00
C GLN G 244 -40.07 -13.92 9.60
N GLN G 245 -38.84 -13.68 9.13
CA GLN G 245 -37.69 -14.39 9.63
C GLN G 245 -37.53 -14.18 11.13
N VAL G 246 -38.02 -13.05 11.65
CA VAL G 246 -38.00 -12.78 13.08
C VAL G 246 -39.05 -13.63 13.81
N TYR G 247 -40.30 -13.52 13.38
CA TYR G 247 -41.36 -14.32 13.99
C TYR G 247 -40.94 -15.80 14.01
N LYS G 248 -40.32 -16.24 12.92
CA LYS G 248 -39.89 -17.63 12.80
C LYS G 248 -38.79 -17.94 13.79
N LYS G 249 -37.69 -17.20 13.74
CA LYS G 249 -36.56 -17.45 14.61
C LYS G 249 -36.99 -17.40 16.07
N VAL G 250 -37.98 -16.56 16.37
CA VAL G 250 -38.49 -16.45 17.73
C VAL G 250 -39.34 -17.66 18.09
N GLU G 251 -40.37 -17.90 17.30
CA GLU G 251 -41.25 -19.05 17.49
C GLU G 251 -40.43 -20.32 17.64
N GLU G 252 -39.44 -20.48 16.78
CA GLU G 252 -38.52 -21.62 16.87
C GLU G 252 -37.85 -21.67 18.24
N LYS G 253 -37.27 -20.56 18.66
CA LYS G 253 -36.55 -20.52 19.94
C LYS G 253 -37.50 -20.83 21.10
N VAL G 254 -38.67 -20.18 21.10
CA VAL G 254 -39.69 -20.49 22.10
C VAL G 254 -40.06 -21.96 22.04
N ARG G 255 -40.52 -22.38 20.86
CA ARG G 255 -40.91 -23.76 20.63
C ARG G 255 -39.96 -24.76 21.28
N LYS G 256 -38.67 -24.62 20.98
CA LYS G 256 -37.67 -25.59 21.41
C LYS G 256 -37.24 -25.40 22.86
N GLN G 257 -37.28 -24.17 23.35
CA GLN G 257 -36.98 -23.91 24.76
C GLN G 257 -38.22 -24.07 25.62
N THR G 258 -39.39 -24.11 24.97
CA THR G 258 -40.66 -24.35 25.65
C THR G 258 -40.99 -25.84 25.68
N LYS G 259 -40.33 -26.60 24.82
CA LYS G 259 -40.72 -27.99 24.55
C LYS G 259 -42.17 -28.04 24.07
N GLY G 260 -42.75 -26.87 23.82
CA GLY G 260 -44.08 -26.77 23.24
C GLY G 260 -45.23 -27.14 24.16
N LEU G 261 -44.97 -27.18 25.46
CA LEU G 261 -46.01 -27.52 26.43
C LEU G 261 -46.81 -26.30 26.88
N TYR G 262 -46.25 -25.11 26.68
CA TYR G 262 -46.89 -23.89 27.15
C TYR G 262 -47.50 -23.16 25.95
N PRO G 263 -48.77 -22.71 26.10
CA PRO G 263 -49.53 -22.13 25.01
C PRO G 263 -49.35 -20.62 24.88
N ALA G 264 -49.39 -19.90 26.00
CA ALA G 264 -49.35 -18.44 25.98
C ALA G 264 -48.18 -17.90 25.16
N PRO G 265 -46.96 -18.38 25.45
CA PRO G 265 -45.79 -17.89 24.72
C PRO G 265 -45.98 -17.97 23.20
N LEU G 266 -46.63 -19.02 22.73
CA LEU G 266 -46.87 -19.20 21.31
C LEU G 266 -47.97 -18.27 20.80
N LYS G 267 -49.04 -18.15 21.57
CA LYS G 267 -50.18 -17.32 21.17
C LYS G 267 -49.85 -15.84 21.22
N ILE G 268 -48.84 -15.49 22.01
CA ILE G 268 -48.37 -14.10 22.08
C ILE G 268 -47.65 -13.73 20.80
N ILE G 269 -46.88 -14.66 20.28
CA ILE G 269 -46.17 -14.46 19.02
C ILE G 269 -47.16 -14.20 17.88
N ASP G 270 -48.32 -14.82 17.98
CA ASP G 270 -49.38 -14.62 16.98
C ASP G 270 -50.01 -13.24 17.10
N VAL G 271 -50.60 -12.95 18.26
CA VAL G 271 -51.34 -11.71 18.47
C VAL G 271 -50.52 -10.47 18.12
N VAL G 272 -49.21 -10.54 18.35
CA VAL G 272 -48.33 -9.44 17.96
C VAL G 272 -48.26 -9.35 16.44
N LYS G 273 -48.00 -10.49 15.80
CA LYS G 273 -47.91 -10.57 14.35
C LYS G 273 -49.25 -10.26 13.68
N THR G 274 -50.30 -10.93 14.13
CA THR G 274 -51.63 -10.75 13.53
C THR G 274 -52.23 -9.38 13.85
N GLY G 275 -51.39 -8.46 14.31
CA GLY G 275 -51.84 -7.11 14.63
C GLY G 275 -51.01 -6.09 13.90
N ILE G 276 -49.70 -6.32 13.85
CA ILE G 276 -48.79 -5.42 13.15
C ILE G 276 -48.67 -5.81 11.69
N GLU G 277 -49.19 -6.99 11.34
CA GLU G 277 -49.27 -7.40 9.94
C GLU G 277 -50.67 -7.09 9.41
N GLN G 278 -51.69 -7.40 10.20
CA GLN G 278 -53.05 -6.95 9.90
C GLN G 278 -53.28 -5.62 10.62
N GLY G 279 -54.52 -5.16 10.64
CA GLY G 279 -54.85 -3.90 11.28
C GLY G 279 -54.75 -3.96 12.80
N SER G 280 -54.54 -2.80 13.42
CA SER G 280 -54.57 -2.69 14.87
C SER G 280 -55.91 -3.16 15.41
N ASP G 281 -56.98 -2.84 14.69
CA ASP G 281 -58.30 -3.35 15.00
C ASP G 281 -58.29 -4.88 15.03
N ALA G 282 -57.64 -5.49 14.04
CA ALA G 282 -57.52 -6.94 13.96
C ALA G 282 -56.68 -7.47 15.13
N GLY G 283 -55.69 -6.70 15.54
CA GLY G 283 -54.84 -7.07 16.66
C GLY G 283 -55.57 -7.00 18.00
N TYR G 284 -55.93 -5.79 18.42
CA TYR G 284 -56.61 -5.59 19.69
C TYR G 284 -57.67 -6.65 19.94
N LEU G 285 -58.42 -7.01 18.90
CA LEU G 285 -59.52 -7.94 19.06
C LEU G 285 -59.05 -9.39 19.06
N CYS G 286 -57.86 -9.63 18.50
CA CYS G 286 -57.24 -10.94 18.60
C CYS G 286 -56.67 -11.09 20.00
N GLU G 287 -55.93 -10.08 20.44
CA GLU G 287 -55.42 -10.04 21.81
C GLU G 287 -56.57 -10.33 22.77
N SER G 288 -57.62 -9.52 22.67
CA SER G 288 -58.78 -9.61 23.55
C SER G 288 -59.33 -11.04 23.64
N GLN G 289 -59.51 -11.68 22.49
CA GLN G 289 -60.06 -13.02 22.45
C GLN G 289 -59.05 -14.04 22.99
N LYS G 290 -57.87 -14.05 22.39
CA LYS G 290 -56.84 -15.03 22.76
C LYS G 290 -56.36 -14.84 24.18
N PHE G 291 -56.71 -13.71 24.80
CA PHE G 291 -56.43 -13.49 26.20
C PHE G 291 -57.24 -14.45 27.04
N GLY G 292 -58.56 -14.27 27.04
CA GLY G 292 -59.47 -15.15 27.77
C GLY G 292 -59.37 -16.58 27.28
N GLU G 293 -59.11 -16.76 25.99
CA GLU G 293 -58.89 -18.09 25.45
C GLU G 293 -57.80 -18.77 26.27
N LEU G 294 -56.79 -18.01 26.68
CA LEU G 294 -55.70 -18.55 27.50
C LEU G 294 -56.15 -18.72 28.95
N VAL G 295 -56.64 -17.65 29.56
CA VAL G 295 -57.03 -17.69 30.97
C VAL G 295 -57.77 -18.99 31.30
N MET G 296 -58.45 -19.55 30.30
CA MET G 296 -59.19 -20.79 30.48
C MET G 296 -58.30 -22.03 30.30
N THR G 297 -57.13 -21.85 29.70
CA THR G 297 -56.24 -22.99 29.45
C THR G 297 -55.86 -23.65 30.76
N LYS G 298 -55.57 -24.95 30.70
CA LYS G 298 -55.25 -25.75 31.87
C LYS G 298 -53.95 -25.31 32.52
N GLU G 299 -53.00 -24.89 31.69
CA GLU G 299 -51.70 -24.44 32.16
C GLU G 299 -51.83 -23.17 33.00
N SER G 300 -52.41 -22.12 32.41
CA SER G 300 -52.65 -20.86 33.10
C SER G 300 -53.22 -21.08 34.50
N LYS G 301 -54.31 -21.84 34.57
CA LYS G 301 -54.90 -22.18 35.85
C LYS G 301 -53.82 -22.67 36.80
N ALA G 302 -53.01 -23.61 36.33
CA ALA G 302 -51.97 -24.23 37.14
C ALA G 302 -50.95 -23.23 37.66
N LEU G 303 -50.48 -22.35 36.77
CA LEU G 303 -49.44 -21.39 37.11
C LEU G 303 -49.96 -20.35 38.09
N MET G 304 -51.23 -19.95 37.92
CA MET G 304 -51.86 -19.02 38.84
C MET G 304 -51.78 -19.61 40.26
N GLY G 305 -51.93 -20.93 40.33
CA GLY G 305 -51.84 -21.65 41.59
C GLY G 305 -50.43 -21.69 42.13
N LEU G 306 -49.46 -21.81 41.22
CA LEU G 306 -48.06 -21.76 41.61
C LEU G 306 -47.64 -20.34 41.99
N TYR G 307 -48.25 -19.36 41.33
CA TYR G 307 -47.98 -17.96 41.65
C TYR G 307 -48.45 -17.65 43.06
N HIS G 308 -49.70 -17.99 43.36
CA HIS G 308 -50.26 -17.74 44.68
C HIS G 308 -49.47 -18.44 45.77
N GLY G 309 -49.29 -19.75 45.63
CA GLY G 309 -48.51 -20.53 46.59
C GLY G 309 -47.17 -19.88 46.88
N GLN G 310 -46.62 -19.21 45.88
CA GLN G 310 -45.34 -18.52 46.01
C GLN G 310 -45.48 -17.23 46.83
N VAL G 311 -46.64 -16.60 46.73
CA VAL G 311 -46.91 -15.40 47.52
C VAL G 311 -46.90 -15.78 49.00
N LEU G 312 -47.63 -16.83 49.34
CA LEU G 312 -47.67 -17.32 50.71
C LEU G 312 -46.28 -17.81 51.13
N CYS G 313 -45.67 -18.63 50.28
CA CYS G 313 -44.36 -19.21 50.58
C CYS G 313 -43.24 -18.18 50.60
N LYS G 314 -43.61 -16.89 50.56
CA LYS G 314 -42.64 -15.82 50.76
C LYS G 314 -43.01 -15.00 51.99
N LYS G 315 -43.98 -15.48 52.75
CA LYS G 315 -44.40 -14.83 53.99
C LYS G 315 -44.10 -15.75 55.17
N ASN G 316 -43.85 -15.15 56.34
CA ASN G 316 -43.46 -15.93 57.50
C ASN G 316 -44.65 -16.61 58.16
N LYS G 317 -44.69 -17.94 58.01
CA LYS G 317 -45.74 -18.76 58.61
C LYS G 317 -45.89 -18.46 60.10
N PHE G 318 -44.76 -18.19 60.77
CA PHE G 318 -44.75 -18.08 62.24
C PHE G 318 -44.60 -16.65 62.75
N GLY G 319 -44.60 -15.67 61.86
CA GLY G 319 -44.43 -14.28 62.26
C GLY G 319 -43.03 -13.99 62.78
N ALA G 320 -42.80 -12.76 63.20
CA ALA G 320 -41.47 -12.32 63.65
C ALA G 320 -40.97 -13.15 64.81
N PRO G 321 -39.66 -13.42 64.84
CA PRO G 321 -39.06 -14.06 66.01
C PRO G 321 -38.75 -13.01 67.08
N GLN G 322 -38.21 -13.44 68.21
CA GLN G 322 -37.83 -12.53 69.28
C GLN G 322 -36.51 -11.84 68.96
N LYS G 323 -35.55 -12.64 68.49
CA LYS G 323 -34.22 -12.14 68.17
C LYS G 323 -33.95 -12.23 66.66
N ASP G 324 -33.96 -11.08 66.00
CA ASP G 324 -33.66 -11.00 64.58
C ASP G 324 -32.20 -11.33 64.34
N VAL G 325 -31.94 -12.43 63.64
CA VAL G 325 -30.55 -12.86 63.43
C VAL G 325 -29.73 -11.70 62.86
N LYS G 326 -28.72 -11.28 63.60
CA LYS G 326 -27.87 -10.16 63.21
C LYS G 326 -26.43 -10.63 62.98
N HIS G 327 -26.08 -11.76 63.57
CA HIS G 327 -24.75 -12.34 63.37
C HIS G 327 -24.88 -13.79 62.96
N LEU G 328 -24.57 -14.09 61.71
CA LEU G 328 -24.69 -15.43 61.18
C LEU G 328 -23.31 -16.08 61.07
N ALA G 329 -23.30 -17.40 61.04
CA ALA G 329 -22.07 -18.16 60.84
C ALA G 329 -22.36 -19.40 59.99
N ILE G 330 -21.73 -19.48 58.82
CA ILE G 330 -21.86 -20.65 57.97
C ILE G 330 -20.70 -21.59 58.23
N LEU G 331 -20.98 -22.89 58.26
CA LEU G 331 -19.96 -23.90 58.53
C LEU G 331 -19.68 -24.74 57.28
N GLY G 332 -18.61 -24.40 56.58
CA GLY G 332 -18.20 -25.14 55.40
C GLY G 332 -18.15 -24.26 54.18
N ALA G 333 -16.98 -23.68 53.92
CA ALA G 333 -16.76 -22.89 52.71
C ALA G 333 -16.65 -23.82 51.51
N GLY G 334 -17.64 -24.69 51.34
CA GLY G 334 -17.71 -25.55 50.17
C GLY G 334 -18.37 -24.79 49.04
N LEU G 335 -19.36 -25.40 48.40
CA LEU G 335 -20.11 -24.72 47.35
C LEU G 335 -21.39 -24.14 47.94
N MET G 336 -22.13 -24.98 48.67
CA MET G 336 -23.37 -24.56 49.24
C MET G 336 -23.14 -23.68 50.47
N GLY G 337 -21.89 -23.63 50.92
CA GLY G 337 -21.52 -22.68 51.96
C GLY G 337 -21.44 -21.27 51.40
N ALA G 338 -20.44 -21.04 50.56
CA ALA G 338 -20.27 -19.74 49.91
C ALA G 338 -21.58 -19.31 49.25
N GLY G 339 -22.17 -20.21 48.48
CA GLY G 339 -23.49 -19.97 47.91
C GLY G 339 -24.40 -19.34 48.96
N ILE G 340 -24.58 -20.03 50.07
CA ILE G 340 -25.42 -19.52 51.16
C ILE G 340 -24.87 -18.19 51.65
N ALA G 341 -23.58 -18.17 51.99
CA ALA G 341 -22.93 -16.97 52.50
C ALA G 341 -23.32 -15.77 51.66
N GLN G 342 -23.02 -15.83 50.36
CA GLN G 342 -23.30 -14.72 49.43
C GLN G 342 -24.75 -14.25 49.49
N VAL G 343 -25.68 -15.18 49.60
CA VAL G 343 -27.10 -14.87 49.62
C VAL G 343 -27.46 -14.18 50.93
N SER G 344 -26.58 -14.31 51.93
CA SER G 344 -26.77 -13.68 53.23
C SER G 344 -26.02 -12.36 53.31
N VAL G 345 -24.75 -12.36 52.89
CA VAL G 345 -23.90 -11.18 52.99
C VAL G 345 -24.49 -10.00 52.25
N ASP G 346 -24.81 -10.22 50.98
CA ASP G 346 -25.27 -9.15 50.10
C ASP G 346 -26.59 -8.56 50.59
N LYS G 347 -27.27 -9.29 51.46
CA LYS G 347 -28.50 -8.80 52.08
C LYS G 347 -28.19 -7.83 53.22
N GLY G 348 -26.96 -7.88 53.73
CA GLY G 348 -26.55 -7.00 54.82
C GLY G 348 -26.31 -7.77 56.11
N LEU G 349 -26.57 -9.08 56.07
CA LEU G 349 -26.35 -9.93 57.22
C LEU G 349 -24.85 -10.14 57.44
N LYS G 350 -24.34 -9.68 58.58
CA LYS G 350 -22.93 -9.87 58.90
C LYS G 350 -22.68 -11.35 59.19
N THR G 351 -22.11 -12.06 58.22
CA THR G 351 -21.93 -13.50 58.32
C THR G 351 -20.48 -13.89 58.52
N ILE G 352 -20.27 -15.09 59.06
CA ILE G 352 -18.95 -15.62 59.33
C ILE G 352 -18.77 -16.98 58.66
N LEU G 353 -17.92 -17.03 57.64
CA LEU G 353 -17.69 -18.28 56.92
C LEU G 353 -16.49 -19.00 57.53
N LYS G 354 -16.71 -20.24 57.94
CA LYS G 354 -15.64 -21.02 58.56
C LYS G 354 -15.37 -22.31 57.79
N ASP G 355 -14.12 -22.76 57.81
CA ASP G 355 -13.76 -24.03 57.20
C ASP G 355 -12.50 -24.61 57.86
N ALA G 356 -12.06 -25.76 57.36
CA ALA G 356 -10.93 -26.48 57.94
C ALA G 356 -9.60 -25.91 57.44
N THR G 357 -9.24 -26.22 56.20
CA THR G 357 -7.99 -25.74 55.62
C THR G 357 -8.19 -24.35 55.03
N LEU G 358 -7.11 -23.58 54.96
CA LEU G 358 -7.14 -22.26 54.36
C LEU G 358 -7.55 -22.36 52.89
N THR G 359 -7.07 -23.40 52.22
CA THR G 359 -7.35 -23.60 50.81
C THR G 359 -8.84 -23.59 50.52
N ALA G 360 -9.60 -24.39 51.29
CA ALA G 360 -11.03 -24.51 51.09
C ALA G 360 -11.76 -23.25 51.54
N LEU G 361 -11.17 -22.52 52.49
CA LEU G 361 -11.74 -21.26 52.97
C LEU G 361 -11.69 -20.22 51.85
N ASP G 362 -10.68 -20.32 50.99
CA ASP G 362 -10.53 -19.40 49.87
C ASP G 362 -11.55 -19.68 48.76
N ARG G 363 -11.52 -20.89 48.20
CA ARG G 363 -12.50 -21.27 47.18
C ARG G 363 -13.85 -20.64 47.49
N GLY G 364 -14.30 -20.83 48.74
CA GLY G 364 -15.58 -20.30 49.19
C GLY G 364 -15.61 -18.78 49.17
N GLN G 365 -14.57 -18.17 49.73
CA GLN G 365 -14.44 -16.71 49.71
C GLN G 365 -14.40 -16.16 48.29
N GLN G 366 -13.90 -16.97 47.36
CA GLN G 366 -13.82 -16.56 45.96
C GLN G 366 -15.22 -16.55 45.34
N GLN G 367 -15.92 -17.67 45.43
CA GLN G 367 -17.29 -17.76 44.95
C GLN G 367 -18.06 -16.52 45.38
N VAL G 368 -18.17 -16.33 46.69
CA VAL G 368 -18.95 -15.23 47.25
C VAL G 368 -18.47 -13.89 46.73
N PHE G 369 -17.19 -13.80 46.37
CA PHE G 369 -16.68 -12.61 45.71
C PHE G 369 -17.16 -12.59 44.25
N LYS G 370 -16.62 -13.49 43.45
CA LYS G 370 -17.03 -13.56 42.05
C LYS G 370 -18.52 -13.29 41.95
N GLY G 371 -19.31 -14.03 42.73
CA GLY G 371 -20.75 -13.86 42.74
C GLY G 371 -21.16 -12.39 42.73
N LEU G 372 -20.67 -11.64 43.71
CA LEU G 372 -20.94 -10.21 43.80
C LEU G 372 -20.43 -9.48 42.57
N ASN G 373 -19.20 -9.82 42.16
CA ASN G 373 -18.54 -9.16 41.03
C ASN G 373 -19.29 -9.36 39.71
N ASP G 374 -19.87 -10.54 39.54
CA ASP G 374 -20.72 -10.79 38.39
C ASP G 374 -21.92 -9.85 38.45
N LYS G 375 -22.55 -9.79 39.62
CA LYS G 375 -23.70 -8.92 39.83
C LYS G 375 -23.36 -7.47 39.51
N VAL G 376 -22.08 -7.12 39.61
CA VAL G 376 -21.63 -5.78 39.25
C VAL G 376 -21.67 -5.61 37.74
N LYS G 377 -21.11 -6.57 37.02
CA LYS G 377 -21.12 -6.56 35.57
C LYS G 377 -22.55 -6.51 35.04
N LYS G 378 -23.41 -7.33 35.61
CA LYS G 378 -24.83 -7.31 35.25
C LYS G 378 -25.48 -5.97 35.60
N LYS G 379 -24.67 -5.02 36.05
CA LYS G 379 -25.12 -3.66 36.34
C LYS G 379 -26.12 -3.65 37.50
N ALA G 380 -26.00 -4.62 38.41
CA ALA G 380 -26.91 -4.74 39.55
C ALA G 380 -26.24 -4.33 40.85
N LEU G 381 -24.93 -4.15 40.82
CA LEU G 381 -24.17 -3.71 41.98
C LEU G 381 -23.03 -2.78 41.58
N THR G 382 -22.75 -1.80 42.44
CA THR G 382 -21.61 -0.91 42.24
C THR G 382 -20.34 -1.66 42.57
N SER G 383 -19.25 -1.31 41.90
CA SER G 383 -17.94 -1.83 42.27
C SER G 383 -17.73 -1.63 43.76
N PHE G 384 -18.08 -0.44 44.24
CA PHE G 384 -17.93 -0.09 45.65
C PHE G 384 -18.85 -0.91 46.53
N GLU G 385 -20.12 -0.99 46.15
CA GLU G 385 -21.09 -1.80 46.87
C GLU G 385 -20.56 -3.22 47.01
N ARG G 386 -20.03 -3.78 45.92
CA ARG G 386 -19.47 -5.12 45.94
C ARG G 386 -18.37 -5.23 46.97
N ASP G 387 -17.33 -4.43 46.80
CA ASP G 387 -16.19 -4.42 47.72
C ASP G 387 -16.64 -4.24 49.18
N SER G 388 -17.60 -3.34 49.38
CA SER G 388 -18.11 -3.06 50.72
C SER G 388 -18.82 -4.28 51.28
N ILE G 389 -19.78 -4.81 50.53
CA ILE G 389 -20.52 -6.02 50.93
C ILE G 389 -19.57 -7.14 51.34
N PHE G 390 -18.47 -7.27 50.61
CA PHE G 390 -17.53 -8.36 50.85
C PHE G 390 -16.82 -8.22 52.20
N SER G 391 -16.86 -7.02 52.76
CA SER G 391 -16.26 -6.78 54.08
C SER G 391 -17.09 -7.42 55.18
N ASN G 392 -18.40 -7.48 54.99
CA ASN G 392 -19.29 -8.17 55.93
C ASN G 392 -18.96 -9.66 56.04
N LEU G 393 -18.27 -10.19 55.04
CA LEU G 393 -17.93 -11.61 55.00
C LEU G 393 -16.57 -11.87 55.63
N THR G 394 -16.56 -12.08 56.94
CA THR G 394 -15.31 -12.38 57.66
C THR G 394 -15.10 -13.90 57.77
N GLY G 395 -14.21 -14.42 56.93
CA GLY G 395 -13.94 -15.85 56.86
C GLY G 395 -12.78 -16.27 57.73
N GLN G 396 -12.89 -17.45 58.35
CA GLN G 396 -11.90 -17.92 59.30
C GLN G 396 -11.86 -19.44 59.40
N LEU G 397 -10.79 -19.98 59.99
CA LEU G 397 -10.64 -21.42 60.16
C LEU G 397 -11.12 -21.85 61.54
N ASP G 398 -10.74 -21.09 62.56
CA ASP G 398 -11.17 -21.38 63.93
C ASP G 398 -12.36 -20.52 64.32
N TYR G 399 -13.21 -21.02 65.21
CA TYR G 399 -14.36 -20.26 65.68
C TYR G 399 -13.93 -19.14 66.61
N GLN G 400 -13.77 -17.94 66.08
CA GLN G 400 -13.33 -16.81 66.88
C GLN G 400 -14.54 -16.01 67.36
N GLY G 401 -15.29 -15.45 66.42
CA GLY G 401 -16.43 -14.61 66.76
C GLY G 401 -17.67 -15.37 67.20
N PHE G 402 -17.64 -16.70 67.06
CA PHE G 402 -18.81 -17.51 67.34
C PHE G 402 -19.48 -17.14 68.65
N GLU G 403 -18.68 -16.64 69.59
CA GLU G 403 -19.19 -16.17 70.88
C GLU G 403 -20.41 -15.25 70.76
N LYS G 404 -20.61 -14.64 69.60
CA LYS G 404 -21.69 -13.68 69.43
C LYS G 404 -22.70 -14.12 68.37
N ALA G 405 -22.64 -15.40 67.98
CA ALA G 405 -23.49 -15.91 66.90
C ALA G 405 -24.96 -16.00 67.29
N ASP G 406 -25.83 -15.40 66.47
CA ASP G 406 -27.27 -15.47 66.68
C ASP G 406 -27.87 -16.68 65.99
N MET G 407 -27.36 -17.00 64.81
CA MET G 407 -27.72 -18.24 64.11
C MET G 407 -26.46 -18.90 63.55
N VAL G 408 -26.51 -20.21 63.39
CA VAL G 408 -25.41 -20.97 62.81
C VAL G 408 -25.95 -21.98 61.81
N ILE G 409 -25.29 -22.11 60.67
CA ILE G 409 -25.73 -23.01 59.62
C ILE G 409 -24.64 -24.01 59.23
N GLU G 410 -24.94 -25.30 59.37
CA GLU G 410 -24.01 -26.36 59.00
C GLU G 410 -24.15 -26.72 57.53
N ALA G 411 -23.02 -26.81 56.84
CA ALA G 411 -23.01 -27.15 55.43
C ALA G 411 -21.85 -28.09 55.13
N VAL G 412 -21.67 -29.08 55.99
CA VAL G 412 -20.58 -30.03 55.84
C VAL G 412 -21.13 -31.32 55.25
N PHE G 413 -20.24 -32.29 55.02
CA PHE G 413 -20.58 -33.52 54.32
C PHE G 413 -21.82 -34.18 54.91
N GLU G 414 -22.37 -35.15 54.18
CA GLU G 414 -23.52 -35.91 54.65
C GLU G 414 -23.07 -37.13 55.46
N ASP G 415 -22.37 -36.86 56.56
CA ASP G 415 -21.89 -37.90 57.46
C ASP G 415 -22.36 -37.56 58.87
N LEU G 416 -23.21 -38.43 59.43
CA LEU G 416 -23.83 -38.15 60.72
C LEU G 416 -22.78 -38.03 61.83
N SER G 417 -21.80 -38.92 61.82
CA SER G 417 -20.69 -38.85 62.74
C SER G 417 -20.11 -37.44 62.75
N LEU G 418 -19.89 -36.91 61.55
CA LEU G 418 -19.33 -35.58 61.37
C LEU G 418 -20.30 -34.52 61.85
N LYS G 419 -21.54 -34.60 61.37
CA LYS G 419 -22.58 -33.65 61.72
C LYS G 419 -22.69 -33.51 63.23
N HIS G 420 -22.39 -34.60 63.94
CA HIS G 420 -22.41 -34.58 65.40
C HIS G 420 -21.19 -33.86 65.97
N ARG G 421 -20.00 -34.28 65.56
CA ARG G 421 -18.77 -33.67 66.03
C ARG G 421 -18.87 -32.15 65.97
N VAL G 422 -19.34 -31.64 64.83
CA VAL G 422 -19.47 -30.20 64.61
C VAL G 422 -20.49 -29.61 65.58
N LEU G 423 -21.69 -30.18 65.59
CA LEU G 423 -22.75 -29.70 66.46
C LEU G 423 -22.24 -29.55 67.89
N LYS G 424 -21.54 -30.56 68.38
CA LYS G 424 -20.94 -30.52 69.72
C LYS G 424 -20.02 -29.32 69.87
N GLU G 425 -18.97 -29.28 69.05
CA GLU G 425 -17.97 -28.20 69.07
C GLU G 425 -18.63 -26.83 69.08
N VAL G 426 -19.49 -26.63 68.08
CA VAL G 426 -20.16 -25.34 67.88
C VAL G 426 -21.03 -24.96 69.06
N GLU G 427 -21.87 -25.90 69.49
CA GLU G 427 -22.81 -25.64 70.56
C GLU G 427 -22.07 -25.28 71.85
N ALA G 428 -20.81 -25.66 71.94
CA ALA G 428 -20.00 -25.40 73.13
C ALA G 428 -19.46 -23.97 73.19
N VAL G 429 -19.54 -23.22 72.09
CA VAL G 429 -18.99 -21.86 72.06
C VAL G 429 -20.01 -20.79 71.68
N ILE G 430 -21.18 -21.21 71.18
CA ILE G 430 -22.23 -20.27 70.80
C ILE G 430 -23.16 -19.99 71.98
N PRO G 431 -23.74 -18.78 72.04
CA PRO G 431 -24.70 -18.41 73.06
C PRO G 431 -25.87 -19.36 73.16
N ASP G 432 -26.72 -19.17 74.17
CA ASP G 432 -27.87 -20.05 74.41
C ASP G 432 -28.99 -19.79 73.42
N HIS G 433 -29.20 -18.51 73.09
CA HIS G 433 -30.26 -18.11 72.17
C HIS G 433 -29.96 -18.52 70.74
N CYS G 434 -28.69 -18.79 70.44
CA CYS G 434 -28.25 -19.11 69.08
C CYS G 434 -28.92 -20.36 68.50
N ILE G 435 -29.46 -20.22 67.28
CA ILE G 435 -30.04 -21.36 66.58
C ILE G 435 -28.95 -22.12 65.85
N PHE G 436 -29.16 -23.41 65.67
CA PHE G 436 -28.28 -24.24 64.86
C PHE G 436 -29.12 -24.92 63.79
N ALA G 437 -28.80 -24.67 62.53
CA ALA G 437 -29.54 -25.27 61.42
C ALA G 437 -28.63 -26.18 60.63
N SER G 438 -29.19 -27.23 60.05
CA SER G 438 -28.39 -28.22 59.32
C SER G 438 -28.84 -28.38 57.87
N ASN G 439 -28.02 -27.89 56.95
CA ASN G 439 -28.32 -28.00 55.52
C ASN G 439 -28.05 -29.41 55.02
N THR G 440 -28.96 -30.32 55.32
CA THR G 440 -28.83 -31.70 54.93
C THR G 440 -30.05 -32.14 54.15
N SER G 441 -29.90 -33.22 53.40
CA SER G 441 -30.97 -33.73 52.57
C SER G 441 -31.45 -35.09 53.06
N ALA G 442 -30.51 -36.00 53.28
CA ALA G 442 -30.83 -37.34 53.75
C ALA G 442 -31.07 -37.34 55.26
N LEU G 443 -29.99 -37.24 56.02
CA LEU G 443 -30.06 -37.33 57.48
C LEU G 443 -31.21 -36.48 58.03
N PRO G 444 -31.99 -37.04 58.96
CA PRO G 444 -33.08 -36.30 59.58
C PRO G 444 -32.57 -35.35 60.66
N ILE G 445 -33.34 -34.31 60.98
CA ILE G 445 -32.91 -33.29 61.93
C ILE G 445 -33.05 -33.76 63.38
N SER G 446 -33.60 -34.96 63.57
CA SER G 446 -33.71 -35.55 64.90
C SER G 446 -32.42 -36.27 65.25
N GLU G 447 -32.02 -37.22 64.41
CA GLU G 447 -30.79 -37.99 64.64
C GLU G 447 -29.56 -37.08 64.76
N ILE G 448 -29.69 -35.85 64.26
CA ILE G 448 -28.63 -34.87 64.40
C ILE G 448 -28.80 -34.12 65.72
N ALA G 449 -30.01 -33.63 65.96
CA ALA G 449 -30.31 -32.88 67.17
C ALA G 449 -30.25 -33.74 68.42
N ALA G 450 -29.87 -35.01 68.26
CA ALA G 450 -29.74 -35.91 69.40
C ALA G 450 -28.67 -35.42 70.36
N VAL G 451 -27.46 -35.23 69.82
CA VAL G 451 -26.32 -34.78 70.61
C VAL G 451 -26.50 -33.35 71.14
N SER G 452 -27.53 -32.67 70.66
CA SER G 452 -27.73 -31.27 70.98
C SER G 452 -27.88 -31.01 72.48
N LYS G 453 -27.14 -30.03 72.99
CA LYS G 453 -27.30 -29.57 74.36
C LYS G 453 -28.64 -28.84 74.54
N ARG G 454 -29.17 -28.32 73.44
CA ARG G 454 -30.48 -27.67 73.43
C ARG G 454 -31.20 -27.92 72.12
N PRO G 455 -31.88 -29.07 71.99
CA PRO G 455 -32.54 -29.40 70.72
C PRO G 455 -33.75 -28.52 70.38
N GLU G 456 -34.16 -27.64 71.29
CA GLU G 456 -35.20 -26.67 70.96
C GLU G 456 -34.68 -25.74 69.88
N LYS G 457 -33.39 -25.42 69.98
CA LYS G 457 -32.75 -24.45 69.08
C LYS G 457 -32.17 -25.12 67.83
N VAL G 458 -32.43 -26.41 67.64
CA VAL G 458 -31.92 -27.12 66.46
C VAL G 458 -33.02 -27.35 65.45
N ILE G 459 -32.80 -26.87 64.23
CA ILE G 459 -33.81 -26.91 63.17
C ILE G 459 -33.13 -27.08 61.82
N GLY G 460 -33.75 -27.83 60.92
CA GLY G 460 -33.16 -28.11 59.61
C GLY G 460 -33.44 -27.03 58.58
N MET G 461 -32.41 -26.60 57.86
CA MET G 461 -32.56 -25.63 56.79
C MET G 461 -31.97 -26.20 55.50
N HIS G 462 -32.78 -26.95 54.76
CA HIS G 462 -32.35 -27.65 53.55
C HIS G 462 -32.42 -26.75 52.32
N TYR G 463 -31.31 -26.09 52.02
CA TYR G 463 -31.22 -25.24 50.82
C TYR G 463 -31.14 -26.07 49.56
N PHE G 464 -31.28 -25.42 48.41
CA PHE G 464 -31.19 -26.10 47.13
C PHE G 464 -30.08 -25.51 46.26
N SER G 465 -29.42 -26.39 45.50
CA SER G 465 -28.26 -26.01 44.71
C SER G 465 -28.65 -25.70 43.27
N PRO G 466 -27.98 -24.71 42.65
CA PRO G 466 -26.98 -23.87 43.28
C PRO G 466 -27.63 -22.78 44.12
N VAL G 467 -27.13 -22.61 45.34
CA VAL G 467 -27.75 -21.68 46.28
C VAL G 467 -27.61 -20.24 45.79
N ASP G 468 -26.62 -19.99 44.94
CA ASP G 468 -26.42 -18.66 44.36
C ASP G 468 -27.71 -18.20 43.69
N LYS G 469 -28.26 -19.08 42.85
CA LYS G 469 -29.37 -18.72 41.97
C LYS G 469 -30.72 -19.31 42.41
N MET G 470 -30.73 -20.56 42.85
CA MET G 470 -31.96 -21.21 43.30
C MET G 470 -32.66 -20.34 44.34
N GLN G 471 -33.93 -20.62 44.59
CA GLN G 471 -34.69 -19.84 45.56
C GLN G 471 -35.55 -20.67 46.51
N LEU G 472 -35.54 -21.99 46.34
CA LEU G 472 -36.29 -22.85 47.26
C LEU G 472 -35.49 -23.08 48.52
N LEU G 473 -36.18 -23.09 49.66
CA LEU G 473 -35.59 -23.41 50.94
C LEU G 473 -36.58 -24.28 51.73
N GLU G 474 -36.16 -25.51 52.02
CA GLU G 474 -37.02 -26.43 52.75
C GLU G 474 -36.63 -26.49 54.22
N ILE G 475 -37.39 -25.80 55.05
CA ILE G 475 -37.13 -25.77 56.49
C ILE G 475 -37.76 -26.98 57.19
N ILE G 476 -36.91 -27.83 57.76
CA ILE G 476 -37.37 -29.03 58.45
C ILE G 476 -37.63 -28.68 59.92
N THR G 477 -38.59 -29.38 60.54
CA THR G 477 -38.90 -29.14 61.95
C THR G 477 -39.18 -30.45 62.70
N THR G 478 -38.37 -30.73 63.72
CA THR G 478 -38.61 -31.87 64.59
C THR G 478 -39.68 -31.49 65.61
N GLU G 479 -40.03 -32.43 66.49
CA GLU G 479 -41.04 -32.16 67.50
C GLU G 479 -40.46 -31.34 68.65
N LYS G 480 -39.23 -31.64 69.04
CA LYS G 480 -38.56 -30.92 70.11
C LYS G 480 -38.28 -29.48 69.66
N THR G 481 -38.18 -29.29 68.34
CA THR G 481 -37.89 -27.98 67.75
C THR G 481 -38.85 -26.90 68.24
N SER G 482 -38.28 -25.76 68.64
CA SER G 482 -39.07 -24.64 69.15
C SER G 482 -39.85 -23.92 68.06
N LYS G 483 -40.80 -23.08 68.46
CA LYS G 483 -41.59 -22.29 67.52
C LYS G 483 -40.83 -21.04 67.10
N ASP G 484 -40.28 -20.32 68.06
CA ASP G 484 -39.47 -19.15 67.77
C ASP G 484 -38.24 -19.56 66.97
N THR G 485 -37.59 -20.64 67.40
CA THR G 485 -36.44 -21.18 66.69
C THR G 485 -36.76 -21.36 65.20
N SER G 486 -38.00 -21.74 64.91
CA SER G 486 -38.45 -21.88 63.53
C SER G 486 -38.80 -20.52 62.94
N ALA G 487 -39.45 -19.67 63.72
CA ALA G 487 -39.87 -18.35 63.27
C ALA G 487 -38.68 -17.45 62.94
N SER G 488 -37.49 -17.87 63.36
CA SER G 488 -36.26 -17.15 63.02
C SER G 488 -35.69 -17.71 61.72
N ALA G 489 -35.55 -19.04 61.68
CA ALA G 489 -35.03 -19.73 60.50
C ALA G 489 -35.82 -19.34 59.26
N VAL G 490 -37.13 -19.16 59.41
CA VAL G 490 -37.99 -18.75 58.30
C VAL G 490 -37.68 -17.32 57.90
N ALA G 491 -37.55 -16.44 58.89
CA ALA G 491 -37.30 -15.03 58.64
C ALA G 491 -35.96 -14.80 57.94
N VAL G 492 -34.97 -15.61 58.30
CA VAL G 492 -33.64 -15.51 57.68
C VAL G 492 -33.71 -15.90 56.20
N GLY G 493 -34.31 -17.06 55.93
CA GLY G 493 -34.47 -17.52 54.56
C GLY G 493 -35.17 -16.50 53.68
N LEU G 494 -36.15 -15.81 54.26
CA LEU G 494 -36.90 -14.80 53.53
C LEU G 494 -36.05 -13.56 53.25
N LYS G 495 -35.20 -13.18 54.21
CA LYS G 495 -34.25 -12.09 54.00
C LYS G 495 -33.28 -12.49 52.90
N GLN G 496 -32.78 -13.72 53.00
CA GLN G 496 -31.93 -14.29 51.95
C GLN G 496 -32.70 -14.32 50.62
N GLY G 497 -33.99 -14.01 50.68
CA GLY G 497 -34.81 -13.90 49.49
C GLY G 497 -35.12 -15.24 48.88
N LYS G 498 -35.60 -16.16 49.70
CA LYS G 498 -35.90 -17.52 49.26
C LYS G 498 -37.39 -17.79 49.37
N VAL G 499 -37.85 -18.79 48.64
CA VAL G 499 -39.23 -19.26 48.73
C VAL G 499 -39.27 -20.44 49.71
N ILE G 500 -40.01 -20.29 50.80
CA ILE G 500 -39.91 -21.22 51.93
C ILE G 500 -41.08 -22.19 52.05
N ILE G 501 -40.72 -23.46 52.24
CA ILE G 501 -41.67 -24.54 52.43
C ILE G 501 -41.33 -25.23 53.74
N VAL G 502 -42.28 -25.29 54.68
CA VAL G 502 -42.03 -25.92 55.97
C VAL G 502 -42.59 -27.34 56.03
N VAL G 503 -41.78 -28.27 56.52
CA VAL G 503 -42.19 -29.67 56.66
C VAL G 503 -41.79 -30.20 58.03
N LYS G 504 -42.53 -31.19 58.51
CA LYS G 504 -42.20 -31.86 59.77
C LYS G 504 -41.10 -32.87 59.44
N ASP G 505 -40.17 -33.07 60.37
CA ASP G 505 -39.04 -33.97 60.14
C ASP G 505 -39.53 -35.34 59.69
N GLY G 506 -38.78 -35.94 58.77
CA GLY G 506 -39.06 -37.29 58.30
C GLY G 506 -37.78 -37.96 57.83
N PRO G 507 -37.84 -39.27 57.61
CA PRO G 507 -36.71 -39.98 57.03
C PRO G 507 -36.68 -39.71 55.54
N GLY G 508 -35.88 -38.72 55.13
CA GLY G 508 -35.98 -38.17 53.79
C GLY G 508 -37.19 -37.25 53.79
N PHE G 509 -36.95 -35.95 53.92
CA PHE G 509 -38.03 -34.98 54.04
C PHE G 509 -38.83 -34.93 52.75
N TYR G 510 -39.89 -34.13 52.74
CA TYR G 510 -40.79 -34.07 51.59
C TYR G 510 -40.07 -34.21 50.25
N THR G 511 -39.08 -33.34 50.03
CA THR G 511 -38.44 -33.23 48.73
C THR G 511 -37.62 -34.47 48.38
N THR G 512 -36.54 -34.71 49.13
CA THR G 512 -35.64 -35.81 48.83
C THR G 512 -36.41 -37.12 48.77
N ARG G 513 -37.36 -37.30 49.69
CA ARG G 513 -38.19 -38.49 49.72
C ARG G 513 -38.89 -38.70 48.38
N CYS G 514 -39.84 -37.83 48.07
CA CYS G 514 -40.63 -37.96 46.85
C CYS G 514 -39.71 -38.17 45.64
N LEU G 515 -38.53 -37.57 45.69
CA LEU G 515 -37.59 -37.69 44.59
C LEU G 515 -37.11 -39.14 44.42
N ALA G 516 -36.90 -39.84 45.54
CA ALA G 516 -36.28 -41.16 45.54
C ALA G 516 -36.93 -42.15 44.57
N PRO G 517 -38.22 -42.46 44.78
CA PRO G 517 -38.90 -43.48 43.97
C PRO G 517 -38.64 -43.33 42.48
N MET G 518 -38.58 -42.09 42.00
CA MET G 518 -38.29 -41.82 40.60
C MET G 518 -36.90 -42.31 40.24
N MET G 519 -35.91 -41.91 41.04
CA MET G 519 -34.51 -42.27 40.78
C MET G 519 -34.34 -43.78 40.71
N SER G 520 -35.20 -44.52 41.42
CA SER G 520 -35.23 -45.98 41.32
C SER G 520 -35.82 -46.38 39.98
N GLU G 521 -37.04 -45.93 39.72
CA GLU G 521 -37.74 -46.21 38.47
C GLU G 521 -36.88 -45.84 37.26
N VAL G 522 -36.04 -44.81 37.43
CA VAL G 522 -35.10 -44.40 36.39
C VAL G 522 -34.11 -45.52 36.10
N ILE G 523 -33.37 -45.94 37.13
CA ILE G 523 -32.43 -47.05 36.98
C ILE G 523 -33.12 -48.19 36.25
N ARG G 524 -34.30 -48.56 36.74
CA ARG G 524 -35.08 -49.65 36.16
C ARG G 524 -35.27 -49.49 34.66
N ILE G 525 -35.73 -48.31 34.25
CA ILE G 525 -35.97 -48.02 32.84
C ILE G 525 -34.66 -48.10 32.05
N LEU G 526 -33.63 -47.42 32.55
CA LEU G 526 -32.31 -47.47 31.92
C LEU G 526 -31.83 -48.90 31.79
N GLN G 527 -32.29 -49.76 32.70
CA GLN G 527 -31.94 -51.17 32.69
C GLN G 527 -32.98 -52.00 31.92
N GLU G 528 -33.94 -51.34 31.30
CA GLU G 528 -34.97 -52.04 30.54
C GLU G 528 -34.74 -51.95 29.04
N GLY G 529 -33.58 -51.39 28.64
CA GLY G 529 -33.23 -51.26 27.24
C GLY G 529 -33.24 -49.82 26.76
N VAL G 530 -33.98 -48.97 27.47
CA VAL G 530 -34.02 -47.54 27.17
C VAL G 530 -32.67 -46.92 27.53
N ASP G 531 -32.30 -45.86 26.83
CA ASP G 531 -31.01 -45.22 27.03
C ASP G 531 -31.17 -43.74 27.38
N PRO G 532 -30.07 -43.10 27.82
CA PRO G 532 -30.08 -41.68 28.20
C PRO G 532 -30.85 -40.78 27.24
N LYS G 533 -30.37 -40.70 25.99
CA LYS G 533 -30.99 -39.85 24.98
C LYS G 533 -32.50 -40.00 24.96
N LYS G 534 -32.98 -41.23 24.99
CA LYS G 534 -34.40 -41.50 24.92
C LYS G 534 -35.10 -41.11 26.23
N LEU G 535 -34.44 -41.35 27.36
CA LEU G 535 -35.04 -41.02 28.66
C LEU G 535 -35.01 -39.52 28.91
N ASP G 536 -33.88 -38.88 28.62
CA ASP G 536 -33.75 -37.43 28.74
C ASP G 536 -34.81 -36.74 27.89
N SER G 537 -34.90 -37.13 26.63
CA SER G 537 -35.90 -36.60 25.71
C SER G 537 -37.31 -36.85 26.24
N LEU G 538 -37.56 -38.06 26.73
CA LEU G 538 -38.89 -38.47 27.18
C LEU G 538 -39.41 -37.62 28.33
N THR G 539 -38.51 -37.24 29.23
CA THR G 539 -38.91 -36.47 30.42
C THR G 539 -38.89 -34.96 30.16
N THR G 540 -37.85 -34.48 29.50
CA THR G 540 -37.75 -33.05 29.15
C THR G 540 -38.99 -32.64 28.36
N SER G 541 -39.38 -33.47 27.41
CA SER G 541 -40.52 -33.18 26.55
C SER G 541 -41.84 -33.31 27.30
N PHE G 542 -41.80 -33.90 28.49
CA PHE G 542 -42.98 -34.02 29.32
C PHE G 542 -43.15 -32.77 30.18
N GLY G 543 -42.12 -31.94 30.20
CA GLY G 543 -42.16 -30.68 30.96
C GLY G 543 -41.09 -30.57 32.02
N PHE G 544 -40.26 -31.60 32.14
CA PHE G 544 -39.17 -31.58 33.12
C PHE G 544 -38.04 -30.68 32.66
N PRO G 545 -37.60 -29.76 33.53
CA PRO G 545 -36.46 -28.91 33.24
C PRO G 545 -35.19 -29.69 32.90
N VAL G 546 -35.01 -30.85 33.54
CA VAL G 546 -33.82 -31.67 33.31
C VAL G 546 -34.17 -33.10 32.91
N GLY G 547 -33.37 -33.67 32.01
CA GLY G 547 -33.54 -35.06 31.59
C GLY G 547 -33.26 -36.01 32.74
N ALA G 548 -34.18 -36.93 32.98
CA ALA G 548 -34.12 -37.79 34.16
C ALA G 548 -32.74 -38.44 34.34
N ALA G 549 -32.12 -38.86 33.25
CA ALA G 549 -30.81 -39.52 33.31
C ALA G 549 -29.68 -38.51 33.54
N THR G 550 -29.66 -37.45 32.73
CA THR G 550 -28.66 -36.39 32.89
C THR G 550 -28.84 -35.66 34.22
N LEU G 551 -30.06 -35.73 34.75
CA LEU G 551 -30.35 -35.25 36.10
C LEU G 551 -29.36 -35.90 37.06
N VAL G 552 -29.38 -37.24 37.08
CA VAL G 552 -28.57 -38.03 38.02
C VAL G 552 -27.08 -37.85 37.83
N ASP G 553 -26.63 -37.83 36.57
CA ASP G 553 -25.21 -37.67 36.29
C ASP G 553 -24.76 -36.32 36.80
N GLU G 554 -25.59 -35.31 36.59
CA GLU G 554 -25.34 -33.97 37.08
C GLU G 554 -25.34 -33.93 38.60
N VAL G 555 -26.25 -34.67 39.22
CA VAL G 555 -26.44 -34.59 40.68
C VAL G 555 -25.33 -35.27 41.47
N GLY G 556 -25.11 -36.56 41.20
CA GLY G 556 -24.08 -37.33 41.89
C GLY G 556 -24.21 -38.83 41.69
N VAL G 557 -23.46 -39.36 40.73
CA VAL G 557 -23.49 -40.79 40.46
C VAL G 557 -23.34 -41.60 41.74
N ASP G 558 -22.55 -41.05 42.66
CA ASP G 558 -22.28 -41.71 43.95
C ASP G 558 -23.26 -41.24 45.02
N VAL G 559 -23.52 -39.93 45.04
CA VAL G 559 -24.49 -39.35 45.98
C VAL G 559 -25.87 -39.88 45.63
N ALA G 560 -25.97 -40.55 44.49
CA ALA G 560 -27.15 -41.29 44.12
C ALA G 560 -27.33 -42.44 45.12
N LYS G 561 -26.29 -43.25 45.25
CA LYS G 561 -26.33 -44.43 46.13
C LYS G 561 -26.40 -44.01 47.59
N HIS G 562 -25.64 -42.98 47.95
CA HIS G 562 -25.63 -42.44 49.31
C HIS G 562 -27.03 -42.29 49.89
N VAL G 563 -27.97 -41.88 49.05
CA VAL G 563 -29.34 -41.64 49.50
C VAL G 563 -30.30 -42.71 48.97
N ALA G 564 -29.97 -43.28 47.81
CA ALA G 564 -30.80 -44.34 47.23
C ALA G 564 -30.86 -45.55 48.15
N GLU G 565 -29.75 -45.81 48.84
CA GLU G 565 -29.65 -46.95 49.74
C GLU G 565 -29.90 -46.56 51.20
N ASP G 566 -29.41 -45.39 51.61
CA ASP G 566 -29.66 -44.91 52.97
C ASP G 566 -31.14 -44.69 53.21
N LEU G 567 -31.84 -44.28 52.17
CA LEU G 567 -33.29 -44.06 52.24
C LEU G 567 -34.01 -45.33 51.80
N GLY G 568 -33.34 -46.13 50.98
CA GLY G 568 -33.88 -47.40 50.51
C GLY G 568 -33.86 -48.45 51.60
N LYS G 569 -33.00 -48.26 52.59
CA LYS G 569 -32.98 -49.13 53.77
C LYS G 569 -34.12 -48.77 54.71
N VAL G 570 -34.40 -47.47 54.85
CA VAL G 570 -35.46 -46.99 55.73
C VAL G 570 -36.84 -47.33 55.20
N PHE G 571 -36.93 -47.53 53.89
CA PHE G 571 -38.17 -47.96 53.26
C PHE G 571 -37.94 -49.26 52.48
N GLY G 572 -37.32 -49.15 51.32
CA GLY G 572 -37.01 -50.32 50.48
C GLY G 572 -38.24 -51.10 50.06
N GLU G 573 -39.41 -50.72 50.56
CA GLU G 573 -40.63 -51.47 50.29
C GLU G 573 -41.21 -51.09 48.93
N ARG G 574 -41.52 -49.80 48.76
CA ARG G 574 -42.14 -49.31 47.55
C ARG G 574 -41.07 -48.68 46.67
N PHE G 575 -40.01 -48.20 47.31
CA PHE G 575 -38.90 -47.56 46.62
C PHE G 575 -38.12 -48.55 45.76
N GLY G 576 -38.50 -49.83 45.85
CA GLY G 576 -37.83 -50.88 45.09
C GLY G 576 -38.08 -50.77 43.61
N GLY G 577 -37.09 -50.23 42.88
CA GLY G 577 -37.18 -50.13 41.44
C GLY G 577 -36.12 -50.99 40.77
N GLY G 578 -35.09 -50.34 40.23
CA GLY G 578 -34.02 -51.04 39.54
C GLY G 578 -33.06 -51.69 40.50
N ASN G 579 -32.00 -52.28 39.96
CA ASN G 579 -30.98 -52.94 40.76
C ASN G 579 -29.85 -51.97 41.09
N PRO G 580 -29.70 -51.57 42.37
CA PRO G 580 -28.65 -50.62 42.71
C PRO G 580 -27.24 -51.18 42.54
N GLU G 581 -27.11 -52.38 41.98
CA GLU G 581 -25.80 -52.96 41.69
C GLU G 581 -25.17 -52.24 40.51
N LEU G 582 -25.94 -52.10 39.42
CA LEU G 582 -25.46 -51.38 38.25
C LEU G 582 -25.09 -49.96 38.65
N LEU G 583 -25.80 -49.42 39.63
CA LEU G 583 -25.51 -48.12 40.19
C LEU G 583 -24.16 -48.14 40.92
N THR G 584 -23.86 -49.26 41.56
CA THR G 584 -22.58 -49.49 42.20
C THR G 584 -21.51 -49.81 41.16
N GLN G 585 -21.85 -50.71 40.23
CA GLN G 585 -20.95 -51.10 39.16
C GLN G 585 -20.33 -49.87 38.50
N MET G 586 -20.99 -48.72 38.63
CA MET G 586 -20.48 -47.46 38.08
C MET G 586 -19.36 -46.90 38.94
N VAL G 587 -19.63 -46.71 40.22
CA VAL G 587 -18.64 -46.12 41.13
C VAL G 587 -17.41 -47.01 41.24
N SER G 588 -17.62 -48.27 41.61
CA SER G 588 -16.53 -49.22 41.82
C SER G 588 -15.74 -49.53 40.55
N LYS G 589 -16.43 -49.56 39.41
CA LYS G 589 -15.77 -49.75 38.12
C LYS G 589 -15.20 -48.43 37.62
N GLY G 590 -15.52 -47.33 38.31
CA GLY G 590 -14.96 -46.03 37.97
C GLY G 590 -15.73 -45.11 37.04
N PHE G 591 -17.00 -44.90 37.38
CA PHE G 591 -17.83 -43.98 36.63
C PHE G 591 -17.28 -42.66 37.11
N LEU G 592 -17.03 -41.75 36.17
CA LEU G 592 -16.45 -40.46 36.53
C LEU G 592 -17.46 -39.56 37.23
N GLY G 593 -17.46 -39.61 38.57
CA GLY G 593 -18.30 -38.71 39.36
C GLY G 593 -18.08 -37.30 38.86
N ARG G 594 -17.15 -37.19 37.91
CA ARG G 594 -16.82 -35.94 37.22
C ARG G 594 -18.08 -35.46 36.53
N LYS G 595 -19.23 -35.90 37.04
CA LYS G 595 -20.52 -35.59 36.45
C LYS G 595 -20.39 -36.28 35.10
N SER G 596 -19.30 -37.04 34.97
CA SER G 596 -18.93 -37.77 33.74
C SER G 596 -19.65 -39.09 33.42
N GLY G 597 -20.59 -39.51 34.27
CA GLY G 597 -21.34 -40.74 34.00
C GLY G 597 -22.30 -40.47 32.85
N LYS G 598 -22.45 -39.18 32.52
CA LYS G 598 -23.31 -38.69 31.44
C LYS G 598 -22.73 -37.44 30.78
N GLY G 599 -22.79 -36.29 31.49
CA GLY G 599 -22.26 -35.02 30.99
C GLY G 599 -20.73 -35.04 31.03
N PHE G 600 -20.06 -34.59 29.98
CA PHE G 600 -18.59 -34.68 29.96
C PHE G 600 -17.73 -33.37 29.96
N TYR G 601 -16.43 -33.51 29.64
CA TYR G 601 -15.47 -32.39 29.59
C TYR G 601 -13.98 -32.81 29.53
N ILE G 602 -13.23 -32.39 30.56
CA ILE G 602 -11.77 -32.62 30.84
C ILE G 602 -10.67 -32.61 29.73
N TYR G 603 -9.82 -31.56 29.74
CA TYR G 603 -8.73 -31.43 28.74
C TYR G 603 -7.62 -30.37 29.04
N GLN G 604 -6.93 -30.50 30.17
CA GLN G 604 -5.88 -29.56 30.60
C GLN G 604 -6.50 -28.28 31.17
N GLU G 605 -7.82 -28.15 30.95
CA GLU G 605 -8.65 -27.01 31.39
C GLU G 605 -9.87 -26.87 30.44
N GLY G 606 -9.91 -27.71 29.39
CA GLY G 606 -11.00 -27.67 28.42
C GLY G 606 -12.38 -27.81 29.05
N VAL G 607 -12.87 -26.70 29.60
CA VAL G 607 -14.17 -26.57 30.29
C VAL G 607 -15.43 -27.12 29.57
N LYS G 608 -15.96 -28.26 30.04
CA LYS G 608 -17.16 -28.90 29.45
C LYS G 608 -16.90 -29.89 28.29
N ARG G 609 -18.00 -30.28 27.63
CA ARG G 609 -18.08 -31.22 26.48
C ARG G 609 -19.59 -31.61 26.38
N LYS G 610 -20.00 -32.35 25.35
CA LYS G 610 -21.44 -32.58 25.09
C LYS G 610 -22.00 -33.94 24.57
N ASP G 611 -21.34 -35.08 24.78
CA ASP G 611 -21.83 -36.32 24.12
C ASP G 611 -21.99 -37.57 25.01
N LEU G 612 -22.86 -38.50 24.60
CA LEU G 612 -23.05 -39.75 25.37
C LEU G 612 -21.83 -40.58 25.81
N ASN G 613 -22.07 -41.38 26.83
CA ASN G 613 -21.00 -42.07 27.50
C ASN G 613 -21.09 -43.42 26.90
N SER G 614 -20.16 -43.69 26.00
CA SER G 614 -20.23 -44.97 25.30
C SER G 614 -20.19 -46.24 26.17
N ASP G 615 -19.17 -46.37 27.03
CA ASP G 615 -18.87 -47.65 27.71
C ASP G 615 -19.86 -48.19 28.74
N MET G 616 -20.49 -47.30 29.50
CA MET G 616 -21.65 -47.64 30.32
C MET G 616 -22.60 -48.55 29.55
N ASP G 617 -22.50 -48.53 28.22
CA ASP G 617 -23.27 -49.45 27.37
C ASP G 617 -22.89 -50.90 27.65
N SER G 618 -21.59 -51.18 27.62
CA SER G 618 -21.08 -52.52 27.85
C SER G 618 -21.55 -53.09 29.19
N ILE G 619 -21.37 -52.31 30.25
CA ILE G 619 -21.74 -52.74 31.60
C ILE G 619 -23.26 -52.82 31.77
N LEU G 620 -23.98 -51.89 31.18
CA LEU G 620 -25.44 -51.88 31.23
C LEU G 620 -25.97 -53.17 30.60
N ALA G 621 -25.52 -53.45 29.39
CA ALA G 621 -25.92 -54.66 28.67
C ALA G 621 -25.81 -55.89 29.55
N SER G 622 -24.74 -55.96 30.36
CA SER G 622 -24.47 -57.11 31.20
C SER G 622 -25.71 -57.56 31.98
N LEU G 623 -26.23 -56.67 32.81
CA LEU G 623 -27.39 -56.98 33.64
C LEU G 623 -28.54 -56.04 33.32
N LYS G 624 -29.52 -56.51 32.55
CA LYS G 624 -30.68 -55.68 32.23
C LYS G 624 -31.92 -56.50 31.86
N LEU G 625 -33.02 -56.25 32.57
CA LEU G 625 -34.28 -56.95 32.35
C LEU G 625 -34.97 -56.51 31.05
N PRO G 626 -35.93 -57.31 30.57
CA PRO G 626 -36.68 -56.98 29.37
C PRO G 626 -37.93 -56.16 29.70
N PRO G 627 -38.56 -55.57 28.68
CA PRO G 627 -39.73 -54.71 28.87
C PRO G 627 -41.00 -55.46 29.29
N LYS G 628 -42.11 -54.74 29.36
CA LYS G 628 -43.41 -55.34 29.60
C LYS G 628 -44.27 -55.09 28.36
N SER G 629 -45.55 -55.42 28.44
CA SER G 629 -46.46 -55.18 27.31
C SER G 629 -47.14 -53.83 27.43
N GLU G 630 -47.96 -53.67 28.46
CA GLU G 630 -48.74 -52.45 28.64
C GLU G 630 -48.02 -51.39 29.47
N VAL G 631 -46.70 -51.51 29.60
CA VAL G 631 -45.94 -50.59 30.43
C VAL G 631 -44.62 -50.16 29.78
N SER G 632 -44.33 -50.69 28.60
CA SER G 632 -43.12 -50.34 27.87
C SER G 632 -43.33 -49.09 27.01
N SER G 633 -44.58 -48.67 26.90
CA SER G 633 -44.94 -47.53 26.06
C SER G 633 -44.21 -46.26 26.48
N ASP G 634 -43.87 -45.43 25.50
CA ASP G 634 -43.20 -44.17 25.76
C ASP G 634 -44.03 -43.30 26.71
N GLU G 635 -45.32 -43.24 26.47
CA GLU G 635 -46.21 -42.46 27.32
C GLU G 635 -46.30 -43.08 28.71
N ASP G 636 -46.16 -44.40 28.75
CA ASP G 636 -46.20 -45.14 30.02
C ASP G 636 -44.91 -44.95 30.83
N ILE G 637 -43.77 -45.00 30.14
CA ILE G 637 -42.49 -44.73 30.77
C ILE G 637 -42.52 -43.41 31.54
N GLN G 638 -43.24 -42.43 30.99
CA GLN G 638 -43.37 -41.12 31.62
C GLN G 638 -44.16 -41.21 32.92
N PHE G 639 -45.44 -41.60 32.81
CA PHE G 639 -46.32 -41.66 33.97
C PHE G 639 -45.80 -42.61 35.04
N ARG G 640 -45.10 -43.65 34.61
CA ARG G 640 -44.35 -44.50 35.54
C ARG G 640 -43.67 -43.62 36.58
N LEU G 641 -42.89 -42.65 36.09
CA LEU G 641 -42.14 -41.73 36.95
C LEU G 641 -43.06 -40.80 37.70
N VAL G 642 -43.84 -40.03 36.95
CA VAL G 642 -44.68 -38.99 37.53
C VAL G 642 -45.52 -39.55 38.67
N THR G 643 -46.32 -40.57 38.38
CA THR G 643 -47.26 -41.13 39.35
C THR G 643 -46.60 -41.53 40.66
N ARG G 644 -45.49 -42.26 40.57
CA ARG G 644 -44.73 -42.65 41.77
C ARG G 644 -44.41 -41.41 42.61
N PHE G 645 -43.94 -40.36 41.95
CA PHE G 645 -43.66 -39.09 42.61
C PHE G 645 -44.95 -38.51 43.20
N VAL G 646 -45.93 -38.26 42.35
CA VAL G 646 -47.18 -37.62 42.76
C VAL G 646 -47.82 -38.35 43.94
N ASN G 647 -47.61 -39.65 44.02
CA ASN G 647 -48.13 -40.44 45.13
C ASN G 647 -47.41 -40.10 46.43
N GLU G 648 -46.11 -40.40 46.49
CA GLU G 648 -45.32 -40.08 47.68
C GLU G 648 -45.56 -38.66 48.13
N ALA G 649 -45.79 -37.75 47.18
CA ALA G 649 -46.05 -36.36 47.49
C ALA G 649 -47.37 -36.21 48.26
N VAL G 650 -48.45 -36.68 47.67
CA VAL G 650 -49.76 -36.60 48.32
C VAL G 650 -49.75 -37.39 49.62
N MET G 651 -48.95 -38.44 49.66
CA MET G 651 -48.78 -39.24 50.87
C MET G 651 -48.15 -38.40 51.98
N CYS G 652 -47.25 -37.49 51.61
CA CYS G 652 -46.58 -36.63 52.59
C CYS G 652 -47.54 -35.58 53.14
N LEU G 653 -48.64 -35.34 52.44
CA LEU G 653 -49.73 -34.50 52.94
C LEU G 653 -50.51 -35.33 53.95
N GLN G 654 -50.83 -36.55 53.52
CA GLN G 654 -51.52 -37.53 54.35
C GLN G 654 -50.81 -37.73 55.69
N GLU G 655 -49.51 -38.05 55.63
CA GLU G 655 -48.71 -38.29 56.83
C GLU G 655 -48.50 -37.03 57.66
N GLY G 656 -48.93 -35.88 57.13
CA GLY G 656 -48.85 -34.63 57.85
C GLY G 656 -47.52 -33.92 57.70
N ILE G 657 -46.60 -34.51 56.93
CA ILE G 657 -45.30 -33.88 56.69
C ILE G 657 -45.50 -32.54 55.98
N LEU G 658 -46.23 -32.56 54.88
CA LEU G 658 -46.61 -31.32 54.19
C LEU G 658 -47.74 -30.63 54.94
N ALA G 659 -47.50 -29.39 55.34
CA ALA G 659 -48.51 -28.62 56.04
C ALA G 659 -49.69 -28.34 55.12
N THR G 660 -49.39 -28.00 53.87
CA THR G 660 -50.40 -27.65 52.89
C THR G 660 -50.11 -28.31 51.55
N PRO G 661 -51.09 -28.29 50.63
CA PRO G 661 -50.85 -28.77 49.27
C PRO G 661 -50.10 -27.73 48.45
N ALA G 662 -50.39 -26.46 48.71
CA ALA G 662 -49.69 -25.36 48.06
C ALA G 662 -48.19 -25.51 48.25
N GLU G 663 -47.78 -25.61 49.51
CA GLU G 663 -46.37 -25.84 49.84
C GLU G 663 -45.86 -27.09 49.13
N GLY G 664 -46.62 -28.17 49.22
CA GLY G 664 -46.28 -29.39 48.50
C GLY G 664 -45.94 -29.09 47.05
N ASP G 665 -46.80 -28.32 46.39
CA ASP G 665 -46.60 -27.95 44.99
C ASP G 665 -45.37 -27.07 44.81
N ILE G 666 -45.42 -25.87 45.37
CA ILE G 666 -44.30 -24.95 45.35
C ILE G 666 -42.98 -25.73 45.35
N GLY G 667 -42.73 -26.44 46.45
CA GLY G 667 -41.48 -27.17 46.63
C GLY G 667 -41.22 -28.18 45.53
N ALA G 668 -42.28 -28.84 45.07
CA ALA G 668 -42.15 -29.87 44.03
C ALA G 668 -41.69 -29.26 42.72
N VAL G 669 -42.26 -28.11 42.39
CA VAL G 669 -41.93 -27.42 41.15
C VAL G 669 -40.58 -26.73 41.28
N PHE G 670 -40.47 -25.83 42.25
CA PHE G 670 -39.27 -25.01 42.43
C PHE G 670 -38.01 -25.80 42.81
N GLY G 671 -38.17 -27.04 43.25
CA GLY G 671 -37.04 -27.81 43.79
C GLY G 671 -36.78 -29.13 43.10
N LEU G 672 -37.84 -29.89 42.85
CA LEU G 672 -37.69 -31.19 42.20
C LEU G 672 -37.86 -31.05 40.68
N GLY G 673 -38.13 -29.83 40.24
CA GLY G 673 -38.29 -29.57 38.81
C GLY G 673 -39.54 -30.23 38.26
N PHE G 674 -40.59 -30.28 39.07
CA PHE G 674 -41.86 -30.81 38.63
C PHE G 674 -42.41 -29.86 37.57
N PRO G 675 -42.80 -30.41 36.40
CA PRO G 675 -43.31 -29.59 35.30
C PRO G 675 -44.40 -28.63 35.75
N PRO G 676 -44.14 -27.31 35.67
CA PRO G 676 -45.07 -26.29 36.17
C PRO G 676 -46.35 -26.13 35.35
N CYS G 677 -46.31 -26.47 34.07
CA CYS G 677 -47.51 -26.48 33.24
C CYS G 677 -48.58 -27.35 33.91
N LEU G 678 -48.15 -28.46 34.50
CA LEU G 678 -49.04 -29.35 35.24
C LEU G 678 -49.52 -28.68 36.52
N GLY G 679 -48.66 -27.85 37.11
CA GLY G 679 -49.06 -26.98 38.22
C GLY G 679 -48.69 -27.48 39.60
N GLY G 680 -47.77 -28.44 39.65
CA GLY G 680 -47.42 -29.10 40.91
C GLY G 680 -48.17 -30.40 41.03
N PRO G 681 -47.64 -31.34 41.83
CA PRO G 681 -48.27 -32.66 41.93
C PRO G 681 -49.68 -32.62 42.52
N PHE G 682 -49.91 -31.66 43.41
CA PHE G 682 -51.22 -31.53 44.06
C PHE G 682 -52.23 -30.89 43.13
N ARG G 683 -51.75 -30.02 42.24
CA ARG G 683 -52.61 -29.45 41.21
C ARG G 683 -52.88 -30.53 40.18
N PHE G 684 -51.84 -31.25 39.81
CA PHE G 684 -51.90 -32.29 38.79
C PHE G 684 -52.99 -33.31 39.11
N VAL G 685 -53.22 -33.55 40.39
CA VAL G 685 -54.32 -34.39 40.83
C VAL G 685 -55.66 -33.71 40.50
N ASP G 686 -55.83 -32.48 40.96
CA ASP G 686 -57.06 -31.74 40.77
C ASP G 686 -57.44 -31.59 39.29
N LEU G 687 -56.44 -31.46 38.42
CA LEU G 687 -56.69 -31.16 37.01
C LEU G 687 -56.74 -32.41 36.14
N TYR G 688 -55.66 -33.19 36.16
CA TYR G 688 -55.55 -34.38 35.31
C TYR G 688 -56.53 -35.47 35.72
N GLY G 689 -57.03 -35.39 36.96
CA GLY G 689 -58.06 -36.31 37.42
C GLY G 689 -57.66 -37.09 38.66
N ALA G 690 -58.30 -36.77 39.78
CA ALA G 690 -58.04 -37.47 41.03
C ALA G 690 -58.31 -38.97 40.88
N GLN G 691 -59.08 -39.33 39.86
CA GLN G 691 -59.37 -40.74 39.56
C GLN G 691 -58.47 -41.27 38.45
N LYS G 692 -58.48 -40.58 37.32
CA LYS G 692 -57.70 -40.96 36.16
C LYS G 692 -56.24 -41.25 36.54
N ILE G 693 -55.76 -40.52 37.54
CA ILE G 693 -54.37 -40.67 38.01
C ILE G 693 -54.16 -41.99 38.74
N VAL G 694 -55.22 -42.51 39.35
CA VAL G 694 -55.16 -43.75 40.12
C VAL G 694 -55.28 -44.94 39.19
N ASP G 695 -56.26 -44.88 38.29
CA ASP G 695 -56.44 -45.90 37.26
C ASP G 695 -55.12 -46.06 36.53
N ARG G 696 -54.45 -44.94 36.28
CA ARG G 696 -53.15 -44.93 35.63
C ARG G 696 -52.10 -45.52 36.56
N LEU G 697 -52.29 -45.35 37.86
CA LEU G 697 -51.36 -45.83 38.87
C LEU G 697 -51.55 -47.33 39.14
N LYS G 698 -52.80 -47.77 39.20
CA LYS G 698 -53.11 -49.19 39.36
C LYS G 698 -52.62 -50.00 38.18
N LYS G 699 -52.43 -49.33 37.06
CA LYS G 699 -51.92 -49.94 35.83
C LYS G 699 -50.39 -50.10 35.88
N TYR G 700 -49.74 -49.31 36.74
CA TYR G 700 -48.30 -49.44 36.97
C TYR G 700 -48.03 -50.11 38.32
N GLU G 701 -49.05 -50.79 38.83
CA GLU G 701 -48.98 -51.48 40.11
C GLU G 701 -49.11 -52.98 39.87
N ALA G 702 -50.35 -53.44 39.73
CA ALA G 702 -50.63 -54.85 39.53
C ALA G 702 -49.96 -55.35 38.26
N ALA G 703 -50.01 -54.53 37.21
CA ALA G 703 -49.38 -54.88 35.95
C ALA G 703 -47.86 -54.99 36.13
N TYR G 704 -47.30 -54.17 37.02
CA TYR G 704 -45.86 -54.19 37.26
C TYR G 704 -45.52 -54.88 38.58
N GLY G 705 -46.36 -55.84 38.95
CA GLY G 705 -46.11 -56.73 40.10
C GLY G 705 -45.35 -56.13 41.27
N LYS G 706 -45.46 -54.82 41.46
CA LYS G 706 -44.80 -54.15 42.57
C LYS G 706 -45.81 -53.34 43.37
N GLN G 707 -45.50 -53.09 44.64
CA GLN G 707 -46.42 -52.42 45.54
C GLN G 707 -46.42 -50.91 45.35
N PHE G 708 -46.42 -50.46 44.10
CA PHE G 708 -46.40 -49.04 43.79
C PHE G 708 -47.86 -48.61 43.63
N THR G 709 -48.53 -48.57 44.77
CA THR G 709 -49.98 -48.54 44.88
C THR G 709 -50.42 -47.23 45.52
N PRO G 710 -51.59 -46.71 45.10
CA PRO G 710 -52.08 -45.46 45.67
C PRO G 710 -52.19 -45.48 47.18
N CYS G 711 -51.76 -44.40 47.83
CA CYS G 711 -51.91 -44.26 49.27
C CYS G 711 -53.38 -43.95 49.58
N GLN G 712 -53.67 -43.71 50.86
CA GLN G 712 -55.05 -43.50 51.28
C GLN G 712 -55.64 -42.19 50.74
N LEU G 713 -54.96 -41.07 51.02
CA LEU G 713 -55.47 -39.76 50.65
C LEU G 713 -55.59 -39.58 49.14
N LEU G 714 -54.72 -40.24 48.39
CA LEU G 714 -54.79 -40.23 46.93
C LEU G 714 -56.06 -40.96 46.50
N ALA G 715 -56.16 -42.22 46.91
CA ALA G 715 -57.32 -43.05 46.60
C ALA G 715 -58.60 -42.48 47.23
N ASP G 716 -58.44 -41.70 48.30
CA ASP G 716 -59.58 -41.07 48.97
C ASP G 716 -60.25 -40.06 48.03
N HIS G 717 -59.44 -39.20 47.42
CA HIS G 717 -59.93 -38.21 46.46
C HIS G 717 -60.50 -38.87 45.22
N ALA G 718 -59.97 -40.05 44.89
CA ALA G 718 -60.39 -40.79 43.72
C ALA G 718 -61.82 -41.28 43.82
N ASN G 719 -62.18 -41.82 44.99
CA ASN G 719 -63.50 -42.39 45.21
C ASN G 719 -64.61 -41.34 45.36
N SER G 720 -64.25 -40.06 45.26
CA SER G 720 -65.22 -38.98 45.28
C SER G 720 -64.87 -37.94 44.22
N PRO G 721 -65.72 -36.90 44.07
CA PRO G 721 -65.36 -35.77 43.24
C PRO G 721 -64.63 -34.71 44.06
N ASN G 722 -63.39 -35.00 44.44
CA ASN G 722 -62.65 -34.14 45.35
C ASN G 722 -61.38 -33.53 44.77
N LYS G 723 -60.99 -32.38 45.32
CA LYS G 723 -59.83 -31.63 44.87
C LYS G 723 -59.14 -30.98 46.07
N LYS G 724 -57.81 -31.03 46.07
CA LYS G 724 -57.03 -30.61 47.23
C LYS G 724 -57.03 -29.09 47.38
N PHE G 725 -56.61 -28.41 46.31
CA PHE G 725 -56.42 -26.96 46.36
C PHE G 725 -57.72 -26.22 46.59
N TYR G 726 -58.76 -26.59 45.86
CA TYR G 726 -60.05 -25.95 46.03
C TYR G 726 -61.13 -26.74 45.31
N ARG H 2 60.46 18.51 50.85
CA ARG H 2 59.40 18.66 49.80
C ARG H 2 58.26 19.52 50.34
N THR H 3 58.29 20.82 50.01
CA THR H 3 57.27 21.74 50.48
C THR H 3 56.01 21.69 49.60
N HIS H 4 56.14 21.14 48.41
CA HIS H 4 55.01 21.02 47.48
C HIS H 4 54.46 19.59 47.43
N ILE H 5 55.21 18.71 46.78
CA ILE H 5 54.77 17.33 46.58
C ILE H 5 55.12 16.43 47.77
N ASN H 6 54.09 15.83 48.36
CA ASN H 6 54.29 14.88 49.45
C ASN H 6 54.31 13.45 48.93
N TYR H 7 54.46 12.49 49.85
CA TYR H 7 54.55 11.10 49.48
C TYR H 7 53.71 10.25 50.44
N GLY H 8 53.71 8.94 50.23
CA GLY H 8 52.89 8.02 51.02
C GLY H 8 52.46 6.85 50.16
N VAL H 9 52.32 5.67 50.78
CA VAL H 9 51.99 4.46 50.04
C VAL H 9 51.01 3.58 50.80
N LYS H 10 50.24 2.80 50.04
CA LYS H 10 49.29 1.83 50.60
C LYS H 10 49.15 0.63 49.67
N GLY H 11 49.46 -0.57 50.18
CA GLY H 11 49.45 -1.76 49.35
C GLY H 11 50.41 -1.57 48.20
N ASP H 12 50.13 -2.20 47.06
CA ASP H 12 50.97 -2.05 45.89
C ASP H 12 50.56 -0.80 45.09
N VAL H 13 50.19 0.26 45.80
CA VAL H 13 49.72 1.49 45.19
C VAL H 13 50.23 2.72 45.91
N ALA H 14 51.02 3.54 45.21
CA ALA H 14 51.52 4.79 45.77
C ALA H 14 50.44 5.85 45.74
N VAL H 15 50.54 6.84 46.62
CA VAL H 15 49.56 7.92 46.67
C VAL H 15 50.26 9.27 46.81
N VAL H 16 50.59 9.87 45.66
CA VAL H 16 51.18 11.20 45.61
C VAL H 16 50.14 12.23 46.05
N ARG H 17 50.60 13.34 46.63
CA ARG H 17 49.70 14.34 47.18
C ARG H 17 50.18 15.77 46.89
N ILE H 18 49.60 16.38 45.86
CA ILE H 18 50.00 17.73 45.46
C ILE H 18 49.41 18.77 46.41
N ASN H 19 50.28 19.60 46.99
CA ASN H 19 49.85 20.73 47.79
C ASN H 19 50.95 21.78 47.94
N SER H 20 50.75 22.93 47.29
CA SER H 20 51.72 24.02 47.31
C SER H 20 51.98 24.54 48.72
N PRO H 21 53.07 25.30 48.91
CA PRO H 21 53.44 25.81 50.23
C PRO H 21 52.39 26.75 50.81
N ASN H 22 51.98 27.74 50.03
CA ASN H 22 50.91 28.65 50.44
C ASN H 22 49.60 27.89 50.55
N SER H 23 49.42 26.89 49.68
CA SER H 23 48.25 26.02 49.70
C SER H 23 47.05 26.63 48.97
N LYS H 24 47.10 27.94 48.76
CA LYS H 24 45.99 28.68 48.14
C LYS H 24 45.53 28.02 46.84
N VAL H 25 46.48 27.75 45.96
CA VAL H 25 46.19 27.08 44.69
C VAL H 25 47.47 26.43 44.19
N ASN H 26 47.39 25.12 43.90
CA ASN H 26 48.57 24.38 43.46
C ASN H 26 48.93 24.72 42.02
N THR H 27 50.02 25.46 41.85
CA THR H 27 50.52 25.80 40.53
C THR H 27 51.83 25.06 40.26
N LEU H 28 52.18 24.93 38.98
CA LEU H 28 53.35 24.16 38.59
C LEU H 28 54.63 24.99 38.64
N SER H 29 55.27 25.02 39.82
CA SER H 29 56.54 25.72 39.99
C SER H 29 57.69 24.88 39.46
N LYS H 30 58.83 25.53 39.22
CA LYS H 30 60.03 24.81 38.81
C LYS H 30 60.45 23.85 39.90
N GLU H 31 60.43 24.31 41.14
CA GLU H 31 60.87 23.49 42.27
C GLU H 31 59.88 22.36 42.55
N LEU H 32 58.60 22.63 42.32
CA LEU H 32 57.58 21.59 42.43
C LEU H 32 57.88 20.51 41.39
N HIS H 33 57.98 20.93 40.13
CA HIS H 33 58.36 20.04 39.05
C HIS H 33 59.48 19.11 39.49
N SER H 34 60.46 19.68 40.19
CA SER H 34 61.59 18.91 40.70
C SER H 34 61.12 17.83 41.66
N GLU H 35 60.57 18.25 42.79
CA GLU H 35 60.11 17.31 43.82
C GLU H 35 59.33 16.17 43.17
N PHE H 36 58.38 16.53 42.31
CA PHE H 36 57.56 15.55 41.61
C PHE H 36 58.44 14.61 40.80
N SER H 37 59.27 15.19 39.93
CA SER H 37 60.15 14.39 39.08
C SER H 37 60.94 13.37 39.93
N GLU H 38 61.25 13.75 41.16
CA GLU H 38 61.96 12.87 42.09
C GLU H 38 61.04 11.75 42.61
N VAL H 39 59.88 12.15 43.11
CA VAL H 39 58.95 11.20 43.74
C VAL H 39 58.56 10.08 42.78
N MET H 40 58.45 10.40 41.50
CA MET H 40 58.12 9.40 40.48
C MET H 40 59.20 8.33 40.42
N ASN H 41 60.43 8.75 40.17
CA ASN H 41 61.56 7.83 40.07
C ASN H 41 61.59 6.82 41.20
N GLU H 42 61.22 7.26 42.39
CA GLU H 42 61.14 6.37 43.54
C GLU H 42 60.10 5.27 43.29
N ILE H 43 58.86 5.68 43.05
CA ILE H 43 57.76 4.73 42.86
C ILE H 43 57.89 3.96 41.54
N TRP H 44 58.51 4.58 40.55
CA TRP H 44 58.81 3.93 39.28
C TRP H 44 59.72 2.72 39.50
N ALA H 45 60.93 2.97 39.97
CA ALA H 45 61.93 1.94 40.11
C ALA H 45 61.59 0.95 41.22
N SER H 46 61.11 1.46 42.35
CA SER H 46 60.76 0.62 43.49
C SER H 46 59.87 -0.54 43.05
N ASP H 47 60.38 -1.76 43.20
CA ASP H 47 59.62 -2.96 42.85
C ASP H 47 58.50 -3.22 43.85
N GLN H 48 58.42 -2.40 44.88
CA GLN H 48 57.40 -2.56 45.93
C GLN H 48 56.03 -2.10 45.45
N ILE H 49 56.01 -1.30 44.39
CA ILE H 49 54.78 -0.64 43.95
C ILE H 49 54.42 -1.00 42.52
N ARG H 50 53.19 -1.48 42.32
CA ARG H 50 52.72 -1.94 41.02
C ARG H 50 51.84 -0.88 40.32
N SER H 51 51.31 0.05 41.11
CA SER H 51 50.40 1.08 40.59
C SER H 51 50.45 2.34 41.47
N ALA H 52 49.80 3.42 41.02
CA ALA H 52 49.87 4.69 41.76
C ALA H 52 48.74 5.69 41.47
N VAL H 53 48.57 6.63 42.39
CA VAL H 53 47.55 7.68 42.30
C VAL H 53 48.17 9.05 42.60
N LEU H 54 47.55 10.12 42.11
CA LEU H 54 47.96 11.48 42.49
C LEU H 54 46.78 12.44 42.59
N ILE H 55 46.57 12.96 43.81
CA ILE H 55 45.43 13.82 44.12
C ILE H 55 45.90 15.09 44.82
N SER H 56 45.07 16.13 44.78
CA SER H 56 45.39 17.40 45.45
C SER H 56 44.89 17.41 46.89
N SER H 57 45.78 17.75 47.82
CA SER H 57 45.40 17.90 49.23
C SER H 57 44.72 19.24 49.42
N LYS H 58 45.21 20.25 48.71
CA LYS H 58 44.62 21.58 48.76
C LYS H 58 43.18 21.53 48.25
N PRO H 59 42.24 22.01 49.08
CA PRO H 59 40.80 21.88 48.79
C PRO H 59 40.36 22.76 47.62
N GLY H 60 40.97 23.93 47.50
CA GLY H 60 40.59 24.88 46.46
C GLY H 60 40.60 24.30 45.07
N CYS H 61 41.61 23.48 44.76
CA CYS H 61 41.74 22.95 43.40
C CYS H 61 42.70 21.76 43.29
N PHE H 62 42.94 21.35 42.05
CA PHE H 62 43.85 20.27 41.71
C PHE H 62 45.17 20.84 41.18
N ILE H 63 45.09 21.54 40.05
CA ILE H 63 46.26 22.19 39.45
C ILE H 63 45.81 23.41 38.65
N ALA H 64 46.72 24.36 38.42
CA ALA H 64 46.38 25.56 37.64
C ALA H 64 47.44 25.94 36.61
N GLY H 65 48.70 25.55 36.84
CA GLY H 65 49.79 25.90 35.93
C GLY H 65 50.38 27.24 36.30
N ALA H 66 51.70 27.29 36.50
CA ALA H 66 52.34 28.48 37.07
C ALA H 66 52.72 29.53 36.01
N ASP H 67 52.26 30.76 36.24
CA ASP H 67 52.68 31.89 35.44
C ASP H 67 53.93 32.51 36.08
N ILE H 68 54.39 31.87 37.15
CA ILE H 68 55.50 32.38 37.96
C ILE H 68 56.77 32.61 37.15
N ASN H 69 57.15 31.59 36.38
CA ASN H 69 58.42 31.61 35.65
C ASN H 69 58.25 31.74 34.13
N MET H 70 57.02 31.99 33.69
CA MET H 70 56.73 32.07 32.27
C MET H 70 57.40 33.30 31.64
N LEU H 71 57.06 34.48 32.15
CA LEU H 71 57.69 35.71 31.69
C LEU H 71 58.86 36.11 32.59
N ALA H 72 59.02 35.39 33.70
CA ALA H 72 60.11 35.67 34.64
C ALA H 72 61.43 35.09 34.14
N ALA H 73 61.46 33.77 33.95
CA ALA H 73 62.64 33.11 33.40
C ALA H 73 62.69 33.28 31.88
N CYS H 74 61.73 34.04 31.36
CA CYS H 74 61.70 34.39 29.96
C CYS H 74 62.95 35.16 29.57
N LYS H 75 63.92 34.47 28.97
CA LYS H 75 65.14 35.11 28.54
C LYS H 75 65.17 35.23 27.01
N THR H 76 65.47 34.12 26.33
CA THR H 76 65.48 34.10 24.88
C THR H 76 64.17 33.52 24.36
N LEU H 77 64.02 33.50 23.04
CA LEU H 77 62.84 32.91 22.42
C LEU H 77 62.78 31.41 22.70
N GLN H 78 63.96 30.79 22.87
CA GLN H 78 64.02 29.36 23.06
C GLN H 78 64.43 28.94 24.47
N GLU H 79 64.58 29.90 25.38
CA GLU H 79 64.69 29.59 26.80
C GLU H 79 63.30 29.26 27.32
N VAL H 80 62.30 29.69 26.56
CA VAL H 80 60.90 29.33 26.81
C VAL H 80 60.61 28.02 26.09
N THR H 81 60.86 28.01 24.79
CA THR H 81 60.74 26.80 24.00
C THR H 81 61.36 25.64 24.76
N GLN H 82 62.54 25.89 25.31
CA GLN H 82 63.24 24.90 26.12
C GLN H 82 62.32 24.36 27.20
N LEU H 83 61.80 25.26 28.05
CA LEU H 83 60.92 24.88 29.15
C LEU H 83 59.84 23.92 28.67
N SER H 84 59.09 24.33 27.67
CA SER H 84 58.01 23.52 27.12
C SER H 84 58.46 22.07 26.94
N GLN H 85 59.59 21.87 26.29
CA GLN H 85 60.11 20.53 26.04
C GLN H 85 60.34 19.77 27.34
N GLU H 86 61.09 20.38 28.26
CA GLU H 86 61.39 19.75 29.55
C GLU H 86 60.12 19.30 30.25
N ALA H 87 59.01 20.00 29.99
CA ALA H 87 57.72 19.61 30.54
C ALA H 87 57.17 18.41 29.76
N GLN H 88 57.10 18.55 28.44
CA GLN H 88 56.65 17.46 27.58
C GLN H 88 57.32 16.15 27.96
N ARG H 89 58.61 16.23 28.29
CA ARG H 89 59.40 15.05 28.63
C ARG H 89 58.85 14.36 29.87
N ILE H 90 58.48 15.13 30.89
CA ILE H 90 58.00 14.57 32.15
C ILE H 90 56.69 13.82 31.94
N VAL H 91 55.71 14.49 31.35
CA VAL H 91 54.40 13.87 31.12
C VAL H 91 54.50 12.62 30.22
N GLU H 92 55.37 12.66 29.22
CA GLU H 92 55.60 11.49 28.37
C GLU H 92 56.05 10.30 29.20
N LYS H 93 56.86 10.57 30.23
CA LYS H 93 57.26 9.51 31.15
C LYS H 93 56.01 8.93 31.78
N LEU H 94 55.14 9.80 32.29
CA LEU H 94 53.88 9.39 32.87
C LEU H 94 53.07 8.60 31.86
N GLU H 95 52.78 9.21 30.71
CA GLU H 95 51.99 8.54 29.68
C GLU H 95 52.51 7.14 29.43
N LYS H 96 53.81 7.05 29.13
CA LYS H 96 54.44 5.77 28.86
C LYS H 96 55.02 5.20 30.15
N SER H 97 54.15 4.96 31.13
CA SER H 97 54.56 4.42 32.41
C SER H 97 54.38 2.91 32.44
N THR H 98 55.30 2.24 33.14
CA THR H 98 55.23 0.80 33.33
C THR H 98 54.26 0.47 34.45
N LYS H 99 53.94 1.48 35.25
CA LYS H 99 52.98 1.36 36.34
C LYS H 99 51.79 2.28 36.09
N PRO H 100 50.56 1.75 36.17
CA PRO H 100 49.38 2.60 35.97
C PRO H 100 49.32 3.76 36.95
N ILE H 101 48.93 4.93 36.43
CA ILE H 101 48.84 6.14 37.25
C ILE H 101 47.47 6.79 37.10
N VAL H 102 46.71 6.82 38.19
CA VAL H 102 45.36 7.38 38.18
C VAL H 102 45.35 8.83 38.67
N ALA H 103 44.85 9.73 37.82
CA ALA H 103 44.73 11.14 38.19
C ALA H 103 43.42 11.39 38.92
N ALA H 104 43.52 11.70 40.22
CA ALA H 104 42.35 12.00 41.03
C ALA H 104 42.16 13.50 41.08
N ILE H 105 41.30 14.01 40.22
CA ILE H 105 41.12 15.44 40.05
C ILE H 105 39.99 15.96 40.93
N ASN H 106 40.36 16.73 41.97
CA ASN H 106 39.35 17.30 42.87
C ASN H 106 38.70 18.57 42.37
N GLY H 107 39.44 19.68 42.43
CA GLY H 107 38.89 21.00 42.08
C GLY H 107 39.33 21.47 40.70
N SER H 108 39.80 22.71 40.62
CA SER H 108 40.24 23.29 39.35
C SER H 108 41.40 22.50 38.76
N CYS H 109 41.25 22.12 37.49
CA CYS H 109 42.31 21.44 36.75
C CYS H 109 42.44 22.08 35.37
N LEU H 110 43.25 23.13 35.29
CA LEU H 110 43.38 23.91 34.07
C LEU H 110 44.80 23.98 33.55
N GLY H 111 44.93 24.25 32.25
CA GLY H 111 46.23 24.38 31.59
C GLY H 111 47.14 23.23 31.94
N GLY H 112 48.30 23.56 32.50
CA GLY H 112 49.28 22.54 32.87
C GLY H 112 48.60 21.33 33.45
N GLY H 113 47.87 21.54 34.55
CA GLY H 113 47.18 20.48 35.26
C GLY H 113 46.43 19.50 34.36
N LEU H 114 45.66 20.02 33.42
CA LEU H 114 44.93 19.18 32.49
C LEU H 114 45.91 18.39 31.62
N GLU H 115 46.98 19.06 31.20
CA GLU H 115 47.99 18.44 30.34
C GLU H 115 48.73 17.30 31.03
N VAL H 116 48.53 17.17 32.34
CA VAL H 116 49.13 16.10 33.12
C VAL H 116 48.15 14.93 33.25
N ALA H 117 46.99 15.20 33.83
CA ALA H 117 45.94 14.21 33.95
C ALA H 117 45.60 13.67 32.57
N ILE H 118 45.89 14.46 31.55
CA ILE H 118 45.67 14.06 30.17
C ILE H 118 46.70 13.02 29.72
N SER H 119 47.83 12.97 30.42
CA SER H 119 48.87 12.01 30.11
C SER H 119 48.70 10.74 30.94
N CYS H 120 48.20 10.90 32.16
CA CYS H 120 48.03 9.78 33.08
C CYS H 120 47.09 8.71 32.50
N GLN H 121 47.12 7.52 33.10
CA GLN H 121 46.39 6.38 32.57
C GLN H 121 44.87 6.53 32.72
N TYR H 122 44.44 6.98 33.89
CA TYR H 122 43.02 7.06 34.20
C TYR H 122 42.71 8.38 34.89
N ARG H 123 41.76 9.11 34.35
CA ARG H 123 41.35 10.39 34.94
C ARG H 123 40.06 10.16 35.72
N ILE H 124 40.06 10.60 36.97
CA ILE H 124 38.87 10.52 37.82
C ILE H 124 38.64 11.87 38.49
N ALA H 125 37.47 12.46 38.26
CA ALA H 125 37.18 13.81 38.74
C ALA H 125 35.87 13.90 39.48
N THR H 126 35.78 14.86 40.39
CA THR H 126 34.60 15.03 41.23
C THR H 126 33.53 15.85 40.51
N LYS H 127 32.27 15.46 40.67
CA LYS H 127 31.15 16.20 40.12
C LYS H 127 30.90 17.44 40.95
N ASP H 128 31.77 18.44 40.82
CA ASP H 128 31.66 19.69 41.56
C ASP H 128 31.64 20.85 40.58
N ARG H 129 31.10 21.99 41.02
CA ARG H 129 31.06 23.19 40.20
C ARG H 129 32.46 23.81 40.10
N LYS H 130 33.21 23.73 41.18
CA LYS H 130 34.58 24.24 41.21
C LYS H 130 35.54 23.34 40.45
N THR H 131 35.10 22.09 40.19
CA THR H 131 35.90 21.15 39.40
C THR H 131 35.68 21.40 37.91
N VAL H 132 36.59 22.19 37.33
CA VAL H 132 36.52 22.50 35.91
C VAL H 132 37.80 22.04 35.24
N LEU H 133 37.68 21.60 33.99
CA LEU H 133 38.84 21.24 33.20
C LEU H 133 38.90 22.21 32.01
N GLY H 134 40.09 22.63 31.61
CA GLY H 134 40.22 23.56 30.50
C GLY H 134 41.64 23.92 30.09
N THR H 135 41.78 24.46 28.89
CA THR H 135 43.09 24.88 28.35
C THR H 135 43.07 26.36 27.99
N PRO H 136 43.10 27.23 29.02
CA PRO H 136 42.96 28.66 28.86
C PRO H 136 44.25 29.30 28.36
N GLU H 137 45.25 28.46 28.08
CA GLU H 137 46.53 28.90 27.53
C GLU H 137 46.32 29.99 26.48
N VAL H 138 45.35 29.75 25.59
CA VAL H 138 45.05 30.68 24.50
C VAL H 138 44.84 32.09 25.02
N LEU H 139 44.04 32.19 26.07
CA LEU H 139 43.58 33.48 26.57
C LEU H 139 44.73 34.41 26.93
N LEU H 140 45.88 33.82 27.24
CA LEU H 140 47.07 34.60 27.55
C LEU H 140 47.96 34.76 26.32
N GLY H 141 47.36 34.58 25.14
CA GLY H 141 48.09 34.72 23.88
C GLY H 141 49.08 33.61 23.62
N ALA H 142 48.99 32.54 24.40
CA ALA H 142 49.90 31.40 24.29
C ALA H 142 49.12 30.16 23.85
N LEU H 143 49.71 28.98 24.04
CA LEU H 143 49.01 27.72 23.81
C LEU H 143 49.53 26.62 24.74
N PRO H 144 48.84 25.48 24.78
CA PRO H 144 49.27 24.40 25.66
C PRO H 144 50.67 23.92 25.30
N GLY H 145 51.59 23.98 26.26
CA GLY H 145 52.99 23.66 26.01
C GLY H 145 53.46 22.33 26.57
N ALA H 146 52.52 21.46 26.94
CA ALA H 146 52.87 20.16 27.52
C ALA H 146 52.02 19.02 26.97
N GLY H 147 52.02 18.87 25.65
CA GLY H 147 51.33 17.77 25.00
C GLY H 147 49.87 18.04 24.67
N GLY H 148 49.31 19.08 25.29
CA GLY H 148 47.91 19.42 25.11
C GLY H 148 47.48 19.44 23.65
N THR H 149 48.35 19.95 22.80
CA THR H 149 48.04 20.06 21.37
C THR H 149 48.02 18.69 20.69
N GLN H 150 48.51 17.68 21.38
CA GLN H 150 48.65 16.35 20.79
C GLN H 150 47.70 15.34 21.44
N ARG H 151 47.60 15.38 22.76
CA ARG H 151 46.83 14.37 23.47
C ARG H 151 45.32 14.62 23.43
N LEU H 152 44.92 15.89 23.51
CA LEU H 152 43.49 16.24 23.52
C LEU H 152 42.78 15.85 22.23
N PRO H 153 43.38 16.16 21.08
CA PRO H 153 42.80 15.74 19.81
C PRO H 153 42.58 14.23 19.78
N LYS H 154 43.60 13.49 20.20
CA LYS H 154 43.57 12.03 20.18
C LYS H 154 42.51 11.50 21.15
N MET H 155 42.30 12.23 22.25
CA MET H 155 41.45 11.77 23.33
C MET H 155 40.00 12.20 23.16
N VAL H 156 39.77 13.39 22.60
CA VAL H 156 38.42 13.95 22.54
C VAL H 156 38.04 14.41 21.14
N GLY H 157 38.57 13.73 20.12
CA GLY H 157 38.27 14.07 18.74
C GLY H 157 38.87 15.42 18.36
N VAL H 158 39.07 15.63 17.07
CA VAL H 158 39.74 16.84 16.59
C VAL H 158 38.92 18.09 16.88
N PRO H 159 37.60 18.04 16.64
CA PRO H 159 36.77 19.23 16.86
C PRO H 159 36.84 19.76 18.29
N ALA H 160 36.27 19.02 19.24
CA ALA H 160 36.20 19.47 20.62
C ALA H 160 37.58 19.84 21.16
N ALA H 161 38.58 19.06 20.77
CA ALA H 161 39.95 19.32 21.22
C ALA H 161 40.45 20.67 20.73
N LEU H 162 40.00 21.08 19.54
CA LEU H 162 40.33 22.40 19.02
C LEU H 162 39.57 23.47 19.78
N ASP H 163 38.24 23.33 19.84
CA ASP H 163 37.40 24.27 20.59
C ASP H 163 37.96 24.50 21.98
N MET H 164 38.28 23.41 22.68
CA MET H 164 38.79 23.46 24.04
C MET H 164 40.07 24.28 24.15
N MET H 165 40.89 24.22 23.10
CA MET H 165 42.20 24.89 23.08
C MET H 165 42.18 26.20 22.32
N LEU H 166 41.04 26.56 21.73
CA LEU H 166 40.91 27.83 21.01
C LEU H 166 40.13 28.85 21.84
N THR H 167 39.04 28.40 22.44
CA THR H 167 38.20 29.25 23.26
C THR H 167 38.73 29.32 24.70
N GLY H 168 39.47 28.29 25.10
CA GLY H 168 40.00 28.21 26.45
C GLY H 168 38.90 27.95 27.46
N ARG H 169 37.70 27.64 26.96
CA ARG H 169 36.55 27.42 27.81
C ARG H 169 36.86 26.37 28.85
N SER H 170 36.36 26.58 30.07
CA SER H 170 36.42 25.55 31.09
C SER H 170 35.32 24.56 30.81
N ILE H 171 35.53 23.30 31.17
CA ILE H 171 34.51 22.28 30.97
C ILE H 171 34.00 21.76 32.31
N ARG H 172 32.68 21.67 32.44
CA ARG H 172 32.07 21.10 33.63
C ARG H 172 32.47 19.64 33.80
N ALA H 173 32.54 19.20 35.06
CA ALA H 173 32.88 17.82 35.34
C ALA H 173 32.08 16.87 34.46
N ASP H 174 30.76 16.89 34.62
CA ASP H 174 29.90 15.94 33.91
C ASP H 174 30.08 16.05 32.40
N ARG H 175 30.14 17.27 31.89
CA ARG H 175 30.35 17.48 30.46
C ARG H 175 31.68 16.86 30.05
N ALA H 176 32.69 17.06 30.89
CA ALA H 176 34.01 16.51 30.62
C ALA H 176 34.00 14.98 30.61
N LYS H 177 33.13 14.40 31.43
CA LYS H 177 33.03 12.94 31.52
C LYS H 177 32.50 12.34 30.23
N LYS H 178 31.31 12.78 29.83
CA LYS H 178 30.66 12.27 28.63
C LYS H 178 31.48 12.61 27.39
N MET H 179 32.26 13.68 27.51
CA MET H 179 33.09 14.18 26.42
C MET H 179 34.29 13.28 26.14
N GLY H 180 34.65 12.45 27.12
CA GLY H 180 35.76 11.51 26.97
C GLY H 180 37.05 12.05 27.55
N LEU H 181 36.98 13.24 28.17
CA LEU H 181 38.14 13.88 28.77
C LEU H 181 38.47 13.22 30.08
N VAL H 182 37.43 12.91 30.84
CA VAL H 182 37.57 12.21 32.11
C VAL H 182 37.04 10.79 31.93
N ASP H 183 37.70 9.83 32.58
CA ASP H 183 37.32 8.42 32.45
C ASP H 183 36.19 8.04 33.40
N GLN H 184 36.20 8.62 34.59
CA GLN H 184 35.23 8.26 35.63
C GLN H 184 34.90 9.44 36.53
N LEU H 185 33.67 9.47 37.05
CA LEU H 185 33.18 10.62 37.81
C LEU H 185 32.73 10.23 39.21
N VAL H 186 32.76 11.18 40.14
CA VAL H 186 32.36 10.91 41.54
C VAL H 186 31.72 12.12 42.21
N GLU H 187 30.52 11.92 42.76
CA GLU H 187 29.80 12.98 43.45
C GLU H 187 30.41 13.23 44.82
N PRO H 188 30.51 14.51 45.21
CA PRO H 188 31.05 14.91 46.51
C PRO H 188 30.12 14.54 47.66
N LEU H 189 30.71 14.36 48.84
CA LEU H 189 29.99 13.80 49.99
C LEU H 189 29.44 14.87 50.92
N GLY H 190 28.41 14.50 51.67
CA GLY H 190 27.85 15.34 52.71
C GLY H 190 28.68 15.27 53.98
N PRO H 191 28.22 15.91 55.05
CA PRO H 191 28.92 15.90 56.34
C PRO H 191 29.13 14.50 56.90
N GLY H 192 30.19 14.33 57.68
CA GLY H 192 30.53 13.05 58.30
C GLY H 192 31.25 13.24 59.62
N LEU H 193 32.34 12.50 59.80
CA LEU H 193 33.17 12.65 60.99
C LEU H 193 34.08 13.85 60.79
N LYS H 194 34.46 14.07 59.54
CA LYS H 194 35.26 15.22 59.15
C LYS H 194 34.40 16.12 58.26
N PRO H 195 34.83 17.37 58.03
CA PRO H 195 34.06 18.26 57.17
C PRO H 195 33.90 17.72 55.75
N PRO H 196 32.95 18.26 54.98
CA PRO H 196 32.60 17.67 53.69
C PRO H 196 33.80 17.60 52.75
N GLU H 197 34.34 18.76 52.40
CA GLU H 197 35.50 18.83 51.51
C GLU H 197 36.52 17.74 51.85
N GLU H 198 36.96 17.74 53.10
CA GLU H 198 38.01 16.83 53.56
C GLU H 198 37.61 15.37 53.37
N ARG H 199 36.44 15.00 53.88
CA ARG H 199 35.96 13.63 53.77
C ARG H 199 35.79 13.24 52.31
N THR H 200 35.37 14.20 51.49
CA THR H 200 35.23 13.98 50.07
C THR H 200 36.58 13.58 49.49
N ILE H 201 37.57 14.45 49.68
CA ILE H 201 38.93 14.20 49.22
C ILE H 201 39.33 12.77 49.59
N GLU H 202 39.16 12.42 50.86
CA GLU H 202 39.47 11.07 51.33
C GLU H 202 38.78 10.02 50.47
N TYR H 203 37.48 10.18 50.28
CA TYR H 203 36.71 9.23 49.47
C TYR H 203 37.32 9.14 48.08
N LEU H 204 37.52 10.29 47.44
CA LEU H 204 38.10 10.33 46.09
C LEU H 204 39.36 9.47 46.03
N GLU H 205 40.26 9.70 46.99
CA GLU H 205 41.50 8.94 47.08
C GLU H 205 41.19 7.44 47.19
N GLU H 206 40.36 7.09 48.16
CA GLU H 206 39.97 5.70 48.37
C GLU H 206 39.49 5.04 47.08
N VAL H 207 38.74 5.79 46.28
CA VAL H 207 38.21 5.31 45.01
C VAL H 207 39.31 5.21 43.97
N ALA H 208 40.02 6.31 43.77
CA ALA H 208 41.14 6.34 42.84
C ALA H 208 42.04 5.12 43.03
N ILE H 209 42.22 4.73 44.29
CA ILE H 209 43.06 3.59 44.64
C ILE H 209 42.47 2.27 44.11
N THR H 210 41.19 2.04 44.38
CA THR H 210 40.52 0.82 43.92
C THR H 210 40.67 0.67 42.41
N PHE H 211 40.52 1.78 41.69
CA PHE H 211 40.75 1.80 40.25
C PHE H 211 42.21 1.51 39.94
N ALA H 212 43.10 2.25 40.59
CA ALA H 212 44.53 2.07 40.40
C ALA H 212 44.90 0.59 40.53
N LYS H 213 44.55 -0.01 41.66
CA LYS H 213 44.85 -1.42 41.91
C LYS H 213 44.36 -2.27 40.74
N GLY H 214 43.12 -2.05 40.33
CA GLY H 214 42.52 -2.83 39.25
C GLY H 214 43.24 -2.68 37.93
N LEU H 215 43.73 -1.48 37.65
CA LEU H 215 44.41 -1.22 36.38
C LEU H 215 45.74 -1.97 36.30
N ALA H 216 46.42 -2.08 37.45
CA ALA H 216 47.67 -2.81 37.53
C ALA H 216 47.46 -4.28 37.19
N ASP H 217 46.30 -4.79 37.56
CA ASP H 217 45.97 -6.19 37.34
C ASP H 217 45.47 -6.43 35.91
N LYS H 218 45.44 -5.37 35.11
CA LYS H 218 45.00 -5.45 33.71
C LYS H 218 43.54 -5.91 33.61
N LYS H 219 42.68 -5.34 34.43
CA LYS H 219 41.26 -5.67 34.40
C LYS H 219 40.41 -4.45 34.09
N ILE H 220 40.37 -4.08 32.82
CA ILE H 220 39.64 -2.91 32.36
C ILE H 220 39.13 -3.13 30.94
N SER H 221 38.20 -4.07 30.79
CA SER H 221 37.58 -4.34 29.49
C SER H 221 36.13 -3.82 29.37
N PRO H 222 35.63 -3.11 30.41
CA PRO H 222 34.27 -2.62 30.33
C PRO H 222 34.20 -1.15 29.89
N LYS H 223 34.37 -0.90 28.60
CA LYS H 223 34.34 0.46 28.07
C LYS H 223 32.90 0.87 27.79
N ARG H 224 32.70 2.13 27.39
CA ARG H 224 31.36 2.62 27.07
C ARG H 224 31.12 2.63 25.57
N ASP H 225 29.87 2.87 25.19
CA ASP H 225 29.51 2.98 23.78
C ASP H 225 29.19 4.43 23.42
N LYS H 226 29.62 4.84 22.23
CA LYS H 226 29.42 6.19 21.74
C LYS H 226 28.07 6.34 21.05
N GLY H 227 27.62 5.25 20.43
CA GLY H 227 26.34 5.24 19.74
C GLY H 227 26.51 5.15 18.24
N LEU H 228 25.55 5.67 17.50
CA LEU H 228 25.59 5.63 16.04
C LEU H 228 26.09 6.95 15.46
N VAL H 229 25.77 8.05 16.13
CA VAL H 229 26.19 9.37 15.68
C VAL H 229 27.68 9.55 15.92
N GLU H 230 28.11 9.30 17.15
CA GLU H 230 29.51 9.49 17.51
C GLU H 230 30.41 8.49 16.79
N LYS H 231 29.91 7.27 16.56
CA LYS H 231 30.68 6.25 15.86
C LYS H 231 30.93 6.65 14.40
N LEU H 232 29.96 7.31 13.78
CA LEU H 232 30.10 7.77 12.41
C LEU H 232 31.04 8.98 12.34
N THR H 233 30.63 10.06 13.00
CA THR H 233 31.41 11.30 13.00
C THR H 233 32.88 11.03 13.28
N ALA H 234 33.14 10.20 14.29
CA ALA H 234 34.50 9.85 14.66
C ALA H 234 35.20 9.12 13.52
N TYR H 235 34.48 8.20 12.88
CA TYR H 235 35.03 7.51 11.72
C TYR H 235 35.33 8.51 10.61
N ALA H 236 34.33 9.32 10.26
CA ALA H 236 34.48 10.33 9.23
C ALA H 236 35.73 11.19 9.46
N MET H 237 36.15 11.27 10.72
CA MET H 237 37.33 12.07 11.08
C MET H 237 38.63 11.31 10.78
N THR H 238 38.52 10.04 10.42
CA THR H 238 39.69 9.27 10.03
C THR H 238 40.16 9.69 8.64
N ILE H 239 39.21 10.13 7.82
CA ILE H 239 39.50 10.50 6.44
C ILE H 239 40.22 11.85 6.36
N PRO H 240 41.40 11.88 5.73
CA PRO H 240 42.26 13.07 5.72
C PRO H 240 41.63 14.30 5.05
N PHE H 241 40.93 14.10 3.93
CA PHE H 241 40.33 15.22 3.21
C PHE H 241 39.13 15.80 3.99
N VAL H 242 38.60 15.02 4.93
CA VAL H 242 37.56 15.51 5.82
C VAL H 242 38.18 16.41 6.90
N ARG H 243 39.29 15.95 7.48
CA ARG H 243 40.02 16.75 8.47
C ARG H 243 40.46 18.08 7.87
N GLN H 244 40.90 18.06 6.62
CA GLN H 244 41.25 19.29 5.91
C GLN H 244 40.08 20.27 5.95
N GLN H 245 38.91 19.79 5.54
CA GLN H 245 37.71 20.61 5.53
C GLN H 245 37.34 21.13 6.92
N VAL H 246 37.80 20.43 7.95
CA VAL H 246 37.60 20.89 9.32
C VAL H 246 38.63 21.97 9.69
N TYR H 247 39.91 21.71 9.45
CA TYR H 247 40.93 22.72 9.74
C TYR H 247 40.62 24.02 9.00
N LYS H 248 40.06 23.90 7.79
CA LYS H 248 39.72 25.06 6.97
C LYS H 248 38.53 25.82 7.56
N LYS H 249 37.43 25.11 7.80
CA LYS H 249 36.22 25.72 8.34
C LYS H 249 36.46 26.36 9.71
N VAL H 250 37.36 25.76 10.48
CA VAL H 250 37.75 26.33 11.77
C VAL H 250 38.62 27.56 11.57
N GLU H 251 39.73 27.39 10.86
CA GLU H 251 40.65 28.49 10.58
C GLU H 251 39.88 29.68 10.04
N GLU H 252 38.97 29.42 9.11
CA GLU H 252 38.11 30.46 8.57
C GLU H 252 37.31 31.13 9.67
N LYS H 253 36.66 30.34 10.50
CA LYS H 253 35.83 30.88 11.58
C LYS H 253 36.67 31.71 12.54
N VAL H 254 37.79 31.15 12.99
CA VAL H 254 38.72 31.89 13.84
C VAL H 254 39.14 33.17 13.12
N ARG H 255 39.74 33.00 11.95
CA ARG H 255 40.21 34.11 11.13
C ARG H 255 39.23 35.29 11.15
N LYS H 256 37.97 35.00 10.85
CA LYS H 256 36.96 36.05 10.67
C LYS H 256 36.40 36.58 11.99
N GLN H 257 36.31 35.73 13.00
CA GLN H 257 35.87 36.18 14.32
C GLN H 257 37.02 36.76 15.12
N THR H 258 38.25 36.48 14.69
CA THR H 258 39.45 37.03 15.29
C THR H 258 39.82 38.36 14.65
N LYS H 259 39.32 38.57 13.43
CA LYS H 259 39.77 39.66 12.57
C LYS H 259 41.25 39.49 12.20
N GLY H 260 41.86 38.42 12.70
CA GLY H 260 43.23 38.06 12.35
C GLY H 260 44.31 38.74 13.16
N LEU H 261 43.93 39.42 14.24
CA LEU H 261 44.88 40.19 15.04
C LEU H 261 45.58 39.36 16.10
N TYR H 262 45.02 38.19 16.40
CA TYR H 262 45.56 37.33 17.45
C TYR H 262 46.24 36.13 16.82
N PRO H 263 47.49 35.85 17.24
CA PRO H 263 48.34 34.83 16.65
C PRO H 263 48.11 33.43 17.21
N ALA H 264 47.99 33.32 18.53
CA ALA H 264 47.89 32.02 19.19
C ALA H 264 46.78 31.15 18.59
N PRO H 265 45.56 31.69 18.47
CA PRO H 265 44.45 30.92 17.93
C PRO H 265 44.75 30.29 16.58
N LEU H 266 45.56 30.98 15.78
CA LEU H 266 45.94 30.48 14.46
C LEU H 266 47.05 29.45 14.55
N LYS H 267 48.02 29.72 15.41
CA LYS H 267 49.17 28.82 15.58
C LYS H 267 48.77 27.52 16.29
N ILE H 268 47.67 27.56 17.02
CA ILE H 268 47.15 26.38 17.67
C ILE H 268 46.55 25.42 16.64
N ILE H 269 45.80 25.97 15.69
CA ILE H 269 45.23 25.19 14.61
C ILE H 269 46.32 24.44 13.85
N ASP H 270 47.48 25.07 13.72
CA ASP H 270 48.62 24.42 13.07
C ASP H 270 49.15 23.29 13.93
N VAL H 271 49.69 23.62 15.09
CA VAL H 271 50.36 22.64 15.95
C VAL H 271 49.53 21.37 16.11
N VAL H 272 48.21 21.51 16.13
CA VAL H 272 47.34 20.33 16.20
C VAL H 272 47.44 19.56 14.89
N LYS H 273 47.22 20.25 13.78
CA LYS H 273 47.32 19.65 12.46
C LYS H 273 48.72 19.06 12.23
N THR H 274 49.75 19.90 12.37
CA THR H 274 51.14 19.47 12.10
C THR H 274 51.64 18.41 13.08
N GLY H 275 50.71 17.82 13.85
CA GLY H 275 51.07 16.78 14.80
C GLY H 275 50.23 15.52 14.63
N ILE H 276 49.01 15.70 14.14
CA ILE H 276 48.13 14.57 13.85
C ILE H 276 48.12 14.28 12.35
N GLU H 277 48.80 15.12 11.58
CA GLU H 277 49.01 14.85 10.16
C GLU H 277 50.45 14.38 9.92
N GLN H 278 51.38 14.97 10.67
CA GLN H 278 52.74 14.44 10.75
C GLN H 278 52.85 13.61 12.03
N GLY H 279 54.07 13.27 12.43
CA GLY H 279 54.26 12.44 13.61
C GLY H 279 54.03 13.20 14.91
N SER H 280 53.65 12.48 15.96
CA SER H 280 53.57 13.06 17.28
C SER H 280 54.87 13.77 17.58
N ASP H 281 55.98 13.13 17.24
CA ASP H 281 57.30 13.71 17.41
C ASP H 281 57.41 15.06 16.70
N ALA H 282 56.86 15.13 15.49
CA ALA H 282 56.81 16.40 14.77
C ALA H 282 55.92 17.38 15.51
N GLY H 283 54.82 16.87 16.08
CA GLY H 283 53.88 17.69 16.82
C GLY H 283 54.49 18.28 18.09
N TYR H 284 54.75 17.42 19.07
CA TYR H 284 55.30 17.86 20.36
C TYR H 284 56.39 18.92 20.21
N LEU H 285 57.22 18.79 19.19
CA LEU H 285 58.35 19.70 19.00
C LEU H 285 57.93 20.94 18.20
N CYS H 286 56.78 20.87 17.56
CA CYS H 286 56.18 22.06 16.94
C CYS H 286 55.49 22.86 18.03
N GLU H 287 54.71 22.16 18.86
CA GLU H 287 54.07 22.76 20.03
C GLU H 287 55.11 23.47 20.89
N SER H 288 56.13 22.72 21.30
CA SER H 288 57.20 23.25 22.14
C SER H 288 57.77 24.56 21.58
N GLN H 289 58.10 24.56 20.31
CA GLN H 289 58.71 25.73 19.67
C GLN H 289 57.71 26.86 19.52
N LYS H 290 56.57 26.55 18.91
CA LYS H 290 55.54 27.56 18.65
C LYS H 290 54.92 28.08 19.93
N PHE H 291 55.13 27.37 21.03
CA PHE H 291 54.74 27.85 22.34
C PHE H 291 55.53 29.11 22.69
N GLY H 292 56.81 28.93 23.01
CA GLY H 292 57.68 30.05 23.31
C GLY H 292 57.62 31.12 22.24
N GLU H 293 57.52 30.69 20.98
CA GLU H 293 57.39 31.61 19.86
C GLU H 293 56.25 32.59 20.11
N LEU H 294 55.19 32.10 20.74
CA LEU H 294 54.05 32.94 21.11
C LEU H 294 54.35 33.77 22.36
N VAL H 295 54.74 33.11 23.45
CA VAL H 295 55.03 33.80 24.70
C VAL H 295 55.80 35.09 24.47
N MET H 296 56.57 35.14 23.38
CA MET H 296 57.35 36.33 23.03
C MET H 296 56.52 37.33 22.23
N THR H 297 55.41 36.89 21.66
CA THR H 297 54.59 37.77 20.83
C THR H 297 54.08 38.96 21.63
N LYS H 298 53.91 40.10 20.95
CA LYS H 298 53.48 41.33 21.60
C LYS H 298 52.12 41.16 22.28
N GLU H 299 51.22 40.47 21.58
CA GLU H 299 49.86 40.23 22.07
C GLU H 299 49.89 39.51 23.40
N SER H 300 50.44 38.30 23.42
CA SER H 300 50.55 37.51 24.64
C SER H 300 51.02 38.36 25.82
N LYS H 301 52.10 39.11 25.63
CA LYS H 301 52.58 40.02 26.66
C LYS H 301 51.43 40.87 27.17
N ALA H 302 50.71 41.48 26.22
CA ALA H 302 49.60 42.37 26.55
C ALA H 302 48.50 41.68 27.37
N LEU H 303 48.13 40.47 26.96
CA LEU H 303 47.02 39.75 27.58
C LEU H 303 47.38 39.25 28.97
N MET H 304 48.65 38.93 29.17
CA MET H 304 49.13 38.53 30.49
C MET H 304 48.92 39.69 31.45
N GLY H 305 49.14 40.91 30.95
CA GLY H 305 48.93 42.13 31.71
C GLY H 305 47.47 42.36 32.03
N LEU H 306 46.62 42.14 31.03
CA LEU H 306 45.18 42.25 31.23
C LEU H 306 44.69 41.17 32.19
N TYR H 307 45.30 39.99 32.11
CA TYR H 307 44.97 38.92 33.03
C TYR H 307 45.30 39.32 34.47
N HIS H 308 46.53 39.78 34.68
CA HIS H 308 46.96 40.15 36.02
C HIS H 308 46.08 41.26 36.60
N GLY H 309 45.95 42.35 35.85
CA GLY H 309 45.09 43.45 36.26
C GLY H 309 43.73 42.94 36.73
N GLN H 310 43.22 41.96 36.01
CA GLN H 310 41.92 41.36 36.32
C GLN H 310 41.94 40.65 37.67
N VAL H 311 43.09 40.06 38.00
CA VAL H 311 43.23 39.36 39.28
C VAL H 311 43.11 40.37 40.42
N LEU H 312 43.82 41.49 40.28
CA LEU H 312 43.76 42.56 41.28
C LEU H 312 42.37 43.21 41.31
N CYS H 313 41.83 43.50 40.14
CA CYS H 313 40.55 44.17 40.04
C CYS H 313 39.38 43.29 40.48
N LYS H 314 39.68 42.06 40.88
CA LYS H 314 38.69 41.18 41.47
C LYS H 314 38.91 41.01 42.97
N LYS H 315 39.79 41.84 43.52
CA LYS H 315 40.07 41.84 44.94
C LYS H 315 39.72 43.19 45.54
N ASN H 316 39.31 43.19 46.81
CA ASN H 316 38.84 44.42 47.44
C ASN H 316 39.99 45.34 47.81
N LYS H 317 40.05 46.47 47.11
CA LYS H 317 41.07 47.49 47.35
C LYS H 317 41.06 47.95 48.81
N PHE H 318 39.88 47.98 49.42
CA PHE H 318 39.72 48.56 50.76
C PHE H 318 39.48 47.52 51.85
N GLY H 319 39.56 46.24 51.51
CA GLY H 319 39.28 45.17 52.46
C GLY H 319 37.82 45.15 52.89
N ALA H 320 37.49 44.23 53.80
CA ALA H 320 36.11 44.05 54.26
C ALA H 320 35.54 45.35 54.81
N PRO H 321 34.22 45.57 54.62
CA PRO H 321 33.53 46.66 55.30
C PRO H 321 33.05 46.21 56.67
N GLN H 322 32.47 47.13 57.44
CA GLN H 322 31.96 46.79 58.76
C GLN H 322 30.67 45.98 58.63
N LYS H 323 29.75 46.50 57.82
CA LYS H 323 28.45 45.88 57.61
C LYS H 323 28.38 45.26 56.22
N ASP H 324 28.35 43.93 56.18
CA ASP H 324 28.17 43.20 54.92
C ASP H 324 26.74 43.37 54.41
N VAL H 325 26.59 44.01 53.26
CA VAL H 325 25.25 44.26 52.72
C VAL H 325 24.47 42.96 52.67
N LYS H 326 23.39 42.90 53.44
CA LYS H 326 22.54 41.71 53.50
C LYS H 326 21.15 41.99 52.93
N HIS H 327 20.79 43.27 52.85
CA HIS H 327 19.52 43.66 52.26
C HIS H 327 19.75 44.76 51.24
N LEU H 328 19.53 44.43 49.98
CA LEU H 328 19.75 45.37 48.88
C LEU H 328 18.42 45.90 48.37
N ALA H 329 18.48 47.04 47.69
CA ALA H 329 17.30 47.62 47.06
C ALA H 329 17.66 48.38 45.78
N ILE H 330 17.23 47.83 44.65
CA ILE H 330 17.47 48.47 43.36
C ILE H 330 16.31 49.42 43.06
N LEU H 331 16.63 50.57 42.48
CA LEU H 331 15.61 51.58 42.15
C LEU H 331 15.44 51.79 40.65
N GLY H 332 14.49 51.06 40.08
CA GLY H 332 14.19 51.18 38.65
C GLY H 332 14.22 49.84 37.93
N ALA H 333 13.09 49.17 37.89
CA ALA H 333 12.97 47.87 37.21
C ALA H 333 13.06 48.04 35.69
N GLY H 334 14.05 48.81 35.25
CA GLY H 334 14.28 48.99 33.83
C GLY H 334 15.04 47.81 33.28
N LEU H 335 16.08 48.08 32.50
CA LEU H 335 16.94 47.03 31.99
C LEU H 335 18.12 46.83 32.93
N MET H 336 18.84 47.90 33.20
CA MET H 336 20.01 47.83 34.06
C MET H 336 19.62 47.66 35.52
N GLY H 337 18.33 47.75 35.82
CA GLY H 337 17.84 47.44 37.15
C GLY H 337 17.70 45.94 37.33
N ALA H 338 16.84 45.33 36.50
CA ALA H 338 16.66 43.89 36.49
C ALA H 338 17.99 43.19 36.24
N GLY H 339 18.72 43.66 35.23
CA GLY H 339 20.08 43.21 35.02
C GLY H 339 20.83 43.15 36.33
N ILE H 340 20.91 44.27 37.03
CA ILE H 340 21.61 44.34 38.32
C ILE H 340 20.97 43.42 39.35
N ALA H 341 19.65 43.49 39.47
CA ALA H 341 18.92 42.65 40.40
C ALA H 341 19.35 41.20 40.27
N GLN H 342 19.17 40.64 39.08
CA GLN H 342 19.52 39.25 38.79
C GLN H 342 20.94 38.90 39.23
N VAL H 343 21.90 39.78 38.94
CA VAL H 343 23.29 39.54 39.28
C VAL H 343 23.46 39.52 40.80
N SER H 344 22.50 40.10 41.50
CA SER H 344 22.55 40.15 42.96
C SER H 344 21.72 39.03 43.58
N VAL H 345 20.52 38.82 43.08
CA VAL H 345 19.61 37.81 43.62
C VAL H 345 20.21 36.41 43.58
N ASP H 346 20.71 36.03 42.40
CA ASP H 346 21.22 34.68 42.20
C ASP H 346 22.43 34.40 43.09
N LYS H 347 23.12 35.46 43.52
CA LYS H 347 24.24 35.31 44.43
C LYS H 347 23.79 34.95 45.84
N GLY H 348 22.52 35.23 46.15
CA GLY H 348 21.95 34.97 47.46
C GLY H 348 21.54 36.23 48.19
N LEU H 349 21.92 37.38 47.64
CA LEU H 349 21.58 38.67 48.21
C LEU H 349 20.08 38.87 48.12
N LYS H 350 19.42 39.04 49.26
CA LYS H 350 17.99 39.32 49.27
C LYS H 350 17.76 40.75 48.82
N THR H 351 17.34 40.93 47.57
CA THR H 351 17.21 42.27 47.01
C THR H 351 15.76 42.70 46.86
N ILE H 352 15.56 44.01 46.75
CA ILE H 352 14.23 44.58 46.60
C ILE H 352 14.18 45.46 45.36
N LEU H 353 13.45 45.02 44.35
CA LEU H 353 13.34 45.76 43.11
C LEU H 353 12.12 46.69 43.18
N LYS H 354 12.35 47.99 42.99
CA LYS H 354 11.28 48.96 43.05
C LYS H 354 11.11 49.73 41.74
N ASP H 355 9.86 50.04 41.39
CA ASP H 355 9.59 50.87 40.23
C ASP H 355 8.29 51.66 40.43
N ALA H 356 7.96 52.49 39.44
CA ALA H 356 6.80 53.37 39.54
C ALA H 356 5.49 52.64 39.22
N THR H 357 5.28 52.33 37.95
CA THR H 357 4.08 51.62 37.52
C THR H 357 4.29 50.12 37.65
N LEU H 358 3.18 49.39 37.81
CA LEU H 358 3.24 47.94 37.91
C LEU H 358 3.78 47.35 36.61
N THR H 359 3.42 47.96 35.49
CA THR H 359 3.85 47.50 34.18
C THR H 359 5.38 47.39 34.10
N ALA H 360 6.05 48.45 34.52
CA ALA H 360 7.51 48.51 34.45
C ALA H 360 8.15 47.63 35.53
N LEU H 361 7.40 47.36 36.60
CA LEU H 361 7.88 46.47 37.65
C LEU H 361 7.88 45.02 37.16
N ASP H 362 7.00 44.73 36.20
CA ASP H 362 6.92 43.39 35.61
C ASP H 362 8.08 43.14 34.64
N ARG H 363 8.15 43.93 33.58
CA ARG H 363 9.25 43.80 32.63
C ARG H 363 10.53 43.40 33.35
N GLY H 364 10.90 44.20 34.36
CA GLY H 364 12.08 43.92 35.15
C GLY H 364 12.03 42.55 35.78
N GLN H 365 10.96 42.29 36.52
CA GLN H 365 10.75 40.98 37.16
C GLN H 365 10.85 39.85 36.15
N GLN H 366 10.48 40.12 34.91
CA GLN H 366 10.56 39.11 33.86
C GLN H 366 12.02 38.83 33.51
N GLN H 367 12.75 39.88 33.13
CA GLN H 367 14.16 39.74 32.79
C GLN H 367 14.86 38.87 33.81
N VAL H 368 14.82 39.31 35.06
CA VAL H 368 15.49 38.59 36.15
C VAL H 368 15.01 37.15 36.22
N PHE H 369 13.76 36.91 35.84
CA PHE H 369 13.25 35.54 35.75
C PHE H 369 13.86 34.83 34.54
N LYS H 370 13.50 35.28 33.34
CA LYS H 370 14.04 34.71 32.13
C LYS H 370 15.53 34.44 32.33
N GLY H 371 16.27 35.46 32.74
CA GLY H 371 17.70 35.33 33.00
C GLY H 371 18.03 34.05 33.75
N LEU H 372 17.39 33.85 34.89
CA LEU H 372 17.60 32.64 35.67
C LEU H 372 17.19 31.42 34.85
N ASN H 373 16.02 31.52 34.21
CA ASN H 373 15.47 30.40 33.45
C ASN H 373 16.35 29.96 32.28
N ASP H 374 17.00 30.92 31.64
CA ASP H 374 17.97 30.62 30.59
C ASP H 374 19.15 29.88 31.21
N LYS H 375 19.59 30.32 32.38
CA LYS H 375 20.69 29.67 33.09
C LYS H 375 20.34 28.23 33.48
N VAL H 376 19.05 27.92 33.49
CA VAL H 376 18.59 26.57 33.77
C VAL H 376 18.78 25.69 32.53
N LYS H 377 18.34 26.20 31.38
CA LYS H 377 18.49 25.48 30.11
C LYS H 377 19.96 25.21 29.80
N LYS H 378 20.81 26.22 30.00
CA LYS H 378 22.25 26.05 29.82
C LYS H 378 22.81 25.02 30.81
N LYS H 379 21.94 24.45 31.63
CA LYS H 379 22.31 23.40 32.58
C LYS H 379 23.17 23.95 33.72
N ALA H 380 22.99 25.23 34.02
CA ALA H 380 23.77 25.88 35.07
C ALA H 380 22.96 26.07 36.34
N LEU H 381 21.63 25.97 36.22
CA LEU H 381 20.73 26.09 37.37
C LEU H 381 19.60 25.06 37.32
N THR H 382 19.26 24.51 38.48
CA THR H 382 18.12 23.60 38.59
C THR H 382 16.83 24.40 38.44
N SER H 383 15.78 23.74 37.97
CA SER H 383 14.47 24.37 37.91
C SER H 383 14.08 24.88 39.29
N PHE H 384 14.36 24.07 40.30
CA PHE H 384 14.06 24.41 41.68
C PHE H 384 14.91 25.58 42.17
N GLU H 385 16.22 25.50 41.95
CA GLU H 385 17.13 26.58 42.30
C GLU H 385 16.61 27.90 41.73
N ARG H 386 16.28 27.88 40.44
CA ARG H 386 15.74 29.07 39.77
C ARG H 386 14.54 29.64 40.51
N ASP H 387 13.47 28.84 40.58
CA ASP H 387 12.26 29.25 41.27
C ASP H 387 12.61 29.79 42.65
N SER H 388 13.41 29.03 43.39
CA SER H 388 13.79 29.42 44.75
C SER H 388 14.48 30.79 44.71
N ILE H 389 15.56 30.89 43.94
CA ILE H 389 16.29 32.15 43.82
C ILE H 389 15.34 33.31 43.57
N PHE H 390 14.32 33.06 42.75
CA PHE H 390 13.40 34.11 42.35
C PHE H 390 12.55 34.63 43.50
N SER H 391 12.50 33.87 44.60
CA SER H 391 11.79 34.29 45.79
C SER H 391 12.54 35.41 46.53
N ASN H 392 13.86 35.34 46.50
CA ASN H 392 14.70 36.39 47.09
C ASN H 392 14.44 37.75 46.46
N LEU H 393 13.91 37.74 45.25
CA LEU H 393 13.59 38.98 44.54
C LEU H 393 12.16 39.40 44.88
N THR H 394 12.03 40.29 45.87
CA THR H 394 10.73 40.85 46.23
C THR H 394 10.56 42.21 45.59
N GLY H 395 9.72 42.28 44.56
CA GLY H 395 9.50 43.50 43.82
C GLY H 395 8.31 44.27 44.35
N GLN H 396 8.36 45.59 44.23
CA GLN H 396 7.30 46.44 44.75
C GLN H 396 7.30 47.81 44.07
N LEU H 397 6.26 48.60 44.33
CA LEU H 397 6.15 49.95 43.79
C LEU H 397 6.48 51.00 44.85
N ASP H 398 5.96 50.80 46.06
CA ASP H 398 6.25 51.69 47.19
C ASP H 398 7.39 51.12 48.04
N TYR H 399 8.14 52.00 48.70
CA TYR H 399 9.24 51.56 49.57
C TYR H 399 8.69 50.98 50.87
N GLN H 400 8.51 49.66 50.90
CA GLN H 400 7.92 49.03 52.07
C GLN H 400 9.01 48.53 53.02
N GLY H 401 9.92 47.71 52.51
CA GLY H 401 10.97 47.11 53.33
C GLY H 401 12.24 47.95 53.42
N PHE H 402 12.25 49.10 52.74
CA PHE H 402 13.42 49.97 52.74
C PHE H 402 13.92 50.28 54.15
N GLU H 403 13.01 50.27 55.10
CA GLU H 403 13.35 50.47 56.51
C GLU H 403 14.56 49.65 56.95
N LYS H 404 14.81 48.53 56.27
CA LYS H 404 15.88 47.61 56.66
C LYS H 404 16.98 47.49 55.61
N ALA H 405 17.06 48.46 54.69
CA ALA H 405 18.02 48.41 53.59
C ALA H 405 19.45 48.67 54.08
N ASP H 406 20.36 47.78 53.70
CA ASP H 406 21.78 47.96 54.03
C ASP H 406 22.49 48.70 52.91
N MET H 407 22.09 48.44 51.67
CA MET H 407 22.53 49.23 50.53
C MET H 407 21.35 49.57 49.64
N VAL H 408 21.50 50.64 48.85
CA VAL H 408 20.50 51.02 47.87
C VAL H 408 21.21 51.44 46.60
N ILE H 409 20.65 51.07 45.45
CA ILE H 409 21.25 51.40 44.17
C ILE H 409 20.23 52.07 43.27
N GLU H 410 20.56 53.27 42.80
CA GLU H 410 19.70 54.02 41.89
C GLU H 410 19.99 53.59 40.45
N ALA H 411 18.94 53.41 39.67
CA ALA H 411 19.07 53.03 38.27
C ALA H 411 18.00 53.69 37.42
N VAL H 412 17.72 54.96 37.71
CA VAL H 412 16.70 55.70 36.98
C VAL H 412 17.35 56.53 35.89
N PHE H 413 16.54 57.30 35.16
CA PHE H 413 17.02 58.07 34.01
C PHE H 413 18.21 58.97 34.36
N GLU H 414 18.85 59.50 33.33
CA GLU H 414 19.96 60.43 33.50
C GLU H 414 19.43 61.86 33.58
N ASP H 415 18.67 62.14 34.64
CA ASP H 415 18.15 63.48 34.91
C ASP H 415 18.47 63.85 36.35
N LEU H 416 19.32 64.86 36.52
CA LEU H 416 19.78 65.23 37.84
C LEU H 416 18.63 65.65 38.76
N SER H 417 17.67 66.40 38.21
CA SER H 417 16.47 66.76 38.96
C SER H 417 15.85 65.50 39.56
N LEU H 418 15.72 64.47 38.72
CA LEU H 418 15.14 63.21 39.13
C LEU H 418 16.03 62.54 40.17
N LYS H 419 17.30 62.39 39.82
CA LYS H 419 18.27 61.73 40.70
C LYS H 419 18.22 62.31 42.11
N HIS H 420 17.88 63.59 42.21
CA HIS H 420 17.75 64.26 43.50
C HIS H 420 16.46 63.87 44.21
N ARG H 421 15.34 64.03 43.52
CA ARG H 421 14.04 63.65 44.08
C ARG H 421 14.09 62.28 44.74
N VAL H 422 14.67 61.31 44.03
CA VAL H 422 14.76 59.94 44.51
C VAL H 422 15.67 59.82 45.73
N LEU H 423 16.86 60.43 45.62
CA LEU H 423 17.82 60.41 46.72
C LEU H 423 17.17 60.95 47.99
N LYS H 424 16.42 62.04 47.86
CA LYS H 424 15.71 62.62 49.00
C LYS H 424 14.72 61.62 49.60
N GLU H 425 13.75 61.21 48.79
CA GLU H 425 12.75 60.24 49.22
C GLU H 425 13.40 59.08 49.95
N VAL H 426 14.30 58.39 49.24
CA VAL H 426 14.93 57.17 49.73
C VAL H 426 15.67 57.40 51.05
N GLU H 427 16.52 58.43 51.06
CA GLU H 427 17.34 58.73 52.23
C GLU H 427 16.48 59.04 53.45
N ALA H 428 15.21 59.37 53.21
CA ALA H 428 14.28 59.70 54.29
C ALA H 428 13.69 58.45 54.95
N VAL H 429 13.83 57.29 54.32
CA VAL H 429 13.24 56.07 54.86
C VAL H 429 14.26 54.97 55.16
N ILE H 430 15.47 55.09 54.63
CA ILE H 430 16.52 54.11 54.86
C ILE H 430 17.30 54.43 56.13
N PRO H 431 17.82 53.40 56.81
CA PRO H 431 18.66 53.59 58.01
C PRO H 431 19.84 54.52 57.77
N ASP H 432 20.60 54.79 58.83
CA ASP H 432 21.75 55.69 58.75
C ASP H 432 22.94 55.01 58.08
N HIS H 433 23.16 53.74 58.44
CA HIS H 433 24.30 52.97 57.92
C HIS H 433 24.15 52.66 56.44
N CYS H 434 22.92 52.71 55.94
CA CYS H 434 22.63 52.37 54.53
C CYS H 434 23.42 53.23 53.55
N ILE H 435 24.08 52.56 52.59
CA ILE H 435 24.76 53.26 51.51
C ILE H 435 23.76 53.62 50.43
N PHE H 436 24.08 54.64 49.65
CA PHE H 436 23.31 54.96 48.46
C PHE H 436 24.29 55.05 47.30
N ALA H 437 24.03 54.27 46.25
CA ALA H 437 24.90 54.24 45.09
C ALA H 437 24.12 54.59 43.83
N SER H 438 24.75 55.33 42.93
CA SER H 438 24.09 55.81 41.72
C SER H 438 24.72 55.24 40.45
N ASN H 439 23.95 54.43 39.73
CA ASN H 439 24.40 53.85 38.46
C ASN H 439 24.26 54.86 37.33
N THR H 440 25.15 55.84 37.31
CA THR H 440 25.11 56.88 36.29
C THR H 440 26.39 56.89 35.50
N SER H 441 26.37 57.59 34.36
CA SER H 441 27.54 57.66 33.48
C SER H 441 28.01 59.09 33.28
N ALA H 442 27.07 60.00 33.04
CA ALA H 442 27.39 61.41 32.83
C ALA H 442 27.48 62.15 34.17
N LEU H 443 26.33 62.35 34.81
CA LEU H 443 26.27 63.13 36.05
C LEU H 443 27.30 62.64 37.06
N PRO H 444 27.99 63.59 37.73
CA PRO H 444 28.98 63.24 38.74
C PRO H 444 28.32 62.92 40.07
N ILE H 445 29.01 62.14 40.91
CA ILE H 445 28.44 61.68 42.17
C ILE H 445 28.48 62.78 43.23
N SER H 446 29.09 63.91 42.90
CA SER H 446 29.10 65.06 43.80
C SER H 446 27.79 65.83 43.65
N GLU H 447 27.50 66.26 42.43
CA GLU H 447 26.28 67.01 42.14
C GLU H 447 25.02 66.23 42.51
N ILE H 448 25.16 64.93 42.68
CA ILE H 448 24.04 64.10 43.14
C ILE H 448 24.06 64.00 44.65
N ALA H 449 25.25 63.83 45.21
CA ALA H 449 25.40 63.71 46.66
C ALA H 449 25.24 65.05 47.36
N ALA H 450 24.93 66.10 46.60
CA ALA H 450 24.69 67.43 47.17
C ALA H 450 23.52 67.37 48.15
N VAL H 451 22.35 66.99 47.63
CA VAL H 451 21.12 66.92 48.40
C VAL H 451 21.22 65.91 49.54
N SER H 452 22.30 65.13 49.56
CA SER H 452 22.41 64.01 50.50
C SER H 452 22.40 64.48 51.95
N LYS H 453 21.54 63.88 52.75
CA LYS H 453 21.53 64.11 54.18
C LYS H 453 22.82 63.58 54.79
N ARG H 454 23.41 62.56 54.14
CA ARG H 454 24.69 62.01 54.55
C ARG H 454 25.50 61.63 53.32
N PRO H 455 26.30 62.58 52.78
CA PRO H 455 27.12 62.28 51.61
C PRO H 455 28.32 61.37 51.85
N GLU H 456 28.58 61.00 53.11
CA GLU H 456 29.63 60.02 53.41
C GLU H 456 29.19 58.66 52.86
N LYS H 457 27.89 58.42 52.93
CA LYS H 457 27.31 57.15 52.52
C LYS H 457 26.86 57.13 51.05
N VAL H 458 27.18 58.19 50.31
CA VAL H 458 26.81 58.27 48.89
C VAL H 458 28.03 58.05 48.00
N ILE H 459 27.94 57.02 47.16
CA ILE H 459 29.06 56.59 46.32
C ILE H 459 28.54 56.05 44.99
N GLY H 460 29.26 56.35 43.92
CA GLY H 460 28.82 55.96 42.58
C GLY H 460 29.15 54.52 42.23
N MET H 461 28.18 53.83 41.61
CA MET H 461 28.38 52.47 41.14
C MET H 461 27.93 52.36 39.68
N HIS H 462 28.85 52.71 38.78
CA HIS H 462 28.57 52.74 37.35
C HIS H 462 28.74 51.37 36.72
N TYR H 463 27.63 50.64 36.60
CA TYR H 463 27.63 49.33 35.96
C TYR H 463 27.70 49.48 34.44
N PHE H 464 27.95 48.37 33.76
CA PHE H 464 28.00 48.38 32.30
C PHE H 464 26.97 47.44 31.70
N SER H 465 26.42 47.86 30.55
CA SER H 465 25.33 47.14 29.91
C SER H 465 25.86 46.21 28.83
N PRO H 466 25.26 45.00 28.70
CA PRO H 466 24.17 44.50 29.54
C PRO H 466 24.69 43.94 30.84
N VAL H 467 24.07 44.34 31.96
CA VAL H 467 24.55 43.96 33.29
C VAL H 467 24.37 42.46 33.54
N ASP H 468 23.51 41.82 32.75
CA ASP H 468 23.33 40.37 32.84
C ASP H 468 24.65 39.68 32.54
N LYS H 469 25.29 40.09 31.45
CA LYS H 469 26.46 39.39 30.93
C LYS H 469 27.78 40.12 31.18
N MET H 470 27.79 41.45 31.04
CA MET H 470 28.99 42.25 31.29
C MET H 470 29.53 42.01 32.69
N GLN H 471 30.78 42.40 32.92
CA GLN H 471 31.39 42.18 34.23
C GLN H 471 32.19 43.39 34.75
N LEU H 472 32.24 44.48 33.98
CA LEU H 472 32.94 45.67 34.46
C LEU H 472 32.02 46.49 35.36
N LEU H 473 32.59 46.98 36.46
CA LEU H 473 31.89 47.85 37.39
C LEU H 473 32.79 49.00 37.79
N GLU H 474 32.42 50.22 37.40
CA GLU H 474 33.23 51.40 37.68
C GLU H 474 32.72 52.12 38.92
N ILE H 475 33.37 51.90 40.06
CA ILE H 475 32.96 52.53 41.31
C ILE H 475 33.57 53.92 41.46
N ILE H 476 32.71 54.94 41.42
CA ILE H 476 33.12 56.34 41.54
C ILE H 476 33.22 56.72 43.01
N THR H 477 34.12 57.65 43.35
CA THR H 477 34.27 58.09 44.72
C THR H 477 34.51 59.60 44.81
N THR H 478 33.62 60.31 45.51
CA THR H 478 33.80 61.74 45.77
C THR H 478 34.73 61.92 46.97
N GLU H 479 35.07 63.17 47.28
CA GLU H 479 35.96 63.46 48.39
C GLU H 479 35.29 63.22 49.73
N LYS H 480 34.03 63.64 49.84
CA LYS H 480 33.25 63.47 51.07
C LYS H 480 32.97 61.97 51.31
N THR H 481 32.93 61.20 50.22
CA THR H 481 32.65 59.77 50.29
C THR H 481 33.49 59.07 51.35
N SER H 482 32.85 58.19 52.11
CA SER H 482 33.52 57.46 53.18
C SER H 482 34.33 56.28 52.66
N LYS H 483 35.31 55.83 53.46
CA LYS H 483 36.17 54.71 53.09
C LYS H 483 35.41 53.39 53.21
N ASP H 484 34.73 53.21 54.33
CA ASP H 484 33.94 52.01 54.55
C ASP H 484 32.76 51.95 53.58
N THR H 485 32.15 53.11 53.32
CA THR H 485 31.08 53.22 52.34
C THR H 485 31.54 52.69 50.98
N SER H 486 32.83 52.89 50.69
CA SER H 486 33.42 52.39 49.45
C SER H 486 33.76 50.91 49.61
N ALA H 487 34.36 50.56 50.74
CA ALA H 487 34.77 49.18 51.01
C ALA H 487 33.59 48.20 51.03
N SER H 488 32.37 48.72 51.04
CA SER H 488 31.19 47.88 50.95
C SER H 488 30.75 47.79 49.50
N ALA H 489 30.67 48.93 48.84
CA ALA H 489 30.29 49.00 47.43
C ALA H 489 31.18 48.09 46.59
N VAL H 490 32.46 48.05 46.93
CA VAL H 490 33.41 47.18 46.23
C VAL H 490 33.10 45.72 46.54
N ALA H 491 32.83 45.41 47.80
CA ALA H 491 32.55 44.04 48.22
C ALA H 491 31.27 43.50 47.62
N VAL H 492 30.32 44.39 47.33
CA VAL H 492 29.04 43.99 46.72
C VAL H 492 29.22 43.66 45.24
N GLY H 493 29.89 44.55 44.52
CA GLY H 493 30.20 44.33 43.10
C GLY H 493 30.96 43.04 42.89
N LEU H 494 31.86 42.72 43.81
CA LEU H 494 32.65 41.48 43.73
C LEU H 494 31.80 40.24 43.97
N LYS H 495 30.86 40.32 44.91
CA LYS H 495 29.89 39.25 45.15
C LYS H 495 29.01 39.08 43.92
N GLN H 496 28.54 40.21 43.38
CA GLN H 496 27.84 40.21 42.11
C GLN H 496 28.73 39.62 41.02
N GLY H 497 30.01 39.41 41.34
CA GLY H 497 30.94 38.75 40.44
C GLY H 497 31.36 39.65 39.30
N LYS H 498 31.80 40.85 39.64
CA LYS H 498 32.21 41.83 38.64
C LYS H 498 33.70 42.09 38.75
N VAL H 499 34.25 42.73 37.73
CA VAL H 499 35.62 43.20 37.76
C VAL H 499 35.59 44.70 38.06
N ILE H 500 36.23 45.09 39.16
CA ILE H 500 36.04 46.43 39.69
C ILE H 500 37.23 47.37 39.48
N ILE H 501 36.89 48.58 39.05
CA ILE H 501 37.86 49.64 38.82
C ILE H 501 37.38 50.85 39.61
N VAL H 502 38.23 51.36 40.50
CA VAL H 502 37.87 52.52 41.31
C VAL H 502 38.49 53.81 40.77
N VAL H 503 37.66 54.84 40.66
CA VAL H 503 38.12 56.13 40.18
C VAL H 503 37.63 57.23 41.11
N LYS H 504 38.33 58.36 41.12
CA LYS H 504 37.87 59.52 41.87
C LYS H 504 36.83 60.21 41.00
N ASP H 505 35.82 60.81 41.64
CA ASP H 505 34.76 61.47 40.89
C ASP H 505 35.36 62.45 39.89
N GLY H 506 34.70 62.59 38.75
CA GLY H 506 35.08 63.57 37.76
C GLY H 506 33.88 63.95 36.92
N PRO H 507 34.02 64.99 36.08
CA PRO H 507 32.98 65.34 35.13
C PRO H 507 33.08 64.40 33.94
N GLY H 508 32.26 63.36 33.94
CA GLY H 508 32.50 62.21 33.07
C GLY H 508 33.67 61.47 33.65
N PHE H 509 33.40 60.34 34.30
CA PHE H 509 34.43 59.59 34.98
C PHE H 509 35.36 58.96 33.95
N TYR H 510 36.37 58.22 34.41
CA TYR H 510 37.39 57.67 33.50
C TYR H 510 36.81 57.15 32.19
N THR H 511 35.83 56.26 32.30
CA THR H 511 35.31 55.54 31.14
C THR H 511 34.56 56.44 30.16
N THR H 512 33.42 56.98 30.60
CA THR H 512 32.60 57.81 29.74
C THR H 512 33.45 58.94 29.15
N ARG H 513 34.27 59.57 29.99
CA ARG H 513 35.12 60.66 29.55
C ARG H 513 35.96 60.25 28.33
N CYS H 514 36.88 59.33 28.56
CA CYS H 514 37.80 58.89 27.51
C CYS H 514 37.05 58.46 26.26
N LEU H 515 35.82 57.99 26.44
CA LEU H 515 34.99 57.56 25.33
C LEU H 515 34.58 58.75 24.45
N ALA H 516 34.31 59.89 25.09
CA ALA H 516 33.72 61.05 24.41
C ALA H 516 34.50 61.51 23.17
N PRO H 517 35.78 61.87 23.36
CA PRO H 517 36.58 62.40 22.24
C PRO H 517 36.47 61.56 20.98
N MET H 518 36.40 60.25 21.13
CA MET H 518 36.23 59.36 19.99
C MET H 518 34.90 59.60 19.30
N MET H 519 33.83 59.61 20.09
CA MET H 519 32.49 59.78 19.56
C MET H 519 32.37 61.08 18.76
N SER H 520 33.18 62.07 19.13
CA SER H 520 33.27 63.31 18.36
C SER H 520 34.00 63.04 17.05
N GLU H 521 35.22 62.52 17.16
CA GLU H 521 36.05 62.21 16.01
C GLU H 521 35.31 61.28 15.04
N VAL H 522 34.40 60.47 15.58
CA VAL H 522 33.57 59.60 14.77
C VAL H 522 32.63 60.42 13.89
N ILE H 523 31.87 61.31 14.52
CA ILE H 523 30.98 62.21 13.78
C ILE H 523 31.76 62.89 12.65
N ARG H 524 32.92 63.44 13.01
CA ARG H 524 33.78 64.15 12.07
C ARG H 524 34.13 63.30 10.86
N ILE H 525 34.55 62.06 11.10
CA ILE H 525 34.92 61.15 10.03
C ILE H 525 33.71 60.80 9.16
N LEU H 526 32.61 60.43 9.80
CA LEU H 526 31.37 60.16 9.08
C LEU H 526 30.97 61.37 8.23
N GLN H 527 31.34 62.57 8.69
CA GLN H 527 31.02 63.80 7.98
C GLN H 527 32.13 64.16 6.98
N GLU H 528 33.18 63.35 6.91
CA GLU H 528 34.30 63.62 6.02
C GLU H 528 34.20 62.84 4.71
N GLY H 529 33.08 62.15 4.51
CA GLY H 529 32.86 61.36 3.31
C GLY H 529 32.86 59.87 3.57
N VAL H 530 33.51 59.47 4.66
CA VAL H 530 33.53 58.07 5.07
C VAL H 530 32.13 57.68 5.54
N ASP H 531 31.79 56.40 5.41
CA ASP H 531 30.46 55.92 5.75
C ASP H 531 30.53 54.81 6.81
N PRO H 532 29.36 54.39 7.34
CA PRO H 532 29.29 53.33 8.34
C PRO H 532 30.13 52.09 7.99
N LYS H 533 29.78 51.42 6.90
CA LYS H 533 30.45 50.19 6.49
C LYS H 533 31.97 50.33 6.58
N LYS H 534 32.49 51.41 6.01
CA LYS H 534 33.93 51.64 5.98
C LYS H 534 34.47 51.90 7.38
N LEU H 535 33.73 52.65 8.20
CA LEU H 535 34.16 52.99 9.55
C LEU H 535 34.05 51.80 10.48
N ASP H 536 32.94 51.08 10.38
CA ASP H 536 32.75 49.86 11.15
C ASP H 536 33.88 48.88 10.85
N SER H 537 34.11 48.65 9.56
CA SER H 537 35.18 47.75 9.12
C SER H 537 36.56 48.24 9.55
N LEU H 538 36.77 49.56 9.48
CA LEU H 538 38.06 50.15 9.82
C LEU H 538 38.46 49.97 11.28
N THR H 539 37.45 49.96 12.16
CA THR H 539 37.70 49.84 13.60
C THR H 539 37.66 48.39 14.06
N THR H 540 36.65 47.65 13.63
CA THR H 540 36.54 46.24 13.97
C THR H 540 37.83 45.50 13.60
N SER H 541 38.36 45.80 12.42
CA SER H 541 39.57 45.15 11.91
C SER H 541 40.83 45.70 12.57
N PHE H 542 40.69 46.74 13.39
CA PHE H 542 41.81 47.25 14.18
C PHE H 542 41.84 46.57 15.54
N GLY H 543 40.79 45.80 15.84
CA GLY H 543 40.71 45.04 17.09
C GLY H 543 39.47 45.34 17.92
N PHE H 544 38.72 46.36 17.51
CA PHE H 544 37.54 46.76 18.26
C PHE H 544 36.43 45.72 18.14
N PRO H 545 35.86 45.32 19.30
CA PRO H 545 34.71 44.42 19.34
C PRO H 545 33.49 44.95 18.59
N VAL H 546 33.32 46.27 18.55
CA VAL H 546 32.19 46.87 17.85
C VAL H 546 32.64 47.94 16.86
N GLY H 547 31.93 48.04 15.74
CA GLY H 547 32.18 49.07 14.75
C GLY H 547 31.83 50.44 15.31
N ALA H 548 32.74 51.39 15.16
CA ALA H 548 32.59 52.71 15.77
C ALA H 548 31.22 53.34 15.50
N ALA H 549 30.72 53.16 14.27
CA ALA H 549 29.43 53.75 13.88
C ALA H 549 28.25 52.94 14.42
N THR H 550 28.32 51.63 14.24
CA THR H 550 27.28 50.73 14.74
C THR H 550 27.33 50.66 16.27
N LEU H 551 28.46 51.07 16.84
CA LEU H 551 28.58 51.26 18.28
C LEU H 551 27.53 52.28 18.71
N VAL H 552 27.53 53.42 18.02
CA VAL H 552 26.60 54.51 18.33
C VAL H 552 25.16 54.14 17.99
N ASP H 553 24.91 53.81 16.73
CA ASP H 553 23.58 53.45 16.27
C ASP H 553 22.91 52.48 17.25
N GLU H 554 23.73 51.73 17.98
CA GLU H 554 23.24 50.83 19.02
C GLU H 554 23.08 51.54 20.36
N VAL H 555 24.15 52.19 20.81
CA VAL H 555 24.18 52.79 22.15
C VAL H 555 23.04 53.78 22.42
N GLY H 556 22.89 54.79 21.57
CA GLY H 556 21.84 55.78 21.74
C GLY H 556 22.03 57.01 20.90
N VAL H 557 21.42 57.02 19.71
CA VAL H 557 21.51 58.15 18.80
C VAL H 557 21.24 59.46 19.53
N ASP H 558 20.35 59.39 20.52
CA ASP H 558 19.98 60.54 21.32
C ASP H 558 20.84 60.61 22.57
N VAL H 559 21.05 59.48 23.21
CA VAL H 559 21.91 59.40 24.40
C VAL H 559 23.34 59.72 24.00
N ALA H 560 23.58 59.80 22.70
CA ALA H 560 24.82 60.32 22.16
C ALA H 560 24.92 61.81 22.51
N LYS H 561 23.91 62.57 22.13
CA LYS H 561 23.90 64.01 22.38
C LYS H 561 23.83 64.30 23.88
N HIS H 562 22.97 63.57 24.59
CA HIS H 562 22.81 63.74 26.04
C HIS H 562 24.15 63.88 26.77
N VAL H 563 25.16 63.15 26.31
CA VAL H 563 26.46 63.17 26.95
C VAL H 563 27.50 63.89 26.09
N ALA H 564 27.33 63.83 24.78
CA ALA H 564 28.25 64.52 23.87
C ALA H 564 28.25 66.01 24.17
N GLU H 565 27.08 66.54 24.49
CA GLU H 565 26.94 67.98 24.74
C GLU H 565 27.02 68.32 26.23
N ASP H 566 26.45 67.46 27.09
CA ASP H 566 26.55 67.67 28.54
C ASP H 566 28.00 67.60 29.00
N LEU H 567 28.80 66.81 28.32
CA LEU H 567 30.22 66.66 28.62
C LEU H 567 31.06 67.54 27.70
N GLY H 568 30.48 67.90 26.56
CA GLY H 568 31.11 68.84 25.64
C GLY H 568 31.03 70.27 26.13
N LYS H 569 30.01 70.56 26.93
CA LYS H 569 29.89 71.86 27.57
C LYS H 569 30.91 71.99 28.71
N VAL H 570 31.12 70.89 29.43
CA VAL H 570 32.06 70.88 30.55
C VAL H 570 33.51 70.93 30.07
N PHE H 571 33.73 70.54 28.82
CA PHE H 571 35.06 70.65 28.21
C PHE H 571 34.95 71.42 26.89
N GLY H 572 34.45 70.75 25.85
CA GLY H 572 34.30 71.36 24.54
C GLY H 572 35.61 71.80 23.91
N GLU H 573 36.66 71.87 24.73
CA GLU H 573 37.93 72.40 24.26
C GLU H 573 38.60 71.42 23.31
N ARG H 574 38.92 70.24 23.81
CA ARG H 574 39.66 69.24 23.04
C ARG H 574 38.68 68.23 22.46
N PHE H 575 37.50 68.15 23.07
CA PHE H 575 36.46 67.22 22.65
C PHE H 575 35.81 67.67 21.35
N GLY H 576 36.20 68.85 20.88
CA GLY H 576 35.64 69.43 19.66
C GLY H 576 36.04 68.68 18.41
N GLY H 577 35.16 67.79 17.95
CA GLY H 577 35.38 67.04 16.73
C GLY H 577 34.44 67.47 15.62
N GLY H 578 33.43 66.65 15.36
CA GLY H 578 32.46 66.96 14.30
C GLY H 578 31.39 67.93 14.76
N ASN H 579 30.43 68.18 13.88
CA ASN H 579 29.34 69.11 14.17
C ASN H 579 28.16 68.38 14.81
N PRO H 580 27.89 68.64 16.10
CA PRO H 580 26.77 67.96 16.75
C PRO H 580 25.40 68.38 16.22
N GLU H 581 25.37 69.14 15.12
CA GLU H 581 24.12 69.49 14.47
C GLU H 581 23.58 68.31 13.67
N LEU H 582 24.44 67.67 12.89
CA LEU H 582 24.06 66.48 12.13
C LEU H 582 23.62 65.39 13.10
N LEU H 583 24.21 65.41 14.30
CA LEU H 583 23.80 64.51 15.38
C LEU H 583 22.39 64.85 15.85
N THR H 584 22.08 66.15 15.86
CA THR H 584 20.73 66.62 16.18
C THR H 584 19.79 66.38 15.01
N GLN H 585 20.23 66.78 13.82
CA GLN H 585 19.46 66.59 12.59
C GLN H 585 18.88 65.18 12.50
N MET H 586 19.48 64.25 13.25
CA MET H 586 18.99 62.87 13.29
C MET H 586 17.76 62.77 14.19
N VAL H 587 17.91 63.21 15.44
CA VAL H 587 16.83 63.09 16.41
C VAL H 587 15.62 63.91 15.96
N SER H 588 15.83 65.20 15.71
CA SER H 588 14.75 66.12 15.36
C SER H 588 14.09 65.77 14.01
N LYS H 589 14.89 65.28 13.07
CA LYS H 589 14.36 64.84 11.78
C LYS H 589 13.79 63.42 11.90
N GLY H 590 14.08 62.79 13.04
CA GLY H 590 13.48 61.50 13.37
C GLY H 590 14.32 60.31 12.96
N PHE H 591 15.43 60.09 13.67
CA PHE H 591 16.30 58.95 13.41
C PHE H 591 16.69 58.27 14.72
N LEU H 592 16.83 56.96 14.77
CA LEU H 592 17.14 56.41 16.09
C LEU H 592 17.97 55.17 15.95
N GLY H 593 18.74 54.79 16.96
CA GLY H 593 19.28 53.46 16.76
C GLY H 593 18.20 52.46 16.41
N ARG H 594 17.41 52.07 17.42
CA ARG H 594 16.31 51.12 17.28
C ARG H 594 15.31 51.64 16.23
N LYS H 595 15.61 51.37 14.96
CA LYS H 595 14.83 51.79 13.81
C LYS H 595 15.44 53.08 13.19
N SER H 596 15.48 53.15 11.85
CA SER H 596 16.02 54.29 11.06
C SER H 596 17.42 54.87 11.44
N GLY H 597 18.48 54.44 10.74
CA GLY H 597 19.85 54.90 11.02
C GLY H 597 21.00 53.96 10.66
N LYS H 598 20.68 52.83 10.01
CA LYS H 598 21.61 51.79 9.53
C LYS H 598 22.15 50.74 10.53
N GLY H 599 21.23 50.14 11.29
CA GLY H 599 21.58 49.12 12.28
C GLY H 599 20.29 48.50 12.81
N PHE H 600 19.35 48.28 11.88
CA PHE H 600 18.01 47.75 12.12
C PHE H 600 17.91 46.23 12.00
N TYR H 601 16.70 45.70 12.24
CA TYR H 601 16.47 44.26 12.15
C TYR H 601 15.05 43.84 11.67
N ILE H 602 15.00 42.75 10.89
CA ILE H 602 13.81 42.14 10.25
C ILE H 602 12.60 41.75 11.09
N TYR H 603 11.40 42.00 10.54
CA TYR H 603 10.10 41.71 11.15
C TYR H 603 9.97 42.19 12.60
N GLN H 604 8.83 41.86 13.24
CA GLN H 604 8.54 42.23 14.65
C GLN H 604 9.52 41.57 15.66
N GLU H 605 10.41 40.71 15.17
CA GLU H 605 11.34 40.01 16.03
C GLU H 605 12.72 40.67 16.06
N GLY H 606 12.82 41.87 15.49
CA GLY H 606 14.10 42.56 15.41
C GLY H 606 15.16 41.61 14.91
N VAL H 607 14.80 40.85 13.88
CA VAL H 607 15.61 39.73 13.38
C VAL H 607 16.98 40.06 12.75
N LYS H 608 17.01 40.09 11.42
CA LYS H 608 18.27 40.08 10.67
C LYS H 608 18.94 41.43 10.44
N ARG H 609 20.11 41.39 9.81
CA ARG H 609 20.88 42.58 9.49
C ARG H 609 20.85 42.87 7.99
N LYS H 610 21.87 42.43 7.27
CA LYS H 610 21.91 42.64 5.80
C LYS H 610 21.19 43.90 5.27
N ASP H 611 21.33 45.00 6.02
CA ASP H 611 20.74 46.28 5.68
C ASP H 611 21.29 47.42 6.56
N LEU H 612 21.27 48.63 6.02
CA LEU H 612 21.73 49.84 6.70
C LEU H 612 20.58 50.86 6.86
N ASN H 613 20.72 51.97 6.17
CA ASN H 613 19.79 53.06 6.31
C ASN H 613 19.61 53.54 4.92
N SER H 614 18.38 53.88 4.57
CA SER H 614 18.18 54.41 3.22
C SER H 614 18.34 55.93 3.04
N ASP H 615 18.28 56.72 4.12
CA ASP H 615 18.28 58.20 3.99
C ASP H 615 19.39 59.06 4.64
N MET H 616 19.96 58.62 5.75
CA MET H 616 20.94 59.39 6.53
C MET H 616 22.02 59.82 5.53
N ASP H 617 22.00 59.24 4.33
CA ASP H 617 22.89 59.68 3.26
C ASP H 617 22.51 61.08 2.80
N SER H 618 21.22 61.28 2.51
CA SER H 618 20.71 62.56 2.05
C SER H 618 21.06 63.70 2.99
N ILE H 619 20.82 63.50 4.28
CA ILE H 619 21.07 64.53 5.29
C ILE H 619 22.56 64.70 5.59
N LEU H 620 23.31 63.61 5.51
CA LEU H 620 24.76 63.66 5.71
C LEU H 620 25.41 64.51 4.62
N ALA H 621 25.06 64.21 3.38
CA ALA H 621 25.57 64.94 2.22
C ALA H 621 25.40 66.44 2.38
N SER H 622 24.28 66.85 2.97
CA SER H 622 23.97 68.26 3.14
C SER H 622 25.14 69.03 3.74
N LEU H 623 25.53 68.65 4.96
CA LEU H 623 26.62 69.31 5.66
C LEU H 623 27.75 68.32 5.94
N LYS H 624 28.82 68.40 5.15
CA LYS H 624 29.99 67.53 5.37
C LYS H 624 31.29 68.08 4.78
N LEU H 625 32.28 68.29 5.64
CA LEU H 625 33.57 68.83 5.22
C LEU H 625 34.34 67.86 4.35
N PRO H 626 35.42 68.33 3.69
CA PRO H 626 36.28 67.48 2.88
C PRO H 626 37.48 66.93 3.67
N PRO H 627 38.17 65.93 3.11
CA PRO H 627 39.29 65.27 3.80
C PRO H 627 40.53 66.16 3.94
N LYS H 628 41.60 65.59 4.47
CA LYS H 628 42.89 66.25 4.54
C LYS H 628 43.85 65.47 3.65
N SER H 629 45.13 65.81 3.69
CA SER H 629 46.15 65.10 2.91
C SER H 629 46.75 63.96 3.73
N GLU H 630 47.45 64.33 4.80
CA GLU H 630 48.17 63.35 5.63
C GLU H 630 47.34 62.80 6.77
N VAL H 631 46.02 62.91 6.68
CA VAL H 631 45.16 62.46 7.76
C VAL H 631 43.92 61.74 7.25
N SER H 632 43.75 61.69 5.93
CA SER H 632 42.59 61.03 5.34
C SER H 632 42.84 59.53 5.15
N SER H 633 44.05 59.09 5.47
CA SER H 633 44.45 57.71 5.27
C SER H 633 43.64 56.75 6.13
N ASP H 634 43.40 55.54 5.62
CA ASP H 634 42.65 54.52 6.36
C ASP H 634 43.34 54.16 7.67
N GLU H 635 44.66 54.07 7.63
CA GLU H 635 45.45 53.79 8.84
C GLU H 635 45.42 55.00 9.77
N ASP H 636 45.36 56.19 9.19
CA ASP H 636 45.30 57.41 9.99
C ASP H 636 43.94 57.54 10.66
N ILE H 637 42.87 57.32 9.89
CA ILE H 637 41.51 57.35 10.42
C ILE H 637 41.41 56.53 11.71
N GLN H 638 42.15 55.44 11.77
CA GLN H 638 42.17 54.59 12.95
C GLN H 638 42.84 55.28 14.13
N PHE H 639 44.11 55.63 13.96
CA PHE H 639 44.90 56.24 15.05
C PHE H 639 44.33 57.59 15.48
N ARG H 640 43.67 58.28 14.56
CA ARG H 640 42.87 59.45 14.92
C ARG H 640 42.07 59.14 16.19
N LEU H 641 41.30 58.04 16.12
CA LEU H 641 40.44 57.61 17.22
C LEU H 641 41.26 57.14 18.42
N VAL H 642 42.04 56.09 18.21
CA VAL H 642 42.80 55.48 19.29
C VAL H 642 43.56 56.51 20.12
N THR H 643 44.40 57.30 19.45
CA THR H 643 45.26 58.25 20.13
C THR H 643 44.46 59.18 21.06
N ARG H 644 43.42 59.81 20.51
CA ARG H 644 42.57 60.70 21.32
C ARG H 644 42.11 60.03 22.60
N PHE H 645 41.70 58.77 22.48
CA PHE H 645 41.30 57.98 23.63
C PHE H 645 42.49 57.74 24.55
N VAL H 646 43.53 57.14 24.00
CA VAL H 646 44.72 56.79 24.77
C VAL H 646 45.20 58.00 25.56
N ASN H 647 45.09 59.19 24.97
CA ASN H 647 45.51 60.41 25.64
C ASN H 647 44.65 60.71 26.87
N GLU H 648 43.37 60.96 26.66
CA GLU H 648 42.44 61.23 27.76
C GLU H 648 42.57 60.17 28.85
N ALA H 649 42.92 58.94 28.45
CA ALA H 649 43.10 57.85 29.39
C ALA H 649 44.31 58.08 30.29
N VAL H 650 45.48 58.27 29.68
CA VAL H 650 46.70 58.52 30.43
C VAL H 650 46.59 59.82 31.21
N MET H 651 45.84 60.77 30.64
CA MET H 651 45.59 62.04 31.31
C MET H 651 44.82 61.82 32.61
N CYS H 652 43.91 60.85 32.60
CA CYS H 652 43.12 60.54 33.79
C CYS H 652 44.01 59.92 34.88
N LEU H 653 45.13 59.33 34.48
CA LEU H 653 46.11 58.84 35.44
C LEU H 653 46.82 60.06 35.99
N GLN H 654 47.25 60.93 35.08
CA GLN H 654 47.90 62.17 35.42
C GLN H 654 47.08 62.98 36.42
N GLU H 655 45.81 63.17 36.11
CA GLU H 655 44.91 63.95 36.98
C GLU H 655 44.57 63.22 38.27
N GLY H 656 45.00 61.98 38.38
CA GLY H 656 44.80 61.20 39.60
C GLY H 656 43.43 60.55 39.69
N ILE H 657 42.65 60.62 38.61
CA ILE H 657 41.36 59.94 38.55
C ILE H 657 41.58 58.43 38.59
N LEU H 658 42.42 57.95 37.68
CA LEU H 658 42.81 56.54 37.68
C LEU H 658 43.84 56.28 38.77
N ALA H 659 43.50 55.41 39.71
CA ALA H 659 44.42 55.05 40.78
C ALA H 659 45.68 54.40 40.21
N THR H 660 45.48 53.49 39.25
CA THR H 660 46.58 52.72 38.67
C THR H 660 46.44 52.65 37.14
N PRO H 661 47.50 52.24 36.44
CA PRO H 661 47.43 52.03 35.00
C PRO H 661 46.73 50.71 34.68
N ALA H 662 46.95 49.72 35.53
CA ALA H 662 46.28 48.42 35.40
C ALA H 662 44.78 48.61 35.35
N GLU H 663 44.24 49.28 36.37
CA GLU H 663 42.83 49.62 36.39
C GLU H 663 42.44 50.37 35.12
N GLY H 664 43.21 51.40 34.79
CA GLY H 664 42.98 52.16 33.56
C GLY H 664 42.79 51.23 32.37
N ASP H 665 43.68 50.24 32.26
CA ASP H 665 43.58 49.25 31.19
C ASP H 665 42.40 48.30 31.28
N ILE H 666 42.28 47.62 32.42
CA ILE H 666 41.16 46.72 32.66
C ILE H 666 39.84 47.36 32.22
N GLY H 667 39.55 48.53 32.77
CA GLY H 667 38.30 49.22 32.47
C GLY H 667 38.17 49.57 31.01
N ALA H 668 39.28 50.00 30.40
CA ALA H 668 39.28 50.42 29.00
C ALA H 668 38.94 49.26 28.06
N VAL H 669 39.51 48.10 28.36
CA VAL H 669 39.31 46.90 27.54
C VAL H 669 37.97 46.24 27.82
N PHE H 670 37.70 46.00 29.11
CA PHE H 670 36.46 45.34 29.53
C PHE H 670 35.20 46.19 29.32
N GLY H 671 35.37 47.52 29.30
CA GLY H 671 34.22 48.42 29.28
C GLY H 671 34.07 49.20 27.99
N LEU H 672 35.17 49.78 27.52
CA LEU H 672 35.12 50.61 26.32
C LEU H 672 35.30 49.76 25.07
N GLY H 673 35.78 48.53 25.25
CA GLY H 673 36.04 47.64 24.12
C GLY H 673 37.36 47.96 23.45
N PHE H 674 38.30 48.47 24.24
CA PHE H 674 39.64 48.75 23.75
C PHE H 674 40.29 47.44 23.33
N PRO H 675 40.77 47.36 22.08
CA PRO H 675 41.38 46.14 21.56
C PRO H 675 42.39 45.52 22.54
N PRO H 676 42.09 44.30 23.03
CA PRO H 676 42.92 43.64 24.04
C PRO H 676 44.27 43.13 23.55
N CYS H 677 44.38 42.83 22.26
CA CYS H 677 45.67 42.47 21.68
C CYS H 677 46.67 43.59 21.95
N LEU H 678 46.19 44.84 21.91
CA LEU H 678 47.02 46.00 22.24
C LEU H 678 47.35 46.01 23.73
N GLY H 679 46.43 45.49 24.54
CA GLY H 679 46.69 45.25 25.96
C GLY H 679 46.16 46.31 26.90
N GLY H 680 45.33 47.21 26.37
CA GLY H 680 44.87 48.38 27.12
C GLY H 680 45.64 49.60 26.67
N PRO H 681 45.07 50.79 26.89
CA PRO H 681 45.72 52.02 26.45
C PRO H 681 47.05 52.29 27.15
N PHE H 682 47.17 51.87 28.41
CA PHE H 682 48.39 52.07 29.17
C PHE H 682 49.48 51.07 28.79
N ARG H 683 49.06 49.90 28.32
CA ARG H 683 50.00 48.92 27.77
C ARG H 683 50.42 49.41 26.39
N PHE H 684 49.43 49.81 25.60
CA PHE H 684 49.65 50.27 24.24
C PHE H 684 50.76 51.31 24.16
N VAL H 685 50.84 52.16 25.18
CA VAL H 685 51.94 53.12 25.30
C VAL H 685 53.26 52.37 25.47
N ASP H 686 53.32 51.48 26.46
CA ASP H 686 54.54 50.74 26.78
C ASP H 686 55.05 49.89 25.61
N LEU H 687 54.15 49.42 24.76
CA LEU H 687 54.54 48.50 23.69
C LEU H 687 54.73 49.22 22.36
N TYR H 688 53.67 49.86 21.88
CA TYR H 688 53.70 50.53 20.59
C TYR H 688 54.74 51.65 20.56
N GLY H 689 55.01 52.23 21.73
CA GLY H 689 56.03 53.27 21.85
C GLY H 689 55.52 54.53 22.53
N ALA H 690 56.06 54.81 23.72
CA ALA H 690 55.68 56.02 24.46
C ALA H 690 55.97 57.27 23.63
N GLN H 691 56.89 57.14 22.68
CA GLN H 691 57.26 58.24 21.78
C GLN H 691 56.48 58.16 20.47
N LYS H 692 56.61 57.05 19.76
CA LYS H 692 55.95 56.84 18.48
C LYS H 692 54.46 57.19 18.54
N ILE H 693 53.87 57.07 19.72
CA ILE H 693 52.46 57.38 19.93
C ILE H 693 52.21 58.89 19.96
N VAL H 694 53.22 59.64 20.39
CA VAL H 694 53.12 61.10 20.47
C VAL H 694 53.36 61.70 19.09
N ASP H 695 54.42 61.25 18.43
CA ASP H 695 54.71 61.68 17.06
C ASP H 695 53.48 61.45 16.19
N ARG H 696 52.82 60.32 16.43
CA ARG H 696 51.59 60.00 15.73
C ARG H 696 50.47 60.93 16.18
N LEU H 697 50.55 61.39 17.42
CA LEU H 697 49.54 62.28 17.98
C LEU H 697 49.76 63.73 17.53
N LYS H 698 51.00 64.18 17.53
CA LYS H 698 51.35 65.52 17.03
C LYS H 698 50.99 65.66 15.55
N LYS H 699 50.91 64.52 14.86
CA LYS H 699 50.55 64.49 13.45
C LYS H 699 49.04 64.61 13.25
N TYR H 700 48.27 64.33 14.32
CA TYR H 700 46.82 64.54 14.32
C TYR H 700 46.46 65.72 15.20
N GLU H 701 47.43 66.62 15.40
CA GLU H 701 47.24 67.83 16.20
C GLU H 701 47.43 69.06 15.31
N ALA H 702 48.69 69.39 15.05
CA ALA H 702 49.04 70.56 14.25
C ALA H 702 48.57 70.39 12.81
N ALA H 703 48.61 69.15 12.32
CA ALA H 703 48.16 68.85 10.97
C ALA H 703 46.65 68.92 10.88
N TYR H 704 45.97 68.76 12.01
CA TYR H 704 44.51 68.85 12.04
C TYR H 704 44.05 70.07 12.82
N GLY H 705 44.90 71.09 12.87
CA GLY H 705 44.57 72.40 13.42
C GLY H 705 43.66 72.38 14.64
N LYS H 706 43.78 71.34 15.46
CA LYS H 706 42.99 71.22 16.67
C LYS H 706 43.90 70.91 17.86
N GLN H 707 43.44 71.29 19.05
CA GLN H 707 44.26 71.15 20.26
C GLN H 707 44.24 69.72 20.80
N PHE H 708 44.28 68.74 19.90
CA PHE H 708 44.25 67.34 20.29
C PHE H 708 45.69 66.92 20.50
N THR H 709 46.24 67.43 21.60
CA THR H 709 47.66 67.47 21.85
C THR H 709 47.99 66.63 23.07
N PRO H 710 49.16 65.98 23.08
CA PRO H 710 49.55 65.16 24.21
C PRO H 710 49.50 65.90 25.54
N CYS H 711 48.99 65.24 26.56
CA CYS H 711 49.00 65.80 27.91
C CYS H 711 50.41 65.76 28.45
N GLN H 712 50.58 66.07 29.74
CA GLN H 712 51.90 66.09 30.36
C GLN H 712 52.48 64.69 30.56
N LEU H 713 51.72 63.81 31.21
CA LEU H 713 52.23 62.49 31.57
C LEU H 713 52.49 61.61 30.34
N LEU H 714 51.74 61.84 29.26
CA LEU H 714 51.98 61.14 28.00
C LEU H 714 53.29 61.60 27.39
N ALA H 715 53.43 62.91 27.20
CA ALA H 715 54.64 63.50 26.66
C ALA H 715 55.82 63.33 27.62
N ASP H 716 55.53 63.14 28.89
CA ASP H 716 56.54 62.91 29.91
C ASP H 716 57.29 61.62 29.64
N HIS H 717 56.52 60.55 29.40
CA HIS H 717 57.07 59.23 29.07
C HIS H 717 57.76 59.24 27.71
N ALA H 718 57.33 60.14 26.84
CA ALA H 718 57.89 60.25 25.49
C ALA H 718 59.33 60.76 25.50
N ASN H 719 59.57 61.79 26.31
CA ASN H 719 60.89 62.42 26.37
C ASN H 719 61.92 61.59 27.12
N SER H 720 61.54 60.40 27.55
CA SER H 720 62.46 59.47 28.22
C SER H 720 62.17 58.04 27.78
N PRO H 721 63.00 57.07 28.20
CA PRO H 721 62.69 55.67 27.97
C PRO H 721 61.86 55.12 29.12
N ASN H 722 60.58 55.50 29.16
CA ASN H 722 59.71 55.16 30.29
C ASN H 722 58.48 54.34 29.93
N LYS H 723 58.04 53.55 30.90
CA LYS H 723 56.90 52.66 30.74
C LYS H 723 56.07 52.66 32.03
N LYS H 724 54.74 52.69 31.89
CA LYS H 724 53.84 52.85 33.02
C LYS H 724 53.75 51.57 33.85
N PHE H 725 53.44 50.47 33.19
CA PHE H 725 53.20 49.21 33.87
C PHE H 725 54.44 48.66 34.56
N TYR H 726 55.56 48.65 33.83
CA TYR H 726 56.81 48.17 34.40
C TYR H 726 57.89 49.23 34.23
N ARG I 2 -48.08 -63.68 -0.30
CA ARG I 2 -47.39 -62.43 -0.73
C ARG I 2 -46.35 -62.73 -1.81
N THR I 3 -46.77 -62.65 -3.07
CA THR I 3 -45.89 -62.95 -4.20
C THR I 3 -44.90 -61.81 -4.45
N HIS I 4 -45.24 -60.60 -4.00
CA HIS I 4 -44.39 -59.43 -4.19
C HIS I 4 -43.58 -59.13 -2.93
N ILE I 5 -44.23 -58.55 -1.94
CA ILE I 5 -43.56 -58.12 -0.72
C ILE I 5 -43.38 -59.27 0.26
N ASN I 6 -42.15 -59.51 0.67
CA ASN I 6 -41.85 -60.50 1.68
C ASN I 6 -41.63 -59.84 3.04
N TYR I 7 -41.38 -60.65 4.06
CA TYR I 7 -41.24 -60.16 5.41
C TYR I 7 -39.99 -60.73 6.06
N GLY I 8 -39.84 -60.52 7.37
CA GLY I 8 -38.67 -60.98 8.11
C GLY I 8 -38.26 -59.93 9.12
N VAL I 9 -37.63 -60.38 10.21
CA VAL I 9 -37.26 -59.46 11.29
C VAL I 9 -35.95 -59.88 11.95
N LYS I 10 -35.22 -58.89 12.47
CA LYS I 10 -33.99 -59.13 13.21
C LYS I 10 -33.83 -58.08 14.30
N GLY I 11 -33.76 -58.53 15.54
CA GLY I 11 -33.71 -57.61 16.66
C GLY I 11 -34.91 -56.69 16.61
N ASP I 12 -34.77 -55.48 17.16
CA ASP I 12 -35.87 -54.52 17.15
C ASP I 12 -35.95 -53.81 15.81
N VAL I 13 -35.68 -54.54 14.73
CA VAL I 13 -35.67 -53.96 13.38
C VAL I 13 -36.26 -54.90 12.34
N ALA I 14 -37.31 -54.46 11.67
CA ALA I 14 -37.96 -55.25 10.63
C ALA I 14 -37.21 -55.08 9.32
N VAL I 15 -37.27 -56.11 8.47
CA VAL I 15 -36.59 -56.06 7.18
C VAL I 15 -37.53 -56.49 6.04
N VAL I 16 -38.26 -55.52 5.51
CA VAL I 16 -39.11 -55.73 4.33
C VAL I 16 -38.25 -56.01 3.12
N ARG I 17 -38.77 -56.78 2.18
CA ARG I 17 -38.00 -57.17 1.00
C ARG I 17 -38.86 -57.13 -0.25
N ILE I 18 -38.65 -56.12 -1.09
CA ILE I 18 -39.43 -55.95 -2.32
C ILE I 18 -38.88 -56.83 -3.44
N ASN I 19 -39.73 -57.70 -3.96
CA ASN I 19 -39.38 -58.49 -5.14
C ASN I 19 -40.62 -58.99 -5.87
N SER I 20 -40.84 -58.45 -7.06
CA SER I 20 -42.00 -58.81 -7.89
C SER I 20 -41.98 -60.29 -8.27
N PRO I 21 -43.13 -60.81 -8.74
CA PRO I 21 -43.26 -62.24 -9.09
C PRO I 21 -42.33 -62.64 -10.23
N ASN I 22 -42.36 -61.88 -11.31
CA ASN I 22 -41.46 -62.11 -12.43
C ASN I 22 -40.02 -61.81 -12.01
N SER I 23 -39.87 -60.85 -11.12
CA SER I 23 -38.56 -60.48 -10.54
C SER I 23 -37.74 -59.55 -11.45
N LYS I 24 -38.11 -59.51 -12.73
CA LYS I 24 -37.39 -58.74 -13.74
C LYS I 24 -37.13 -57.29 -13.31
N VAL I 25 -38.18 -56.65 -12.80
CA VAL I 25 -38.08 -55.28 -12.29
C VAL I 25 -39.27 -55.04 -11.37
N ASN I 26 -38.98 -54.60 -10.14
CA ASN I 26 -40.04 -54.36 -9.16
C ASN I 26 -40.83 -53.09 -9.47
N THR I 27 -42.06 -53.26 -9.95
CA THR I 27 -42.94 -52.13 -10.23
C THR I 27 -44.10 -52.12 -9.23
N LEU I 28 -44.72 -50.95 -9.07
CA LEU I 28 -45.76 -50.76 -8.07
C LEU I 28 -47.14 -51.20 -8.55
N SER I 29 -47.46 -52.49 -8.37
CA SER I 29 -48.76 -53.03 -8.73
C SER I 29 -49.80 -52.67 -7.66
N LYS I 30 -51.07 -52.78 -8.01
CA LYS I 30 -52.14 -52.58 -7.04
C LYS I 30 -52.06 -53.64 -5.94
N GLU I 31 -51.86 -54.88 -6.35
CA GLU I 31 -51.80 -55.99 -5.40
C GLU I 31 -50.56 -55.89 -4.53
N LEU I 32 -49.44 -55.46 -5.13
CA LEU I 32 -48.22 -55.21 -4.37
C LEU I 32 -48.52 -54.16 -3.31
N HIS I 33 -49.09 -53.04 -3.73
CA HIS I 33 -49.51 -51.98 -2.83
C HIS I 33 -50.26 -52.55 -1.64
N SER I 34 -51.08 -53.57 -1.90
CA SER I 34 -51.88 -54.20 -0.87
C SER I 34 -51.02 -54.96 0.14
N GLU I 35 -50.19 -55.89 -0.36
CA GLU I 35 -49.31 -56.68 0.47
C GLU I 35 -48.48 -55.76 1.37
N PHE I 36 -47.85 -54.77 0.75
CA PHE I 36 -47.04 -53.79 1.47
C PHE I 36 -47.87 -53.10 2.54
N SER I 37 -49.00 -52.54 2.14
CA SER I 37 -49.89 -51.84 3.07
C SER I 37 -50.20 -52.73 4.27
N GLU I 38 -50.27 -54.03 4.05
CA GLU I 38 -50.49 -54.99 5.12
C GLU I 38 -49.25 -55.16 6.00
N VAL I 39 -48.12 -55.43 5.37
CA VAL I 39 -46.87 -55.71 6.09
C VAL I 39 -46.51 -54.58 7.05
N MET I 40 -46.76 -53.35 6.63
CA MET I 40 -46.50 -52.19 7.49
C MET I 40 -47.28 -52.30 8.78
N ASN I 41 -48.61 -52.32 8.66
CA ASN I 41 -49.48 -52.39 9.84
C ASN I 41 -48.96 -53.37 10.88
N GLU I 42 -48.45 -54.50 10.42
CA GLU I 42 -47.87 -55.50 11.31
C GLU I 42 -46.72 -54.92 12.12
N ILE I 43 -45.70 -54.43 11.42
CA ILE I 43 -44.51 -53.89 12.06
C ILE I 43 -44.79 -52.57 12.76
N TRP I 44 -45.78 -51.84 12.26
CA TRP I 44 -46.24 -50.62 12.90
C TRP I 44 -46.79 -50.90 14.30
N ALA I 45 -47.86 -51.69 14.35
CA ALA I 45 -48.56 -51.96 15.60
C ALA I 45 -47.75 -52.86 16.53
N SER I 46 -47.10 -53.87 15.97
CA SER I 46 -46.30 -54.79 16.76
C SER I 46 -45.31 -54.03 17.65
N ASP I 47 -45.48 -54.18 18.96
CA ASP I 47 -44.59 -53.52 19.91
C ASP I 47 -43.22 -54.18 19.96
N GLN I 48 -43.07 -55.27 19.23
CA GLN I 48 -41.81 -56.02 19.20
C GLN I 48 -40.75 -55.27 18.41
N ILE I 49 -41.17 -54.34 17.56
CA ILE I 49 -40.28 -53.70 16.61
C ILE I 49 -40.26 -52.18 16.82
N ARG I 50 -39.06 -51.62 16.90
CA ARG I 50 -38.89 -50.18 17.16
C ARG I 50 -38.32 -49.45 15.95
N SER I 51 -37.94 -50.19 14.92
CA SER I 51 -37.36 -49.62 13.70
C SER I 51 -37.49 -50.61 12.53
N ALA I 52 -37.24 -50.15 11.30
CA ALA I 52 -37.41 -51.01 10.13
C ALA I 52 -36.70 -50.54 8.86
N VAL I 53 -36.42 -51.50 7.98
CA VAL I 53 -35.73 -51.26 6.72
C VAL I 53 -36.57 -51.79 5.57
N LEU I 54 -36.29 -51.35 4.35
CA LEU I 54 -36.86 -51.97 3.15
C LEU I 54 -35.89 -51.89 1.98
N ILE I 55 -35.56 -53.05 1.41
CA ILE I 55 -34.57 -53.17 0.34
C ILE I 55 -35.09 -54.11 -0.72
N SER I 56 -34.63 -53.94 -1.95
CA SER I 56 -35.04 -54.80 -3.05
C SER I 56 -34.20 -56.06 -3.11
N SER I 57 -34.87 -57.21 -3.21
CA SER I 57 -34.19 -58.48 -3.38
C SER I 57 -33.79 -58.65 -4.84
N LYS I 58 -34.66 -58.20 -5.74
CA LYS I 58 -34.39 -58.27 -7.18
C LYS I 58 -33.17 -57.44 -7.52
N PRO I 59 -32.16 -58.07 -8.13
CA PRO I 59 -30.86 -57.45 -8.38
C PRO I 59 -30.93 -56.31 -9.39
N GLY I 60 -31.78 -56.46 -10.40
CA GLY I 60 -31.90 -55.47 -11.45
C GLY I 60 -32.15 -54.06 -10.96
N CYS I 61 -32.93 -53.92 -9.89
CA CYS I 61 -33.30 -52.60 -9.40
C CYS I 61 -33.95 -52.59 -8.02
N PHE I 62 -34.42 -51.41 -7.63
CA PHE I 62 -35.14 -51.20 -6.38
C PHE I 62 -36.63 -51.07 -6.69
N ILE I 63 -37.01 -50.00 -7.38
CA ILE I 63 -38.40 -49.75 -7.78
C ILE I 63 -38.43 -49.02 -9.12
N ALA I 64 -39.57 -49.08 -9.81
CA ALA I 64 -39.72 -48.38 -11.09
C ALA I 64 -41.05 -47.65 -11.26
N GLY I 65 -42.10 -48.13 -10.59
CA GLY I 65 -43.43 -47.54 -10.71
C GLY I 65 -44.21 -48.15 -11.87
N ALA I 66 -45.39 -48.70 -11.57
CA ALA I 66 -46.12 -49.50 -12.55
C ALA I 66 -46.97 -48.69 -13.51
N ASP I 67 -46.75 -48.89 -14.81
CA ASP I 67 -47.60 -48.34 -15.85
C ASP I 67 -48.75 -49.32 -16.10
N ILE I 68 -48.78 -50.40 -15.32
CA ILE I 68 -49.73 -51.48 -15.50
C ILE I 68 -51.19 -51.01 -15.46
N ASN I 69 -51.52 -50.26 -14.42
CA ASN I 69 -52.90 -49.86 -14.17
C ASN I 69 -53.16 -48.39 -14.46
N MET I 70 -52.16 -47.69 -14.98
CA MET I 70 -52.27 -46.25 -15.20
C MET I 70 -53.32 -45.93 -16.27
N LEU I 71 -53.13 -46.48 -17.47
CA LEU I 71 -54.11 -46.32 -18.54
C LEU I 71 -55.07 -47.51 -18.60
N ALA I 72 -54.81 -48.54 -17.78
CA ALA I 72 -55.65 -49.73 -17.76
C ALA I 72 -56.88 -49.52 -16.90
N ALA I 73 -56.66 -49.14 -15.65
CA ALA I 73 -57.75 -48.84 -14.74
C ALA I 73 -58.24 -47.42 -14.96
N CYS I 74 -57.65 -46.76 -15.95
CA CYS I 74 -58.07 -45.42 -16.35
C CYS I 74 -59.52 -45.44 -16.81
N LYS I 75 -60.42 -44.96 -15.96
CA LYS I 75 -61.84 -44.91 -16.32
C LYS I 75 -62.30 -43.47 -16.48
N THR I 76 -62.48 -42.76 -15.37
CA THR I 76 -62.84 -41.36 -15.41
C THR I 76 -61.61 -40.49 -15.16
N LEU I 77 -61.78 -39.18 -15.29
CA LEU I 77 -60.69 -38.24 -15.02
C LEU I 77 -60.24 -38.38 -13.58
N GLN I 78 -61.18 -38.72 -12.70
CA GLN I 78 -60.87 -38.77 -11.27
C GLN I 78 -60.84 -40.18 -10.68
N GLU I 79 -60.96 -41.20 -11.54
CA GLU I 79 -60.62 -42.56 -11.11
C GLU I 79 -59.11 -42.68 -11.09
N VAL I 80 -58.45 -41.77 -11.81
CA VAL I 80 -57.00 -41.65 -11.78
C VAL I 80 -56.58 -40.74 -10.64
N THR I 81 -57.18 -39.55 -10.60
CA THR I 81 -56.96 -38.62 -9.48
C THR I 81 -57.13 -39.35 -8.16
N GLN I 82 -58.13 -40.22 -8.13
CA GLN I 82 -58.39 -41.09 -6.98
C GLN I 82 -57.13 -41.86 -6.61
N LEU I 83 -56.62 -42.66 -7.56
CA LEU I 83 -55.43 -43.46 -7.35
C LEU I 83 -54.31 -42.64 -6.69
N SER I 84 -53.94 -41.53 -7.33
CA SER I 84 -52.87 -40.68 -6.82
C SER I 84 -53.01 -40.45 -5.31
N GLN I 85 -54.21 -40.08 -4.88
CA GLN I 85 -54.47 -39.82 -3.47
C GLN I 85 -54.20 -41.06 -2.62
N GLU I 86 -54.81 -42.18 -3.00
CA GLU I 86 -54.64 -43.43 -2.26
C GLU I 86 -53.16 -43.78 -2.11
N ALA I 87 -52.33 -43.32 -3.04
CA ALA I 87 -50.89 -43.51 -2.97
C ALA I 87 -50.28 -42.53 -1.97
N GLN I 88 -50.56 -41.24 -2.16
CA GLN I 88 -50.11 -40.21 -1.23
C GLN I 88 -50.34 -40.63 0.22
N ARG I 89 -51.51 -41.22 0.47
CA ARG I 89 -51.89 -41.64 1.81
C ARG I 89 -50.88 -42.61 2.39
N ILE I 90 -50.52 -43.64 1.62
CA ILE I 90 -49.62 -44.69 2.11
C ILE I 90 -48.26 -44.11 2.50
N VAL I 91 -47.66 -43.33 1.60
CA VAL I 91 -46.36 -42.74 1.87
C VAL I 91 -46.41 -41.78 3.06
N GLU I 92 -47.49 -41.00 3.17
CA GLU I 92 -47.65 -40.12 4.32
C GLU I 92 -47.61 -40.89 5.63
N LYS I 93 -48.15 -42.11 5.62
CA LYS I 93 -48.05 -42.98 6.78
C LYS I 93 -46.58 -43.21 7.08
N LEU I 94 -45.84 -43.63 6.05
CA LEU I 94 -44.40 -43.85 6.17
C LEU I 94 -43.70 -42.61 6.69
N GLU I 95 -43.88 -41.49 5.99
CA GLU I 95 -43.24 -40.23 6.39
C GLU I 95 -43.50 -39.96 7.86
N LYS I 96 -44.77 -39.92 8.24
CA LYS I 96 -45.16 -39.70 9.62
C LYS I 96 -45.26 -41.04 10.34
N SER I 97 -44.13 -41.75 10.44
CA SER I 97 -44.10 -43.04 11.11
C SER I 97 -43.55 -42.92 12.52
N THR I 98 -44.12 -43.70 13.42
CA THR I 98 -43.69 -43.71 14.81
C THR I 98 -42.40 -44.53 14.95
N LYS I 99 -42.12 -45.33 13.92
CA LYS I 99 -40.94 -46.17 13.88
C LYS I 99 -40.07 -45.79 12.69
N PRO I 100 -38.81 -45.43 12.93
CA PRO I 100 -37.93 -45.07 11.83
C PRO I 100 -37.97 -46.12 10.72
N ILE I 101 -37.87 -45.66 9.48
CA ILE I 101 -37.84 -46.55 8.32
C ILE I 101 -36.71 -46.13 7.38
N VAL I 102 -35.77 -47.05 7.17
CA VAL I 102 -34.63 -46.79 6.31
C VAL I 102 -34.80 -47.41 4.93
N ALA I 103 -34.80 -46.58 3.90
CA ALA I 103 -34.90 -47.05 2.52
C ALA I 103 -33.53 -47.48 2.01
N ALA I 104 -33.38 -48.78 1.78
CA ALA I 104 -32.12 -49.32 1.25
C ALA I 104 -32.25 -49.49 -0.26
N ILE I 105 -31.75 -48.50 -0.99
CA ILE I 105 -31.93 -48.44 -2.43
C ILE I 105 -30.77 -49.09 -3.18
N ASN I 106 -31.00 -50.25 -3.79
CA ASN I 106 -29.96 -50.94 -4.56
C ASN I 106 -29.78 -50.40 -5.97
N GLY I 107 -30.69 -50.79 -6.87
CA GLY I 107 -30.56 -50.45 -8.27
C GLY I 107 -31.42 -49.28 -8.69
N SER I 108 -32.16 -49.45 -9.79
CA SER I 108 -33.02 -48.38 -10.32
C SER I 108 -34.09 -48.00 -9.30
N CYS I 109 -34.19 -46.70 -9.02
CA CYS I 109 -35.20 -46.17 -8.11
C CYS I 109 -35.84 -44.93 -8.74
N LEU I 110 -36.81 -45.15 -9.62
CA LEU I 110 -37.41 -44.06 -10.39
C LEU I 110 -38.90 -43.87 -10.10
N GLY I 111 -39.40 -42.68 -10.44
CA GLY I 111 -40.80 -42.33 -10.25
C GLY I 111 -41.35 -42.73 -8.90
N GLY I 112 -42.38 -43.57 -8.91
CA GLY I 112 -42.96 -44.05 -7.67
C GLY I 112 -41.88 -44.36 -6.65
N GLY I 113 -40.99 -45.27 -7.00
CA GLY I 113 -39.92 -45.70 -6.10
C GLY I 113 -39.29 -44.55 -5.34
N LEU I 114 -38.85 -43.54 -6.08
CA LEU I 114 -38.24 -42.37 -5.46
C LEU I 114 -39.23 -41.68 -4.53
N GLU I 115 -40.50 -41.63 -4.94
CA GLU I 115 -41.54 -40.97 -4.16
C GLU I 115 -41.89 -41.74 -2.89
N VAL I 116 -41.27 -42.90 -2.71
CA VAL I 116 -41.40 -43.67 -1.50
C VAL I 116 -40.19 -43.44 -0.59
N ALA I 117 -39.00 -43.75 -1.11
CA ALA I 117 -37.76 -43.50 -0.39
C ALA I 117 -37.67 -42.03 0.01
N ILE I 118 -38.36 -41.19 -0.74
CA ILE I 118 -38.39 -39.75 -0.47
C ILE I 118 -39.24 -39.47 0.78
N SER I 119 -40.11 -40.40 1.13
CA SER I 119 -40.95 -40.24 2.30
C SER I 119 -40.30 -40.87 3.54
N CYS I 120 -39.59 -41.97 3.34
CA CYS I 120 -38.95 -42.69 4.44
C CYS I 120 -38.02 -41.79 5.24
N GLN I 121 -37.55 -42.30 6.37
CA GLN I 121 -36.76 -41.51 7.31
C GLN I 121 -35.31 -41.34 6.88
N TYR I 122 -34.74 -42.38 6.29
CA TYR I 122 -33.34 -42.35 5.90
C TYR I 122 -33.17 -43.07 4.58
N ARG I 123 -32.56 -42.40 3.61
CA ARG I 123 -32.29 -42.99 2.30
C ARG I 123 -30.82 -43.42 2.21
N ILE I 124 -30.61 -44.67 1.85
CA ILE I 124 -29.26 -45.21 1.68
C ILE I 124 -29.17 -45.94 0.34
N ALA I 125 -28.22 -45.54 -0.50
CA ALA I 125 -28.15 -46.06 -1.85
C ALA I 125 -26.74 -46.48 -2.27
N THR I 126 -26.65 -47.45 -3.16
CA THR I 126 -25.37 -48.00 -3.59
C THR I 126 -24.73 -47.15 -4.68
N LYS I 127 -23.42 -46.93 -4.57
CA LYS I 127 -22.67 -46.18 -5.57
C LYS I 127 -22.50 -47.00 -6.83
N ASP I 128 -23.61 -47.25 -7.54
CA ASP I 128 -23.56 -48.05 -8.74
C ASP I 128 -24.04 -47.24 -9.93
N ARG I 129 -23.65 -47.67 -11.13
CA ARG I 129 -24.09 -47.02 -12.35
C ARG I 129 -25.58 -47.30 -12.60
N LYS I 130 -26.00 -48.54 -12.32
CA LYS I 130 -27.41 -48.92 -12.49
C LYS I 130 -28.30 -48.29 -11.42
N THR I 131 -27.69 -47.86 -10.32
CA THR I 131 -28.40 -47.12 -9.29
C THR I 131 -28.62 -45.69 -9.73
N VAL I 132 -29.83 -45.39 -10.18
CA VAL I 132 -30.19 -44.04 -10.57
C VAL I 132 -31.50 -43.61 -9.91
N LEU I 133 -31.56 -42.35 -9.50
CA LEU I 133 -32.78 -41.80 -8.92
C LEU I 133 -33.32 -40.73 -9.87
N GLY I 134 -34.64 -40.66 -10.01
CA GLY I 134 -35.24 -39.71 -10.94
C GLY I 134 -36.76 -39.70 -10.94
N THR I 135 -37.33 -38.65 -11.52
CA THR I 135 -38.78 -38.52 -11.62
C THR I 135 -39.14 -38.31 -13.08
N PRO I 136 -39.19 -39.41 -13.86
CA PRO I 136 -39.41 -39.36 -15.30
C PRO I 136 -40.88 -39.17 -15.65
N GLU I 137 -41.73 -39.19 -14.63
CA GLU I 137 -43.16 -38.97 -14.79
C GLU I 137 -43.44 -38.02 -15.96
N VAL I 138 -42.73 -36.89 -15.97
CA VAL I 138 -42.90 -35.85 -16.99
C VAL I 138 -42.84 -36.41 -18.40
N LEU I 139 -41.87 -37.29 -18.63
CA LEU I 139 -41.60 -37.78 -19.97
C LEU I 139 -42.81 -38.48 -20.57
N LEU I 140 -43.68 -39.02 -19.71
CA LEU I 140 -44.88 -39.68 -20.19
C LEU I 140 -46.07 -38.72 -20.18
N GLY I 141 -45.77 -37.42 -20.20
CA GLY I 141 -46.81 -36.38 -20.22
C GLY I 141 -47.57 -36.27 -18.91
N ALA I 142 -47.03 -36.88 -17.85
CA ALA I 142 -47.66 -36.87 -16.54
C ALA I 142 -46.78 -36.12 -15.53
N LEU I 143 -47.04 -36.34 -14.24
CA LEU I 143 -46.17 -35.81 -13.19
C LEU I 143 -46.20 -36.72 -11.96
N PRO I 144 -45.25 -36.52 -11.02
CA PRO I 144 -45.19 -37.36 -9.82
C PRO I 144 -46.47 -37.28 -9.01
N GLY I 145 -47.15 -38.42 -8.84
CA GLY I 145 -48.47 -38.43 -8.22
C GLY I 145 -48.48 -38.92 -6.77
N ALA I 146 -47.30 -39.02 -6.16
CA ALA I 146 -47.20 -39.53 -4.79
C ALA I 146 -46.25 -38.70 -3.92
N GLY I 147 -46.52 -37.41 -3.83
CA GLY I 147 -45.78 -36.52 -2.93
C GLY I 147 -44.53 -35.94 -3.54
N GLY I 148 -44.13 -36.45 -4.71
CA GLY I 148 -42.93 -35.98 -5.37
C GLY I 148 -42.90 -34.48 -5.60
N THR I 149 -44.08 -33.90 -5.85
CA THR I 149 -44.19 -32.47 -6.11
C THR I 149 -44.08 -31.66 -4.82
N GLN I 150 -44.09 -32.34 -3.69
CA GLN I 150 -44.08 -31.66 -2.40
C GLN I 150 -42.81 -31.94 -1.59
N ARG I 151 -42.37 -33.20 -1.59
CA ARG I 151 -41.24 -33.61 -0.78
C ARG I 151 -39.90 -33.21 -1.38
N LEU I 152 -39.75 -33.39 -2.69
CA LEU I 152 -38.49 -33.08 -3.37
C LEU I 152 -38.07 -31.62 -3.20
N PRO I 153 -38.99 -30.68 -3.46
CA PRO I 153 -38.67 -29.26 -3.25
C PRO I 153 -38.14 -29.02 -1.85
N LYS I 154 -38.80 -29.65 -0.88
CA LYS I 154 -38.47 -29.46 0.53
C LYS I 154 -37.12 -30.07 0.84
N MET I 155 -36.81 -31.15 0.14
CA MET I 155 -35.62 -31.95 0.43
C MET I 155 -34.38 -31.51 -0.34
N VAL I 156 -34.57 -30.99 -1.54
CA VAL I 156 -33.45 -30.68 -2.43
C VAL I 156 -33.53 -29.28 -3.00
N GLY I 157 -34.15 -28.36 -2.25
CA GLY I 157 -34.31 -26.99 -2.73
C GLY I 157 -35.31 -26.92 -3.87
N VAL I 158 -35.81 -25.72 -4.14
CA VAL I 158 -36.83 -25.53 -5.16
C VAL I 158 -36.27 -25.76 -6.56
N PRO I 159 -35.07 -25.24 -6.85
CA PRO I 159 -34.50 -25.39 -8.19
C PRO I 159 -34.33 -26.85 -8.61
N ALA I 160 -33.36 -27.53 -8.02
CA ALA I 160 -33.05 -28.89 -8.44
C ALA I 160 -34.31 -29.75 -8.46
N ALA I 161 -35.18 -29.55 -7.47
CA ALA I 161 -36.41 -30.33 -7.37
C ALA I 161 -37.28 -30.13 -8.62
N LEU I 162 -37.33 -28.90 -9.12
CA LEU I 162 -38.06 -28.63 -10.35
C LEU I 162 -37.35 -29.32 -11.52
N ASP I 163 -36.08 -28.97 -11.72
CA ASP I 163 -35.26 -29.58 -12.76
C ASP I 163 -35.50 -31.08 -12.81
N MET I 164 -35.36 -31.72 -11.65
CA MET I 164 -35.54 -33.16 -11.53
C MET I 164 -36.89 -33.63 -12.04
N MET I 165 -37.91 -32.82 -11.78
CA MET I 165 -39.29 -33.17 -12.11
C MET I 165 -39.73 -32.62 -13.46
N LEU I 166 -38.90 -31.80 -14.08
CA LEU I 166 -39.23 -31.21 -15.37
C LEU I 166 -38.52 -31.94 -16.50
N THR I 167 -37.24 -32.22 -16.29
CA THR I 167 -36.44 -32.90 -17.30
C THR I 167 -36.60 -34.41 -17.19
N GLY I 168 -37.00 -34.88 -16.01
CA GLY I 168 -37.11 -36.31 -15.74
C GLY I 168 -35.75 -36.99 -15.78
N ARG I 169 -34.70 -36.19 -15.67
CA ARG I 169 -33.34 -36.74 -15.73
C ARG I 169 -33.16 -37.75 -14.61
N SER I 170 -32.35 -38.77 -14.87
CA SER I 170 -31.93 -39.71 -13.83
C SER I 170 -30.68 -39.17 -13.17
N ILE I 171 -30.61 -39.28 -11.85
CA ILE I 171 -29.46 -38.77 -11.12
C ILE I 171 -28.55 -39.92 -10.72
N ARG I 172 -27.24 -39.72 -10.87
CA ARG I 172 -26.25 -40.69 -10.41
C ARG I 172 -26.29 -40.83 -8.89
N ALA I 173 -25.86 -41.99 -8.40
CA ALA I 173 -25.85 -42.21 -6.96
C ALA I 173 -25.11 -41.09 -6.24
N ASP I 174 -23.83 -40.90 -6.57
CA ASP I 174 -22.99 -39.93 -5.88
C ASP I 174 -23.54 -38.51 -6.03
N ARG I 175 -23.99 -38.16 -7.23
CA ARG I 175 -24.62 -36.86 -7.44
C ARG I 175 -25.82 -36.72 -6.50
N ALA I 176 -26.62 -37.77 -6.42
CA ALA I 176 -27.82 -37.77 -5.59
C ALA I 176 -27.48 -37.60 -4.11
N LYS I 177 -26.33 -38.13 -3.72
CA LYS I 177 -25.87 -38.03 -2.34
C LYS I 177 -25.59 -36.57 -1.96
N LYS I 178 -24.62 -35.98 -2.65
CA LYS I 178 -24.21 -34.62 -2.36
C LYS I 178 -25.38 -33.67 -2.54
N MET I 179 -26.29 -34.04 -3.43
CA MET I 179 -27.46 -33.23 -3.75
C MET I 179 -28.43 -33.12 -2.57
N GLY I 180 -28.40 -34.11 -1.69
CA GLY I 180 -29.27 -34.13 -0.51
C GLY I 180 -30.46 -35.05 -0.66
N LEU I 181 -30.57 -35.68 -1.84
CA LEU I 181 -31.64 -36.61 -2.13
C LEU I 181 -31.47 -37.87 -1.29
N VAL I 182 -30.26 -38.40 -1.28
CA VAL I 182 -29.91 -39.57 -0.49
C VAL I 182 -29.11 -39.14 0.74
N ASP I 183 -29.34 -39.82 1.85
CA ASP I 183 -28.71 -39.47 3.12
C ASP I 183 -27.33 -40.09 3.31
N GLN I 184 -27.12 -41.28 2.74
CA GLN I 184 -25.88 -42.01 2.93
C GLN I 184 -25.60 -42.97 1.77
N LEU I 185 -24.32 -43.13 1.42
CA LEU I 185 -23.95 -43.90 0.23
C LEU I 185 -23.05 -45.09 0.57
N VAL I 186 -23.08 -46.12 -0.28
CA VAL I 186 -22.30 -47.34 -0.05
C VAL I 186 -21.81 -48.01 -1.33
N GLU I 187 -20.49 -48.22 -1.41
CA GLU I 187 -19.91 -48.84 -2.59
C GLU I 187 -20.21 -50.34 -2.64
N PRO I 188 -20.46 -50.86 -3.86
CA PRO I 188 -20.74 -52.29 -4.08
C PRO I 188 -19.49 -53.15 -3.90
N LEU I 189 -19.69 -54.40 -3.49
CA LEU I 189 -18.58 -55.24 -3.08
C LEU I 189 -18.04 -56.10 -4.21
N GLY I 190 -16.79 -56.53 -4.06
CA GLY I 190 -16.19 -57.49 -4.99
C GLY I 190 -16.63 -58.89 -4.60
N PRO I 191 -16.13 -59.90 -5.32
CA PRO I 191 -16.49 -61.30 -5.08
C PRO I 191 -16.26 -61.75 -3.64
N GLY I 192 -16.99 -62.77 -3.22
CA GLY I 192 -16.88 -63.31 -1.86
C GLY I 192 -17.29 -64.77 -1.82
N LEU I 193 -18.08 -65.13 -0.80
CA LEU I 193 -18.59 -66.49 -0.69
C LEU I 193 -19.81 -66.65 -1.60
N LYS I 194 -20.47 -65.53 -1.85
CA LYS I 194 -21.58 -65.46 -2.80
C LYS I 194 -21.17 -64.51 -3.93
N PRO I 195 -21.94 -64.50 -5.03
CA PRO I 195 -21.61 -63.58 -6.12
C PRO I 195 -21.70 -62.12 -5.68
N PRO I 196 -21.12 -61.19 -6.47
CA PRO I 196 -20.99 -59.80 -6.04
C PRO I 196 -22.33 -59.14 -5.74
N GLU I 197 -23.19 -59.06 -6.75
CA GLU I 197 -24.52 -58.49 -6.57
C GLU I 197 -25.16 -58.95 -5.27
N GLU I 198 -25.23 -60.27 -5.08
CA GLU I 198 -25.90 -60.86 -3.93
C GLU I 198 -25.27 -60.46 -2.61
N ARG I 199 -23.95 -60.62 -2.52
CA ARG I 199 -23.22 -60.27 -1.30
C ARG I 199 -23.34 -58.77 -1.02
N THR I 200 -23.38 -57.97 -2.09
CA THR I 200 -23.57 -56.53 -1.97
C THR I 200 -24.91 -56.23 -1.30
N ILE I 201 -25.97 -56.73 -1.91
CA ILE I 201 -27.31 -56.60 -1.36
C ILE I 201 -27.29 -56.89 0.14
N GLU I 202 -26.75 -58.05 0.50
CA GLU I 202 -26.63 -58.44 1.90
C GLU I 202 -25.98 -57.31 2.68
N TYR I 203 -24.79 -56.90 2.25
CA TYR I 203 -24.06 -55.84 2.93
C TYR I 203 -24.97 -54.62 3.11
N LEU I 204 -25.61 -54.20 2.03
CA LEU I 204 -26.48 -53.04 2.06
C LEU I 204 -27.53 -53.15 3.15
N GLU I 205 -28.15 -54.32 3.24
CA GLU I 205 -29.13 -54.60 4.29
C GLU I 205 -28.48 -54.48 5.67
N GLU I 206 -27.36 -55.18 5.85
CA GLU I 206 -26.63 -55.18 7.12
C GLU I 206 -26.35 -53.76 7.59
N VAL I 207 -25.98 -52.88 6.65
CA VAL I 207 -25.69 -51.48 6.95
C VAL I 207 -26.98 -50.73 7.25
N ALA I 208 -27.94 -50.82 6.33
CA ALA I 208 -29.24 -50.18 6.51
C ALA I 208 -29.75 -50.44 7.93
N ILE I 209 -29.54 -51.67 8.40
CA ILE I 209 -29.98 -52.08 9.74
C ILE I 209 -29.27 -51.31 10.84
N THR I 210 -27.95 -51.25 10.77
CA THR I 210 -27.16 -50.52 11.77
C THR I 210 -27.64 -49.08 11.87
N PHE I 211 -27.96 -48.49 10.72
CA PHE I 211 -28.52 -47.14 10.68
C PHE I 211 -29.92 -47.13 11.28
N ALA I 212 -30.76 -48.05 10.84
CA ALA I 212 -32.12 -48.18 11.37
C ALA I 212 -32.09 -48.21 12.89
N LYS I 213 -31.37 -49.19 13.45
CA LYS I 213 -31.26 -49.34 14.88
C LYS I 213 -30.89 -48.02 15.55
N GLY I 214 -29.88 -47.36 15.00
CA GLY I 214 -29.41 -46.10 15.54
C GLY I 214 -30.46 -45.01 15.52
N LEU I 215 -31.27 -44.99 14.46
CA LEU I 215 -32.29 -43.94 14.32
C LEU I 215 -33.35 -44.09 15.40
N ALA I 216 -33.73 -45.33 15.67
CA ALA I 216 -34.73 -45.61 16.70
C ALA I 216 -34.27 -45.04 18.05
N ASP I 217 -32.98 -45.14 18.32
CA ASP I 217 -32.43 -44.68 19.58
C ASP I 217 -32.28 -43.16 19.62
N LYS I 218 -32.67 -42.49 18.54
CA LYS I 218 -32.59 -41.03 18.45
C LYS I 218 -31.17 -40.53 18.53
N LYS I 219 -30.25 -41.22 17.88
CA LYS I 219 -28.84 -40.82 17.87
C LYS I 219 -28.39 -40.44 16.47
N ILE I 220 -28.81 -39.25 16.04
CA ILE I 220 -28.47 -38.72 14.74
C ILE I 220 -28.30 -37.20 14.85
N SER I 221 -27.17 -36.79 15.42
CA SER I 221 -26.82 -35.36 15.50
C SER I 221 -25.58 -34.98 14.68
N PRO I 222 -25.05 -35.91 13.86
CA PRO I 222 -23.93 -35.57 13.00
C PRO I 222 -24.38 -35.33 11.55
N LYS I 223 -24.77 -34.10 11.26
CA LYS I 223 -25.22 -33.72 9.92
C LYS I 223 -24.07 -33.07 9.16
N ARG I 224 -24.24 -32.86 7.87
CA ARG I 224 -23.19 -32.26 7.05
C ARG I 224 -23.34 -30.75 6.91
N ASP I 225 -22.30 -30.11 6.39
CA ASP I 225 -22.33 -28.66 6.15
C ASP I 225 -22.43 -28.38 4.66
N LYS I 226 -23.22 -27.37 4.32
CA LYS I 226 -23.46 -27.02 2.93
C LYS I 226 -22.41 -26.05 2.43
N GLY I 227 -21.87 -25.23 3.34
CA GLY I 227 -20.84 -24.27 2.99
C GLY I 227 -21.36 -22.84 3.05
N LEU I 228 -20.77 -21.97 2.25
CA LEU I 228 -21.18 -20.56 2.22
C LEU I 228 -22.08 -20.28 1.03
N VAL I 229 -21.84 -20.96 -0.08
CA VAL I 229 -22.64 -20.77 -1.28
C VAL I 229 -24.03 -21.37 -1.10
N GLU I 230 -24.08 -22.62 -0.63
CA GLU I 230 -25.33 -23.33 -0.46
C GLU I 230 -26.15 -22.74 0.69
N LYS I 231 -25.46 -22.26 1.72
CA LYS I 231 -26.14 -21.64 2.86
C LYS I 231 -26.85 -20.34 2.45
N LEU I 232 -26.22 -19.59 1.55
CA LEU I 232 -26.81 -18.34 1.06
C LEU I 232 -27.96 -18.64 0.11
N THR I 233 -27.64 -19.30 -0.99
CA THR I 233 -28.63 -19.63 -2.01
C THR I 233 -29.87 -20.28 -1.42
N ALA I 234 -29.67 -21.12 -0.40
CA ALA I 234 -30.80 -21.78 0.26
C ALA I 234 -31.59 -20.77 1.08
N TYR I 235 -30.89 -19.85 1.75
CA TYR I 235 -31.55 -18.80 2.50
C TYR I 235 -32.35 -17.90 1.58
N ALA I 236 -31.71 -17.42 0.53
CA ALA I 236 -32.34 -16.55 -0.46
C ALA I 236 -33.64 -17.15 -1.01
N MET I 237 -33.75 -18.46 -0.92
CA MET I 237 -34.93 -19.17 -1.40
C MET I 237 -36.06 -19.12 -0.37
N THR I 238 -35.76 -18.63 0.83
CA THR I 238 -36.77 -18.44 1.86
C THR I 238 -37.64 -17.22 1.55
N ILE I 239 -37.08 -16.27 0.81
CA ILE I 239 -37.77 -15.03 0.47
C ILE I 239 -38.76 -15.25 -0.67
N PRO I 240 -40.05 -14.91 -0.45
CA PRO I 240 -41.10 -15.23 -1.41
C PRO I 240 -40.92 -14.58 -2.78
N PHE I 241 -40.56 -13.29 -2.81
CA PHE I 241 -40.42 -12.59 -4.09
C PHE I 241 -39.25 -13.14 -4.89
N VAL I 242 -38.32 -13.81 -4.22
CA VAL I 242 -37.23 -14.50 -4.89
C VAL I 242 -37.78 -15.75 -5.58
N ARG I 243 -38.55 -16.54 -4.83
CA ARG I 243 -39.18 -17.75 -5.37
C ARG I 243 -40.05 -17.43 -6.59
N GLN I 244 -40.70 -16.28 -6.55
CA GLN I 244 -41.49 -15.83 -7.69
C GLN I 244 -40.61 -15.69 -8.91
N GLN I 245 -39.49 -14.98 -8.75
CA GLN I 245 -38.57 -14.77 -9.85
C GLN I 245 -38.02 -16.10 -10.38
N VAL I 246 -37.97 -17.11 -9.52
CA VAL I 246 -37.55 -18.45 -9.94
C VAL I 246 -38.65 -19.14 -10.73
N TYR I 247 -39.86 -19.21 -10.18
CA TYR I 247 -40.99 -19.81 -10.91
C TYR I 247 -41.15 -19.17 -12.28
N LYS I 248 -40.92 -17.86 -12.34
CA LYS I 248 -41.05 -17.11 -13.58
C LYS I 248 -39.95 -17.50 -14.56
N LYS I 249 -38.70 -17.34 -14.15
CA LYS I 249 -37.56 -17.64 -15.03
C LYS I 249 -37.60 -19.08 -15.52
N VAL I 250 -38.09 -19.99 -14.69
CA VAL I 250 -38.25 -21.39 -15.07
C VAL I 250 -39.39 -21.54 -16.07
N GLU I 251 -40.59 -21.15 -15.67
CA GLU I 251 -41.75 -21.21 -16.53
C GLU I 251 -41.39 -20.65 -17.90
N GLU I 252 -40.74 -19.50 -17.91
CA GLU I 252 -40.29 -18.86 -19.13
C GLU I 252 -39.41 -19.79 -19.94
N LYS I 253 -38.42 -20.38 -19.28
CA LYS I 253 -37.49 -21.28 -19.96
C LYS I 253 -38.25 -22.46 -20.54
N VAL I 254 -39.05 -23.13 -19.70
CA VAL I 254 -39.89 -24.22 -20.17
C VAL I 254 -40.73 -23.75 -21.35
N ARG I 255 -41.61 -22.80 -21.09
CA ARG I 255 -42.47 -22.22 -22.12
C ARG I 255 -41.74 -22.18 -23.47
N LYS I 256 -40.63 -21.45 -23.50
CA LYS I 256 -39.96 -21.15 -24.76
C LYS I 256 -39.22 -22.35 -25.35
N GLN I 257 -38.71 -23.23 -24.50
CA GLN I 257 -38.04 -24.43 -24.97
C GLN I 257 -39.05 -25.55 -25.23
N THR I 258 -40.25 -25.37 -24.68
CA THR I 258 -41.34 -26.32 -24.90
C THR I 258 -42.13 -25.94 -26.13
N LYS I 259 -42.04 -24.67 -26.51
CA LYS I 259 -42.92 -24.07 -27.51
C LYS I 259 -44.37 -24.08 -27.01
N GLY I 260 -44.56 -24.52 -25.77
CA GLY I 260 -45.85 -24.46 -25.10
C GLY I 260 -46.79 -25.61 -25.41
N LEU I 261 -46.33 -26.56 -26.22
CA LEU I 261 -47.20 -27.64 -26.70
C LEU I 261 -47.43 -28.73 -25.65
N TYR I 262 -46.55 -28.80 -24.66
CA TYR I 262 -46.61 -29.86 -23.65
C TYR I 262 -47.14 -29.30 -22.34
N PRO I 263 -48.15 -29.98 -21.75
CA PRO I 263 -48.88 -29.48 -20.60
C PRO I 263 -48.26 -29.84 -19.25
N ALA I 264 -47.73 -31.05 -19.14
CA ALA I 264 -47.20 -31.54 -17.87
C ALA I 264 -46.10 -30.63 -17.31
N PRO I 265 -45.12 -30.24 -18.13
CA PRO I 265 -44.05 -29.38 -17.65
C PRO I 265 -44.55 -28.08 -17.02
N LEU I 266 -45.65 -27.55 -17.56
CA LEU I 266 -46.22 -26.31 -17.06
C LEU I 266 -47.02 -26.53 -15.79
N LYS I 267 -47.79 -27.62 -15.75
CA LYS I 267 -48.62 -27.96 -14.60
C LYS I 267 -47.79 -28.41 -13.40
N ILE I 268 -46.58 -28.90 -13.67
CA ILE I 268 -45.66 -29.31 -12.60
C ILE I 268 -45.12 -28.08 -11.88
N ILE I 269 -44.78 -27.04 -12.64
CA ILE I 269 -44.34 -25.78 -12.07
C ILE I 269 -45.39 -25.20 -11.12
N ASP I 270 -46.67 -25.40 -11.46
CA ASP I 270 -47.76 -24.97 -10.59
C ASP I 270 -47.81 -25.82 -9.32
N VAL I 271 -48.12 -27.10 -9.47
CA VAL I 271 -48.31 -27.98 -8.33
C VAL I 271 -47.22 -27.79 -7.27
N VAL I 272 -45.99 -27.59 -7.71
CA VAL I 272 -44.89 -27.32 -6.79
C VAL I 272 -45.14 -26.00 -6.07
N LYS I 273 -45.45 -24.96 -6.84
CA LYS I 273 -45.70 -23.63 -6.29
C LYS I 273 -46.95 -23.61 -5.40
N THR I 274 -48.06 -24.14 -5.93
CA THR I 274 -49.33 -24.14 -5.21
C THR I 274 -49.32 -25.10 -4.03
N GLY I 275 -48.13 -25.56 -3.64
CA GLY I 275 -47.98 -26.46 -2.50
C GLY I 275 -47.00 -25.92 -1.49
N ILE I 276 -45.95 -25.26 -1.98
CA ILE I 276 -44.94 -24.65 -1.12
C ILE I 276 -45.25 -23.18 -0.89
N GLU I 277 -46.25 -22.66 -1.60
CA GLU I 277 -46.75 -21.31 -1.34
C GLU I 277 -48.04 -21.41 -0.52
N GLN I 278 -48.88 -22.38 -0.88
CA GLN I 278 -50.02 -22.74 -0.05
C GLN I 278 -49.64 -23.94 0.82
N GLY I 279 -50.62 -24.52 1.50
CA GLY I 279 -50.34 -25.62 2.42
C GLY I 279 -49.95 -26.89 1.70
N SER I 280 -49.24 -27.77 2.40
CA SER I 280 -48.92 -29.09 1.87
C SER I 280 -50.23 -29.81 1.54
N ASP I 281 -51.24 -29.60 2.38
CA ASP I 281 -52.57 -30.14 2.11
C ASP I 281 -53.08 -29.66 0.75
N ALA I 282 -52.88 -28.38 0.48
CA ALA I 282 -53.28 -27.78 -0.80
C ALA I 282 -52.47 -28.35 -1.96
N GLY I 283 -51.18 -28.59 -1.72
CA GLY I 283 -50.29 -29.18 -2.71
C GLY I 283 -50.68 -30.60 -3.05
N TYR I 284 -50.49 -31.51 -2.11
CA TYR I 284 -50.80 -32.93 -2.31
C TYR I 284 -52.10 -33.14 -3.09
N LEU I 285 -53.10 -32.33 -2.79
CA LEU I 285 -54.42 -32.49 -3.42
C LEU I 285 -54.53 -31.71 -4.72
N CYS I 286 -53.53 -30.87 -5.00
CA CYS I 286 -53.41 -30.27 -6.33
C CYS I 286 -52.65 -31.25 -7.22
N GLU I 287 -51.54 -31.75 -6.69
CA GLU I 287 -50.79 -32.80 -7.35
C GLU I 287 -51.74 -33.90 -7.76
N SER I 288 -52.43 -34.48 -6.78
CA SER I 288 -53.32 -35.61 -7.01
C SER I 288 -54.28 -35.38 -8.17
N GLN I 289 -54.93 -34.22 -8.16
CA GLN I 289 -55.91 -33.89 -9.18
C GLN I 289 -55.24 -33.63 -10.53
N LYS I 290 -54.25 -32.74 -10.53
CA LYS I 290 -53.57 -32.35 -11.76
C LYS I 290 -52.71 -33.48 -12.30
N PHE I 291 -52.61 -34.58 -11.55
CA PHE I 291 -51.97 -35.79 -12.04
C PHE I 291 -52.89 -36.46 -13.04
N GLY I 292 -54.01 -36.97 -12.57
CA GLY I 292 -55.01 -37.60 -13.44
C GLY I 292 -55.50 -36.66 -14.52
N GLU I 293 -55.56 -35.37 -14.19
CA GLU I 293 -55.93 -34.34 -15.16
C GLU I 293 -54.98 -34.37 -16.37
N LEU I 294 -53.74 -34.79 -16.13
CA LEU I 294 -52.74 -34.94 -17.18
C LEU I 294 -52.86 -36.30 -17.87
N VAL I 295 -52.87 -37.37 -17.09
CA VAL I 295 -52.96 -38.73 -17.63
C VAL I 295 -54.02 -38.81 -18.74
N MET I 296 -55.04 -37.98 -18.63
CA MET I 296 -56.12 -37.93 -19.63
C MET I 296 -55.76 -37.07 -20.84
N THR I 297 -54.76 -36.19 -20.69
CA THR I 297 -54.40 -35.28 -21.77
C THR I 297 -53.95 -36.05 -23.01
N LYS I 298 -54.20 -35.47 -24.19
CA LYS I 298 -53.89 -36.12 -25.45
C LYS I 298 -52.41 -36.41 -25.60
N GLU I 299 -51.58 -35.48 -25.14
CA GLU I 299 -50.13 -35.61 -25.25
C GLU I 299 -49.63 -36.83 -24.48
N SER I 300 -49.98 -36.89 -23.19
CA SER I 300 -49.59 -38.02 -22.32
C SER I 300 -49.91 -39.36 -22.94
N LYS I 301 -51.11 -39.48 -23.49
CA LYS I 301 -51.52 -40.70 -24.20
C LYS I 301 -50.53 -40.99 -25.30
N ALA I 302 -50.17 -39.95 -26.04
CA ALA I 302 -49.26 -40.08 -27.18
C ALA I 302 -47.87 -40.55 -26.77
N LEU I 303 -47.35 -39.97 -25.69
CA LEU I 303 -45.99 -40.26 -25.24
C LEU I 303 -45.89 -41.66 -24.63
N MET I 304 -46.92 -42.06 -23.89
CA MET I 304 -46.97 -43.41 -23.35
C MET I 304 -46.76 -44.39 -24.50
N GLY I 305 -47.45 -44.12 -25.60
CA GLY I 305 -47.30 -44.93 -26.80
C GLY I 305 -45.86 -44.93 -27.26
N LEU I 306 -45.28 -43.74 -27.40
CA LEU I 306 -43.90 -43.61 -27.84
C LEU I 306 -42.95 -44.31 -26.87
N TYR I 307 -43.31 -44.31 -25.59
CA TYR I 307 -42.50 -44.98 -24.59
C TYR I 307 -42.51 -46.48 -24.84
N HIS I 308 -43.71 -47.04 -24.95
CA HIS I 308 -43.86 -48.46 -25.16
C HIS I 308 -43.14 -48.90 -26.42
N GLY I 309 -43.48 -48.28 -27.55
CA GLY I 309 -42.84 -48.58 -28.82
C GLY I 309 -41.34 -48.64 -28.67
N GLN I 310 -40.80 -47.77 -27.82
CA GLN I 310 -39.37 -47.70 -27.56
C GLN I 310 -38.88 -48.90 -26.75
N VAL I 311 -39.75 -49.43 -25.90
CA VAL I 311 -39.41 -50.62 -25.13
C VAL I 311 -39.21 -51.79 -26.09
N LEU I 312 -40.15 -51.95 -27.03
CA LEU I 312 -40.09 -53.00 -28.03
C LEU I 312 -38.93 -52.78 -28.99
N CYS I 313 -38.81 -51.55 -29.50
CA CYS I 313 -37.77 -51.22 -30.47
C CYS I 313 -36.35 -51.37 -29.89
N LYS I 314 -36.25 -51.66 -28.59
CA LYS I 314 -34.96 -51.90 -27.94
C LYS I 314 -34.74 -53.38 -27.67
N LYS I 315 -35.65 -54.21 -28.16
CA LYS I 315 -35.55 -55.66 -28.04
C LYS I 315 -35.36 -56.28 -29.42
N ASN I 316 -34.64 -57.39 -29.48
CA ASN I 316 -34.32 -58.00 -30.76
C ASN I 316 -35.54 -58.71 -31.36
N LYS I 317 -35.99 -58.20 -32.50
CA LYS I 317 -37.12 -58.76 -33.23
C LYS I 317 -36.84 -60.21 -33.63
N PHE I 318 -35.58 -60.53 -33.90
CA PHE I 318 -35.21 -61.84 -34.43
C PHE I 318 -34.46 -62.74 -33.44
N GLY I 319 -34.34 -62.30 -32.19
CA GLY I 319 -33.62 -63.08 -31.19
C GLY I 319 -32.15 -63.24 -31.53
N ALA I 320 -31.41 -63.91 -30.66
CA ALA I 320 -29.96 -64.02 -30.79
C ALA I 320 -29.54 -64.57 -32.15
N PRO I 321 -28.41 -64.06 -32.69
CA PRO I 321 -27.83 -64.67 -33.88
C PRO I 321 -26.97 -65.86 -33.50
N GLN I 322 -26.35 -66.50 -34.48
CA GLN I 322 -25.48 -67.64 -34.24
C GLN I 322 -24.09 -67.17 -33.82
N LYS I 323 -23.59 -66.16 -34.52
CA LYS I 323 -22.28 -65.60 -34.23
C LYS I 323 -22.40 -64.17 -33.71
N ASP I 324 -22.15 -63.99 -32.43
CA ASP I 324 -22.14 -62.66 -31.83
C ASP I 324 -20.96 -61.90 -32.40
N VAL I 325 -21.23 -60.77 -33.06
CA VAL I 325 -20.16 -59.97 -33.64
C VAL I 325 -19.16 -59.61 -32.56
N LYS I 326 -17.93 -60.08 -32.72
CA LYS I 326 -16.86 -59.82 -31.77
C LYS I 326 -15.80 -58.91 -32.39
N HIS I 327 -15.68 -58.95 -33.71
CA HIS I 327 -14.72 -58.13 -34.42
C HIS I 327 -15.42 -57.30 -35.49
N LEU I 328 -15.49 -55.99 -35.26
CA LEU I 328 -16.16 -55.09 -36.19
C LEU I 328 -15.15 -54.33 -37.04
N ALA I 329 -15.63 -53.77 -38.15
CA ALA I 329 -14.80 -52.96 -39.03
C ALA I 329 -15.65 -51.89 -39.71
N ILE I 330 -15.42 -50.64 -39.33
CA ILE I 330 -16.12 -49.53 -39.96
C ILE I 330 -15.31 -49.05 -41.16
N LEU I 331 -16.02 -48.72 -42.24
CA LEU I 331 -15.36 -48.25 -43.45
C LEU I 331 -15.67 -46.77 -43.69
N GLY I 332 -14.71 -45.92 -43.35
CA GLY I 332 -14.82 -44.48 -43.58
C GLY I 332 -14.73 -43.65 -42.31
N ALA I 333 -13.50 -43.29 -41.94
CA ALA I 333 -13.27 -42.45 -40.77
C ALA I 333 -13.77 -41.03 -41.03
N GLY I 334 -14.99 -40.92 -41.51
CA GLY I 334 -15.62 -39.62 -41.71
C GLY I 334 -16.21 -39.17 -40.39
N LEU I 335 -17.44 -38.65 -40.45
CA LEU I 335 -18.13 -38.23 -39.24
C LEU I 335 -18.94 -39.39 -38.70
N MET I 336 -19.79 -39.96 -39.55
CA MET I 336 -20.67 -41.04 -39.14
C MET I 336 -19.89 -42.33 -38.95
N GLY I 337 -18.65 -42.37 -39.43
CA GLY I 337 -17.77 -43.49 -39.17
C GLY I 337 -17.29 -43.46 -37.74
N ALA I 338 -16.53 -42.42 -37.41
CA ALA I 338 -16.06 -42.22 -36.04
C ALA I 338 -17.24 -42.25 -35.09
N GLY I 339 -18.26 -41.45 -35.40
CA GLY I 339 -19.51 -41.49 -34.66
C GLY I 339 -19.91 -42.93 -34.36
N ILE I 340 -20.01 -43.75 -35.41
CA ILE I 340 -20.35 -45.17 -35.24
C ILE I 340 -19.28 -45.91 -34.45
N ALA I 341 -18.03 -45.71 -34.83
CA ALA I 341 -16.91 -46.36 -34.15
C ALA I 341 -17.04 -46.20 -32.65
N GLN I 342 -17.05 -44.95 -32.18
CA GLN I 342 -17.15 -44.63 -30.77
C GLN I 342 -18.30 -45.33 -30.05
N VAL I 343 -19.45 -45.41 -30.71
CA VAL I 343 -20.63 -46.02 -30.13
C VAL I 343 -20.42 -47.53 -29.98
N SER I 344 -19.47 -48.07 -30.73
CA SER I 344 -19.16 -49.49 -30.69
C SER I 344 -18.00 -49.76 -29.73
N VAL I 345 -16.90 -49.02 -29.90
CA VAL I 345 -15.69 -49.22 -29.10
C VAL I 345 -15.97 -49.16 -27.61
N ASP I 346 -16.65 -48.09 -27.18
CA ASP I 346 -16.89 -47.87 -25.77
C ASP I 346 -17.77 -48.98 -25.19
N LYS I 347 -18.52 -49.66 -26.05
CA LYS I 347 -19.34 -50.79 -25.62
C LYS I 347 -18.49 -52.04 -25.36
N GLY I 348 -17.26 -52.03 -25.88
CA GLY I 348 -16.34 -53.14 -25.69
C GLY I 348 -16.04 -53.87 -26.99
N LEU I 349 -16.81 -53.56 -28.02
CA LEU I 349 -16.62 -54.17 -29.33
C LEU I 349 -15.28 -53.75 -29.90
N LYS I 350 -14.40 -54.73 -30.14
CA LYS I 350 -13.11 -54.43 -30.76
C LYS I 350 -13.34 -54.08 -32.22
N THR I 351 -13.27 -52.80 -32.53
CA THR I 351 -13.59 -52.32 -33.88
C THR I 351 -12.37 -51.86 -34.64
N ILE I 352 -12.47 -51.91 -35.97
CA ILE I 352 -11.38 -51.51 -36.86
C ILE I 352 -11.85 -50.39 -37.76
N LEU I 353 -11.27 -49.20 -37.58
CA LEU I 353 -11.65 -48.05 -38.39
C LEU I 353 -10.70 -47.93 -39.57
N LYS I 354 -11.24 -47.95 -40.78
CA LYS I 354 -10.43 -47.86 -42.00
C LYS I 354 -10.79 -46.63 -42.82
N ASP I 355 -9.77 -46.03 -43.44
CA ASP I 355 -9.98 -44.92 -44.36
C ASP I 355 -8.82 -44.78 -45.33
N ALA I 356 -9.03 -43.98 -46.38
CA ALA I 356 -8.05 -43.82 -47.45
C ALA I 356 -6.73 -43.13 -47.10
N THR I 357 -6.79 -41.83 -46.84
CA THR I 357 -5.59 -41.06 -46.52
C THR I 357 -5.43 -41.10 -45.01
N LEU I 358 -4.20 -40.91 -44.55
CA LEU I 358 -3.92 -40.88 -43.13
C LEU I 358 -4.63 -39.70 -42.47
N THR I 359 -4.70 -38.58 -43.18
CA THR I 359 -5.32 -37.37 -42.68
C THR I 359 -6.75 -37.62 -42.21
N ALA I 360 -7.56 -38.24 -43.07
CA ALA I 360 -8.96 -38.50 -42.75
C ALA I 360 -9.09 -39.57 -41.67
N LEU I 361 -8.12 -40.47 -41.61
CA LEU I 361 -8.11 -41.52 -40.59
C LEU I 361 -7.94 -40.90 -39.21
N ASP I 362 -7.24 -39.77 -39.16
CA ASP I 362 -7.01 -39.05 -37.91
C ASP I 362 -8.30 -38.37 -37.44
N ARG I 363 -8.81 -37.44 -38.23
CA ARG I 363 -10.05 -36.75 -37.89
C ARG I 363 -11.01 -37.70 -37.18
N GLY I 364 -11.23 -38.85 -37.80
CA GLY I 364 -12.10 -39.87 -37.24
C GLY I 364 -11.60 -40.31 -35.88
N GLN I 365 -10.35 -40.78 -35.85
CA GLN I 365 -9.72 -41.20 -34.60
C GLN I 365 -9.85 -40.12 -33.53
N GLN I 366 -9.82 -38.86 -33.95
CA GLN I 366 -9.92 -37.75 -33.00
C GLN I 366 -11.32 -37.66 -32.41
N GLN I 367 -12.32 -37.62 -33.27
CA GLN I 367 -13.70 -37.60 -32.81
C GLN I 367 -13.91 -38.67 -31.76
N VAL I 368 -13.69 -39.93 -32.14
CA VAL I 368 -13.91 -41.06 -31.26
C VAL I 368 -13.16 -40.87 -29.94
N PHE I 369 -11.96 -40.28 -30.01
CA PHE I 369 -11.23 -39.91 -28.79
C PHE I 369 -12.02 -38.82 -28.07
N LYS I 370 -11.99 -37.61 -28.60
CA LYS I 370 -12.68 -36.49 -27.97
C LYS I 370 -13.98 -36.96 -27.35
N GLY I 371 -14.79 -37.64 -28.16
CA GLY I 371 -16.04 -38.19 -27.68
C GLY I 371 -15.88 -38.83 -26.31
N LEU I 372 -14.99 -39.82 -26.24
CA LEU I 372 -14.73 -40.49 -24.97
C LEU I 372 -14.29 -39.47 -23.92
N ASN I 373 -13.32 -38.63 -24.29
CA ASN I 373 -12.73 -37.66 -23.37
C ASN I 373 -13.76 -36.69 -22.81
N ASP I 374 -14.74 -36.31 -23.63
CA ASP I 374 -15.83 -35.47 -23.17
C ASP I 374 -16.62 -36.24 -22.12
N LYS I 375 -16.87 -37.52 -22.39
CA LYS I 375 -17.60 -38.37 -21.45
C LYS I 375 -16.86 -38.48 -20.12
N VAL I 376 -15.54 -38.24 -20.15
CA VAL I 376 -14.74 -38.23 -18.94
C VAL I 376 -15.07 -36.99 -18.12
N LYS I 377 -15.01 -35.83 -18.78
CA LYS I 377 -15.34 -34.57 -18.12
C LYS I 377 -16.74 -34.61 -17.50
N LYS I 378 -17.71 -35.10 -18.26
CA LYS I 378 -19.07 -35.26 -17.77
C LYS I 378 -19.13 -36.24 -16.60
N LYS I 379 -17.97 -36.71 -16.16
CA LYS I 379 -17.88 -37.61 -15.02
C LYS I 379 -18.59 -38.93 -15.30
N ALA I 380 -18.50 -39.39 -16.55
CA ALA I 380 -19.14 -40.64 -16.95
C ALA I 380 -18.08 -41.70 -17.29
N LEU I 381 -16.84 -41.27 -17.47
CA LEU I 381 -15.75 -42.20 -17.74
C LEU I 381 -14.48 -41.79 -16.98
N THR I 382 -13.70 -42.79 -16.57
CA THR I 382 -12.41 -42.54 -15.94
C THR I 382 -11.42 -42.19 -17.03
N SER I 383 -10.44 -41.36 -16.69
CA SER I 383 -9.34 -41.07 -17.61
C SER I 383 -8.77 -42.38 -18.15
N PHE I 384 -8.55 -43.34 -17.24
CA PHE I 384 -7.99 -44.63 -17.61
C PHE I 384 -8.93 -45.43 -18.50
N GLU I 385 -10.21 -45.50 -18.10
CA GLU I 385 -11.23 -46.16 -18.91
C GLU I 385 -11.20 -45.61 -20.33
N ARG I 386 -11.19 -44.29 -20.45
CA ARG I 386 -11.09 -43.65 -21.75
C ARG I 386 -9.89 -44.17 -22.52
N ASP I 387 -8.70 -43.90 -21.99
CA ASP I 387 -7.46 -44.32 -22.64
C ASP I 387 -7.49 -45.81 -23.01
N SER I 388 -8.05 -46.62 -22.12
CA SER I 388 -8.14 -48.06 -22.35
C SER I 388 -9.10 -48.39 -23.49
N ILE I 389 -10.31 -47.84 -23.41
CA ILE I 389 -11.31 -48.02 -24.45
C ILE I 389 -10.74 -47.67 -25.83
N PHE I 390 -9.97 -46.59 -25.88
CA PHE I 390 -9.43 -46.11 -27.14
C PHE I 390 -8.46 -47.11 -27.78
N SER I 391 -7.95 -48.05 -26.99
CA SER I 391 -7.04 -49.08 -27.50
C SER I 391 -7.78 -50.12 -28.36
N ASN I 392 -9.04 -50.39 -28.01
CA ASN I 392 -9.89 -51.28 -28.80
C ASN I 392 -10.09 -50.77 -30.22
N LEU I 393 -9.92 -49.46 -30.41
CA LEU I 393 -10.09 -48.83 -31.71
C LEU I 393 -8.78 -48.84 -32.50
N THR I 394 -8.57 -49.88 -33.29
CA THR I 394 -7.37 -49.97 -34.13
C THR I 394 -7.66 -49.43 -35.52
N GLY I 395 -7.16 -48.24 -35.79
CA GLY I 395 -7.38 -47.58 -37.07
C GLY I 395 -6.29 -47.89 -38.07
N GLN I 396 -6.65 -47.93 -39.36
CA GLN I 396 -5.71 -48.27 -40.40
C GLN I 396 -6.20 -47.78 -41.76
N LEU I 397 -5.31 -47.82 -42.75
CA LEU I 397 -5.66 -47.44 -44.11
C LEU I 397 -5.98 -48.67 -44.94
N ASP I 398 -5.09 -49.66 -44.92
CA ASP I 398 -5.28 -50.91 -45.64
C ASP I 398 -5.99 -51.95 -44.76
N TYR I 399 -6.72 -52.86 -45.41
CA TYR I 399 -7.45 -53.91 -44.68
C TYR I 399 -6.49 -54.99 -44.20
N GLN I 400 -6.03 -54.86 -42.95
CA GLN I 400 -5.03 -55.79 -42.44
C GLN I 400 -5.70 -56.91 -41.65
N GLY I 401 -6.52 -56.54 -40.67
CA GLY I 401 -7.16 -57.52 -39.80
C GLY I 401 -8.50 -58.03 -40.33
N PHE I 402 -8.95 -57.45 -41.45
CA PHE I 402 -10.26 -57.80 -42.02
C PHE I 402 -10.46 -59.31 -42.15
N GLU I 403 -9.36 -60.03 -42.28
CA GLU I 403 -9.36 -61.49 -42.32
C GLU I 403 -10.21 -62.14 -41.22
N LYS I 404 -10.39 -61.42 -40.11
CA LYS I 404 -11.09 -61.96 -38.95
C LYS I 404 -12.37 -61.17 -38.62
N ALA I 405 -12.88 -60.42 -39.59
CA ALA I 405 -14.04 -59.55 -39.37
C ALA I 405 -15.37 -60.32 -39.30
N ASP I 406 -16.09 -60.15 -38.20
CA ASP I 406 -17.39 -60.81 -38.03
C ASP I 406 -18.52 -59.97 -38.63
N MET I 407 -18.37 -58.65 -38.58
CA MET I 407 -19.28 -57.73 -39.26
C MET I 407 -18.49 -56.58 -39.88
N VAL I 408 -19.04 -55.97 -40.92
CA VAL I 408 -18.41 -54.82 -41.57
C VAL I 408 -19.44 -53.77 -41.93
N ILE I 409 -19.13 -52.51 -41.63
CA ILE I 409 -20.07 -51.43 -41.87
C ILE I 409 -19.49 -50.38 -42.83
N GLU I 410 -20.17 -50.17 -43.95
CA GLU I 410 -19.78 -49.17 -44.92
C GLU I 410 -20.33 -47.80 -44.51
N ALA I 411 -19.49 -46.78 -44.59
CA ALA I 411 -19.90 -45.42 -44.26
C ALA I 411 -19.27 -44.40 -45.21
N VAL I 412 -19.20 -44.77 -46.49
CA VAL I 412 -18.58 -43.92 -47.50
C VAL I 412 -19.65 -43.10 -48.22
N PHE I 413 -19.23 -42.29 -49.18
CA PHE I 413 -20.12 -41.37 -49.87
C PHE I 413 -21.36 -42.08 -50.44
N GLU I 414 -22.35 -41.30 -50.84
CA GLU I 414 -23.56 -41.83 -51.45
C GLU I 414 -23.37 -41.93 -52.97
N ASP I 415 -22.42 -42.77 -53.37
CA ASP I 415 -22.16 -43.03 -54.78
C ASP I 415 -22.19 -44.54 -55.00
N LEU I 416 -23.16 -45.00 -55.78
CA LEU I 416 -23.34 -46.43 -55.98
C LEU I 416 -22.11 -47.08 -56.60
N SER I 417 -21.49 -46.40 -57.56
CA SER I 417 -20.25 -46.86 -58.18
C SER I 417 -19.23 -47.18 -57.10
N LEU I 418 -19.11 -46.26 -56.15
CA LEU I 418 -18.17 -46.40 -55.04
C LEU I 418 -18.61 -47.55 -54.14
N LYS I 419 -19.86 -47.50 -53.70
CA LYS I 419 -20.42 -48.50 -52.79
C LYS I 419 -20.18 -49.91 -53.30
N HIS I 420 -20.08 -50.05 -54.62
CA HIS I 420 -19.80 -51.33 -55.22
C HIS I 420 -18.32 -51.68 -55.13
N ARG I 421 -17.47 -50.78 -55.61
CA ARG I 421 -16.02 -50.97 -55.55
C ARG I 421 -15.59 -51.49 -54.18
N VAL I 422 -16.09 -50.85 -53.14
CA VAL I 422 -15.76 -51.20 -51.76
C VAL I 422 -16.29 -52.59 -51.41
N LEU I 423 -17.59 -52.80 -51.63
CA LEU I 423 -18.22 -54.07 -51.35
C LEU I 423 -17.46 -55.23 -52.01
N LYS I 424 -16.95 -55.00 -53.21
CA LYS I 424 -16.13 -55.99 -53.92
C LYS I 424 -14.84 -56.25 -53.15
N GLU I 425 -14.04 -55.20 -53.00
CA GLU I 425 -12.76 -55.27 -52.30
C GLU I 425 -12.90 -55.98 -50.97
N VAL I 426 -13.80 -55.47 -50.13
CA VAL I 426 -14.02 -55.99 -48.77
C VAL I 426 -14.46 -57.44 -48.75
N GLU I 427 -15.45 -57.78 -49.58
CA GLU I 427 -16.00 -59.12 -49.60
C GLU I 427 -14.95 -60.14 -50.02
N ALA I 428 -13.89 -59.65 -50.67
CA ALA I 428 -12.82 -60.50 -51.16
C ALA I 428 -11.78 -60.85 -50.09
N VAL I 429 -11.87 -60.21 -48.93
CA VAL I 429 -10.91 -60.45 -47.85
C VAL I 429 -11.57 -60.84 -46.52
N ILE I 430 -12.87 -60.66 -46.41
CA ILE I 430 -13.58 -61.03 -45.18
C ILE I 430 -14.05 -62.47 -45.24
N PRO I 431 -14.14 -63.13 -44.08
CA PRO I 431 -14.68 -64.49 -44.00
C PRO I 431 -16.07 -64.62 -44.62
N ASP I 432 -16.57 -65.85 -44.68
CA ASP I 432 -17.88 -66.12 -45.28
C ASP I 432 -19.02 -65.69 -44.35
N HIS I 433 -18.85 -65.96 -43.06
CA HIS I 433 -19.87 -65.65 -42.07
C HIS I 433 -20.03 -64.14 -41.87
N CYS I 434 -19.01 -63.38 -42.23
CA CYS I 434 -19.03 -61.93 -42.03
C CYS I 434 -20.23 -61.25 -42.69
N ILE I 435 -20.89 -60.37 -41.94
CA ILE I 435 -21.96 -59.53 -42.48
C ILE I 435 -21.38 -58.27 -43.11
N PHE I 436 -22.07 -57.74 -44.10
CA PHE I 436 -21.72 -56.45 -44.67
C PHE I 436 -22.94 -55.57 -44.59
N ALA I 437 -22.84 -54.46 -43.86
CA ALA I 437 -23.95 -53.53 -43.72
C ALA I 437 -23.60 -52.17 -44.33
N SER I 438 -24.58 -51.52 -44.92
CA SER I 438 -24.34 -50.24 -45.57
C SER I 438 -25.14 -49.12 -44.91
N ASN I 439 -24.41 -48.13 -44.40
CA ASN I 439 -25.01 -46.93 -43.84
C ASN I 439 -25.34 -45.94 -44.94
N THR I 440 -26.46 -46.17 -45.61
CA THR I 440 -26.90 -45.30 -46.69
C THR I 440 -28.32 -44.84 -46.40
N SER I 441 -28.75 -43.81 -47.12
CA SER I 441 -30.08 -43.25 -46.95
C SER I 441 -30.89 -43.33 -48.24
N ALA I 442 -30.26 -42.95 -49.35
CA ALA I 442 -30.93 -42.98 -50.65
C ALA I 442 -30.83 -44.36 -51.30
N LEU I 443 -29.63 -44.73 -51.73
CA LEU I 443 -29.42 -45.99 -52.44
C LEU I 443 -30.05 -47.15 -51.68
N PRO I 444 -30.74 -48.05 -52.41
CA PRO I 444 -31.35 -49.22 -51.79
C PRO I 444 -30.34 -50.34 -51.57
N ILE I 445 -30.62 -51.22 -50.61
CA ILE I 445 -29.67 -52.27 -50.23
C ILE I 445 -29.68 -53.40 -51.25
N SER I 446 -30.57 -53.32 -52.23
CA SER I 446 -30.61 -54.31 -53.30
C SER I 446 -29.61 -53.97 -54.39
N GLU I 447 -29.71 -52.76 -54.92
CA GLU I 447 -28.80 -52.29 -55.96
C GLU I 447 -27.35 -52.31 -55.50
N ILE I 448 -27.13 -52.31 -54.20
CA ILE I 448 -25.79 -52.42 -53.64
C ILE I 448 -25.41 -53.89 -53.51
N ALA I 449 -26.31 -54.69 -52.96
CA ALA I 449 -26.08 -56.12 -52.76
C ALA I 449 -26.10 -56.90 -54.08
N ALA I 450 -26.14 -56.18 -55.19
CA ALA I 450 -26.10 -56.81 -56.51
C ALA I 450 -24.75 -57.46 -56.76
N VAL I 451 -23.69 -56.68 -56.58
CA VAL I 451 -22.32 -57.14 -56.79
C VAL I 451 -21.88 -58.15 -55.73
N SER I 452 -22.71 -58.33 -54.70
CA SER I 452 -22.34 -59.17 -53.58
C SER I 452 -22.06 -60.61 -53.99
N LYS I 453 -20.94 -61.15 -53.52
CA LYS I 453 -20.64 -62.57 -53.68
C LYS I 453 -21.57 -63.41 -52.81
N ARG I 454 -22.11 -62.79 -51.76
CA ARG I 454 -23.09 -63.43 -50.89
C ARG I 454 -24.08 -62.39 -50.39
N PRO I 455 -25.16 -62.16 -51.14
CA PRO I 455 -26.16 -61.17 -50.72
C PRO I 455 -27.05 -61.60 -49.55
N GLU I 456 -26.88 -62.83 -49.07
CA GLU I 456 -27.58 -63.26 -47.86
C GLU I 456 -27.00 -62.49 -46.68
N LYS I 457 -25.69 -62.25 -46.75
CA LYS I 457 -24.96 -61.58 -45.69
C LYS I 457 -24.91 -60.06 -45.87
N VAL I 458 -25.66 -59.53 -46.83
CA VAL I 458 -25.69 -58.08 -47.05
C VAL I 458 -27.01 -57.48 -46.57
N ILE I 459 -26.91 -56.52 -45.66
CA ILE I 459 -28.07 -55.91 -45.01
C ILE I 459 -27.79 -54.44 -44.73
N GLY I 460 -28.82 -53.60 -44.80
CA GLY I 460 -28.66 -52.17 -44.61
C GLY I 460 -28.76 -51.74 -43.16
N MET I 461 -27.82 -50.90 -42.72
CA MET I 461 -27.85 -50.33 -41.38
C MET I 461 -27.77 -48.82 -41.46
N HIS I 462 -28.92 -48.18 -41.60
CA HIS I 462 -29.03 -46.73 -41.76
C HIS I 462 -29.06 -46.01 -40.43
N TYR I 463 -27.89 -45.56 -39.97
CA TYR I 463 -27.77 -44.81 -38.72
C TYR I 463 -28.23 -43.37 -38.92
N PHE I 464 -28.41 -42.66 -37.82
CA PHE I 464 -28.82 -41.26 -37.86
C PHE I 464 -27.79 -40.34 -37.23
N SER I 465 -27.63 -39.16 -37.82
CA SER I 465 -26.60 -38.21 -37.39
C SER I 465 -27.17 -37.19 -36.40
N PRO I 466 -26.35 -36.78 -35.43
CA PRO I 466 -25.01 -37.28 -35.20
C PRO I 466 -25.05 -38.61 -34.49
N VAL I 467 -24.26 -39.57 -34.95
CA VAL I 467 -24.30 -40.93 -34.41
C VAL I 467 -23.79 -40.96 -32.97
N ASP I 468 -22.98 -39.97 -32.60
CA ASP I 468 -22.48 -39.85 -31.23
C ASP I 468 -23.64 -39.85 -30.24
N LYS I 469 -24.63 -38.99 -30.51
CA LYS I 469 -25.70 -38.71 -29.57
C LYS I 469 -27.04 -39.33 -29.97
N MET I 470 -27.38 -39.28 -31.26
CA MET I 470 -28.64 -39.87 -31.74
C MET I 470 -28.75 -41.32 -31.32
N GLN I 471 -29.96 -41.86 -31.37
CA GLN I 471 -30.16 -43.24 -30.96
C GLN I 471 -30.99 -44.08 -31.94
N LEU I 472 -31.51 -43.47 -33.00
CA LEU I 472 -32.28 -44.23 -33.98
C LEU I 472 -31.37 -44.98 -34.92
N LEU I 473 -31.76 -46.21 -35.24
CA LEU I 473 -31.06 -47.04 -36.21
C LEU I 473 -32.07 -47.76 -37.07
N GLU I 474 -32.06 -47.45 -38.37
CA GLU I 474 -33.01 -48.05 -39.31
C GLU I 474 -32.34 -49.18 -40.07
N ILE I 475 -32.69 -50.41 -39.70
CA ILE I 475 -32.13 -51.59 -40.34
C ILE I 475 -32.97 -52.02 -41.54
N ILE I 476 -32.40 -51.85 -42.73
CA ILE I 476 -33.07 -52.20 -43.97
C ILE I 476 -32.88 -53.69 -44.25
N THR I 477 -33.84 -54.31 -44.93
CA THR I 477 -33.73 -55.72 -45.26
C THR I 477 -34.28 -56.03 -46.66
N THR I 478 -33.42 -56.57 -47.54
CA THR I 478 -33.85 -57.00 -48.86
C THR I 478 -34.49 -58.38 -48.76
N GLU I 479 -34.93 -58.92 -49.88
CA GLU I 479 -35.57 -60.23 -49.89
C GLU I 479 -34.53 -61.34 -49.80
N LYS I 480 -33.39 -61.14 -50.46
CA LYS I 480 -32.30 -62.12 -50.44
C LYS I 480 -31.64 -62.14 -49.07
N THR I 481 -31.72 -61.03 -48.35
CA THR I 481 -31.12 -60.89 -47.02
C THR I 481 -31.54 -62.00 -46.07
N SER I 482 -30.56 -62.54 -45.35
CA SER I 482 -30.77 -63.64 -44.42
C SER I 482 -31.49 -63.20 -43.14
N LYS I 483 -32.02 -64.17 -42.39
CA LYS I 483 -32.68 -63.90 -41.12
C LYS I 483 -31.66 -63.74 -40.00
N ASP I 484 -30.68 -64.63 -39.95
CA ASP I 484 -29.59 -64.54 -38.98
C ASP I 484 -28.74 -63.31 -39.26
N THR I 485 -28.48 -63.04 -40.54
CA THR I 485 -27.73 -61.86 -40.95
C THR I 485 -28.39 -60.59 -40.41
N SER I 486 -29.72 -60.63 -40.29
CA SER I 486 -30.48 -59.52 -39.72
C SER I 486 -30.46 -59.58 -38.20
N ALA I 487 -30.61 -60.78 -37.64
CA ALA I 487 -30.63 -60.98 -36.19
C ALA I 487 -29.31 -60.58 -35.54
N SER I 488 -28.25 -60.44 -36.35
CA SER I 488 -26.95 -59.99 -35.86
C SER I 488 -26.88 -58.47 -35.94
N ALA I 489 -27.23 -57.92 -37.09
CA ALA I 489 -27.26 -56.47 -37.29
C ALA I 489 -28.13 -55.78 -36.25
N VAL I 490 -29.24 -56.42 -35.88
CA VAL I 490 -30.11 -55.88 -34.84
C VAL I 490 -29.42 -55.93 -33.48
N ALA I 491 -28.79 -57.06 -33.18
CA ALA I 491 -28.12 -57.26 -31.88
C ALA I 491 -26.95 -56.29 -31.69
N VAL I 492 -26.25 -55.98 -32.78
CA VAL I 492 -25.14 -55.03 -32.73
C VAL I 492 -25.64 -53.63 -32.41
N GLY I 493 -26.65 -53.17 -33.17
CA GLY I 493 -27.24 -51.86 -32.92
C GLY I 493 -27.71 -51.71 -31.48
N LEU I 494 -28.26 -52.78 -30.92
CA LEU I 494 -28.76 -52.77 -29.55
C LEU I 494 -27.61 -52.70 -28.53
N LYS I 495 -26.50 -53.35 -28.83
CA LYS I 495 -25.29 -53.22 -28.00
C LYS I 495 -24.74 -51.80 -28.11
N GLN I 496 -24.72 -51.28 -29.33
CA GLN I 496 -24.37 -49.88 -29.58
C GLN I 496 -25.37 -48.97 -28.88
N GLY I 497 -26.41 -49.56 -28.31
CA GLY I 497 -27.38 -48.82 -27.51
C GLY I 497 -28.25 -47.92 -28.36
N LYS I 498 -28.85 -48.50 -29.39
CA LYS I 498 -29.70 -47.76 -30.30
C LYS I 498 -31.13 -48.29 -30.25
N VAL I 499 -32.08 -47.43 -30.63
CA VAL I 499 -33.47 -47.83 -30.77
C VAL I 499 -33.68 -48.26 -32.21
N ILE I 500 -34.11 -49.51 -32.40
CA ILE I 500 -34.10 -50.10 -33.72
C ILE I 500 -35.49 -50.23 -34.36
N ILE I 501 -35.54 -49.89 -35.64
CA ILE I 501 -36.74 -49.97 -36.45
C ILE I 501 -36.40 -50.74 -37.73
N VAL I 502 -37.04 -51.88 -37.93
CA VAL I 502 -36.76 -52.72 -39.11
C VAL I 502 -37.77 -52.48 -40.24
N VAL I 503 -37.24 -52.26 -41.44
CA VAL I 503 -38.06 -52.03 -42.62
C VAL I 503 -37.59 -52.91 -43.77
N LYS I 504 -38.50 -53.21 -44.69
CA LYS I 504 -38.15 -53.95 -45.89
C LYS I 504 -37.54 -52.96 -46.86
N ASP I 505 -36.57 -53.41 -47.66
CA ASP I 505 -35.91 -52.51 -48.60
C ASP I 505 -36.92 -51.79 -49.48
N GLY I 506 -36.64 -50.53 -49.79
CA GLY I 506 -37.48 -49.76 -50.69
C GLY I 506 -36.64 -48.71 -51.39
N PRO I 507 -37.22 -48.04 -52.38
CA PRO I 507 -36.56 -46.91 -53.01
C PRO I 507 -36.76 -45.69 -52.12
N GLY I 508 -35.75 -45.36 -51.32
CA GLY I 508 -35.95 -44.46 -50.21
C GLY I 508 -36.73 -45.22 -49.16
N PHE I 509 -36.05 -45.66 -48.10
CA PHE I 509 -36.67 -46.49 -47.08
C PHE I 509 -37.67 -45.65 -46.30
N TYR I 510 -38.36 -46.28 -45.34
CA TYR I 510 -39.40 -45.60 -44.58
C TYR I 510 -39.08 -44.13 -44.25
N THR I 511 -37.93 -43.91 -43.63
CA THR I 511 -37.57 -42.58 -43.15
C THR I 511 -37.33 -41.60 -44.30
N THR I 512 -36.22 -41.78 -45.00
CA THR I 512 -35.84 -40.84 -46.06
C THR I 512 -36.99 -40.60 -47.05
N ARG I 513 -37.77 -41.64 -47.32
CA ARG I 513 -38.94 -41.53 -48.20
C ARG I 513 -39.94 -40.52 -47.66
N CYS I 514 -40.57 -40.86 -46.53
CA CYS I 514 -41.57 -40.00 -45.91
C CYS I 514 -41.08 -38.57 -45.76
N LEU I 515 -39.77 -38.41 -45.59
CA LEU I 515 -39.18 -37.10 -45.43
C LEU I 515 -39.26 -36.30 -46.73
N ALA I 516 -39.08 -36.98 -47.86
CA ALA I 516 -38.97 -36.31 -49.16
C ALA I 516 -40.13 -35.34 -49.44
N PRO I 517 -41.37 -35.85 -49.53
CA PRO I 517 -42.50 -35.00 -49.90
C PRO I 517 -42.48 -33.65 -49.19
N MET I 518 -42.17 -33.67 -47.90
CA MET I 518 -42.10 -32.45 -47.11
C MET I 518 -41.06 -31.49 -47.69
N MET I 519 -39.86 -32.01 -47.95
CA MET I 519 -38.75 -31.21 -48.46
C MET I 519 -39.13 -30.55 -49.79
N SER I 520 -40.04 -31.18 -50.53
CA SER I 520 -40.59 -30.58 -51.75
C SER I 520 -41.57 -29.48 -51.39
N GLU I 521 -42.55 -29.81 -50.56
CA GLU I 521 -43.55 -28.84 -50.10
C GLU I 521 -42.87 -27.63 -49.47
N VAL I 522 -41.71 -27.86 -48.85
CA VAL I 522 -40.92 -26.79 -48.26
C VAL I 522 -40.44 -25.81 -49.32
N ILE I 523 -39.73 -26.31 -50.33
CA ILE I 523 -39.28 -25.48 -51.44
C ILE I 523 -40.45 -24.65 -51.96
N ARG I 524 -41.57 -25.32 -52.22
CA ARG I 524 -42.77 -24.69 -52.73
C ARG I 524 -43.20 -23.50 -51.88
N ILE I 525 -43.32 -23.73 -50.58
CA ILE I 525 -43.73 -22.68 -49.64
C ILE I 525 -42.74 -21.53 -49.65
N LEU I 526 -41.45 -21.85 -49.52
CA LEU I 526 -40.40 -20.84 -49.59
C LEU I 526 -40.50 -20.06 -50.89
N GLN I 527 -41.02 -20.70 -51.92
CA GLN I 527 -41.19 -20.09 -53.23
C GLN I 527 -42.56 -19.43 -53.37
N GLU I 528 -43.37 -19.50 -52.33
CA GLU I 528 -44.71 -18.92 -52.36
C GLU I 528 -44.79 -17.57 -51.66
N GLY I 529 -43.62 -17.01 -51.31
CA GLY I 529 -43.56 -15.71 -50.65
C GLY I 529 -43.18 -15.82 -49.19
N VAL I 530 -43.39 -16.99 -48.60
CA VAL I 530 -42.99 -17.25 -47.22
C VAL I 530 -41.47 -17.33 -47.14
N ASP I 531 -40.91 -16.98 -45.97
CA ASP I 531 -39.46 -16.95 -45.79
C ASP I 531 -39.02 -17.87 -44.66
N PRO I 532 -37.70 -18.08 -44.51
CA PRO I 532 -37.14 -18.92 -43.45
C PRO I 532 -37.70 -18.64 -42.06
N LYS I 533 -37.53 -17.42 -41.58
CA LYS I 533 -38.00 -17.04 -40.24
C LYS I 533 -39.44 -17.48 -40.00
N LYS I 534 -40.31 -17.21 -40.97
CA LYS I 534 -41.73 -17.53 -40.84
C LYS I 534 -41.97 -19.05 -40.90
N LEU I 535 -41.21 -19.74 -41.75
CA LEU I 535 -41.34 -21.19 -41.91
C LEU I 535 -40.75 -21.93 -40.71
N ASP I 536 -39.53 -21.54 -40.32
CA ASP I 536 -38.91 -22.10 -39.13
C ASP I 536 -39.85 -21.97 -37.95
N SER I 537 -40.29 -20.73 -37.70
CA SER I 537 -41.21 -20.44 -36.61
C SER I 537 -42.50 -21.26 -36.73
N LEU I 538 -43.04 -21.33 -37.93
CA LEU I 538 -44.30 -22.03 -38.17
C LEU I 538 -44.23 -23.50 -37.78
N THR I 539 -43.11 -24.15 -38.09
CA THR I 539 -42.97 -25.58 -37.83
C THR I 539 -42.52 -25.85 -36.40
N THR I 540 -41.46 -25.17 -35.97
CA THR I 540 -40.96 -25.33 -34.61
C THR I 540 -42.11 -25.18 -33.61
N SER I 541 -42.97 -24.20 -33.85
CA SER I 541 -44.10 -23.91 -32.96
C SER I 541 -45.23 -24.93 -33.12
N PHE I 542 -45.12 -25.79 -34.12
CA PHE I 542 -46.08 -26.87 -34.32
C PHE I 542 -45.64 -28.12 -33.56
N GLY I 543 -44.40 -28.12 -33.08
CA GLY I 543 -43.87 -29.24 -32.30
C GLY I 543 -42.61 -29.84 -32.89
N PHE I 544 -42.17 -29.33 -34.04
CA PHE I 544 -40.96 -29.82 -34.68
C PHE I 544 -39.71 -29.33 -33.94
N PRO I 545 -38.77 -30.26 -33.67
CA PRO I 545 -37.48 -29.91 -33.07
C PRO I 545 -36.65 -28.93 -33.90
N VAL I 546 -36.78 -28.97 -35.22
CA VAL I 546 -36.01 -28.07 -36.08
C VAL I 546 -36.92 -27.34 -37.06
N GLY I 547 -36.55 -26.09 -37.37
CA GLY I 547 -37.28 -25.30 -38.36
C GLY I 547 -37.11 -25.91 -39.74
N ALA I 548 -38.22 -26.08 -40.45
CA ALA I 548 -38.22 -26.79 -41.73
C ALA I 548 -37.15 -26.27 -42.68
N ALA I 549 -36.96 -24.95 -42.70
CA ALA I 549 -35.98 -24.34 -43.60
C ALA I 549 -34.55 -24.53 -43.06
N THR I 550 -34.35 -24.18 -41.81
CA THR I 550 -33.03 -24.34 -41.18
C THR I 550 -32.66 -25.82 -41.10
N LEU I 551 -33.67 -26.68 -41.10
CA LEU I 551 -33.48 -28.12 -41.21
C LEU I 551 -32.62 -28.40 -42.43
N VAL I 552 -33.02 -27.83 -43.57
CA VAL I 552 -32.34 -28.04 -44.84
C VAL I 552 -30.99 -27.34 -44.88
N ASP I 553 -30.99 -26.04 -44.60
CA ASP I 553 -29.77 -25.25 -44.62
C ASP I 553 -28.68 -25.99 -43.83
N GLU I 554 -29.08 -26.74 -42.82
CA GLU I 554 -28.15 -27.56 -42.02
C GLU I 554 -27.84 -28.90 -42.69
N VAL I 555 -28.88 -29.66 -43.00
CA VAL I 555 -28.71 -31.02 -43.54
C VAL I 555 -27.78 -31.09 -44.74
N GLY I 556 -28.11 -30.37 -45.80
CA GLY I 556 -27.29 -30.38 -47.01
C GLY I 556 -27.95 -29.73 -48.21
N VAL I 557 -27.66 -28.45 -48.42
CA VAL I 557 -28.19 -27.70 -49.55
C VAL I 557 -28.04 -28.48 -50.85
N ASP I 558 -26.94 -29.23 -50.94
CA ASP I 558 -26.65 -30.03 -52.13
C ASP I 558 -27.14 -31.46 -51.96
N VAL I 559 -26.96 -32.01 -50.77
CA VAL I 559 -27.45 -33.36 -50.46
C VAL I 559 -28.97 -33.35 -50.47
N ALA I 560 -29.54 -32.15 -50.50
CA ALA I 560 -30.97 -31.97 -50.73
C ALA I 560 -31.33 -32.47 -52.12
N LYS I 561 -30.63 -31.95 -53.12
CA LYS I 561 -30.89 -32.32 -54.50
C LYS I 561 -30.50 -33.77 -54.75
N HIS I 562 -29.37 -34.19 -54.19
CA HIS I 562 -28.87 -35.56 -54.32
C HIS I 562 -29.98 -36.60 -54.09
N VAL I 563 -30.88 -36.32 -53.16
CA VAL I 563 -31.96 -37.25 -52.83
C VAL I 563 -33.32 -36.74 -53.29
N ALA I 564 -33.47 -35.42 -53.39
CA ALA I 564 -34.71 -34.83 -53.87
C ALA I 564 -34.97 -35.23 -55.32
N GLU I 565 -33.90 -35.35 -56.10
CA GLU I 565 -34.01 -35.70 -57.51
C GLU I 565 -33.78 -37.19 -57.78
N ASP I 566 -32.88 -37.81 -57.00
CA ASP I 566 -32.63 -39.26 -57.12
C ASP I 566 -33.85 -40.07 -56.65
N LEU I 567 -34.62 -39.48 -55.73
CA LEU I 567 -35.85 -40.12 -55.24
C LEU I 567 -37.06 -39.51 -55.93
N GLY I 568 -36.88 -38.33 -56.51
CA GLY I 568 -37.91 -37.68 -57.31
C GLY I 568 -38.04 -38.30 -58.69
N LYS I 569 -36.94 -38.87 -59.18
CA LYS I 569 -36.95 -39.61 -60.44
C LYS I 569 -37.65 -40.95 -60.27
N VAL I 570 -37.43 -41.58 -59.12
CA VAL I 570 -38.03 -42.88 -58.83
C VAL I 570 -39.53 -42.75 -58.57
N PHE I 571 -39.97 -41.57 -58.17
CA PHE I 571 -41.39 -41.28 -58.00
C PHE I 571 -41.80 -40.07 -58.84
N GLY I 572 -41.42 -38.88 -58.38
CA GLY I 572 -41.75 -37.64 -59.08
C GLY I 572 -43.24 -37.39 -59.24
N GLU I 573 -44.07 -38.39 -58.93
CA GLU I 573 -45.50 -38.31 -59.19
C GLU I 573 -46.22 -37.48 -58.13
N ARG I 574 -46.02 -37.84 -56.87
CA ARG I 574 -46.69 -37.19 -55.75
C ARG I 574 -45.69 -36.31 -55.00
N PHE I 575 -44.41 -36.58 -55.23
CA PHE I 575 -43.31 -35.85 -54.61
C PHE I 575 -43.10 -34.51 -55.30
N GLY I 576 -43.88 -34.25 -56.35
CA GLY I 576 -43.77 -33.00 -57.11
C GLY I 576 -44.30 -31.79 -56.37
N GLY I 577 -43.42 -31.10 -55.66
CA GLY I 577 -43.79 -29.89 -54.92
C GLY I 577 -43.28 -28.64 -55.61
N GLY I 578 -42.17 -28.10 -55.11
CA GLY I 578 -41.58 -26.89 -55.67
C GLY I 578 -40.72 -27.17 -56.88
N ASN I 579 -40.08 -26.11 -57.39
CA ASN I 579 -39.21 -26.22 -58.55
C ASN I 579 -37.76 -26.45 -58.11
N PRO I 580 -37.24 -27.67 -58.34
CA PRO I 580 -35.87 -27.97 -57.88
C PRO I 580 -34.79 -27.15 -58.61
N GLU I 581 -35.21 -26.20 -59.44
CA GLU I 581 -34.28 -25.29 -60.11
C GLU I 581 -33.71 -24.30 -59.11
N LEU I 582 -34.59 -23.65 -58.34
CA LEU I 582 -34.15 -22.71 -57.31
C LEU I 582 -33.23 -23.44 -56.34
N LEU I 583 -33.50 -24.72 -56.14
CA LEU I 583 -32.66 -25.59 -55.32
C LEU I 583 -31.28 -25.74 -55.97
N THR I 584 -31.27 -25.82 -57.30
CA THR I 584 -30.04 -25.87 -58.07
C THR I 584 -29.39 -24.48 -58.12
N GLN I 585 -30.19 -23.47 -58.43
CA GLN I 585 -29.73 -22.08 -58.48
C GLN I 585 -28.90 -21.73 -57.26
N MET I 586 -29.06 -22.49 -56.19
CA MET I 586 -28.28 -22.28 -54.98
C MET I 586 -26.88 -22.86 -55.11
N VAL I 587 -26.80 -24.13 -55.46
CA VAL I 587 -25.50 -24.80 -55.56
C VAL I 587 -24.65 -24.19 -56.66
N SER I 588 -25.18 -24.15 -57.87
CA SER I 588 -24.45 -23.63 -59.03
C SER I 588 -24.10 -22.15 -58.87
N LYS I 589 -25.00 -21.37 -58.30
CA LYS I 589 -24.74 -19.94 -58.06
C LYS I 589 -23.86 -19.77 -56.81
N GLY I 590 -23.69 -20.87 -56.07
CA GLY I 590 -22.74 -20.89 -54.95
C GLY I 590 -23.37 -20.58 -53.60
N PHE I 591 -24.18 -21.50 -53.10
CA PHE I 591 -24.83 -21.35 -51.80
C PHE I 591 -24.74 -22.64 -51.00
N LEU I 592 -24.61 -22.51 -49.68
CA LEU I 592 -24.38 -23.66 -48.82
C LEU I 592 -24.87 -23.41 -47.39
N GLY I 593 -24.96 -24.49 -46.61
CA GLY I 593 -25.35 -24.42 -45.21
C GLY I 593 -24.19 -24.70 -44.26
N ARG I 594 -23.04 -25.05 -44.83
CA ARG I 594 -21.79 -25.11 -44.07
C ARG I 594 -20.96 -23.87 -44.44
N LYS I 595 -21.64 -22.85 -44.94
CA LYS I 595 -21.02 -21.59 -45.33
C LYS I 595 -21.98 -20.43 -45.10
N SER I 596 -22.57 -20.38 -43.91
CA SER I 596 -23.50 -19.31 -43.54
C SER I 596 -23.52 -19.12 -42.02
N LYS I 608 -23.90 -17.06 -31.83
CA LYS I 608 -23.86 -16.49 -33.17
C LYS I 608 -24.77 -17.28 -34.11
N ARG I 609 -26.07 -17.26 -33.84
CA ARG I 609 -27.04 -17.95 -34.68
C ARG I 609 -28.07 -16.95 -35.20
N LYS I 610 -27.58 -15.90 -35.84
CA LYS I 610 -28.44 -14.77 -36.22
C LYS I 610 -28.13 -14.24 -37.61
N ASP I 611 -27.76 -15.13 -38.52
CA ASP I 611 -27.52 -14.74 -39.91
C ASP I 611 -28.84 -14.60 -40.64
N LEU I 612 -28.77 -14.04 -41.84
CA LEU I 612 -29.88 -14.07 -42.78
C LEU I 612 -29.34 -14.67 -44.06
N ASN I 613 -30.10 -14.57 -45.16
CA ASN I 613 -29.63 -15.02 -46.46
C ASN I 613 -30.06 -14.04 -47.53
N SER I 614 -29.57 -12.80 -47.41
CA SER I 614 -30.04 -11.68 -48.23
C SER I 614 -29.87 -11.88 -49.73
N ASP I 615 -28.82 -12.61 -50.13
CA ASP I 615 -28.60 -12.90 -51.53
C ASP I 615 -29.60 -13.94 -52.03
N MET I 616 -30.03 -14.84 -51.14
CA MET I 616 -31.05 -15.82 -51.48
C MET I 616 -32.40 -15.14 -51.71
N ASP I 617 -32.59 -13.95 -51.16
CA ASP I 617 -33.77 -13.13 -51.43
C ASP I 617 -33.84 -12.80 -52.91
N SER I 618 -32.79 -12.18 -53.41
CA SER I 618 -32.70 -11.77 -54.80
C SER I 618 -33.08 -12.91 -55.75
N ILE I 619 -32.43 -14.06 -55.57
CA ILE I 619 -32.63 -15.21 -56.45
C ILE I 619 -33.99 -15.85 -56.25
N LEU I 620 -34.48 -15.86 -55.01
CA LEU I 620 -35.79 -16.39 -54.70
C LEU I 620 -36.87 -15.58 -55.41
N ALA I 621 -36.79 -14.26 -55.26
CA ALA I 621 -37.73 -13.34 -55.90
C ALA I 621 -37.86 -13.65 -57.38
N SER I 622 -36.75 -13.97 -58.03
CA SER I 622 -36.72 -14.23 -59.46
C SER I 622 -37.84 -15.15 -59.91
N LEU I 623 -37.84 -16.37 -59.39
CA LEU I 623 -38.84 -17.36 -59.75
C LEU I 623 -39.62 -17.81 -58.53
N LYS I 624 -40.83 -17.30 -58.38
CA LYS I 624 -41.68 -17.70 -57.26
C LYS I 624 -43.18 -17.49 -57.54
N LEU I 625 -43.95 -18.56 -57.39
CA LEU I 625 -45.39 -18.53 -57.63
C LEU I 625 -46.13 -17.78 -56.53
N PRO I 626 -47.40 -17.41 -56.78
CA PRO I 626 -48.23 -16.74 -55.79
C PRO I 626 -49.04 -17.73 -54.97
N PRO I 627 -49.60 -17.26 -53.84
CA PRO I 627 -50.33 -18.12 -52.90
C PRO I 627 -51.65 -18.66 -53.44
N LYS I 628 -52.39 -19.34 -52.58
CA LYS I 628 -53.75 -19.78 -52.87
C LYS I 628 -54.68 -19.10 -51.88
N SER I 629 -55.97 -19.41 -51.94
CA SER I 629 -56.95 -18.80 -51.05
C SER I 629 -57.09 -19.61 -49.76
N GLU I 630 -57.56 -20.84 -49.87
CA GLU I 630 -57.84 -21.68 -48.70
C GLU I 630 -56.63 -22.49 -48.25
N VAL I 631 -55.45 -22.19 -48.80
CA VAL I 631 -54.26 -23.00 -48.51
C VAL I 631 -53.05 -22.15 -48.13
N SER I 632 -53.20 -20.83 -48.21
CA SER I 632 -52.10 -19.93 -47.87
C SER I 632 -52.04 -19.68 -46.36
N SER I 633 -53.08 -20.11 -45.65
CA SER I 633 -53.19 -19.89 -44.20
C SER I 633 -51.98 -20.44 -43.45
N ASP I 634 -51.61 -19.79 -42.35
CA ASP I 634 -50.49 -20.24 -41.53
C ASP I 634 -50.73 -21.65 -40.99
N GLU I 635 -51.95 -21.90 -40.52
CA GLU I 635 -52.31 -23.22 -40.02
C GLU I 635 -52.28 -24.24 -41.15
N ASP I 636 -52.69 -23.81 -42.34
CA ASP I 636 -52.70 -24.67 -43.52
C ASP I 636 -51.28 -25.00 -43.98
N ILE I 637 -50.39 -24.00 -43.92
CA ILE I 637 -48.99 -24.19 -44.27
C ILE I 637 -48.37 -25.31 -43.43
N GLN I 638 -48.88 -25.48 -42.22
CA GLN I 638 -48.41 -26.53 -41.33
C GLN I 638 -48.87 -27.90 -41.78
N PHE I 639 -50.19 -28.07 -41.86
CA PHE I 639 -50.78 -29.36 -42.24
C PHE I 639 -50.43 -29.77 -43.66
N ARG I 640 -50.23 -28.80 -44.55
CA ARG I 640 -49.62 -29.07 -45.84
C ARG I 640 -48.48 -30.07 -45.65
N LEU I 641 -47.54 -29.72 -44.78
CA LEU I 641 -46.34 -30.53 -44.54
C LEU I 641 -46.65 -31.84 -43.83
N VAL I 642 -47.32 -31.72 -42.68
CA VAL I 642 -47.59 -32.88 -41.83
C VAL I 642 -48.32 -33.98 -42.60
N THR I 643 -49.44 -33.63 -43.20
CA THR I 643 -50.28 -34.60 -43.89
C THR I 643 -49.49 -35.38 -44.94
N ARG I 644 -48.81 -34.68 -45.83
CA ARG I 644 -48.01 -35.33 -46.86
C ARG I 644 -47.08 -36.38 -46.25
N PHE I 645 -46.48 -36.02 -45.11
CA PHE I 645 -45.63 -36.96 -44.37
C PHE I 645 -46.46 -38.10 -43.81
N VAL I 646 -47.43 -37.75 -42.98
CA VAL I 646 -48.27 -38.75 -42.32
C VAL I 646 -48.78 -39.75 -43.35
N ASN I 647 -49.13 -39.27 -44.55
CA ASN I 647 -49.63 -40.14 -45.60
C ASN I 647 -48.57 -41.16 -46.02
N GLU I 648 -47.49 -40.67 -46.63
CA GLU I 648 -46.41 -41.55 -47.06
C GLU I 648 -46.04 -42.55 -45.96
N ALA I 649 -46.16 -42.10 -44.71
CA ALA I 649 -45.87 -42.95 -43.56
C ALA I 649 -46.84 -44.12 -43.47
N VAL I 650 -48.12 -43.82 -43.40
CA VAL I 650 -49.15 -44.86 -43.31
C VAL I 650 -49.13 -45.72 -44.56
N MET I 651 -48.83 -45.11 -45.70
CA MET I 651 -48.69 -45.82 -46.96
C MET I 651 -47.59 -46.86 -46.87
N CYS I 652 -46.52 -46.55 -46.13
CA CYS I 652 -45.42 -47.47 -45.95
C CYS I 652 -45.79 -48.65 -45.06
N LEU I 653 -46.85 -48.49 -44.27
CA LEU I 653 -47.42 -49.60 -43.53
C LEU I 653 -48.23 -50.44 -44.49
N GLN I 654 -48.97 -49.74 -45.36
CA GLN I 654 -49.78 -50.36 -46.39
C GLN I 654 -48.93 -51.22 -47.34
N GLU I 655 -47.85 -50.63 -47.84
CA GLU I 655 -46.96 -51.35 -48.75
C GLU I 655 -46.13 -52.42 -48.05
N GLY I 656 -46.28 -52.53 -46.74
CA GLY I 656 -45.60 -53.56 -45.97
C GLY I 656 -44.15 -53.25 -45.67
N ILE I 657 -43.70 -52.03 -45.98
CA ILE I 657 -42.35 -51.62 -45.63
C ILE I 657 -42.22 -51.52 -44.11
N LEU I 658 -43.16 -50.82 -43.48
CA LEU I 658 -43.22 -50.76 -42.02
C LEU I 658 -43.85 -52.04 -41.48
N ALA I 659 -43.12 -52.74 -40.62
CA ALA I 659 -43.63 -53.96 -40.01
C ALA I 659 -44.80 -53.65 -39.08
N THR I 660 -44.67 -52.58 -38.32
CA THR I 660 -45.68 -52.19 -37.35
C THR I 660 -45.90 -50.69 -37.40
N PRO I 661 -46.99 -50.21 -36.78
CA PRO I 661 -47.22 -48.78 -36.65
C PRO I 661 -46.30 -48.20 -35.58
N ALA I 662 -46.13 -48.93 -34.49
CA ALA I 662 -45.25 -48.50 -33.41
C ALA I 662 -43.88 -48.14 -33.95
N GLU I 663 -43.28 -49.07 -34.70
CA GLU I 663 -42.01 -48.80 -35.37
C GLU I 663 -42.14 -47.57 -36.24
N GLY I 664 -43.19 -47.52 -37.06
CA GLY I 664 -43.46 -46.36 -37.90
C GLY I 664 -43.35 -45.08 -37.11
N ASP I 665 -43.97 -45.07 -35.93
CA ASP I 665 -43.94 -43.91 -35.03
C ASP I 665 -42.60 -43.62 -34.38
N ILE I 666 -42.03 -44.63 -33.73
CA ILE I 666 -40.72 -44.51 -33.10
C ILE I 666 -39.71 -43.86 -34.03
N GLY I 667 -39.59 -44.40 -35.24
CA GLY I 667 -38.62 -43.91 -36.21
C GLY I 667 -38.98 -42.51 -36.68
N ALA I 668 -40.27 -42.24 -36.86
CA ALA I 668 -40.71 -40.93 -37.31
C ALA I 668 -40.31 -39.87 -36.31
N VAL I 669 -40.59 -40.14 -35.04
CA VAL I 669 -40.33 -39.18 -33.97
C VAL I 669 -38.84 -39.07 -33.67
N PHE I 670 -38.22 -40.21 -33.42
CA PHE I 670 -36.81 -40.26 -33.05
C PHE I 670 -35.85 -39.88 -34.17
N GLY I 671 -36.32 -39.95 -35.42
CA GLY I 671 -35.45 -39.76 -36.57
C GLY I 671 -35.81 -38.57 -37.42
N LEU I 672 -37.11 -38.43 -37.74
CA LEU I 672 -37.57 -37.36 -38.62
C LEU I 672 -37.99 -36.14 -37.80
N GLY I 673 -37.89 -36.24 -36.49
CA GLY I 673 -38.25 -35.14 -35.60
C GLY I 673 -39.73 -34.84 -35.64
N PHE I 674 -40.53 -35.86 -35.87
CA PHE I 674 -41.98 -35.73 -35.85
C PHE I 674 -42.40 -35.33 -34.44
N PRO I 675 -43.17 -34.23 -34.32
CA PRO I 675 -43.61 -33.75 -33.01
C PRO I 675 -44.18 -34.86 -32.14
N PRO I 676 -43.51 -35.17 -31.01
CA PRO I 676 -43.90 -36.28 -30.13
C PRO I 676 -45.19 -36.04 -29.35
N CYS I 677 -45.52 -34.78 -29.05
CA CYS I 677 -46.80 -34.49 -28.42
C CYS I 677 -47.91 -35.14 -29.24
N LEU I 678 -47.76 -35.09 -30.56
CA LEU I 678 -48.71 -35.70 -31.48
C LEU I 678 -48.66 -37.22 -31.36
N GLY I 679 -47.48 -37.75 -31.04
CA GLY I 679 -47.32 -39.15 -30.68
C GLY I 679 -46.82 -40.04 -31.80
N GLY I 680 -46.36 -39.43 -32.88
CA GLY I 680 -45.98 -40.17 -34.08
C GLY I 680 -47.10 -40.08 -35.10
N PRO I 681 -46.77 -40.27 -36.39
CA PRO I 681 -47.77 -40.12 -37.43
C PRO I 681 -48.91 -41.14 -37.34
N PHE I 682 -48.61 -42.33 -36.82
CA PHE I 682 -49.61 -43.38 -36.70
C PHE I 682 -50.51 -43.15 -35.49
N ARG I 683 -49.98 -42.48 -34.48
CA ARG I 683 -50.79 -42.07 -33.33
C ARG I 683 -51.63 -40.89 -33.75
N PHE I 684 -50.98 -39.94 -34.42
CA PHE I 684 -51.63 -38.72 -34.86
C PHE I 684 -52.94 -39.03 -35.57
N VAL I 685 -52.94 -40.09 -36.38
CA VAL I 685 -54.15 -40.58 -37.05
C VAL I 685 -55.20 -40.99 -36.01
N ASP I 686 -54.78 -41.83 -35.08
CA ASP I 686 -55.69 -42.37 -34.05
C ASP I 686 -56.28 -41.30 -33.13
N LEU I 687 -55.56 -40.18 -32.96
CA LEU I 687 -55.98 -39.15 -32.02
C LEU I 687 -56.64 -37.96 -32.71
N TYR I 688 -55.94 -37.35 -33.66
CA TYR I 688 -56.45 -36.16 -34.35
C TYR I 688 -57.69 -36.49 -35.17
N GLY I 689 -57.78 -37.72 -35.66
CA GLY I 689 -58.96 -38.16 -36.40
C GLY I 689 -58.61 -38.85 -37.72
N ALA I 690 -58.83 -40.15 -37.79
CA ALA I 690 -58.55 -40.91 -39.00
C ALA I 690 -59.31 -40.31 -40.17
N GLN I 691 -60.39 -39.59 -39.88
CA GLN I 691 -61.19 -38.94 -40.91
C GLN I 691 -60.75 -37.48 -41.09
N LYS I 692 -60.81 -36.72 -40.00
CA LYS I 692 -60.45 -35.30 -40.01
C LYS I 692 -59.12 -35.05 -40.72
N ILE I 693 -58.24 -36.04 -40.67
CA ILE I 693 -56.93 -35.95 -41.29
C ILE I 693 -57.03 -36.08 -42.81
N VAL I 694 -58.07 -36.77 -43.28
CA VAL I 694 -58.27 -36.96 -44.71
C VAL I 694 -58.96 -35.75 -45.29
N ASP I 695 -60.05 -35.32 -44.64
CA ASP I 695 -60.78 -34.13 -45.04
C ASP I 695 -59.80 -32.97 -45.15
N ARG I 696 -58.85 -32.94 -44.24
CA ARG I 696 -57.79 -31.94 -44.24
C ARG I 696 -56.83 -32.20 -45.42
N LEU I 697 -56.68 -33.48 -45.77
CA LEU I 697 -55.79 -33.86 -46.86
C LEU I 697 -56.42 -33.64 -48.24
N LYS I 698 -57.71 -33.96 -48.37
CA LYS I 698 -58.44 -33.71 -49.61
C LYS I 698 -58.51 -32.22 -49.89
N LYS I 699 -58.37 -31.42 -48.85
CA LYS I 699 -58.38 -29.96 -48.98
C LYS I 699 -57.03 -29.46 -49.51
N TYR I 700 -55.97 -30.24 -49.29
CA TYR I 700 -54.65 -29.93 -49.85
C TYR I 700 -54.35 -30.82 -51.06
N GLU I 701 -55.43 -31.31 -51.68
CA GLU I 701 -55.33 -32.16 -52.85
C GLU I 701 -56.01 -31.48 -54.03
N ALA I 702 -57.33 -31.58 -54.07
CA ALA I 702 -58.11 -31.02 -55.17
C ALA I 702 -58.00 -29.50 -55.19
N ALA I 703 -57.84 -28.90 -54.00
CA ALA I 703 -57.68 -27.47 -53.89
C ALA I 703 -56.29 -27.03 -54.35
N TYR I 704 -55.33 -27.94 -54.26
CA TYR I 704 -53.96 -27.64 -54.70
C TYR I 704 -53.60 -28.41 -55.96
N GLY I 705 -54.62 -28.75 -56.75
CA GLY I 705 -54.44 -29.33 -58.09
C GLY I 705 -53.25 -30.28 -58.25
N LYS I 706 -52.94 -31.03 -57.20
CA LYS I 706 -51.88 -32.03 -57.26
C LYS I 706 -52.40 -33.35 -56.71
N GLN I 707 -51.67 -34.43 -57.00
CA GLN I 707 -52.13 -35.77 -56.63
C GLN I 707 -51.69 -36.16 -55.23
N PHE I 708 -51.73 -35.21 -54.29
CA PHE I 708 -51.28 -35.45 -52.92
C PHE I 708 -52.47 -35.95 -52.10
N THR I 709 -52.87 -37.17 -52.46
CA THR I 709 -54.17 -37.72 -52.13
C THR I 709 -53.99 -38.91 -51.19
N PRO I 710 -54.95 -39.09 -50.26
CA PRO I 710 -54.85 -40.20 -49.31
C PRO I 710 -54.61 -41.54 -49.98
N CYS I 711 -53.73 -42.36 -49.41
CA CYS I 711 -53.53 -43.72 -49.89
C CYS I 711 -54.69 -44.59 -49.43
N GLN I 712 -54.61 -45.89 -49.69
CA GLN I 712 -55.73 -46.79 -49.39
C GLN I 712 -55.94 -46.97 -47.89
N LEU I 713 -54.87 -47.37 -47.18
CA LEU I 713 -54.97 -47.68 -45.76
C LEU I 713 -55.36 -46.47 -44.93
N LEU I 714 -54.93 -45.27 -45.36
CA LEU I 714 -55.32 -44.04 -44.68
C LEU I 714 -56.82 -43.81 -44.84
N ALA I 715 -57.28 -43.79 -46.10
CA ALA I 715 -58.69 -43.61 -46.41
C ALA I 715 -59.51 -44.79 -45.92
N ASP I 716 -58.86 -45.94 -45.76
CA ASP I 716 -59.52 -47.15 -45.26
C ASP I 716 -60.00 -46.92 -43.83
N HIS I 717 -59.10 -46.40 -43.00
CA HIS I 717 -59.42 -46.08 -41.60
C HIS I 717 -60.44 -44.95 -41.54
N ALA I 718 -60.37 -44.04 -42.51
CA ALA I 718 -61.27 -42.90 -42.57
C ALA I 718 -62.72 -43.31 -42.72
N ASN I 719 -62.98 -44.27 -43.61
CA ASN I 719 -64.34 -44.72 -43.91
C ASN I 719 -64.94 -45.61 -42.81
N SER I 720 -64.22 -45.75 -41.70
CA SER I 720 -64.72 -46.52 -40.56
C SER I 720 -64.26 -45.85 -39.27
N PRO I 721 -64.73 -46.36 -38.12
CA PRO I 721 -64.19 -45.91 -36.84
C PRO I 721 -62.99 -46.77 -36.44
N ASN I 722 -61.86 -46.56 -37.13
CA ASN I 722 -60.68 -47.41 -36.96
C ASN I 722 -59.43 -46.69 -36.46
N LYS I 723 -58.58 -47.45 -35.77
CA LYS I 723 -57.36 -46.93 -35.17
C LYS I 723 -56.24 -47.96 -35.30
N LYS I 724 -55.04 -47.50 -35.65
CA LYS I 724 -53.93 -48.39 -35.96
C LYS I 724 -53.38 -49.06 -34.70
N PHE I 725 -53.03 -48.25 -33.70
CA PHE I 725 -52.47 -48.76 -32.45
C PHE I 725 -53.37 -49.38 -31.39
N TYR I 726 -54.35 -48.63 -30.94
CA TYR I 726 -55.25 -49.08 -29.90
C TYR I 726 -56.60 -48.96 -30.56
N ARG J 2 71.20 -29.35 -20.77
CA ARG J 2 70.06 -28.84 -19.96
C ARG J 2 69.39 -29.97 -19.18
N THR J 3 69.85 -30.20 -17.96
CA THR J 3 69.32 -31.27 -17.12
C THR J 3 67.96 -30.91 -16.52
N HIS J 4 67.65 -29.61 -16.47
CA HIS J 4 66.39 -29.14 -15.93
C HIS J 4 65.41 -28.76 -17.03
N ILE J 5 65.66 -27.62 -17.67
CA ILE J 5 64.74 -27.09 -18.67
C ILE J 5 65.00 -27.69 -20.04
N ASN J 6 63.98 -28.34 -20.61
CA ASN J 6 64.04 -28.86 -21.97
C ASN J 6 63.46 -27.87 -22.96
N TYR J 7 63.44 -28.25 -24.23
CA TYR J 7 62.96 -27.36 -25.28
C TYR J 7 62.02 -28.14 -26.22
N GLY J 8 61.68 -27.54 -27.35
CA GLY J 8 60.76 -28.15 -28.31
C GLY J 8 59.84 -27.10 -28.89
N VAL J 9 59.39 -27.30 -30.13
CA VAL J 9 58.53 -26.32 -30.79
C VAL J 9 57.48 -26.98 -31.68
N LYS J 10 56.35 -26.30 -31.87
CA LYS J 10 55.28 -26.77 -32.74
C LYS J 10 54.56 -25.57 -33.34
N GLY J 11 54.52 -25.49 -34.67
CA GLY J 11 53.95 -24.33 -35.34
C GLY J 11 54.64 -23.06 -34.88
N ASP J 12 53.91 -21.96 -34.86
CA ASP J 12 54.45 -20.70 -34.35
C ASP J 12 54.28 -20.63 -32.84
N VAL J 13 54.58 -21.73 -32.15
CA VAL J 13 54.44 -21.81 -30.69
C VAL J 13 55.49 -22.71 -30.06
N ALA J 14 56.32 -22.13 -29.19
CA ALA J 14 57.34 -22.88 -28.47
C ALA J 14 56.70 -23.59 -27.29
N VAL J 15 57.29 -24.71 -26.88
CA VAL J 15 56.77 -25.47 -25.74
C VAL J 15 57.88 -25.84 -24.77
N VAL J 16 58.16 -24.93 -23.84
CA VAL J 16 59.14 -25.18 -22.78
C VAL J 16 58.63 -26.30 -21.87
N ARG J 17 59.56 -27.04 -21.25
CA ARG J 17 59.19 -28.17 -20.41
C ARG J 17 60.08 -28.23 -19.16
N ILE J 18 59.52 -27.83 -18.02
CA ILE J 18 60.25 -27.83 -16.75
C ILE J 18 60.26 -29.22 -16.11
N ASN J 19 61.45 -29.76 -15.88
CA ASN J 19 61.59 -31.01 -15.15
C ASN J 19 63.00 -31.15 -14.56
N SER J 20 63.08 -31.06 -13.24
CA SER J 20 64.35 -31.15 -12.52
C SER J 20 65.05 -32.49 -12.78
N PRO J 21 66.34 -32.59 -12.40
CA PRO J 21 67.12 -33.81 -12.63
C PRO J 21 66.58 -35.01 -11.85
N ASN J 22 66.37 -34.82 -10.55
CA ASN J 22 65.79 -35.86 -9.72
C ASN J 22 64.34 -36.09 -10.11
N SER J 23 63.69 -35.02 -10.60
CA SER J 23 62.32 -35.08 -11.10
C SER J 23 61.26 -35.06 -9.99
N LYS J 24 61.71 -35.39 -8.77
CA LYS J 24 60.80 -35.47 -7.62
C LYS J 24 59.88 -34.24 -7.54
N VAL J 25 60.48 -33.06 -7.51
CA VAL J 25 59.73 -31.81 -7.48
C VAL J 25 60.58 -30.71 -8.10
N ASN J 26 60.02 -30.04 -9.10
CA ASN J 26 60.76 -28.98 -9.80
C ASN J 26 60.89 -27.76 -8.91
N THR J 27 62.12 -27.50 -8.44
CA THR J 27 62.42 -26.31 -7.66
C THR J 27 63.33 -25.39 -8.45
N LEU J 28 63.33 -24.11 -8.09
CA LEU J 28 64.09 -23.10 -8.83
C LEU J 28 65.56 -23.07 -8.40
N SER J 29 66.39 -23.85 -9.08
CA SER J 29 67.84 -23.85 -8.83
C SER J 29 68.52 -22.74 -9.61
N LYS J 30 69.72 -22.36 -9.17
CA LYS J 30 70.50 -21.34 -9.86
C LYS J 30 70.81 -21.78 -11.28
N GLU J 31 71.18 -23.05 -11.43
CA GLU J 31 71.54 -23.59 -12.74
C GLU J 31 70.31 -23.76 -13.62
N LEU J 32 69.17 -24.06 -12.98
CA LEU J 32 67.90 -24.12 -13.71
C LEU J 32 67.60 -22.73 -14.25
N HIS J 33 67.65 -21.74 -13.35
CA HIS J 33 67.48 -20.34 -13.73
C HIS J 33 68.31 -20.01 -14.97
N SER J 34 69.51 -20.56 -15.04
CA SER J 34 70.40 -20.33 -16.17
C SER J 34 69.86 -20.93 -17.48
N GLU J 35 69.60 -22.23 -17.46
CA GLU J 35 69.08 -22.93 -18.63
C GLU J 35 67.85 -22.22 -19.20
N PHE J 36 66.92 -21.91 -18.30
CA PHE J 36 65.68 -21.20 -18.65
C PHE J 36 65.99 -19.85 -19.29
N SER J 37 66.79 -19.05 -18.60
CA SER J 37 67.15 -17.72 -19.10
C SER J 37 67.73 -17.82 -20.51
N GLU J 38 68.38 -18.94 -20.81
CA GLU J 38 68.92 -19.20 -22.13
C GLU J 38 67.81 -19.55 -23.13
N VAL J 39 67.00 -20.53 -22.76
CA VAL J 39 65.95 -21.03 -23.65
C VAL J 39 65.05 -19.90 -24.13
N MET J 40 64.73 -18.97 -23.22
CA MET J 40 63.89 -17.84 -23.58
C MET J 40 64.51 -17.06 -24.73
N ASN J 41 65.70 -16.52 -24.50
CA ASN J 41 66.39 -15.72 -25.50
C ASN J 41 66.24 -16.34 -26.89
N GLU J 42 66.36 -17.65 -26.96
CA GLU J 42 66.20 -18.37 -28.23
C GLU J 42 64.84 -18.10 -28.84
N ILE J 43 63.78 -18.43 -28.11
CA ILE J 43 62.42 -18.29 -28.62
C ILE J 43 62.02 -16.81 -28.74
N TRP J 44 62.61 -15.98 -27.88
CA TRP J 44 62.40 -14.53 -27.93
C TRP J 44 62.87 -13.95 -29.26
N ALA J 45 64.16 -14.09 -29.53
CA ALA J 45 64.78 -13.50 -30.71
C ALA J 45 64.35 -14.23 -31.99
N SER J 46 64.31 -15.55 -31.93
CA SER J 46 63.93 -16.36 -33.09
C SER J 46 62.63 -15.84 -33.69
N ASP J 47 62.72 -15.35 -34.93
CA ASP J 47 61.56 -14.84 -35.65
C ASP J 47 60.62 -15.98 -36.07
N GLN J 48 61.05 -17.21 -35.85
CA GLN J 48 60.27 -18.38 -36.23
C GLN J 48 59.05 -18.54 -35.33
N ILE J 49 59.12 -17.98 -34.12
CA ILE J 49 58.13 -18.24 -33.07
C ILE J 49 57.39 -16.99 -32.64
N ARG J 50 56.07 -17.04 -32.70
CA ARG J 50 55.21 -15.90 -32.41
C ARG J 50 54.57 -15.98 -31.02
N SER J 51 54.61 -17.17 -30.41
CA SER J 51 54.00 -17.40 -29.10
C SER J 51 54.65 -18.60 -28.42
N ALA J 52 54.32 -18.84 -27.14
CA ALA J 52 54.97 -19.92 -26.41
C ALA J 52 54.22 -20.41 -25.18
N VAL J 53 54.56 -21.63 -24.74
CA VAL J 53 53.95 -22.27 -23.56
C VAL J 53 55.04 -22.86 -22.66
N LEU J 54 54.76 -22.96 -21.37
CA LEU J 54 55.65 -23.65 -20.43
C LEU J 54 54.89 -24.48 -19.41
N ILE J 55 55.14 -25.78 -19.42
CA ILE J 55 54.45 -26.73 -18.57
C ILE J 55 55.46 -27.66 -17.91
N SER J 56 55.07 -28.25 -16.77
CA SER J 56 55.95 -29.18 -16.07
C SER J 56 55.76 -30.59 -16.59
N SER J 57 56.87 -31.26 -16.88
CA SER J 57 56.85 -32.66 -17.28
C SER J 57 56.70 -33.52 -16.03
N LYS J 58 57.41 -33.15 -14.97
CA LYS J 58 57.31 -33.87 -13.71
C LYS J 58 55.85 -33.89 -13.25
N PRO J 59 55.33 -35.09 -12.95
CA PRO J 59 53.92 -35.27 -12.62
C PRO J 59 53.56 -34.70 -11.25
N GLY J 60 54.48 -34.85 -10.30
CA GLY J 60 54.24 -34.40 -8.93
C GLY J 60 53.74 -32.97 -8.83
N CYS J 61 54.31 -32.08 -9.65
CA CYS J 61 53.99 -30.66 -9.52
C CYS J 61 54.40 -29.81 -10.72
N PHE J 62 54.24 -28.50 -10.55
CA PHE J 62 54.68 -27.51 -11.52
C PHE J 62 55.99 -26.88 -11.04
N ILE J 63 55.91 -26.08 -9.99
CA ILE J 63 57.08 -25.41 -9.41
C ILE J 63 56.92 -25.29 -7.89
N ALA J 64 58.03 -25.16 -7.17
CA ALA J 64 57.98 -25.05 -5.71
C ALA J 64 58.90 -23.95 -5.13
N GLY J 65 59.97 -23.60 -5.84
CA GLY J 65 60.90 -22.56 -5.37
C GLY J 65 61.98 -23.09 -4.44
N ALA J 66 63.25 -22.95 -4.84
CA ALA J 66 64.35 -23.70 -4.20
C ALA J 66 64.90 -23.06 -2.93
N ASP J 67 64.82 -23.81 -1.83
CA ASP J 67 65.46 -23.41 -0.57
C ASP J 67 66.93 -23.80 -0.62
N ILE J 68 67.36 -24.31 -1.76
CA ILE J 68 68.71 -24.85 -1.92
C ILE J 68 69.77 -23.80 -1.62
N ASN J 69 69.64 -22.64 -2.26
CA ASN J 69 70.66 -21.60 -2.20
C ASN J 69 70.25 -20.39 -1.36
N MET J 70 69.11 -20.49 -0.69
CA MET J 70 68.57 -19.37 0.08
C MET J 70 69.45 -19.04 1.29
N LEU J 71 69.66 -20.03 2.15
CA LEU J 71 70.58 -19.86 3.29
C LEU J 71 71.98 -20.39 2.96
N ALA J 72 72.10 -21.06 1.82
CA ALA J 72 73.39 -21.64 1.41
C ALA J 72 74.29 -20.57 0.81
N ALA J 73 73.82 -19.91 -0.24
CA ALA J 73 74.56 -18.81 -0.84
C ALA J 73 74.35 -17.53 -0.03
N CYS J 74 73.68 -17.68 1.10
CA CYS J 74 73.47 -16.57 2.03
C CYS J 74 74.81 -16.12 2.60
N LYS J 75 75.34 -15.01 2.07
CA LYS J 75 76.61 -14.47 2.55
C LYS J 75 76.38 -13.17 3.31
N THR J 76 76.09 -12.10 2.59
CA THR J 76 75.80 -10.81 3.20
C THR J 76 74.30 -10.58 3.20
N LEU J 77 73.87 -9.50 3.85
CA LEU J 77 72.46 -9.12 3.86
C LEU J 77 71.96 -8.88 2.45
N GLN J 78 72.84 -8.37 1.59
CA GLN J 78 72.43 -8.01 0.23
C GLN J 78 72.94 -8.95 -0.85
N GLU J 79 73.67 -10.00 -0.46
CA GLU J 79 73.95 -11.09 -1.39
C GLU J 79 72.68 -11.88 -1.59
N VAL J 80 71.76 -11.72 -0.65
CA VAL J 80 70.42 -12.27 -0.77
C VAL J 80 69.58 -11.27 -1.55
N THR J 81 69.50 -10.04 -1.03
CA THR J 81 68.80 -8.96 -1.71
C THR J 81 69.17 -8.99 -3.19
N GLN J 82 70.44 -9.22 -3.46
CA GLN J 82 70.92 -9.31 -4.82
C GLN J 82 70.10 -10.35 -5.59
N LEU J 83 70.09 -11.57 -5.09
CA LEU J 83 69.37 -12.67 -5.72
C LEU J 83 67.95 -12.27 -6.12
N SER J 84 67.18 -11.81 -5.13
CA SER J 84 65.80 -11.40 -5.37
C SER J 84 65.68 -10.57 -6.64
N GLN J 85 66.49 -9.53 -6.75
CA GLN J 85 66.48 -8.67 -7.91
C GLN J 85 66.71 -9.47 -9.18
N GLU J 86 67.81 -10.22 -9.22
CA GLU J 86 68.17 -11.00 -10.39
C GLU J 86 67.01 -11.90 -10.82
N ALA J 87 66.15 -12.22 -9.87
CA ALA J 87 64.94 -12.98 -10.16
C ALA J 87 63.87 -12.06 -10.75
N GLN J 88 63.57 -10.97 -10.05
CA GLN J 88 62.60 -9.98 -10.52
C GLN J 88 62.86 -9.62 -11.98
N ARG J 89 64.13 -9.54 -12.35
CA ARG J 89 64.54 -9.16 -13.70
C ARG J 89 64.02 -10.16 -14.73
N ILE J 90 64.19 -11.45 -14.44
CA ILE J 90 63.80 -12.49 -15.39
C ILE J 90 62.30 -12.46 -15.65
N VAL J 91 61.52 -12.49 -14.58
CA VAL J 91 60.06 -12.48 -14.70
C VAL J 91 59.56 -11.22 -15.40
N GLU J 92 60.18 -10.08 -15.13
CA GLU J 92 59.81 -8.84 -15.80
C GLU J 92 60.02 -8.94 -17.30
N LYS J 93 61.01 -9.74 -17.71
CA LYS J 93 61.22 -10.03 -19.11
C LYS J 93 60.00 -10.78 -19.64
N LEU J 94 59.59 -11.81 -18.91
CA LEU J 94 58.41 -12.59 -19.27
C LEU J 94 57.15 -11.72 -19.32
N GLU J 95 56.90 -10.99 -18.24
CA GLU J 95 55.74 -10.10 -18.17
C GLU J 95 55.69 -9.21 -19.40
N LYS J 96 56.75 -8.44 -19.61
CA LYS J 96 56.85 -7.55 -20.74
C LYS J 96 57.46 -8.28 -21.94
N SER J 97 56.80 -9.35 -22.38
CA SER J 97 57.30 -10.13 -23.50
C SER J 97 56.64 -9.70 -24.79
N THR J 98 57.40 -9.76 -25.88
CA THR J 98 56.89 -9.41 -27.20
C THR J 98 56.14 -10.60 -27.79
N LYS J 99 56.31 -11.76 -27.16
CA LYS J 99 55.62 -12.99 -27.58
C LYS J 99 54.80 -13.54 -26.42
N PRO J 100 53.49 -13.76 -26.65
CA PRO J 100 52.65 -14.28 -25.58
C PRO J 100 53.19 -15.58 -24.98
N ILE J 101 53.10 -15.70 -23.66
CA ILE J 101 53.59 -16.87 -22.95
C ILE J 101 52.50 -17.40 -22.02
N VAL J 102 52.06 -18.62 -22.29
CA VAL J 102 51.00 -19.25 -21.51
C VAL J 102 51.57 -20.20 -20.47
N ALA J 103 51.26 -19.96 -19.20
CA ALA J 103 51.70 -20.82 -18.13
C ALA J 103 50.74 -21.99 -17.97
N ALA J 104 51.21 -23.19 -18.25
CA ALA J 104 50.40 -24.39 -18.10
C ALA J 104 50.73 -25.06 -16.77
N ILE J 105 49.93 -24.78 -15.75
CA ILE J 105 50.21 -25.21 -14.38
C ILE J 105 49.53 -26.54 -14.05
N ASN J 106 50.33 -27.60 -13.97
CA ASN J 106 49.78 -28.91 -13.63
C ASN J 106 49.52 -29.28 -12.17
N GLY J 107 50.57 -29.25 -11.35
CA GLY J 107 50.50 -29.74 -9.97
C GLY J 107 50.73 -28.58 -9.03
N SER J 108 51.60 -28.78 -8.04
CA SER J 108 51.92 -27.74 -7.06
C SER J 108 52.61 -26.55 -7.70
N CYS J 109 52.08 -25.35 -7.44
CA CYS J 109 52.63 -24.12 -7.99
C CYS J 109 52.69 -23.09 -6.87
N LEU J 110 53.75 -23.15 -6.08
CA LEU J 110 53.88 -22.32 -4.89
C LEU J 110 55.09 -21.39 -4.95
N GLY J 111 55.07 -20.37 -4.10
CA GLY J 111 56.16 -19.42 -3.99
C GLY J 111 56.68 -18.98 -5.34
N GLY J 112 57.98 -19.18 -5.56
CA GLY J 112 58.61 -18.83 -6.83
C GLY J 112 57.72 -19.15 -8.01
N GLY J 113 57.32 -20.41 -8.13
CA GLY J 113 56.48 -20.85 -9.23
C GLY J 113 55.33 -19.91 -9.53
N LEU J 114 54.54 -19.61 -8.50
CA LEU J 114 53.40 -18.73 -8.66
C LEU J 114 53.85 -17.38 -9.17
N GLU J 115 54.95 -16.87 -8.61
CA GLU J 115 55.48 -15.57 -8.98
C GLU J 115 55.96 -15.54 -10.43
N VAL J 116 56.01 -16.69 -11.07
CA VAL J 116 56.37 -16.77 -12.48
C VAL J 116 55.12 -16.80 -13.33
N ALA J 117 54.25 -17.78 -13.06
CA ALA J 117 52.98 -17.87 -13.77
C ALA J 117 52.20 -16.58 -13.57
N ILE J 118 52.50 -15.88 -12.48
CA ILE J 118 51.87 -14.60 -12.18
C ILE J 118 52.36 -13.51 -13.14
N SER J 119 53.54 -13.71 -13.73
CA SER J 119 54.08 -12.75 -14.67
C SER J 119 53.66 -13.06 -16.09
N CYS J 120 53.52 -14.36 -16.40
CA CYS J 120 53.15 -14.79 -17.74
C CYS J 120 51.86 -14.17 -18.23
N GLN J 121 51.60 -14.28 -19.53
CA GLN J 121 50.45 -13.62 -20.15
C GLN J 121 49.12 -14.30 -19.82
N TYR J 122 49.14 -15.62 -19.72
CA TYR J 122 47.92 -16.38 -19.49
C TYR J 122 48.24 -17.54 -18.56
N ARG J 123 47.44 -17.69 -17.51
CA ARG J 123 47.61 -18.81 -16.58
C ARG J 123 46.52 -19.84 -16.82
N ILE J 124 46.92 -21.08 -17.04
CA ILE J 124 45.98 -22.20 -17.21
C ILE J 124 46.37 -23.36 -16.30
N ALA J 125 45.45 -23.76 -15.43
CA ALA J 125 45.76 -24.76 -14.40
C ALA J 125 44.71 -25.87 -14.34
N THR J 126 45.15 -27.06 -13.92
CA THR J 126 44.29 -28.24 -13.87
C THR J 126 43.45 -28.27 -12.60
N LYS J 127 42.18 -28.66 -12.75
CA LYS J 127 41.29 -28.81 -11.60
C LYS J 127 41.66 -30.07 -10.83
N ASP J 128 42.77 -30.01 -10.12
CA ASP J 128 43.23 -31.14 -9.32
C ASP J 128 43.35 -30.70 -7.86
N ARG J 129 43.39 -31.68 -6.96
CA ARG J 129 43.61 -31.42 -5.56
C ARG J 129 45.08 -31.09 -5.32
N LYS J 130 45.98 -31.79 -5.99
CA LYS J 130 47.41 -31.55 -5.87
C LYS J 130 47.81 -30.24 -6.54
N THR J 131 46.96 -29.72 -7.41
CA THR J 131 47.18 -28.41 -8.01
C THR J 131 46.77 -27.32 -7.03
N VAL J 132 47.76 -26.76 -6.34
CA VAL J 132 47.53 -25.66 -5.42
C VAL J 132 48.41 -24.47 -5.76
N LEU J 133 47.86 -23.27 -5.62
CA LEU J 133 48.63 -22.06 -5.82
C LEU J 133 48.74 -21.33 -4.49
N GLY J 134 49.92 -20.77 -4.20
CA GLY J 134 50.13 -20.06 -2.94
C GLY J 134 51.47 -19.36 -2.79
N THR J 135 51.55 -18.51 -1.78
CA THR J 135 52.79 -17.81 -1.44
C THR J 135 53.11 -18.06 0.01
N PRO J 136 53.74 -19.21 0.31
CA PRO J 136 54.08 -19.64 1.66
C PRO J 136 55.36 -19.01 2.17
N GLU J 137 55.96 -18.16 1.33
CA GLU J 137 57.17 -17.42 1.69
C GLU J 137 57.11 -16.98 3.15
N VAL J 138 55.96 -16.44 3.55
CA VAL J 138 55.77 -15.94 4.91
C VAL J 138 56.14 -16.96 5.97
N LEU J 139 55.72 -18.19 5.74
CA LEU J 139 55.80 -19.25 6.74
C LEU J 139 57.25 -19.59 7.08
N LEU J 140 58.17 -19.16 6.23
CA LEU J 140 59.59 -19.34 6.48
C LEU J 140 60.21 -18.04 6.96
N GLY J 141 59.35 -17.13 7.44
CA GLY J 141 59.80 -15.85 7.97
C GLY J 141 60.28 -14.89 6.90
N ALA J 142 60.00 -15.22 5.65
CA ALA J 142 60.44 -14.41 4.52
C ALA J 142 59.22 -13.83 3.81
N LEU J 143 59.40 -13.36 2.59
CA LEU J 143 58.28 -12.91 1.76
C LEU J 143 58.59 -13.15 0.29
N PRO J 144 57.57 -13.01 -0.58
CA PRO J 144 57.78 -13.24 -2.02
C PRO J 144 58.83 -12.30 -2.60
N GLY J 145 59.91 -12.87 -3.13
CA GLY J 145 61.03 -12.08 -3.60
C GLY J 145 61.11 -11.92 -5.11
N ALA J 146 60.03 -12.23 -5.80
CA ALA J 146 60.02 -12.15 -7.27
C ALA J 146 58.72 -11.58 -7.82
N GLY J 147 58.39 -10.36 -7.42
CA GLY J 147 57.25 -9.66 -7.98
C GLY J 147 55.93 -10.03 -7.35
N GLY J 148 55.93 -11.04 -6.48
CA GLY J 148 54.72 -11.45 -5.78
C GLY J 148 54.04 -10.29 -5.07
N THR J 149 54.83 -9.45 -4.40
CA THR J 149 54.30 -8.34 -3.62
C THR J 149 53.72 -7.22 -4.49
N GLN J 150 53.93 -7.32 -5.80
CA GLN J 150 53.49 -6.27 -6.71
C GLN J 150 52.43 -6.75 -7.70
N ARG J 151 52.58 -7.97 -8.20
CA ARG J 151 51.68 -8.49 -9.22
C ARG J 151 50.39 -9.08 -8.64
N LEU J 152 50.48 -9.68 -7.46
CA LEU J 152 49.30 -10.31 -6.86
C LEU J 152 48.23 -9.29 -6.46
N PRO J 153 48.63 -8.18 -5.83
CA PRO J 153 47.67 -7.12 -5.50
C PRO J 153 46.95 -6.64 -6.75
N LYS J 154 47.73 -6.37 -7.80
CA LYS J 154 47.21 -5.84 -9.06
C LYS J 154 46.24 -6.84 -9.69
N MET J 155 46.54 -8.12 -9.52
CA MET J 155 45.82 -9.18 -10.22
C MET J 155 44.60 -9.69 -9.47
N VAL J 156 44.64 -9.65 -8.14
CA VAL J 156 43.59 -10.26 -7.33
C VAL J 156 43.08 -9.32 -6.24
N GLY J 157 43.19 -8.01 -6.49
CA GLY J 157 42.77 -7.04 -5.50
C GLY J 157 43.72 -6.99 -4.32
N VAL J 158 43.68 -5.90 -3.57
CA VAL J 158 44.61 -5.70 -2.46
C VAL J 158 44.33 -6.66 -1.31
N PRO J 159 43.07 -6.86 -0.96
CA PRO J 159 42.75 -7.77 0.14
C PRO J 159 43.31 -9.18 -0.09
N ALA J 160 42.65 -9.96 -0.94
CA ALA J 160 43.05 -11.34 -1.14
C ALA J 160 44.56 -11.46 -1.33
N ALA J 161 45.15 -10.53 -2.07
CA ALA J 161 46.58 -10.56 -2.35
C ALA J 161 47.42 -10.48 -1.07
N LEU J 162 46.94 -9.73 -0.09
CA LEU J 162 47.58 -9.67 1.21
C LEU J 162 47.37 -10.96 1.97
N ASP J 163 46.10 -11.34 2.11
CA ASP J 163 45.74 -12.62 2.72
C ASP J 163 46.62 -13.74 2.20
N MET J 164 46.68 -13.87 0.89
CA MET J 164 47.46 -14.90 0.24
C MET J 164 48.93 -14.86 0.68
N MET J 165 49.46 -13.65 0.84
CA MET J 165 50.88 -13.45 1.14
C MET J 165 51.16 -13.23 2.62
N LEU J 166 50.12 -13.28 3.44
CA LEU J 166 50.29 -13.14 4.89
C LEU J 166 50.09 -14.48 5.58
N THR J 167 49.07 -15.21 5.13
CA THR J 167 48.74 -16.51 5.69
C THR J 167 49.58 -17.60 5.05
N GLY J 168 49.97 -17.38 3.80
CA GLY J 168 50.71 -18.37 3.03
C GLY J 168 49.80 -19.55 2.73
N ARG J 169 48.50 -19.31 2.72
CA ARG J 169 47.53 -20.35 2.43
C ARG J 169 47.67 -20.78 0.98
N SER J 170 47.53 -22.08 0.75
CA SER J 170 47.47 -22.60 -0.59
C SER J 170 46.06 -22.38 -1.10
N ILE J 171 45.91 -22.15 -2.40
CA ILE J 171 44.58 -21.93 -2.98
C ILE J 171 44.22 -23.05 -3.94
N ARG J 172 43.01 -23.59 -3.77
CA ARG J 172 42.48 -24.61 -4.66
C ARG J 172 42.39 -24.11 -6.09
N ALA J 173 42.52 -25.02 -7.04
CA ALA J 173 42.46 -24.66 -8.44
C ALA J 173 41.23 -23.83 -8.76
N ASP J 174 40.06 -24.36 -8.42
CA ASP J 174 38.80 -23.70 -8.75
C ASP J 174 38.66 -22.37 -8.02
N ARG J 175 39.05 -22.34 -6.75
CA ARG J 175 39.02 -21.10 -5.98
C ARG J 175 39.95 -20.07 -6.62
N ALA J 176 41.10 -20.53 -7.09
CA ALA J 176 42.09 -19.68 -7.73
C ALA J 176 41.58 -19.14 -9.07
N LYS J 177 40.76 -19.93 -9.75
CA LYS J 177 40.18 -19.52 -11.02
C LYS J 177 39.25 -18.34 -10.82
N LYS J 178 38.20 -18.55 -10.02
CA LYS J 178 37.19 -17.52 -9.78
C LYS J 178 37.80 -16.29 -9.12
N MET J 179 38.87 -16.53 -8.38
CA MET J 179 39.59 -15.48 -7.66
C MET J 179 40.30 -14.52 -8.62
N GLY J 180 40.60 -14.99 -9.83
CA GLY J 180 41.26 -14.16 -10.84
C GLY J 180 42.74 -14.45 -10.96
N LEU J 181 43.23 -15.34 -10.11
CA LEU J 181 44.64 -15.73 -10.10
C LEU J 181 44.99 -16.52 -11.35
N VAL J 182 44.09 -17.45 -11.71
CA VAL J 182 44.25 -18.26 -12.90
C VAL J 182 43.22 -17.84 -13.95
N ASP J 183 43.67 -17.78 -15.21
CA ASP J 183 42.82 -17.29 -16.29
C ASP J 183 41.84 -18.34 -16.78
N GLN J 184 42.25 -19.61 -16.77
CA GLN J 184 41.45 -20.69 -17.36
C GLN J 184 41.74 -22.04 -16.71
N LEU J 185 40.71 -22.87 -16.58
CA LEU J 185 40.82 -24.12 -15.81
C LEU J 185 40.51 -25.35 -16.66
N VAL J 186 41.10 -26.49 -16.31
CA VAL J 186 40.93 -27.73 -17.07
C VAL J 186 40.92 -28.99 -16.21
N GLU J 187 39.84 -29.76 -16.32
CA GLU J 187 39.71 -30.99 -15.54
C GLU J 187 40.65 -32.06 -16.05
N PRO J 188 41.23 -32.85 -15.13
CA PRO J 188 42.14 -33.94 -15.48
C PRO J 188 41.39 -35.10 -16.13
N LEU J 189 42.10 -35.88 -16.94
CA LEU J 189 41.48 -36.89 -17.78
C LEU J 189 41.51 -38.27 -17.15
N GLY J 190 40.59 -39.12 -17.58
CA GLY J 190 40.56 -40.52 -17.19
C GLY J 190 41.55 -41.33 -18.03
N PRO J 191 41.60 -42.65 -17.80
CA PRO J 191 42.53 -43.50 -18.54
C PRO J 191 42.38 -43.38 -20.06
N GLY J 192 43.46 -43.71 -20.77
CA GLY J 192 43.46 -43.68 -22.23
C GLY J 192 44.48 -44.66 -22.80
N LEU J 193 45.22 -44.21 -23.79
CA LEU J 193 46.29 -45.03 -24.38
C LEU J 193 47.51 -44.97 -23.47
N LYS J 194 47.66 -43.84 -22.79
CA LYS J 194 48.70 -43.67 -21.80
C LYS J 194 48.04 -43.51 -20.43
N PRO J 195 48.83 -43.58 -19.35
CA PRO J 195 48.22 -43.42 -18.02
C PRO J 195 47.58 -42.04 -17.84
N PRO J 196 46.72 -41.89 -16.82
CA PRO J 196 45.94 -40.66 -16.69
C PRO J 196 46.86 -39.43 -16.59
N GLU J 197 47.64 -39.36 -15.52
CA GLU J 197 48.57 -38.25 -15.31
C GLU J 197 49.21 -37.84 -16.62
N GLU J 198 49.86 -38.79 -17.29
CA GLU J 198 50.60 -38.51 -18.50
C GLU J 198 49.71 -37.93 -19.60
N ARG J 199 48.61 -38.63 -19.89
CA ARG J 199 47.69 -38.19 -20.93
C ARG J 199 47.10 -36.82 -20.60
N THR J 200 46.88 -36.58 -19.31
CA THR J 200 46.37 -35.30 -18.85
C THR J 200 47.35 -34.19 -19.23
N ILE J 201 48.60 -34.37 -18.79
CA ILE J 201 49.67 -33.42 -19.09
C ILE J 201 49.63 -33.07 -20.58
N GLU J 202 49.63 -34.10 -21.42
CA GLU J 202 49.55 -33.92 -22.87
C GLU J 202 48.39 -33.01 -23.24
N TYR J 203 47.20 -33.35 -22.75
CA TYR J 203 46.00 -32.56 -23.03
C TYR J 203 46.23 -31.11 -22.61
N LEU J 204 46.69 -30.92 -21.37
CA LEU J 204 46.96 -29.59 -20.88
C LEU J 204 47.80 -28.82 -21.89
N GLU J 205 48.93 -29.41 -22.27
CA GLU J 205 49.80 -28.80 -23.27
C GLU J 205 49.03 -28.46 -24.54
N GLU J 206 48.34 -29.45 -25.08
CA GLU J 206 47.56 -29.28 -26.31
C GLU J 206 46.63 -28.09 -26.20
N VAL J 207 46.02 -27.93 -25.04
CA VAL J 207 45.12 -26.80 -24.79
C VAL J 207 45.93 -25.51 -24.71
N ALA J 208 46.85 -25.46 -23.76
CA ALA J 208 47.72 -24.29 -23.58
C ALA J 208 48.15 -23.74 -24.94
N ILE J 209 48.44 -24.65 -25.86
CA ILE J 209 48.91 -24.27 -27.19
C ILE J 209 47.82 -23.53 -27.96
N THR J 210 46.62 -24.08 -27.98
CA THR J 210 45.51 -23.44 -28.70
C THR J 210 45.31 -22.01 -28.19
N PHE J 211 45.38 -21.86 -26.87
CA PHE J 211 45.30 -20.54 -26.25
C PHE J 211 46.49 -19.69 -26.67
N ALA J 212 47.69 -20.23 -26.52
CA ALA J 212 48.91 -19.54 -26.91
C ALA J 212 48.78 -18.99 -28.33
N LYS J 213 48.44 -19.86 -29.27
CA LYS J 213 48.27 -19.46 -30.66
C LYS J 213 47.29 -18.30 -30.80
N GLY J 214 46.15 -18.42 -30.14
CA GLY J 214 45.12 -17.40 -30.20
C GLY J 214 45.57 -16.05 -29.64
N LEU J 215 46.39 -16.09 -28.60
CA LEU J 215 46.88 -14.86 -27.98
C LEU J 215 47.79 -14.10 -28.93
N ALA J 216 48.68 -14.82 -29.60
CA ALA J 216 49.60 -14.21 -30.57
C ALA J 216 48.82 -13.48 -31.66
N ASP J 217 47.63 -14.00 -31.97
CA ASP J 217 46.79 -13.40 -32.99
C ASP J 217 45.90 -12.29 -32.42
N LYS J 218 46.17 -11.89 -31.18
CA LYS J 218 45.43 -10.79 -30.55
C LYS J 218 43.93 -11.01 -30.63
N LYS J 219 43.48 -12.22 -30.33
CA LYS J 219 42.06 -12.51 -30.30
C LYS J 219 41.64 -12.98 -28.91
N ILE J 220 41.49 -12.01 -28.02
CA ILE J 220 41.08 -12.26 -26.64
C ILE J 220 40.26 -11.09 -26.10
N SER J 221 39.04 -10.96 -26.62
CA SER J 221 38.11 -9.92 -26.15
C SER J 221 36.91 -10.48 -25.35
N PRO J 222 36.90 -11.79 -25.05
CA PRO J 222 35.79 -12.34 -24.28
C PRO J 222 36.18 -12.52 -22.81
N LYS J 223 36.11 -11.44 -22.03
CA LYS J 223 36.47 -11.49 -20.61
C LYS J 223 35.24 -11.83 -19.77
N ARG J 224 35.45 -12.06 -18.48
CA ARG J 224 34.34 -12.38 -17.58
C ARG J 224 33.85 -11.16 -16.80
N ASP J 225 32.65 -11.29 -16.24
CA ASP J 225 32.07 -10.22 -15.43
C ASP J 225 32.19 -10.55 -13.95
N LYS J 226 32.45 -9.53 -13.15
CA LYS J 226 32.62 -9.67 -11.71
C LYS J 226 31.28 -9.55 -10.99
N GLY J 227 30.36 -8.78 -11.56
CA GLY J 227 29.04 -8.61 -10.99
C GLY J 227 28.86 -7.21 -10.44
N LEU J 228 28.01 -7.07 -9.43
CA LEU J 228 27.74 -5.77 -8.82
C LEU J 228 28.56 -5.59 -7.55
N VAL J 229 28.73 -6.68 -6.78
CA VAL J 229 29.49 -6.64 -5.54
C VAL J 229 30.97 -6.43 -5.82
N GLU J 230 31.52 -7.25 -6.71
CA GLU J 230 32.95 -7.18 -7.02
C GLU J 230 33.30 -5.91 -7.77
N LYS J 231 32.36 -5.40 -8.58
CA LYS J 231 32.58 -4.16 -9.32
C LYS J 231 32.68 -2.96 -8.38
N LEU J 232 31.88 -2.98 -7.32
CA LEU J 232 31.88 -1.91 -6.33
C LEU J 232 33.13 -1.98 -5.47
N THR J 233 33.27 -3.08 -4.72
CA THR J 233 34.39 -3.26 -3.82
C THR J 233 35.71 -2.96 -4.51
N ALA J 234 35.82 -3.38 -5.77
CA ALA J 234 37.04 -3.15 -6.54
C ALA J 234 37.23 -1.68 -6.89
N TYR J 235 36.12 -0.98 -7.12
CA TYR J 235 36.17 0.46 -7.37
C TYR J 235 36.53 1.22 -6.10
N ALA J 236 35.87 0.87 -5.00
CA ALA J 236 36.13 1.47 -3.69
C ALA J 236 37.61 1.36 -3.31
N MET J 237 38.29 0.35 -3.86
CA MET J 237 39.70 0.13 -3.58
C MET J 237 40.57 1.12 -4.35
N THR J 238 39.98 1.78 -5.34
CA THR J 238 40.71 2.79 -6.10
C THR J 238 41.00 4.00 -5.23
N ILE J 239 40.11 4.27 -4.27
CA ILE J 239 40.22 5.44 -3.40
C ILE J 239 41.30 5.24 -2.34
N PRO J 240 42.26 6.19 -2.27
CA PRO J 240 43.45 6.04 -1.41
C PRO J 240 43.15 5.96 0.07
N PHE J 241 42.25 6.81 0.57
CA PHE J 241 41.94 6.81 1.99
C PHE J 241 41.19 5.53 2.39
N VAL J 242 40.63 4.83 1.40
CA VAL J 242 40.03 3.52 1.63
C VAL J 242 41.12 2.47 1.79
N ARG J 243 42.11 2.52 0.91
CA ARG J 243 43.24 1.60 0.99
C ARG J 243 43.96 1.76 2.31
N GLN J 244 44.04 2.99 2.80
CA GLN J 244 44.63 3.26 4.10
C GLN J 244 43.91 2.48 5.18
N GLN J 245 42.58 2.57 5.18
CA GLN J 245 41.76 1.89 6.18
C GLN J 245 41.85 0.37 6.06
N VAL J 246 42.32 -0.11 4.92
CA VAL J 246 42.58 -1.55 4.75
C VAL J 246 43.94 -1.93 5.31
N TYR J 247 44.99 -1.22 4.92
CA TYR J 247 46.33 -1.50 5.45
C TYR J 247 46.33 -1.42 6.98
N LYS J 248 45.52 -0.50 7.51
CA LYS J 248 45.42 -0.34 8.95
C LYS J 248 44.71 -1.53 9.58
N LYS J 249 43.50 -1.81 9.13
CA LYS J 249 42.70 -2.88 9.71
C LYS J 249 43.39 -4.23 9.58
N VAL J 250 44.21 -4.37 8.53
CA VAL J 250 45.00 -5.58 8.34
C VAL J 250 46.16 -5.57 9.33
N GLU J 251 47.01 -4.55 9.24
CA GLU J 251 48.16 -4.41 10.12
C GLU J 251 47.74 -4.63 11.57
N GLU J 252 46.63 -4.02 11.97
CA GLU J 252 46.07 -4.20 13.30
C GLU J 252 45.78 -5.66 13.59
N LYS J 253 45.10 -6.33 12.65
CA LYS J 253 44.74 -7.72 12.83
C LYS J 253 45.99 -8.58 12.95
N VAL J 254 46.92 -8.41 12.01
CA VAL J 254 48.20 -9.10 12.08
C VAL J 254 48.85 -8.79 13.42
N ARG J 255 49.16 -7.53 13.65
CA ARG J 255 49.78 -7.08 14.89
C ARG J 255 49.26 -7.86 16.09
N LYS J 256 47.95 -7.86 16.29
CA LYS J 256 47.34 -8.41 17.50
C LYS J 256 47.29 -9.94 17.50
N GLN J 257 47.09 -10.54 16.33
CA GLN J 257 47.10 -12.00 16.24
C GLN J 257 48.54 -12.52 16.19
N THR J 258 49.48 -11.66 15.81
CA THR J 258 50.89 -12.02 15.74
C THR J 258 51.57 -11.79 17.08
N LYS J 259 50.92 -11.02 17.94
CA LYS J 259 51.56 -10.54 19.17
C LYS J 259 52.84 -9.78 18.82
N GLY J 260 53.01 -9.48 17.53
CA GLY J 260 54.09 -8.61 17.07
C GLY J 260 55.47 -9.23 17.07
N LEU J 261 55.57 -10.53 17.33
CA LEU J 261 56.87 -11.18 17.43
C LEU J 261 57.44 -11.59 16.07
N TYR J 262 56.60 -11.59 15.04
CA TYR J 262 57.03 -12.02 13.71
C TYR J 262 57.14 -10.81 12.80
N PRO J 263 58.27 -10.68 12.09
CA PRO J 263 58.58 -9.51 11.29
C PRO J 263 58.02 -9.56 9.88
N ALA J 264 58.12 -10.73 9.23
CA ALA J 264 57.76 -10.86 7.82
C ALA J 264 56.33 -10.42 7.52
N PRO J 265 55.37 -10.87 8.33
CA PRO J 265 53.97 -10.48 8.12
C PRO J 265 53.79 -8.98 8.05
N LEU J 266 54.52 -8.25 8.90
CA LEU J 266 54.42 -6.81 8.96
C LEU J 266 55.11 -6.16 7.76
N LYS J 267 56.31 -6.63 7.45
CA LYS J 267 57.09 -6.08 6.35
C LYS J 267 56.45 -6.36 4.99
N ILE J 268 55.59 -7.38 4.94
CA ILE J 268 54.86 -7.70 3.73
C ILE J 268 53.74 -6.68 3.49
N ILE J 269 53.11 -6.24 4.57
CA ILE J 269 52.09 -5.22 4.49
C ILE J 269 52.67 -3.92 3.95
N ASP J 270 53.92 -3.66 4.28
CA ASP J 270 54.61 -2.47 3.77
C ASP J 270 54.91 -2.60 2.29
N VAL J 271 55.76 -3.56 1.94
CA VAL J 271 56.21 -3.73 0.56
C VAL J 271 55.06 -3.65 -0.44
N VAL J 272 53.91 -4.22 -0.08
CA VAL J 272 52.72 -4.14 -0.92
C VAL J 272 52.28 -2.68 -1.03
N LYS J 273 52.06 -2.04 0.10
CA LYS J 273 51.67 -0.65 0.16
C LYS J 273 52.72 0.23 -0.55
N THR J 274 53.97 0.12 -0.11
CA THR J 274 55.06 0.95 -0.65
C THR J 274 55.33 0.72 -2.13
N GLY J 275 54.54 -0.14 -2.76
CA GLY J 275 54.65 -0.39 -4.18
C GLY J 275 53.44 0.05 -4.99
N ILE J 276 52.25 -0.12 -4.41
CA ILE J 276 51.03 0.25 -5.09
C ILE J 276 50.65 1.69 -4.75
N GLU J 277 51.28 2.24 -3.72
CA GLU J 277 51.11 3.66 -3.38
C GLU J 277 52.22 4.49 -4.05
N GLN J 278 53.45 3.99 -3.97
CA GLN J 278 54.55 4.53 -4.76
C GLN J 278 54.61 3.75 -6.08
N GLY J 279 55.70 3.92 -6.82
CA GLY J 279 55.86 3.27 -8.12
C GLY J 279 56.22 1.79 -8.01
N SER J 280 55.86 1.04 -9.05
CA SER J 280 56.24 -0.37 -9.14
C SER J 280 57.75 -0.49 -8.98
N ASP J 281 58.47 0.45 -9.59
CA ASP J 281 59.92 0.49 -9.42
C ASP J 281 60.27 0.59 -7.95
N ALA J 282 59.54 1.44 -7.22
CA ALA J 282 59.76 1.60 -5.79
C ALA J 282 59.42 0.32 -5.04
N GLY J 283 58.37 -0.36 -5.49
CA GLY J 283 57.94 -1.61 -4.88
C GLY J 283 58.96 -2.73 -5.06
N TYR J 284 59.08 -3.21 -6.29
CA TYR J 284 60.01 -4.30 -6.60
C TYR J 284 61.32 -4.17 -5.84
N LEU J 285 61.84 -2.95 -5.75
CA LEU J 285 63.13 -2.74 -5.12
C LEU J 285 63.01 -2.63 -3.61
N CYS J 286 61.79 -2.45 -3.12
CA CYS J 286 61.53 -2.55 -1.69
C CYS J 286 61.42 -4.03 -1.35
N GLU J 287 60.59 -4.73 -2.10
CA GLU J 287 60.47 -6.18 -1.96
C GLU J 287 61.85 -6.81 -1.95
N SER J 288 62.61 -6.55 -3.02
CA SER J 288 63.94 -7.12 -3.17
C SER J 288 64.77 -6.97 -1.91
N GLN J 289 64.87 -5.74 -1.42
CA GLN J 289 65.68 -5.43 -0.25
C GLN J 289 65.10 -6.07 1.01
N LYS J 290 63.83 -5.76 1.29
CA LYS J 290 63.19 -6.25 2.49
C LYS J 290 63.03 -7.77 2.47
N PHE J 291 63.29 -8.38 1.32
CA PHE J 291 63.32 -9.84 1.22
C PHE J 291 64.52 -10.40 1.97
N GLY J 292 65.71 -10.07 1.48
CA GLY J 292 66.94 -10.51 2.12
C GLY J 292 67.06 -9.96 3.53
N GLU J 293 66.54 -8.75 3.73
CA GLU J 293 66.52 -8.14 5.06
C GLU J 293 65.82 -9.07 6.04
N LEU J 294 64.84 -9.83 5.55
CA LEU J 294 64.14 -10.82 6.37
C LEU J 294 64.94 -12.10 6.48
N VAL J 295 65.29 -12.69 5.34
CA VAL J 295 66.04 -13.95 5.31
C VAL J 295 67.12 -13.98 6.41
N MET J 296 67.66 -12.81 6.75
CA MET J 296 68.70 -12.69 7.77
C MET J 296 68.14 -12.58 9.18
N THR J 297 66.84 -12.28 9.29
CA THR J 297 66.22 -12.13 10.60
C THR J 297 66.28 -13.43 11.40
N LYS J 298 66.40 -13.31 12.72
CA LYS J 298 66.54 -14.47 13.58
C LYS J 298 65.36 -15.43 13.46
N GLU J 299 64.17 -14.87 13.30
CA GLU J 299 62.96 -15.67 13.20
C GLU J 299 62.99 -16.57 11.98
N SER J 300 63.11 -15.96 10.80
CA SER J 300 63.20 -16.71 9.55
C SER J 300 64.13 -17.91 9.68
N LYS J 301 65.34 -17.66 10.17
CA LYS J 301 66.32 -18.73 10.40
C LYS J 301 65.66 -19.84 11.20
N ALA J 302 64.96 -19.46 12.26
CA ALA J 302 64.32 -20.42 13.15
C ALA J 302 63.26 -21.26 12.44
N LEU J 303 62.40 -20.59 11.66
CA LEU J 303 61.29 -21.26 11.00
C LEU J 303 61.75 -22.17 9.88
N MET J 304 62.82 -21.78 9.18
CA MET J 304 63.41 -22.62 8.17
C MET J 304 63.79 -23.95 8.82
N GLY J 305 64.31 -23.86 10.04
CA GLY J 305 64.71 -25.03 10.81
C GLY J 305 63.52 -25.88 11.21
N LEU J 306 62.42 -25.22 11.58
CA LEU J 306 61.20 -25.94 11.91
C LEU J 306 60.58 -26.54 10.66
N TYR J 307 60.74 -25.86 9.53
CA TYR J 307 60.26 -26.38 8.26
C TYR J 307 60.97 -27.66 7.91
N HIS J 308 62.31 -27.61 7.93
CA HIS J 308 63.12 -28.77 7.57
C HIS J 308 62.82 -29.96 8.46
N GLY J 309 62.89 -29.75 9.77
CA GLY J 309 62.56 -30.79 10.74
C GLY J 309 61.23 -31.45 10.43
N GLN J 310 60.29 -30.65 9.93
CA GLN J 310 58.96 -31.13 9.57
C GLN J 310 59.01 -32.01 8.32
N VAL J 311 59.93 -31.73 7.41
CA VAL J 311 60.09 -32.54 6.20
C VAL J 311 60.58 -33.94 6.56
N LEU J 312 61.52 -34.00 7.50
CA LEU J 312 62.03 -35.28 7.99
C LEU J 312 60.99 -35.97 8.84
N CYS J 313 60.36 -35.22 9.73
CA CYS J 313 59.35 -35.77 10.64
C CYS J 313 58.07 -36.21 9.93
N LYS J 314 58.05 -36.08 8.62
CA LYS J 314 56.95 -36.60 7.81
C LYS J 314 57.42 -37.74 6.92
N LYS J 315 58.60 -38.27 7.23
CA LYS J 315 59.16 -39.42 6.52
C LYS J 315 59.43 -40.54 7.50
N ASN J 316 59.29 -41.79 7.05
CA ASN J 316 59.40 -42.93 7.94
C ASN J 316 60.84 -43.23 8.36
N LYS J 317 61.13 -42.99 9.63
CA LYS J 317 62.46 -43.24 10.20
C LYS J 317 62.91 -44.69 9.95
N PHE J 318 61.96 -45.61 9.95
CA PHE J 318 62.27 -47.04 9.89
C PHE J 318 61.93 -47.70 8.56
N GLY J 319 61.54 -46.91 7.57
CA GLY J 319 61.13 -47.47 6.28
C GLY J 319 59.89 -48.34 6.41
N ALA J 320 59.43 -48.86 5.27
CA ALA J 320 58.19 -49.64 5.23
C ALA J 320 58.21 -50.79 6.24
N PRO J 321 57.03 -51.15 6.75
CA PRO J 321 56.90 -52.36 7.55
C PRO J 321 56.59 -53.56 6.66
N GLN J 322 56.53 -54.75 7.25
CA GLN J 322 56.21 -55.95 6.49
C GLN J 322 54.73 -55.99 6.15
N LYS J 323 53.91 -55.71 7.16
CA LYS J 323 52.47 -55.72 6.98
C LYS J 323 51.91 -54.30 7.07
N ASP J 324 51.44 -53.78 5.94
CA ASP J 324 50.78 -52.48 5.91
C ASP J 324 49.42 -52.59 6.58
N VAL J 325 49.25 -51.87 7.68
CA VAL J 325 48.00 -51.93 8.44
C VAL J 325 46.82 -51.67 7.49
N LYS J 326 45.95 -52.67 7.34
CA LYS J 326 44.79 -52.57 6.47
C LYS J 326 43.49 -52.62 7.26
N HIS J 327 43.55 -53.16 8.47
CA HIS J 327 42.40 -53.21 9.36
C HIS J 327 42.77 -52.64 10.72
N LEU J 328 42.23 -51.47 11.04
CA LEU J 328 42.53 -50.81 12.30
C LEU J 328 41.38 -50.98 13.26
N ALA J 329 41.67 -50.82 14.56
CA ALA J 329 40.65 -50.84 15.59
C ALA J 329 41.01 -49.83 16.67
N ILE J 330 40.15 -48.83 16.87
CA ILE J 330 40.33 -47.87 17.94
C ILE J 330 39.53 -48.32 19.16
N LEU J 331 40.10 -48.13 20.35
CA LEU J 331 39.43 -48.53 21.58
C LEU J 331 39.07 -47.29 22.41
N GLY J 332 37.83 -46.83 22.26
CA GLY J 332 37.33 -45.72 23.06
C GLY J 332 36.73 -44.60 22.23
N ALA J 333 35.46 -44.73 21.89
CA ALA J 333 34.75 -43.71 21.14
C ALA J 333 34.54 -42.47 22.01
N GLY J 334 35.64 -41.97 22.57
CA GLY J 334 35.59 -40.74 23.36
C GLY J 334 35.72 -39.53 22.44
N LEU J 335 36.69 -38.68 22.74
CA LEU J 335 36.99 -37.55 21.88
C LEU J 335 38.19 -37.89 21.02
N MET J 336 39.27 -38.30 21.67
CA MET J 336 40.50 -38.64 20.97
C MET J 336 40.37 -39.98 20.22
N GLY J 337 39.33 -40.73 20.55
CA GLY J 337 39.01 -41.92 19.79
C GLY J 337 38.46 -41.51 18.44
N ALA J 338 37.23 -41.01 18.43
CA ALA J 338 36.61 -40.52 17.22
C ALA J 338 37.61 -39.65 16.46
N GLY J 339 38.18 -38.66 17.16
CA GLY J 339 39.23 -37.84 16.59
C GLY J 339 40.14 -38.71 15.76
N ILE J 340 40.77 -39.69 16.40
CA ILE J 340 41.69 -40.61 15.72
C ILE J 340 40.99 -41.38 14.61
N ALA J 341 39.82 -41.92 14.90
CA ALA J 341 39.05 -42.68 13.92
C ALA J 341 38.95 -41.92 12.61
N GLN J 342 38.37 -40.73 12.71
CA GLN J 342 38.17 -39.87 11.54
C GLN J 342 39.44 -39.70 10.73
N VAL J 343 40.54 -39.40 11.41
CA VAL J 343 41.82 -39.16 10.75
C VAL J 343 42.32 -40.41 10.03
N SER J 344 41.76 -41.56 10.40
CA SER J 344 42.10 -42.82 9.78
C SER J 344 41.09 -43.21 8.72
N VAL J 345 39.80 -43.10 9.04
CA VAL J 345 38.74 -43.53 8.13
C VAL J 345 38.82 -42.78 6.81
N ASP J 346 38.92 -41.47 6.88
CA ASP J 346 38.88 -40.62 5.70
C ASP J 346 40.07 -40.89 4.78
N LYS J 347 41.16 -41.40 5.36
CA LYS J 347 42.33 -41.76 4.57
C LYS J 347 42.08 -43.01 3.73
N GLY J 348 41.10 -43.81 4.13
CA GLY J 348 40.77 -45.05 3.43
C GLY J 348 41.01 -46.28 4.28
N LEU J 349 41.57 -46.08 5.46
CA LEU J 349 41.81 -47.16 6.40
C LEU J 349 40.49 -47.67 6.96
N LYS J 350 40.19 -48.94 6.73
CA LYS J 350 38.98 -49.52 7.29
C LYS J 350 39.20 -49.69 8.78
N THR J 351 38.56 -48.85 9.58
CA THR J 351 38.77 -48.86 11.03
C THR J 351 37.54 -49.36 11.78
N ILE J 352 37.79 -49.83 13.00
CA ILE J 352 36.74 -50.34 13.87
C ILE J 352 36.74 -49.57 15.18
N LEU J 353 35.71 -48.77 15.41
CA LEU J 353 35.58 -48.00 16.64
C LEU J 353 34.77 -48.77 17.67
N LYS J 354 35.37 -49.05 18.81
CA LYS J 354 34.70 -49.80 19.86
C LYS J 354 34.50 -48.94 21.10
N ASP J 355 33.45 -49.21 21.85
CA ASP J 355 33.26 -48.60 23.16
C ASP J 355 32.33 -49.44 24.02
N ALA J 356 32.17 -49.03 25.27
CA ALA J 356 31.40 -49.78 26.25
C ALA J 356 29.87 -49.73 26.21
N THR J 357 29.32 -48.53 26.29
CA THR J 357 27.88 -48.33 26.25
C THR J 357 27.61 -47.92 24.82
N LEU J 358 26.35 -48.04 24.40
CA LEU J 358 25.94 -47.59 23.06
C LEU J 358 25.97 -46.07 22.99
N THR J 359 25.61 -45.43 24.10
CA THR J 359 25.60 -43.97 24.18
C THR J 359 26.96 -43.40 23.79
N ALA J 360 28.02 -43.91 24.40
CA ALA J 360 29.36 -43.38 24.16
C ALA J 360 29.88 -43.76 22.79
N LEU J 361 29.38 -44.87 22.26
CA LEU J 361 29.74 -45.30 20.92
C LEU J 361 29.19 -44.30 19.89
N ASP J 362 28.03 -43.74 20.19
CA ASP J 362 27.38 -42.76 19.31
C ASP J 362 28.15 -41.45 19.28
N ARG J 363 28.25 -40.77 20.43
CA ARG J 363 29.02 -39.52 20.49
C ARG J 363 30.23 -39.61 19.57
N GLY J 364 31.00 -40.68 19.72
CA GLY J 364 32.18 -40.89 18.90
C GLY J 364 31.81 -40.95 17.43
N GLN J 365 30.85 -41.80 17.11
CA GLN J 365 30.38 -41.95 15.72
C GLN J 365 29.90 -40.61 15.16
N GLN J 366 29.34 -39.77 16.02
CA GLN J 366 28.86 -38.47 15.59
C GLN J 366 30.03 -37.58 15.18
N GLN J 367 30.98 -37.40 16.10
CA GLN J 367 32.16 -36.58 15.83
C GLN J 367 32.74 -36.93 14.47
N VAL J 368 33.08 -38.21 14.31
CA VAL J 368 33.68 -38.68 13.07
C VAL J 368 32.76 -38.43 11.87
N PHE J 369 31.46 -38.39 12.10
CA PHE J 369 30.54 -37.97 11.05
C PHE J 369 30.63 -36.46 10.87
N LYS J 370 30.14 -35.71 11.85
CA LYS J 370 30.20 -34.26 11.77
C LYS J 370 31.51 -33.84 11.12
N GLY J 371 32.61 -34.33 11.68
CA GLY J 371 33.92 -34.04 11.13
C GLY J 371 33.92 -34.07 9.62
N LEU J 372 33.54 -35.22 9.05
CA LEU J 372 33.50 -35.38 7.60
C LEU J 372 32.54 -34.39 6.98
N ASN J 373 31.38 -34.23 7.62
CA ASN J 373 30.33 -33.36 7.12
C ASN J 373 30.76 -31.90 7.08
N ASP J 374 31.54 -31.48 8.07
CA ASP J 374 32.11 -30.14 8.07
C ASP J 374 33.06 -30.01 6.88
N LYS J 375 33.88 -31.03 6.67
CA LYS J 375 34.80 -31.06 5.54
C LYS J 375 34.07 -30.98 4.20
N VAL J 376 32.79 -31.30 4.21
CA VAL J 376 31.97 -31.18 3.01
C VAL J 376 31.61 -29.72 2.76
N LYS J 377 31.10 -29.07 3.78
CA LYS J 377 30.75 -27.65 3.68
C LYS J 377 31.95 -26.83 3.22
N LYS J 378 33.10 -27.02 3.88
CA LYS J 378 34.33 -26.33 3.48
C LYS J 378 34.69 -26.65 2.02
N LYS J 379 33.87 -27.47 1.37
CA LYS J 379 34.04 -27.78 -0.05
C LYS J 379 35.27 -28.66 -0.26
N ALA J 380 35.60 -29.48 0.73
CA ALA J 380 36.78 -30.35 0.65
C ALA J 380 36.37 -31.81 0.43
N LEU J 381 35.10 -32.11 0.67
CA LEU J 381 34.56 -33.46 0.46
C LEU J 381 33.18 -33.40 -0.19
N THR J 382 32.88 -34.40 -1.02
CA THR J 382 31.57 -34.53 -1.62
C THR J 382 30.63 -35.14 -0.60
N SER J 383 29.36 -34.73 -0.65
CA SER J 383 28.33 -35.33 0.19
C SER J 383 28.44 -36.86 0.11
N PHE J 384 28.62 -37.36 -1.12
CA PHE J 384 28.72 -38.79 -1.36
C PHE J 384 30.02 -39.36 -0.79
N GLU J 385 31.12 -38.67 -1.00
CA GLU J 385 32.42 -39.06 -0.45
C GLU J 385 32.32 -39.18 1.07
N ARG J 386 31.63 -38.23 1.70
CA ARG J 386 31.40 -38.28 3.14
C ARG J 386 30.65 -39.53 3.52
N ASP J 387 29.41 -39.64 3.04
CA ASP J 387 28.56 -40.81 3.31
C ASP J 387 29.28 -42.12 3.07
N SER J 388 30.05 -42.18 1.99
CA SER J 388 30.81 -43.38 1.67
C SER J 388 31.88 -43.62 2.72
N ILE J 389 32.79 -42.66 2.88
CA ILE J 389 33.86 -42.75 3.87
C ILE J 389 33.35 -43.27 5.20
N PHE J 390 32.18 -42.79 5.61
CA PHE J 390 31.61 -43.13 6.90
C PHE J 390 31.23 -44.60 7.00
N SER J 391 31.16 -45.28 5.84
CA SER J 391 30.89 -46.71 5.81
C SER J 391 32.09 -47.52 6.30
N ASN J 392 33.28 -47.05 5.96
CA ASN J 392 34.52 -47.66 6.43
C ASN J 392 34.60 -47.68 7.96
N LEU J 393 33.82 -46.83 8.59
CA LEU J 393 33.80 -46.77 10.05
C LEU J 393 32.69 -47.69 10.52
N THR J 394 33.07 -48.90 10.93
CA THR J 394 32.14 -49.83 11.57
C THR J 394 32.34 -49.79 13.10
N GLY J 395 31.40 -49.17 13.79
CA GLY J 395 31.46 -49.06 15.25
C GLY J 395 30.76 -50.22 15.89
N GLN J 396 31.19 -50.57 17.10
CA GLN J 396 30.59 -51.68 17.83
C GLN J 396 30.91 -51.59 19.32
N LEU J 397 30.25 -52.42 20.10
CA LEU J 397 30.51 -52.47 21.54
C LEU J 397 31.40 -53.67 21.86
N ASP J 398 31.08 -54.82 21.28
CA ASP J 398 31.86 -56.02 21.48
C ASP J 398 32.90 -56.17 20.38
N TYR J 399 34.02 -56.82 20.68
CA TYR J 399 35.06 -57.09 19.68
C TYR J 399 34.61 -58.19 18.74
N GLN J 400 34.03 -57.82 17.61
CA GLN J 400 33.52 -58.81 16.67
C GLN J 400 34.56 -59.10 15.59
N GLY J 401 35.02 -58.05 14.92
CA GLY J 401 35.96 -58.21 13.81
C GLY J 401 37.42 -58.19 14.22
N PHE J 402 37.69 -57.96 15.50
CA PHE J 402 39.06 -57.90 16.00
C PHE J 402 39.91 -59.07 15.54
N GLU J 403 39.26 -60.20 15.27
CA GLU J 403 39.92 -61.38 14.73
C GLU J 403 40.88 -61.07 13.57
N LYS J 404 40.58 -59.98 12.84
CA LYS J 404 41.34 -59.65 11.63
C LYS J 404 42.11 -58.34 11.78
N ALA J 405 42.31 -57.88 13.00
CA ALA J 405 42.93 -56.58 13.26
C ALA J 405 44.44 -56.61 12.99
N ASP J 406 44.91 -55.68 12.16
CA ASP J 406 46.34 -55.56 11.87
C ASP J 406 47.01 -54.63 12.88
N MET J 407 46.27 -53.61 13.32
CA MET J 407 46.74 -52.73 14.38
C MET J 407 45.58 -52.41 15.32
N VAL J 408 45.91 -52.09 16.55
CA VAL J 408 44.91 -51.69 17.54
C VAL J 408 45.44 -50.50 18.33
N ILE J 409 44.56 -49.53 18.59
CA ILE J 409 44.95 -48.32 19.31
C ILE J 409 44.07 -48.02 20.51
N GLU J 410 44.66 -48.12 21.70
CA GLU J 410 43.93 -47.87 22.94
C GLU J 410 43.78 -46.37 23.14
N ALA J 411 42.59 -45.95 23.57
CA ALA J 411 42.32 -44.55 23.84
C ALA J 411 41.38 -44.40 25.02
N VAL J 412 41.60 -45.20 26.06
CA VAL J 412 40.75 -45.16 27.24
C VAL J 412 41.39 -44.28 28.30
N PHE J 413 40.78 -44.21 29.48
CA PHE J 413 41.23 -43.34 30.55
C PHE J 413 42.70 -43.56 30.88
N GLU J 414 43.25 -42.67 31.70
CA GLU J 414 44.62 -42.80 32.16
C GLU J 414 44.65 -43.59 33.47
N ASP J 415 44.21 -44.85 33.41
CA ASP J 415 44.24 -45.75 34.56
C ASP J 415 44.96 -47.02 34.15
N LEU J 416 46.09 -47.29 34.80
CA LEU J 416 46.92 -48.43 34.44
C LEU J 416 46.16 -49.73 34.65
N SER J 417 45.44 -49.84 35.76
CA SER J 417 44.59 -51.00 36.02
C SER J 417 43.74 -51.27 34.81
N LEU J 418 43.16 -50.19 34.28
CA LEU J 418 42.26 -50.27 33.14
C LEU J 418 43.05 -50.64 31.89
N LYS J 419 44.08 -49.85 31.61
CA LYS J 419 44.91 -50.08 30.45
C LYS J 419 45.26 -51.56 30.34
N HIS J 420 45.57 -52.17 31.48
CA HIS J 420 45.91 -53.60 31.52
C HIS J 420 44.73 -54.48 31.15
N ARG J 421 43.63 -54.37 31.90
CA ARG J 421 42.43 -55.15 31.61
C ARG J 421 42.21 -55.22 30.10
N VAL J 422 42.22 -54.06 29.46
CA VAL J 422 41.94 -53.95 28.02
C VAL J 422 42.99 -54.68 27.21
N LEU J 423 44.25 -54.36 27.45
CA LEU J 423 45.35 -55.01 26.76
C LEU J 423 45.16 -56.53 26.80
N LYS J 424 44.87 -57.05 27.99
CA LYS J 424 44.62 -58.48 28.14
C LYS J 424 43.50 -58.93 27.21
N GLU J 425 42.31 -58.39 27.44
CA GLU J 425 41.13 -58.73 26.64
C GLU J 425 41.44 -58.73 25.15
N VAL J 426 41.97 -57.62 24.68
CA VAL J 426 42.24 -57.43 23.26
C VAL J 426 43.25 -58.44 22.75
N GLU J 427 44.40 -58.51 23.41
CA GLU J 427 45.48 -59.37 22.96
C GLU J 427 45.01 -60.82 22.84
N ALA J 428 43.94 -61.16 23.56
CA ALA J 428 43.40 -62.51 23.56
C ALA J 428 42.55 -62.81 22.33
N VAL J 429 42.22 -61.80 21.54
CA VAL J 429 41.37 -62.01 20.35
C VAL J 429 41.99 -61.53 19.04
N ILE J 430 43.05 -60.74 19.11
CA ILE J 430 43.72 -60.23 17.90
C ILE J 430 44.78 -61.22 17.45
N PRO J 431 45.08 -61.24 16.14
CA PRO J 431 46.15 -62.08 15.58
C PRO J 431 47.51 -61.81 16.21
N ASP J 432 48.51 -62.59 15.85
CA ASP J 432 49.85 -62.48 16.43
C ASP J 432 50.61 -61.28 15.86
N HIS J 433 50.41 -61.02 14.57
CA HIS J 433 51.10 -59.93 13.87
C HIS J 433 50.55 -58.56 14.25
N CYS J 434 49.35 -58.53 14.83
CA CYS J 434 48.68 -57.29 15.22
C CYS J 434 49.49 -56.47 16.22
N ILE J 435 49.59 -55.17 15.96
CA ILE J 435 50.24 -54.24 16.89
C ILE J 435 49.23 -53.69 17.87
N PHE J 436 49.69 -53.40 19.08
CA PHE J 436 48.88 -52.73 20.06
C PHE J 436 49.57 -51.45 20.45
N ALA J 437 48.88 -50.33 20.25
CA ALA J 437 49.44 -49.01 20.58
C ALA J 437 48.57 -48.30 21.60
N SER J 438 49.20 -47.64 22.56
CA SER J 438 48.45 -46.95 23.62
C SER J 438 48.62 -45.43 23.54
N ASN J 439 47.51 -44.74 23.38
CA ASN J 439 47.50 -43.28 23.33
C ASN J 439 47.48 -42.70 24.75
N THR J 440 48.61 -42.77 25.43
CA THR J 440 48.71 -42.28 26.79
C THR J 440 49.76 -41.18 26.87
N SER J 441 49.73 -40.42 27.96
CA SER J 441 50.67 -39.32 28.16
C SER J 441 51.54 -39.53 29.39
N ALA J 442 50.93 -39.96 30.48
CA ALA J 442 51.66 -40.16 31.74
C ALA J 442 52.26 -41.55 31.83
N LEU J 443 51.39 -42.57 31.87
CA LEU J 443 51.83 -43.95 32.02
C LEU J 443 52.82 -44.34 30.94
N PRO J 444 53.93 -44.99 31.33
CA PRO J 444 54.95 -45.41 30.36
C PRO J 444 54.53 -46.68 29.62
N ILE J 445 55.07 -46.87 28.42
CA ILE J 445 54.67 -47.99 27.57
C ILE J 445 55.27 -49.31 28.05
N SER J 446 56.11 -49.23 29.08
CA SER J 446 56.70 -50.43 29.67
C SER J 446 55.73 -51.03 30.69
N GLU J 447 55.36 -50.23 31.69
CA GLU J 447 54.44 -50.67 32.73
C GLU J 447 53.11 -51.17 32.14
N ILE J 448 52.81 -50.76 30.92
CA ILE J 448 51.61 -51.21 30.22
C ILE J 448 51.87 -52.49 29.44
N ALA J 449 53.03 -52.54 28.77
CA ALA J 449 53.40 -53.71 27.98
C ALA J 449 53.85 -54.87 28.86
N ALA J 450 53.78 -54.68 30.18
CA ALA J 450 54.12 -55.74 31.13
C ALA J 450 53.21 -56.94 30.94
N VAL J 451 51.91 -56.71 31.05
CA VAL J 451 50.89 -57.76 30.92
C VAL J 451 50.83 -58.34 29.50
N SER J 452 51.60 -57.75 28.58
CA SER J 452 51.51 -58.14 27.18
C SER J 452 51.97 -59.58 26.95
N LYS J 453 51.16 -60.33 26.22
CA LYS J 453 51.53 -61.68 25.80
C LYS J 453 52.65 -61.60 24.76
N ARG J 454 52.75 -60.46 24.08
CA ARG J 454 53.84 -60.21 23.13
C ARG J 454 54.20 -58.73 23.18
N PRO J 455 55.16 -58.35 24.06
CA PRO J 455 55.55 -56.95 24.16
C PRO J 455 56.41 -56.44 23.01
N GLU J 456 56.76 -57.29 22.06
CA GLU J 456 57.44 -56.85 20.84
C GLU J 456 56.45 -56.01 20.04
N LYS J 457 55.20 -56.45 20.05
CA LYS J 457 54.13 -55.82 19.29
C LYS J 457 53.42 -54.69 20.06
N VAL J 458 53.96 -54.30 21.21
CA VAL J 458 53.37 -53.20 21.98
C VAL J 458 54.23 -51.94 21.92
N ILE J 459 53.61 -50.87 21.43
CA ILE J 459 54.30 -49.60 21.18
C ILE J 459 53.36 -48.43 21.47
N GLY J 460 53.91 -47.35 22.04
CA GLY J 460 53.09 -46.19 22.37
C GLY J 460 52.83 -45.28 21.19
N MET J 461 51.60 -44.81 21.05
CA MET J 461 51.25 -43.83 20.04
C MET J 461 50.51 -42.66 20.68
N HIS J 462 51.29 -41.71 21.20
CA HIS J 462 50.75 -40.56 21.93
C HIS J 462 50.32 -39.47 20.96
N TYR J 463 49.00 -39.41 20.69
CA TYR J 463 48.42 -38.39 19.83
C TYR J 463 48.19 -37.10 20.62
N PHE J 464 47.96 -36.01 19.90
CA PHE J 464 47.73 -34.72 20.53
C PHE J 464 46.34 -34.18 20.21
N SER J 465 45.73 -33.53 21.20
CA SER J 465 44.35 -33.05 21.08
C SER J 465 44.29 -31.60 20.62
N PRO J 466 43.29 -31.25 19.80
CA PRO J 466 42.28 -32.16 19.24
C PRO J 466 42.84 -32.92 18.06
N VAL J 467 42.63 -34.24 18.05
CA VAL J 467 43.24 -35.09 17.03
C VAL J 467 42.66 -34.79 15.64
N ASP J 468 41.46 -34.20 15.62
CA ASP J 468 40.85 -33.79 14.36
C ASP J 468 41.78 -32.86 13.60
N LYS J 469 42.27 -31.84 14.29
CA LYS J 469 43.02 -30.74 13.67
C LYS J 469 44.52 -30.76 13.91
N MET J 470 44.94 -31.12 15.12
CA MET J 470 46.37 -31.21 15.46
C MET J 470 47.08 -32.15 14.49
N GLN J 471 48.40 -32.11 14.48
CA GLN J 471 49.14 -32.98 13.58
C GLN J 471 50.35 -33.66 14.22
N LEU J 472 50.64 -33.36 15.48
CA LEU J 472 51.76 -34.00 16.14
C LEU J 472 51.37 -35.39 16.62
N LEU J 473 52.31 -36.33 16.47
CA LEU J 473 52.14 -37.69 16.95
C LEU J 473 53.45 -38.19 17.56
N GLU J 474 53.43 -38.41 18.86
CA GLU J 474 54.63 -38.84 19.58
C GLU J 474 54.61 -40.35 19.77
N ILE J 475 55.40 -41.05 18.95
CA ILE J 475 55.48 -42.49 19.04
C ILE J 475 56.54 -42.91 20.06
N ILE J 476 56.08 -43.57 21.13
CA ILE J 476 56.97 -44.02 22.19
C ILE J 476 57.49 -45.43 21.89
N THR J 477 58.70 -45.74 22.33
CA THR J 477 59.27 -47.06 22.09
C THR J 477 60.01 -47.59 23.33
N THR J 478 59.61 -48.77 23.78
CA THR J 478 60.30 -49.46 24.87
C THR J 478 61.45 -50.25 24.28
N GLU J 479 62.24 -50.89 25.14
CA GLU J 479 63.39 -51.67 24.69
C GLU J 479 62.95 -52.99 24.07
N LYS J 480 61.93 -53.61 24.65
CA LYS J 480 61.41 -54.87 24.13
C LYS J 480 60.73 -54.62 22.78
N THR J 481 60.22 -53.40 22.59
CA THR J 481 59.50 -53.02 21.38
C THR J 481 60.23 -53.40 20.11
N SER J 482 59.51 -53.99 19.16
CA SER J 482 60.10 -54.44 17.90
C SER J 482 60.36 -53.27 16.95
N LYS J 483 61.24 -53.49 15.98
CA LYS J 483 61.59 -52.48 14.99
C LYS J 483 60.49 -52.36 13.93
N ASP J 484 60.03 -53.49 13.42
CA ASP J 484 58.93 -53.52 12.45
C ASP J 484 57.64 -53.03 13.09
N THR J 485 57.42 -53.42 14.35
CA THR J 485 56.27 -52.95 15.11
C THR J 485 56.25 -51.42 15.14
N SER J 486 57.44 -50.82 15.19
CA SER J 486 57.58 -49.37 15.18
C SER J 486 57.42 -48.82 13.76
N ALA J 487 58.03 -49.50 12.79
CA ALA J 487 57.98 -49.08 11.40
C ALA J 487 56.57 -49.10 10.84
N SER J 488 55.66 -49.80 11.50
CA SER J 488 54.26 -49.82 11.10
C SER J 488 53.51 -48.65 11.75
N ALA J 489 53.69 -48.51 13.06
CA ALA J 489 53.08 -47.42 13.80
C ALA J 489 53.42 -46.07 13.15
N VAL J 490 54.68 -45.91 12.77
CA VAL J 490 55.13 -44.69 12.12
C VAL J 490 54.38 -44.50 10.80
N ALA J 491 54.37 -45.54 9.98
CA ALA J 491 53.73 -45.46 8.67
C ALA J 491 52.25 -45.08 8.81
N VAL J 492 51.58 -45.65 9.81
CA VAL J 492 50.16 -45.38 10.03
C VAL J 492 49.92 -43.90 10.32
N GLY J 493 50.66 -43.37 11.30
CA GLY J 493 50.58 -41.95 11.66
C GLY J 493 50.78 -41.04 10.45
N LEU J 494 51.70 -41.44 9.58
CA LEU J 494 51.98 -40.67 8.38
C LEU J 494 50.81 -40.72 7.40
N LYS J 495 50.19 -41.89 7.28
CA LYS J 495 48.98 -42.02 6.46
C LYS J 495 47.87 -41.18 7.05
N GLN J 496 47.76 -41.21 8.37
CA GLN J 496 46.83 -40.33 9.09
C GLN J 496 47.22 -38.88 8.86
N GLY J 497 48.40 -38.68 8.26
CA GLY J 497 48.85 -37.35 7.86
C GLY J 497 49.38 -36.53 9.02
N LYS J 498 50.15 -37.17 9.88
CA LYS J 498 50.65 -36.52 11.08
C LYS J 498 52.15 -36.24 10.95
N VAL J 499 52.64 -35.36 11.81
CA VAL J 499 54.07 -35.09 11.91
C VAL J 499 54.61 -35.90 13.09
N ILE J 500 55.54 -36.80 12.80
CA ILE J 500 55.93 -37.81 13.77
C ILE J 500 57.29 -37.55 14.43
N ILE J 501 57.32 -37.76 15.74
CA ILE J 501 58.50 -37.61 16.55
C ILE J 501 58.66 -38.89 17.36
N VAL J 502 59.80 -39.57 17.22
CA VAL J 502 60.02 -40.83 17.93
C VAL J 502 60.91 -40.65 19.16
N VAL J 503 60.48 -41.23 20.28
CA VAL J 503 61.23 -41.14 21.52
C VAL J 503 61.34 -42.51 22.18
N LYS J 504 62.35 -42.69 23.01
CA LYS J 504 62.50 -43.91 23.78
C LYS J 504 61.62 -43.77 25.01
N ASP J 505 61.04 -44.87 25.47
CA ASP J 505 60.12 -44.81 26.62
C ASP J 505 60.77 -44.13 27.81
N GLY J 506 59.99 -43.32 28.51
CA GLY J 506 60.46 -42.68 29.73
C GLY J 506 59.31 -42.51 30.71
N PRO J 507 59.63 -42.13 31.95
CA PRO J 507 58.59 -41.76 32.89
C PRO J 507 58.16 -40.35 32.57
N GLY J 508 57.03 -40.21 31.88
CA GLY J 508 56.70 -38.96 31.22
C GLY J 508 57.65 -38.81 30.05
N PHE J 509 57.14 -39.05 28.85
CA PHE J 509 57.98 -39.05 27.65
C PHE J 509 58.42 -37.62 27.37
N TYR J 510 59.19 -37.43 26.31
CA TYR J 510 59.72 -36.11 26.00
C TYR J 510 58.72 -34.98 26.29
N THR J 511 57.57 -35.03 25.63
CA THR J 511 56.60 -33.93 25.67
C THR J 511 56.03 -33.68 27.05
N THR J 512 55.23 -34.62 27.55
CA THR J 512 54.58 -34.46 28.85
C THR J 512 55.61 -34.09 29.91
N ARG J 513 56.76 -34.76 29.88
CA ARG J 513 57.84 -34.50 30.82
C ARG J 513 58.23 -33.02 30.83
N CYS J 514 58.84 -32.58 29.74
CA CYS J 514 59.30 -31.20 29.64
C CYS J 514 58.19 -30.22 30.04
N LEU J 515 56.95 -30.61 29.80
CA LEU J 515 55.81 -29.75 30.10
C LEU J 515 55.63 -29.57 31.61
N ALA J 516 55.87 -30.62 32.37
CA ALA J 516 55.61 -30.62 33.82
C ALA J 516 56.23 -29.44 34.57
N PRO J 517 57.57 -29.34 34.56
CA PRO J 517 58.24 -28.29 35.34
C PRO J 517 57.54 -26.94 35.22
N MET J 518 57.22 -26.55 34.00
CA MET J 518 56.51 -25.29 33.76
C MET J 518 55.24 -25.24 34.60
N MET J 519 54.40 -26.27 34.45
CA MET J 519 53.11 -26.31 35.12
C MET J 519 53.28 -26.14 36.63
N SER J 520 54.43 -26.56 37.15
CA SER J 520 54.77 -26.31 38.53
C SER J 520 55.08 -24.83 38.72
N GLU J 521 56.06 -24.35 37.96
CA GLU J 521 56.47 -22.95 38.02
C GLU J 521 55.27 -22.02 37.82
N VAL J 522 54.28 -22.49 37.07
CA VAL J 522 53.05 -21.74 36.86
C VAL J 522 52.30 -21.58 38.19
N ILE J 523 51.99 -22.70 38.84
CA ILE J 523 51.32 -22.67 40.13
C ILE J 523 52.04 -21.68 41.06
N ARG J 524 53.36 -21.83 41.13
CA ARG J 524 54.19 -20.98 41.97
C ARG J 524 53.94 -19.49 41.69
N ILE J 525 54.05 -19.10 40.43
CA ILE J 525 53.86 -17.70 40.05
C ILE J 525 52.45 -17.22 40.40
N LEU J 526 51.44 -18.01 40.02
CA LEU J 526 50.06 -17.68 40.38
C LEU J 526 49.93 -17.51 41.89
N GLN J 527 50.75 -18.24 42.63
CA GLN J 527 50.75 -18.18 44.09
C GLN J 527 51.70 -17.12 44.61
N GLU J 528 52.34 -16.37 43.70
CA GLU J 528 53.28 -15.33 44.11
C GLU J 528 52.67 -13.93 44.06
N GLY J 529 51.36 -13.86 43.77
CA GLY J 529 50.66 -12.58 43.68
C GLY J 529 50.21 -12.25 42.27
N VAL J 530 50.87 -12.85 41.28
CA VAL J 530 50.49 -12.70 39.88
C VAL J 530 49.16 -13.39 39.64
N ASP J 531 48.41 -12.91 38.65
CA ASP J 531 47.09 -13.47 38.35
C ASP J 531 46.99 -13.98 36.90
N PRO J 532 45.90 -14.69 36.57
CA PRO J 532 45.68 -15.19 35.21
C PRO J 532 45.95 -14.15 34.13
N LYS J 533 45.19 -13.06 34.12
CA LYS J 533 45.31 -12.02 33.10
C LYS J 533 46.77 -11.63 32.84
N LYS J 534 47.52 -11.41 33.90
CA LYS J 534 48.91 -11.02 33.78
C LYS J 534 49.77 -12.16 33.25
N LEU J 535 49.51 -13.38 33.72
CA LEU J 535 50.29 -14.54 33.33
C LEU J 535 49.98 -14.96 31.89
N ASP J 536 48.68 -15.01 31.56
CA ASP J 536 48.26 -15.30 30.19
C ASP J 536 48.90 -14.30 29.25
N SER J 537 48.76 -13.01 29.56
CA SER J 537 49.33 -11.95 28.75
C SER J 537 50.85 -12.06 28.66
N LEU J 538 51.49 -12.34 29.79
CA LEU J 538 52.95 -12.44 29.86
C LEU J 538 53.49 -13.50 28.92
N THR J 539 52.79 -14.62 28.82
CA THR J 539 53.26 -15.75 28.03
C THR J 539 52.85 -15.62 26.56
N THR J 540 51.57 -15.32 26.32
CA THR J 540 51.08 -15.16 24.96
C THR J 540 51.93 -14.12 24.21
N SER J 541 52.28 -13.05 24.92
CA SER J 541 53.09 -11.98 24.34
C SER J 541 54.57 -12.37 24.23
N PHE J 542 54.93 -13.53 24.78
CA PHE J 542 56.28 -14.07 24.61
C PHE J 542 56.34 -14.98 23.39
N GLY J 543 55.18 -15.29 22.82
CA GLY J 543 55.11 -16.11 21.61
C GLY J 543 54.27 -17.36 21.79
N PHE J 544 53.85 -17.62 23.02
CA PHE J 544 53.07 -18.81 23.32
C PHE J 544 51.68 -18.71 22.71
N PRO J 545 51.26 -19.75 21.98
CA PRO J 545 49.91 -19.80 21.45
C PRO J 545 48.83 -19.65 22.53
N VAL J 546 49.06 -20.24 23.70
CA VAL J 546 48.07 -20.21 24.77
C VAL J 546 48.62 -19.62 26.06
N GLY J 547 47.79 -18.85 26.76
CA GLY J 547 48.17 -18.28 28.05
C GLY J 547 48.42 -19.39 29.05
N ALA J 548 49.55 -19.30 29.75
CA ALA J 548 49.99 -20.38 30.64
C ALA J 548 48.90 -20.82 31.61
N ALA J 549 48.16 -19.87 32.16
CA ALA J 549 47.10 -20.18 33.11
C ALA J 549 45.88 -20.77 32.40
N THR J 550 45.37 -20.06 31.40
CA THR J 550 44.24 -20.54 30.63
C THR J 550 44.57 -21.87 29.94
N LEU J 551 45.85 -22.07 29.67
CA LEU J 551 46.35 -23.36 29.18
C LEU J 551 45.83 -24.45 30.10
N VAL J 552 46.05 -24.27 31.40
CA VAL J 552 45.65 -25.25 32.40
C VAL J 552 44.15 -25.32 32.57
N ASP J 553 43.53 -24.17 32.84
CA ASP J 553 42.08 -24.11 33.06
C ASP J 553 41.33 -24.80 31.91
N GLU J 554 42.01 -24.93 30.77
CA GLU J 554 41.45 -25.64 29.62
C GLU J 554 41.83 -27.13 29.65
N VAL J 555 43.13 -27.41 29.76
CA VAL J 555 43.66 -28.77 29.71
C VAL J 555 42.99 -29.73 30.68
N GLY J 556 43.06 -29.40 31.97
CA GLY J 556 42.45 -30.23 33.00
C GLY J 556 42.89 -29.80 34.39
N VAL J 557 42.00 -29.09 35.09
CA VAL J 557 42.28 -28.67 36.47
C VAL J 557 42.62 -29.87 37.34
N ASP J 558 41.98 -31.00 37.04
CA ASP J 558 42.19 -32.25 37.79
C ASP J 558 43.25 -33.10 37.13
N VAL J 559 43.20 -33.20 35.80
CA VAL J 559 44.20 -33.96 35.06
C VAL J 559 45.57 -33.31 35.28
N ALA J 560 45.54 -32.04 35.67
CA ALA J 560 46.76 -31.34 36.10
C ALA J 560 47.43 -32.14 37.21
N LYS J 561 46.68 -32.39 38.27
CA LYS J 561 47.20 -33.14 39.42
C LYS J 561 47.54 -34.56 39.01
N HIS J 562 46.65 -35.19 38.26
CA HIS J 562 46.85 -36.57 37.79
C HIS J 562 48.28 -36.81 37.31
N VAL J 563 48.86 -35.81 36.66
CA VAL J 563 50.20 -35.95 36.09
C VAL J 563 51.23 -35.09 36.83
N ALA J 564 50.76 -34.04 37.50
CA ALA J 564 51.65 -33.17 38.27
C ALA J 564 52.20 -33.91 39.48
N GLU J 565 51.41 -34.86 40.00
CA GLU J 565 51.81 -35.63 41.17
C GLU J 565 52.31 -37.02 40.78
N ASP J 566 51.67 -37.65 39.79
CA ASP J 566 52.13 -38.95 39.31
C ASP J 566 53.54 -38.87 38.73
N LEU J 567 53.85 -37.73 38.11
CA LEU J 567 55.16 -37.49 37.54
C LEU J 567 56.04 -36.74 38.53
N GLY J 568 55.40 -36.08 39.50
CA GLY J 568 56.11 -35.41 40.58
C GLY J 568 56.63 -36.40 41.61
N LYS J 569 55.95 -37.54 41.72
CA LYS J 569 56.41 -38.61 42.60
C LYS J 569 57.62 -39.31 42.01
N VAL J 570 57.61 -39.49 40.70
CA VAL J 570 58.71 -40.16 40.00
C VAL J 570 59.96 -39.30 40.05
N PHE J 571 59.78 -37.98 40.05
CA PHE J 571 60.89 -37.04 40.16
C PHE J 571 60.77 -36.22 41.44
N GLY J 572 59.91 -35.21 41.43
CA GLY J 572 59.70 -34.35 42.59
C GLY J 572 60.93 -33.55 43.02
N GLU J 573 62.06 -33.84 42.40
CA GLU J 573 63.33 -33.23 42.82
C GLU J 573 63.48 -31.82 42.24
N ARG J 574 63.37 -31.72 40.93
CA ARG J 574 63.54 -30.46 40.23
C ARG J 574 62.18 -29.91 39.84
N PHE J 575 61.21 -30.82 39.76
CA PHE J 575 59.84 -30.47 39.39
C PHE J 575 59.11 -29.77 40.54
N GLY J 576 59.83 -29.57 41.64
CA GLY J 576 59.26 -28.91 42.81
C GLY J 576 59.12 -27.41 42.61
N GLY J 577 57.91 -26.98 42.24
CA GLY J 577 57.62 -25.56 42.05
C GLY J 577 56.67 -25.05 43.11
N GLY J 578 55.41 -24.87 42.72
CA GLY J 578 54.38 -24.39 43.64
C GLY J 578 53.84 -25.50 44.52
N ASN J 579 52.89 -25.13 45.38
CA ASN J 579 52.26 -26.08 46.30
C ASN J 579 51.05 -26.72 45.63
N PRO J 580 51.13 -28.03 45.35
CA PRO J 580 50.00 -28.71 44.71
C PRO J 580 48.77 -28.85 45.62
N GLU J 581 48.79 -28.20 46.79
CA GLU J 581 47.62 -28.18 47.66
C GLU J 581 46.56 -27.24 47.09
N LEU J 582 46.98 -26.03 46.72
CA LEU J 582 46.07 -25.06 46.10
C LEU J 582 45.49 -25.67 44.82
N LEU J 583 46.28 -26.52 44.18
CA LEU J 583 45.83 -27.26 43.01
C LEU J 583 44.75 -28.27 43.41
N THR J 584 44.89 -28.84 44.60
CA THR J 584 43.89 -29.73 45.16
C THR J 584 42.70 -28.94 45.68
N GLN J 585 42.99 -27.91 46.47
CA GLN J 585 41.96 -27.01 47.01
C GLN J 585 40.94 -26.62 45.94
N MET J 586 41.33 -26.72 44.67
CA MET J 586 40.42 -26.43 43.57
C MET J 586 39.45 -27.57 43.33
N VAL J 587 39.99 -28.78 43.15
CA VAL J 587 39.16 -29.93 42.86
C VAL J 587 38.22 -30.24 44.02
N SER J 588 38.81 -30.42 45.20
CA SER J 588 38.05 -30.80 46.39
C SER J 588 37.05 -29.72 46.82
N LYS J 589 37.42 -28.45 46.65
CA LYS J 589 36.52 -27.35 46.96
C LYS J 589 35.54 -27.15 45.81
N GLY J 590 35.82 -27.79 44.67
CA GLY J 590 34.90 -27.81 43.54
C GLY J 590 35.18 -26.75 42.49
N PHE J 591 36.27 -26.91 41.75
CA PHE J 591 36.64 -25.98 40.69
C PHE J 591 37.06 -26.73 39.42
N LEU J 592 36.74 -26.15 38.27
CA LEU J 592 36.98 -26.82 36.99
C LEU J 592 37.19 -25.84 35.84
N GLY J 593 37.62 -26.36 34.69
CA GLY J 593 37.80 -25.57 33.48
C GLY J 593 36.83 -25.96 32.37
N ARG J 594 36.00 -26.96 32.64
CA ARG J 594 34.85 -27.27 31.80
C ARG J 594 33.61 -26.78 32.54
N LYS J 595 33.84 -25.90 33.51
CA LYS J 595 32.77 -25.29 34.31
C LYS J 595 33.15 -23.84 34.65
N SER J 596 33.50 -23.07 33.63
CA SER J 596 33.82 -21.66 33.77
C SER J 596 33.53 -20.90 32.47
N LYS J 608 31.93 -15.14 24.01
CA LYS J 608 31.75 -15.20 25.45
C LYS J 608 33.00 -15.79 26.11
N ARG J 609 34.13 -15.09 25.96
CA ARG J 609 35.39 -15.53 26.56
C ARG J 609 35.89 -14.45 27.50
N LYS J 610 35.07 -14.11 28.50
CA LYS J 610 35.36 -12.96 29.36
C LYS J 610 35.01 -13.21 30.82
N ASP J 611 35.13 -14.46 31.26
CA ASP J 611 34.91 -14.80 32.66
C ASP J 611 36.09 -14.36 33.50
N LEU J 612 35.90 -14.44 34.81
CA LEU J 612 37.00 -14.33 35.75
C LEU J 612 36.91 -15.56 36.64
N ASN J 613 37.64 -15.56 37.75
CA ASN J 613 37.55 -16.64 38.72
C ASN J 613 37.63 -16.05 40.13
N SER J 614 36.63 -15.24 40.47
CA SER J 614 36.65 -14.45 41.70
C SER J 614 36.71 -15.29 42.98
N ASP J 615 36.14 -16.48 42.95
CA ASP J 615 36.20 -17.37 44.12
C ASP J 615 37.60 -17.98 44.27
N MET J 616 38.28 -18.16 43.14
CA MET J 616 39.66 -18.63 43.16
C MET J 616 40.60 -17.57 43.74
N ASP J 617 40.16 -16.31 43.77
CA ASP J 617 40.89 -15.23 44.43
C ASP J 617 40.94 -15.46 45.94
N SER J 618 39.77 -15.70 46.52
CA SER J 618 39.64 -15.92 47.96
C SER J 618 40.55 -17.06 48.44
N ILE J 619 40.49 -18.18 47.74
CA ILE J 619 41.26 -19.37 48.12
C ILE J 619 42.75 -19.21 47.80
N LEU J 620 43.05 -18.49 46.73
CA LEU J 620 44.44 -18.22 46.35
C LEU J 620 45.10 -17.36 47.43
N ALA J 621 44.42 -16.27 47.79
CA ALA J 621 44.91 -15.36 48.83
C ALA J 621 45.31 -16.11 50.09
N SER J 622 44.53 -17.14 50.44
CA SER J 622 44.76 -17.92 51.66
C SER J 622 46.21 -18.35 51.81
N LEU J 623 46.71 -19.12 50.83
CA LEU J 623 48.07 -19.63 50.87
C LEU J 623 48.85 -19.16 49.65
N LYS J 624 49.70 -18.14 49.84
CA LYS J 624 50.52 -17.65 48.75
C LYS J 624 51.78 -16.92 49.23
N LEU J 625 52.94 -17.39 48.75
CA LEU J 625 54.23 -16.80 49.11
C LEU J 625 54.45 -15.43 48.47
N PRO J 626 55.44 -14.67 48.96
CA PRO J 626 55.78 -13.37 48.40
C PRO J 626 56.87 -13.46 47.33
N PRO J 627 57.03 -12.39 46.53
CA PRO J 627 57.98 -12.39 45.41
C PRO J 627 59.44 -12.42 45.83
N LYS J 628 60.32 -12.30 44.84
CA LYS J 628 61.75 -12.17 45.09
C LYS J 628 62.19 -10.80 44.60
N SER J 629 63.49 -10.53 44.62
CA SER J 629 64.02 -9.25 44.13
C SER J 629 64.36 -9.33 42.65
N GLU J 630 65.34 -10.16 42.32
CA GLU J 630 65.83 -10.28 40.94
C GLU J 630 65.10 -11.37 40.14
N VAL J 631 63.93 -11.78 40.61
CA VAL J 631 63.21 -12.85 39.93
C VAL J 631 61.69 -12.57 39.85
N SER J 632 61.27 -11.42 40.36
CA SER J 632 59.87 -11.03 40.31
C SER J 632 59.56 -10.30 39.01
N SER J 633 60.61 -9.95 38.27
CA SER J 633 60.49 -9.16 37.05
C SER J 633 59.59 -9.85 36.01
N ASP J 634 58.83 -9.05 35.27
CA ASP J 634 57.95 -9.56 34.22
C ASP J 634 58.73 -10.38 33.19
N GLU J 635 59.89 -9.86 32.78
CA GLU J 635 60.75 -10.56 31.85
C GLU J 635 61.33 -11.83 32.48
N ASP J 636 61.55 -11.76 33.79
CA ASP J 636 62.07 -12.91 34.53
C ASP J 636 61.01 -13.99 34.67
N ILE J 637 59.79 -13.58 35.00
CA ILE J 637 58.67 -14.50 35.10
C ILE J 637 58.55 -15.35 33.83
N GLN J 638 58.89 -14.75 32.69
CA GLN J 638 58.86 -15.47 31.42
C GLN J 638 59.95 -16.53 31.37
N PHE J 639 61.21 -16.10 31.44
CA PHE J 639 62.35 -17.01 31.31
C PHE J 639 62.34 -18.09 32.40
N ARG J 640 61.82 -17.73 33.57
CA ARG J 640 61.54 -18.73 34.60
C ARG J 640 60.98 -19.99 33.94
N LEU J 641 59.87 -19.80 33.22
CA LEU J 641 59.18 -20.89 32.55
C LEU J 641 59.99 -21.50 31.42
N VAL J 642 60.36 -20.67 30.45
CA VAL J 642 61.06 -21.14 29.26
C VAL J 642 62.27 -21.99 29.63
N THR J 643 63.18 -21.42 30.42
CA THR J 643 64.44 -22.09 30.76
C THR J 643 64.21 -23.48 31.36
N ARG J 644 63.32 -23.58 32.34
CA ARG J 644 63.02 -24.88 32.95
C ARG J 644 62.62 -25.89 31.88
N PHE J 645 61.79 -25.46 30.94
CA PHE J 645 61.40 -26.28 29.81
C PHE J 645 62.61 -26.60 28.95
N VAL J 646 63.24 -25.57 28.40
CA VAL J 646 64.37 -25.74 27.50
C VAL J 646 65.40 -26.69 28.10
N ASN J 647 65.55 -26.65 29.42
CA ASN J 647 66.49 -27.55 30.09
C ASN J 647 66.03 -29.00 29.95
N GLU J 648 64.92 -29.36 30.59
CA GLU J 648 64.40 -30.72 30.53
C GLU J 648 64.40 -31.25 29.10
N ALA J 649 64.18 -30.36 28.14
CA ALA J 649 64.19 -30.74 26.73
C ALA J 649 65.58 -31.21 26.30
N VAL J 650 66.56 -30.33 26.43
CA VAL J 650 67.94 -30.67 26.05
C VAL J 650 68.46 -31.86 26.86
N MET J 651 67.97 -31.96 28.10
CA MET J 651 68.31 -33.10 28.97
C MET J 651 67.79 -34.39 28.35
N CYS J 652 66.64 -34.32 27.70
CA CYS J 652 66.06 -35.50 27.07
C CYS J 652 66.83 -35.91 25.84
N LEU J 653 67.60 -34.98 25.27
CA LEU J 653 68.54 -35.32 24.21
C LEU J 653 69.73 -36.03 24.85
N GLN J 654 70.18 -35.46 25.96
CA GLN J 654 71.28 -36.00 26.75
C GLN J 654 70.99 -37.43 27.19
N GLU J 655 69.82 -37.65 27.77
CA GLU J 655 69.42 -38.96 28.26
C GLU J 655 69.12 -39.94 27.13
N GLY J 656 69.13 -39.44 25.89
CA GLY J 656 68.93 -40.28 24.73
C GLY J 656 67.48 -40.58 24.42
N ILE J 657 66.56 -39.90 25.11
CA ILE J 657 65.13 -40.04 24.81
C ILE J 657 64.82 -39.43 23.45
N LEU J 658 65.25 -38.18 23.25
CA LEU J 658 65.14 -37.55 21.94
C LEU J 658 66.21 -38.08 21.01
N ALA J 659 65.79 -38.62 19.87
CA ALA J 659 66.74 -39.15 18.90
C ALA J 659 67.55 -38.02 18.27
N THR J 660 66.90 -36.89 18.02
CA THR J 660 67.55 -35.74 17.40
C THR J 660 67.08 -34.45 18.05
N PRO J 661 67.77 -33.33 17.75
CA PRO J 661 67.32 -32.03 18.24
C PRO J 661 66.16 -31.53 17.40
N ALA J 662 66.20 -31.82 16.10
CA ALA J 662 65.13 -31.44 15.18
C ALA J 662 63.79 -31.97 15.67
N GLU J 663 63.72 -33.28 15.92
CA GLU J 663 62.54 -33.89 16.50
C GLU J 663 62.18 -33.17 17.81
N GLY J 664 63.19 -32.99 18.67
CA GLY J 664 63.00 -32.29 19.93
C GLY J 664 62.33 -30.95 19.75
N ASP J 665 62.68 -30.25 18.68
CA ASP J 665 62.08 -28.96 18.33
C ASP J 665 60.67 -29.13 17.77
N ILE J 666 60.57 -29.79 16.63
CA ILE J 666 59.29 -30.10 16.03
C ILE J 666 58.23 -30.36 17.10
N GLY J 667 58.46 -31.40 17.89
CA GLY J 667 57.51 -31.82 18.93
C GLY J 667 57.25 -30.75 19.98
N ALA J 668 58.27 -29.97 20.32
CA ALA J 668 58.13 -28.91 21.31
C ALA J 668 57.25 -27.77 20.79
N VAL J 669 57.43 -27.43 19.52
CA VAL J 669 56.66 -26.35 18.90
C VAL J 669 55.25 -26.81 18.53
N PHE J 670 55.19 -27.90 17.76
CA PHE J 670 53.91 -28.41 17.27
C PHE J 670 52.98 -28.91 18.37
N GLY J 671 53.55 -29.32 19.51
CA GLY J 671 52.78 -29.97 20.57
C GLY J 671 52.66 -29.19 21.86
N LEU J 672 53.79 -28.69 22.36
CA LEU J 672 53.80 -27.97 23.63
C LEU J 672 53.54 -26.48 23.41
N GLY J 673 53.41 -26.08 22.15
CA GLY J 673 53.16 -24.70 21.81
C GLY J 673 54.35 -23.81 22.11
N PHE J 674 55.55 -24.37 21.99
CA PHE J 674 56.76 -23.58 22.15
C PHE J 674 56.81 -22.54 21.04
N PRO J 675 57.01 -21.26 21.40
CA PRO J 675 57.04 -20.15 20.44
C PRO J 675 57.95 -20.42 19.24
N PRO J 676 57.36 -20.53 18.03
CA PRO J 676 58.11 -20.90 16.84
C PRO J 676 59.10 -19.83 16.36
N CYS J 677 58.80 -18.56 16.61
CA CYS J 677 59.74 -17.49 16.27
C CYS J 677 61.11 -17.80 16.89
N LEU J 678 61.09 -18.39 18.08
CA LEU J 678 62.31 -18.82 18.73
C LEU J 678 62.90 -20.03 17.98
N GLY J 679 62.03 -20.86 17.43
CA GLY J 679 62.44 -21.94 16.53
C GLY J 679 62.53 -23.31 17.16
N GLY J 680 61.97 -23.47 18.37
CA GLY J 680 62.09 -24.70 19.13
C GLY J 680 63.19 -24.57 20.17
N PRO J 681 63.09 -25.34 21.26
CA PRO J 681 64.01 -25.18 22.39
C PRO J 681 65.47 -25.45 22.03
N PHE J 682 65.69 -26.32 21.04
CA PHE J 682 67.04 -26.65 20.61
C PHE J 682 67.62 -25.59 19.68
N ARG J 683 66.75 -24.89 18.96
CA ARG J 683 67.17 -23.74 18.16
C ARG J 683 67.45 -22.59 19.11
N PHE J 684 66.52 -22.38 20.03
CA PHE J 684 66.60 -21.29 21.00
C PHE J 684 67.95 -21.25 21.71
N VAL J 685 68.52 -22.43 21.95
CA VAL J 685 69.87 -22.53 22.49
C VAL J 685 70.87 -21.99 21.48
N ASP J 686 70.81 -22.51 20.26
CA ASP J 686 71.74 -22.13 19.20
C ASP J 686 71.69 -20.64 18.87
N LEU J 687 70.53 -20.01 19.08
CA LEU J 687 70.35 -18.62 18.66
C LEU J 687 70.49 -17.63 19.83
N TYR J 688 69.65 -17.79 20.85
CA TYR J 688 69.64 -16.87 21.99
C TYR J 688 70.95 -16.92 22.78
N GLY J 689 71.66 -18.04 22.66
CA GLY J 689 72.96 -18.19 23.31
C GLY J 689 73.05 -19.42 24.19
N ALA J 690 73.90 -20.37 23.79
CA ALA J 690 74.12 -21.59 24.57
C ALA J 690 74.67 -21.24 25.95
N GLN J 691 75.24 -20.04 26.08
CA GLN J 691 75.76 -19.56 27.36
C GLN J 691 74.76 -18.65 28.04
N LYS J 692 74.33 -17.60 27.33
CA LYS J 692 73.40 -16.62 27.85
C LYS J 692 72.18 -17.28 28.47
N ILE J 693 71.82 -18.45 27.95
CA ILE J 693 70.68 -19.22 28.45
C ILE J 693 70.98 -19.86 29.81
N VAL J 694 72.26 -20.13 30.06
CA VAL J 694 72.68 -20.76 31.31
C VAL J 694 72.84 -19.72 32.41
N ASP J 695 73.51 -18.62 32.08
CA ASP J 695 73.64 -17.49 32.99
C ASP J 695 72.27 -17.03 33.44
N ARG J 696 71.31 -17.09 32.52
CA ARG J 696 69.93 -16.76 32.82
C ARG J 696 69.31 -17.86 33.69
N LEU J 697 69.78 -19.09 33.51
CA LEU J 697 69.26 -20.23 34.26
C LEU J 697 69.86 -20.30 35.67
N LYS J 698 71.16 -20.06 35.79
CA LYS J 698 71.82 -20.02 37.10
C LYS J 698 71.26 -18.88 37.96
N LYS J 699 70.66 -17.90 37.30
CA LYS J 699 70.02 -16.79 37.98
C LYS J 699 68.64 -17.18 38.51
N TYR J 700 68.05 -18.22 37.92
CA TYR J 700 66.80 -18.80 38.41
C TYR J 700 67.07 -20.14 39.10
N GLU J 701 68.27 -20.26 39.66
CA GLU J 701 68.68 -21.47 40.36
C GLU J 701 69.12 -21.11 41.78
N ALA J 702 70.31 -20.56 41.90
CA ALA J 702 70.87 -20.19 43.20
C ALA J 702 70.07 -19.04 43.81
N ALA J 703 69.60 -18.13 42.95
CA ALA J 703 68.79 -17.00 43.40
C ALA J 703 67.42 -17.47 43.89
N TYR J 704 66.94 -18.58 43.32
CA TYR J 704 65.63 -19.10 43.71
C TYR J 704 65.76 -20.36 44.56
N GLY J 705 66.93 -20.52 45.18
CA GLY J 705 67.16 -21.58 46.17
C GLY J 705 66.58 -22.94 45.83
N LYS J 706 66.47 -23.25 44.55
CA LYS J 706 65.99 -24.56 44.11
C LYS J 706 66.98 -25.17 43.14
N GLN J 707 66.87 -26.48 42.92
CA GLN J 707 67.82 -27.21 42.09
C GLN J 707 67.44 -27.18 40.62
N PHE J 708 67.01 -26.01 40.14
CA PHE J 708 66.57 -25.85 38.75
C PHE J 708 67.78 -25.41 37.93
N THR J 709 68.71 -26.36 37.82
CA THR J 709 70.09 -26.12 37.43
C THR J 709 70.36 -26.77 36.08
N PRO J 710 71.23 -26.15 35.27
CA PRO J 710 71.55 -26.70 33.95
C PRO J 710 72.03 -28.15 34.02
N CYS J 711 71.54 -28.97 33.10
CA CYS J 711 72.00 -30.35 32.97
C CYS J 711 73.40 -30.34 32.36
N GLN J 712 73.91 -31.53 32.04
CA GLN J 712 75.26 -31.66 31.50
C GLN J 712 75.36 -31.12 30.08
N LEU J 713 74.52 -31.63 29.19
CA LEU J 713 74.60 -31.28 27.76
C LEU J 713 74.31 -29.80 27.52
N LEU J 714 73.45 -29.21 28.35
CA LEU J 714 73.17 -27.78 28.26
C LEU J 714 74.41 -26.99 28.65
N ALA J 715 74.95 -27.30 29.83
CA ALA J 715 76.16 -26.64 30.33
C ALA J 715 77.39 -27.02 29.53
N ASP J 716 77.31 -28.14 28.81
CA ASP J 716 78.39 -28.58 27.95
C ASP J 716 78.56 -27.60 26.78
N HIS J 717 77.45 -27.30 26.11
CA HIS J 717 77.43 -26.35 25.00
C HIS J 717 77.80 -24.94 25.45
N ALA J 718 77.50 -24.64 26.71
CA ALA J 718 77.79 -23.34 27.30
C ALA J 718 79.28 -23.08 27.40
N ASN J 719 80.01 -24.07 27.91
CA ASN J 719 81.44 -23.93 28.14
C ASN J 719 82.27 -23.92 26.86
N SER J 720 81.60 -23.96 25.71
CA SER J 720 82.28 -23.90 24.43
C SER J 720 81.45 -23.07 23.43
N PRO J 721 81.98 -22.85 22.22
CA PRO J 721 81.18 -22.26 21.16
C PRO J 721 80.50 -23.36 20.37
N ASN J 722 79.41 -23.90 20.91
CA ASN J 722 78.74 -25.05 20.32
C ASN J 722 77.25 -24.82 20.01
N LYS J 723 76.77 -25.55 19.02
CA LYS J 723 75.39 -25.45 18.57
C LYS J 723 74.89 -26.83 18.18
N LYS J 724 73.65 -27.14 18.56
CA LYS J 724 73.10 -28.48 18.38
C LYS J 724 72.76 -28.76 16.93
N PHE J 725 71.97 -27.87 16.34
CA PHE J 725 71.46 -28.10 15.00
C PHE J 725 72.56 -28.08 13.94
N TYR J 726 73.45 -27.10 14.02
CA TYR J 726 74.54 -27.00 13.06
C TYR J 726 75.55 -25.94 13.48
N ARG K 2 -66.96 8.64 -45.04
CA ARG K 2 -66.00 8.79 -43.91
C ARG K 2 -65.42 10.20 -43.88
N THR K 3 -66.05 11.07 -43.10
CA THR K 3 -65.63 12.47 -43.01
C THR K 3 -64.41 12.65 -42.12
N HIS K 4 -64.16 11.67 -41.26
CA HIS K 4 -63.01 11.71 -40.36
C HIS K 4 -61.90 10.81 -40.87
N ILE K 5 -62.06 9.50 -40.68
CA ILE K 5 -61.01 8.55 -41.02
C ILE K 5 -61.01 8.20 -42.51
N ASN K 6 -59.88 8.41 -43.16
CA ASN K 6 -59.71 8.02 -44.56
C ASN K 6 -58.96 6.70 -44.67
N TYR K 7 -58.76 6.24 -45.90
CA TYR K 7 -58.15 4.94 -46.15
C TYR K 7 -57.08 5.06 -47.24
N GLY K 8 -56.51 3.93 -47.63
CA GLY K 8 -55.45 3.89 -48.64
C GLY K 8 -54.45 2.79 -48.31
N VAL K 9 -53.84 2.21 -49.34
CA VAL K 9 -52.92 1.09 -49.14
C VAL K 9 -51.72 1.13 -50.09
N LYS K 10 -50.58 0.62 -49.62
CA LYS K 10 -49.36 0.54 -50.41
C LYS K 10 -48.57 -0.72 -50.06
N GLY K 11 -48.39 -1.60 -51.04
CA GLY K 11 -47.73 -2.87 -50.80
C GLY K 11 -48.54 -3.67 -49.80
N ASP K 12 -47.86 -4.45 -48.97
CA ASP K 12 -48.56 -5.21 -47.93
C ASP K 12 -48.70 -4.38 -46.66
N VAL K 13 -48.95 -3.08 -46.83
CA VAL K 13 -49.05 -2.15 -45.70
C VAL K 13 -50.17 -1.14 -45.91
N ALA K 14 -51.13 -1.11 -45.00
CA ALA K 14 -52.23 -0.15 -45.04
C ALA K 14 -51.79 1.17 -44.44
N VAL K 15 -52.38 2.27 -44.91
CA VAL K 15 -52.04 3.59 -44.39
C VAL K 15 -53.29 4.39 -44.05
N VAL K 16 -53.77 4.20 -42.82
CA VAL K 16 -54.90 4.96 -42.30
C VAL K 16 -54.51 6.43 -42.18
N ARG K 17 -55.50 7.32 -42.25
CA ARG K 17 -55.21 8.76 -42.22
C ARG K 17 -56.26 9.52 -41.42
N ILE K 18 -55.94 9.85 -40.17
CA ILE K 18 -56.86 10.57 -39.30
C ILE K 18 -56.93 12.06 -39.65
N ASN K 19 -58.13 12.54 -39.93
CA ASN K 19 -58.35 13.98 -40.13
C ASN K 19 -59.82 14.33 -39.95
N SER K 20 -60.13 15.05 -38.88
CA SER K 20 -61.50 15.45 -38.57
C SER K 20 -62.08 16.37 -39.66
N PRO K 21 -63.42 16.54 -39.64
CA PRO K 21 -64.12 17.34 -40.66
C PRO K 21 -63.70 18.80 -40.68
N ASN K 22 -63.70 19.43 -39.50
CA ASN K 22 -63.22 20.80 -39.37
C ASN K 22 -61.72 20.87 -39.62
N SER K 23 -61.02 19.78 -39.27
CA SER K 23 -59.57 19.64 -39.51
C SER K 23 -58.72 20.39 -38.49
N LYS K 24 -59.36 21.30 -37.75
CA LYS K 24 -58.65 22.14 -36.77
C LYS K 24 -57.80 21.28 -35.81
N VAL K 25 -58.43 20.27 -35.23
CA VAL K 25 -57.74 19.34 -34.34
C VAL K 25 -58.52 18.04 -34.35
N ASN K 26 -57.81 16.93 -34.50
CA ASN K 26 -58.46 15.61 -34.55
C ASN K 26 -58.80 15.13 -33.14
N THR K 27 -60.10 15.15 -32.81
CA THR K 27 -60.57 14.64 -31.53
C THR K 27 -61.37 13.36 -31.74
N LEU K 28 -61.49 12.57 -30.68
CA LEU K 28 -62.15 11.27 -30.77
C LEU K 28 -63.66 11.37 -30.64
N SER K 29 -64.34 11.55 -31.77
CA SER K 29 -65.80 11.60 -31.80
C SER K 29 -66.38 10.18 -31.86
N LYS K 30 -67.62 10.04 -31.43
CA LYS K 30 -68.29 8.75 -31.51
C LYS K 30 -68.32 8.27 -32.95
N GLU K 31 -68.70 9.16 -33.86
CA GLU K 31 -68.81 8.78 -35.26
C GLU K 31 -67.45 8.48 -35.87
N LEU K 32 -66.42 9.18 -35.39
CA LEU K 32 -65.05 8.88 -35.81
C LEU K 32 -64.70 7.47 -35.35
N HIS K 33 -64.96 7.21 -34.07
CA HIS K 33 -64.76 5.88 -33.50
C HIS K 33 -65.38 4.81 -34.39
N SER K 34 -66.51 5.14 -35.00
CA SER K 34 -67.22 4.20 -35.87
C SER K 34 -66.45 3.95 -37.16
N GLU K 35 -66.14 5.01 -37.89
CA GLU K 35 -65.41 4.90 -39.16
C GLU K 35 -64.12 4.09 -38.97
N PHE K 36 -63.35 4.47 -37.97
CA PHE K 36 -62.10 3.76 -37.64
C PHE K 36 -62.37 2.29 -37.38
N SER K 37 -63.30 2.01 -36.48
CA SER K 37 -63.66 0.64 -36.12
C SER K 37 -63.99 -0.18 -37.36
N GLU K 38 -64.52 0.50 -38.38
CA GLU K 38 -64.82 -0.14 -39.66
C GLU K 38 -63.54 -0.37 -40.45
N VAL K 39 -62.75 0.69 -40.63
CA VAL K 39 -61.56 0.62 -41.48
C VAL K 39 -60.60 -0.48 -41.03
N MET K 40 -60.52 -0.71 -39.73
CA MET K 40 -59.65 -1.76 -39.18
C MET K 40 -60.09 -3.14 -39.66
N ASN K 41 -61.34 -3.48 -39.40
CA ASN K 41 -61.90 -4.76 -39.82
C ASN K 41 -61.51 -5.10 -41.25
N GLU K 42 -61.57 -4.10 -42.13
CA GLU K 42 -61.19 -4.28 -43.52
C GLU K 42 -59.74 -4.77 -43.63
N ILE K 43 -58.82 -3.97 -43.11
CA ILE K 43 -57.40 -4.29 -43.22
C ILE K 43 -57.04 -5.51 -42.37
N TRP K 44 -57.77 -5.69 -41.27
CA TRP K 44 -57.61 -6.86 -40.42
C TRP K 44 -57.87 -8.15 -41.18
N ALA K 45 -59.10 -8.28 -41.68
CA ALA K 45 -59.55 -9.51 -42.34
C ALA K 45 -58.92 -9.67 -43.73
N SER K 46 -58.79 -8.56 -44.46
CA SER K 46 -58.20 -8.59 -45.80
C SER K 46 -56.84 -9.27 -45.80
N ASP K 47 -56.76 -10.40 -46.49
CA ASP K 47 -55.52 -11.15 -46.59
C ASP K 47 -54.49 -10.43 -47.44
N GLN K 48 -54.90 -9.32 -48.06
CA GLN K 48 -54.02 -8.56 -48.93
C GLN K 48 -52.96 -7.81 -48.14
N ILE K 49 -53.23 -7.57 -46.86
CA ILE K 49 -52.42 -6.68 -46.05
C ILE K 49 -51.79 -7.38 -44.85
N ARG K 50 -50.47 -7.26 -44.72
CA ARG K 50 -49.71 -7.94 -43.67
C ARG K 50 -49.36 -7.00 -42.51
N SER K 51 -49.41 -5.70 -42.78
CA SER K 51 -49.05 -4.68 -41.78
C SER K 51 -49.77 -3.37 -42.05
N ALA K 52 -49.65 -2.40 -41.15
CA ALA K 52 -50.37 -1.12 -41.31
C ALA K 52 -49.82 0.03 -40.48
N VAL K 53 -50.14 1.25 -40.91
CA VAL K 53 -49.71 2.49 -40.27
C VAL K 53 -50.91 3.40 -40.03
N LEU K 54 -50.80 4.31 -39.07
CA LEU K 54 -51.83 5.36 -38.92
C LEU K 54 -51.23 6.69 -38.46
N ILE K 55 -51.40 7.70 -39.31
CA ILE K 55 -50.83 9.02 -39.12
C ILE K 55 -51.90 10.09 -39.33
N SER K 56 -51.69 11.28 -38.75
CA SER K 56 -52.63 12.38 -38.90
C SER K 56 -52.33 13.19 -40.15
N SER K 57 -53.37 13.48 -40.93
CA SER K 57 -53.23 14.35 -42.10
C SER K 57 -53.25 15.80 -41.62
N LYS K 58 -54.10 16.08 -40.62
CA LYS K 58 -54.21 17.42 -40.05
C LYS K 58 -52.88 17.83 -39.45
N PRO K 59 -52.33 18.96 -39.93
CA PRO K 59 -50.99 19.40 -39.54
C PRO K 59 -50.89 19.80 -38.07
N GLY K 60 -51.96 20.40 -37.55
CA GLY K 60 -51.96 20.91 -36.18
C GLY K 60 -51.55 19.87 -35.15
N CYS K 61 -52.02 18.63 -35.34
CA CYS K 61 -51.78 17.60 -34.33
C CYS K 61 -52.01 16.18 -34.83
N PHE K 62 -51.93 15.24 -33.89
CA PHE K 62 -52.21 13.83 -34.14
C PHE K 62 -53.60 13.50 -33.60
N ILE K 63 -53.76 13.58 -32.28
CA ILE K 63 -55.03 13.30 -31.61
C ILE K 63 -55.15 14.16 -30.34
N ALA K 64 -56.35 14.36 -29.84
CA ALA K 64 -56.54 15.10 -28.60
C ALA K 64 -57.55 14.47 -27.63
N GLY K 65 -58.53 13.73 -28.13
CA GLY K 65 -59.56 13.11 -27.29
C GLY K 65 -60.74 14.03 -27.08
N ALA K 66 -61.93 13.56 -27.43
CA ALA K 66 -63.10 14.45 -27.54
C ALA K 66 -63.89 14.66 -26.25
N ASP K 67 -63.97 15.93 -25.81
CA ASP K 67 -64.81 16.33 -24.70
C ASP K 67 -66.25 16.50 -25.20
N ILE K 68 -66.46 16.21 -26.47
CA ILE K 68 -67.75 16.45 -27.13
C ILE K 68 -68.89 15.71 -26.44
N ASN K 69 -68.69 14.42 -26.21
CA ASN K 69 -69.75 13.55 -25.70
C ASN K 69 -69.56 13.16 -24.24
N MET K 70 -68.51 13.70 -23.62
CA MET K 70 -68.15 13.29 -22.27
C MET K 70 -69.24 13.70 -21.27
N LEU K 71 -69.54 14.99 -21.21
CA LEU K 71 -70.63 15.46 -20.36
C LEU K 71 -71.94 15.60 -21.16
N ALA K 72 -71.86 15.40 -22.47
CA ALA K 72 -73.03 15.54 -23.35
C ALA K 72 -73.88 14.28 -23.33
N ALA K 73 -73.26 13.15 -23.63
CA ALA K 73 -73.94 11.85 -23.56
C ALA K 73 -73.95 11.34 -22.13
N CYS K 74 -73.44 12.17 -21.22
CA CYS K 74 -73.44 11.88 -19.79
C CYS K 74 -74.88 11.73 -19.28
N LYS K 75 -75.32 10.49 -19.12
CA LYS K 75 -76.66 10.24 -18.60
C LYS K 75 -76.57 9.66 -17.19
N THR K 76 -76.21 8.39 -17.08
CA THR K 76 -76.05 7.75 -15.77
C THR K 76 -74.58 7.62 -15.42
N LEU K 77 -74.31 7.28 -14.17
CA LEU K 77 -72.93 7.09 -13.71
C LEU K 77 -72.23 6.07 -14.59
N GLN K 78 -72.98 5.09 -15.09
CA GLN K 78 -72.39 4.00 -15.87
C GLN K 78 -72.69 4.07 -17.37
N GLU K 79 -73.39 5.10 -17.81
CA GLU K 79 -73.47 5.38 -19.24
C GLU K 79 -72.15 5.97 -19.69
N VAL K 80 -71.41 6.49 -18.72
CA VAL K 80 -70.04 6.94 -18.94
C VAL K 80 -69.09 5.77 -18.77
N THR K 81 -69.20 5.06 -17.64
CA THR K 81 -68.42 3.84 -17.41
C THR K 81 -68.52 2.93 -18.63
N GLN K 82 -69.72 2.87 -19.21
CA GLN K 82 -69.97 2.10 -20.42
C GLN K 82 -69.02 2.54 -21.52
N LEU K 83 -69.07 3.81 -21.87
CA LEU K 83 -68.20 4.36 -22.92
C LEU K 83 -66.76 3.88 -22.74
N SER K 84 -66.16 4.21 -21.60
CA SER K 84 -64.77 3.83 -21.33
C SER K 84 -64.49 2.42 -21.81
N GLN K 85 -65.33 1.47 -21.43
CA GLN K 85 -65.15 0.07 -21.80
C GLN K 85 -65.15 -0.08 -23.31
N GLU K 86 -66.19 0.44 -23.95
CA GLU K 86 -66.32 0.34 -25.41
C GLU K 86 -65.05 0.85 -26.09
N ALA K 87 -64.37 1.79 -25.45
CA ALA K 87 -63.08 2.28 -25.93
C ALA K 87 -62.00 1.24 -25.68
N GLN K 88 -61.81 0.88 -24.40
CA GLN K 88 -60.83 -0.14 -24.03
C GLN K 88 -60.85 -1.31 -24.99
N ARG K 89 -62.06 -1.70 -25.39
CA ARG K 89 -62.24 -2.83 -26.29
C ARG K 89 -61.50 -2.60 -27.60
N ILE K 90 -61.71 -1.44 -28.21
CA ILE K 90 -61.14 -1.14 -29.53
C ILE K 90 -59.61 -1.22 -29.49
N VAL K 91 -59.01 -0.47 -28.57
CA VAL K 91 -57.54 -0.45 -28.46
C VAL K 91 -56.98 -1.85 -28.18
N GLU K 92 -57.69 -2.63 -27.38
CA GLU K 92 -57.26 -4.00 -27.08
C GLU K 92 -57.20 -4.83 -28.36
N LYS K 93 -58.10 -4.53 -29.30
CA LYS K 93 -58.04 -5.16 -30.61
C LYS K 93 -56.73 -4.77 -31.28
N LEU K 94 -56.42 -3.49 -31.25
CA LEU K 94 -55.17 -2.99 -31.81
C LEU K 94 -53.97 -3.63 -31.13
N GLU K 95 -53.91 -3.51 -29.80
CA GLU K 95 -52.81 -4.09 -29.05
C GLU K 95 -52.59 -5.53 -29.46
N LYS K 96 -53.64 -6.34 -29.33
CA LYS K 96 -53.60 -7.74 -29.73
C LYS K 96 -53.98 -7.87 -31.20
N SER K 97 -53.17 -7.29 -32.07
CA SER K 97 -53.42 -7.36 -33.51
C SER K 97 -52.56 -8.46 -34.14
N THR K 98 -53.13 -9.14 -35.13
CA THR K 98 -52.41 -10.17 -35.86
C THR K 98 -51.51 -9.49 -36.89
N LYS K 99 -51.81 -8.23 -37.20
CA LYS K 99 -51.02 -7.46 -38.13
C LYS K 99 -50.40 -6.26 -37.40
N PRO K 100 -49.07 -6.08 -37.53
CA PRO K 100 -48.39 -4.97 -36.88
C PRO K 100 -48.98 -3.61 -37.27
N ILE K 101 -49.09 -2.72 -36.29
CA ILE K 101 -49.65 -1.40 -36.50
C ILE K 101 -48.72 -0.32 -35.93
N VAL K 102 -48.18 0.51 -36.82
CA VAL K 102 -47.25 1.56 -36.41
C VAL K 102 -47.96 2.89 -36.26
N ALA K 103 -47.86 3.49 -35.09
CA ALA K 103 -48.43 4.80 -34.84
C ALA K 103 -47.47 5.89 -35.28
N ALA K 104 -47.85 6.63 -36.31
CA ALA K 104 -47.02 7.72 -36.80
C ALA K 104 -47.52 9.05 -36.24
N ILE K 105 -46.98 9.43 -35.09
CA ILE K 105 -47.46 10.58 -34.35
C ILE K 105 -46.79 11.84 -34.85
N ASN K 106 -47.58 12.75 -35.44
CA ASN K 106 -47.03 14.02 -35.90
C ASN K 106 -47.02 15.10 -34.82
N GLY K 107 -48.19 15.68 -34.55
CA GLY K 107 -48.28 16.82 -33.64
C GLY K 107 -48.68 16.44 -32.23
N SER K 108 -49.69 17.12 -31.69
CA SER K 108 -50.19 16.83 -30.34
C SER K 108 -50.79 15.43 -30.27
N CYS K 109 -50.37 14.67 -29.27
CA CYS K 109 -50.92 13.36 -29.02
C CYS K 109 -51.20 13.20 -27.53
N LEU K 110 -52.38 13.65 -27.10
CA LEU K 110 -52.71 13.68 -25.68
C LEU K 110 -53.92 12.81 -25.36
N GLY K 111 -54.09 12.54 -24.07
CA GLY K 111 -55.23 11.76 -23.59
C GLY K 111 -55.53 10.59 -24.49
N GLY K 112 -56.77 10.53 -24.98
CA GLY K 112 -57.19 9.44 -25.84
C GLY K 112 -56.10 9.05 -26.80
N GLY K 113 -55.66 10.02 -27.60
CA GLY K 113 -54.63 9.78 -28.61
C GLY K 113 -53.46 8.97 -28.12
N LEU K 114 -52.89 9.35 -26.98
CA LEU K 114 -51.76 8.63 -26.40
C LEU K 114 -52.17 7.21 -26.01
N GLU K 115 -53.39 7.05 -25.51
CA GLU K 115 -53.90 5.74 -25.10
C GLU K 115 -54.15 4.81 -26.28
N VAL K 116 -54.03 5.34 -27.49
CA VAL K 116 -54.14 4.54 -28.71
C VAL K 116 -52.76 4.11 -29.19
N ALA K 117 -51.91 5.10 -29.48
CA ALA K 117 -50.53 4.84 -29.87
C ALA K 117 -49.83 4.00 -28.80
N ILE K 118 -50.33 4.09 -27.58
CA ILE K 118 -49.81 3.31 -26.48
C ILE K 118 -50.19 1.84 -26.64
N SER K 119 -51.24 1.58 -27.41
CA SER K 119 -51.70 0.21 -27.65
C SER K 119 -51.06 -0.37 -28.91
N CYS K 120 -50.85 0.47 -29.91
CA CYS K 120 -50.24 0.04 -31.17
C CYS K 120 -48.90 -0.66 -30.94
N GLN K 121 -48.37 -1.27 -31.99
CA GLN K 121 -47.15 -2.08 -31.89
C GLN K 121 -45.89 -1.23 -31.81
N TYR K 122 -45.84 -0.16 -32.61
CA TYR K 122 -44.66 0.67 -32.68
C TYR K 122 -45.07 2.14 -32.72
N ARG K 123 -44.47 2.95 -31.85
CA ARG K 123 -44.74 4.38 -31.83
C ARG K 123 -43.58 5.13 -32.49
N ILE K 124 -43.91 5.99 -33.45
CA ILE K 124 -42.92 6.83 -34.12
C ILE K 124 -43.40 8.27 -34.17
N ALA K 125 -42.62 9.18 -33.59
CA ALA K 125 -43.05 10.57 -33.42
C ALA K 125 -42.01 11.57 -33.85
N THR K 126 -42.47 12.75 -34.26
CA THR K 126 -41.59 13.79 -34.80
C THR K 126 -40.97 14.63 -33.68
N LYS K 127 -39.69 14.96 -33.83
CA LYS K 127 -38.99 15.83 -32.88
C LYS K 127 -39.42 17.28 -33.07
N ASP K 128 -40.66 17.56 -32.72
CA ASP K 128 -41.23 18.90 -32.87
C ASP K 128 -41.68 19.41 -31.50
N ARG K 129 -41.69 20.73 -31.34
CA ARG K 129 -42.17 21.33 -30.11
C ARG K 129 -43.65 21.07 -29.94
N LYS K 130 -44.41 21.22 -31.03
CA LYS K 130 -45.84 20.99 -31.00
C LYS K 130 -46.18 19.51 -30.77
N THR K 131 -45.23 18.64 -31.06
CA THR K 131 -45.40 17.21 -30.75
C THR K 131 -45.19 16.97 -29.27
N VAL K 132 -46.29 16.83 -28.54
CA VAL K 132 -46.24 16.53 -27.13
C VAL K 132 -47.09 15.30 -26.83
N LEU K 133 -46.64 14.51 -25.87
CA LEU K 133 -47.41 13.36 -25.45
C LEU K 133 -47.76 13.55 -23.99
N GLY K 134 -49.00 13.26 -23.61
CA GLY K 134 -49.44 13.41 -22.22
C GLY K 134 -50.80 12.83 -21.90
N THR K 135 -51.07 12.71 -20.60
CA THR K 135 -52.36 12.23 -20.10
C THR K 135 -52.98 13.26 -19.16
N PRO K 136 -53.57 14.32 -19.74
CA PRO K 136 -54.09 15.44 -18.98
C PRO K 136 -55.46 15.15 -18.38
N GLU K 137 -55.97 13.95 -18.65
CA GLU K 137 -57.23 13.50 -18.11
C GLU K 137 -57.42 14.01 -16.68
N VAL K 138 -56.37 13.90 -15.88
CA VAL K 138 -56.39 14.31 -14.48
C VAL K 138 -56.92 15.72 -14.30
N LEU K 139 -56.41 16.62 -15.15
CA LEU K 139 -56.64 18.05 -15.00
C LEU K 139 -58.11 18.42 -15.12
N LEU K 140 -58.91 17.52 -15.70
CA LEU K 140 -60.34 17.74 -15.81
C LEU K 140 -61.07 16.96 -14.73
N GLY K 141 -60.35 16.56 -13.69
CA GLY K 141 -60.93 15.82 -12.57
C GLY K 141 -61.27 14.37 -12.91
N ALA K 142 -60.75 13.90 -14.04
CA ALA K 142 -61.02 12.54 -14.52
C ALA K 142 -59.73 11.74 -14.54
N LEU K 143 -59.72 10.62 -15.26
CA LEU K 143 -58.50 9.85 -15.47
C LEU K 143 -58.55 9.11 -16.82
N PRO K 144 -57.39 8.60 -17.28
CA PRO K 144 -57.38 7.92 -18.58
C PRO K 144 -58.38 6.77 -18.60
N GLY K 145 -59.30 6.79 -19.56
CA GLY K 145 -60.36 5.79 -19.62
C GLY K 145 -60.20 4.76 -20.70
N ALA K 146 -59.01 4.66 -21.28
CA ALA K 146 -58.76 3.71 -22.37
C ALA K 146 -57.39 3.03 -22.23
N GLY K 147 -57.20 2.31 -21.14
CA GLY K 147 -56.01 1.49 -20.96
C GLY K 147 -54.80 2.24 -20.46
N GLY K 148 -54.87 3.56 -20.45
CA GLY K 148 -53.77 4.38 -19.97
C GLY K 148 -53.25 3.95 -18.61
N THR K 149 -54.17 3.66 -17.69
CA THR K 149 -53.81 3.27 -16.33
C THR K 149 -53.10 1.93 -16.29
N GLN K 150 -53.14 1.19 -17.39
CA GLN K 150 -52.60 -0.17 -17.41
C GLN K 150 -51.39 -0.31 -18.31
N ARG K 151 -51.41 0.38 -19.45
CA ARG K 151 -50.34 0.23 -20.43
C ARG K 151 -49.13 1.11 -20.12
N LEU K 152 -49.37 2.33 -19.62
CA LEU K 152 -48.27 3.25 -19.32
C LEU K 152 -47.35 2.71 -18.25
N PRO K 153 -47.92 2.22 -17.13
CA PRO K 153 -47.09 1.63 -16.08
C PRO K 153 -46.20 0.52 -16.61
N LYS K 154 -46.77 -0.31 -17.48
CA LYS K 154 -46.05 -1.44 -18.04
C LYS K 154 -44.94 -0.96 -18.97
N MET K 155 -45.22 0.13 -19.69
CA MET K 155 -44.34 0.62 -20.76
C MET K 155 -43.24 1.55 -20.28
N VAL K 156 -43.53 2.33 -19.23
CA VAL K 156 -42.60 3.37 -18.80
C VAL K 156 -42.34 3.31 -17.29
N GLY K 157 -42.39 2.11 -16.72
CA GLY K 157 -42.19 1.95 -15.28
C GLY K 157 -43.31 2.56 -14.49
N VAL K 158 -43.47 2.11 -13.25
CA VAL K 158 -44.58 2.54 -12.39
C VAL K 158 -44.49 4.02 -12.01
N PRO K 159 -43.27 4.50 -11.72
CA PRO K 159 -43.13 5.91 -11.33
C PRO K 159 -43.58 6.87 -12.42
N ALA K 160 -42.80 7.00 -13.48
CA ALA K 160 -43.09 7.96 -14.53
C ALA K 160 -44.54 7.84 -15.03
N ALA K 161 -45.03 6.61 -15.11
CA ALA K 161 -46.39 6.35 -15.57
C ALA K 161 -47.43 6.94 -14.62
N LEU K 162 -47.10 7.00 -13.34
CA LEU K 162 -47.95 7.68 -12.36
C LEU K 162 -47.81 9.19 -12.54
N ASP K 163 -46.58 9.67 -12.42
CA ASP K 163 -46.29 11.08 -12.63
C ASP K 163 -47.07 11.58 -13.84
N MET K 164 -46.85 10.93 -14.98
CA MET K 164 -47.49 11.30 -16.23
C MET K 164 -49.02 11.41 -16.08
N MET K 165 -49.61 10.52 -15.31
CA MET K 165 -51.06 10.43 -15.17
C MET K 165 -51.59 11.15 -13.93
N LEU K 166 -50.70 11.73 -13.14
CA LEU K 166 -51.12 12.49 -11.98
C LEU K 166 -51.00 13.97 -12.30
N THR K 167 -49.86 14.37 -12.83
CA THR K 167 -49.59 15.77 -13.14
C THR K 167 -50.23 16.20 -14.45
N GLY K 168 -50.52 15.23 -15.31
CA GLY K 168 -51.05 15.54 -16.63
C GLY K 168 -50.09 16.39 -17.43
N ARG K 169 -48.80 16.32 -17.07
CA ARG K 169 -47.76 17.03 -17.80
C ARG K 169 -47.66 16.51 -19.22
N SER K 170 -47.35 17.41 -20.15
CA SER K 170 -47.09 17.03 -21.53
C SER K 170 -45.61 16.72 -21.68
N ILE K 171 -45.29 15.64 -22.39
CA ILE K 171 -43.90 15.21 -22.52
C ILE K 171 -43.34 15.58 -23.89
N ARG K 172 -42.15 16.14 -23.89
CA ARG K 172 -41.46 16.50 -25.13
C ARG K 172 -41.17 15.26 -25.95
N ALA K 173 -41.09 15.44 -27.26
CA ALA K 173 -40.82 14.32 -28.16
C ALA K 173 -39.58 13.53 -27.73
N ASP K 174 -38.46 14.22 -27.56
CA ASP K 174 -37.19 13.58 -27.23
C ASP K 174 -37.21 12.96 -25.85
N ARG K 175 -37.80 13.67 -24.89
CA ARG K 175 -37.94 13.14 -23.54
C ARG K 175 -38.76 11.85 -23.60
N ALA K 176 -39.87 11.91 -24.33
CA ALA K 176 -40.74 10.76 -24.48
C ALA K 176 -39.96 9.57 -25.03
N LYS K 177 -39.12 9.83 -26.02
CA LYS K 177 -38.35 8.78 -26.67
C LYS K 177 -37.48 8.04 -25.65
N LYS K 178 -36.56 8.76 -25.04
CA LYS K 178 -35.63 8.17 -24.08
C LYS K 178 -36.40 7.54 -22.95
N MET K 179 -37.57 8.10 -22.67
CA MET K 179 -38.43 7.63 -21.60
C MET K 179 -38.92 6.22 -21.89
N GLY K 180 -39.06 5.88 -23.17
CA GLY K 180 -39.55 4.57 -23.57
C GLY K 180 -40.99 4.64 -24.06
N LEU K 181 -41.61 5.80 -23.92
CA LEU K 181 -42.98 6.01 -24.38
C LEU K 181 -43.06 5.78 -25.89
N VAL K 182 -42.15 6.43 -26.61
CA VAL K 182 -42.06 6.33 -28.06
C VAL K 182 -40.89 5.43 -28.46
N ASP K 183 -41.09 4.64 -29.50
CA ASP K 183 -40.10 3.67 -29.94
C ASP K 183 -39.02 4.26 -30.84
N GLN K 184 -39.40 5.28 -31.62
CA GLN K 184 -38.48 5.83 -32.61
C GLN K 184 -38.85 7.28 -32.95
N LEU K 185 -37.82 8.10 -33.17
CA LEU K 185 -38.02 9.53 -33.34
C LEU K 185 -37.57 10.00 -34.72
N VAL K 186 -38.13 11.11 -35.19
CA VAL K 186 -37.77 11.67 -36.50
C VAL K 186 -37.83 13.20 -36.53
N GLU K 187 -36.77 13.83 -37.02
CA GLU K 187 -36.70 15.28 -37.11
C GLU K 187 -37.47 15.78 -38.32
N PRO K 188 -38.23 16.86 -38.14
CA PRO K 188 -39.02 17.45 -39.24
C PRO K 188 -38.13 18.03 -40.34
N LEU K 189 -38.70 18.17 -41.54
CA LEU K 189 -37.91 18.52 -42.71
C LEU K 189 -38.02 20.00 -43.08
N GLY K 190 -36.97 20.49 -43.73
CA GLY K 190 -36.96 21.84 -44.27
C GLY K 190 -37.75 21.89 -45.57
N PRO K 191 -37.80 23.07 -46.19
CA PRO K 191 -38.55 23.26 -47.42
C PRO K 191 -38.16 22.26 -48.51
N GLY K 192 -39.07 22.03 -49.45
CA GLY K 192 -38.82 21.10 -50.55
C GLY K 192 -39.63 21.46 -51.79
N LEU K 193 -40.34 20.49 -52.35
CA LEU K 193 -41.23 20.72 -53.46
C LEU K 193 -42.60 21.11 -52.91
N LYS K 194 -42.86 20.66 -51.70
CA LYS K 194 -44.07 21.04 -50.96
C LYS K 194 -43.64 21.76 -49.69
N PRO K 195 -44.58 22.44 -49.02
CA PRO K 195 -44.20 23.14 -47.79
C PRO K 195 -43.65 22.19 -46.73
N PRO K 196 -42.95 22.73 -45.72
CA PRO K 196 -42.27 21.89 -44.73
C PRO K 196 -43.21 20.91 -44.02
N GLU K 197 -44.18 21.44 -43.28
CA GLU K 197 -45.17 20.62 -42.59
C GLU K 197 -45.60 19.44 -43.46
N GLU K 198 -46.13 19.75 -44.64
CA GLU K 198 -46.67 18.75 -45.53
C GLU K 198 -45.62 17.69 -45.87
N ARG K 199 -44.49 18.13 -46.42
CA ARG K 199 -43.43 17.21 -46.83
C ARG K 199 -42.95 16.38 -45.65
N THR K 200 -42.98 16.98 -44.47
CA THR K 200 -42.60 16.28 -43.25
C THR K 200 -43.55 15.13 -42.99
N ILE K 201 -44.84 15.43 -43.03
CA ILE K 201 -45.87 14.42 -42.86
C ILE K 201 -45.61 13.26 -43.83
N GLU K 202 -45.45 13.59 -45.10
CA GLU K 202 -45.14 12.58 -46.10
C GLU K 202 -43.97 11.71 -45.67
N TYR K 203 -42.87 12.34 -45.30
CA TYR K 203 -41.67 11.62 -44.89
C TYR K 203 -41.98 10.70 -43.73
N LEU K 204 -42.64 11.25 -42.71
CA LEU K 204 -43.00 10.46 -41.54
C LEU K 204 -43.69 9.17 -41.98
N GLU K 205 -44.73 9.32 -42.78
CA GLU K 205 -45.47 8.19 -43.31
C GLU K 205 -44.51 7.22 -44.00
N GLU K 206 -43.74 7.73 -44.96
CA GLU K 206 -42.78 6.92 -45.71
C GLU K 206 -41.91 6.11 -44.76
N VAL K 207 -41.52 6.71 -43.62
CA VAL K 207 -40.69 6.03 -42.64
C VAL K 207 -41.51 5.02 -41.85
N ALA K 208 -42.62 5.48 -41.29
CA ALA K 208 -43.53 4.60 -40.55
C ALA K 208 -43.75 3.31 -41.35
N ILE K 209 -43.92 3.45 -42.66
CA ILE K 209 -44.14 2.32 -43.54
C ILE K 209 -42.96 1.35 -43.49
N THR K 210 -41.74 1.86 -43.71
CA THR K 210 -40.55 1.02 -43.72
C THR K 210 -40.44 0.23 -42.42
N PHE K 211 -40.82 0.86 -41.32
CA PHE K 211 -40.85 0.19 -40.02
C PHE K 211 -41.97 -0.83 -39.98
N ALA K 212 -43.16 -0.41 -40.41
CA ALA K 212 -44.30 -1.31 -40.50
C ALA K 212 -43.91 -2.58 -41.25
N LYS K 213 -43.51 -2.42 -42.50
CA LYS K 213 -43.12 -3.55 -43.34
C LYS K 213 -42.18 -4.49 -42.61
N GLY K 214 -41.15 -3.93 -41.99
CA GLY K 214 -40.14 -4.71 -41.27
C GLY K 214 -40.72 -5.48 -40.10
N LEU K 215 -41.66 -4.87 -39.39
CA LEU K 215 -42.27 -5.52 -38.22
C LEU K 215 -43.03 -6.77 -38.65
N ALA K 216 -43.78 -6.66 -39.74
CA ALA K 216 -44.52 -7.79 -40.29
C ALA K 216 -43.60 -8.97 -40.55
N ASP K 217 -42.37 -8.67 -40.96
CA ASP K 217 -41.38 -9.70 -41.27
C ASP K 217 -40.65 -10.17 -40.01
N LYS K 218 -41.15 -9.78 -38.85
CA LYS K 218 -40.57 -10.22 -37.58
C LYS K 218 -39.07 -9.98 -37.51
N LYS K 219 -38.63 -8.81 -37.96
CA LYS K 219 -37.22 -8.45 -37.91
C LYS K 219 -37.03 -7.22 -37.03
N ILE K 220 -37.09 -7.45 -35.72
CA ILE K 220 -36.93 -6.38 -34.74
C ILE K 220 -36.22 -6.94 -33.51
N SER K 221 -34.93 -7.24 -33.67
CA SER K 221 -34.10 -7.73 -32.57
C SER K 221 -33.06 -6.69 -32.07
N PRO K 222 -33.07 -5.47 -32.64
CA PRO K 222 -32.11 -4.47 -32.17
C PRO K 222 -32.76 -3.50 -31.19
N LYS K 223 -32.77 -3.88 -29.90
CA LYS K 223 -33.35 -3.03 -28.87
C LYS K 223 -32.27 -2.16 -28.24
N ARG K 224 -32.66 -1.23 -27.38
CA ARG K 224 -31.69 -0.37 -26.71
C ARG K 224 -31.34 -0.88 -25.32
N ASP K 225 -30.29 -0.29 -24.74
CA ASP K 225 -29.90 -0.62 -23.37
C ASP K 225 -30.27 0.52 -22.43
N LYS K 226 -30.67 0.16 -21.22
CA LYS K 226 -31.07 1.13 -20.22
C LYS K 226 -29.88 1.58 -19.37
N GLY K 227 -28.91 0.69 -19.21
CA GLY K 227 -27.71 0.99 -18.45
C GLY K 227 -27.64 0.19 -17.17
N LEU K 228 -26.99 0.76 -16.15
CA LEU K 228 -26.87 0.09 -14.85
C LEU K 228 -27.87 0.64 -13.86
N VAL K 229 -28.16 1.93 -13.96
CA VAL K 229 -29.11 2.58 -13.08
C VAL K 229 -30.54 2.16 -13.40
N GLU K 230 -30.89 2.21 -14.69
CA GLU K 230 -32.25 1.90 -15.11
C GLU K 230 -32.53 0.40 -15.03
N LYS K 231 -31.50 -0.42 -15.18
CA LYS K 231 -31.65 -1.87 -15.04
C LYS K 231 -31.95 -2.25 -13.59
N LEU K 232 -31.30 -1.57 -12.65
CA LEU K 232 -31.51 -1.83 -11.22
C LEU K 232 -32.88 -1.33 -10.76
N THR K 233 -33.09 -0.03 -10.88
CA THR K 233 -34.34 0.60 -10.44
C THR K 233 -35.55 -0.15 -11.01
N ALA K 234 -35.43 -0.57 -12.26
CA ALA K 234 -36.51 -1.29 -12.92
C ALA K 234 -36.69 -2.67 -12.31
N TYR K 235 -35.59 -3.34 -11.98
CA TYR K 235 -35.65 -4.63 -11.31
C TYR K 235 -36.24 -4.48 -9.91
N ALA K 236 -35.71 -3.52 -9.16
CA ALA K 236 -36.19 -3.23 -7.82
C ALA K 236 -37.71 -3.09 -7.81
N MET K 237 -38.26 -2.60 -8.91
CA MET K 237 -39.69 -2.36 -9.02
C MET K 237 -40.46 -3.69 -9.07
N THR K 238 -39.79 -4.76 -9.50
CA THR K 238 -40.42 -6.07 -9.60
C THR K 238 -40.88 -6.55 -8.23
N ILE K 239 -40.17 -6.13 -7.19
CA ILE K 239 -40.46 -6.56 -5.82
C ILE K 239 -41.71 -5.86 -5.31
N PRO K 240 -42.68 -6.65 -4.79
CA PRO K 240 -43.98 -6.09 -4.39
C PRO K 240 -43.90 -5.12 -3.23
N PHE K 241 -43.12 -5.45 -2.21
CA PHE K 241 -43.04 -4.58 -1.04
C PHE K 241 -42.38 -3.24 -1.39
N VAL K 242 -41.58 -3.23 -2.44
CA VAL K 242 -41.00 -1.98 -2.94
C VAL K 242 -42.08 -1.13 -3.57
N ARG K 243 -42.85 -1.73 -4.47
CA ARG K 243 -43.96 -1.04 -5.11
C ARG K 243 -44.89 -0.44 -4.06
N GLN K 244 -45.13 -1.18 -2.99
CA GLN K 244 -45.95 -0.67 -1.90
C GLN K 244 -45.38 0.67 -1.44
N GLN K 245 -44.10 0.67 -1.10
CA GLN K 245 -43.44 1.87 -0.59
C GLN K 245 -43.55 3.03 -1.57
N VAL K 246 -43.66 2.71 -2.86
CA VAL K 246 -43.86 3.73 -3.88
C VAL K 246 -45.29 4.26 -3.88
N TYR K 247 -46.27 3.36 -3.98
CA TYR K 247 -47.68 3.79 -3.94
C TYR K 247 -47.91 4.64 -2.69
N LYS K 248 -47.25 4.27 -1.61
CA LYS K 248 -47.38 4.99 -0.34
C LYS K 248 -46.76 6.38 -0.47
N LYS K 249 -45.48 6.42 -0.81
CA LYS K 249 -44.75 7.68 -0.89
C LYS K 249 -45.37 8.63 -1.92
N VAL K 250 -46.03 8.06 -2.93
CA VAL K 250 -46.75 8.85 -3.92
C VAL K 250 -48.06 9.36 -3.32
N GLU K 251 -48.90 8.44 -2.87
CA GLU K 251 -50.19 8.77 -2.28
C GLU K 251 -50.02 9.83 -1.21
N GLU K 252 -49.00 9.68 -0.37
CA GLU K 252 -48.68 10.66 0.65
C GLU K 252 -48.39 12.02 0.03
N LYS K 253 -47.52 12.04 -0.98
CA LYS K 253 -47.14 13.28 -1.63
C LYS K 253 -48.37 13.96 -2.23
N VAL K 254 -49.14 13.19 -3.01
CA VAL K 254 -50.41 13.69 -3.56
C VAL K 254 -51.30 14.19 -2.44
N ARG K 255 -51.63 13.30 -1.51
CA ARG K 255 -52.47 13.63 -0.38
C ARG K 255 -52.15 15.00 0.22
N LYS K 256 -50.87 15.22 0.52
CA LYS K 256 -50.45 16.43 1.24
C LYS K 256 -50.31 17.65 0.34
N GLN K 257 -49.96 17.44 -0.92
CA GLN K 257 -49.90 18.54 -1.89
C GLN K 257 -51.27 18.82 -2.51
N THR K 258 -52.17 17.85 -2.39
CA THR K 258 -53.54 17.99 -2.86
C THR K 258 -54.41 18.63 -1.79
N LYS K 259 -53.97 18.52 -0.55
CA LYS K 259 -54.81 18.82 0.62
C LYS K 259 -56.02 17.88 0.66
N GLY K 260 -56.04 16.92 -0.26
CA GLY K 260 -57.06 15.87 -0.26
C GLY K 260 -58.41 16.27 -0.82
N LEU K 261 -58.48 17.44 -1.44
CA LEU K 261 -59.76 17.96 -1.96
C LEU K 261 -60.09 17.45 -3.36
N TYR K 262 -59.10 16.84 -4.02
CA TYR K 262 -59.26 16.35 -5.38
C TYR K 262 -59.22 14.83 -5.40
N PRO K 263 -60.25 14.21 -6.00
CA PRO K 263 -60.45 12.78 -5.96
C PRO K 263 -59.66 12.03 -7.03
N ALA K 264 -59.68 12.53 -8.26
CA ALA K 264 -59.05 11.84 -9.38
C ALA K 264 -57.62 11.42 -9.07
N PRO K 265 -56.79 12.35 -8.60
CA PRO K 265 -55.39 12.04 -8.32
C PRO K 265 -55.21 10.84 -7.40
N LEU K 266 -56.16 10.66 -6.47
CA LEU K 266 -56.13 9.54 -5.55
C LEU K 266 -56.61 8.26 -6.23
N LYS K 267 -57.71 8.37 -6.96
CA LYS K 267 -58.32 7.21 -7.62
C LYS K 267 -57.45 6.68 -8.75
N ILE K 268 -56.57 7.53 -9.27
CA ILE K 268 -55.63 7.12 -10.30
C ILE K 268 -54.57 6.19 -9.69
N ILE K 269 -54.05 6.60 -8.55
CA ILE K 269 -53.08 5.79 -7.84
C ILE K 269 -53.63 4.39 -7.63
N ASP K 270 -54.91 4.30 -7.28
CA ASP K 270 -55.58 3.01 -7.10
C ASP K 270 -55.62 2.20 -8.38
N VAL K 271 -56.34 2.73 -9.38
CA VAL K 271 -56.55 2.01 -10.63
C VAL K 271 -55.26 1.44 -11.18
N VAL K 272 -54.17 2.17 -11.05
CA VAL K 272 -52.86 1.67 -11.48
C VAL K 272 -52.49 0.46 -10.63
N LYS K 273 -52.49 0.65 -9.32
CA LYS K 273 -52.15 -0.42 -8.38
C LYS K 273 -53.10 -1.62 -8.56
N THR K 274 -54.41 -1.35 -8.47
CA THR K 274 -55.41 -2.42 -8.55
C THR K 274 -55.48 -3.04 -9.95
N GLY K 275 -54.45 -2.78 -10.76
CA GLY K 275 -54.36 -3.39 -12.08
C GLY K 275 -53.06 -4.15 -12.25
N ILE K 276 -51.98 -3.59 -11.73
CA ILE K 276 -50.67 -4.21 -11.84
C ILE K 276 -50.42 -5.14 -10.67
N GLU K 277 -51.25 -5.04 -9.63
CA GLU K 277 -51.18 -5.95 -8.49
C GLU K 277 -52.21 -7.06 -8.64
N GLN K 278 -53.38 -6.71 -9.18
CA GLN K 278 -54.36 -7.68 -9.63
C GLN K 278 -54.23 -7.79 -11.14
N GLY K 279 -55.12 -8.56 -11.76
CA GLY K 279 -55.04 -8.81 -13.21
C GLY K 279 -55.32 -7.57 -14.04
N SER K 280 -54.80 -7.55 -15.25
CA SER K 280 -55.10 -6.49 -16.20
C SER K 280 -56.61 -6.39 -16.33
N ASP K 281 -57.27 -7.55 -16.43
CA ASP K 281 -58.72 -7.61 -16.47
C ASP K 281 -59.32 -6.83 -15.31
N ALA K 282 -58.79 -7.06 -14.11
CA ALA K 282 -59.23 -6.34 -12.93
C ALA K 282 -58.96 -4.84 -13.08
N GLY K 283 -57.82 -4.51 -13.68
CA GLY K 283 -57.43 -3.13 -13.90
C GLY K 283 -58.36 -2.41 -14.86
N TYR K 284 -58.33 -2.82 -16.13
CA TYR K 284 -59.14 -2.19 -17.17
C TYR K 284 -60.57 -1.90 -16.73
N LEU K 285 -61.14 -2.83 -15.97
CA LEU K 285 -62.53 -2.71 -15.55
C LEU K 285 -62.65 -1.87 -14.27
N CYS K 286 -61.53 -1.70 -13.56
CA CYS K 286 -61.47 -0.76 -12.45
C CYS K 286 -61.36 0.65 -13.04
N GLU K 287 -60.41 0.81 -13.97
CA GLU K 287 -60.24 2.06 -14.71
C GLU K 287 -61.56 2.50 -15.31
N SER K 288 -62.17 1.60 -16.07
CA SER K 288 -63.43 1.86 -16.76
C SER K 288 -64.47 2.44 -15.80
N GLN K 289 -64.70 1.74 -14.70
CA GLN K 289 -65.71 2.16 -13.72
C GLN K 289 -65.30 3.46 -13.04
N LYS K 290 -64.14 3.46 -12.41
CA LYS K 290 -63.68 4.62 -11.65
C LYS K 290 -63.42 5.83 -12.55
N PHE K 291 -63.51 5.63 -13.86
CA PHE K 291 -63.47 6.74 -14.80
C PHE K 291 -64.77 7.52 -14.71
N GLY K 292 -65.87 6.90 -15.15
CA GLY K 292 -67.18 7.54 -15.08
C GLY K 292 -67.49 7.96 -13.67
N GLU K 293 -67.13 7.12 -12.70
CA GLU K 293 -67.31 7.44 -11.30
C GLU K 293 -66.79 8.86 -11.05
N LEU K 294 -65.66 9.19 -11.64
CA LEU K 294 -65.08 10.52 -11.51
C LEU K 294 -65.86 11.56 -12.31
N VAL K 295 -65.98 11.33 -13.61
CA VAL K 295 -66.67 12.26 -14.51
C VAL K 295 -67.90 12.87 -13.82
N MET K 296 -68.53 12.08 -12.95
CA MET K 296 -69.72 12.51 -12.24
C MET K 296 -69.40 13.34 -10.99
N THR K 297 -68.18 13.21 -10.48
CA THR K 297 -67.79 13.95 -9.27
C THR K 297 -67.99 15.45 -9.45
N LYS K 298 -68.25 16.14 -8.34
CA LYS K 298 -68.51 17.58 -8.37
C LYS K 298 -67.29 18.36 -8.86
N GLU K 299 -66.11 17.93 -8.45
CA GLU K 299 -64.87 18.60 -8.83
C GLU K 299 -64.69 18.58 -10.35
N SER K 300 -64.65 17.38 -10.92
CA SER K 300 -64.51 17.21 -12.38
C SER K 300 -65.40 18.19 -13.14
N LYS K 301 -66.69 18.18 -12.81
CA LYS K 301 -67.64 19.10 -13.42
C LYS K 301 -67.10 20.53 -13.36
N ALA K 302 -66.57 20.90 -12.20
CA ALA K 302 -66.07 22.25 -11.97
C ALA K 302 -64.88 22.59 -12.85
N LEU K 303 -63.96 21.64 -12.97
CA LEU K 303 -62.72 21.85 -13.71
C LEU K 303 -62.96 21.90 -15.21
N MET K 304 -63.86 21.04 -15.69
CA MET K 304 -64.25 21.06 -17.09
C MET K 304 -64.67 22.49 -17.43
N GLY K 305 -65.41 23.10 -16.51
CA GLY K 305 -65.88 24.48 -16.68
C GLY K 305 -64.74 25.48 -16.69
N LEU K 306 -63.75 25.25 -15.83
CA LEU K 306 -62.58 26.10 -15.79
C LEU K 306 -61.74 25.90 -17.04
N TYR K 307 -61.74 24.67 -17.55
CA TYR K 307 -61.04 24.37 -18.79
C TYR K 307 -61.64 25.14 -19.95
N HIS K 308 -62.96 25.02 -20.10
CA HIS K 308 -63.68 25.68 -21.20
C HIS K 308 -63.49 27.19 -21.14
N GLY K 309 -63.79 27.79 -19.99
CA GLY K 309 -63.58 29.22 -19.81
C GLY K 309 -62.20 29.63 -20.28
N GLN K 310 -61.22 28.79 -19.98
CA GLN K 310 -59.84 29.06 -20.37
C GLN K 310 -59.69 29.05 -21.89
N VAL K 311 -60.43 28.16 -22.56
CA VAL K 311 -60.37 28.09 -24.02
C VAL K 311 -60.86 29.40 -24.64
N LEU K 312 -61.95 29.93 -24.10
CA LEU K 312 -62.50 31.20 -24.56
C LEU K 312 -61.59 32.36 -24.16
N CYS K 313 -61.11 32.33 -22.93
CA CYS K 313 -60.28 33.41 -22.39
C CYS K 313 -58.89 33.48 -23.05
N LYS K 314 -58.62 32.54 -23.95
CA LYS K 314 -57.39 32.55 -24.73
C LYS K 314 -57.68 32.97 -26.17
N LYS K 315 -58.91 33.40 -26.43
CA LYS K 315 -59.32 33.85 -27.75
C LYS K 315 -59.73 35.31 -27.70
N ASN K 316 -59.39 36.06 -28.75
CA ASN K 316 -59.61 37.50 -28.76
C ASN K 316 -61.10 37.87 -28.84
N LYS K 317 -61.59 38.47 -27.77
CA LYS K 317 -62.97 38.90 -27.68
C LYS K 317 -63.33 39.87 -28.80
N PHE K 318 -62.36 40.67 -29.23
CA PHE K 318 -62.61 41.74 -30.18
C PHE K 318 -62.04 41.48 -31.58
N GLY K 319 -61.48 40.31 -31.80
CA GLY K 319 -60.86 39.99 -33.08
C GLY K 319 -59.63 40.85 -33.33
N ALA K 320 -58.98 40.62 -34.46
CA ALA K 320 -57.73 41.31 -34.78
C ALA K 320 -57.87 42.83 -34.67
N PRO K 321 -56.77 43.52 -34.33
CA PRO K 321 -56.73 44.97 -34.39
C PRO K 321 -56.24 45.43 -35.77
N GLN K 322 -56.21 46.74 -35.99
CA GLN K 322 -55.74 47.28 -37.27
C GLN K 322 -54.23 47.22 -37.36
N LYS K 323 -53.59 47.63 -36.27
CA LYS K 323 -52.13 47.65 -36.20
C LYS K 323 -51.63 46.61 -35.21
N ASP K 324 -50.98 45.57 -35.71
CA ASP K 324 -50.38 44.55 -34.85
C ASP K 324 -49.17 45.14 -34.16
N VAL K 325 -49.18 45.18 -32.83
CA VAL K 325 -48.10 45.80 -32.09
C VAL K 325 -46.79 45.11 -32.46
N LYS K 326 -45.90 45.87 -33.06
CA LYS K 326 -44.60 45.34 -33.48
C LYS K 326 -43.48 45.93 -32.65
N HIS K 327 -43.70 47.11 -32.08
CA HIS K 327 -42.71 47.78 -31.25
C HIS K 327 -43.28 48.14 -29.89
N LEU K 328 -42.85 47.40 -28.87
CA LEU K 328 -43.37 47.59 -27.52
C LEU K 328 -42.39 48.37 -26.65
N ALA K 329 -42.92 49.02 -25.62
CA ALA K 329 -42.08 49.73 -24.67
C ALA K 329 -42.64 49.55 -23.26
N ILE K 330 -41.86 48.90 -22.39
CA ILE K 330 -42.26 48.75 -20.99
C ILE K 330 -41.61 49.87 -20.16
N LEU K 331 -42.41 50.46 -19.27
CA LEU K 331 -41.94 51.55 -18.43
C LEU K 331 -41.73 51.08 -17.00
N GLY K 332 -40.48 50.80 -16.65
CA GLY K 332 -40.13 50.38 -15.30
C GLY K 332 -39.46 49.02 -15.26
N ALA K 333 -38.14 49.02 -15.23
CA ALA K 333 -37.37 47.78 -15.14
C ALA K 333 -37.41 47.21 -13.72
N GLY K 334 -38.60 47.15 -13.15
CA GLY K 334 -38.76 46.61 -11.82
C GLY K 334 -38.81 45.10 -11.91
N LEU K 335 -39.79 44.52 -11.22
CA LEU K 335 -40.01 43.08 -11.26
C LEU K 335 -41.08 42.73 -12.28
N MET K 336 -42.21 43.41 -12.19
CA MET K 336 -43.31 43.18 -13.13
C MET K 336 -42.99 43.84 -14.47
N GLY K 337 -41.97 44.69 -14.50
CA GLY K 337 -41.49 45.23 -15.76
C GLY K 337 -40.74 44.13 -16.50
N ALA K 338 -39.56 43.79 -15.99
CA ALA K 338 -38.78 42.72 -16.57
C ALA K 338 -39.67 41.51 -16.82
N GLY K 339 -40.37 41.08 -15.77
CA GLY K 339 -41.33 39.99 -15.89
C GLY K 339 -42.12 40.13 -17.17
N ILE K 340 -42.72 41.29 -17.37
CA ILE K 340 -43.52 41.55 -18.58
C ILE K 340 -42.64 41.52 -19.82
N ALA K 341 -41.55 42.26 -19.78
CA ALA K 341 -40.61 42.31 -20.89
C ALA K 341 -40.34 40.89 -21.39
N GLN K 342 -39.73 40.07 -20.53
CA GLN K 342 -39.38 38.69 -20.88
C GLN K 342 -40.51 37.96 -21.59
N VAL K 343 -41.73 38.12 -21.08
CA VAL K 343 -42.89 37.43 -21.64
C VAL K 343 -43.23 37.97 -23.04
N SER K 344 -42.66 39.13 -23.36
CA SER K 344 -42.89 39.76 -24.66
C SER K 344 -41.70 39.50 -25.60
N VAL K 345 -40.49 39.69 -25.08
CA VAL K 345 -39.29 39.54 -25.89
C VAL K 345 -39.21 38.15 -26.49
N ASP K 346 -39.32 37.13 -25.64
CA ASP K 346 -39.16 35.75 -26.06
C ASP K 346 -40.26 35.31 -27.04
N LYS K 347 -41.31 36.11 -27.16
CA LYS K 347 -42.35 35.89 -28.15
C LYS K 347 -41.99 36.51 -29.50
N GLY K 348 -40.90 37.28 -29.51
CA GLY K 348 -40.40 37.89 -30.74
C GLY K 348 -40.76 39.37 -30.83
N LEU K 349 -41.54 39.84 -29.88
CA LEU K 349 -41.90 41.26 -29.84
C LEU K 349 -40.68 42.09 -29.50
N LYS K 350 -40.25 42.94 -30.43
CA LYS K 350 -39.14 43.83 -30.15
C LYS K 350 -39.58 44.84 -29.11
N THR K 351 -39.09 44.69 -27.89
CA THR K 351 -39.54 45.53 -26.79
C THR K 351 -38.45 46.45 -26.28
N ILE K 352 -38.87 47.54 -25.64
CA ILE K 352 -37.97 48.55 -25.12
C ILE K 352 -38.20 48.74 -23.64
N LEU K 353 -37.22 48.32 -22.84
CA LEU K 353 -37.33 48.43 -21.39
C LEU K 353 -36.69 49.73 -20.93
N LYS K 354 -37.47 50.58 -20.27
CA LYS K 354 -36.98 51.86 -19.79
C LYS K 354 -37.04 51.93 -18.27
N ASP K 355 -36.08 52.64 -17.69
CA ASP K 355 -36.13 52.95 -16.26
C ASP K 355 -35.37 54.23 -15.94
N ALA K 356 -35.38 54.63 -14.68
CA ALA K 356 -34.76 55.88 -14.25
C ALA K 356 -33.25 55.87 -14.05
N THR K 357 -32.77 55.04 -13.14
CA THR K 357 -31.34 54.95 -12.86
C THR K 357 -30.85 53.74 -13.64
N LEU K 358 -29.56 53.72 -13.95
CA LEU K 358 -28.95 52.60 -14.64
C LEU K 358 -29.06 51.34 -13.79
N THR K 359 -28.86 51.50 -12.49
CA THR K 359 -28.88 50.37 -11.56
C THR K 359 -30.16 49.57 -11.68
N ALA K 360 -31.29 50.26 -11.70
CA ALA K 360 -32.59 49.60 -11.76
C ALA K 360 -32.85 49.05 -13.15
N LEU K 361 -32.24 49.67 -14.15
CA LEU K 361 -32.37 49.21 -15.52
C LEU K 361 -31.69 47.87 -15.64
N ASP K 362 -30.65 47.66 -14.85
CA ASP K 362 -29.90 46.40 -14.87
C ASP K 362 -30.72 45.27 -14.25
N ARG K 363 -31.05 45.40 -12.97
CA ARG K 363 -31.85 44.38 -12.28
C ARG K 363 -32.92 43.80 -13.21
N GLY K 364 -33.61 44.67 -13.92
CA GLY K 364 -34.65 44.24 -14.86
C GLY K 364 -34.07 43.47 -16.03
N GLN K 365 -33.01 44.02 -16.63
CA GLN K 365 -32.30 43.36 -17.73
C GLN K 365 -31.75 42.00 -17.30
N GLN K 366 -31.45 41.86 -16.02
CA GLN K 366 -30.94 40.61 -15.49
C GLN K 366 -32.04 39.56 -15.40
N GLN K 367 -33.14 39.93 -14.76
CA GLN K 367 -34.29 39.03 -14.65
C GLN K 367 -34.62 38.46 -16.01
N VAL K 368 -34.92 39.35 -16.95
CA VAL K 368 -35.29 38.94 -18.30
C VAL K 368 -34.23 38.06 -18.93
N PHE K 369 -32.96 38.27 -18.58
CA PHE K 369 -31.91 37.37 -19.03
C PHE K 369 -32.02 36.05 -18.29
N LYS K 370 -31.76 36.08 -16.98
CA LYS K 370 -31.81 34.87 -16.18
C LYS K 370 -33.01 34.05 -16.63
N GLY K 371 -34.18 34.69 -16.66
CA GLY K 371 -35.39 34.03 -17.10
C GLY K 371 -35.15 33.17 -18.33
N LEU K 372 -34.62 33.78 -19.39
CA LEU K 372 -34.32 33.05 -20.60
C LEU K 372 -33.31 31.96 -20.31
N ASN K 373 -32.26 32.33 -19.58
CA ASN K 373 -31.17 31.41 -19.28
C ASN K 373 -31.62 30.18 -18.49
N ASP K 374 -32.59 30.37 -17.61
CA ASP K 374 -33.19 29.25 -16.90
C ASP K 374 -33.91 28.36 -17.89
N LYS K 375 -34.69 28.97 -18.76
CA LYS K 375 -35.42 28.23 -19.79
C LYS K 375 -34.46 27.37 -20.61
N VAL K 376 -33.24 27.85 -20.78
CA VAL K 376 -32.21 27.09 -21.50
C VAL K 376 -31.89 25.81 -20.74
N LYS K 377 -31.53 25.93 -19.47
CA LYS K 377 -31.21 24.79 -18.64
C LYS K 377 -32.36 23.78 -18.65
N LYS K 378 -33.58 24.28 -18.55
CA LYS K 378 -34.76 23.41 -18.59
C LYS K 378 -34.90 22.73 -19.95
N LYS K 379 -33.95 23.01 -20.85
CA LYS K 379 -33.91 22.38 -22.17
C LYS K 379 -35.07 22.87 -23.04
N ALA K 380 -35.48 24.11 -22.84
CA ALA K 380 -36.59 24.70 -23.59
C ALA K 380 -36.12 25.80 -24.53
N LEU K 381 -34.86 26.20 -24.40
CA LEU K 381 -34.26 27.20 -25.28
C LEU K 381 -32.79 26.86 -25.55
N THR K 382 -32.32 27.22 -26.74
CA THR K 382 -30.92 27.06 -27.07
C THR K 382 -30.11 28.21 -26.48
N SER K 383 -28.88 27.94 -26.09
CA SER K 383 -27.98 29.00 -25.66
C SER K 383 -28.05 30.15 -26.66
N PHE K 384 -27.98 29.81 -27.94
CA PHE K 384 -28.01 30.81 -29.01
C PHE K 384 -29.36 31.50 -29.10
N GLU K 385 -30.43 30.73 -29.00
CA GLU K 385 -31.77 31.30 -29.00
C GLU K 385 -31.91 32.32 -27.88
N ARG K 386 -31.44 31.96 -26.70
CA ARG K 386 -31.44 32.86 -25.55
C ARG K 386 -30.71 34.15 -25.91
N ASP K 387 -29.40 34.06 -26.06
CA ASP K 387 -28.58 35.22 -26.43
C ASP K 387 -29.26 36.08 -27.49
N SER K 388 -29.78 35.42 -28.52
CA SER K 388 -30.42 36.11 -29.66
C SER K 388 -31.65 36.87 -29.20
N ILE K 389 -32.58 36.15 -28.57
CA ILE K 389 -33.79 36.75 -28.04
C ILE K 389 -33.45 38.00 -27.24
N PHE K 390 -32.42 37.89 -26.41
CA PHE K 390 -32.04 38.97 -25.51
C PHE K 390 -31.60 40.23 -26.26
N SER K 391 -31.36 40.10 -27.56
CA SER K 391 -31.00 41.25 -28.37
C SER K 391 -32.23 42.10 -28.71
N ASN K 392 -33.38 41.46 -28.82
CA ASN K 392 -34.64 42.17 -29.05
C ASN K 392 -34.97 43.11 -27.89
N LEU K 393 -34.35 42.87 -26.73
CA LEU K 393 -34.60 43.65 -25.53
C LEU K 393 -33.60 44.79 -25.43
N THR K 394 -33.95 45.94 -25.99
CA THR K 394 -33.10 47.12 -25.92
C THR K 394 -33.50 47.99 -24.74
N GLY K 395 -32.70 47.96 -23.69
CA GLY K 395 -33.01 48.69 -22.46
C GLY K 395 -32.34 50.06 -22.42
N GLN K 396 -33.04 51.04 -21.87
CA GLN K 396 -32.55 52.41 -21.86
C GLN K 396 -33.11 53.23 -20.68
N LEU K 397 -32.55 54.41 -20.48
CA LEU K 397 -33.01 55.32 -19.43
C LEU K 397 -33.90 56.41 -20.03
N ASP K 398 -33.45 57.01 -21.13
CA ASP K 398 -34.23 58.04 -21.81
C ASP K 398 -35.05 57.43 -22.94
N TYR K 399 -36.22 58.00 -23.22
CA TYR K 399 -37.06 57.54 -24.34
C TYR K 399 -36.39 57.90 -25.66
N GLN K 400 -35.69 56.94 -26.26
CA GLN K 400 -34.98 57.21 -27.51
C GLN K 400 -35.78 56.69 -28.70
N GLY K 401 -36.17 55.42 -28.65
CA GLY K 401 -36.89 54.82 -29.76
C GLY K 401 -38.39 55.01 -29.69
N PHE K 402 -38.87 55.55 -28.57
CA PHE K 402 -40.30 55.69 -28.35
C PHE K 402 -41.01 56.24 -29.57
N GLU K 403 -40.32 57.11 -30.31
CA GLU K 403 -40.87 57.69 -31.52
C GLU K 403 -41.62 56.67 -32.38
N LYS K 404 -41.24 55.40 -32.29
CA LYS K 404 -41.79 54.36 -33.16
C LYS K 404 -42.65 53.34 -32.40
N ALA K 405 -43.05 53.70 -31.18
CA ALA K 405 -43.76 52.76 -30.30
C ALA K 405 -45.19 52.52 -30.76
N ASP K 406 -45.54 51.25 -30.96
CA ASP K 406 -46.90 50.88 -31.33
C ASP K 406 -47.76 50.73 -30.07
N MET K 407 -47.16 50.18 -29.01
CA MET K 407 -47.82 50.11 -27.70
C MET K 407 -46.85 50.52 -26.61
N VAL K 408 -47.40 50.96 -25.48
CA VAL K 408 -46.58 51.31 -24.33
C VAL K 408 -47.25 50.84 -23.04
N ILE K 409 -46.46 50.21 -22.17
CA ILE K 409 -47.00 49.66 -20.93
C ILE K 409 -46.32 50.26 -19.70
N GLU K 410 -47.13 50.89 -18.86
CA GLU K 410 -46.63 51.48 -17.62
C GLU K 410 -46.56 50.42 -16.54
N ALA K 411 -45.47 50.42 -15.77
CA ALA K 411 -45.30 49.48 -14.68
C ALA K 411 -44.58 50.14 -13.50
N VAL K 412 -44.94 51.39 -13.22
CA VAL K 412 -44.31 52.15 -12.14
C VAL K 412 -45.17 52.07 -10.88
N PHE K 413 -44.71 52.72 -9.81
CA PHE K 413 -45.38 52.64 -8.52
C PHE K 413 -46.87 52.95 -8.61
N GLU K 414 -47.60 52.63 -7.54
CA GLU K 414 -49.02 52.93 -7.47
C GLU K 414 -49.22 54.32 -6.89
N ASP K 415 -48.79 55.33 -7.62
CA ASP K 415 -48.96 56.73 -7.24
C ASP K 415 -49.57 57.50 -8.41
N LEU K 416 -50.79 57.99 -8.24
CA LEU K 416 -51.52 58.61 -9.34
C LEU K 416 -50.82 59.87 -9.85
N SER K 417 -50.21 60.62 -8.95
CA SER K 417 -49.40 61.78 -9.33
C SER K 417 -48.34 61.34 -10.33
N LEU K 418 -47.67 60.24 -10.00
CA LEU K 418 -46.61 59.67 -10.82
C LEU K 418 -47.17 59.16 -12.14
N LYS K 419 -48.15 58.27 -12.05
CA LYS K 419 -48.80 57.68 -13.22
C LYS K 419 -49.11 58.77 -14.24
N HIS K 420 -49.51 59.94 -13.75
CA HIS K 420 -49.82 61.06 -14.63
C HIS K 420 -48.56 61.63 -15.26
N ARG K 421 -47.61 62.06 -14.44
CA ARG K 421 -46.35 62.59 -14.94
C ARG K 421 -45.85 61.77 -16.12
N VAL K 422 -45.80 60.46 -15.93
CA VAL K 422 -45.31 59.55 -16.97
C VAL K 422 -46.20 59.62 -18.20
N LEU K 423 -47.50 59.43 -18.00
CA LEU K 423 -48.46 59.43 -19.11
C LEU K 423 -48.32 60.69 -19.97
N LYS K 424 -48.08 61.82 -19.33
CA LYS K 424 -47.85 63.08 -20.06
C LYS K 424 -46.58 62.96 -20.90
N GLU K 425 -45.45 62.77 -20.22
CA GLU K 425 -44.16 62.64 -20.87
C GLU K 425 -44.25 61.72 -22.08
N VAL K 426 -44.65 60.49 -21.83
CA VAL K 426 -44.70 59.46 -22.85
C VAL K 426 -45.59 59.87 -24.02
N GLU K 427 -46.81 60.31 -23.70
CA GLU K 427 -47.78 60.62 -24.73
C GLU K 427 -47.29 61.75 -25.63
N ALA K 428 -46.31 62.50 -25.13
CA ALA K 428 -45.74 63.63 -25.88
C ALA K 428 -44.70 63.20 -26.90
N VAL K 429 -44.26 61.94 -26.84
CA VAL K 429 -43.21 61.44 -27.74
C VAL K 429 -43.61 60.21 -28.57
N ILE K 430 -44.71 59.55 -28.20
CA ILE K 430 -45.18 58.40 -28.94
C ILE K 430 -46.13 58.82 -30.05
N PRO K 431 -46.20 58.03 -31.13
CA PRO K 431 -47.14 58.26 -32.23
C PRO K 431 -48.60 58.31 -31.77
N ASP K 432 -49.48 58.73 -32.68
CA ASP K 432 -50.89 58.87 -32.37
C ASP K 432 -51.57 57.51 -32.23
N HIS K 433 -51.19 56.58 -33.09
CA HIS K 433 -51.80 55.24 -33.09
C HIS K 433 -51.40 54.45 -31.84
N CYS K 434 -50.28 54.83 -31.22
CA CYS K 434 -49.74 54.09 -30.08
C CYS K 434 -50.71 53.98 -28.92
N ILE K 435 -50.85 52.77 -28.37
CA ILE K 435 -51.67 52.54 -27.19
C ILE K 435 -50.86 52.79 -25.92
N PHE K 436 -51.54 53.20 -24.85
CA PHE K 436 -50.92 53.34 -23.54
C PHE K 436 -51.70 52.52 -22.52
N ALA K 437 -51.05 51.50 -21.97
CA ALA K 437 -51.68 50.61 -21.01
C ALA K 437 -51.03 50.74 -19.64
N SER K 438 -51.84 50.69 -18.59
CA SER K 438 -51.32 50.80 -17.22
C SER K 438 -51.50 49.52 -16.43
N ASN K 439 -50.38 49.00 -15.94
CA ASN K 439 -50.40 47.81 -15.09
C ASN K 439 -50.62 48.20 -13.65
N THR K 440 -51.86 48.57 -13.33
CA THR K 440 -52.22 48.98 -11.98
C THR K 440 -53.29 48.07 -11.41
N SER K 441 -53.43 48.10 -10.10
CA SER K 441 -54.40 47.25 -9.41
C SER K 441 -55.46 48.08 -8.70
N ALA K 442 -55.03 49.12 -8.00
CA ALA K 442 -55.95 50.00 -7.28
C ALA K 442 -56.49 51.08 -8.22
N LEU K 443 -55.64 52.05 -8.55
CA LEU K 443 -56.06 53.21 -9.33
C LEU K 443 -56.85 52.78 -10.56
N PRO K 444 -57.97 53.47 -10.85
CA PRO K 444 -58.79 53.16 -12.01
C PRO K 444 -58.24 53.79 -13.29
N ILE K 445 -58.56 53.19 -14.43
CA ILE K 445 -57.99 53.60 -15.70
C ILE K 445 -58.66 54.89 -16.23
N SER K 446 -59.64 55.40 -15.49
CA SER K 446 -60.28 56.66 -15.83
C SER K 446 -59.51 57.83 -15.25
N GLU K 447 -59.25 57.77 -13.94
CA GLU K 447 -58.51 58.82 -13.24
C GLU K 447 -57.10 58.98 -13.79
N ILE K 448 -56.58 57.92 -14.41
CA ILE K 448 -55.27 57.98 -15.05
C ILE K 448 -55.41 58.56 -16.45
N ALA K 449 -56.40 58.06 -17.19
CA ALA K 449 -56.65 58.49 -18.57
C ALA K 449 -57.26 59.90 -18.63
N ALA K 450 -57.29 60.57 -17.48
CA ALA K 450 -57.76 61.95 -17.42
C ALA K 450 -56.81 62.88 -18.16
N VAL K 451 -55.54 62.83 -17.77
CA VAL K 451 -54.50 63.66 -18.36
C VAL K 451 -54.20 63.30 -19.82
N SER K 452 -54.80 62.22 -20.29
CA SER K 452 -54.52 61.70 -21.63
C SER K 452 -54.87 62.67 -22.74
N LYS K 453 -53.91 62.93 -23.61
CA LYS K 453 -54.16 63.72 -24.82
C LYS K 453 -55.09 62.94 -25.75
N ARG K 454 -55.09 61.61 -25.61
CA ARG K 454 -56.00 60.75 -26.36
C ARG K 454 -56.45 59.56 -25.51
N PRO K 455 -57.54 59.74 -24.72
CA PRO K 455 -58.01 58.65 -23.87
C PRO K 455 -58.71 57.50 -24.60
N GLU K 456 -58.85 57.61 -25.91
CA GLU K 456 -59.34 56.47 -26.69
C GLU K 456 -58.27 55.40 -26.70
N LYS K 457 -57.01 55.85 -26.71
CA LYS K 457 -55.85 54.96 -26.80
C LYS K 457 -55.27 54.58 -25.44
N VAL K 458 -56.00 54.89 -24.36
CA VAL K 458 -55.57 54.51 -23.03
C VAL K 458 -56.46 53.39 -22.47
N ILE K 459 -55.82 52.31 -22.05
CA ILE K 459 -56.52 51.12 -21.61
C ILE K 459 -55.70 50.43 -20.53
N GLY K 460 -56.36 49.76 -19.59
CA GLY K 460 -55.66 49.15 -18.47
C GLY K 460 -55.25 47.72 -18.73
N MET K 461 -53.99 47.40 -18.43
CA MET K 461 -53.49 46.04 -18.55
C MET K 461 -52.91 45.55 -17.23
N HIS K 462 -53.79 44.98 -16.40
CA HIS K 462 -53.42 44.54 -15.06
C HIS K 462 -52.87 43.11 -15.11
N TYR K 463 -51.55 43.00 -15.11
CA TYR K 463 -50.87 41.70 -15.09
C TYR K 463 -50.81 41.16 -13.66
N PHE K 464 -50.54 39.87 -13.54
CA PHE K 464 -50.44 39.23 -12.23
C PHE K 464 -49.05 38.71 -11.95
N SER K 465 -48.63 38.84 -10.69
CA SER K 465 -47.27 38.48 -10.28
C SER K 465 -47.22 37.06 -9.74
N PRO K 466 -46.11 36.34 -10.01
CA PRO K 466 -45.01 36.82 -10.84
C PRO K 466 -45.35 36.69 -12.33
N VAL K 467 -45.09 37.74 -13.09
CA VAL K 467 -45.48 37.78 -14.50
C VAL K 467 -44.69 36.75 -15.31
N ASP K 468 -43.51 36.36 -14.82
CA ASP K 468 -42.69 35.34 -15.47
C ASP K 468 -43.46 34.04 -15.63
N LYS K 469 -44.15 33.65 -14.58
CA LYS K 469 -44.77 32.33 -14.53
C LYS K 469 -46.30 32.40 -14.61
N MET K 470 -46.90 33.37 -13.92
CA MET K 470 -48.35 33.53 -13.93
C MET K 470 -48.86 33.67 -15.36
N GLN K 471 -50.17 33.55 -15.54
CA GLN K 471 -50.75 33.63 -16.88
C GLN K 471 -52.03 34.45 -16.96
N LEU K 472 -52.53 34.97 -15.84
CA LEU K 472 -53.72 35.78 -15.87
C LEU K 472 -53.37 37.21 -16.26
N LEU K 473 -54.24 37.80 -17.08
CA LEU K 473 -54.10 39.20 -17.49
C LEU K 473 -55.47 39.85 -17.48
N GLU K 474 -55.68 40.80 -16.58
CA GLU K 474 -56.96 41.48 -16.47
C GLU K 474 -56.95 42.79 -17.22
N ILE K 475 -57.58 42.81 -18.40
CA ILE K 475 -57.63 44.01 -19.22
C ILE K 475 -58.82 44.88 -18.82
N ILE K 476 -58.51 46.08 -18.31
CA ILE K 476 -59.52 47.03 -17.87
C ILE K 476 -59.91 47.94 -19.04
N THR K 477 -61.18 48.34 -19.10
CA THR K 477 -61.66 49.20 -20.16
C THR K 477 -62.59 50.31 -19.66
N THR K 478 -62.22 51.56 -19.92
CA THR K 478 -63.08 52.70 -19.58
C THR K 478 -64.10 52.91 -20.69
N GLU K 479 -64.96 53.91 -20.52
CA GLU K 479 -66.00 54.20 -21.51
C GLU K 479 -65.43 54.93 -22.71
N LYS K 480 -64.43 55.77 -22.48
CA LYS K 480 -63.78 56.53 -23.54
C LYS K 480 -62.81 55.65 -24.33
N THR K 481 -62.42 54.53 -23.72
CA THR K 481 -61.52 53.57 -24.34
C THR K 481 -62.05 53.05 -25.67
N SER K 482 -61.18 53.00 -26.68
CA SER K 482 -61.57 52.55 -28.01
C SER K 482 -61.74 51.03 -28.09
N LYS K 483 -62.41 50.57 -29.14
CA LYS K 483 -62.60 49.14 -29.35
C LYS K 483 -61.33 48.50 -29.92
N ASP K 484 -60.77 49.12 -30.95
CA ASP K 484 -59.51 48.65 -31.53
C ASP K 484 -58.38 48.73 -30.51
N THR K 485 -58.35 49.82 -29.77
CA THR K 485 -57.36 50.00 -28.70
C THR K 485 -57.39 48.81 -27.75
N SER K 486 -58.59 48.25 -27.55
CA SER K 486 -58.77 47.07 -26.71
C SER K 486 -58.43 45.80 -27.48
N ALA K 487 -58.85 45.73 -28.74
CA ALA K 487 -58.60 44.57 -29.57
C ALA K 487 -57.10 44.34 -29.78
N SER K 488 -56.30 45.38 -29.53
CA SER K 488 -54.84 45.28 -29.65
C SER K 488 -54.24 44.78 -28.34
N ALA K 489 -54.61 45.42 -27.24
CA ALA K 489 -54.16 45.01 -25.92
C ALA K 489 -54.46 43.53 -25.67
N VAL K 490 -55.63 43.09 -26.07
CA VAL K 490 -56.00 41.68 -25.92
C VAL K 490 -55.06 40.80 -26.74
N ALA K 491 -54.87 41.16 -28.01
CA ALA K 491 -54.01 40.38 -28.90
C ALA K 491 -52.59 40.28 -28.36
N VAL K 492 -52.10 41.35 -27.75
CA VAL K 492 -50.75 41.36 -27.20
C VAL K 492 -50.63 40.37 -26.04
N GLY K 493 -51.54 40.49 -25.08
CA GLY K 493 -51.56 39.58 -23.94
C GLY K 493 -51.57 38.14 -24.41
N LEU K 494 -52.39 37.86 -25.39
CA LEU K 494 -52.48 36.51 -25.93
C LEU K 494 -51.15 36.06 -26.52
N LYS K 495 -50.48 36.94 -27.27
CA LYS K 495 -49.16 36.64 -27.81
C LYS K 495 -48.18 36.40 -26.67
N GLN K 496 -48.30 37.20 -25.62
CA GLN K 496 -47.52 37.01 -24.41
C GLN K 496 -47.90 35.68 -23.75
N GLY K 497 -48.94 35.05 -24.28
CA GLY K 497 -49.35 33.72 -23.82
C GLY K 497 -50.07 33.77 -22.50
N LYS K 498 -51.02 34.69 -22.38
CA LYS K 498 -51.73 34.90 -21.13
C LYS K 498 -53.20 34.55 -21.31
N VAL K 499 -53.85 34.20 -20.21
CA VAL K 499 -55.29 33.97 -20.21
C VAL K 499 -55.97 35.29 -19.87
N ILE K 500 -56.83 35.76 -20.76
CA ILE K 500 -57.34 37.12 -20.67
C ILE K 500 -58.79 37.24 -20.24
N ILE K 501 -59.02 38.12 -19.28
CA ILE K 501 -60.33 38.41 -18.74
C ILE K 501 -60.56 39.92 -18.91
N VAL K 502 -61.64 40.30 -19.59
CA VAL K 502 -61.93 41.71 -19.81
C VAL K 502 -63.02 42.21 -18.85
N VAL K 503 -62.76 43.36 -18.26
CA VAL K 503 -63.69 43.98 -17.32
C VAL K 503 -63.83 45.47 -17.62
N LYS K 504 -64.99 46.04 -17.28
CA LYS K 504 -65.21 47.47 -17.41
C LYS K 504 -64.55 48.15 -16.22
N ASP K 505 -64.03 49.36 -16.43
CA ASP K 505 -63.32 50.07 -15.36
C ASP K 505 -64.19 50.19 -14.12
N GLY K 506 -63.57 50.05 -12.96
CA GLY K 506 -64.25 50.23 -11.70
C GLY K 506 -63.27 50.73 -10.65
N PRO K 507 -63.79 51.15 -9.49
CA PRO K 507 -62.93 51.50 -8.38
C PRO K 507 -62.48 50.21 -7.70
N GLY K 508 -61.27 49.77 -8.02
CA GLY K 508 -60.89 48.39 -7.72
C GLY K 508 -61.64 47.50 -8.70
N PHE K 509 -60.93 47.00 -9.70
CA PHE K 509 -61.54 46.21 -10.75
C PHE K 509 -61.98 44.87 -10.17
N TYR K 510 -62.57 44.01 -11.01
CA TYR K 510 -63.10 42.72 -10.54
C TYR K 510 -62.22 42.04 -9.50
N THR K 511 -60.96 41.79 -9.87
CA THR K 511 -60.05 41.00 -9.02
C THR K 511 -59.73 41.70 -7.70
N THR K 512 -59.01 42.81 -7.77
CA THR K 512 -58.60 43.52 -6.57
C THR K 512 -59.80 43.85 -5.67
N ARG K 513 -60.93 44.19 -6.29
CA ARG K 513 -62.14 44.46 -5.54
C ARG K 513 -62.57 43.27 -4.71
N CYS K 514 -63.02 42.21 -5.37
CA CYS K 514 -63.47 41.00 -4.69
C CYS K 514 -62.49 40.52 -3.64
N LEU K 515 -61.21 40.80 -3.86
CA LEU K 515 -60.16 40.39 -2.92
C LEU K 515 -60.25 41.16 -1.61
N ALA K 516 -60.59 42.44 -1.70
CA ALA K 516 -60.56 43.35 -0.54
C ALA K 516 -61.35 42.85 0.67
N PRO K 517 -62.66 42.61 0.51
CA PRO K 517 -63.48 42.18 1.65
C PRO K 517 -62.82 41.08 2.46
N MET K 518 -62.27 40.08 1.78
CA MET K 518 -61.59 38.97 2.46
C MET K 518 -60.46 39.49 3.33
N MET K 519 -59.60 40.33 2.76
CA MET K 519 -58.43 40.85 3.47
C MET K 519 -58.85 41.61 4.73
N SER K 520 -60.06 42.18 4.72
CA SER K 520 -60.63 42.79 5.91
C SER K 520 -61.03 41.70 6.92
N GLU K 521 -61.88 40.78 6.47
CA GLU K 521 -62.33 39.66 7.29
C GLU K 521 -61.14 38.90 7.89
N VAL K 522 -60.04 38.86 7.14
CA VAL K 522 -58.82 38.22 7.62
C VAL K 522 -58.30 38.94 8.87
N ILE K 523 -58.07 40.24 8.74
CA ILE K 523 -57.63 41.06 9.88
C ILE K 523 -58.52 40.77 11.08
N ARG K 524 -59.83 40.79 10.85
CA ARG K 524 -60.82 40.57 11.89
C ARG K 524 -60.61 39.24 12.61
N ILE K 525 -60.46 38.17 11.82
CA ILE K 525 -60.26 36.84 12.38
C ILE K 525 -58.95 36.76 13.15
N LEU K 526 -57.88 37.26 12.56
CA LEU K 526 -56.58 37.31 13.22
C LEU K 526 -56.70 38.08 14.53
N GLN K 527 -57.62 39.04 14.55
CA GLN K 527 -57.87 39.87 15.74
C GLN K 527 -58.95 39.26 16.62
N GLU K 528 -59.44 38.08 16.27
CA GLU K 528 -60.47 37.42 17.06
C GLU K 528 -59.90 36.31 17.93
N GLY K 529 -58.57 36.20 17.96
CA GLY K 529 -57.91 35.18 18.77
C GLY K 529 -57.24 34.12 17.92
N VAL K 530 -57.73 33.96 16.68
CA VAL K 530 -57.13 33.03 15.73
C VAL K 530 -55.75 33.55 15.31
N ASP K 531 -54.85 32.64 14.96
CA ASP K 531 -53.49 33.01 14.61
C ASP K 531 -53.14 32.55 13.19
N PRO K 532 -51.99 33.00 12.67
CA PRO K 532 -51.52 32.60 11.33
C PRO K 532 -51.66 31.10 11.08
N LYS K 533 -50.91 30.30 11.82
CA LYS K 533 -50.90 28.85 11.62
C LYS K 533 -52.30 28.29 11.42
N LYS K 534 -53.22 28.70 12.29
CA LYS K 534 -54.58 28.18 12.25
C LYS K 534 -55.37 28.72 11.07
N LEU K 535 -55.08 29.97 10.68
CA LEU K 535 -55.76 30.60 9.55
C LEU K 535 -55.19 30.12 8.21
N ASP K 536 -53.87 29.99 8.15
CA ASP K 536 -53.22 29.43 6.97
C ASP K 536 -53.75 28.01 6.71
N SER K 537 -53.66 27.17 7.74
CA SER K 537 -54.15 25.79 7.66
C SER K 537 -55.62 25.75 7.28
N LEU K 538 -56.42 26.61 7.90
CA LEU K 538 -57.86 26.62 7.66
C LEU K 538 -58.20 26.87 6.19
N THR K 539 -57.50 27.80 5.55
CA THR K 539 -57.80 28.17 4.18
C THR K 539 -57.15 27.23 3.17
N THR K 540 -55.87 26.97 3.34
CA THR K 540 -55.15 26.04 2.46
C THR K 540 -55.90 24.72 2.37
N SER K 541 -56.41 24.25 3.50
CA SER K 541 -57.13 22.99 3.58
C SER K 541 -58.56 23.12 3.05
N PHE K 542 -58.97 24.33 2.72
CA PHE K 542 -60.26 24.55 2.08
C PHE K 542 -60.12 24.55 0.55
N GLY K 543 -58.88 24.57 0.09
CA GLY K 543 -58.60 24.50 -1.34
C GLY K 543 -57.78 25.69 -1.83
N PHE K 544 -57.51 26.63 -0.95
CA PHE K 544 -56.73 27.81 -1.31
C PHE K 544 -55.26 27.45 -1.49
N PRO K 545 -54.67 27.90 -2.61
CA PRO K 545 -53.24 27.72 -2.86
C PRO K 545 -52.38 28.32 -1.75
N VAL K 546 -52.77 29.48 -1.24
CA VAL K 546 -51.98 30.15 -0.22
C VAL K 546 -52.77 30.37 1.05
N GLY K 547 -52.09 30.31 2.19
CA GLY K 547 -52.69 30.58 3.48
C GLY K 547 -53.06 32.06 3.59
N ALA K 548 -54.28 32.32 4.04
CA ALA K 548 -54.84 33.67 4.02
C ALA K 548 -53.96 34.71 4.72
N ALA K 549 -53.25 34.29 5.76
CA ALA K 549 -52.37 35.19 6.50
C ALA K 549 -51.01 35.33 5.81
N THR K 550 -50.42 34.18 5.46
CA THR K 550 -49.14 34.18 4.75
C THR K 550 -49.30 34.78 3.36
N LEU K 551 -50.52 34.74 2.83
CA LEU K 551 -50.88 35.45 1.61
C LEU K 551 -50.48 36.91 1.76
N VAL K 552 -50.93 37.52 2.85
CA VAL K 552 -50.65 38.93 3.11
C VAL K 552 -49.18 39.13 3.41
N ASP K 553 -48.70 38.49 4.47
CA ASP K 553 -47.31 38.63 4.89
C ASP K 553 -46.40 38.65 3.66
N GLU K 554 -46.78 37.90 2.63
CA GLU K 554 -46.05 37.88 1.37
C GLU K 554 -46.38 39.08 0.49
N VAL K 555 -47.67 39.23 0.18
CA VAL K 555 -48.11 40.26 -0.78
C VAL K 555 -47.55 41.64 -0.48
N GLY K 556 -47.86 42.17 0.70
CA GLY K 556 -47.37 43.48 1.09
C GLY K 556 -48.05 44.00 2.36
N VAL K 557 -47.37 43.83 3.49
CA VAL K 557 -47.88 44.31 4.78
C VAL K 557 -48.32 45.77 4.68
N ASP K 558 -47.62 46.55 3.85
CA ASP K 558 -47.92 47.96 3.66
C ASP K 558 -48.83 48.17 2.46
N VAL K 559 -48.55 47.47 1.37
CA VAL K 559 -49.39 47.53 0.18
C VAL K 559 -50.77 47.01 0.53
N ALA K 560 -50.87 46.32 1.66
CA ALA K 560 -52.15 45.91 2.22
C ALA K 560 -52.97 47.17 2.50
N LYS K 561 -52.41 48.07 3.29
CA LYS K 561 -53.09 49.30 3.67
C LYS K 561 -53.31 50.20 2.45
N HIS K 562 -52.28 50.30 1.60
CA HIS K 562 -52.36 51.11 0.38
C HIS K 562 -53.67 50.93 -0.35
N VAL K 563 -54.17 49.69 -0.38
CA VAL K 563 -55.39 49.37 -1.12
C VAL K 563 -56.56 49.11 -0.17
N ALA K 564 -56.27 48.60 1.02
CA ALA K 564 -57.31 48.33 2.01
C ALA K 564 -58.02 49.62 2.41
N GLU K 565 -57.28 50.73 2.43
CA GLU K 565 -57.83 52.02 2.82
C GLU K 565 -58.20 52.87 1.61
N ASP K 566 -57.39 52.82 0.56
CA ASP K 566 -57.71 53.55 -0.66
C ASP K 566 -59.04 53.06 -1.22
N LEU K 567 -59.25 51.75 -1.15
CA LEU K 567 -60.48 51.13 -1.66
C LEU K 567 -61.55 51.12 -0.56
N GLY K 568 -61.09 51.09 0.69
CA GLY K 568 -61.99 51.16 1.83
C GLY K 568 -62.64 52.52 1.97
N LYS K 569 -61.95 53.55 1.50
CA LYS K 569 -62.51 54.90 1.46
C LYS K 569 -63.58 54.99 0.39
N VAL K 570 -63.34 54.34 -0.74
CA VAL K 570 -64.28 54.37 -1.86
C VAL K 570 -65.54 53.57 -1.53
N PHE K 571 -65.41 52.60 -0.64
CA PHE K 571 -66.56 51.82 -0.18
C PHE K 571 -66.71 51.94 1.34
N GLY K 572 -65.87 51.21 2.07
CA GLY K 572 -65.89 51.23 3.52
C GLY K 572 -67.20 50.78 4.13
N GLU K 573 -68.21 50.54 3.29
CA GLU K 573 -69.55 50.22 3.78
C GLU K 573 -69.66 48.75 4.17
N ARG K 574 -69.33 47.87 3.22
CA ARG K 574 -69.44 46.43 3.42
C ARG K 574 -68.04 45.86 3.63
N PHE K 575 -67.05 46.61 3.18
CA PHE K 575 -65.65 46.21 3.28
C PHE K 575 -65.17 46.32 4.72
N GLY K 576 -66.02 46.87 5.58
CA GLY K 576 -65.68 47.06 6.98
C GLY K 576 -65.56 45.77 7.75
N GLY K 577 -64.33 45.30 7.91
CA GLY K 577 -64.05 44.08 8.67
C GLY K 577 -63.30 44.40 9.94
N GLY K 578 -62.00 44.11 9.94
CA GLY K 578 -61.17 44.34 11.12
C GLY K 578 -60.76 45.79 11.25
N ASN K 579 -59.96 46.08 12.28
CA ASN K 579 -59.47 47.42 12.53
C ASN K 579 -58.14 47.65 11.82
N PRO K 580 -58.14 48.53 10.79
CA PRO K 580 -56.90 48.77 10.05
C PRO K 580 -55.82 49.46 10.87
N GLU K 581 -56.06 49.65 12.16
CA GLU K 581 -55.05 50.22 13.05
C GLU K 581 -53.94 49.20 13.30
N LEU K 582 -54.35 47.99 13.69
CA LEU K 582 -53.38 46.91 13.92
C LEU K 582 -52.57 46.69 12.65
N LEU K 583 -53.22 46.90 11.51
CA LEU K 583 -52.56 46.83 10.22
C LEU K 583 -51.51 47.94 10.11
N THR K 584 -51.84 49.12 10.65
CA THR K 584 -50.91 50.23 10.71
C THR K 584 -49.84 49.97 11.78
N GLN K 585 -50.29 49.58 12.96
CA GLN K 585 -49.40 49.28 14.08
C GLN K 585 -48.23 48.41 13.64
N MET K 586 -48.41 47.71 12.53
CA MET K 586 -47.35 46.87 11.98
C MET K 586 -46.31 47.72 11.26
N VAL K 587 -46.76 48.55 10.32
CA VAL K 587 -45.85 49.36 9.52
C VAL K 587 -45.13 50.39 10.38
N SER K 588 -45.88 51.18 11.14
CA SER K 588 -45.31 52.23 11.97
C SER K 588 -44.43 51.69 13.09
N LYS K 589 -44.83 50.56 13.66
CA LYS K 589 -44.03 49.92 14.71
C LYS K 589 -42.87 49.14 14.09
N GLY K 590 -42.94 48.94 12.77
CA GLY K 590 -41.84 48.34 12.01
C GLY K 590 -41.99 46.86 11.78
N PHE K 591 -42.93 46.49 10.92
CA PHE K 591 -43.17 45.08 10.57
C PHE K 591 -43.32 44.91 9.06
N LEU K 592 -42.83 43.79 8.54
CA LEU K 592 -42.81 43.55 7.10
C LEU K 592 -42.82 42.07 6.76
N GLY K 593 -43.12 41.78 5.50
CA GLY K 593 -43.12 40.40 4.98
C GLY K 593 -41.97 40.11 4.04
N ARG K 594 -41.16 41.14 3.75
CA ARG K 594 -39.90 40.95 3.08
C ARG K 594 -38.79 41.07 4.13
N LYS K 595 -39.19 40.93 5.38
CA LYS K 595 -38.27 41.01 6.52
C LYS K 595 -38.71 40.04 7.61
N SER K 596 -38.96 38.79 7.23
CA SER K 596 -39.36 37.74 8.17
C SER K 596 -38.88 36.37 7.67
N LYS K 608 -36.15 26.73 4.77
CA LYS K 608 -36.19 27.71 5.84
C LYS K 608 -37.48 28.51 5.83
N ARG K 609 -38.61 27.81 5.89
CA ARG K 609 -39.92 28.47 5.90
C ARG K 609 -40.62 28.19 7.22
N LYS K 610 -39.94 28.46 8.33
CA LYS K 610 -40.42 28.04 9.65
C LYS K 610 -40.26 29.15 10.69
N ASP K 611 -40.48 30.39 10.29
CA ASP K 611 -40.49 31.50 11.21
C ASP K 611 -41.82 31.58 11.95
N LEU K 612 -41.85 32.40 12.99
CA LEU K 612 -43.08 32.81 13.64
C LEU K 612 -43.08 34.33 13.62
N ASN K 613 -43.99 34.95 14.35
CA ASN K 613 -44.03 36.40 14.48
C ASN K 613 -44.34 36.78 15.93
N SER K 614 -43.47 36.34 16.83
CA SER K 614 -43.71 36.45 18.27
C SER K 614 -43.99 37.88 18.74
N ASP K 615 -43.35 38.86 18.13
CA ASP K 615 -43.56 40.26 18.49
C ASP K 615 -44.94 40.71 18.03
N MET K 616 -45.42 40.15 16.93
CA MET K 616 -46.77 40.44 16.45
C MET K 616 -47.82 39.89 17.43
N ASP K 617 -47.42 38.92 18.26
CA ASP K 617 -48.30 38.39 19.31
C ASP K 617 -48.59 39.46 20.36
N SER K 618 -47.53 40.09 20.86
CA SER K 618 -47.66 41.14 21.87
C SER K 618 -48.59 42.26 21.43
N ILE K 619 -48.38 42.76 20.21
CA ILE K 619 -49.16 43.88 19.67
C ILE K 619 -50.58 43.45 19.29
N LEU K 620 -50.73 42.23 18.80
CA LEU K 620 -52.04 41.70 18.45
C LEU K 620 -52.89 41.59 19.71
N ALA K 621 -52.32 40.99 20.75
CA ALA K 621 -52.99 40.86 22.04
C ALA K 621 -53.58 42.18 22.52
N SER K 622 -52.82 43.27 22.32
CA SER K 622 -53.22 44.59 22.78
C SER K 622 -54.67 44.92 22.41
N LEU K 623 -54.97 44.92 21.12
CA LEU K 623 -56.30 45.24 20.64
C LEU K 623 -56.87 44.06 19.86
N LYS K 624 -57.80 43.32 20.46
CA LYS K 624 -58.42 42.20 19.78
C LYS K 624 -59.77 41.79 20.40
N LEU K 625 -60.81 41.83 19.57
CA LEU K 625 -62.17 41.48 20.01
C LEU K 625 -62.30 40.00 20.30
N PRO K 626 -63.40 39.60 20.98
CA PRO K 626 -63.68 38.20 21.27
C PRO K 626 -64.56 37.56 20.20
N PRO K 627 -64.67 36.23 20.21
CA PRO K 627 -65.40 35.49 19.18
C PRO K 627 -66.92 35.67 19.25
N LYS K 628 -67.63 34.92 18.41
CA LYS K 628 -69.09 34.85 18.47
C LYS K 628 -69.48 33.41 18.81
N SER K 629 -70.77 33.12 18.81
CA SER K 629 -71.23 31.77 19.12
C SER K 629 -71.32 30.91 17.86
N GLU K 630 -72.20 31.31 16.94
CA GLU K 630 -72.46 30.54 15.72
C GLU K 630 -71.56 30.97 14.55
N VAL K 631 -70.50 31.71 14.84
CA VAL K 631 -69.64 32.23 13.79
C VAL K 631 -68.16 32.10 14.13
N SER K 632 -67.86 31.48 15.27
CA SER K 632 -66.47 31.24 15.67
C SER K 632 -65.98 29.88 15.16
N SER K 633 -66.91 29.08 14.64
CA SER K 633 -66.60 27.74 14.16
C SER K 633 -65.50 27.75 13.09
N ASP K 634 -64.69 26.69 13.08
CA ASP K 634 -63.64 26.56 12.08
C ASP K 634 -64.21 26.52 10.67
N GLU K 635 -65.31 25.80 10.49
CA GLU K 635 -65.97 25.73 9.20
C GLU K 635 -66.61 27.07 8.85
N ASP K 636 -67.03 27.81 9.87
CA ASP K 636 -67.64 29.13 9.68
C ASP K 636 -66.58 30.18 9.31
N ILE K 637 -65.44 30.10 9.98
CA ILE K 637 -64.32 30.99 9.68
C ILE K 637 -63.97 30.93 8.20
N GLN K 638 -64.14 29.76 7.59
CA GLN K 638 -63.88 29.58 6.17
C GLN K 638 -64.90 30.33 5.34
N PHE K 639 -66.17 29.92 5.45
CA PHE K 639 -67.24 30.50 4.64
C PHE K 639 -67.39 32.00 4.87
N ARG K 640 -67.04 32.45 6.07
CA ARG K 640 -66.92 33.88 6.34
C ARG K 640 -66.20 34.55 5.16
N LEU K 641 -65.01 34.02 4.85
CA LEU K 641 -64.18 34.56 3.78
C LEU K 641 -64.78 34.32 2.42
N VAL K 642 -65.01 33.04 2.10
CA VAL K 642 -65.49 32.66 0.78
C VAL K 642 -66.72 33.47 0.37
N THR K 643 -67.76 33.42 1.18
CA THR K 643 -69.03 34.05 0.83
C THR K 643 -68.86 35.54 0.50
N ARG K 644 -68.18 36.27 1.36
CA ARG K 644 -67.93 37.69 1.10
C ARG K 644 -67.35 37.89 -0.30
N PHE K 645 -66.33 37.09 -0.63
CA PHE K 645 -65.75 37.09 -1.96
C PHE K 645 -66.83 36.76 -2.98
N VAL K 646 -67.35 35.53 -2.90
CA VAL K 646 -68.30 35.04 -3.88
C VAL K 646 -69.38 36.08 -4.15
N ASN K 647 -69.74 36.85 -3.13
CA ASN K 647 -70.75 37.88 -3.28
C ASN K 647 -70.25 39.01 -4.18
N GLU K 648 -69.25 39.74 -3.71
CA GLU K 648 -68.68 40.83 -4.50
C GLU K 648 -68.46 40.38 -5.94
N ALA K 649 -68.04 39.14 -6.12
CA ALA K 649 -67.81 38.58 -7.44
C ALA K 649 -69.09 38.61 -8.27
N VAL K 650 -70.13 37.92 -7.80
CA VAL K 650 -71.40 37.86 -8.51
C VAL K 650 -71.97 39.27 -8.65
N MET K 651 -71.71 40.12 -7.66
CA MET K 651 -72.14 41.50 -7.70
C MET K 651 -71.49 42.23 -8.88
N CYS K 652 -70.26 41.85 -9.20
CA CYS K 652 -69.53 42.46 -10.32
C CYS K 652 -70.13 42.01 -11.66
N LEU K 653 -70.81 40.88 -11.67
CA LEU K 653 -71.55 40.45 -12.85
C LEU K 653 -72.80 41.30 -12.95
N GLN K 654 -73.45 41.46 -11.80
CA GLN K 654 -74.65 42.28 -11.67
C GLN K 654 -74.39 43.71 -12.16
N GLU K 655 -73.35 44.34 -11.62
CA GLU K 655 -73.03 45.71 -11.99
C GLU K 655 -72.54 45.81 -13.43
N GLY K 656 -72.29 44.68 -14.06
CA GLY K 656 -71.88 44.64 -15.45
C GLY K 656 -70.38 44.73 -15.66
N ILE K 657 -69.62 44.75 -14.57
CA ILE K 657 -68.16 44.79 -14.66
C ILE K 657 -67.65 43.53 -15.35
N LEU K 658 -68.05 42.37 -14.83
CA LEU K 658 -67.72 41.10 -15.46
C LEU K 658 -68.62 40.87 -16.67
N ALA K 659 -68.00 40.67 -17.83
CA ALA K 659 -68.76 40.45 -19.05
C ALA K 659 -69.50 39.12 -18.99
N THR K 660 -68.86 38.13 -18.39
CA THR K 660 -69.43 36.79 -18.32
C THR K 660 -69.13 36.17 -16.96
N PRO K 661 -69.81 35.07 -16.62
CA PRO K 661 -69.49 34.34 -15.39
C PRO K 661 -68.22 33.53 -15.58
N ALA K 662 -68.06 32.94 -16.75
CA ALA K 662 -66.85 32.19 -17.10
C ALA K 662 -65.62 33.03 -16.81
N GLU K 663 -65.57 34.24 -17.36
CA GLU K 663 -64.49 35.17 -17.10
C GLU K 663 -64.37 35.43 -15.59
N GLY K 664 -65.50 35.67 -14.94
CA GLY K 664 -65.52 35.86 -13.51
C GLY K 664 -64.81 34.73 -12.77
N ASP K 665 -65.07 33.50 -13.22
CA ASP K 665 -64.43 32.32 -12.64
C ASP K 665 -62.94 32.26 -12.98
N ILE K 666 -62.65 32.12 -14.27
CA ILE K 666 -61.28 32.09 -14.75
C ILE K 666 -60.40 33.01 -13.89
N GLY K 667 -60.72 34.30 -13.90
CA GLY K 667 -59.90 35.30 -13.21
C GLY K 667 -59.85 35.12 -11.70
N ALA K 668 -60.94 34.63 -11.13
CA ALA K 668 -60.99 34.36 -9.69
C ALA K 668 -60.04 33.24 -9.32
N VAL K 669 -60.10 32.16 -10.08
CA VAL K 669 -59.26 31.00 -9.83
C VAL K 669 -57.81 31.30 -10.19
N PHE K 670 -57.58 31.68 -11.44
CA PHE K 670 -56.22 31.89 -11.95
C PHE K 670 -55.47 33.05 -11.29
N GLY K 671 -56.19 33.95 -10.63
CA GLY K 671 -55.58 35.16 -10.09
C GLY K 671 -55.70 35.33 -8.59
N LEU K 672 -56.90 35.13 -8.07
CA LEU K 672 -57.16 35.30 -6.66
C LEU K 672 -56.85 34.01 -5.90
N GLY K 673 -56.63 32.92 -6.64
CA GLY K 673 -56.33 31.63 -6.03
C GLY K 673 -57.57 30.96 -5.49
N PHE K 674 -58.72 31.27 -6.08
CA PHE K 674 -59.97 30.66 -5.69
C PHE K 674 -59.89 29.15 -5.92
N PRO K 675 -60.16 28.36 -4.86
CA PRO K 675 -60.08 26.90 -4.98
C PRO K 675 -60.77 26.38 -6.23
N PRO K 676 -60.00 25.80 -7.16
CA PRO K 676 -60.55 25.32 -8.43
C PRO K 676 -61.48 24.12 -8.30
N CYS K 677 -61.27 23.27 -7.29
CA CYS K 677 -62.16 22.13 -7.09
C CYS K 677 -63.60 22.62 -6.99
N LEU K 678 -63.76 23.78 -6.37
CA LEU K 678 -65.07 24.42 -6.30
C LEU K 678 -65.51 24.88 -7.68
N GLY K 679 -64.54 25.31 -8.50
CA GLY K 679 -64.78 25.60 -9.91
C GLY K 679 -64.89 27.07 -10.27
N GLY K 680 -64.53 27.93 -9.32
CA GLY K 680 -64.74 29.36 -9.46
C GLY K 680 -65.95 29.80 -8.67
N PRO K 681 -66.03 31.08 -8.30
CA PRO K 681 -67.14 31.56 -7.47
C PRO K 681 -68.51 31.41 -8.16
N PHE K 682 -68.54 31.58 -9.48
CA PHE K 682 -69.79 31.49 -10.23
C PHE K 682 -70.23 30.03 -10.42
N ARG K 683 -69.26 29.11 -10.42
CA ARG K 683 -69.58 27.69 -10.45
C ARG K 683 -70.04 27.28 -9.07
N PHE K 684 -69.31 27.78 -8.07
CA PHE K 684 -69.57 27.46 -6.68
C PHE K 684 -71.01 27.73 -6.29
N VAL K 685 -71.57 28.80 -6.86
CA VAL K 685 -73.00 29.08 -6.70
C VAL K 685 -73.82 27.95 -7.31
N ASP K 686 -73.56 27.67 -8.58
CA ASP K 686 -74.32 26.66 -9.32
C ASP K 686 -74.27 25.28 -8.68
N LEU K 687 -73.18 24.95 -8.00
CA LEU K 687 -72.98 23.60 -7.47
C LEU K 687 -73.33 23.47 -5.98
N TYR K 688 -72.70 24.31 -5.15
CA TYR K 688 -72.91 24.27 -3.70
C TYR K 688 -74.33 24.65 -3.33
N GLY K 689 -74.96 25.47 -4.17
CA GLY K 689 -76.34 25.87 -3.96
C GLY K 689 -76.53 27.38 -4.02
N ALA K 690 -77.24 27.85 -5.04
CA ALA K 690 -77.53 29.27 -5.18
C ALA K 690 -78.29 29.79 -3.95
N GLN K 691 -78.97 28.87 -3.26
CA GLN K 691 -79.71 29.20 -2.03
C GLN K 691 -78.83 28.96 -0.82
N LYS K 692 -78.41 27.71 -0.63
CA LYS K 692 -77.59 27.31 0.52
C LYS K 692 -76.49 28.33 0.79
N ILE K 693 -75.98 28.96 -0.27
CA ILE K 693 -74.91 29.93 -0.17
C ILE K 693 -75.40 31.24 0.43
N VAL K 694 -76.69 31.52 0.29
CA VAL K 694 -77.29 32.75 0.82
C VAL K 694 -77.66 32.56 2.28
N ASP K 695 -78.30 31.43 2.58
CA ASP K 695 -78.62 31.07 3.95
C ASP K 695 -77.35 31.10 4.78
N ARG K 696 -76.27 30.61 4.18
CA ARG K 696 -74.97 30.64 4.82
C ARG K 696 -74.46 32.07 4.94
N LEU K 697 -74.87 32.92 4.01
CA LEU K 697 -74.44 34.31 3.98
C LEU K 697 -75.25 35.18 4.92
N LYS K 698 -76.56 34.95 4.99
CA LYS K 698 -77.41 35.65 5.94
C LYS K 698 -77.00 35.33 7.37
N LYS K 699 -76.39 34.16 7.53
CA LYS K 699 -75.90 33.70 8.84
C LYS K 699 -74.62 34.43 9.23
N TYR K 700 -73.91 34.97 8.23
CA TYR K 700 -72.72 35.80 8.49
C TYR K 700 -73.04 37.26 8.22
N GLU K 701 -74.33 37.60 8.33
CA GLU K 701 -74.80 38.96 8.13
C GLU K 701 -75.45 39.46 9.41
N ALA K 702 -76.70 39.06 9.61
CA ALA K 702 -77.48 39.49 10.77
C ALA K 702 -76.82 38.99 12.05
N ALA K 703 -76.26 37.78 12.01
CA ALA K 703 -75.58 37.21 13.16
C ALA K 703 -74.30 37.98 13.45
N TYR K 704 -73.69 38.56 12.42
CA TYR K 704 -72.46 39.31 12.61
C TYR K 704 -72.69 40.81 12.46
N GLY K 705 -73.93 41.23 12.74
CA GLY K 705 -74.29 42.64 12.84
C GLY K 705 -73.62 43.57 11.83
N LYS K 706 -73.31 43.05 10.65
CA LYS K 706 -72.70 43.85 9.59
C LYS K 706 -73.51 43.70 8.31
N GLN K 707 -73.31 44.64 7.38
CA GLN K 707 -74.08 44.65 6.14
C GLN K 707 -73.47 43.77 5.07
N PHE K 708 -72.97 42.60 5.47
CA PHE K 708 -72.33 41.67 4.54
C PHE K 708 -73.42 40.75 3.99
N THR K 709 -74.25 41.37 3.16
CA THR K 709 -75.55 40.86 2.80
C THR K 709 -75.62 40.58 1.30
N PRO K 710 -76.31 39.50 0.92
CA PRO K 710 -76.39 39.14 -0.50
C PRO K 710 -76.80 40.31 -1.38
N CYS K 711 -76.16 40.43 -2.53
CA CYS K 711 -76.54 41.42 -3.53
C CYS K 711 -77.79 40.93 -4.25
N GLN K 712 -78.24 41.69 -5.24
CA GLN K 712 -79.48 41.35 -5.94
C GLN K 712 -79.35 40.06 -6.73
N LEU K 713 -78.39 40.01 -7.64
CA LEU K 713 -78.26 38.88 -8.56
C LEU K 713 -77.97 37.56 -7.83
N LEU K 714 -77.29 37.65 -6.68
CA LEU K 714 -77.04 36.48 -5.86
C LEU K 714 -78.36 35.97 -5.30
N ALA K 715 -79.06 36.84 -4.59
CA ALA K 715 -80.34 36.52 -3.99
C ALA K 715 -81.37 36.20 -5.08
N ASP K 716 -81.18 36.76 -6.26
CA ASP K 716 -82.11 36.53 -7.38
C ASP K 716 -82.10 35.05 -7.78
N HIS K 717 -80.90 34.48 -7.90
CA HIS K 717 -80.73 33.07 -8.22
C HIS K 717 -81.22 32.19 -7.08
N ALA K 718 -81.13 32.72 -5.86
CA ALA K 718 -81.56 31.99 -4.67
C ALA K 718 -83.05 31.72 -4.70
N ASN K 719 -83.83 32.78 -4.95
CA ASN K 719 -85.28 32.69 -4.90
C ASN K 719 -85.90 31.84 -6.00
N SER K 720 -85.04 31.27 -6.86
CA SER K 720 -85.51 30.40 -7.93
C SER K 720 -84.56 29.22 -8.07
N PRO K 721 -84.86 28.30 -9.02
CA PRO K 721 -83.92 27.24 -9.36
C PRO K 721 -83.03 27.67 -10.53
N ASN K 722 -82.11 28.59 -10.25
CA ASN K 722 -81.29 29.19 -11.30
C ASN K 722 -79.79 28.95 -11.16
N LYS K 723 -79.12 28.95 -12.32
CA LYS K 723 -77.70 28.71 -12.41
C LYS K 723 -77.10 29.66 -13.45
N LYS K 724 -75.89 30.16 -13.18
CA LYS K 724 -75.28 31.19 -14.02
C LYS K 724 -74.67 30.61 -15.29
N PHE K 725 -73.88 29.55 -15.12
CA PHE K 725 -73.14 28.97 -16.24
C PHE K 725 -74.04 28.24 -17.22
N TYR K 726 -74.95 27.43 -16.70
CA TYR K 726 -75.89 26.70 -17.54
C TYR K 726 -76.97 26.03 -16.69
N ARG L 2 47.90 56.84 -31.00
CA ARG L 2 47.23 55.53 -30.73
C ARG L 2 46.41 55.08 -31.95
N THR L 3 47.02 54.26 -32.80
CA THR L 3 46.36 53.76 -34.00
C THR L 3 45.41 52.61 -33.68
N HIS L 4 45.66 51.93 -32.57
CA HIS L 4 44.82 50.82 -32.14
C HIS L 4 43.81 51.24 -31.07
N ILE L 5 44.27 51.40 -29.84
CA ILE L 5 43.39 51.69 -28.71
C ILE L 5 43.06 53.17 -28.61
N ASN L 6 41.77 53.48 -28.64
CA ASN L 6 41.31 54.85 -28.49
C ASN L 6 40.81 55.10 -27.06
N TYR L 7 40.49 56.36 -26.78
CA TYR L 7 40.10 56.76 -25.43
C TYR L 7 38.79 57.55 -25.47
N GLY L 8 38.38 58.08 -24.33
CA GLY L 8 37.11 58.79 -24.19
C GLY L 8 36.51 58.50 -22.83
N VAL L 9 35.69 59.42 -22.33
CA VAL L 9 35.13 59.26 -20.99
C VAL L 9 33.73 59.88 -20.89
N LYS L 10 32.91 59.33 -20.00
CA LYS L 10 31.56 59.84 -19.76
C LYS L 10 31.15 59.63 -18.30
N GLY L 11 30.92 60.72 -17.57
CA GLY L 11 30.64 60.64 -16.15
C GLY L 11 31.84 60.06 -15.43
N ASP L 12 31.59 59.29 -14.36
CA ASP L 12 32.68 58.63 -13.65
C ASP L 12 32.99 57.27 -14.26
N VAL L 13 32.91 57.19 -15.59
CA VAL L 13 33.10 55.94 -16.31
C VAL L 13 33.89 56.14 -17.60
N ALA L 14 35.05 55.49 -17.70
CA ALA L 14 35.87 55.55 -18.90
C ALA L 14 35.32 54.58 -19.93
N VAL L 15 35.58 54.86 -21.20
CA VAL L 15 35.11 54.00 -22.27
C VAL L 15 36.23 53.76 -23.28
N VAL L 16 37.00 52.69 -23.04
CA VAL L 16 38.06 52.29 -23.96
C VAL L 16 37.46 51.69 -25.23
N ARG L 17 38.12 51.92 -26.35
CA ARG L 17 37.60 51.48 -27.64
C ARG L 17 38.68 50.79 -28.48
N ILE L 18 38.61 49.47 -28.56
CA ILE L 18 39.56 48.69 -29.34
C ILE L 18 39.20 48.72 -30.81
N ASN L 19 40.17 49.09 -31.66
CA ASN L 19 40.02 48.99 -33.10
C ASN L 19 41.35 49.08 -33.84
N SER L 20 41.80 47.96 -34.37
CA SER L 20 43.10 47.88 -35.05
C SER L 20 43.17 48.83 -36.25
N PRO L 21 44.40 49.09 -36.74
CA PRO L 21 44.61 50.04 -37.83
C PRO L 21 43.89 49.63 -39.11
N ASN L 22 44.10 48.38 -39.52
CA ASN L 22 43.42 47.85 -40.69
C ASN L 22 41.92 47.72 -40.41
N SER L 23 41.58 47.47 -39.14
CA SER L 23 40.20 47.41 -38.68
C SER L 23 39.53 46.07 -38.99
N LYS L 24 40.14 45.30 -39.89
CA LYS L 24 39.58 44.03 -40.33
C LYS L 24 39.21 43.13 -39.17
N VAL L 25 40.15 42.95 -38.25
CA VAL L 25 39.93 42.15 -37.06
C VAL L 25 40.94 42.59 -35.99
N ASN L 26 40.43 42.92 -34.81
CA ASN L 26 41.28 43.38 -33.73
C ASN L 26 42.07 42.23 -33.13
N THR L 27 43.38 42.20 -33.38
CA THR L 27 44.26 41.20 -32.77
C THR L 27 45.21 41.89 -31.80
N LEU L 28 45.82 41.09 -30.93
CA LEU L 28 46.67 41.63 -29.87
C LEU L 28 48.12 41.82 -30.31
N SER L 29 48.41 43.00 -30.85
CA SER L 29 49.77 43.34 -31.28
C SER L 29 50.59 43.86 -30.11
N LYS L 30 51.91 43.74 -30.21
CA LYS L 30 52.80 44.26 -29.19
C LYS L 30 52.54 45.75 -28.98
N GLU L 31 52.46 46.49 -30.07
CA GLU L 31 52.26 47.95 -29.98
C GLU L 31 50.88 48.28 -29.45
N LEU L 32 49.89 47.43 -29.76
CA LEU L 32 48.56 47.58 -29.20
C LEU L 32 48.63 47.40 -27.69
N HIS L 33 49.25 46.29 -27.28
CA HIS L 33 49.48 46.02 -25.87
C HIS L 33 50.04 47.25 -25.16
N SER L 34 50.91 47.99 -25.85
CA SER L 34 51.53 49.19 -25.30
C SER L 34 50.50 50.29 -25.06
N GLU L 35 49.80 50.68 -26.13
CA GLU L 35 48.80 51.74 -26.06
C GLU L 35 47.81 51.46 -24.95
N PHE L 36 47.28 50.24 -24.93
CA PHE L 36 46.33 49.81 -23.90
C PHE L 36 46.92 49.91 -22.51
N SER L 37 48.13 49.38 -22.34
CA SER L 37 48.82 49.41 -21.07
C SER L 37 48.99 50.85 -20.59
N GLU L 38 49.11 51.78 -21.53
CA GLU L 38 49.18 53.20 -21.22
C GLU L 38 47.80 53.72 -20.79
N VAL L 39 46.80 53.50 -21.63
CA VAL L 39 45.46 54.05 -21.41
C VAL L 39 44.94 53.68 -20.03
N MET L 40 45.22 52.46 -19.59
CA MET L 40 44.77 52.00 -18.28
C MET L 40 45.33 52.87 -17.17
N ASN L 41 46.65 52.97 -17.11
CA ASN L 41 47.31 53.79 -16.08
C ASN L 41 46.61 55.13 -15.91
N GLU L 42 46.22 55.74 -17.03
CA GLU L 42 45.52 57.02 -17.02
C GLU L 42 44.23 56.95 -16.20
N ILE L 43 43.34 56.05 -16.62
CA ILE L 43 42.03 55.90 -15.96
C ILE L 43 42.16 55.25 -14.58
N TRP L 44 43.22 54.46 -14.40
CA TRP L 44 43.54 53.86 -13.12
C TRP L 44 43.83 54.92 -12.08
N ALA L 45 44.88 55.71 -12.34
CA ALA L 45 45.35 56.73 -11.40
C ALA L 45 44.39 57.91 -11.31
N SER L 46 43.90 58.37 -12.47
CA SER L 46 42.98 59.51 -12.51
C SER L 46 41.84 59.35 -11.51
N ASP L 47 41.80 60.25 -10.53
CA ASP L 47 40.75 60.25 -9.51
C ASP L 47 39.40 60.69 -10.09
N GLN L 48 39.42 61.08 -11.36
CA GLN L 48 38.21 61.55 -12.02
C GLN L 48 37.27 60.39 -12.37
N ILE L 49 37.81 59.17 -12.41
CA ILE L 49 37.07 58.01 -12.92
C ILE L 49 36.97 56.89 -11.91
N ARG L 50 35.73 56.47 -11.63
CA ARG L 50 35.43 55.47 -10.60
C ARG L 50 35.16 54.09 -11.20
N SER L 51 34.94 54.03 -12.51
CA SER L 51 34.62 52.79 -13.22
C SER L 51 35.00 52.88 -14.70
N ALA L 52 34.89 51.78 -15.44
CA ALA L 52 35.27 51.78 -16.86
C ALA L 52 34.71 50.64 -17.70
N VAL L 53 34.71 50.84 -19.02
CA VAL L 53 34.22 49.88 -20.00
C VAL L 53 35.20 49.78 -21.17
N LEU L 54 35.26 48.61 -21.81
CA LEU L 54 36.06 48.45 -23.03
C LEU L 54 35.35 47.60 -24.09
N ILE L 55 35.05 48.23 -25.22
CA ILE L 55 34.28 47.59 -26.29
C ILE L 55 34.98 47.78 -27.62
N SER L 56 34.71 46.88 -28.57
CA SER L 56 35.31 46.96 -29.90
C SER L 56 34.53 47.89 -30.82
N SER L 57 35.25 48.78 -31.49
CA SER L 57 34.65 49.67 -32.48
C SER L 57 34.53 48.93 -33.81
N LYS L 58 35.52 48.09 -34.11
CA LYS L 58 35.49 47.28 -35.32
C LYS L 58 34.31 46.31 -35.24
N PRO L 59 33.45 46.32 -36.27
CA PRO L 59 32.21 45.55 -36.28
C PRO L 59 32.43 44.05 -36.39
N GLY L 60 33.41 43.66 -37.18
CA GLY L 60 33.69 42.24 -37.40
C GLY L 60 33.70 41.46 -36.10
N CYS L 61 34.40 41.98 -35.09
CA CYS L 61 34.62 41.22 -33.87
C CYS L 61 34.99 42.07 -32.65
N PHE L 62 35.41 41.38 -31.60
CA PHE L 62 35.90 42.00 -30.38
C PHE L 62 37.43 41.87 -30.33
N ILE L 63 37.91 40.64 -30.17
CA ILE L 63 39.36 40.36 -30.12
C ILE L 63 39.63 38.97 -30.69
N ALA L 64 40.84 38.73 -31.18
CA ALA L 64 41.20 37.42 -31.72
C ALA L 64 42.51 36.85 -31.17
N GLY L 65 43.49 37.72 -30.88
CA GLY L 65 44.80 37.28 -30.36
C GLY L 65 45.81 37.10 -31.49
N ALA L 66 46.88 37.89 -31.46
CA ALA L 66 47.77 38.05 -32.63
C ALA L 66 48.81 36.94 -32.81
N ASP L 67 48.77 36.29 -33.98
CA ASP L 67 49.79 35.31 -34.37
C ASP L 67 50.96 36.05 -35.02
N ILE L 68 50.91 37.38 -34.95
CA ILE L 68 51.89 38.23 -35.62
C ILE L 68 53.30 38.00 -35.08
N ASN L 69 53.44 38.04 -33.76
CA ASN L 69 54.75 37.98 -33.13
C ASN L 69 55.03 36.64 -32.46
N MET L 70 54.09 35.70 -32.57
CA MET L 70 54.22 34.43 -31.87
C MET L 70 55.43 33.65 -32.37
N LEU L 71 55.46 33.35 -33.68
CA LEU L 71 56.62 32.68 -34.28
C LEU L 71 57.58 33.68 -34.89
N ALA L 72 57.18 34.96 -34.90
CA ALA L 72 58.03 36.01 -35.45
C ALA L 72 59.11 36.41 -34.45
N ALA L 73 58.68 36.90 -33.29
CA ALA L 73 59.60 37.27 -32.22
C ALA L 73 60.08 36.02 -31.48
N CYS L 74 59.67 34.85 -31.99
CA CYS L 74 60.12 33.57 -31.46
C CYS L 74 61.62 33.44 -31.63
N LYS L 75 62.36 33.66 -30.54
CA LYS L 75 63.80 33.53 -30.56
C LYS L 75 64.21 32.28 -29.78
N THR L 76 64.20 32.38 -28.45
CA THR L 76 64.55 31.27 -27.59
C THR L 76 63.28 30.60 -27.08
N LEU L 77 63.44 29.50 -26.35
CA LEU L 77 62.31 28.80 -25.75
C LEU L 77 61.61 29.71 -24.76
N GLN L 78 62.37 30.60 -24.12
CA GLN L 78 61.82 31.44 -23.07
C GLN L 78 61.68 32.92 -23.47
N GLU L 79 62.01 33.26 -24.71
CA GLU L 79 61.66 34.56 -25.23
C GLU L 79 60.17 34.56 -25.53
N VAL L 80 59.61 33.36 -25.65
CA VAL L 80 58.17 33.18 -25.80
C VAL L 80 57.56 33.06 -24.40
N THR L 81 58.10 32.17 -23.58
CA THR L 81 57.70 32.05 -22.18
C THR L 81 57.66 33.44 -21.55
N GLN L 82 58.66 34.25 -21.88
CA GLN L 82 58.73 35.64 -21.42
C GLN L 82 57.44 36.36 -21.79
N LEU L 83 57.10 36.35 -23.08
CA LEU L 83 55.91 37.03 -23.58
C LEU L 83 54.67 36.66 -22.76
N SER L 84 54.39 35.37 -22.66
CA SER L 84 53.26 34.88 -21.89
C SER L 84 53.13 35.59 -20.54
N GLN L 85 54.24 35.65 -19.79
CA GLN L 85 54.23 36.29 -18.48
C GLN L 85 53.85 37.77 -18.58
N GLU L 86 54.54 38.50 -19.44
CA GLU L 86 54.27 39.93 -19.62
C GLU L 86 52.80 40.18 -19.92
N ALA L 87 52.13 39.18 -20.50
CA ALA L 87 50.71 39.25 -20.78
C ALA L 87 49.89 38.96 -19.53
N GLN L 88 50.23 37.88 -18.84
CA GLN L 88 49.58 37.53 -17.57
C GLN L 88 49.59 38.72 -16.62
N ARG L 89 50.70 39.43 -16.61
CA ARG L 89 50.87 40.60 -15.74
C ARG L 89 49.77 41.63 -16.00
N ILE L 90 49.55 41.97 -17.28
CA ILE L 90 48.61 43.02 -17.64
C ILE L 90 47.19 42.68 -17.21
N VAL L 91 46.72 41.48 -17.56
CA VAL L 91 45.38 41.06 -17.18
C VAL L 91 45.21 41.01 -15.67
N GLU L 92 46.24 40.54 -14.96
CA GLU L 92 46.17 40.50 -13.50
C GLU L 92 45.90 41.88 -12.93
N LYS L 93 46.50 42.90 -13.55
CA LYS L 93 46.22 44.28 -13.16
C LYS L 93 44.73 44.52 -13.30
N LEU L 94 44.18 44.15 -14.44
CA LEU L 94 42.75 44.29 -14.71
C LEU L 94 41.92 43.53 -13.67
N GLU L 95 42.25 42.26 -13.49
CA GLU L 95 41.51 41.42 -12.55
C GLU L 95 41.48 42.09 -11.18
N LYS L 96 42.66 42.40 -10.66
CA LYS L 96 42.79 43.06 -9.38
C LYS L 96 42.79 44.57 -9.60
N SER L 97 41.69 45.09 -10.12
CA SER L 97 41.55 46.51 -10.38
C SER L 97 40.77 47.21 -9.28
N THR L 98 41.21 48.40 -8.93
CA THR L 98 40.55 49.20 -7.89
C THR L 98 39.29 49.82 -8.46
N LYS L 99 39.20 49.87 -9.80
CA LYS L 99 38.04 50.41 -10.50
C LYS L 99 37.39 49.31 -11.34
N PRO L 100 36.08 49.09 -11.16
CA PRO L 100 35.40 48.07 -11.94
C PRO L 100 35.61 48.26 -13.45
N ILE L 101 35.78 47.15 -14.15
CA ILE L 101 35.97 47.17 -15.60
C ILE L 101 35.00 46.18 -16.25
N VAL L 102 34.13 46.71 -17.10
CA VAL L 102 33.12 45.89 -17.78
C VAL L 102 33.52 45.62 -19.23
N ALA L 103 33.68 44.34 -19.55
CA ALA L 103 33.98 43.94 -20.91
C ALA L 103 32.71 43.91 -21.75
N ALA L 104 32.65 44.74 -22.77
CA ALA L 104 31.52 44.76 -23.70
C ALA L 104 31.90 44.04 -24.98
N ILE L 105 31.59 42.74 -25.03
CA ILE L 105 32.04 41.87 -26.11
C ILE L 105 31.05 41.83 -27.25
N ASN L 106 31.41 42.44 -28.37
CA ASN L 106 30.53 42.48 -29.54
C ASN L 106 30.52 41.27 -30.47
N GLY L 107 31.68 40.94 -31.03
CA GLY L 107 31.74 39.94 -32.09
C GLY L 107 32.60 38.76 -31.63
N SER L 108 33.54 38.36 -32.48
CA SER L 108 34.46 37.27 -32.14
C SER L 108 35.32 37.65 -30.94
N CYS L 109 35.38 36.75 -29.96
CA CYS L 109 36.16 36.96 -28.75
C CYS L 109 36.88 35.66 -28.40
N LEU L 110 38.01 35.42 -29.05
CA LEU L 110 38.71 34.14 -28.92
C LEU L 110 40.13 34.29 -28.41
N GLY L 111 40.66 33.18 -27.90
CA GLY L 111 42.02 33.13 -27.39
C GLY L 111 42.32 34.29 -26.47
N GLY L 112 43.36 35.06 -26.81
CA GLY L 112 43.73 36.23 -26.03
C GLY L 112 42.52 36.98 -25.53
N GLY L 113 41.71 37.46 -26.47
CA GLY L 113 40.52 38.25 -26.15
C GLY L 113 39.72 37.70 -24.99
N LEU L 114 39.43 36.40 -25.02
CA LEU L 114 38.65 35.80 -23.95
C LEU L 114 39.43 35.90 -22.66
N GLU L 115 40.74 35.63 -22.73
CA GLU L 115 41.60 35.65 -21.55
C GLU L 115 41.69 37.06 -20.94
N VAL L 116 41.15 38.05 -21.64
CA VAL L 116 41.10 39.40 -21.13
C VAL L 116 39.74 39.62 -20.46
N ALA L 117 38.67 39.47 -21.23
CA ALA L 117 37.32 39.61 -20.69
C ALA L 117 37.12 38.66 -19.53
N ILE L 118 37.93 37.60 -19.50
CA ILE L 118 37.87 36.61 -18.42
C ILE L 118 38.49 37.19 -17.15
N SER L 119 39.34 38.20 -17.29
CA SER L 119 39.95 38.86 -16.14
C SER L 119 39.12 40.05 -15.67
N CYS L 120 38.40 40.69 -16.61
CA CYS L 120 37.59 41.87 -16.28
C CYS L 120 36.52 41.56 -15.24
N GLN L 121 35.94 42.60 -14.68
CA GLN L 121 34.99 42.44 -13.58
C GLN L 121 33.64 41.90 -14.05
N TYR L 122 33.18 42.39 -15.18
CA TYR L 122 31.88 42.01 -15.70
C TYR L 122 31.97 41.80 -17.20
N ARG L 123 31.52 40.64 -17.66
CA ARG L 123 31.50 40.34 -19.09
C ARG L 123 30.07 40.53 -19.61
N ILE L 124 29.92 41.34 -20.66
CA ILE L 124 28.62 41.54 -21.32
C ILE L 124 28.76 41.37 -22.83
N ALA L 125 28.02 40.40 -23.38
CA ALA L 125 28.16 40.03 -24.78
C ALA L 125 26.82 40.08 -25.53
N THR L 126 26.90 40.25 -26.84
CA THR L 126 25.70 40.35 -27.68
C THR L 126 25.25 38.96 -28.10
N LYS L 127 23.94 38.76 -28.19
CA LYS L 127 23.38 37.49 -28.68
C LYS L 127 23.46 37.48 -30.21
N ASP L 128 24.64 37.27 -30.74
CA ASP L 128 24.85 37.20 -32.18
C ASP L 128 25.50 35.87 -32.55
N ARG L 129 25.35 35.47 -33.80
CA ARG L 129 25.99 34.27 -34.30
C ARG L 129 27.51 34.49 -34.43
N LYS L 130 27.89 35.68 -34.85
CA LYS L 130 29.31 36.04 -35.01
C LYS L 130 30.00 36.25 -33.66
N THR L 131 29.20 36.43 -32.61
CA THR L 131 29.73 36.55 -31.24
C THR L 131 29.99 35.17 -30.65
N VAL L 132 31.23 34.71 -30.76
CA VAL L 132 31.63 33.41 -30.24
C VAL L 132 32.77 33.59 -29.25
N LEU L 133 32.76 32.80 -28.18
CA LEU L 133 33.83 32.83 -27.21
C LEU L 133 34.52 31.47 -27.24
N GLY L 134 35.85 31.47 -27.17
CA GLY L 134 36.59 30.22 -27.22
C GLY L 134 38.08 30.32 -26.97
N THR L 135 38.69 29.17 -26.73
CA THR L 135 40.13 29.08 -26.48
C THR L 135 40.79 28.10 -27.47
N PRO L 136 40.96 28.54 -28.73
CA PRO L 136 41.44 27.69 -29.81
C PRO L 136 42.94 27.49 -29.75
N GLU L 137 43.58 28.11 -28.78
CA GLU L 137 45.02 28.00 -28.59
C GLU L 137 45.48 26.56 -28.89
N VAL L 138 44.70 25.59 -28.40
CA VAL L 138 45.04 24.18 -28.56
C VAL L 138 45.27 23.78 -30.00
N LEU L 139 44.40 24.28 -30.87
CA LEU L 139 44.37 23.86 -32.26
C LEU L 139 45.66 24.22 -32.99
N LEU L 140 46.39 25.20 -32.47
CA LEU L 140 47.68 25.57 -33.03
C LEU L 140 48.81 24.92 -32.23
N GLY L 141 48.48 23.81 -31.56
CA GLY L 141 49.47 23.04 -30.80
C GLY L 141 50.02 23.78 -29.59
N ALA L 142 49.33 24.86 -29.20
CA ALA L 142 49.75 25.67 -28.06
C ALA L 142 48.72 25.56 -26.95
N LEU L 143 48.73 26.51 -26.02
CA LEU L 143 47.67 26.62 -25.02
C LEU L 143 47.49 28.08 -24.60
N PRO L 144 46.42 28.37 -23.84
CA PRO L 144 46.19 29.75 -23.41
C PRO L 144 47.34 30.27 -22.56
N GLY L 145 47.94 31.37 -22.99
CA GLY L 145 49.14 31.89 -22.33
C GLY L 145 48.91 33.10 -21.44
N ALA L 146 47.63 33.45 -21.22
CA ALA L 146 47.31 34.63 -20.43
C ALA L 146 46.21 34.33 -19.42
N GLY L 147 46.48 33.42 -18.50
CA GLY L 147 45.59 33.15 -17.38
C GLY L 147 44.44 32.20 -17.69
N GLY L 148 44.21 31.95 -18.97
CA GLY L 148 43.13 31.07 -19.38
C GLY L 148 43.11 29.76 -18.61
N THR L 149 44.30 29.21 -18.37
CA THR L 149 44.42 27.93 -17.71
C THR L 149 44.05 28.00 -16.23
N GLN L 150 43.90 29.22 -15.73
CA GLN L 150 43.65 29.42 -14.30
C GLN L 150 42.27 30.00 -14.04
N ARG L 151 41.88 31.00 -14.84
CA ARG L 151 40.63 31.72 -14.61
C ARG L 151 39.39 30.96 -15.08
N LEU L 152 39.50 30.26 -16.22
CA LEU L 152 38.36 29.52 -16.78
C LEU L 152 37.87 28.40 -15.86
N PRO L 153 38.81 27.59 -15.32
CA PRO L 153 38.44 26.54 -14.38
C PRO L 153 37.68 27.11 -13.19
N LYS L 154 38.19 28.23 -12.67
CA LYS L 154 37.61 28.89 -11.51
C LYS L 154 36.24 29.46 -11.83
N MET L 155 36.08 29.93 -13.05
CA MET L 155 34.87 30.62 -13.46
C MET L 155 33.78 29.65 -13.89
N VAL L 156 34.16 28.64 -14.68
CA VAL L 156 33.19 27.76 -15.33
C VAL L 156 33.37 26.28 -14.95
N GLY L 157 33.84 26.03 -13.74
CA GLY L 157 34.06 24.66 -13.27
C GLY L 157 35.24 24.03 -13.97
N VAL L 158 35.73 22.91 -13.43
CA VAL L 158 36.90 22.24 -13.99
C VAL L 158 36.59 21.54 -15.31
N PRO L 159 35.43 20.87 -15.40
CA PRO L 159 35.08 20.15 -16.62
C PRO L 159 35.03 21.03 -17.85
N ALA L 160 34.02 21.90 -17.91
CA ALA L 160 33.81 22.74 -19.10
C ALA L 160 35.03 23.59 -19.43
N ALA L 161 35.75 24.03 -18.40
CA ALA L 161 36.96 24.82 -18.60
C ALA L 161 38.05 24.01 -19.33
N LEU L 162 38.14 22.72 -19.01
CA LEU L 162 39.04 21.83 -19.73
C LEU L 162 38.54 21.65 -21.16
N ASP L 163 37.36 21.05 -21.31
CA ASP L 163 36.72 20.91 -22.61
C ASP L 163 36.95 22.14 -23.50
N MET L 164 36.70 23.32 -22.96
CA MET L 164 36.84 24.58 -23.68
C MET L 164 38.28 24.84 -24.12
N MET L 165 39.23 24.34 -23.34
CA MET L 165 40.64 24.56 -23.61
C MET L 165 41.33 23.34 -24.23
N LEU L 166 40.60 22.26 -24.42
CA LEU L 166 41.15 21.05 -25.03
C LEU L 166 40.67 20.91 -26.45
N THR L 167 39.38 21.17 -26.65
CA THR L 167 38.76 21.08 -27.96
C THR L 167 38.96 22.38 -28.75
N GLY L 168 39.11 23.48 -28.04
CA GLY L 168 39.20 24.78 -28.68
C GLY L 168 37.89 25.15 -29.36
N ARG L 169 36.81 24.49 -28.92
CA ARG L 169 35.49 24.76 -29.48
C ARG L 169 35.10 26.19 -29.18
N SER L 170 34.43 26.82 -30.13
CA SER L 170 33.84 28.13 -29.91
C SER L 170 32.54 27.92 -29.14
N ILE L 171 32.16 28.90 -28.32
CA ILE L 171 30.92 28.82 -27.57
C ILE L 171 29.96 29.93 -27.97
N ARG L 172 28.71 29.54 -28.27
CA ARG L 172 27.66 30.49 -28.63
C ARG L 172 27.43 31.48 -27.50
N ALA L 173 26.96 32.67 -27.85
CA ALA L 173 26.70 33.70 -26.86
C ALA L 173 25.80 33.18 -25.74
N ASP L 174 24.63 32.67 -26.09
CA ASP L 174 23.66 32.21 -25.08
C ASP L 174 24.20 31.04 -24.27
N ARG L 175 24.84 30.09 -24.95
CA ARG L 175 25.47 28.97 -24.26
C ARG L 175 26.49 29.49 -23.26
N ALA L 176 27.31 30.46 -23.70
CA ALA L 176 28.35 31.04 -22.87
C ALA L 176 27.75 31.74 -21.66
N LYS L 177 26.58 32.34 -21.85
CA LYS L 177 25.89 33.03 -20.77
C LYS L 177 25.51 32.06 -19.66
N LYS L 178 24.69 31.08 -20.00
CA LYS L 178 24.20 30.11 -19.03
C LYS L 178 25.35 29.33 -18.43
N MET L 179 26.44 29.26 -19.18
CA MET L 179 27.64 28.51 -18.79
C MET L 179 28.36 29.20 -17.63
N GLY L 180 28.18 30.51 -17.51
CA GLY L 180 28.83 31.28 -16.46
C GLY L 180 29.99 32.10 -17.00
N LEU L 181 30.39 31.81 -18.24
CA LEU L 181 31.47 32.53 -18.89
C LEU L 181 31.15 34.03 -18.96
N VAL L 182 29.97 34.33 -19.50
CA VAL L 182 29.52 35.72 -19.63
C VAL L 182 28.49 36.05 -18.55
N ASP L 183 28.58 37.24 -17.99
CA ASP L 183 27.73 37.66 -16.88
C ASP L 183 26.35 38.12 -17.34
N GLN L 184 26.27 38.74 -18.52
CA GLN L 184 25.03 39.36 -18.96
C GLN L 184 24.97 39.47 -20.49
N LEU L 185 23.79 39.20 -21.05
CA LEU L 185 23.64 39.09 -22.51
C LEU L 185 22.77 40.22 -23.07
N VAL L 186 22.94 40.52 -24.35
CA VAL L 186 22.15 41.58 -25.02
C VAL L 186 21.89 41.26 -26.50
N GLU L 187 20.63 41.33 -26.90
CA GLU L 187 20.24 41.05 -28.30
C GLU L 187 20.54 42.25 -29.19
N PRO L 188 21.06 41.99 -30.40
CA PRO L 188 21.38 43.05 -31.35
C PRO L 188 20.14 43.78 -31.88
N LEU L 189 20.33 45.00 -32.36
CA LEU L 189 19.22 45.88 -32.68
C LEU L 189 18.90 45.89 -34.17
N GLY L 190 17.65 46.20 -34.48
CA GLY L 190 17.23 46.37 -35.87
C GLY L 190 17.68 47.72 -36.39
N PRO L 191 17.30 48.06 -37.63
CA PRO L 191 17.65 49.35 -38.23
C PRO L 191 17.18 50.53 -37.40
N GLY L 192 17.86 51.66 -37.53
CA GLY L 192 17.50 52.86 -36.80
C GLY L 192 17.92 54.09 -37.57
N LEU L 193 18.48 55.07 -36.87
CA LEU L 193 19.00 56.27 -37.50
C LEU L 193 20.33 55.93 -38.15
N LYS L 194 21.03 54.98 -37.54
CA LYS L 194 22.29 54.47 -38.07
C LYS L 194 22.04 53.03 -38.47
N PRO L 195 23.02 52.41 -39.17
CA PRO L 195 22.88 51.00 -39.55
C PRO L 195 22.86 50.09 -38.33
N PRO L 196 22.36 48.85 -38.50
CA PRO L 196 22.12 47.97 -37.35
C PRO L 196 23.37 47.74 -36.52
N GLU L 197 24.39 47.15 -37.13
CA GLU L 197 25.66 46.91 -36.46
C GLU L 197 26.09 48.10 -35.61
N GLU L 198 26.16 49.27 -36.24
CA GLU L 198 26.65 50.48 -35.59
C GLU L 198 25.79 50.87 -34.39
N ARG L 199 24.48 50.95 -34.62
CA ARG L 199 23.55 51.32 -33.55
C ARG L 199 23.54 50.30 -32.43
N THR L 200 23.84 49.04 -32.77
CA THR L 200 23.92 47.96 -31.80
C THR L 200 25.14 48.12 -30.90
N ILE L 201 26.26 48.45 -31.51
CA ILE L 201 27.49 48.73 -30.79
C ILE L 201 27.28 49.85 -29.80
N GLU L 202 26.63 50.92 -30.25
CA GLU L 202 26.27 52.05 -29.39
C GLU L 202 25.46 51.58 -28.19
N TYR L 203 24.38 50.84 -28.46
CA TYR L 203 23.52 50.32 -27.41
C TYR L 203 24.34 49.50 -26.42
N LEU L 204 25.14 48.57 -26.94
CA LEU L 204 25.97 47.72 -26.09
C LEU L 204 26.82 48.56 -25.13
N GLU L 205 27.46 49.60 -25.67
CA GLU L 205 28.24 50.52 -24.86
C GLU L 205 27.35 51.15 -23.79
N GLU L 206 26.28 51.79 -24.24
CA GLU L 206 25.33 52.46 -23.36
C GLU L 206 24.96 51.57 -22.18
N VAL L 207 24.71 50.30 -22.47
CA VAL L 207 24.36 49.32 -21.44
C VAL L 207 25.56 49.00 -20.57
N ALA L 208 26.66 48.60 -21.20
CA ALA L 208 27.90 48.32 -20.49
C ALA L 208 28.18 49.41 -19.45
N ILE L 209 27.89 50.65 -19.83
CA ILE L 209 28.10 51.79 -18.94
C ILE L 209 27.20 51.73 -17.72
N THR L 210 25.90 51.62 -17.94
CA THR L 210 24.95 51.54 -16.83
C THR L 210 25.38 50.46 -15.82
N PHE L 211 25.85 49.33 -16.33
CA PHE L 211 26.37 48.26 -15.49
C PHE L 211 27.64 48.71 -14.79
N ALA L 212 28.56 49.30 -15.58
CA ALA L 212 29.82 49.79 -15.04
C ALA L 212 29.58 50.72 -13.86
N LYS L 213 28.75 51.74 -14.08
CA LYS L 213 28.41 52.71 -13.04
C LYS L 213 27.91 52.02 -11.78
N GLY L 214 27.03 51.05 -11.95
CA GLY L 214 26.43 50.34 -10.83
C GLY L 214 27.42 49.49 -10.06
N LEU L 215 28.41 48.95 -10.76
CA LEU L 215 29.42 48.12 -10.13
C LEU L 215 30.29 48.96 -9.20
N ALA L 216 30.64 50.16 -9.66
CA ALA L 216 31.45 51.07 -8.86
C ALA L 216 30.75 51.42 -7.54
N ASP L 217 29.43 51.47 -7.57
CA ASP L 217 28.63 51.79 -6.40
C ASP L 217 28.37 50.57 -5.54
N LYS L 218 29.05 49.48 -5.86
CA LYS L 218 28.90 48.24 -5.09
C LYS L 218 27.42 47.92 -4.91
N LYS L 219 26.70 47.74 -6.02
CA LYS L 219 25.31 47.33 -5.96
C LYS L 219 25.05 46.16 -6.89
N ILE L 220 25.59 45.01 -6.51
CA ILE L 220 25.49 43.78 -7.29
C ILE L 220 25.27 42.58 -6.37
N SER L 221 24.08 42.51 -5.77
CA SER L 221 23.70 41.37 -4.93
C SER L 221 22.66 40.44 -5.58
N PRO L 222 22.24 40.75 -6.83
CA PRO L 222 21.27 39.87 -7.46
C PRO L 222 21.96 38.88 -8.38
N LYS L 223 22.40 37.75 -7.82
CA LYS L 223 23.07 36.71 -8.60
C LYS L 223 22.05 35.67 -9.04
N ARG L 224 22.48 34.71 -9.87
CA ARG L 224 21.59 33.65 -10.34
C ARG L 224 21.74 32.38 -9.53
N ASP L 225 20.80 31.46 -9.70
CA ASP L 225 20.83 30.16 -9.05
C ASP L 225 21.16 29.07 -10.06
N LYS L 226 21.99 28.11 -9.63
CA LYS L 226 22.42 27.03 -10.50
C LYS L 226 21.41 25.88 -10.48
N GLY L 227 20.77 25.68 -9.33
CA GLY L 227 19.79 24.63 -9.18
C GLY L 227 20.25 23.57 -8.20
N LEU L 228 19.76 22.35 -8.37
CA LEU L 228 20.14 21.24 -7.50
C LEU L 228 21.27 20.44 -8.13
N VAL L 229 21.19 20.22 -9.43
CA VAL L 229 22.20 19.44 -10.15
C VAL L 229 23.55 20.15 -10.16
N GLU L 230 23.54 21.43 -10.53
CA GLU L 230 24.77 22.22 -10.64
C GLU L 230 25.34 22.57 -9.27
N LYS L 231 24.49 22.61 -8.25
CA LYS L 231 24.93 22.87 -6.87
C LYS L 231 25.65 21.66 -6.29
N LEU L 232 25.21 20.46 -6.69
CA LEU L 232 25.86 19.23 -6.25
C LEU L 232 27.16 19.03 -7.01
N THR L 233 27.06 18.82 -8.32
CA THR L 233 28.21 18.56 -9.17
C THR L 233 29.35 19.52 -8.84
N ALA L 234 29.01 20.78 -8.65
CA ALA L 234 30.01 21.81 -8.34
C ALA L 234 30.63 21.59 -6.96
N TYR L 235 29.81 21.12 -6.01
CA TYR L 235 30.31 20.82 -4.67
C TYR L 235 31.22 19.60 -4.71
N ALA L 236 30.72 18.54 -5.34
CA ALA L 236 31.50 17.31 -5.50
C ALA L 236 32.90 17.63 -6.02
N MET L 237 33.01 18.68 -6.83
CA MET L 237 34.27 19.04 -7.45
C MET L 237 35.25 19.61 -6.43
N THR L 238 34.73 20.05 -5.29
CA THR L 238 35.56 20.60 -4.23
C THR L 238 36.46 19.51 -3.64
N ILE L 239 35.99 18.27 -3.68
CA ILE L 239 36.70 17.14 -3.10
C ILE L 239 37.87 16.74 -4.00
N PRO L 240 39.08 16.66 -3.43
CA PRO L 240 40.29 16.44 -4.22
C PRO L 240 40.33 15.10 -4.96
N PHE L 241 40.00 14.03 -4.28
CA PHE L 241 40.06 12.70 -4.92
C PHE L 241 39.06 12.60 -6.07
N VAL L 242 38.03 13.45 -6.06
CA VAL L 242 37.07 13.51 -7.16
C VAL L 242 37.76 14.15 -8.35
N ARG L 243 38.41 15.28 -8.12
CA ARG L 243 39.12 16.00 -9.17
C ARG L 243 40.19 15.12 -9.82
N GLN L 244 40.82 14.28 -9.01
CA GLN L 244 41.77 13.31 -9.53
C GLN L 244 41.08 12.43 -10.56
N GLN L 245 39.96 11.83 -10.16
CA GLN L 245 39.21 10.95 -11.05
C GLN L 245 38.78 11.68 -12.32
N VAL L 246 38.66 13.00 -12.25
CA VAL L 246 38.33 13.80 -13.43
C VAL L 246 39.57 13.99 -14.31
N TYR L 247 40.67 14.47 -13.73
CA TYR L 247 41.89 14.65 -14.51
C TYR L 247 42.26 13.33 -15.19
N LYS L 248 42.01 12.22 -14.51
CA LYS L 248 42.34 10.90 -15.03
C LYS L 248 41.44 10.50 -16.20
N LYS L 249 40.14 10.53 -15.97
CA LYS L 249 39.19 10.17 -17.01
C LYS L 249 39.39 11.04 -18.24
N VAL L 250 39.72 12.32 -18.03
CA VAL L 250 39.99 13.25 -19.12
C VAL L 250 41.29 12.88 -19.84
N GLU L 251 42.38 12.88 -19.10
CA GLU L 251 43.68 12.53 -19.66
C GLU L 251 43.54 11.24 -20.46
N GLU L 252 42.87 10.25 -19.88
CA GLU L 252 42.63 8.98 -20.55
C GLU L 252 41.94 9.20 -21.89
N LYS L 253 40.84 9.95 -21.87
CA LYS L 253 40.06 10.21 -23.07
C LYS L 253 40.91 10.90 -24.13
N VAL L 254 41.57 11.99 -23.73
CA VAL L 254 42.50 12.67 -24.61
C VAL L 254 43.53 11.67 -25.14
N ARG L 255 44.31 11.11 -24.23
CA ARG L 255 45.33 10.14 -24.57
C ARG L 255 44.88 9.22 -25.70
N LYS L 256 43.74 8.55 -25.51
CA LYS L 256 43.30 7.52 -26.44
C LYS L 256 42.68 8.08 -27.72
N GLN L 257 42.04 9.24 -27.62
CA GLN L 257 41.51 9.90 -28.82
C GLN L 257 42.59 10.71 -29.54
N THR L 258 43.67 11.03 -28.83
CA THR L 258 44.80 11.75 -29.40
C THR L 258 45.80 10.78 -30.02
N LYS L 259 45.69 9.51 -29.62
CA LYS L 259 46.73 8.52 -29.91
C LYS L 259 48.07 8.96 -29.32
N GLY L 260 48.05 10.06 -28.58
CA GLY L 260 49.21 10.52 -27.84
C GLY L 260 50.25 11.25 -28.68
N LEU L 261 49.89 11.61 -29.91
CA LEU L 261 50.84 12.26 -30.80
C LEU L 261 50.89 13.78 -30.62
N TYR L 262 49.90 14.31 -29.90
CA TYR L 262 49.80 15.75 -29.73
C TYR L 262 50.08 16.13 -28.28
N PRO L 263 50.98 17.10 -28.08
CA PRO L 263 51.47 17.45 -26.76
C PRO L 263 50.55 18.42 -26.01
N ALA L 264 50.15 19.49 -26.67
CA ALA L 264 49.41 20.57 -26.04
C ALA L 264 48.20 20.09 -25.22
N PRO L 265 47.37 19.21 -25.80
CA PRO L 265 46.22 18.69 -25.07
C PRO L 265 46.61 18.08 -23.72
N LEU L 266 47.75 17.41 -23.69
CA LEU L 266 48.23 16.75 -22.47
C LEU L 266 48.77 17.77 -21.49
N LYS L 267 49.58 18.70 -21.98
CA LYS L 267 50.20 19.73 -21.15
C LYS L 267 49.18 20.72 -20.60
N ILE L 268 48.04 20.83 -21.26
CA ILE L 268 46.96 21.70 -20.79
C ILE L 268 46.32 21.07 -19.56
N ILE L 269 46.10 19.77 -19.61
CA ILE L 269 45.53 19.05 -18.47
C ILE L 269 46.39 19.25 -17.23
N ASP L 270 47.70 19.34 -17.42
CA ASP L 270 48.62 19.59 -16.31
C ASP L 270 48.45 21.01 -15.78
N VAL L 271 48.76 21.99 -16.62
CA VAL L 271 48.78 23.40 -16.21
C VAL L 271 47.52 23.78 -15.45
N VAL L 272 46.38 23.22 -15.84
CA VAL L 272 45.14 23.45 -15.11
C VAL L 272 45.24 22.84 -13.73
N LYS L 273 45.61 21.55 -13.68
CA LYS L 273 45.77 20.84 -12.41
C LYS L 273 46.85 21.46 -11.53
N THR L 274 48.05 21.63 -12.09
CA THR L 274 49.18 22.18 -11.33
C THR L 274 48.97 23.64 -10.95
N GLY L 275 47.74 24.12 -11.07
CA GLY L 275 47.42 25.51 -10.73
C GLY L 275 46.27 25.58 -9.76
N ILE L 276 45.31 24.68 -9.92
CA ILE L 276 44.16 24.60 -9.01
C ILE L 276 44.39 23.54 -7.94
N GLU L 277 45.50 22.82 -8.03
CA GLU L 277 45.93 21.93 -6.96
C GLU L 277 47.09 22.57 -6.21
N GLN L 278 47.95 23.27 -6.93
CA GLN L 278 48.94 24.16 -6.32
C GLN L 278 48.42 25.60 -6.40
N GLY L 279 49.25 26.56 -6.04
CA GLY L 279 48.82 27.96 -6.03
C GLY L 279 48.52 28.50 -7.41
N SER L 280 47.81 29.61 -7.46
CA SER L 280 47.62 30.35 -8.72
C SER L 280 48.97 30.84 -9.23
N ASP L 281 49.83 31.25 -8.30
CA ASP L 281 51.19 31.64 -8.62
C ASP L 281 51.93 30.49 -9.30
N ALA L 282 51.78 29.28 -8.77
CA ALA L 282 52.39 28.09 -9.37
C ALA L 282 51.79 27.83 -10.74
N GLY L 283 50.48 28.00 -10.85
CA GLY L 283 49.78 27.84 -12.12
C GLY L 283 50.28 28.80 -13.18
N TYR L 284 49.93 30.07 -13.01
CA TYR L 284 50.28 31.10 -13.99
C TYR L 284 51.70 30.91 -14.54
N LEU L 285 52.64 30.55 -13.66
CA LEU L 285 54.03 30.43 -14.06
C LEU L 285 54.34 29.05 -14.63
N CYS L 286 53.41 28.12 -14.47
CA CYS L 286 53.47 26.84 -15.17
C CYS L 286 52.92 27.06 -16.57
N GLU L 287 51.75 27.69 -16.66
CA GLU L 287 51.14 28.09 -17.92
C GLU L 287 52.14 28.85 -18.78
N SER L 288 52.70 29.91 -18.21
CA SER L 288 53.64 30.77 -18.93
C SER L 288 54.79 29.98 -19.55
N GLN L 289 55.37 29.08 -18.77
CA GLN L 289 56.52 28.30 -19.24
C GLN L 289 56.11 27.24 -20.25
N LYS L 290 55.12 26.43 -19.89
CA LYS L 290 54.66 25.34 -20.74
C LYS L 290 53.95 25.85 -21.99
N PHE L 291 53.66 27.16 -22.02
CA PHE L 291 53.15 27.79 -23.23
C PHE L 291 54.24 27.84 -24.29
N GLY L 292 55.28 28.61 -24.03
CA GLY L 292 56.42 28.72 -24.95
C GLY L 292 57.08 27.38 -25.18
N GLU L 293 57.06 26.53 -24.16
CA GLU L 293 57.58 25.17 -24.27
C GLU L 293 56.85 24.42 -25.39
N LEU L 294 55.58 24.76 -25.59
CA LEU L 294 54.78 24.19 -26.67
C LEU L 294 55.05 24.89 -27.99
N VAL L 295 54.96 26.22 -28.00
CA VAL L 295 55.18 26.99 -29.22
C VAL L 295 56.41 26.51 -29.98
N MET L 296 57.40 25.98 -29.26
CA MET L 296 58.64 25.45 -29.86
C MET L 296 58.48 24.02 -30.37
N THR L 297 57.47 23.32 -29.88
CA THR L 297 57.27 21.91 -30.26
C THR L 297 57.09 21.80 -31.78
N LYS L 298 57.49 20.64 -32.31
CA LYS L 298 57.41 20.40 -33.76
C LYS L 298 55.98 20.41 -34.26
N GLU L 299 55.06 19.87 -33.46
CA GLU L 299 53.65 19.78 -33.85
C GLU L 299 53.01 21.16 -34.01
N SER L 300 53.17 22.00 -33.01
CA SER L 300 52.67 23.38 -33.04
C SER L 300 53.10 24.10 -34.31
N LYS L 301 54.40 24.06 -34.58
CA LYS L 301 54.94 24.65 -35.80
C LYS L 301 54.14 24.17 -37.00
N ALA L 302 53.93 22.86 -37.07
CA ALA L 302 53.24 22.22 -38.19
C ALA L 302 51.80 22.70 -38.34
N LEU L 303 51.10 22.80 -37.22
CA LEU L 303 49.68 23.16 -37.22
C LEU L 303 49.48 24.63 -37.56
N MET L 304 50.39 25.47 -37.09
CA MET L 304 50.37 26.88 -37.44
C MET L 304 50.40 26.97 -38.97
N GLY L 305 51.20 26.10 -39.59
CA GLY L 305 51.31 26.04 -41.05
C GLY L 305 50.04 25.57 -41.72
N LEU L 306 49.39 24.58 -41.11
CA LEU L 306 48.11 24.11 -41.63
C LEU L 306 47.02 25.16 -41.41
N TYR L 307 47.14 25.91 -40.33
CA TYR L 307 46.20 27.00 -40.06
C TYR L 307 46.32 28.06 -41.15
N HIS L 308 47.53 28.55 -41.37
CA HIS L 308 47.76 29.61 -42.35
C HIS L 308 47.28 29.17 -43.74
N GLY L 309 47.76 28.03 -44.21
CA GLY L 309 47.33 27.50 -45.49
C GLY L 309 45.82 27.56 -45.62
N GLN L 310 45.13 27.22 -44.53
CA GLN L 310 43.68 27.19 -44.49
C GLN L 310 43.11 28.60 -44.65
N VAL L 311 43.82 29.60 -44.16
CA VAL L 311 43.37 30.98 -44.29
C VAL L 311 43.39 31.37 -45.77
N LEU L 312 44.47 31.01 -46.45
CA LEU L 312 44.61 31.28 -47.88
C LEU L 312 43.62 30.45 -48.70
N CYS L 313 43.55 29.16 -48.39
CA CYS L 313 42.70 28.24 -49.13
C CYS L 313 41.20 28.54 -48.91
N LYS L 314 40.90 29.53 -48.08
CA LYS L 314 39.52 29.99 -47.91
C LYS L 314 39.33 31.34 -48.59
N LYS L 315 40.29 31.74 -49.40
CA LYS L 315 40.20 32.98 -50.15
C LYS L 315 40.29 32.67 -51.63
N ASN L 316 39.59 33.47 -52.44
CA ASN L 316 39.46 33.20 -53.87
C ASN L 316 40.72 33.51 -54.67
N LYS L 317 41.42 32.46 -55.07
CA LYS L 317 42.65 32.60 -55.84
C LYS L 317 42.48 33.57 -57.01
N PHE L 318 41.31 33.54 -57.63
CA PHE L 318 41.07 34.25 -58.89
C PHE L 318 40.17 35.48 -58.76
N GLY L 319 39.88 35.90 -57.54
CA GLY L 319 39.00 37.04 -57.33
C GLY L 319 37.60 36.80 -57.88
N ALA L 320 36.73 37.79 -57.72
CA ALA L 320 35.32 37.65 -58.08
C ALA L 320 35.15 37.27 -59.55
N PRO L 321 34.13 36.45 -59.84
CA PRO L 321 33.77 36.18 -61.23
C PRO L 321 32.86 37.28 -61.75
N GLN L 322 32.45 37.17 -63.01
CA GLN L 322 31.55 38.15 -63.61
C GLN L 322 30.12 37.90 -63.17
N LYS L 323 29.71 36.64 -63.23
CA LYS L 323 28.36 36.25 -62.86
C LYS L 323 28.38 35.43 -61.59
N ASP L 324 27.89 36.01 -60.51
CA ASP L 324 27.75 35.28 -59.25
C ASP L 324 26.67 34.23 -59.39
N VAL L 325 27.04 32.97 -59.24
CA VAL L 325 26.09 31.88 -59.39
C VAL L 325 24.90 32.14 -58.49
N LYS L 326 23.73 32.32 -59.10
CA LYS L 326 22.51 32.57 -58.35
C LYS L 326 21.53 31.40 -58.48
N HIS L 327 21.68 30.62 -59.55
CA HIS L 327 20.84 29.45 -59.77
C HIS L 327 21.70 28.21 -60.02
N LEU L 328 21.70 27.30 -59.05
CA LEU L 328 22.50 26.09 -59.13
C LEU L 328 21.65 24.88 -59.46
N ALA L 329 22.28 23.87 -60.07
CA ALA L 329 21.62 22.61 -60.37
C ALA L 329 22.56 21.43 -60.11
N ILE L 330 22.20 20.59 -59.15
CA ILE L 330 22.97 19.38 -58.85
C ILE L 330 22.38 18.18 -59.57
N LEU L 331 23.25 17.42 -60.23
CA LEU L 331 22.82 16.25 -60.99
C LEU L 331 23.14 14.97 -60.22
N GLY L 332 22.11 14.43 -59.56
CA GLY L 332 22.24 13.17 -58.85
C GLY L 332 21.87 13.35 -57.39
N ALA L 333 20.65 12.94 -57.04
CA ALA L 333 20.19 12.97 -55.66
C ALA L 333 20.69 11.72 -54.94
N GLY L 334 21.97 11.45 -55.08
CA GLY L 334 22.59 10.33 -54.38
C GLY L 334 22.92 10.77 -52.97
N LEU L 335 24.14 10.49 -52.54
CA LEU L 335 24.59 10.93 -51.23
C LEU L 335 25.35 12.24 -51.38
N MET L 336 26.35 12.24 -52.26
CA MET L 336 27.16 13.42 -52.47
C MET L 336 26.37 14.51 -53.21
N GLY L 337 25.22 14.13 -53.76
CA GLY L 337 24.33 15.11 -54.38
C GLY L 337 23.58 15.90 -53.31
N ALA L 338 22.79 15.19 -52.52
CA ALA L 338 22.06 15.80 -51.40
C ALA L 338 23.03 16.49 -50.46
N GLY L 339 24.10 15.78 -50.11
CA GLY L 339 25.20 16.39 -49.37
C GLY L 339 25.49 17.75 -49.96
N ILE L 340 25.90 17.79 -51.23
CA ILE L 340 26.24 19.04 -51.91
C ILE L 340 25.07 20.02 -51.91
N ALA L 341 23.88 19.53 -52.23
CA ALA L 341 22.69 20.36 -52.25
C ALA L 341 22.56 21.11 -50.93
N GLN L 342 22.47 20.36 -49.84
CA GLN L 342 22.32 20.94 -48.51
C GLN L 342 23.34 22.03 -48.20
N VAL L 343 24.60 21.79 -48.54
CA VAL L 343 25.67 22.75 -48.26
C VAL L 343 25.53 23.99 -49.12
N SER L 344 24.63 23.91 -50.10
CA SER L 344 24.36 25.03 -51.00
C SER L 344 23.05 25.72 -50.62
N VAL L 345 22.00 24.92 -50.44
CA VAL L 345 20.68 25.46 -50.13
C VAL L 345 20.72 26.33 -48.89
N ASP L 346 21.27 25.78 -47.81
CA ASP L 346 21.27 26.46 -46.52
C ASP L 346 22.08 27.76 -46.56
N LYS L 347 22.95 27.88 -47.55
CA LYS L 347 23.69 29.13 -47.75
C LYS L 347 22.84 30.18 -48.42
N GLY L 348 21.70 29.77 -48.99
CA GLY L 348 20.79 30.69 -49.64
C GLY L 348 20.83 30.58 -51.15
N LEU L 349 21.67 29.67 -51.66
CA LEU L 349 21.76 29.41 -53.08
C LEU L 349 20.54 28.63 -53.53
N LYS L 350 19.76 29.19 -54.44
CA LYS L 350 18.58 28.49 -54.94
C LYS L 350 19.06 27.38 -55.85
N THR L 351 18.97 26.15 -55.38
CA THR L 351 19.51 25.01 -56.11
C THR L 351 18.40 24.10 -56.63
N ILE L 352 18.74 23.30 -57.65
CA ILE L 352 17.81 22.37 -58.26
C ILE L 352 18.38 20.97 -58.28
N LEU L 353 17.80 20.08 -57.47
CA LEU L 353 18.30 18.71 -57.36
C LEU L 353 17.56 17.80 -58.31
N LYS L 354 18.29 17.22 -59.26
CA LYS L 354 17.69 16.38 -60.28
C LYS L 354 18.14 14.93 -60.12
N ASP L 355 17.23 14.00 -60.40
CA ASP L 355 17.56 12.57 -60.45
C ASP L 355 16.67 11.83 -61.44
N ALA L 356 16.94 10.53 -61.62
CA ALA L 356 16.23 9.71 -62.60
C ALA L 356 14.86 9.27 -62.09
N THR L 357 14.84 8.32 -61.16
CA THR L 357 13.60 7.82 -60.59
C THR L 357 13.18 8.69 -59.42
N LEU L 358 11.88 8.73 -59.15
CA LEU L 358 11.36 9.51 -58.04
C LEU L 358 11.92 9.01 -56.71
N THR L 359 12.10 7.70 -56.61
CA THR L 359 12.59 7.07 -55.40
C THR L 359 13.94 7.65 -54.98
N ALA L 360 14.86 7.77 -55.92
CA ALA L 360 16.19 8.28 -55.64
C ALA L 360 16.17 9.78 -55.43
N LEU L 361 15.17 10.45 -56.01
CA LEU L 361 14.99 11.88 -55.83
C LEU L 361 14.55 12.19 -54.40
N ASP L 362 13.88 11.22 -53.76
CA ASP L 362 13.45 11.37 -52.38
C ASP L 362 14.59 11.17 -51.39
N ARG L 363 15.22 10.00 -51.40
CA ARG L 363 16.36 9.76 -50.54
C ARG L 363 17.20 11.02 -50.42
N GLY L 364 17.52 11.61 -51.56
CA GLY L 364 18.33 12.83 -51.60
C GLY L 364 17.64 13.98 -50.89
N GLN L 365 16.39 14.24 -51.26
CA GLN L 365 15.58 15.26 -50.60
C GLN L 365 15.51 15.04 -49.10
N GLN L 366 15.47 13.80 -48.67
CA GLN L 366 15.41 13.50 -47.26
C GLN L 366 16.69 13.94 -46.56
N GLN L 367 17.83 13.45 -47.05
CA GLN L 367 19.13 13.83 -46.49
C GLN L 367 19.17 15.33 -46.27
N VAL L 368 19.00 16.08 -47.35
CA VAL L 368 19.09 17.53 -47.28
C VAL L 368 18.11 18.09 -46.26
N PHE L 369 16.98 17.41 -46.08
CA PHE L 369 16.04 17.79 -45.02
C PHE L 369 16.61 17.42 -43.66
N LYS L 370 16.69 16.12 -43.39
CA LYS L 370 17.23 15.65 -42.12
C LYS L 370 18.43 16.51 -41.73
N GLY L 371 19.34 16.70 -42.68
CA GLY L 371 20.53 17.51 -42.46
C GLY L 371 20.18 18.84 -41.81
N LEU L 372 19.22 19.54 -42.40
CA LEU L 372 18.76 20.82 -41.84
C LEU L 372 18.11 20.59 -40.48
N ASN L 373 17.29 19.56 -40.40
CA ASN L 373 16.52 19.28 -39.19
C ASN L 373 17.38 18.90 -38.00
N ASP L 374 18.49 18.22 -38.27
CA ASP L 374 19.47 17.93 -37.23
C ASP L 374 20.07 19.25 -36.75
N LYS L 375 20.46 20.11 -37.69
CA LYS L 375 21.00 21.42 -37.36
C LYS L 375 20.05 22.25 -36.51
N VAL L 376 18.76 21.92 -36.58
CA VAL L 376 17.76 22.57 -35.74
C VAL L 376 17.92 22.09 -34.31
N LYS L 377 17.92 20.78 -34.13
CA LYS L 377 18.09 20.18 -32.82
C LYS L 377 19.36 20.71 -32.15
N LYS L 378 20.47 20.69 -32.88
CA LYS L 378 21.73 21.23 -32.37
C LYS L 378 21.60 22.70 -32.02
N LYS L 379 20.40 23.25 -32.19
CA LYS L 379 20.09 24.62 -31.81
C LYS L 379 20.80 25.63 -32.71
N ALA L 380 21.06 25.23 -33.95
CA ALA L 380 21.79 26.06 -34.91
C ALA L 380 20.86 26.64 -35.97
N LEU L 381 19.66 26.08 -36.07
CA LEU L 381 18.65 26.58 -36.99
C LEU L 381 17.28 26.60 -36.34
N THR L 382 16.44 27.54 -36.77
CA THR L 382 15.05 27.60 -36.35
C THR L 382 14.22 26.60 -37.12
N SER L 383 13.23 26.00 -36.47
CA SER L 383 12.29 25.15 -37.19
C SER L 383 11.84 25.85 -38.46
N PHE L 384 11.55 27.14 -38.34
CA PHE L 384 11.07 27.95 -39.47
C PHE L 384 12.15 28.21 -40.50
N GLU L 385 13.35 28.52 -40.04
CA GLU L 385 14.49 28.68 -40.93
C GLU L 385 14.68 27.40 -41.73
N ARG L 386 14.68 26.27 -41.04
CA ARG L 386 14.78 24.96 -41.70
C ARG L 386 13.75 24.88 -42.80
N ASP L 387 12.48 24.78 -42.40
CA ASP L 387 11.38 24.67 -43.35
C ASP L 387 11.50 25.66 -44.52
N SER L 388 11.92 26.88 -44.22
CA SER L 388 12.06 27.91 -45.24
C SER L 388 13.20 27.57 -46.20
N ILE L 389 14.36 27.27 -45.64
CA ILE L 389 15.53 26.90 -46.43
C ILE L 389 15.18 25.78 -47.40
N PHE L 390 14.46 24.78 -46.91
CA PHE L 390 14.13 23.60 -47.69
C PHE L 390 13.29 23.92 -48.92
N SER L 391 12.69 25.12 -48.96
CA SER L 391 11.90 25.55 -50.11
C SER L 391 12.80 25.94 -51.28
N ASN L 392 13.99 26.47 -50.97
CA ASN L 392 14.98 26.80 -52.00
C ASN L 392 15.45 25.56 -52.77
N LEU L 393 15.20 24.40 -52.20
CA LEU L 393 15.60 23.13 -52.81
C LEU L 393 14.44 22.56 -53.61
N THR L 394 14.38 22.91 -54.89
CA THR L 394 13.36 22.38 -55.79
C THR L 394 13.91 21.19 -56.53
N GLY L 395 13.45 20.00 -56.13
CA GLY L 395 13.93 18.74 -56.70
C GLY L 395 13.02 18.22 -57.79
N GLN L 396 13.61 17.64 -58.82
CA GLN L 396 12.85 17.20 -59.99
C GLN L 396 13.53 16.05 -60.71
N LEU L 397 12.80 15.45 -61.67
CA LEU L 397 13.34 14.37 -62.47
C LEU L 397 13.81 14.86 -63.83
N ASP L 398 12.99 15.70 -64.47
CA ASP L 398 13.34 16.27 -65.76
C ASP L 398 13.89 17.69 -65.60
N TYR L 399 14.80 18.08 -66.49
CA TYR L 399 15.39 19.42 -66.45
C TYR L 399 14.39 20.48 -66.82
N GLN L 400 13.64 21.00 -65.85
CA GLN L 400 12.62 21.98 -66.15
C GLN L 400 13.21 23.39 -66.14
N GLY L 401 13.80 23.76 -65.01
CA GLY L 401 14.30 25.13 -64.82
C GLY L 401 15.73 25.33 -65.26
N PHE L 402 16.35 24.28 -65.81
CA PHE L 402 17.74 24.36 -66.23
C PHE L 402 17.99 25.53 -67.18
N GLU L 403 16.96 25.89 -67.94
CA GLU L 403 17.02 27.04 -68.83
C GLU L 403 17.72 28.24 -68.17
N LYS L 404 17.61 28.35 -66.85
CA LYS L 404 18.10 29.53 -66.13
C LYS L 404 19.30 29.22 -65.23
N ALA L 405 19.94 28.06 -65.45
CA ALA L 405 21.03 27.62 -64.60
C ALA L 405 22.31 28.43 -64.81
N ASP L 406 22.87 28.97 -63.73
CA ASP L 406 24.12 29.71 -63.80
C ASP L 406 25.31 28.77 -63.59
N MET L 407 25.10 27.75 -62.78
CA MET L 407 26.09 26.69 -62.62
C MET L 407 25.39 25.33 -62.54
N VAL L 408 26.10 24.29 -62.94
CA VAL L 408 25.58 22.94 -62.87
C VAL L 408 26.69 22.02 -62.37
N ILE L 409 26.32 21.08 -61.50
CA ILE L 409 27.30 20.17 -60.91
C ILE L 409 26.87 18.72 -61.10
N GLU L 410 27.71 17.94 -61.77
CA GLU L 410 27.45 16.53 -61.99
C GLU L 410 27.86 15.74 -60.74
N ALA L 411 27.06 14.75 -60.39
CA ALA L 411 27.38 13.88 -59.26
C ALA L 411 26.86 12.47 -59.51
N VAL L 412 27.02 11.99 -60.74
CA VAL L 412 26.57 10.66 -61.11
C VAL L 412 27.76 9.71 -61.11
N PHE L 413 27.48 8.44 -61.40
CA PHE L 413 28.49 7.38 -61.27
C PHE L 413 29.78 7.70 -62.00
N GLU L 414 30.84 6.97 -61.64
CA GLU L 414 32.14 7.11 -62.26
C GLU L 414 32.22 6.29 -63.56
N ASP L 415 31.36 6.64 -64.52
CA ASP L 415 31.37 6.01 -65.83
C ASP L 415 31.46 7.10 -66.89
N LEU L 416 32.53 7.09 -67.66
CA LEU L 416 32.80 8.16 -68.62
C LEU L 416 31.75 8.20 -69.72
N SER L 417 31.26 7.04 -70.13
CA SER L 417 30.16 6.95 -71.08
C SER L 417 28.97 7.74 -70.55
N LEU L 418 28.70 7.56 -69.25
CA LEU L 418 27.60 8.21 -68.57
C LEU L 418 27.85 9.70 -68.43
N LYS L 419 29.02 10.04 -67.90
CA LYS L 419 29.42 11.42 -67.72
C LYS L 419 29.18 12.22 -69.02
N HIS L 420 29.46 11.59 -70.16
CA HIS L 420 29.29 12.22 -71.47
C HIS L 420 27.82 12.42 -71.84
N ARG L 421 27.04 11.35 -71.76
CA ARG L 421 25.60 11.43 -72.04
C ARG L 421 25.00 12.63 -71.32
N VAL L 422 25.28 12.75 -70.03
CA VAL L 422 24.74 13.80 -69.19
C VAL L 422 25.21 15.17 -69.65
N LEU L 423 26.54 15.33 -69.76
CA LEU L 423 27.12 16.59 -70.21
C LEU L 423 26.48 17.06 -71.51
N LYS L 424 26.23 16.13 -72.43
CA LYS L 424 25.56 16.45 -73.68
C LYS L 424 24.15 16.99 -73.41
N GLU L 425 23.32 16.15 -72.79
CA GLU L 425 21.94 16.51 -72.46
C GLU L 425 21.84 17.88 -71.81
N VAL L 426 22.61 18.05 -70.74
CA VAL L 426 22.58 19.27 -69.94
C VAL L 426 22.99 20.50 -70.75
N GLU L 427 24.14 20.40 -71.41
CA GLU L 427 24.71 21.53 -72.15
C GLU L 427 23.76 22.01 -73.25
N ALA L 428 22.85 21.13 -73.66
CA ALA L 428 21.91 21.44 -74.72
C ALA L 428 20.71 22.27 -74.22
N VAL L 429 20.56 22.38 -72.90
CA VAL L 429 19.43 23.13 -72.34
C VAL L 429 19.86 24.30 -71.46
N ILE L 430 21.10 24.30 -70.98
CA ILE L 430 21.59 25.39 -70.14
C ILE L 430 22.09 26.56 -70.99
N PRO L 431 22.07 27.77 -70.43
CA PRO L 431 22.60 28.96 -71.09
C PRO L 431 24.08 28.85 -71.43
N ASP L 432 24.60 29.84 -72.16
CA ASP L 432 25.99 29.82 -72.61
C ASP L 432 26.95 30.14 -71.47
N HIS L 433 26.56 31.08 -70.62
CA HIS L 433 27.39 31.49 -69.51
C HIS L 433 27.52 30.37 -68.47
N CYS L 434 26.55 29.46 -68.45
CA CYS L 434 26.49 28.40 -67.45
C CYS L 434 27.75 27.55 -67.37
N ILE L 435 28.26 27.37 -66.15
CA ILE L 435 29.40 26.48 -65.91
C ILE L 435 28.90 25.05 -65.71
N PHE L 436 29.73 24.09 -66.08
CA PHE L 436 29.46 22.70 -65.82
C PHE L 436 30.64 22.10 -65.07
N ALA L 437 30.39 21.63 -63.86
CA ALA L 437 31.44 21.06 -63.03
C ALA L 437 31.18 19.59 -62.77
N SER L 438 32.24 18.80 -62.69
CA SER L 438 32.10 17.36 -62.48
C SER L 438 32.75 16.90 -61.19
N ASN L 439 31.93 16.36 -60.29
CA ASN L 439 32.42 15.82 -59.02
C ASN L 439 32.94 14.41 -59.20
N THR L 440 34.10 14.29 -59.83
CA THR L 440 34.70 12.99 -60.07
C THR L 440 36.04 12.89 -59.37
N SER L 441 36.52 11.67 -59.21
CA SER L 441 37.79 11.42 -58.54
C SER L 441 38.81 10.83 -59.51
N ALA L 442 38.40 9.80 -60.25
CA ALA L 442 39.28 9.13 -61.20
C ALA L 442 39.33 9.90 -62.54
N LEU L 443 38.24 9.84 -63.29
CA LEU L 443 38.18 10.41 -64.62
C LEU L 443 38.70 11.84 -64.62
N PRO L 444 39.54 12.19 -65.60
CA PRO L 444 40.06 13.56 -65.71
C PRO L 444 39.05 14.49 -66.37
N ILE L 445 39.17 15.79 -66.09
CA ILE L 445 38.20 16.77 -66.58
C ILE L 445 38.42 17.10 -68.05
N SER L 446 39.45 16.53 -68.65
CA SER L 446 39.72 16.70 -70.07
C SER L 446 38.89 15.70 -70.87
N GLU L 447 39.03 14.42 -70.53
CA GLU L 447 38.30 13.35 -71.21
C GLU L 447 36.79 13.51 -71.09
N ILE L 448 36.35 14.25 -70.09
CA ILE L 448 34.94 14.56 -69.93
C ILE L 448 34.59 15.78 -70.77
N ALA L 449 35.38 16.84 -70.63
CA ALA L 449 35.14 18.08 -71.36
C ALA L 449 35.39 17.96 -72.85
N ALA L 450 35.65 16.73 -73.32
CA ALA L 450 35.81 16.47 -74.74
C ALA L 450 34.51 16.76 -75.48
N VAL L 451 33.45 16.08 -75.06
CA VAL L 451 32.14 16.22 -75.68
C VAL L 451 31.55 17.62 -75.50
N SER L 452 32.23 18.46 -74.73
CA SER L 452 31.70 19.77 -74.38
C SER L 452 31.51 20.68 -75.58
N LYS L 453 30.32 21.26 -75.71
CA LYS L 453 30.05 22.27 -76.71
C LYS L 453 30.84 23.54 -76.40
N ARG L 454 31.19 23.71 -75.12
CA ARG L 454 32.03 24.82 -74.67
C ARG L 454 32.89 24.33 -73.52
N PRO L 455 34.08 23.81 -73.81
CA PRO L 455 34.95 23.33 -72.74
C PRO L 455 35.61 24.44 -71.91
N GLU L 456 35.45 25.70 -72.31
CA GLU L 456 35.91 26.82 -71.50
C GLU L 456 35.14 26.82 -70.20
N LYS L 457 33.85 26.52 -70.31
CA LYS L 457 32.93 26.54 -69.18
C LYS L 457 32.88 25.20 -68.44
N VAL L 458 33.77 24.28 -68.77
CA VAL L 458 33.81 23.00 -68.08
C VAL L 458 35.02 22.92 -67.15
N ILE L 459 34.75 22.63 -65.88
CA ILE L 459 35.76 22.62 -64.85
C ILE L 459 35.40 21.56 -63.80
N GLY L 460 36.41 20.96 -63.18
CA GLY L 460 36.16 19.91 -62.20
C GLY L 460 35.97 20.46 -60.80
N MET L 461 35.01 19.88 -60.07
CA MET L 461 34.78 20.25 -58.67
C MET L 461 34.69 18.99 -57.82
N HIS L 462 35.85 18.49 -57.41
CA HIS L 462 35.95 17.22 -56.67
C HIS L 462 35.71 17.42 -55.18
N TYR L 463 34.47 17.22 -54.74
CA TYR L 463 34.11 17.32 -53.32
C TYR L 463 34.54 16.07 -52.57
N PHE L 464 34.56 16.17 -51.24
CA PHE L 464 34.95 15.05 -50.40
C PHE L 464 33.81 14.59 -49.50
N SER L 465 33.74 13.28 -49.27
CA SER L 465 32.64 12.67 -48.54
C SER L 465 32.98 12.45 -47.07
N PRO L 466 32.00 12.65 -46.18
CA PRO L 466 30.65 13.09 -46.48
C PRO L 466 30.59 14.60 -46.69
N VAL L 467 29.93 15.05 -47.74
CA VAL L 467 29.91 16.46 -48.11
C VAL L 467 29.12 17.29 -47.09
N ASP L 468 28.29 16.61 -46.29
CA ASP L 468 27.54 17.26 -45.23
C ASP L 468 28.48 17.92 -44.24
N LYS L 469 29.52 17.18 -43.85
CA LYS L 469 30.40 17.59 -42.77
C LYS L 469 31.80 17.98 -43.24
N MET L 470 32.37 17.22 -44.18
CA MET L 470 33.69 17.53 -44.72
C MET L 470 33.77 18.97 -45.22
N GLN L 471 34.97 19.47 -45.47
CA GLN L 471 35.14 20.84 -45.92
C GLN L 471 36.17 21.02 -47.03
N LEU L 472 36.82 19.94 -47.45
CA LEU L 472 37.80 20.05 -48.53
C LEU L 472 37.09 20.00 -49.88
N LEU L 473 37.54 20.86 -50.79
CA LEU L 473 37.02 20.89 -52.15
C LEU L 473 38.17 21.06 -53.13
N GLU L 474 38.43 20.03 -53.93
CA GLU L 474 39.52 20.05 -54.88
C GLU L 474 39.00 20.48 -56.26
N ILE L 475 39.29 21.72 -56.64
CA ILE L 475 38.88 22.22 -57.94
C ILE L 475 39.93 21.92 -59.02
N ILE L 476 39.55 21.08 -59.99
CA ILE L 476 40.43 20.70 -61.08
C ILE L 476 40.31 21.69 -62.23
N THR L 477 41.39 21.89 -62.98
CA THR L 477 41.37 22.84 -64.10
C THR L 477 42.14 22.32 -65.31
N THR L 478 41.44 22.16 -66.44
CA THR L 478 42.10 21.77 -67.69
C THR L 478 42.74 23.00 -68.31
N GLU L 479 43.40 22.81 -69.45
CA GLU L 479 44.05 23.92 -70.15
C GLU L 479 43.02 24.79 -70.84
N LYS L 480 42.02 24.14 -71.44
CA LYS L 480 40.96 24.84 -72.17
C LYS L 480 40.07 25.61 -71.18
N THR L 481 40.01 25.11 -69.95
CA THR L 481 39.21 25.74 -68.90
C THR L 481 39.46 27.23 -68.80
N SER L 482 38.40 28.01 -68.68
CA SER L 482 38.51 29.46 -68.60
C SER L 482 38.99 29.90 -67.22
N LYS L 483 39.35 31.17 -67.11
CA LYS L 483 39.76 31.73 -65.81
C LYS L 483 38.53 32.11 -64.99
N ASP L 484 37.63 32.88 -65.58
CA ASP L 484 36.39 33.26 -64.92
C ASP L 484 35.59 32.02 -64.52
N THR L 485 35.51 31.05 -65.43
CA THR L 485 34.85 29.79 -65.16
C THR L 485 35.39 29.17 -63.89
N SER L 486 36.69 29.35 -63.65
CA SER L 486 37.32 28.88 -62.42
C SER L 486 37.00 29.82 -61.26
N ALA L 487 37.08 31.12 -61.51
CA ALA L 487 36.84 32.12 -60.49
C ALA L 487 35.41 32.09 -59.96
N SER L 488 34.52 31.36 -60.66
CA SER L 488 33.15 31.18 -60.19
C SER L 488 33.05 29.90 -59.37
N ALA L 489 33.65 28.82 -59.88
CA ALA L 489 33.65 27.54 -59.17
C ALA L 489 34.33 27.67 -57.81
N VAL L 490 35.34 28.53 -57.73
CA VAL L 490 36.02 28.77 -56.46
C VAL L 490 35.10 29.53 -55.51
N ALA L 491 34.44 30.58 -56.02
CA ALA L 491 33.58 31.42 -55.19
C ALA L 491 32.39 30.63 -54.63
N VAL L 492 31.89 29.67 -55.41
CA VAL L 492 30.75 28.86 -54.99
C VAL L 492 31.16 27.91 -53.86
N GLY L 493 32.30 27.25 -54.03
CA GLY L 493 32.82 26.36 -52.99
C GLY L 493 33.10 27.10 -51.68
N LEU L 494 33.49 28.36 -51.80
CA LEU L 494 33.72 29.19 -50.63
C LEU L 494 32.41 29.56 -49.94
N LYS L 495 31.39 29.89 -50.73
CA LYS L 495 30.05 30.16 -50.18
C LYS L 495 29.51 28.92 -49.49
N GLN L 496 29.66 27.77 -50.16
CA GLN L 496 29.33 26.48 -49.57
C GLN L 496 30.17 26.22 -48.31
N GLY L 497 31.09 27.14 -48.03
CA GLY L 497 31.90 27.06 -46.82
C GLY L 497 32.86 25.90 -46.85
N LYS L 498 33.68 25.85 -47.90
CA LYS L 498 34.64 24.78 -48.07
C LYS L 498 36.05 25.35 -48.13
N VAL L 499 37.03 24.52 -47.82
CA VAL L 499 38.44 24.88 -47.97
C VAL L 499 38.92 24.42 -49.34
N ILE L 500 39.38 25.37 -50.16
CA ILE L 500 39.61 25.09 -51.57
C ILE L 500 41.08 24.97 -51.96
N ILE L 501 41.36 23.91 -52.72
CA ILE L 501 42.69 23.62 -53.22
C ILE L 501 42.57 23.46 -54.74
N VAL L 502 43.30 24.30 -55.49
CA VAL L 502 43.23 24.26 -56.96
C VAL L 502 44.41 23.50 -57.57
N VAL L 503 44.09 22.57 -58.46
CA VAL L 503 45.10 21.76 -59.14
C VAL L 503 44.85 21.76 -60.64
N LYS L 504 45.91 21.53 -61.41
CA LYS L 504 45.78 21.40 -62.85
C LYS L 504 45.33 19.96 -63.12
N ASP L 505 44.62 19.77 -64.22
CA ASP L 505 44.09 18.44 -64.56
C ASP L 505 45.20 17.42 -64.66
N GLY L 506 44.97 16.25 -64.09
CA GLY L 506 45.92 15.15 -64.18
C GLY L 506 45.18 13.82 -64.14
N PRO L 507 45.85 12.76 -64.60
CA PRO L 507 45.27 11.42 -64.53
C PRO L 507 45.30 10.96 -63.09
N GLY L 508 44.17 11.06 -62.42
CA GLY L 508 44.16 11.03 -60.97
C GLY L 508 44.77 12.36 -60.55
N PHE L 509 43.94 13.23 -59.99
CA PHE L 509 44.39 14.56 -59.60
C PHE L 509 45.24 14.43 -58.36
N TYR L 510 45.76 15.55 -57.86
CA TYR L 510 46.65 15.53 -56.70
C TYR L 510 46.22 14.50 -55.63
N THR L 511 44.97 14.61 -55.18
CA THR L 511 44.50 13.81 -54.05
C THR L 511 44.41 12.32 -54.35
N THR L 512 43.52 11.94 -55.25
CA THR L 512 43.31 10.54 -55.60
C THR L 512 44.62 9.88 -56.03
N ARG L 513 45.42 10.61 -56.79
CA ARG L 513 46.72 10.12 -57.24
C ARG L 513 47.58 9.71 -56.05
N CYS L 514 48.03 10.70 -55.27
CA CYS L 514 48.90 10.46 -54.13
C CYS L 514 48.36 9.36 -53.22
N LEU L 515 47.05 9.22 -53.20
CA LEU L 515 46.40 8.20 -52.39
C LEU L 515 46.71 6.79 -52.93
N ALA L 516 46.73 6.66 -54.25
CA ALA L 516 46.83 5.34 -54.91
C ALA L 516 47.99 4.48 -54.39
N PRO L 517 49.24 4.95 -54.58
CA PRO L 517 50.41 4.15 -54.19
C PRO L 517 50.23 3.48 -52.82
N MET L 518 49.73 4.24 -51.86
CA MET L 518 49.48 3.70 -50.52
C MET L 518 48.55 2.50 -50.61
N MET L 519 47.41 2.68 -51.27
CA MET L 519 46.41 1.62 -51.35
C MET L 519 46.99 0.35 -51.97
N SER L 520 48.04 0.50 -52.78
CA SER L 520 48.77 -0.66 -53.30
C SER L 520 49.60 -1.27 -52.18
N GLU L 521 50.50 -0.46 -51.63
CA GLU L 521 51.37 -0.88 -50.53
C GLU L 521 50.54 -1.54 -49.43
N VAL L 522 49.33 -1.05 -49.22
CA VAL L 522 48.42 -1.63 -48.23
C VAL L 522 48.12 -3.08 -48.57
N ILE L 523 47.64 -3.31 -49.79
CA ILE L 523 47.36 -4.67 -50.24
C ILE L 523 48.58 -5.54 -49.99
N ARG L 524 49.73 -5.04 -50.43
CA ARG L 524 50.98 -5.76 -50.26
C ARG L 524 51.21 -6.19 -48.82
N ILE L 525 51.15 -5.23 -47.89
CA ILE L 525 51.36 -5.53 -46.48
C ILE L 525 50.36 -6.55 -45.96
N LEU L 526 49.08 -6.32 -46.22
CA LEU L 526 48.02 -7.25 -45.85
C LEU L 526 48.32 -8.63 -46.41
N GLN L 527 49.04 -8.67 -47.52
CA GLN L 527 49.41 -9.91 -48.17
C GLN L 527 50.78 -10.39 -47.69
N GLU L 528 51.38 -9.64 -46.76
CA GLU L 528 52.69 -10.00 -46.24
C GLU L 528 52.61 -10.66 -44.87
N GLY L 529 51.39 -11.05 -44.47
CA GLY L 529 51.20 -11.71 -43.18
C GLY L 529 50.59 -10.81 -42.13
N VAL L 530 50.71 -9.49 -42.31
CA VAL L 530 50.09 -8.51 -41.43
C VAL L 530 48.59 -8.51 -41.66
N ASP L 531 47.82 -8.20 -40.63
CA ASP L 531 46.37 -8.24 -40.70
C ASP L 531 45.74 -6.87 -40.41
N PRO L 532 44.42 -6.75 -40.61
CA PRO L 532 43.70 -5.49 -40.34
C PRO L 532 44.06 -4.86 -39.00
N LYS L 533 43.75 -5.57 -37.92
CA LYS L 533 43.96 -5.05 -36.57
C LYS L 533 45.34 -4.41 -36.45
N LYS L 534 46.36 -5.14 -36.91
CA LYS L 534 47.75 -4.69 -36.77
C LYS L 534 48.03 -3.50 -37.69
N LEU L 535 47.44 -3.51 -38.88
CA LEU L 535 47.65 -2.43 -39.84
C LEU L 535 46.86 -1.19 -39.46
N ASP L 536 45.61 -1.37 -39.05
CA ASP L 536 44.79 -0.28 -38.56
C ASP L 536 45.52 0.41 -37.41
N SER L 537 45.85 -0.38 -36.39
CA SER L 537 46.55 0.15 -35.21
C SER L 537 47.86 0.83 -35.59
N LEU L 538 48.61 0.22 -36.50
CA LEU L 538 49.91 0.77 -36.91
C LEU L 538 49.80 2.17 -37.50
N THR L 539 48.74 2.42 -38.28
CA THR L 539 48.59 3.70 -38.97
C THR L 539 47.89 4.73 -38.09
N THR L 540 46.80 4.32 -37.44
CA THR L 540 46.09 5.22 -36.54
C THR L 540 47.05 5.79 -35.50
N SER L 541 47.89 4.91 -34.96
CA SER L 541 48.86 5.30 -33.94
C SER L 541 50.03 6.09 -34.52
N PHE L 542 50.06 6.24 -35.85
CA PHE L 542 51.06 7.08 -36.49
C PHE L 542 50.50 8.47 -36.71
N GLY L 543 49.21 8.63 -36.44
CA GLY L 543 48.55 9.94 -36.56
C GLY L 543 47.46 9.97 -37.60
N PHE L 544 47.21 8.83 -38.24
CA PHE L 544 46.16 8.72 -39.25
C PHE L 544 44.78 8.64 -38.60
N PRO L 545 43.85 9.49 -39.05
CA PRO L 545 42.47 9.45 -38.56
C PRO L 545 41.80 8.09 -38.76
N VAL L 546 42.13 7.39 -39.85
CA VAL L 546 41.51 6.11 -40.13
C VAL L 546 42.55 5.02 -40.35
N GLY L 547 42.25 3.81 -39.87
CA GLY L 547 43.11 2.66 -40.08
C GLY L 547 43.18 2.31 -41.56
N ALA L 548 44.40 2.13 -42.06
CA ALA L 548 44.62 1.95 -43.50
C ALA L 548 43.77 0.85 -44.12
N ALA L 549 43.51 -0.21 -43.37
CA ALA L 549 42.70 -1.31 -43.87
C ALA L 549 41.21 -0.99 -43.77
N THR L 550 40.78 -0.54 -42.59
CA THR L 550 39.39 -0.15 -42.38
C THR L 550 39.04 1.07 -43.24
N LEU L 551 40.06 1.84 -43.60
CA LEU L 551 39.91 2.92 -44.58
C LEU L 551 39.26 2.36 -45.84
N VAL L 552 39.86 1.29 -46.36
CA VAL L 552 39.39 0.65 -47.59
C VAL L 552 38.05 -0.04 -47.39
N ASP L 553 38.00 -0.96 -46.43
CA ASP L 553 36.77 -1.71 -46.15
C ASP L 553 35.58 -0.77 -46.09
N GLU L 554 35.83 0.48 -45.70
CA GLU L 554 34.80 1.52 -45.69
C GLU L 554 34.63 2.14 -47.07
N VAL L 555 35.70 2.72 -47.59
CA VAL L 555 35.65 3.49 -48.84
C VAL L 555 34.92 2.73 -49.94
N GLY L 556 35.43 1.57 -50.33
CA GLY L 556 34.82 0.77 -51.39
C GLY L 556 35.71 -0.38 -51.84
N VAL L 557 35.40 -1.58 -51.34
CA VAL L 557 36.13 -2.79 -51.72
C VAL L 557 36.24 -2.91 -53.24
N ASP L 558 35.19 -2.48 -53.94
CA ASP L 558 35.11 -2.56 -55.39
C ASP L 558 35.57 -1.27 -56.04
N VAL L 559 35.21 -0.14 -55.44
CA VAL L 559 35.66 1.17 -55.92
C VAL L 559 37.16 1.29 -55.69
N ALA L 560 37.71 0.37 -54.90
CA ALA L 560 39.15 0.23 -54.75
C ALA L 560 39.75 -0.15 -56.09
N LYS L 561 39.23 -1.21 -56.69
CA LYS L 561 39.72 -1.72 -57.97
C LYS L 561 39.40 -0.75 -59.10
N HIS L 562 38.19 -0.18 -59.08
CA HIS L 562 37.78 0.81 -60.08
C HIS L 562 38.88 1.83 -60.35
N VAL L 563 39.55 2.29 -59.29
CA VAL L 563 40.57 3.33 -59.42
C VAL L 563 41.99 2.78 -59.27
N ALA L 564 42.14 1.69 -58.53
CA ALA L 564 43.43 1.04 -58.37
C ALA L 564 43.96 0.57 -59.74
N GLU L 565 43.05 0.07 -60.56
CA GLU L 565 43.41 -0.45 -61.87
C GLU L 565 43.26 0.60 -62.98
N ASP L 566 42.21 1.40 -62.91
CA ASP L 566 42.02 2.48 -63.88
C ASP L 566 43.20 3.46 -63.84
N LEU L 567 43.71 3.68 -62.63
CA LEU L 567 44.86 4.58 -62.43
C LEU L 567 46.17 3.79 -62.44
N GLY L 568 46.06 2.48 -62.22
CA GLY L 568 47.22 1.59 -62.31
C GLY L 568 47.58 1.31 -63.76
N LYS L 569 46.59 1.37 -64.65
CA LYS L 569 46.84 1.22 -66.07
C LYS L 569 47.56 2.45 -66.61
N VAL L 570 47.13 3.62 -66.16
CA VAL L 570 47.70 4.90 -66.60
C VAL L 570 49.13 5.06 -66.10
N PHE L 571 49.46 4.38 -65.02
CA PHE L 571 50.82 4.37 -64.49
C PHE L 571 51.33 2.94 -64.39
N GLY L 572 50.91 2.23 -63.35
CA GLY L 572 51.32 0.84 -63.15
C GLY L 572 52.82 0.65 -62.97
N GLU L 573 53.57 1.73 -63.11
CA GLU L 573 55.04 1.64 -63.06
C GLU L 573 55.52 1.64 -61.61
N ARG L 574 55.16 2.68 -60.86
CA ARG L 574 55.60 2.85 -59.48
C ARG L 574 54.48 2.49 -58.53
N PHE L 575 53.25 2.50 -59.06
CA PHE L 575 52.06 2.20 -58.28
C PHE L 575 51.97 0.70 -57.99
N GLY L 576 52.88 -0.06 -58.60
CA GLY L 576 52.90 -1.51 -58.43
C GLY L 576 53.26 -1.95 -57.02
N GLY L 577 52.23 -2.29 -56.24
CA GLY L 577 52.42 -2.80 -54.89
C GLY L 577 52.03 -4.25 -54.78
N GLY L 578 50.87 -4.51 -54.18
CA GLY L 578 50.37 -5.87 -54.00
C GLY L 578 49.73 -6.41 -55.26
N ASN L 579 49.17 -7.61 -55.15
CA ASN L 579 48.50 -8.26 -56.28
C ASN L 579 47.01 -7.93 -56.29
N PRO L 580 46.55 -7.16 -57.29
CA PRO L 580 45.15 -6.78 -57.32
C PRO L 580 44.20 -7.96 -57.60
N GLU L 581 44.74 -9.18 -57.59
CA GLU L 581 43.90 -10.38 -57.74
C GLU L 581 43.15 -10.65 -56.45
N LEU L 582 43.86 -10.60 -55.32
CA LEU L 582 43.23 -10.79 -54.02
C LEU L 582 42.17 -9.72 -53.81
N LEU L 583 42.43 -8.55 -54.38
CA LEU L 583 41.46 -7.47 -54.37
C LEU L 583 40.22 -7.86 -55.17
N THR L 584 40.44 -8.56 -56.29
CA THR L 584 39.35 -9.08 -57.11
C THR L 584 38.69 -10.28 -56.43
N GLN L 585 39.53 -11.20 -55.96
CA GLN L 585 39.06 -12.39 -55.25
C GLN L 585 38.02 -12.03 -54.19
N MET L 586 38.02 -10.77 -53.77
CA MET L 586 37.04 -10.28 -52.80
C MET L 586 35.69 -10.03 -53.45
N VAL L 587 35.69 -9.23 -54.52
CA VAL L 587 34.45 -8.87 -55.19
C VAL L 587 33.79 -10.11 -55.82
N SER L 588 34.55 -10.82 -56.66
CA SER L 588 34.03 -11.98 -57.38
C SER L 588 33.63 -13.12 -56.44
N LYS L 589 34.36 -13.30 -55.35
CA LYS L 589 34.03 -14.32 -54.36
C LYS L 589 32.95 -13.80 -53.41
N GLY L 590 32.68 -12.50 -53.49
CA GLY L 590 31.56 -11.88 -52.78
C GLY L 590 31.93 -11.26 -51.44
N PHE L 591 32.69 -10.17 -51.47
CA PHE L 591 33.09 -9.47 -50.25
C PHE L 591 32.90 -7.96 -50.38
N LEU L 592 32.53 -7.31 -49.28
CA LEU L 592 32.18 -5.90 -49.32
C LEU L 592 32.44 -5.22 -47.97
N GLY L 593 32.36 -3.89 -47.97
CA GLY L 593 32.51 -3.11 -46.74
C GLY L 593 31.20 -2.46 -46.31
N ARG L 594 30.19 -2.56 -47.15
CA ARG L 594 28.83 -2.18 -46.79
C ARG L 594 28.05 -3.45 -46.47
N LYS L 595 28.79 -4.51 -46.17
CA LYS L 595 28.22 -5.81 -45.83
C LYS L 595 29.11 -6.55 -44.83
N SER L 596 29.53 -5.83 -43.79
CA SER L 596 30.37 -6.38 -42.73
C SER L 596 30.12 -5.67 -41.41
N LYS L 608 28.62 -1.38 -31.94
CA LYS L 608 28.80 -2.60 -32.70
C LYS L 608 29.85 -2.41 -33.80
N ARG L 609 31.09 -2.15 -33.39
CA ARG L 609 32.19 -2.01 -34.35
C ARG L 609 33.26 -3.03 -34.02
N LYS L 610 32.87 -4.30 -33.96
CA LYS L 610 33.76 -5.35 -33.47
C LYS L 610 33.68 -6.62 -34.29
N ASP L 611 33.52 -6.48 -35.61
CA ASP L 611 33.53 -7.62 -36.50
C ASP L 611 34.96 -8.06 -36.77
N LEU L 612 35.10 -9.21 -37.43
CA LEU L 612 36.35 -9.63 -38.02
C LEU L 612 36.04 -9.95 -39.47
N ASN L 613 36.98 -10.59 -40.17
CA ASN L 613 36.75 -11.02 -41.55
C ASN L 613 37.36 -12.41 -41.75
N SER L 614 36.85 -13.37 -40.97
CA SER L 614 37.44 -14.70 -40.90
C SER L 614 37.54 -15.40 -42.25
N ASP L 615 36.57 -15.17 -43.13
CA ASP L 615 36.60 -15.78 -44.46
C ASP L 615 37.68 -15.15 -45.32
N MET L 616 37.95 -13.87 -45.07
CA MET L 616 39.03 -13.17 -45.77
C MET L 616 40.39 -13.72 -45.36
N ASP L 617 40.44 -14.38 -44.20
CA ASP L 617 41.65 -15.07 -43.74
C ASP L 617 42.00 -16.25 -44.66
N SER L 618 41.00 -17.11 -44.88
CA SER L 618 41.18 -18.28 -45.72
C SER L 618 41.68 -17.92 -47.11
N ILE L 619 41.07 -16.92 -47.73
CA ILE L 619 41.42 -16.48 -49.08
C ILE L 619 42.74 -15.70 -49.11
N LEU L 620 43.01 -14.94 -48.06
CA LEU L 620 44.26 -14.20 -47.94
C LEU L 620 45.42 -15.20 -47.87
N ALA L 621 45.29 -16.18 -46.98
CA ALA L 621 46.31 -17.21 -46.80
C ALA L 621 46.72 -17.84 -48.13
N SER L 622 45.74 -18.07 -48.99
CA SER L 622 45.98 -18.72 -50.28
C SER L 622 47.18 -18.11 -51.00
N LEU L 623 47.09 -16.82 -51.34
CA LEU L 623 48.16 -16.14 -52.07
C LEU L 623 48.72 -15.00 -51.23
N LYS L 624 49.90 -15.21 -50.65
CA LYS L 624 50.54 -14.16 -49.86
C LYS L 624 52.05 -14.32 -49.71
N LEU L 625 52.80 -13.32 -50.16
CA LEU L 625 54.26 -13.34 -50.11
C LEU L 625 54.80 -13.23 -48.68
N PRO L 626 56.09 -13.55 -48.49
CA PRO L 626 56.73 -13.47 -47.18
C PRO L 626 57.40 -12.12 -46.96
N PRO L 627 57.76 -11.80 -45.70
CA PRO L 627 58.33 -10.51 -45.35
C PRO L 627 59.74 -10.29 -45.88
N LYS L 628 60.33 -9.16 -45.50
CA LYS L 628 61.71 -8.88 -45.81
C LYS L 628 62.47 -8.84 -44.47
N SER L 629 63.72 -8.40 -44.50
CA SER L 629 64.51 -8.29 -43.28
C SER L 629 64.41 -6.86 -42.73
N GLU L 630 64.96 -5.92 -43.49
CA GLU L 630 65.03 -4.52 -43.07
C GLU L 630 63.81 -3.70 -43.46
N VAL L 631 62.71 -4.37 -43.79
CA VAL L 631 61.51 -3.68 -44.22
C VAL L 631 60.24 -4.28 -43.62
N SER L 632 60.39 -5.34 -42.83
CA SER L 632 59.25 -5.97 -42.16
C SER L 632 58.91 -5.28 -40.85
N SER L 633 59.79 -4.37 -40.42
CA SER L 633 59.64 -3.68 -39.14
C SER L 633 58.33 -2.91 -39.05
N ASP L 634 57.75 -2.86 -37.85
CA ASP L 634 56.52 -2.12 -37.61
C ASP L 634 56.66 -0.64 -37.93
N GLU L 635 57.82 -0.07 -37.57
CA GLU L 635 58.11 1.32 -37.90
C GLU L 635 58.33 1.48 -39.40
N ASP L 636 58.91 0.46 -40.02
CA ASP L 636 59.14 0.47 -41.47
C ASP L 636 57.82 0.37 -42.23
N ILE L 637 56.94 -0.54 -41.78
CA ILE L 637 55.62 -0.70 -42.38
C ILE L 637 54.89 0.64 -42.48
N GLN L 638 55.17 1.52 -41.53
CA GLN L 638 54.55 2.84 -41.51
C GLN L 638 55.11 3.72 -42.62
N PHE L 639 56.41 3.97 -42.56
CA PHE L 639 57.07 4.85 -43.52
C PHE L 639 56.95 4.32 -44.95
N ARG L 640 56.97 3.01 -45.11
CA ARG L 640 56.62 2.40 -46.39
C ARG L 640 55.48 3.20 -47.01
N LEU L 641 54.39 3.32 -46.26
CA LEU L 641 53.20 4.04 -46.71
C LEU L 641 53.47 5.53 -46.89
N VAL L 642 53.84 6.18 -45.79
CA VAL L 642 54.01 7.63 -45.76
C VAL L 642 54.88 8.12 -46.91
N THR L 643 56.08 7.57 -47.02
CA THR L 643 57.06 8.02 -48.01
C THR L 643 56.52 7.96 -49.44
N ARG L 644 55.90 6.84 -49.79
CA ARG L 644 55.30 6.69 -51.13
C ARG L 644 54.31 7.82 -51.41
N PHE L 645 53.52 8.16 -50.39
CA PHE L 645 52.59 9.28 -50.50
C PHE L 645 53.33 10.59 -50.60
N VAL L 646 54.14 10.89 -49.60
CA VAL L 646 54.88 12.15 -49.54
C VAL L 646 55.63 12.42 -50.84
N ASN L 647 56.07 11.35 -51.51
CA ASN L 647 56.78 11.48 -52.78
C ASN L 647 55.84 11.95 -53.89
N GLU L 648 54.88 11.10 -54.24
CA GLU L 648 53.89 11.45 -55.26
C GLU L 648 53.31 12.85 -55.02
N ALA L 649 53.27 13.28 -53.76
CA ALA L 649 52.77 14.60 -53.42
C ALA L 649 53.74 15.68 -53.89
N VAL L 650 54.97 15.60 -53.41
CA VAL L 650 55.99 16.57 -53.80
C VAL L 650 56.22 16.50 -55.31
N MET L 651 56.01 15.33 -55.88
CA MET L 651 56.12 15.16 -57.33
C MET L 651 55.06 15.97 -58.05
N CYS L 652 53.87 16.06 -57.44
CA CYS L 652 52.79 16.84 -58.04
C CYS L 652 53.10 18.34 -58.02
N LEU L 653 53.92 18.76 -57.06
CA LEU L 653 54.40 20.14 -57.03
C LEU L 653 55.38 20.31 -58.19
N GLN L 654 56.29 19.34 -58.30
CA GLN L 654 57.28 19.29 -59.37
C GLN L 654 56.62 19.35 -60.73
N GLU L 655 55.62 18.49 -60.95
CA GLU L 655 54.92 18.43 -62.24
C GLU L 655 54.04 19.65 -62.46
N GLY L 656 53.92 20.48 -61.43
CA GLY L 656 53.15 21.71 -61.54
C GLY L 656 51.67 21.55 -61.23
N ILE L 657 51.24 20.32 -60.96
CA ILE L 657 49.84 20.07 -60.62
C ILE L 657 49.45 20.89 -59.40
N LEU L 658 50.21 20.75 -58.33
CA LEU L 658 50.03 21.58 -57.13
C LEU L 658 50.61 22.97 -57.36
N ALA L 659 49.76 23.97 -57.24
CA ALA L 659 50.18 25.35 -57.40
C ALA L 659 51.16 25.76 -56.29
N THR L 660 50.89 25.29 -55.08
CA THR L 660 51.70 25.65 -53.92
C THR L 660 51.89 24.45 -53.00
N PRO L 661 52.88 24.50 -52.11
CA PRO L 661 53.05 23.45 -51.12
C PRO L 661 51.97 23.52 -50.05
N ALA L 662 51.62 24.75 -49.68
CA ALA L 662 50.55 24.97 -48.71
C ALA L 662 49.30 24.20 -49.14
N GLU L 663 48.83 24.48 -50.35
CA GLU L 663 47.68 23.77 -50.90
C GLU L 663 47.91 22.26 -50.87
N GLY L 664 49.10 21.84 -51.28
CA GLY L 664 49.47 20.44 -51.23
C GLY L 664 49.23 19.87 -49.85
N ASP L 665 49.63 20.62 -48.83
CA ASP L 665 49.42 20.20 -47.44
C ASP L 665 47.94 20.19 -47.08
N ILE L 666 47.35 21.37 -47.05
CA ILE L 666 45.92 21.51 -46.76
C ILE L 666 45.14 20.31 -47.27
N GLY L 667 45.17 20.10 -48.58
CA GLY L 667 44.41 19.02 -49.21
C GLY L 667 44.80 17.64 -48.71
N ALA L 668 46.09 17.44 -48.46
CA ALA L 668 46.58 16.15 -47.98
C ALA L 668 46.02 15.83 -46.60
N VAL L 669 46.05 16.84 -45.73
CA VAL L 669 45.58 16.68 -44.36
C VAL L 669 44.06 16.64 -44.31
N PHE L 670 43.42 17.67 -44.88
CA PHE L 670 41.96 17.81 -44.85
C PHE L 670 41.19 16.78 -45.69
N GLY L 671 41.89 16.07 -46.57
CA GLY L 671 41.23 15.16 -47.49
C GLY L 671 41.72 13.72 -47.36
N LEU L 672 43.04 13.54 -47.40
CA LEU L 672 43.62 12.21 -47.38
C LEU L 672 43.85 11.73 -45.95
N GLY L 673 43.60 12.61 -44.99
CA GLY L 673 43.80 12.27 -43.59
C GLY L 673 45.26 12.11 -43.26
N PHE L 674 46.10 12.94 -43.89
CA PHE L 674 47.52 12.96 -43.59
C PHE L 674 47.70 13.52 -42.19
N PRO L 675 48.38 12.77 -41.31
CA PRO L 675 48.57 13.18 -39.92
C PRO L 675 48.98 14.65 -39.82
N PRO L 676 48.14 15.47 -39.15
CA PRO L 676 48.38 16.92 -39.05
C PRO L 676 49.52 17.30 -38.11
N CYS L 677 49.77 16.50 -37.08
CA CYS L 677 50.92 16.75 -36.21
C CYS L 677 52.18 16.85 -37.07
N LEU L 678 52.26 16.04 -38.12
CA LEU L 678 53.36 16.09 -39.07
C LEU L 678 53.30 17.40 -39.86
N GLY L 679 52.08 17.88 -40.09
CA GLY L 679 51.86 19.21 -40.65
C GLY L 679 51.58 19.24 -42.14
N GLY L 680 51.34 18.07 -42.73
CA GLY L 680 51.20 17.93 -44.17
C GLY L 680 52.45 17.31 -44.75
N PRO L 681 52.37 16.75 -45.96
CA PRO L 681 53.53 16.10 -46.57
C PRO L 681 54.65 17.07 -46.94
N PHE L 682 54.29 18.31 -47.26
CA PHE L 682 55.28 19.31 -47.63
C PHE L 682 55.95 19.91 -46.40
N ARG L 683 55.25 19.90 -45.28
CA ARG L 683 55.82 20.31 -44.00
C ARG L 683 56.71 19.17 -43.52
N PHE L 684 56.18 17.96 -43.58
CA PHE L 684 56.87 16.76 -43.13
C PHE L 684 58.27 16.64 -43.72
N VAL L 685 58.43 17.11 -44.95
CA VAL L 685 59.76 17.20 -45.57
C VAL L 685 60.61 18.24 -44.85
N ASP L 686 60.05 19.43 -44.66
CA ASP L 686 60.76 20.55 -44.04
C ASP L 686 61.20 20.24 -42.61
N LEU L 687 60.43 19.43 -41.89
CA LEU L 687 60.69 19.17 -40.48
C LEU L 687 61.46 17.88 -40.26
N TYR L 688 60.87 16.76 -40.68
CA TYR L 688 61.47 15.44 -40.46
C TYR L 688 62.82 15.30 -41.17
N GLY L 689 63.04 16.11 -42.20
CA GLY L 689 64.32 16.12 -42.90
C GLY L 689 64.21 15.86 -44.39
N ALA L 690 64.50 16.88 -45.19
CA ALA L 690 64.47 16.75 -46.64
C ALA L 690 65.44 15.68 -47.15
N GLN L 691 66.39 15.32 -46.30
CA GLN L 691 67.33 14.26 -46.61
C GLN L 691 66.88 12.96 -45.94
N LYS L 692 66.74 12.98 -44.63
CA LYS L 692 66.38 11.81 -43.83
C LYS L 692 65.18 11.08 -44.42
N ILE L 693 64.33 11.82 -45.12
CA ILE L 693 63.15 11.24 -45.76
C ILE L 693 63.52 10.46 -47.01
N VAL L 694 64.61 10.86 -47.66
CA VAL L 694 65.08 10.20 -48.87
C VAL L 694 65.83 8.93 -48.52
N ASP L 695 66.76 9.05 -47.58
CA ASP L 695 67.51 7.91 -47.08
C ASP L 695 66.54 6.83 -46.62
N ARG L 696 65.42 7.27 -46.03
CA ARG L 696 64.38 6.37 -45.60
C ARG L 696 63.61 5.84 -46.81
N LEU L 697 63.64 6.59 -47.90
CA LEU L 697 62.95 6.21 -49.13
C LEU L 697 63.79 5.29 -50.01
N LYS L 698 65.09 5.57 -50.10
CA LYS L 698 66.02 4.69 -50.81
C LYS L 698 66.11 3.32 -50.14
N LYS L 699 65.80 3.28 -48.84
CA LYS L 699 65.79 2.04 -48.07
C LYS L 699 64.53 1.21 -48.38
N TYR L 700 63.48 1.88 -48.88
CA TYR L 700 62.27 1.20 -49.33
C TYR L 700 62.20 1.19 -50.85
N GLU L 701 63.37 1.28 -51.49
CA GLU L 701 63.47 1.27 -52.94
C GLU L 701 64.33 0.11 -53.40
N ALA L 702 65.64 0.24 -53.23
CA ALA L 702 66.59 -0.78 -53.65
C ALA L 702 66.46 -2.02 -52.78
N ALA L 703 66.09 -1.82 -51.52
CA ALA L 703 65.88 -2.92 -50.58
C ALA L 703 64.58 -3.65 -50.90
N TYR L 704 63.64 -2.95 -51.52
CA TYR L 704 62.37 -3.56 -51.89
C TYR L 704 62.24 -3.70 -53.41
N GLY L 705 63.40 -3.80 -54.07
CA GLY L 705 63.49 -4.11 -55.49
C GLY L 705 62.42 -3.52 -56.37
N LYS L 706 61.89 -2.37 -55.98
CA LYS L 706 60.85 -1.69 -56.77
C LYS L 706 61.27 -0.25 -57.02
N GLN L 707 60.69 0.36 -58.05
CA GLN L 707 61.08 1.70 -58.47
C GLN L 707 60.35 2.76 -57.65
N PHE L 708 60.30 2.58 -56.34
CA PHE L 708 59.63 3.52 -55.45
C PHE L 708 60.67 4.50 -54.92
N THR L 709 61.13 5.31 -55.87
CA THR L 709 62.36 6.08 -55.78
C THR L 709 62.04 7.57 -55.76
N PRO L 710 62.84 8.35 -55.03
CA PRO L 710 62.61 9.79 -54.96
C PRO L 710 62.54 10.46 -56.33
N CYS L 711 61.57 11.35 -56.49
CA CYS L 711 61.47 12.15 -57.71
C CYS L 711 62.58 13.20 -57.69
N GLN L 712 62.53 14.12 -58.64
CA GLN L 712 63.58 15.13 -58.77
C GLN L 712 63.51 16.17 -57.65
N LEU L 713 62.36 16.81 -57.50
CA LEU L 713 62.20 17.90 -56.53
C LEU L 713 62.39 17.43 -55.08
N LEU L 714 62.03 16.19 -54.80
CA LEU L 714 62.26 15.61 -53.48
C LEU L 714 63.75 15.46 -53.24
N ALA L 715 64.43 14.78 -54.16
CA ALA L 715 65.87 14.58 -54.08
C ALA L 715 66.61 15.90 -54.23
N ASP L 716 65.99 16.87 -54.90
CA ASP L 716 66.60 18.19 -55.10
C ASP L 716 66.80 18.91 -53.77
N HIS L 717 65.78 18.86 -52.93
CA HIS L 717 65.84 19.46 -51.59
C HIS L 717 66.80 18.67 -50.71
N ALA L 718 66.92 17.38 -50.98
CA ALA L 718 67.78 16.49 -50.20
C ALA L 718 69.25 16.85 -50.34
N ASN L 719 69.68 17.11 -51.58
CA ASN L 719 71.07 17.41 -51.87
C ASN L 719 71.50 18.82 -51.46
N SER L 720 70.61 19.53 -50.77
CA SER L 720 70.93 20.85 -50.24
C SER L 720 70.24 21.06 -48.90
N PRO L 721 70.49 22.19 -48.24
CA PRO L 721 69.73 22.54 -47.05
C PRO L 721 68.48 23.35 -47.43
N ASN L 722 67.48 22.67 -47.99
CA ASN L 722 66.30 23.35 -48.53
C ASN L 722 64.96 22.95 -47.92
N LYS L 723 64.04 23.91 -47.91
CA LYS L 723 62.72 23.74 -47.33
C LYS L 723 61.68 24.41 -48.22
N LYS L 724 60.55 23.72 -48.42
CA LYS L 724 59.53 24.18 -49.37
C LYS L 724 58.77 25.38 -48.83
N PHE L 725 58.24 25.25 -47.62
CA PHE L 725 57.37 26.27 -47.05
C PHE L 725 58.11 27.56 -46.75
N TYR L 726 59.30 27.46 -46.17
CA TYR L 726 60.10 28.64 -45.87
C TYR L 726 61.50 28.25 -45.40
#